data_4QFF
#
_entry.id   4QFF
#
_cell.length_a   155.500
_cell.length_b   156.520
_cell.length_c   325.030
_cell.angle_alpha   90.000
_cell.angle_beta   90.000
_cell.angle_gamma   90.000
#
_symmetry.space_group_name_H-M   'P 21 21 21'
#
_entity_poly.entity_id   1
_entity_poly.type   'polypeptide(L)'
_entity_poly.pdbx_seq_one_letter_code
;MPFITVGQENSTSIDLYYEDHGTGTPVVLIHGFPLSGHSWERQSAALLDAGARVITYDRRGFGQSSQPTTGYDYDTFAAD
LNTVLETLDLQDAVLVGFSMGTGEVARYVSSYGTARIAAVAFLASLEPFLLKTDDNPDGAAPQEFFDGIVAAVKADRYAF
YTGFFNDFYNLDENLGTRISEEAVRNSWNTAASGGFFAAAAAPTTWYTDFRADIPRIDVPALILHGTGDRTLPIENTARV
FHKALPSAEYVEVEGAPHGLLWTHAEEVNTALLAFLAKAQEAQKQKLLTEVETYVLSIIPSGPLKAEIAQRLEDVFAGKN
TDLEVLMEWLKTRPILSPLTKGILGFVFTLTVPSERGLQRRRFVQNALNGNGDPNNMDKAVKLYRKLKREITFHGAKEIS
LSYSAGALASCMGLIYNRMGAVTTEVAFGLVCATCEQIADSQHRSHRQLEHHHHHH
;
_entity_poly.pdbx_strand_id   A,B,C,D,E,F,G,H,I,J,K,L
#
# COMPACT_ATOMS: atom_id res chain seq x y z
N PRO A 2 -53.50 -10.60 15.10
CA PRO A 2 -52.18 -10.74 15.70
C PRO A 2 -51.95 -12.14 16.31
N PHE A 3 -50.71 -12.64 16.22
CA PHE A 3 -50.34 -13.96 16.78
C PHE A 3 -49.12 -13.98 17.66
N ILE A 4 -49.18 -14.89 18.62
CA ILE A 4 -48.03 -15.27 19.45
C ILE A 4 -47.86 -16.79 19.25
N THR A 5 -46.63 -17.16 18.89
CA THR A 5 -46.24 -18.58 18.70
C THR A 5 -45.91 -19.20 20.08
N VAL A 6 -46.55 -20.32 20.37
CA VAL A 6 -46.38 -20.95 21.68
C VAL A 6 -45.70 -22.32 21.60
N GLY A 7 -45.57 -22.83 20.38
CA GLY A 7 -44.92 -24.12 20.18
C GLY A 7 -44.93 -24.62 18.75
N GLN A 8 -44.68 -25.91 18.62
CA GLN A 8 -44.54 -26.56 17.33
C GLN A 8 -45.32 -27.88 17.33
N GLU A 9 -46.03 -28.11 16.23
CA GLU A 9 -46.71 -29.39 15.96
C GLU A 9 -46.27 -29.89 14.59
N ASN A 10 -45.51 -30.98 14.57
CA ASN A 10 -44.96 -31.54 13.32
C ASN A 10 -44.25 -30.46 12.49
N SER A 11 -44.66 -30.23 11.25
CA SER A 11 -44.03 -29.20 10.40
C SER A 11 -44.54 -27.77 10.64
N THR A 12 -45.58 -27.64 11.45
CA THR A 12 -46.28 -26.36 11.67
C THR A 12 -46.06 -25.78 13.07
N SER A 13 -46.03 -24.46 13.20
CA SER A 13 -45.98 -23.87 14.54
C SER A 13 -47.39 -23.73 15.09
N ILE A 14 -47.45 -23.57 16.40
CA ILE A 14 -48.71 -23.37 17.13
C ILE A 14 -48.78 -21.89 17.50
N ASP A 15 -49.72 -21.18 16.89
CA ASP A 15 -49.87 -19.73 17.10
C ASP A 15 -51.18 -19.39 17.78
N LEU A 16 -51.12 -18.50 18.76
CA LEU A 16 -52.32 -18.00 19.43
C LEU A 16 -52.73 -16.64 18.86
N TYR A 17 -54.00 -16.56 18.48
CA TYR A 17 -54.59 -15.29 18.06
C TYR A 17 -54.78 -14.40 19.29
N TYR A 18 -54.32 -13.16 19.24
CA TYR A 18 -54.54 -12.22 20.36
C TYR A 18 -54.83 -10.79 19.89
N GLU A 19 -55.42 -10.02 20.80
CA GLU A 19 -55.67 -8.58 20.58
C GLU A 19 -55.18 -7.78 21.79
N ASP A 20 -54.89 -6.51 21.52
CA ASP A 20 -54.21 -5.64 22.48
C ASP A 20 -54.75 -4.23 22.31
N HIS A 21 -55.70 -3.87 23.17
CA HIS A 21 -56.42 -2.59 23.04
C HIS A 21 -56.33 -1.69 24.28
N GLY A 22 -56.40 -0.39 24.03
CA GLY A 22 -56.41 0.61 25.09
C GLY A 22 -55.07 0.87 25.75
N THR A 23 -55.10 1.71 26.76
CA THR A 23 -53.89 2.11 27.46
C THR A 23 -54.22 2.16 28.92
N GLY A 24 -53.22 1.89 29.75
CA GLY A 24 -53.39 1.90 31.19
C GLY A 24 -53.05 0.53 31.73
N THR A 25 -53.55 0.24 32.93
CA THR A 25 -53.28 -1.03 33.59
C THR A 25 -53.79 -2.18 32.73
N PRO A 26 -52.93 -3.18 32.47
CA PRO A 26 -53.26 -4.32 31.63
C PRO A 26 -54.19 -5.31 32.31
N VAL A 27 -55.26 -5.64 31.59
CA VAL A 27 -56.25 -6.59 32.06
C VAL A 27 -56.35 -7.70 31.01
N VAL A 28 -56.05 -8.92 31.42
CA VAL A 28 -56.01 -10.08 30.52
C VAL A 28 -57.24 -10.95 30.72
N LEU A 29 -58.03 -11.07 29.65
CA LEU A 29 -59.30 -11.81 29.63
C LEU A 29 -59.11 -13.18 28.96
N ILE A 30 -59.48 -14.23 29.68
CA ILE A 30 -59.30 -15.62 29.23
C ILE A 30 -60.66 -16.28 29.09
N HIS A 31 -61.03 -16.57 27.85
CA HIS A 31 -62.39 -16.99 27.48
C HIS A 31 -62.74 -18.42 27.90
N GLY A 32 -64.02 -18.73 27.76
CA GLY A 32 -64.57 -20.06 28.04
C GLY A 32 -64.89 -20.90 26.82
N PHE A 33 -65.24 -22.16 27.08
CA PHE A 33 -65.58 -23.14 26.03
C PHE A 33 -67.04 -22.94 25.57
N PRO A 34 -67.31 -23.02 24.25
CA PRO A 34 -66.38 -23.25 23.14
C PRO A 34 -66.11 -21.95 22.36
N LEU A 35 -66.01 -20.86 23.09
CA LEU A 35 -65.94 -19.51 22.51
C LEU A 35 -64.52 -18.98 22.40
N SER A 36 -64.41 -17.70 22.05
CA SER A 36 -63.11 -17.05 21.79
C SER A 36 -62.94 -15.72 22.55
N GLY A 37 -61.81 -15.04 22.35
CA GLY A 37 -61.53 -13.76 22.99
C GLY A 37 -62.61 -12.72 22.72
N HIS A 38 -63.28 -12.86 21.58
CA HIS A 38 -64.34 -11.93 21.16
C HIS A 38 -65.63 -11.97 22.00
N SER A 39 -65.81 -13.06 22.73
CA SER A 39 -66.95 -13.26 23.66
C SER A 39 -66.95 -12.26 24.83
N TRP A 40 -65.80 -11.66 25.07
CA TRP A 40 -65.63 -10.63 26.12
C TRP A 40 -66.03 -9.21 25.69
N GLU A 41 -66.58 -9.06 24.49
CA GLU A 41 -66.81 -7.73 23.85
C GLU A 41 -67.58 -6.71 24.71
N ARG A 42 -68.55 -7.19 25.48
CA ARG A 42 -69.33 -6.33 26.37
C ARG A 42 -68.50 -5.83 27.56
N GLN A 43 -67.65 -6.72 28.06
CA GLN A 43 -66.71 -6.38 29.15
C GLN A 43 -65.56 -5.48 28.65
N SER A 44 -64.98 -5.83 27.49
CA SER A 44 -63.88 -5.06 26.88
C SER A 44 -64.22 -3.58 26.68
N ALA A 45 -65.43 -3.32 26.20
CA ALA A 45 -65.91 -1.96 25.94
C ALA A 45 -65.93 -1.12 27.23
N ALA A 46 -66.47 -1.72 28.28
CA ALA A 46 -66.52 -1.10 29.62
C ALA A 46 -65.12 -0.81 30.16
N LEU A 47 -64.25 -1.82 30.10
CA LEU A 47 -62.85 -1.67 30.55
C LEU A 47 -62.10 -0.60 29.77
N LEU A 48 -62.36 -0.55 28.48
CA LEU A 48 -61.73 0.45 27.61
C LEU A 48 -62.20 1.86 28.02
N ASP A 49 -63.50 1.99 28.25
CA ASP A 49 -64.07 3.28 28.69
C ASP A 49 -63.58 3.70 30.08
N ALA A 50 -63.41 2.71 30.96
CA ALA A 50 -62.91 2.91 32.34
C ALA A 50 -61.40 3.21 32.42
N GLY A 51 -60.71 3.02 31.30
CA GLY A 51 -59.29 3.39 31.17
C GLY A 51 -58.29 2.29 31.48
N ALA A 52 -58.54 1.10 30.94
CA ALA A 52 -57.63 -0.04 31.09
C ALA A 52 -57.07 -0.49 29.74
N ARG A 53 -55.95 -1.19 29.81
CA ARG A 53 -55.40 -1.82 28.63
C ARG A 53 -55.98 -3.24 28.60
N VAL A 54 -56.69 -3.55 27.52
CA VAL A 54 -57.40 -4.85 27.40
C VAL A 54 -56.65 -5.83 26.46
N ILE A 55 -56.23 -6.96 27.05
CA ILE A 55 -55.61 -8.05 26.28
C ILE A 55 -56.54 -9.27 26.24
N THR A 56 -56.84 -9.73 25.04
CA THR A 56 -57.60 -10.97 24.84
C THR A 56 -56.78 -11.91 23.96
N TYR A 57 -57.00 -13.20 24.13
CA TYR A 57 -56.40 -14.17 23.22
C TYR A 57 -57.31 -15.39 23.11
N ASP A 58 -57.12 -16.16 22.04
CA ASP A 58 -57.90 -17.37 21.78
C ASP A 58 -57.06 -18.57 22.22
N ARG A 59 -57.59 -19.32 23.17
CA ARG A 59 -56.99 -20.61 23.58
C ARG A 59 -56.76 -21.50 22.38
N ARG A 60 -55.66 -22.26 22.41
CA ARG A 60 -55.34 -23.21 21.35
C ARG A 60 -56.54 -24.09 21.03
N GLY A 61 -56.85 -24.25 19.74
CA GLY A 61 -58.02 -25.04 19.28
C GLY A 61 -59.35 -24.29 19.16
N PHE A 62 -59.32 -23.01 19.53
CA PHE A 62 -60.50 -22.13 19.53
C PHE A 62 -60.32 -20.84 18.78
N GLY A 63 -61.45 -20.26 18.39
CA GLY A 63 -61.50 -18.99 17.66
C GLY A 63 -60.53 -18.99 16.50
N GLN A 64 -59.61 -18.02 16.50
CA GLN A 64 -58.63 -17.87 15.40
C GLN A 64 -57.24 -18.41 15.67
N SER A 65 -57.07 -19.06 16.81
CA SER A 65 -55.81 -19.74 17.12
C SER A 65 -55.67 -21.00 16.30
N SER A 66 -54.45 -21.51 16.27
CA SER A 66 -54.13 -22.79 15.62
C SER A 66 -54.92 -23.90 16.29
N GLN A 67 -55.08 -24.97 15.52
CA GLN A 67 -55.88 -26.12 15.93
C GLN A 67 -55.06 -27.40 15.95
N PRO A 68 -54.09 -27.48 16.88
CA PRO A 68 -53.35 -28.72 17.02
C PRO A 68 -54.18 -29.84 17.60
N THR A 69 -53.59 -31.02 17.59
CA THR A 69 -54.20 -32.20 18.21
C THR A 69 -53.38 -32.60 19.46
N THR A 70 -52.68 -31.60 20.00
CA THR A 70 -51.80 -31.72 21.18
C THR A 70 -51.91 -30.56 22.16
N GLY A 71 -51.60 -30.85 23.41
CA GLY A 71 -51.47 -29.84 24.47
C GLY A 71 -52.77 -29.38 25.13
N TYR A 72 -53.74 -30.30 25.20
CA TYR A 72 -55.05 -30.02 25.81
C TYR A 72 -55.10 -30.44 27.28
N ASP A 73 -54.48 -29.59 28.08
CA ASP A 73 -54.32 -29.80 29.53
C ASP A 73 -53.92 -28.48 30.18
N TYR A 74 -54.22 -28.33 31.46
CA TYR A 74 -54.01 -27.05 32.13
C TYR A 74 -52.58 -26.61 32.31
N ASP A 75 -51.63 -27.54 32.34
CA ASP A 75 -50.22 -27.12 32.43
C ASP A 75 -49.77 -26.45 31.14
N THR A 76 -50.21 -27.00 30.02
CA THR A 76 -49.92 -26.46 28.68
C THR A 76 -50.64 -25.15 28.49
N PHE A 77 -51.92 -25.14 28.84
CA PHE A 77 -52.73 -23.92 28.77
C PHE A 77 -52.11 -22.78 29.61
N ALA A 78 -51.58 -23.14 30.77
CA ALA A 78 -50.94 -22.17 31.68
C ALA A 78 -49.60 -21.73 31.13
N ALA A 79 -48.91 -22.67 30.49
CA ALA A 79 -47.64 -22.38 29.81
C ALA A 79 -47.86 -21.48 28.61
N ASP A 80 -48.99 -21.69 27.95
CA ASP A 80 -49.39 -20.86 26.79
C ASP A 80 -49.57 -19.41 27.28
N LEU A 81 -50.31 -19.28 28.37
CA LEU A 81 -50.58 -17.98 29.01
C LEU A 81 -49.26 -17.30 29.43
N ASN A 82 -48.38 -18.11 30.01
CA ASN A 82 -47.05 -17.62 30.42
C ASN A 82 -46.31 -16.97 29.26
N THR A 83 -46.32 -17.66 28.12
CA THR A 83 -45.65 -17.18 26.91
C THR A 83 -46.21 -15.82 26.47
N VAL A 84 -47.52 -15.68 26.60
CA VAL A 84 -48.20 -14.42 26.23
C VAL A 84 -47.71 -13.28 27.12
N LEU A 85 -47.75 -13.53 28.43
CA LEU A 85 -47.36 -12.53 29.46
C LEU A 85 -45.90 -12.09 29.33
N GLU A 86 -45.04 -13.07 29.10
CA GLU A 86 -43.61 -12.83 28.88
C GLU A 86 -43.34 -12.15 27.55
N THR A 87 -44.09 -12.55 26.53
CA THR A 87 -43.92 -11.97 25.18
C THR A 87 -44.24 -10.47 25.18
N LEU A 88 -45.30 -10.12 25.89
CA LEU A 88 -45.75 -8.72 25.99
C LEU A 88 -45.11 -7.93 27.14
N ASP A 89 -44.35 -8.63 27.98
CA ASP A 89 -43.66 -8.07 29.16
C ASP A 89 -44.66 -7.35 30.08
N LEU A 90 -45.75 -8.05 30.36
CA LEU A 90 -46.81 -7.48 31.18
C LEU A 90 -46.38 -7.43 32.64
N GLN A 91 -46.58 -6.24 33.20
CA GLN A 91 -46.27 -5.90 34.57
C GLN A 91 -47.56 -5.47 35.25
N ASP A 92 -47.76 -5.93 36.47
CA ASP A 92 -48.85 -5.40 37.31
C ASP A 92 -50.22 -5.70 36.68
N ALA A 93 -50.31 -6.89 36.10
CA ALA A 93 -51.47 -7.30 35.30
C ALA A 93 -52.59 -7.89 36.15
N VAL A 94 -53.80 -7.71 35.65
CA VAL A 94 -54.99 -8.36 36.22
C VAL A 94 -55.35 -9.53 35.30
N LEU A 95 -55.53 -10.71 35.90
CA LEU A 95 -55.97 -11.90 35.17
C LEU A 95 -57.44 -12.20 35.46
N VAL A 96 -58.24 -12.18 34.41
CA VAL A 96 -59.69 -12.46 34.53
C VAL A 96 -59.99 -13.67 33.67
N GLY A 97 -60.50 -14.73 34.31
CA GLY A 97 -60.90 -15.96 33.63
C GLY A 97 -62.40 -16.15 33.73
N PHE A 98 -63.00 -16.70 32.67
CA PHE A 98 -64.42 -17.09 32.64
C PHE A 98 -64.49 -18.58 32.35
N SER A 99 -65.18 -19.31 33.21
CA SER A 99 -65.40 -20.75 33.03
C SER A 99 -64.03 -21.47 32.88
N MET A 100 -63.80 -22.10 31.73
CA MET A 100 -62.50 -22.76 31.45
C MET A 100 -61.30 -21.88 31.80
N GLY A 101 -61.42 -20.61 31.46
CA GLY A 101 -60.40 -19.58 31.73
C GLY A 101 -59.97 -19.48 33.19
N THR A 102 -60.88 -19.80 34.09
CA THR A 102 -60.57 -19.77 35.53
C THR A 102 -59.55 -20.85 35.92
N GLY A 103 -59.45 -21.89 35.10
CA GLY A 103 -58.43 -22.95 35.25
C GLY A 103 -57.03 -22.44 34.97
N GLU A 104 -56.90 -21.65 33.90
CA GLU A 104 -55.62 -20.97 33.56
C GLU A 104 -55.14 -20.09 34.71
N VAL A 105 -56.05 -19.24 35.19
CA VAL A 105 -55.74 -18.28 36.25
C VAL A 105 -55.13 -19.00 37.48
N ALA A 106 -55.81 -20.04 37.96
CA ALA A 106 -55.37 -20.82 39.15
C ALA A 106 -54.02 -21.53 38.96
N ARG A 107 -53.94 -22.24 37.83
CA ARG A 107 -52.74 -23.02 37.49
C ARG A 107 -51.51 -22.14 37.22
N TYR A 108 -51.71 -21.01 36.52
CA TYR A 108 -50.59 -20.07 36.26
C TYR A 108 -50.04 -19.47 37.58
N VAL A 109 -50.96 -18.92 38.36
CA VAL A 109 -50.64 -18.31 39.67
C VAL A 109 -49.87 -19.31 40.53
N SER A 110 -50.45 -20.50 40.60
CA SER A 110 -49.89 -21.62 41.38
C SER A 110 -48.46 -22.01 40.98
N SER A 111 -48.26 -22.25 39.69
CA SER A 111 -46.95 -22.72 39.17
C SER A 111 -45.92 -21.61 38.97
N TYR A 112 -46.35 -20.55 38.32
CA TYR A 112 -45.45 -19.45 37.92
C TYR A 112 -45.36 -18.29 38.91
N GLY A 113 -46.28 -18.24 39.86
CA GLY A 113 -46.27 -17.19 40.87
C GLY A 113 -46.84 -15.87 40.37
N THR A 114 -46.87 -14.89 41.27
CA THR A 114 -47.61 -13.64 41.05
C THR A 114 -46.72 -12.38 40.87
N ALA A 115 -45.52 -12.56 40.32
CA ALA A 115 -44.57 -11.44 40.10
C ALA A 115 -45.09 -10.35 39.15
N ARG A 116 -45.76 -10.77 38.08
CA ARG A 116 -46.34 -9.83 37.08
C ARG A 116 -47.79 -9.44 37.36
N ILE A 117 -48.36 -10.09 38.38
CA ILE A 117 -49.82 -10.14 38.64
C ILE A 117 -50.25 -9.28 39.85
N ALA A 118 -51.13 -8.32 39.60
CA ALA A 118 -51.67 -7.45 40.68
C ALA A 118 -52.92 -8.00 41.35
N ALA A 119 -53.83 -8.55 40.54
CA ALA A 119 -55.06 -9.15 41.05
C ALA A 119 -55.63 -10.18 40.08
N VAL A 120 -56.50 -11.02 40.60
CA VAL A 120 -57.16 -12.07 39.83
C VAL A 120 -58.67 -12.04 40.03
N ALA A 121 -59.38 -12.56 39.05
CA ALA A 121 -60.83 -12.62 39.10
C ALA A 121 -61.25 -13.92 38.48
N PHE A 122 -62.23 -14.54 39.11
CA PHE A 122 -62.80 -15.83 38.70
C PHE A 122 -64.28 -15.68 38.46
N LEU A 123 -64.71 -15.87 37.22
CA LEU A 123 -66.11 -15.73 36.83
C LEU A 123 -66.62 -17.08 36.35
N ALA A 124 -67.73 -17.55 36.90
CA ALA A 124 -68.29 -18.86 36.53
C ALA A 124 -67.21 -19.94 36.53
N SER A 125 -66.60 -20.08 37.72
CA SER A 125 -65.42 -20.95 37.98
C SER A 125 -65.63 -22.46 37.98
N LEU A 126 -64.58 -23.16 37.53
CA LEU A 126 -64.46 -24.64 37.61
C LEU A 126 -64.14 -25.10 39.04
N GLU A 127 -63.39 -24.24 39.72
CA GLU A 127 -62.81 -24.52 41.03
C GLU A 127 -63.82 -24.99 42.06
N PRO A 128 -63.40 -25.86 42.98
CA PRO A 128 -62.02 -26.33 43.17
C PRO A 128 -61.66 -27.68 42.49
N PHE A 129 -62.69 -28.46 42.19
CA PHE A 129 -62.51 -29.81 41.63
C PHE A 129 -63.91 -30.33 41.30
N LEU A 130 -64.25 -30.31 40.02
CA LEU A 130 -65.59 -30.75 39.55
C LEU A 130 -65.87 -32.24 39.67
N LEU A 131 -64.82 -33.05 39.74
CA LEU A 131 -65.01 -34.50 39.76
C LEU A 131 -65.48 -34.97 41.13
N LYS A 132 -66.60 -35.69 41.09
CA LYS A 132 -67.21 -36.23 42.29
C LYS A 132 -66.57 -37.54 42.65
N THR A 133 -65.83 -37.53 43.75
CA THR A 133 -65.16 -38.75 44.18
C THR A 133 -65.44 -38.98 45.67
N ASP A 134 -64.72 -39.94 46.24
CA ASP A 134 -64.88 -40.29 47.65
C ASP A 134 -64.23 -39.19 48.45
N ASP A 135 -63.06 -38.80 47.99
CA ASP A 135 -62.28 -37.75 48.66
C ASP A 135 -62.79 -36.36 48.23
N ASN A 136 -63.53 -36.33 47.12
CA ASN A 136 -64.20 -35.10 46.66
C ASN A 136 -65.72 -35.30 46.52
N PRO A 137 -66.41 -35.22 47.68
CA PRO A 137 -67.87 -35.36 47.86
C PRO A 137 -68.69 -34.22 47.24
N ASP A 138 -68.13 -33.01 47.26
CA ASP A 138 -68.78 -31.78 46.73
C ASP A 138 -68.70 -31.63 45.22
N GLY A 139 -67.92 -32.53 44.64
CA GLY A 139 -67.81 -32.66 43.19
C GLY A 139 -69.18 -32.61 42.58
N ALA A 140 -69.25 -31.99 41.41
CA ALA A 140 -70.51 -31.76 40.69
C ALA A 140 -71.05 -32.99 39.93
N ALA A 141 -70.15 -33.83 39.43
CA ALA A 141 -70.58 -35.04 38.67
C ALA A 141 -69.59 -36.19 38.70
N PRO A 142 -70.07 -37.42 38.45
CA PRO A 142 -69.17 -38.54 38.36
C PRO A 142 -68.47 -38.55 37.01
N GLN A 143 -67.36 -39.27 36.98
CA GLN A 143 -66.48 -39.41 35.80
C GLN A 143 -67.24 -39.81 34.53
N GLU A 144 -68.20 -40.70 34.72
CA GLU A 144 -69.07 -41.26 33.66
C GLU A 144 -69.86 -40.18 32.92
N PHE A 145 -70.13 -39.12 33.66
CA PHE A 145 -70.87 -37.95 33.15
C PHE A 145 -70.06 -37.15 32.12
N PHE A 146 -68.77 -37.01 32.40
CA PHE A 146 -67.84 -36.27 31.52
C PHE A 146 -67.50 -37.06 30.28
N ASP A 147 -67.32 -38.36 30.50
CA ASP A 147 -67.13 -39.37 29.45
C ASP A 147 -68.24 -39.25 28.42
N GLY A 148 -69.41 -38.91 28.94
CA GLY A 148 -70.63 -38.72 28.15
C GLY A 148 -70.60 -37.54 27.20
N ILE A 149 -70.15 -36.41 27.72
CA ILE A 149 -69.98 -35.16 26.95
C ILE A 149 -68.99 -35.38 25.80
N VAL A 150 -67.86 -35.98 26.12
CA VAL A 150 -66.84 -36.27 25.11
C VAL A 150 -67.52 -37.06 23.97
N ALA A 151 -68.22 -38.12 24.34
CA ALA A 151 -68.92 -39.00 23.39
C ALA A 151 -69.93 -38.25 22.52
N ALA A 152 -70.59 -37.28 23.16
CA ALA A 152 -71.61 -36.45 22.50
C ALA A 152 -70.99 -35.50 21.49
N VAL A 153 -69.89 -34.85 21.89
CA VAL A 153 -69.20 -33.93 20.98
C VAL A 153 -68.65 -34.70 19.77
N LYS A 154 -68.02 -35.85 20.01
CA LYS A 154 -67.46 -36.69 18.91
C LYS A 154 -68.54 -37.14 17.92
N ALA A 155 -69.75 -37.35 18.43
CA ALA A 155 -70.89 -37.82 17.64
C ALA A 155 -71.39 -36.78 16.61
N ASP A 156 -71.50 -35.53 17.06
CA ASP A 156 -71.92 -34.39 16.22
C ASP A 156 -71.73 -33.14 17.07
N ARG A 157 -70.57 -32.52 16.95
CA ARG A 157 -70.26 -31.32 17.73
C ARG A 157 -71.22 -30.17 17.38
N TYR A 158 -71.61 -30.12 16.11
CA TYR A 158 -72.45 -29.03 15.56
C TYR A 158 -73.83 -28.96 16.20
N ALA A 159 -74.47 -30.12 16.19
CA ALA A 159 -75.72 -30.37 16.90
C ALA A 159 -75.53 -30.19 18.41
N PHE A 160 -74.40 -30.68 18.89
CA PHE A 160 -74.06 -30.57 20.33
C PHE A 160 -74.08 -29.12 20.81
N TYR A 161 -73.47 -28.23 20.02
CA TYR A 161 -73.36 -26.80 20.41
C TYR A 161 -74.74 -26.23 20.68
N THR A 162 -75.72 -26.65 19.90
CA THR A 162 -77.10 -26.17 20.03
C THR A 162 -77.69 -26.39 21.44
N GLY A 163 -77.67 -27.64 21.91
CA GLY A 163 -78.19 -27.98 23.24
C GLY A 163 -77.35 -27.38 24.36
N PHE A 164 -76.06 -27.27 24.08
CA PHE A 164 -75.08 -26.67 25.02
C PHE A 164 -75.38 -25.19 25.29
N PHE A 165 -75.66 -24.43 24.24
CA PHE A 165 -75.92 -22.97 24.40
C PHE A 165 -77.27 -22.68 25.02
N ASN A 166 -78.15 -23.65 24.87
CA ASN A 166 -79.43 -23.68 25.56
C ASN A 166 -79.34 -23.53 27.08
N ASP A 167 -78.51 -24.40 27.65
CA ASP A 167 -78.24 -24.41 29.10
C ASP A 167 -77.18 -23.42 29.49
N PHE A 168 -76.26 -23.18 28.56
CA PHE A 168 -75.20 -22.18 28.72
C PHE A 168 -75.86 -20.83 28.98
N TYR A 169 -76.86 -20.52 28.17
CA TYR A 169 -77.59 -19.24 28.30
C TYR A 169 -78.94 -19.26 29.04
N ASN A 170 -79.42 -20.42 29.46
CA ASN A 170 -80.80 -20.55 30.01
C ASN A 170 -81.76 -19.94 28.99
N LEU A 171 -81.66 -20.38 27.74
CA LEU A 171 -82.45 -19.77 26.66
C LEU A 171 -83.96 -19.86 26.90
N ASP A 172 -84.40 -20.93 27.55
CA ASP A 172 -85.81 -21.06 27.95
C ASP A 172 -86.30 -19.86 28.80
N GLU A 173 -85.39 -19.25 29.56
CA GLU A 173 -85.67 -18.02 30.34
C GLU A 173 -85.34 -16.73 29.56
N ASN A 174 -84.12 -16.69 29.02
CA ASN A 174 -83.45 -15.45 28.54
C ASN A 174 -83.57 -15.02 27.07
N LEU A 175 -84.02 -15.94 26.21
CA LEU A 175 -84.13 -15.66 24.77
C LEU A 175 -85.24 -14.63 24.51
N GLY A 176 -84.89 -13.60 23.75
CA GLY A 176 -85.80 -12.49 23.40
C GLY A 176 -85.94 -11.44 24.48
N THR A 177 -85.11 -11.60 25.51
CA THR A 177 -85.18 -10.85 26.78
C THR A 177 -83.79 -10.27 27.07
N ARG A 178 -82.96 -11.13 27.68
CA ARG A 178 -81.53 -10.87 27.96
C ARG A 178 -80.64 -11.12 26.73
N ILE A 179 -80.90 -12.21 26.03
CA ILE A 179 -80.12 -12.55 24.82
C ILE A 179 -80.99 -12.67 23.57
N SER A 180 -80.51 -12.07 22.48
CA SER A 180 -81.18 -12.18 21.18
C SER A 180 -80.82 -13.48 20.48
N GLU A 181 -81.66 -13.84 19.51
CA GLU A 181 -81.46 -15.03 18.69
C GLU A 181 -80.20 -14.88 17.84
N GLU A 182 -79.94 -13.65 17.43
CA GLU A 182 -78.76 -13.28 16.63
C GLU A 182 -77.45 -13.43 17.42
N ALA A 183 -77.48 -12.96 18.68
CA ALA A 183 -76.34 -13.12 19.60
C ALA A 183 -76.00 -14.60 19.80
N VAL A 184 -77.02 -15.43 19.98
CA VAL A 184 -76.86 -16.89 20.09
C VAL A 184 -76.30 -17.49 18.79
N ARG A 185 -76.74 -16.96 17.66
CA ARG A 185 -76.29 -17.45 16.34
C ARG A 185 -74.79 -17.24 16.18
N ASN A 186 -74.34 -16.06 16.62
CA ASN A 186 -72.93 -15.68 16.62
C ASN A 186 -72.08 -16.64 17.45
N SER A 187 -72.58 -16.97 18.64
CA SER A 187 -71.92 -17.94 19.53
C SER A 187 -71.74 -19.32 18.89
N TRP A 188 -72.79 -19.81 18.23
CA TRP A 188 -72.73 -21.11 17.55
C TRP A 188 -71.70 -21.07 16.42
N ASN A 189 -71.75 -20.00 15.64
CA ASN A 189 -70.76 -19.79 14.56
C ASN A 189 -69.33 -19.82 15.09
N THR A 190 -69.09 -19.13 16.21
CA THR A 190 -67.76 -19.08 16.86
C THR A 190 -67.28 -20.49 17.25
N ALA A 191 -68.18 -21.24 17.87
CA ALA A 191 -67.91 -22.62 18.30
C ALA A 191 -67.62 -23.55 17.13
N ALA A 192 -68.48 -23.50 16.11
CA ALA A 192 -68.34 -24.31 14.88
C ALA A 192 -66.99 -24.06 14.19
N SER A 193 -66.44 -22.88 14.44
CA SER A 193 -65.14 -22.43 13.89
C SER A 193 -63.89 -22.91 14.66
N GLY A 194 -64.07 -23.37 15.89
CA GLY A 194 -62.99 -24.00 16.67
C GLY A 194 -62.64 -25.35 16.06
N GLY A 195 -61.48 -25.89 16.44
CA GLY A 195 -60.99 -27.17 15.91
C GLY A 195 -61.81 -28.38 16.36
N PHE A 196 -62.02 -29.32 15.46
CA PHE A 196 -62.79 -30.54 15.79
C PHE A 196 -62.17 -31.28 16.98
N PHE A 197 -60.84 -31.36 16.97
CA PHE A 197 -60.15 -32.18 17.96
C PHE A 197 -60.24 -31.51 19.33
N ALA A 198 -60.01 -30.21 19.36
CA ALA A 198 -60.07 -29.38 20.59
C ALA A 198 -61.43 -29.44 21.29
N ALA A 199 -62.47 -29.50 20.47
CA ALA A 199 -63.87 -29.56 20.93
C ALA A 199 -64.13 -30.79 21.81
N ALA A 200 -63.66 -31.93 21.33
CA ALA A 200 -63.81 -33.23 22.04
C ALA A 200 -62.79 -33.41 23.18
N ALA A 201 -61.60 -32.83 23.01
CA ALA A 201 -60.52 -32.89 24.02
C ALA A 201 -60.75 -31.94 25.21
N ALA A 202 -61.41 -30.82 24.97
CA ALA A 202 -61.62 -29.79 26.03
C ALA A 202 -62.32 -30.31 27.28
N PRO A 203 -63.47 -31.00 27.13
CA PRO A 203 -64.23 -31.51 28.27
C PRO A 203 -63.45 -32.45 29.22
N THR A 204 -62.40 -33.08 28.73
CA THR A 204 -61.53 -33.91 29.59
C THR A 204 -60.71 -33.02 30.57
N THR A 205 -60.48 -31.76 30.24
CA THR A 205 -59.71 -30.88 31.13
C THR A 205 -60.57 -30.29 32.26
N TRP A 206 -61.90 -30.36 32.12
CA TRP A 206 -62.85 -29.72 33.08
C TRP A 206 -62.83 -30.22 34.53
N TYR A 207 -62.53 -31.50 34.73
CA TYR A 207 -62.40 -32.07 36.11
C TYR A 207 -60.96 -32.15 36.61
N THR A 208 -60.16 -31.18 36.18
CA THR A 208 -58.82 -30.96 36.70
C THR A 208 -58.96 -30.56 38.17
N ASP A 209 -58.11 -31.12 39.01
CA ASP A 209 -58.15 -30.84 40.45
C ASP A 209 -57.32 -29.59 40.76
N PHE A 210 -58.01 -28.50 41.04
CA PHE A 210 -57.34 -27.22 41.33
C PHE A 210 -57.18 -26.95 42.83
N ARG A 211 -57.38 -28.00 43.63
CA ARG A 211 -57.40 -27.85 45.10
C ARG A 211 -56.07 -27.38 45.70
N ALA A 212 -54.96 -27.83 45.10
CA ALA A 212 -53.60 -27.45 45.56
C ALA A 212 -53.07 -26.12 44.97
N ASP A 213 -53.80 -25.62 43.99
CA ASP A 213 -53.50 -24.34 43.34
C ASP A 213 -54.00 -23.17 44.20
N ILE A 214 -55.15 -23.37 44.82
CA ILE A 214 -55.86 -22.32 45.58
C ILE A 214 -55.07 -21.64 46.74
N PRO A 215 -54.30 -22.42 47.55
CA PRO A 215 -53.49 -21.84 48.64
C PRO A 215 -52.35 -20.94 48.15
N ARG A 216 -52.03 -21.09 46.87
CA ARG A 216 -51.01 -20.31 46.16
C ARG A 216 -51.46 -18.93 45.75
N ILE A 217 -52.78 -18.73 45.74
CA ILE A 217 -53.36 -17.44 45.38
C ILE A 217 -53.05 -16.42 46.48
N ASP A 218 -52.19 -15.52 46.01
CA ASP A 218 -51.31 -14.59 46.72
C ASP A 218 -51.85 -13.18 46.84
N VAL A 219 -52.54 -12.82 45.77
CA VAL A 219 -52.97 -11.47 45.44
C VAL A 219 -54.48 -11.37 45.66
N PRO A 220 -55.01 -10.12 45.74
CA PRO A 220 -56.45 -9.95 45.88
C PRO A 220 -57.21 -10.63 44.77
N ALA A 221 -58.28 -11.31 45.17
CA ALA A 221 -59.11 -12.06 44.25
C ALA A 221 -60.58 -11.69 44.33
N LEU A 222 -61.25 -11.86 43.20
CA LEU A 222 -62.70 -11.75 43.12
C LEU A 222 -63.25 -13.10 42.61
N ILE A 223 -64.31 -13.58 43.27
CA ILE A 223 -65.08 -14.77 42.83
C ILE A 223 -66.51 -14.31 42.50
N LEU A 224 -66.95 -14.65 41.30
CA LEU A 224 -68.25 -14.21 40.81
C LEU A 224 -68.97 -15.33 40.08
N HIS A 225 -70.20 -15.59 40.49
CA HIS A 225 -70.99 -16.70 39.94
C HIS A 225 -72.47 -16.32 39.82
N GLY A 226 -73.12 -16.90 38.81
CA GLY A 226 -74.55 -16.74 38.59
C GLY A 226 -75.28 -17.81 39.37
N THR A 227 -76.31 -17.43 40.12
CA THR A 227 -77.00 -18.45 40.96
C THR A 227 -77.85 -19.40 40.10
N GLY A 228 -78.26 -18.95 38.91
CA GLY A 228 -78.98 -19.79 37.92
C GLY A 228 -78.10 -20.56 36.93
N ASP A 229 -76.84 -20.77 37.33
CA ASP A 229 -75.86 -21.49 36.50
C ASP A 229 -76.20 -22.98 36.43
N ARG A 230 -76.63 -23.40 35.23
CA ARG A 230 -76.97 -24.81 34.90
C ARG A 230 -75.75 -25.61 34.45
N THR A 231 -74.72 -24.90 34.02
CA THR A 231 -73.52 -25.53 33.44
C THR A 231 -72.54 -25.87 34.58
N LEU A 232 -72.25 -24.88 35.43
CA LEU A 232 -71.42 -25.05 36.65
C LEU A 232 -72.22 -24.70 37.92
N PRO A 233 -72.91 -25.70 38.48
CA PRO A 233 -73.72 -25.53 39.68
C PRO A 233 -72.98 -24.72 40.74
N ILE A 234 -73.53 -23.56 41.10
CA ILE A 234 -72.88 -22.63 42.07
C ILE A 234 -72.49 -23.34 43.41
N GLU A 235 -73.28 -24.34 43.77
CA GLU A 235 -73.09 -25.16 44.99
C GLU A 235 -71.87 -26.12 45.02
N ASN A 236 -71.42 -26.53 43.84
CA ASN A 236 -70.26 -27.47 43.70
C ASN A 236 -68.98 -26.77 43.26
N THR A 237 -69.14 -25.49 43.00
CA THR A 237 -68.09 -24.64 42.44
C THR A 237 -67.86 -23.40 43.34
N ALA A 238 -68.38 -22.26 42.91
CA ALA A 238 -68.19 -20.96 43.60
C ALA A 238 -68.31 -21.02 45.11
N ARG A 239 -69.35 -21.70 45.60
CA ARG A 239 -69.62 -21.72 47.05
C ARG A 239 -68.60 -22.51 47.87
N VAL A 240 -68.13 -23.62 47.32
CA VAL A 240 -67.09 -24.42 48.03
C VAL A 240 -65.69 -23.78 47.80
N PHE A 241 -65.54 -23.11 46.66
CA PHE A 241 -64.32 -22.35 46.28
C PHE A 241 -64.05 -21.19 47.28
N HIS A 242 -65.12 -20.49 47.64
CA HIS A 242 -65.00 -19.36 48.59
C HIS A 242 -64.64 -19.83 49.99
N LYS A 243 -65.07 -21.04 50.33
CA LYS A 243 -64.67 -21.66 51.60
C LYS A 243 -63.16 -21.89 51.60
N ALA A 244 -62.65 -22.27 50.44
CA ALA A 244 -61.22 -22.58 50.27
C ALA A 244 -60.36 -21.31 50.17
N LEU A 245 -61.02 -20.22 49.79
CA LEU A 245 -60.42 -18.89 49.66
C LEU A 245 -61.39 -17.83 50.25
N PRO A 246 -61.53 -17.79 51.59
CA PRO A 246 -62.43 -16.90 52.37
C PRO A 246 -62.16 -15.44 52.11
N SER A 247 -60.88 -15.21 51.86
CA SER A 247 -60.28 -13.91 51.60
C SER A 247 -60.81 -13.26 50.33
N ALA A 248 -61.16 -14.11 49.36
CA ALA A 248 -61.73 -13.64 48.10
C ALA A 248 -62.96 -12.81 48.34
N GLU A 249 -63.03 -11.73 47.56
CA GLU A 249 -64.22 -10.92 47.45
C GLU A 249 -65.20 -11.79 46.65
N TYR A 250 -66.47 -11.79 47.05
CA TYR A 250 -67.40 -12.79 46.54
C TYR A 250 -68.77 -12.21 46.18
N VAL A 251 -69.16 -12.45 44.94
CA VAL A 251 -70.37 -11.87 44.35
C VAL A 251 -71.24 -12.94 43.70
N GLU A 252 -72.48 -13.07 44.18
CA GLU A 252 -73.49 -13.92 43.53
C GLU A 252 -74.39 -13.08 42.65
N VAL A 253 -74.53 -13.50 41.41
CA VAL A 253 -75.47 -12.86 40.47
C VAL A 253 -76.77 -13.68 40.44
N GLU A 254 -77.78 -13.02 41.01
CA GLU A 254 -79.09 -13.60 41.26
C GLU A 254 -79.76 -14.03 39.95
N GLY A 255 -79.91 -15.34 39.82
CA GLY A 255 -80.60 -15.95 38.67
C GLY A 255 -79.88 -15.84 37.34
N ALA A 256 -78.59 -15.53 37.43
CA ALA A 256 -77.75 -15.37 36.24
C ALA A 256 -77.35 -16.76 35.79
N PRO A 257 -77.33 -17.01 34.46
CA PRO A 257 -76.91 -18.30 33.93
C PRO A 257 -75.39 -18.42 33.85
N HIS A 258 -74.90 -19.47 33.19
CA HIS A 258 -73.44 -19.63 32.95
C HIS A 258 -72.89 -18.50 32.08
N GLY A 259 -73.64 -18.22 31.03
CA GLY A 259 -73.30 -17.19 30.02
C GLY A 259 -73.67 -15.78 30.45
N LEU A 260 -73.32 -15.49 31.71
CA LEU A 260 -73.67 -14.23 32.40
C LEU A 260 -72.92 -13.00 31.83
N LEU A 261 -71.84 -13.24 31.08
CA LEU A 261 -71.06 -12.15 30.43
C LEU A 261 -71.93 -11.31 29.49
N TRP A 262 -72.84 -11.98 28.79
CA TRP A 262 -73.79 -11.31 27.88
C TRP A 262 -75.11 -10.96 28.58
N THR A 263 -75.81 -11.97 29.09
CA THR A 263 -77.17 -11.81 29.72
C THR A 263 -77.19 -10.78 30.89
N HIS A 264 -76.12 -10.77 31.66
CA HIS A 264 -75.94 -9.89 32.84
C HIS A 264 -74.66 -9.06 32.77
N ALA A 265 -74.29 -8.66 31.57
CA ALA A 265 -73.06 -7.88 31.33
C ALA A 265 -72.93 -6.75 32.36
N GLU A 266 -74.05 -6.11 32.65
CA GLU A 266 -74.14 -4.98 33.60
C GLU A 266 -73.66 -5.21 35.01
N GLU A 267 -74.27 -6.23 35.57
CA GLU A 267 -74.03 -6.66 36.93
C GLU A 267 -72.59 -7.14 36.94
N VAL A 268 -72.19 -7.77 35.83
CA VAL A 268 -70.82 -8.28 35.65
C VAL A 268 -69.79 -7.13 35.62
N ASN A 269 -70.03 -6.19 34.72
CA ASN A 269 -69.12 -5.04 34.52
C ASN A 269 -69.00 -4.17 35.77
N THR A 270 -70.13 -3.95 36.43
CA THR A 270 -70.18 -3.12 37.65
C THR A 270 -69.35 -3.72 38.80
N ALA A 271 -69.49 -5.02 39.05
CA ALA A 271 -68.68 -5.71 40.08
C ALA A 271 -67.18 -5.68 39.74
N LEU A 272 -66.91 -6.01 38.48
CA LEU A 272 -65.56 -6.06 37.91
C LEU A 272 -64.86 -4.70 38.01
N LEU A 273 -65.56 -3.67 37.56
CA LEU A 273 -65.06 -2.29 37.55
C LEU A 273 -64.78 -1.73 38.94
N ALA A 274 -65.65 -2.02 39.89
CA ALA A 274 -65.45 -1.60 41.28
C ALA A 274 -64.24 -2.29 41.89
N PHE A 275 -64.15 -3.60 41.68
CA PHE A 275 -63.00 -4.41 42.14
C PHE A 275 -61.71 -3.93 41.47
N LEU A 276 -61.79 -3.70 40.17
CA LEU A 276 -60.67 -3.16 39.38
C LEU A 276 -60.22 -1.80 39.90
N ALA A 277 -61.22 -0.98 40.20
CA ALA A 277 -60.96 0.37 40.72
C ALA A 277 -60.26 0.28 42.06
N LYS A 278 -60.72 -0.63 42.91
CA LYS A 278 -60.11 -0.87 44.22
C LYS A 278 -58.67 -1.29 44.05
N ALA A 279 -58.45 -2.23 43.14
CA ALA A 279 -57.11 -2.76 42.84
C ALA A 279 -56.20 -1.65 42.35
N GLN A 280 -56.76 -0.83 41.46
CA GLN A 280 -56.02 0.27 40.86
C GLN A 280 -55.65 1.29 41.93
N GLU A 281 -56.60 1.57 42.81
CA GLU A 281 -56.41 2.52 43.90
C GLU A 281 -55.32 2.01 44.82
N ALA A 282 -55.35 0.72 45.11
CA ALA A 282 -54.35 0.08 45.96
C ALA A 282 -52.98 0.21 45.33
N GLN A 283 -52.91 -0.02 44.02
CA GLN A 283 -51.65 0.11 43.27
C GLN A 283 -51.14 1.54 43.33
N LYS A 284 -52.05 2.48 43.15
CA LYS A 284 -51.73 3.90 43.21
C LYS A 284 -51.20 4.26 44.59
N GLN A 285 -51.85 3.74 45.62
CA GLN A 285 -51.44 4.01 47.01
C GLN A 285 -50.02 3.46 47.22
N LYS A 286 -49.80 2.26 46.71
CA LYS A 286 -48.51 1.59 46.83
C LYS A 286 -47.41 2.40 46.14
N LEU A 287 -47.75 2.90 44.94
CA LEU A 287 -46.86 3.76 44.17
C LEU A 287 -46.60 5.03 44.95
N LEU A 288 -47.64 5.62 45.51
CA LEU A 288 -47.54 6.86 46.29
C LEU A 288 -46.73 6.69 47.54
N THR A 289 -46.99 5.59 48.22
CA THR A 289 -46.26 5.27 49.45
C THR A 289 -44.79 4.94 49.11
N GLU A 290 -44.57 4.27 47.99
CA GLU A 290 -43.21 3.95 47.53
C GLU A 290 -42.45 5.22 47.18
N VAL A 291 -43.13 6.08 46.44
CA VAL A 291 -42.58 7.36 46.02
C VAL A 291 -42.24 8.17 47.27
N GLU A 292 -43.19 8.23 48.19
CA GLU A 292 -43.04 9.00 49.43
C GLU A 292 -41.80 8.59 50.22
N THR A 293 -41.55 7.29 50.31
CA THR A 293 -40.39 6.81 51.09
C THR A 293 -39.08 7.25 50.44
N TYR A 294 -39.01 7.14 49.11
CA TYR A 294 -37.83 7.59 48.36
C TYR A 294 -37.64 9.09 48.52
N VAL A 295 -38.74 9.82 48.39
CA VAL A 295 -38.72 11.30 48.49
C VAL A 295 -38.26 11.72 49.89
N LEU A 296 -38.80 11.08 50.92
CA LEU A 296 -38.45 11.41 52.32
C LEU A 296 -37.00 11.05 52.69
N SER A 297 -36.45 10.03 52.04
CA SER A 297 -35.06 9.58 52.29
C SER A 297 -33.99 10.68 52.07
N ILE A 298 -34.35 11.69 51.28
CA ILE A 298 -33.43 12.81 51.01
C ILE A 298 -33.52 13.95 52.02
N ILE A 299 -34.60 13.99 52.79
CA ILE A 299 -34.85 15.08 53.75
C ILE A 299 -34.24 14.77 55.13
N PRO A 300 -33.53 15.74 55.72
CA PRO A 300 -33.00 15.50 57.06
C PRO A 300 -34.13 15.35 58.08
N SER A 301 -33.91 14.47 59.05
CA SER A 301 -34.91 14.19 60.08
C SER A 301 -35.18 15.43 60.92
N GLY A 302 -36.45 15.62 61.27
CA GLY A 302 -36.89 16.78 62.05
C GLY A 302 -38.34 17.14 61.82
N PRO A 303 -38.81 18.26 62.40
CA PRO A 303 -40.21 18.70 62.30
C PRO A 303 -40.61 19.12 60.88
N LEU A 304 -39.66 19.64 60.14
CA LEU A 304 -39.88 20.02 58.74
C LEU A 304 -40.20 18.78 57.91
N LYS A 305 -39.40 17.73 58.14
CA LYS A 305 -39.61 16.44 57.47
C LYS A 305 -41.01 15.91 57.77
N ALA A 306 -41.50 16.25 58.95
CA ALA A 306 -42.85 15.86 59.38
C ALA A 306 -43.91 16.60 58.57
N GLU A 307 -43.72 17.91 58.43
CA GLU A 307 -44.65 18.76 57.64
C GLU A 307 -44.73 18.31 56.19
N ILE A 308 -43.56 18.09 55.60
CA ILE A 308 -43.46 17.65 54.19
C ILE A 308 -44.19 16.32 53.98
N ALA A 309 -43.90 15.35 54.84
CA ALA A 309 -44.54 14.01 54.78
C ALA A 309 -46.06 14.13 54.82
N GLN A 310 -46.54 14.96 55.73
CA GLN A 310 -47.98 15.23 55.88
C GLN A 310 -48.59 15.81 54.60
N ARG A 311 -47.87 16.77 54.02
CA ARG A 311 -48.28 17.43 52.77
C ARG A 311 -48.33 16.44 51.60
N LEU A 312 -47.27 15.63 51.50
CA LEU A 312 -47.20 14.56 50.49
C LEU A 312 -48.44 13.67 50.61
N GLU A 313 -48.64 13.15 51.80
CA GLU A 313 -49.77 12.25 52.09
C GLU A 313 -51.12 12.87 51.71
N ASP A 314 -51.29 14.15 52.05
CA ASP A 314 -52.53 14.87 51.75
C ASP A 314 -52.78 15.05 50.24
N VAL A 315 -51.73 15.39 49.51
CA VAL A 315 -51.89 15.54 48.05
C VAL A 315 -52.12 14.16 47.44
N PHE A 316 -51.42 13.17 47.97
CA PHE A 316 -51.54 11.79 47.48
C PHE A 316 -52.93 11.21 47.72
N ALA A 317 -53.50 11.59 48.86
CA ALA A 317 -54.85 11.16 49.23
C ALA A 317 -55.91 11.96 48.49
N GLY A 318 -55.45 12.89 47.66
CA GLY A 318 -56.31 13.61 46.72
C GLY A 318 -56.90 14.91 47.22
N LYS A 319 -56.51 15.36 48.41
CA LYS A 319 -56.94 16.69 48.84
C LYS A 319 -56.31 17.68 47.82
N ASN A 320 -57.15 18.26 46.95
CA ASN A 320 -56.62 19.17 45.92
C ASN A 320 -56.09 20.38 46.68
N THR A 321 -54.79 20.59 46.53
CA THR A 321 -54.12 21.64 47.23
C THR A 321 -53.86 22.78 46.24
N ASP A 322 -53.89 23.94 46.84
CA ASP A 322 -53.44 25.12 46.14
C ASP A 322 -51.94 25.02 45.90
N LEU A 323 -51.58 24.59 44.69
CA LEU A 323 -50.18 24.40 44.29
C LEU A 323 -49.36 25.68 44.54
N GLU A 324 -49.96 26.83 44.24
CA GLU A 324 -49.28 28.13 44.40
C GLU A 324 -48.81 28.34 45.84
N VAL A 325 -49.70 27.98 46.77
CA VAL A 325 -49.44 28.12 48.20
C VAL A 325 -48.37 27.12 48.62
N LEU A 326 -48.52 25.89 48.12
CA LEU A 326 -47.57 24.80 48.37
C LEU A 326 -46.13 25.17 47.94
N MET A 327 -46.03 25.65 46.72
CA MET A 327 -44.73 25.99 46.10
C MET A 327 -44.03 27.15 46.81
N GLU A 328 -44.80 28.13 47.24
CA GLU A 328 -44.27 29.28 47.99
C GLU A 328 -43.72 28.83 49.35
N TRP A 329 -44.48 27.94 50.00
CA TRP A 329 -44.08 27.36 51.29
C TRP A 329 -42.72 26.67 51.13
N LEU A 330 -42.66 25.78 50.15
CA LEU A 330 -41.43 25.06 49.82
C LEU A 330 -40.26 26.01 49.59
N LYS A 331 -40.52 26.97 48.71
CA LYS A 331 -39.53 27.97 48.33
C LYS A 331 -38.92 28.66 49.56
N THR A 332 -39.78 29.01 50.51
CA THR A 332 -39.35 29.77 51.72
C THR A 332 -38.87 28.93 52.90
N ARG A 333 -38.77 27.61 52.73
CA ARG A 333 -38.31 26.72 53.81
C ARG A 333 -36.82 26.91 54.10
N PRO A 334 -36.47 27.18 55.37
CA PRO A 334 -35.05 27.20 55.68
C PRO A 334 -34.51 25.78 55.76
N ILE A 335 -33.19 25.66 55.89
CA ILE A 335 -32.47 24.36 55.99
C ILE A 335 -32.54 23.44 54.76
N LEU A 336 -33.69 23.38 54.10
CA LEU A 336 -33.85 22.54 52.89
C LEU A 336 -32.88 22.95 51.78
N SER A 337 -32.18 21.95 51.25
CA SER A 337 -31.25 22.19 50.14
C SER A 337 -32.05 22.64 48.91
N PRO A 338 -31.49 23.53 48.08
CA PRO A 338 -32.21 23.98 46.88
C PRO A 338 -32.57 22.82 45.95
N LEU A 339 -31.69 21.83 45.89
CA LEU A 339 -31.88 20.65 45.05
C LEU A 339 -33.08 19.84 45.58
N THR A 340 -33.14 19.71 46.89
CA THR A 340 -34.20 18.96 47.55
C THR A 340 -35.53 19.69 47.33
N LYS A 341 -35.46 21.02 47.37
CA LYS A 341 -36.63 21.88 47.11
C LYS A 341 -37.15 21.71 45.69
N GLY A 342 -36.22 21.54 44.76
CA GLY A 342 -36.55 21.34 43.35
C GLY A 342 -37.25 20.02 43.12
N ILE A 343 -36.71 18.97 43.76
CA ILE A 343 -37.26 17.61 43.68
C ILE A 343 -38.69 17.58 44.24
N LEU A 344 -38.87 18.17 45.40
CA LEU A 344 -40.20 18.27 46.03
C LEU A 344 -41.14 19.13 45.20
N GLY A 345 -40.58 20.21 44.67
CA GLY A 345 -41.32 21.14 43.79
C GLY A 345 -41.87 20.38 42.61
N PHE A 346 -40.99 19.61 41.99
CA PHE A 346 -41.31 18.74 40.85
C PHE A 346 -42.40 17.72 41.21
N VAL A 347 -42.19 17.05 42.33
CA VAL A 347 -43.14 15.99 42.77
C VAL A 347 -44.54 16.56 43.00
N PHE A 348 -44.61 17.68 43.71
CA PHE A 348 -45.89 18.34 44.02
C PHE A 348 -46.67 18.77 42.77
N THR A 349 -45.98 19.32 41.78
CA THR A 349 -46.67 19.77 40.55
C THR A 349 -47.19 18.56 39.76
N LEU A 350 -46.47 17.45 39.88
CA LEU A 350 -46.79 16.18 39.19
C LEU A 350 -48.01 15.49 39.84
N THR A 351 -48.06 15.54 41.16
CA THR A 351 -49.10 14.81 41.91
C THR A 351 -50.34 15.65 42.23
N VAL A 352 -50.17 16.95 42.41
CA VAL A 352 -51.28 17.86 42.74
C VAL A 352 -52.37 17.71 41.67
N PRO A 353 -53.66 17.59 42.11
CA PRO A 353 -54.76 17.39 41.15
C PRO A 353 -54.83 18.53 40.11
N SER A 354 -54.84 19.75 40.60
CA SER A 354 -54.94 20.95 39.76
C SER A 354 -53.72 21.84 39.89
N GLU A 355 -53.01 22.04 38.78
CA GLU A 355 -51.94 23.04 38.75
C GLU A 355 -52.57 24.43 38.61
N ARG A 356 -53.79 24.47 38.09
CA ARG A 356 -54.56 25.74 37.97
C ARG A 356 -53.88 26.74 37.05
N GLY A 357 -53.14 26.27 36.04
CA GLY A 357 -52.45 27.15 35.12
C GLY A 357 -51.33 27.94 35.76
N LEU A 358 -50.68 27.32 36.74
CA LEU A 358 -49.50 27.96 37.35
C LEU A 358 -48.30 27.83 36.45
N GLN A 359 -47.60 28.94 36.30
CA GLN A 359 -46.37 28.95 35.52
C GLN A 359 -45.35 28.14 36.28
N ARG A 360 -44.41 27.54 35.57
CA ARG A 360 -43.36 26.79 36.23
C ARG A 360 -42.56 27.72 37.10
N ARG A 361 -41.96 27.18 38.16
CA ARG A 361 -41.20 27.97 39.14
C ARG A 361 -39.69 28.07 38.88
N ARG A 362 -39.18 29.29 38.92
CA ARG A 362 -37.74 29.57 38.76
C ARG A 362 -36.89 28.78 39.75
N PHE A 363 -37.33 28.69 41.00
CA PHE A 363 -36.52 28.03 42.05
C PHE A 363 -36.31 26.54 41.73
N VAL A 364 -37.32 25.94 41.12
CA VAL A 364 -37.26 24.54 40.71
C VAL A 364 -36.38 24.41 39.46
N GLN A 365 -36.62 25.29 38.51
CA GLN A 365 -35.85 25.29 37.26
C GLN A 365 -34.35 25.42 37.55
N ASN A 366 -34.01 26.35 38.43
CA ASN A 366 -32.60 26.55 38.82
C ASN A 366 -32.02 25.34 39.51
N ALA A 367 -32.84 24.69 40.34
CA ALA A 367 -32.43 23.51 41.10
C ALA A 367 -32.20 22.27 40.23
N LEU A 368 -33.01 22.11 39.19
CA LEU A 368 -32.98 20.92 38.31
C LEU A 368 -32.29 21.11 36.95
N ASN A 369 -31.54 22.20 36.77
CA ASN A 369 -30.81 22.46 35.54
C ASN A 369 -29.49 21.71 35.31
N GLY A 370 -29.07 20.81 36.20
CA GLY A 370 -27.89 19.98 35.88
C GLY A 370 -26.63 20.83 35.82
N ASN A 371 -26.68 21.97 36.53
CA ASN A 371 -25.60 22.95 36.57
C ASN A 371 -25.39 23.62 35.22
N GLY A 372 -26.32 23.47 34.28
CA GLY A 372 -26.10 23.97 32.92
C GLY A 372 -24.95 23.29 32.22
N ASP A 373 -24.56 22.13 32.73
CA ASP A 373 -23.42 21.41 32.15
C ASP A 373 -23.87 20.61 30.90
N PRO A 374 -23.25 20.86 29.72
CA PRO A 374 -23.65 20.19 28.47
C PRO A 374 -23.49 18.66 28.47
N ASN A 375 -22.48 18.18 29.18
CA ASN A 375 -22.26 16.73 29.32
C ASN A 375 -23.39 16.06 30.11
N ASN A 376 -23.81 16.73 31.19
CA ASN A 376 -24.94 16.27 32.04
C ASN A 376 -26.17 16.26 31.16
N MET A 377 -26.39 17.36 30.46
CA MET A 377 -27.55 17.54 29.59
C MET A 377 -27.59 16.50 28.47
N ASP A 378 -26.41 16.19 27.92
CA ASP A 378 -26.28 15.16 26.89
C ASP A 378 -26.76 13.81 27.43
N LYS A 379 -26.30 13.46 28.63
CA LYS A 379 -26.69 12.20 29.25
C LYS A 379 -28.16 12.19 29.66
N ALA A 380 -28.65 13.35 30.06
CA ALA A 380 -30.06 13.53 30.45
C ALA A 380 -30.97 13.24 29.27
N VAL A 381 -30.53 13.68 28.10
CA VAL A 381 -31.27 13.49 26.83
C VAL A 381 -31.25 12.01 26.44
N LYS A 382 -30.11 11.36 26.67
CA LYS A 382 -29.97 9.93 26.39
C LYS A 382 -30.90 9.12 27.30
N LEU A 383 -30.92 9.48 28.57
CA LEU A 383 -31.81 8.83 29.55
C LEU A 383 -33.27 9.02 29.11
N TYR A 384 -33.61 10.25 28.80
CA TYR A 384 -34.98 10.60 28.34
C TYR A 384 -35.41 9.71 27.18
N ARG A 385 -34.51 9.50 26.23
CA ARG A 385 -34.80 8.66 25.06
C ARG A 385 -35.24 7.28 25.54
N LYS A 386 -34.51 6.74 26.50
CA LYS A 386 -34.81 5.42 27.06
C LYS A 386 -36.12 5.42 27.87
N LEU A 387 -36.31 6.46 28.68
CA LEU A 387 -37.53 6.58 29.52
C LEU A 387 -38.81 6.67 28.68
N LYS A 388 -38.68 7.23 27.48
CA LYS A 388 -39.79 7.35 26.52
C LYS A 388 -40.37 5.98 26.14
N ARG A 389 -39.52 4.97 26.25
CA ARG A 389 -39.90 3.59 25.92
C ARG A 389 -40.39 2.78 27.12
N GLU A 390 -40.22 3.34 28.30
CA GLU A 390 -40.67 2.70 29.54
C GLU A 390 -42.14 2.98 29.79
N ILE A 391 -42.81 2.03 30.43
CA ILE A 391 -44.21 2.17 30.83
C ILE A 391 -44.45 1.87 32.32
N THR A 392 -43.43 1.33 32.98
CA THR A 392 -43.56 0.97 34.39
C THR A 392 -42.62 1.77 35.29
N PHE A 393 -43.02 1.87 36.54
CA PHE A 393 -42.24 2.57 37.58
C PHE A 393 -40.87 1.91 37.80
N HIS A 394 -40.88 0.58 37.92
CA HIS A 394 -39.65 -0.21 38.17
C HIS A 394 -38.68 -0.19 36.97
N GLY A 395 -39.20 -0.32 35.75
CA GLY A 395 -38.37 -0.27 34.55
C GLY A 395 -37.70 1.09 34.42
N ALA A 396 -38.50 2.12 34.65
CA ALA A 396 -38.05 3.51 34.62
C ALA A 396 -36.97 3.74 35.67
N LYS A 397 -37.28 3.34 36.89
CA LYS A 397 -36.34 3.52 38.02
C LYS A 397 -35.03 2.78 37.76
N GLU A 398 -35.14 1.57 37.22
CA GLU A 398 -33.98 0.70 36.92
C GLU A 398 -32.98 1.32 35.94
N ILE A 399 -33.48 1.80 34.81
CA ILE A 399 -32.57 2.42 33.81
C ILE A 399 -32.01 3.75 34.31
N SER A 400 -32.80 4.46 35.09
CA SER A 400 -32.37 5.76 35.66
C SER A 400 -31.16 5.60 36.59
N LEU A 401 -31.13 4.49 37.33
CA LEU A 401 -30.01 4.19 38.25
C LEU A 401 -28.65 3.99 37.58
N SER A 402 -28.65 3.82 36.25
CA SER A 402 -27.39 3.70 35.50
C SER A 402 -26.82 5.06 35.10
N TYR A 403 -27.48 6.12 35.56
CA TYR A 403 -27.05 7.49 35.28
C TYR A 403 -26.64 8.22 36.55
N SER A 404 -25.76 9.19 36.40
CA SER A 404 -25.27 9.97 37.53
C SER A 404 -26.37 10.90 38.04
N ALA A 405 -26.25 11.27 39.32
CA ALA A 405 -27.21 12.19 39.96
C ALA A 405 -27.35 13.52 39.20
N GLY A 406 -26.26 13.99 38.62
CA GLY A 406 -26.25 15.26 37.84
C GLY A 406 -27.07 15.15 36.56
N ALA A 407 -26.91 14.03 35.87
CA ALA A 407 -27.66 13.73 34.64
C ALA A 407 -29.14 13.48 34.94
N LEU A 408 -29.38 12.85 36.08
CA LEU A 408 -30.74 12.54 36.54
C LEU A 408 -31.52 13.81 36.85
N ALA A 409 -30.88 14.71 37.57
CA ALA A 409 -31.52 15.98 37.95
C ALA A 409 -31.84 16.82 36.72
N SER A 410 -30.90 16.85 35.78
CA SER A 410 -31.09 17.53 34.48
C SER A 410 -32.22 16.91 33.67
N CYS A 411 -32.32 15.59 33.71
CA CYS A 411 -33.40 14.89 33.03
C CYS A 411 -34.75 15.31 33.63
N MET A 412 -34.79 15.40 34.96
CA MET A 412 -36.01 15.84 35.67
C MET A 412 -36.38 17.26 35.23
N GLY A 413 -35.37 18.09 35.05
CA GLY A 413 -35.54 19.47 34.59
C GLY A 413 -36.14 19.52 33.19
N LEU A 414 -35.65 18.63 32.33
CA LEU A 414 -36.11 18.52 30.94
C LEU A 414 -37.64 18.27 30.90
N ILE A 415 -38.07 17.37 31.76
CA ILE A 415 -39.49 17.00 31.89
C ILE A 415 -40.26 18.17 32.54
N TYR A 416 -39.71 18.70 33.63
CA TYR A 416 -40.34 19.83 34.35
C TYR A 416 -40.59 21.01 33.43
N ASN A 417 -39.61 21.26 32.57
CA ASN A 417 -39.67 22.39 31.62
C ASN A 417 -40.54 22.11 30.37
N ARG A 418 -41.12 20.91 30.32
CA ARG A 418 -41.96 20.44 29.19
C ARG A 418 -41.17 20.34 27.89
N MET A 419 -39.86 20.14 28.01
CA MET A 419 -39.00 19.96 26.83
C MET A 419 -39.09 18.54 26.33
N GLY A 420 -39.50 17.66 27.22
CA GLY A 420 -39.78 16.26 26.90
C GLY A 420 -40.94 15.82 27.76
N ALA A 421 -41.51 14.68 27.43
CA ALA A 421 -42.67 14.15 28.18
C ALA A 421 -42.59 12.64 28.40
N VAL A 422 -43.01 12.22 29.59
CA VAL A 422 -43.11 10.79 29.94
C VAL A 422 -44.39 10.63 30.79
N THR A 423 -44.80 9.38 30.94
CA THR A 423 -45.97 9.04 31.75
C THR A 423 -45.63 9.28 33.22
N THR A 424 -46.67 9.55 34.02
CA THR A 424 -46.50 9.88 35.45
C THR A 424 -45.73 8.82 36.23
N GLU A 425 -46.02 7.56 35.95
CA GLU A 425 -45.41 6.44 36.67
C GLU A 425 -43.91 6.31 36.35
N VAL A 426 -43.57 6.61 35.10
CA VAL A 426 -42.17 6.63 34.65
C VAL A 426 -41.46 7.84 35.28
N ALA A 427 -42.16 8.96 35.33
CA ALA A 427 -41.64 10.20 35.97
C ALA A 427 -41.34 9.92 37.45
N PHE A 428 -42.23 9.17 38.07
CA PHE A 428 -42.05 8.74 39.46
C PHE A 428 -40.76 7.92 39.64
N GLY A 429 -40.57 6.97 38.72
CA GLY A 429 -39.37 6.13 38.73
C GLY A 429 -38.10 6.94 38.61
N LEU A 430 -38.14 7.93 37.73
CA LEU A 430 -37.01 8.85 37.54
C LEU A 430 -36.69 9.61 38.82
N VAL A 431 -37.72 10.24 39.41
CA VAL A 431 -37.53 11.03 40.65
C VAL A 431 -37.00 10.16 41.80
N CYS A 432 -37.48 8.92 41.86
CA CYS A 432 -37.07 7.97 42.92
C CYS A 432 -35.63 7.48 42.74
N ALA A 433 -35.21 7.30 41.49
CA ALA A 433 -33.82 6.92 41.20
C ALA A 433 -32.90 8.04 41.64
N THR A 434 -33.28 9.26 41.29
CA THR A 434 -32.53 10.46 41.68
C THR A 434 -32.44 10.57 43.20
N CYS A 435 -33.58 10.40 43.88
CA CYS A 435 -33.61 10.48 45.34
C CYS A 435 -32.70 9.42 45.96
N GLU A 436 -32.78 8.21 45.41
CA GLU A 436 -31.95 7.07 45.89
C GLU A 436 -30.46 7.42 45.75
N GLN A 437 -30.09 7.92 44.58
CA GLN A 437 -28.69 8.29 44.29
C GLN A 437 -28.19 9.35 45.27
N ILE A 438 -28.98 10.40 45.47
CA ILE A 438 -28.64 11.51 46.37
C ILE A 438 -28.53 11.05 47.83
N ALA A 439 -29.56 10.35 48.28
CA ALA A 439 -29.60 9.80 49.64
C ALA A 439 -28.39 8.91 49.89
N ASP A 440 -28.11 8.05 48.91
CA ASP A 440 -26.95 7.11 48.97
C ASP A 440 -25.60 7.81 49.09
N SER A 441 -25.53 9.03 48.57
CA SER A 441 -24.29 9.82 48.62
C SER A 441 -24.06 10.40 50.01
N GLN A 442 -25.15 10.57 50.74
CA GLN A 442 -25.10 11.11 52.11
C GLN A 442 -24.73 10.02 53.10
N PRO B 2 -51.84 -22.35 9.00
CA PRO B 2 -50.60 -22.49 8.25
C PRO B 2 -50.79 -22.35 6.73
N PHE B 3 -49.79 -21.77 6.05
CA PHE B 3 -49.83 -21.58 4.59
C PHE B 3 -48.62 -22.05 3.83
N ILE B 4 -48.91 -22.49 2.62
CA ILE B 4 -47.88 -22.77 1.60
C ILE B 4 -48.23 -21.89 0.40
N THR B 5 -47.23 -21.13 -0.05
CA THR B 5 -47.34 -20.25 -1.23
C THR B 5 -47.13 -21.08 -2.50
N VAL B 6 -48.07 -20.99 -3.43
CA VAL B 6 -48.02 -21.80 -4.65
C VAL B 6 -47.82 -20.96 -5.92
N GLY B 7 -47.97 -19.65 -5.78
CA GLY B 7 -47.80 -18.75 -6.90
C GLY B 7 -48.09 -17.30 -6.61
N GLN B 8 -48.29 -16.55 -7.69
CA GLN B 8 -48.48 -15.11 -7.61
C GLN B 8 -49.64 -14.70 -8.52
N GLU B 9 -50.47 -13.81 -8.00
CA GLU B 9 -51.55 -13.16 -8.77
C GLU B 9 -51.41 -11.66 -8.61
N ASN B 10 -51.06 -10.98 -9.70
CA ASN B 10 -50.83 -9.52 -9.68
C ASN B 10 -49.86 -9.13 -8.55
N SER B 11 -50.28 -8.25 -7.64
CA SER B 11 -49.42 -7.82 -6.52
C SER B 11 -49.41 -8.78 -5.32
N THR B 12 -50.27 -9.78 -5.36
CA THR B 12 -50.49 -10.70 -4.23
C THR B 12 -49.99 -12.12 -4.49
N SER B 13 -49.51 -12.81 -3.46
CA SER B 13 -49.17 -14.23 -3.65
C SER B 13 -50.41 -15.09 -3.45
N ILE B 14 -50.31 -16.31 -3.96
CA ILE B 14 -51.36 -17.31 -3.83
C ILE B 14 -50.92 -18.31 -2.77
N ASP B 15 -51.62 -18.32 -1.64
CA ASP B 15 -51.27 -19.17 -0.49
C ASP B 15 -52.34 -20.23 -0.22
N LEU B 16 -51.90 -21.45 0.02
CA LEU B 16 -52.82 -22.53 0.41
C LEU B 16 -52.81 -22.72 1.91
N TYR B 17 -54.00 -22.74 2.49
CA TYR B 17 -54.16 -23.06 3.90
C TYR B 17 -53.96 -24.57 4.08
N TYR B 18 -53.13 -24.97 5.02
CA TYR B 18 -52.94 -26.41 5.31
C TYR B 18 -52.78 -26.71 6.81
N GLU B 19 -53.01 -27.97 7.16
CA GLU B 19 -52.79 -28.48 8.51
C GLU B 19 -51.96 -29.76 8.46
N ASP B 20 -51.30 -30.04 9.58
CA ASP B 20 -50.29 -31.09 9.66
C ASP B 20 -50.35 -31.69 11.06
N HIS B 21 -51.06 -32.81 11.17
CA HIS B 21 -51.33 -33.45 12.47
C HIS B 21 -50.84 -34.90 12.59
N GLY B 22 -50.50 -35.27 13.81
CA GLY B 22 -50.10 -36.63 14.13
C GLY B 22 -48.70 -37.01 13.69
N THR B 23 -48.37 -38.27 13.91
CA THR B 23 -47.05 -38.77 13.58
C THR B 23 -47.22 -40.14 12.98
N GLY B 24 -46.30 -40.51 12.10
CA GLY B 24 -46.34 -41.79 11.43
C GLY B 24 -46.43 -41.57 9.95
N THR B 25 -46.90 -42.60 9.24
CA THR B 25 -47.01 -42.55 7.78
C THR B 25 -47.95 -41.41 7.38
N PRO B 26 -47.48 -40.53 6.45
CA PRO B 26 -48.24 -39.38 6.01
C PRO B 26 -49.38 -39.74 5.08
N VAL B 27 -50.54 -39.21 5.42
CA VAL B 27 -51.76 -39.42 4.63
C VAL B 27 -52.30 -38.04 4.27
N VAL B 28 -52.39 -37.80 2.98
CA VAL B 28 -52.80 -36.49 2.44
C VAL B 28 -54.24 -36.56 1.92
N LEU B 29 -55.10 -35.76 2.54
CA LEU B 29 -56.54 -35.71 2.25
C LEU B 29 -56.86 -34.47 1.40
N ILE B 30 -57.50 -34.71 0.26
CA ILE B 30 -57.83 -33.66 -0.72
C ILE B 30 -59.34 -33.55 -0.86
N HIS B 31 -59.87 -32.43 -0.40
CA HIS B 31 -61.33 -32.24 -0.23
C HIS B 31 -62.09 -32.06 -1.54
N GLY B 32 -63.40 -32.09 -1.41
CA GLY B 32 -64.33 -31.87 -2.52
C GLY B 32 -65.01 -30.51 -2.53
N PHE B 33 -65.74 -30.25 -3.62
CA PHE B 33 -66.47 -28.98 -3.83
C PHE B 33 -67.81 -29.00 -3.08
N PRO B 34 -68.19 -27.88 -2.43
CA PRO B 34 -67.48 -26.62 -2.31
C PRO B 34 -66.86 -26.44 -0.91
N LEU B 35 -66.35 -27.55 -0.39
CA LEU B 35 -65.89 -27.64 1.01
C LEU B 35 -64.39 -27.44 1.15
N SER B 36 -63.89 -27.69 2.36
CA SER B 36 -62.48 -27.46 2.71
C SER B 36 -61.82 -28.67 3.40
N GLY B 37 -60.55 -28.53 3.77
CA GLY B 37 -59.81 -29.60 4.47
C GLY B 37 -60.52 -30.08 5.73
N HIS B 38 -61.28 -29.19 6.35
CA HIS B 38 -62.00 -29.48 7.60
C HIS B 38 -63.17 -30.47 7.47
N SER B 39 -63.63 -30.67 6.24
CA SER B 39 -64.70 -31.64 5.90
C SER B 39 -64.28 -33.10 6.15
N TRP B 40 -62.97 -33.32 6.26
CA TRP B 40 -62.40 -34.63 6.56
C TRP B 40 -62.33 -34.98 8.05
N GLU B 41 -62.90 -34.13 8.90
CA GLU B 41 -62.73 -34.23 10.37
C GLU B 41 -63.06 -35.60 10.99
N ARG B 42 -64.06 -36.28 10.45
CA ARG B 42 -64.44 -37.62 10.93
C ARG B 42 -63.40 -38.67 10.55
N GLN B 43 -62.84 -38.52 9.35
CA GLN B 43 -61.77 -39.39 8.87
C GLN B 43 -60.43 -39.09 9.58
N SER B 44 -60.10 -37.81 9.70
CA SER B 44 -58.85 -37.37 10.38
C SER B 44 -58.71 -37.92 11.79
N ALA B 45 -59.81 -37.90 12.55
CA ALA B 45 -59.83 -38.39 13.93
C ALA B 45 -59.47 -39.89 14.00
N ALA B 46 -60.09 -40.66 13.12
CA ALA B 46 -59.82 -42.10 12.99
C ALA B 46 -58.36 -42.38 12.61
N LEU B 47 -57.89 -41.68 11.58
CA LEU B 47 -56.47 -41.82 11.13
C LEU B 47 -55.47 -41.45 12.22
N LEU B 48 -55.81 -40.41 12.98
CA LEU B 48 -54.96 -39.96 14.09
C LEU B 48 -54.90 -41.04 15.16
N ASP B 49 -56.07 -41.60 15.49
CA ASP B 49 -56.16 -42.69 16.48
C ASP B 49 -55.43 -43.97 16.02
N ALA B 50 -55.53 -44.24 14.72
CA ALA B 50 -54.89 -45.42 14.08
C ALA B 50 -53.36 -45.28 13.91
N GLY B 51 -52.87 -44.06 14.14
CA GLY B 51 -51.41 -43.79 14.16
C GLY B 51 -50.80 -43.34 12.84
N ALA B 52 -51.49 -42.40 12.17
CA ALA B 52 -50.99 -41.81 10.92
C ALA B 52 -50.71 -40.32 11.08
N ARG B 53 -49.88 -39.82 10.19
CA ARG B 53 -49.67 -38.38 10.10
C ARG B 53 -50.68 -37.87 9.09
N VAL B 54 -51.54 -36.95 9.53
CA VAL B 54 -52.64 -36.43 8.68
C VAL B 54 -52.33 -35.01 8.13
N ILE B 55 -52.26 -34.92 6.81
CA ILE B 55 -52.10 -33.63 6.12
C ILE B 55 -53.38 -33.26 5.35
N THR B 56 -53.90 -32.09 5.65
CA THR B 56 -55.04 -31.54 4.90
C THR B 56 -54.65 -30.17 4.34
N TYR B 57 -55.27 -29.79 3.25
CA TYR B 57 -55.09 -28.43 2.72
C TYR B 57 -56.37 -28.01 2.00
N ASP B 58 -56.52 -26.70 1.85
CA ASP B 58 -57.68 -26.11 1.16
C ASP B 58 -57.24 -25.77 -0.26
N ARG B 59 -57.91 -26.37 -1.24
CA ARG B 59 -57.75 -26.03 -2.66
C ARG B 59 -57.91 -24.52 -2.87
N ARG B 60 -57.13 -23.97 -3.79
CA ARG B 60 -57.22 -22.55 -4.14
C ARG B 60 -58.67 -22.16 -4.41
N GLY B 61 -59.11 -21.04 -3.83
CA GLY B 61 -60.51 -20.57 -3.97
C GLY B 61 -61.52 -21.09 -2.95
N PHE B 62 -61.04 -21.98 -2.08
CA PHE B 62 -61.88 -22.64 -1.05
C PHE B 62 -61.33 -22.52 0.36
N GLY B 63 -62.24 -22.71 1.31
CA GLY B 63 -61.92 -22.65 2.73
C GLY B 63 -61.11 -21.42 3.07
N GLN B 64 -59.93 -21.64 3.65
CA GLN B 64 -59.04 -20.53 4.08
C GLN B 64 -57.88 -20.21 3.14
N SER B 65 -57.85 -20.87 2.00
CA SER B 65 -56.86 -20.55 0.97
C SER B 65 -57.22 -19.24 0.28
N SER B 66 -56.22 -18.71 -0.42
CA SER B 66 -56.40 -17.52 -1.25
C SER B 66 -57.45 -17.77 -2.30
N GLN B 67 -58.02 -16.66 -2.78
CA GLN B 67 -59.12 -16.69 -3.74
C GLN B 67 -58.76 -15.95 -5.02
N PRO B 68 -57.80 -16.50 -5.78
CA PRO B 68 -57.50 -15.89 -7.06
C PRO B 68 -58.61 -16.08 -8.09
N THR B 69 -58.43 -15.41 -9.22
CA THR B 69 -59.34 -15.57 -10.36
C THR B 69 -58.60 -16.29 -11.50
N THR B 70 -57.57 -17.04 -11.11
CA THR B 70 -56.68 -17.80 -12.02
C THR B 70 -56.34 -19.19 -11.50
N GLY B 71 -56.03 -20.08 -12.44
CA GLY B 71 -55.51 -21.42 -12.15
C GLY B 71 -56.52 -22.48 -11.79
N TYR B 72 -57.73 -22.36 -12.34
CA TYR B 72 -58.82 -23.32 -12.08
C TYR B 72 -58.89 -24.40 -13.15
N ASP B 73 -57.97 -25.34 -13.00
CA ASP B 73 -57.78 -26.45 -13.92
C ASP B 73 -56.91 -27.52 -13.25
N TYR B 74 -57.04 -28.77 -13.68
CA TYR B 74 -56.37 -29.87 -12.99
C TYR B 74 -54.87 -29.90 -13.08
N ASP B 75 -54.28 -29.29 -14.10
CA ASP B 75 -52.81 -29.23 -14.15
C ASP B 75 -52.26 -28.30 -13.06
N THR B 76 -52.95 -27.19 -12.86
CA THR B 76 -52.60 -26.21 -11.82
C THR B 76 -52.87 -26.79 -10.45
N PHE B 77 -54.04 -27.39 -10.29
CA PHE B 77 -54.41 -28.07 -9.04
C PHE B 77 -53.38 -29.15 -8.67
N ALA B 78 -52.91 -29.87 -9.68
CA ALA B 78 -51.92 -30.96 -9.46
C ALA B 78 -50.54 -30.37 -9.17
N ALA B 79 -50.26 -29.24 -9.81
CA ALA B 79 -49.02 -28.49 -9.55
C ALA B 79 -49.04 -27.89 -8.14
N ASP B 80 -50.22 -27.49 -7.71
CA ASP B 80 -50.42 -26.95 -6.35
C ASP B 80 -50.06 -28.06 -5.34
N LEU B 81 -50.63 -29.23 -5.58
CA LEU B 81 -50.41 -30.43 -4.75
C LEU B 81 -48.92 -30.79 -4.73
N ASN B 82 -48.30 -30.73 -5.90
CA ASN B 82 -46.86 -31.01 -6.03
C ASN B 82 -46.04 -30.12 -5.10
N THR B 83 -46.37 -28.83 -5.12
CA THR B 83 -45.68 -27.83 -4.27
C THR B 83 -45.80 -28.19 -2.79
N VAL B 84 -46.97 -28.65 -2.40
CA VAL B 84 -47.22 -29.05 -1.00
C VAL B 84 -46.32 -30.23 -0.62
N LEU B 85 -46.32 -31.26 -1.47
CA LEU B 85 -45.55 -32.50 -1.24
C LEU B 85 -44.04 -32.26 -1.17
N GLU B 86 -43.58 -31.43 -2.10
CA GLU B 86 -42.17 -31.01 -2.13
C GLU B 86 -41.80 -30.11 -0.96
N THR B 87 -42.71 -29.21 -0.62
CA THR B 87 -42.47 -28.26 0.49
C THR B 87 -42.29 -29.01 1.82
N LEU B 88 -43.10 -30.02 2.03
CA LEU B 88 -43.06 -30.82 3.25
C LEU B 88 -42.10 -32.02 3.18
N ASP B 89 -41.55 -32.26 1.99
CA ASP B 89 -40.62 -33.40 1.70
C ASP B 89 -41.25 -34.72 2.09
N LEU B 90 -42.49 -34.91 1.66
CA LEU B 90 -43.24 -36.11 1.98
C LEU B 90 -42.71 -37.30 1.19
N GLN B 91 -42.45 -38.35 1.96
CA GLN B 91 -41.94 -39.63 1.49
C GLN B 91 -42.95 -40.70 1.83
N ASP B 92 -43.21 -41.60 0.89
CA ASP B 92 -43.99 -42.80 1.19
C ASP B 92 -45.43 -42.45 1.60
N ALA B 93 -45.95 -41.43 0.92
CA ALA B 93 -47.23 -40.82 1.26
C ALA B 93 -48.41 -41.55 0.63
N VAL B 94 -49.55 -41.48 1.32
CA VAL B 94 -50.83 -41.96 0.80
C VAL B 94 -51.62 -40.73 0.37
N LEU B 95 -52.13 -40.76 -0.87
CA LEU B 95 -52.99 -39.69 -1.39
C LEU B 95 -54.45 -40.15 -1.41
N VAL B 96 -55.29 -39.44 -0.68
CA VAL B 96 -56.73 -39.75 -0.61
C VAL B 96 -57.49 -38.52 -1.12
N GLY B 97 -58.26 -38.73 -2.19
CA GLY B 97 -59.10 -37.68 -2.78
C GLY B 97 -60.57 -38.04 -2.62
N PHE B 98 -61.39 -37.01 -2.40
CA PHE B 98 -62.86 -37.14 -2.36
C PHE B 98 -63.43 -36.24 -3.44
N SER B 99 -64.26 -36.82 -4.30
CA SER B 99 -64.95 -36.06 -5.35
C SER B 99 -63.91 -35.30 -6.21
N MET B 100 -63.99 -33.96 -6.24
CA MET B 100 -63.01 -33.13 -6.97
C MET B 100 -61.57 -33.56 -6.71
N GLY B 101 -61.29 -33.86 -5.44
CA GLY B 101 -59.96 -34.31 -4.98
C GLY B 101 -59.41 -35.52 -5.71
N THR B 102 -60.31 -36.37 -6.21
CA THR B 102 -59.88 -37.56 -6.97
C THR B 102 -59.24 -37.18 -8.33
N GLY B 103 -59.56 -35.98 -8.80
CA GLY B 103 -58.94 -35.41 -10.02
C GLY B 103 -57.47 -35.07 -9.81
N GLU B 104 -57.18 -34.47 -8.65
CA GLU B 104 -55.77 -34.18 -8.23
C GLU B 104 -54.94 -35.46 -8.19
N VAL B 105 -55.48 -36.46 -7.50
CA VAL B 105 -54.79 -37.75 -7.29
C VAL B 105 -54.36 -38.34 -8.65
N ALA B 106 -55.29 -38.45 -9.59
CA ALA B 106 -55.04 -39.04 -10.94
C ALA B 106 -54.03 -38.24 -11.76
N ARG B 107 -54.27 -36.93 -11.82
CA ARG B 107 -53.43 -36.02 -12.60
C ARG B 107 -52.00 -35.89 -12.03
N TYR B 108 -51.87 -35.83 -10.71
CA TYR B 108 -50.54 -35.77 -10.07
C TYR B 108 -49.72 -37.06 -10.36
N VAL B 109 -50.33 -38.19 -10.06
CA VAL B 109 -49.73 -39.52 -10.28
C VAL B 109 -49.27 -39.65 -11.73
N SER B 110 -50.19 -39.29 -12.61
CA SER B 110 -49.99 -39.35 -14.07
C SER B 110 -48.79 -38.51 -14.56
N SER B 111 -48.78 -37.24 -14.17
CA SER B 111 -47.75 -36.27 -14.63
C SER B 111 -46.43 -36.36 -13.86
N TYR B 112 -46.55 -36.37 -12.54
CA TYR B 112 -45.37 -36.31 -11.66
C TYR B 112 -44.82 -37.66 -11.21
N GLY B 113 -45.59 -38.71 -11.41
CA GLY B 113 -45.15 -40.06 -11.03
C GLY B 113 -45.30 -40.34 -9.55
N THR B 114 -44.92 -41.56 -9.16
CA THR B 114 -45.24 -42.10 -7.83
C THR B 114 -44.00 -42.29 -6.91
N ALA B 115 -42.98 -41.47 -7.10
CA ALA B 115 -41.73 -41.56 -6.29
C ALA B 115 -41.93 -41.34 -4.77
N ARG B 116 -42.79 -40.38 -4.43
CA ARG B 116 -43.11 -40.07 -3.01
C ARG B 116 -44.32 -40.82 -2.46
N ILE B 117 -44.98 -41.54 -3.35
CA ILE B 117 -46.35 -42.08 -3.17
C ILE B 117 -46.37 -43.60 -2.95
N ALA B 118 -46.91 -44.02 -1.80
CA ALA B 118 -47.04 -45.46 -1.47
C ALA B 118 -48.36 -46.08 -1.95
N ALA B 119 -49.45 -45.35 -1.78
CA ALA B 119 -50.78 -45.80 -2.22
C ALA B 119 -51.72 -44.63 -2.45
N VAL B 120 -52.77 -44.91 -3.21
CA VAL B 120 -53.80 -43.93 -3.53
C VAL B 120 -55.19 -44.46 -3.23
N ALA B 121 -56.12 -43.55 -3.01
CA ALA B 121 -57.49 -43.90 -2.71
C ALA B 121 -58.36 -42.88 -3.40
N PHE B 122 -59.45 -43.37 -3.98
CA PHE B 122 -60.42 -42.57 -4.71
C PHE B 122 -61.80 -42.77 -4.10
N LEU B 123 -62.36 -41.70 -3.54
CA LEU B 123 -63.66 -41.76 -2.88
C LEU B 123 -64.62 -40.85 -3.64
N ALA B 124 -65.78 -41.38 -4.03
CA ALA B 124 -66.78 -40.59 -4.78
C ALA B 124 -66.09 -39.87 -5.96
N SER B 125 -65.49 -40.70 -6.82
CA SER B 125 -64.63 -40.27 -7.96
C SER B 125 -65.34 -39.63 -9.16
N LEU B 126 -64.61 -38.70 -9.79
CA LEU B 126 -64.98 -38.08 -11.10
C LEU B 126 -64.72 -39.03 -12.26
N GLU B 127 -63.67 -39.83 -12.07
CA GLU B 127 -63.11 -40.72 -13.10
C GLU B 127 -64.15 -41.64 -13.75
N PRO B 128 -63.96 -41.94 -15.04
CA PRO B 128 -62.80 -41.58 -15.86
C PRO B 128 -62.95 -40.31 -16.73
N PHE B 129 -64.21 -39.93 -16.99
CA PHE B 129 -64.53 -38.81 -17.87
C PHE B 129 -66.04 -38.61 -17.80
N LEU B 130 -66.46 -37.59 -17.06
CA LEU B 130 -67.90 -37.28 -16.87
C LEU B 130 -68.64 -36.79 -18.10
N LEU B 131 -67.92 -36.26 -19.06
CA LEU B 131 -68.57 -35.67 -20.23
C LEU B 131 -69.06 -36.75 -21.18
N LYS B 132 -70.36 -36.65 -21.49
CA LYS B 132 -71.02 -37.59 -22.38
C LYS B 132 -70.82 -37.18 -23.80
N THR B 133 -70.03 -37.96 -24.52
CA THR B 133 -69.78 -37.65 -25.92
C THR B 133 -70.00 -38.89 -26.77
N ASP B 134 -69.59 -38.79 -28.03
CA ASP B 134 -69.74 -39.89 -28.99
C ASP B 134 -68.70 -40.93 -28.62
N ASP B 135 -67.51 -40.44 -28.36
CA ASP B 135 -66.38 -41.30 -28.01
C ASP B 135 -66.43 -41.66 -26.52
N ASN B 136 -67.20 -40.88 -25.77
CA ASN B 136 -67.46 -41.19 -24.35
C ASN B 136 -68.97 -41.34 -24.06
N PRO B 137 -69.50 -42.51 -24.40
CA PRO B 137 -70.90 -42.95 -24.23
C PRO B 137 -71.35 -43.12 -22.78
N ASP B 138 -70.43 -43.54 -21.91
CA ASP B 138 -70.68 -43.78 -20.47
C ASP B 138 -70.68 -42.52 -19.63
N GLY B 139 -70.27 -41.44 -20.27
CA GLY B 139 -70.33 -40.11 -19.69
C GLY B 139 -71.65 -39.91 -19.00
N ALA B 140 -71.60 -39.18 -17.89
CA ALA B 140 -72.77 -38.94 -17.03
C ALA B 140 -73.74 -37.87 -17.55
N ALA B 141 -73.22 -36.85 -18.22
CA ALA B 141 -74.08 -35.76 -18.75
C ALA B 141 -73.51 -35.05 -19.97
N PRO B 142 -74.40 -34.39 -20.74
CA PRO B 142 -73.92 -33.61 -21.87
C PRO B 142 -73.38 -32.28 -21.39
N GLN B 143 -72.57 -31.67 -22.24
CA GLN B 143 -71.89 -30.39 -21.99
C GLN B 143 -72.83 -29.28 -21.50
N GLU B 144 -74.02 -29.28 -22.11
CA GLU B 144 -75.11 -28.30 -21.82
C GLU B 144 -75.54 -28.33 -20.37
N PHE B 145 -75.40 -29.50 -19.77
CA PHE B 145 -75.74 -29.74 -18.37
C PHE B 145 -74.80 -29.03 -17.40
N PHE B 146 -73.51 -29.03 -17.73
CA PHE B 146 -72.47 -28.40 -16.92
C PHE B 146 -72.51 -26.89 -17.05
N ASP B 147 -72.74 -26.46 -18.28
CA ASP B 147 -72.98 -25.06 -18.65
C ASP B 147 -74.08 -24.47 -17.77
N GLY B 148 -75.01 -25.35 -17.44
CA GLY B 148 -76.17 -25.02 -16.60
C GLY B 148 -75.83 -24.72 -15.15
N ILE B 149 -74.99 -25.58 -14.58
CA ILE B 149 -74.49 -25.43 -13.21
C ILE B 149 -73.71 -24.11 -13.06
N VAL B 150 -72.83 -23.87 -14.01
CA VAL B 150 -72.04 -22.62 -14.01
C VAL B 150 -73.02 -21.44 -13.92
N ALA B 151 -74.01 -21.45 -14.81
CA ALA B 151 -75.03 -20.39 -14.91
C ALA B 151 -75.81 -20.21 -13.60
N ALA B 152 -76.05 -21.33 -12.94
CA ALA B 152 -76.79 -21.37 -11.68
C ALA B 152 -75.97 -20.78 -10.54
N VAL B 153 -74.70 -21.16 -10.46
CA VAL B 153 -73.81 -20.62 -9.43
C VAL B 153 -73.65 -19.10 -9.60
N LYS B 154 -73.42 -18.66 -10.84
CA LYS B 154 -73.26 -17.20 -11.13
C LYS B 154 -74.50 -16.39 -10.76
N ALA B 155 -75.66 -17.03 -10.88
CA ALA B 155 -76.95 -16.38 -10.59
C ALA B 155 -77.15 -16.07 -9.10
N ASP B 156 -76.83 -17.04 -8.25
CA ASP B 156 -76.91 -16.93 -6.78
C ASP B 156 -76.25 -18.18 -6.21
N ARG B 157 -74.97 -18.08 -5.92
CA ARG B 157 -74.23 -19.22 -5.39
C ARG B 157 -74.77 -19.64 -4.02
N TYR B 158 -75.22 -18.66 -3.24
CA TYR B 158 -75.70 -18.87 -1.85
C TYR B 158 -76.93 -19.76 -1.77
N ALA B 159 -77.91 -19.39 -2.57
CA ALA B 159 -79.11 -20.17 -2.81
C ALA B 159 -78.75 -21.51 -3.46
N PHE B 160 -77.81 -21.46 -4.40
CA PHE B 160 -77.34 -22.67 -5.10
C PHE B 160 -76.84 -23.74 -4.13
N TYR B 161 -76.04 -23.31 -3.15
CA TYR B 161 -75.44 -24.27 -2.17
C TYR B 161 -76.52 -25.07 -1.48
N THR B 162 -77.65 -24.43 -1.22
CA THR B 162 -78.78 -25.08 -0.53
C THR B 162 -79.29 -26.33 -1.27
N GLY B 163 -79.64 -26.17 -2.53
CA GLY B 163 -80.14 -27.30 -3.35
C GLY B 163 -79.06 -28.34 -3.61
N PHE B 164 -77.82 -27.85 -3.70
CA PHE B 164 -76.64 -28.70 -3.92
C PHE B 164 -76.42 -29.68 -2.75
N PHE B 165 -76.51 -29.17 -1.52
CA PHE B 165 -76.26 -30.01 -0.32
C PHE B 165 -77.40 -31.00 -0.06
N ASN B 166 -78.55 -30.64 -0.57
CA ASN B 166 -79.71 -31.51 -0.62
C ASN B 166 -79.45 -32.87 -1.26
N ASP B 167 -78.91 -32.79 -2.47
CA ASP B 167 -78.56 -33.96 -3.27
C ASP B 167 -77.19 -34.51 -2.90
N PHE B 168 -76.32 -33.59 -2.47
CA PHE B 168 -74.98 -33.94 -1.99
C PHE B 168 -75.14 -34.91 -0.82
N TYR B 169 -76.04 -34.59 0.09
CA TYR B 169 -76.30 -35.43 1.27
C TYR B 169 -77.52 -36.37 1.23
N ASN B 170 -78.32 -36.32 0.17
CA ASN B 170 -79.61 -37.07 0.14
C ASN B 170 -80.40 -36.67 1.39
N LEU B 171 -80.56 -35.39 1.60
CA LEU B 171 -81.18 -34.89 2.85
C LEU B 171 -82.61 -35.41 3.03
N ASP B 172 -83.32 -35.60 1.93
CA ASP B 172 -84.66 -36.20 1.98
C ASP B 172 -84.65 -37.59 2.68
N GLU B 173 -83.54 -38.30 2.58
CA GLU B 173 -83.34 -39.59 3.29
C GLU B 173 -82.66 -39.42 4.67
N ASN B 174 -81.55 -38.68 4.66
CA ASN B 174 -80.55 -38.67 5.77
C ASN B 174 -80.64 -37.63 6.88
N LEU B 175 -81.43 -36.57 6.66
CA LEU B 175 -81.57 -35.47 7.62
C LEU B 175 -82.29 -35.96 8.88
N GLY B 176 -81.69 -35.67 10.03
CA GLY B 176 -82.20 -36.07 11.35
C GLY B 176 -81.90 -37.52 11.73
N THR B 177 -81.09 -38.15 10.88
CA THR B 177 -80.81 -39.59 10.90
C THR B 177 -79.28 -39.79 10.89
N ARG B 178 -78.73 -39.74 9.68
CA ARG B 178 -77.29 -39.76 9.39
C ARG B 178 -76.62 -38.40 9.57
N ILE B 179 -77.28 -37.35 9.07
CA ILE B 179 -76.76 -35.97 9.19
C ILE B 179 -77.73 -35.04 9.92
N SER B 180 -77.16 -34.26 10.85
CA SER B 180 -77.93 -33.23 11.56
C SER B 180 -78.09 -31.96 10.74
N GLU B 181 -79.07 -31.17 11.12
CA GLU B 181 -79.34 -29.87 10.49
C GLU B 181 -78.17 -28.91 10.72
N GLU B 182 -77.55 -29.05 11.89
CA GLU B 182 -76.38 -28.25 12.28
C GLU B 182 -75.13 -28.57 11.45
N ALA B 183 -74.92 -29.87 11.23
CA ALA B 183 -73.82 -30.35 10.36
C ALA B 183 -73.95 -29.78 8.94
N VAL B 184 -75.18 -29.81 8.43
CA VAL B 184 -75.50 -29.21 7.10
C VAL B 184 -75.26 -27.69 7.11
N ARG B 185 -75.61 -27.05 8.22
CA ARG B 185 -75.45 -25.59 8.35
C ARG B 185 -73.97 -25.20 8.24
N ASN B 186 -73.14 -25.99 8.89
CA ASN B 186 -71.68 -25.84 8.85
C ASN B 186 -71.13 -25.93 7.43
N SER B 187 -71.61 -26.93 6.70
CA SER B 187 -71.24 -27.12 5.28
C SER B 187 -71.58 -25.91 4.40
N TRP B 188 -72.78 -25.37 4.58
CA TRP B 188 -73.21 -24.18 3.82
C TRP B 188 -72.31 -22.99 4.15
N ASN B 189 -72.07 -22.79 5.44
CA ASN B 189 -71.16 -21.74 5.91
C ASN B 189 -69.77 -21.85 5.27
N THR B 190 -69.23 -23.07 5.23
CA THR B 190 -67.92 -23.34 4.62
C THR B 190 -67.89 -22.95 3.14
N ALA B 191 -68.94 -23.35 2.43
CA ALA B 191 -69.11 -23.05 0.99
C ALA B 191 -69.22 -21.56 0.72
N ALA B 192 -70.10 -20.91 1.49
CA ALA B 192 -70.33 -19.44 1.39
C ALA B 192 -69.04 -18.64 1.60
N SER B 193 -68.12 -19.26 2.33
CA SER B 193 -66.78 -18.70 2.65
C SER B 193 -65.70 -18.85 1.55
N GLY B 194 -65.93 -19.76 0.61
CA GLY B 194 -65.05 -19.89 -0.57
C GLY B 194 -65.21 -18.68 -1.48
N GLY B 195 -64.27 -18.52 -2.41
CA GLY B 195 -64.28 -17.37 -3.33
C GLY B 195 -65.40 -17.41 -4.36
N PHE B 196 -65.99 -16.26 -4.64
CA PHE B 196 -67.09 -16.18 -5.63
C PHE B 196 -66.64 -16.73 -6.99
N PHE B 197 -65.42 -16.38 -7.38
CA PHE B 197 -64.97 -16.72 -8.73
C PHE B 197 -64.72 -18.23 -8.82
N ALA B 198 -64.07 -18.78 -7.80
CA ALA B 198 -63.76 -20.23 -7.72
C ALA B 198 -65.01 -21.11 -7.78
N ALA B 199 -66.07 -20.61 -7.16
CA ALA B 199 -67.37 -21.31 -7.08
C ALA B 199 -67.95 -21.59 -8.48
N ALA B 200 -67.91 -20.55 -9.32
CA ALA B 200 -68.42 -20.63 -10.71
C ALA B 200 -67.44 -21.30 -11.68
N ALA B 201 -66.14 -21.13 -11.40
CA ALA B 201 -65.07 -21.74 -12.22
C ALA B 201 -64.86 -23.24 -11.97
N ALA B 202 -65.15 -23.69 -10.75
CA ALA B 202 -64.92 -25.11 -10.36
C ALA B 202 -65.66 -26.13 -11.24
N PRO B 203 -66.97 -25.94 -11.46
CA PRO B 203 -67.77 -26.88 -12.26
C PRO B 203 -67.26 -27.11 -13.70
N THR B 204 -66.52 -26.14 -14.24
CA THR B 204 -65.91 -26.34 -15.57
C THR B 204 -64.77 -27.39 -15.53
N THR B 205 -64.17 -27.60 -14.37
CA THR B 205 -63.08 -28.60 -14.27
C THR B 205 -63.60 -30.04 -14.12
N TRP B 206 -64.88 -30.18 -13.79
CA TRP B 206 -65.50 -31.51 -13.48
C TRP B 206 -65.53 -32.55 -14.62
N TYR B 207 -65.64 -32.09 -15.86
CA TYR B 207 -65.61 -32.99 -17.05
C TYR B 207 -64.23 -33.06 -17.73
N THR B 208 -63.20 -32.95 -16.90
CA THR B 208 -61.82 -33.18 -17.30
C THR B 208 -61.71 -34.67 -17.67
N ASP B 209 -61.02 -34.96 -18.77
CA ASP B 209 -60.86 -36.33 -19.23
C ASP B 209 -59.64 -36.96 -18.56
N PHE B 210 -59.91 -37.86 -17.61
CA PHE B 210 -58.84 -38.52 -16.85
C PHE B 210 -58.48 -39.90 -17.42
N ARG B 211 -58.95 -40.18 -18.63
CA ARG B 211 -58.81 -41.51 -19.23
C ARG B 211 -57.35 -41.94 -19.47
N ALA B 212 -56.49 -40.98 -19.83
CA ALA B 212 -55.04 -41.22 -20.07
C ALA B 212 -54.17 -41.18 -18.80
N ASP B 213 -54.77 -40.72 -17.72
CA ASP B 213 -54.12 -40.67 -16.41
C ASP B 213 -54.12 -42.03 -15.74
N ILE B 214 -55.23 -42.75 -15.92
CA ILE B 214 -55.49 -44.05 -15.25
C ILE B 214 -54.43 -45.16 -15.46
N PRO B 215 -53.90 -45.33 -16.69
CA PRO B 215 -52.86 -46.35 -16.95
C PRO B 215 -51.53 -46.08 -16.24
N ARG B 216 -51.38 -44.83 -15.81
CA ARG B 216 -50.22 -44.32 -15.06
C ARG B 216 -50.21 -44.69 -13.59
N ILE B 217 -51.39 -45.08 -13.10
CA ILE B 217 -51.54 -45.47 -11.71
C ILE B 217 -50.82 -46.81 -11.47
N ASP B 218 -49.77 -46.59 -10.71
CA ASP B 218 -48.56 -47.43 -10.51
C ASP B 218 -48.61 -48.29 -9.26
N VAL B 219 -49.22 -47.67 -8.25
CA VAL B 219 -49.21 -48.09 -6.86
C VAL B 219 -50.58 -48.68 -6.50
N PRO B 220 -50.67 -49.42 -5.37
CA PRO B 220 -51.95 -49.95 -4.93
C PRO B 220 -52.99 -48.86 -4.77
N ALA B 221 -54.18 -49.15 -5.25
CA ALA B 221 -55.29 -48.20 -5.24
C ALA B 221 -56.56 -48.77 -4.63
N LEU B 222 -57.33 -47.87 -4.05
CA LEU B 222 -58.65 -48.18 -3.53
C LEU B 222 -59.66 -47.28 -4.27
N ILE B 223 -60.75 -47.87 -4.73
CA ILE B 223 -61.91 -47.13 -5.31
C ILE B 223 -63.12 -47.38 -4.40
N LEU B 224 -63.73 -46.29 -3.97
CA LEU B 224 -64.85 -46.36 -3.04
C LEU B 224 -65.97 -45.39 -3.44
N HIS B 225 -67.17 -45.92 -3.55
CA HIS B 225 -68.32 -45.14 -4.01
C HIS B 225 -69.60 -45.54 -3.26
N GLY B 226 -70.48 -44.55 -3.08
CA GLY B 226 -71.79 -44.76 -2.48
C GLY B 226 -72.77 -45.13 -3.58
N THR B 227 -73.56 -46.18 -3.38
CA THR B 227 -74.47 -46.60 -4.46
C THR B 227 -75.66 -45.63 -4.62
N GLY B 228 -75.98 -44.90 -3.56
CA GLY B 228 -77.02 -43.84 -3.59
C GLY B 228 -76.53 -42.44 -3.97
N ASP B 229 -75.38 -42.40 -4.66
CA ASP B 229 -74.77 -41.13 -5.08
C ASP B 229 -75.58 -40.47 -6.21
N ARG B 230 -76.21 -39.36 -5.86
CA ARG B 230 -77.02 -38.53 -6.78
C ARG B 230 -76.17 -37.49 -7.53
N THR B 231 -75.00 -37.19 -6.97
CA THR B 231 -74.13 -36.14 -7.51
C THR B 231 -73.23 -36.75 -8.60
N LEU B 232 -72.56 -37.86 -8.28
CA LEU B 232 -71.76 -38.66 -9.23
C LEU B 232 -72.28 -40.10 -9.36
N PRO B 233 -73.21 -40.29 -10.31
CA PRO B 233 -73.83 -41.59 -10.55
C PRO B 233 -72.77 -42.70 -10.59
N ILE B 234 -72.89 -43.66 -9.67
CA ILE B 234 -71.89 -44.76 -9.53
C ILE B 234 -71.65 -45.51 -10.87
N GLU B 235 -72.69 -45.57 -11.68
CA GLU B 235 -72.69 -46.21 -13.03
C GLU B 235 -71.86 -45.53 -14.13
N ASN B 236 -71.66 -44.22 -14.02
CA ASN B 236 -70.89 -43.41 -15.02
C ASN B 236 -69.49 -43.05 -14.54
N THR B 237 -69.24 -43.43 -13.30
CA THR B 237 -68.01 -43.09 -12.58
C THR B 237 -67.32 -44.38 -12.05
N ALA B 238 -67.47 -44.63 -10.76
CA ALA B 238 -66.79 -45.75 -10.06
C ALA B 238 -66.82 -47.07 -10.84
N ARG B 239 -67.98 -47.43 -11.37
CA ARG B 239 -68.12 -48.73 -12.05
C ARG B 239 -67.37 -48.85 -13.36
N VAL B 240 -67.32 -47.78 -14.13
CA VAL B 240 -66.54 -47.80 -15.40
C VAL B 240 -65.04 -47.55 -15.11
N PHE B 241 -64.78 -46.83 -14.02
CA PHE B 241 -63.41 -46.58 -13.50
C PHE B 241 -62.70 -47.89 -13.10
N HIS B 242 -63.43 -48.76 -12.42
CA HIS B 242 -62.88 -50.06 -11.98
C HIS B 242 -62.59 -50.97 -13.16
N LYS B 243 -63.36 -50.83 -14.22
CA LYS B 243 -63.08 -51.56 -15.48
C LYS B 243 -61.73 -51.12 -16.05
N ALA B 244 -61.48 -49.82 -15.92
CA ALA B 244 -60.24 -49.20 -16.44
C ALA B 244 -59.02 -49.49 -15.55
N LEU B 245 -59.32 -49.80 -14.29
CA LEU B 245 -58.33 -50.14 -13.27
C LEU B 245 -58.85 -51.35 -12.44
N PRO B 246 -58.86 -52.56 -13.04
CA PRO B 246 -59.36 -53.83 -12.45
C PRO B 246 -58.63 -54.20 -11.18
N SER B 247 -57.38 -53.79 -11.18
CA SER B 247 -56.40 -54.02 -10.12
C SER B 247 -56.79 -53.31 -8.82
N ALA B 248 -57.47 -52.18 -8.96
CA ALA B 248 -57.95 -51.42 -7.80
C ALA B 248 -58.82 -52.29 -6.90
N GLU B 249 -58.59 -52.11 -5.61
CA GLU B 249 -59.45 -52.65 -4.58
C GLU B 249 -60.72 -51.81 -4.67
N TYR B 250 -61.87 -52.44 -4.55
CA TYR B 250 -63.13 -51.76 -4.90
C TYR B 250 -64.25 -52.02 -3.90
N VAL B 251 -64.81 -50.93 -3.38
CA VAL B 251 -65.80 -50.96 -2.32
C VAL B 251 -67.03 -50.11 -2.67
N GLU B 252 -68.19 -50.76 -2.70
CA GLU B 252 -69.47 -50.05 -2.84
C GLU B 252 -70.11 -49.87 -1.49
N VAL B 253 -70.49 -48.63 -1.19
CA VAL B 253 -71.23 -48.32 0.04
C VAL B 253 -72.74 -48.24 -0.30
N GLU B 254 -73.42 -49.26 0.22
CA GLU B 254 -74.82 -49.51 -0.05
C GLU B 254 -75.69 -48.34 0.39
N GLY B 255 -76.29 -47.67 -0.60
CA GLY B 255 -77.23 -46.57 -0.37
C GLY B 255 -76.62 -45.30 0.22
N ALA B 256 -75.29 -45.21 0.11
CA ALA B 256 -74.55 -44.06 0.61
C ALA B 256 -74.66 -42.96 -0.42
N PRO B 257 -74.83 -41.70 0.03
CA PRO B 257 -74.91 -40.57 -0.90
C PRO B 257 -73.52 -40.10 -1.33
N HIS B 258 -73.45 -38.95 -2.00
CA HIS B 258 -72.15 -38.34 -2.38
C HIS B 258 -71.33 -37.96 -1.15
N GLY B 259 -72.04 -37.35 -0.20
CA GLY B 259 -71.46 -36.86 1.06
C GLY B 259 -71.29 -37.94 2.11
N LEU B 260 -70.78 -39.08 1.65
CA LEU B 260 -70.63 -40.31 2.44
C LEU B 260 -69.57 -40.19 3.56
N LEU B 261 -68.70 -39.19 3.46
CA LEU B 261 -67.66 -38.94 4.50
C LEU B 261 -68.27 -38.69 5.89
N TRP B 262 -69.40 -38.01 5.89
CA TRP B 262 -70.16 -37.73 7.14
C TRP B 262 -71.23 -38.80 7.41
N THR B 263 -72.18 -38.95 6.49
CA THR B 263 -73.35 -39.88 6.65
C THR B 263 -72.95 -41.35 6.94
N HIS B 264 -71.86 -41.77 6.30
CA HIS B 264 -71.32 -43.15 6.41
C HIS B 264 -69.83 -43.17 6.82
N ALA B 265 -69.45 -42.22 7.65
CA ALA B 265 -68.06 -42.08 8.11
C ALA B 265 -67.48 -43.44 8.50
N GLU B 266 -68.30 -44.23 9.18
CA GLU B 266 -67.95 -45.58 9.67
C GLU B 266 -67.44 -46.60 8.66
N GLU B 267 -68.31 -46.77 7.68
CA GLU B 267 -68.12 -47.68 6.59
C GLU B 267 -66.92 -47.16 5.83
N VAL B 268 -66.84 -45.83 5.76
CA VAL B 268 -65.73 -45.13 5.08
C VAL B 268 -64.40 -45.37 5.80
N ASN B 269 -64.38 -45.07 7.09
CA ASN B 269 -63.17 -45.20 7.91
C ASN B 269 -62.67 -46.64 7.99
N THR B 270 -63.60 -47.58 8.14
CA THR B 270 -63.27 -49.01 8.24
C THR B 270 -62.59 -49.54 6.97
N ALA B 271 -63.13 -49.22 5.79
CA ALA B 271 -62.51 -49.62 4.50
C ALA B 271 -61.13 -48.98 4.32
N LEU B 272 -61.09 -47.69 4.61
CA LEU B 272 -59.87 -46.87 4.51
C LEU B 272 -58.77 -47.39 5.42
N LEU B 273 -59.13 -47.61 6.68
CA LEU B 273 -58.19 -48.10 7.72
C LEU B 273 -57.61 -49.48 7.42
N ALA B 274 -58.46 -50.39 6.94
CA ALA B 274 -58.00 -51.74 6.57
C ALA B 274 -57.01 -51.67 5.41
N PHE B 275 -57.38 -50.89 4.38
CA PHE B 275 -56.53 -50.66 3.20
C PHE B 275 -55.21 -50.02 3.62
N LEU B 276 -55.35 -49.01 4.47
CA LEU B 276 -54.21 -48.28 5.05
C LEU B 276 -53.33 -49.18 5.87
N ALA B 277 -53.95 -50.01 6.71
CA ALA B 277 -53.22 -51.00 7.50
C ALA B 277 -52.50 -51.98 6.59
N LYS B 278 -53.21 -52.46 5.58
CA LYS B 278 -52.62 -53.39 4.60
C LYS B 278 -51.46 -52.73 3.85
N ALA B 279 -51.71 -51.51 3.41
CA ALA B 279 -50.71 -50.69 2.71
C ALA B 279 -49.48 -50.47 3.60
N GLN B 280 -49.75 -50.16 4.86
CA GLN B 280 -48.71 -49.87 5.85
C GLN B 280 -47.85 -51.11 6.08
N GLU B 281 -48.51 -52.26 6.18
CA GLU B 281 -47.83 -53.53 6.39
C GLU B 281 -46.94 -53.83 5.18
N ALA B 282 -47.48 -53.56 3.99
CA ALA B 282 -46.74 -53.76 2.74
C ALA B 282 -45.51 -52.86 2.72
N GLN B 283 -45.68 -51.62 3.15
CA GLN B 283 -44.58 -50.65 3.23
C GLN B 283 -43.50 -51.13 4.19
N LYS B 284 -43.95 -51.65 5.32
CA LYS B 284 -43.03 -52.20 6.33
C LYS B 284 -42.25 -53.37 5.76
N GLN B 285 -42.96 -54.23 5.03
CA GLN B 285 -42.34 -55.39 4.40
C GLN B 285 -41.31 -54.92 3.38
N LYS B 286 -41.66 -53.91 2.61
CA LYS B 286 -40.77 -53.34 1.59
C LYS B 286 -39.52 -52.80 2.26
N LEU B 287 -39.70 -52.09 3.37
CA LEU B 287 -38.58 -51.54 4.15
C LEU B 287 -37.67 -52.65 4.64
N LEU B 288 -38.28 -53.70 5.15
CA LEU B 288 -37.51 -54.87 5.63
C LEU B 288 -36.75 -55.51 4.48
N THR B 289 -37.40 -55.61 3.32
CA THR B 289 -36.78 -56.16 2.12
C THR B 289 -35.65 -55.26 1.65
N GLU B 290 -35.87 -53.94 1.74
CA GLU B 290 -34.87 -52.93 1.33
C GLU B 290 -33.69 -53.10 2.21
N VAL B 291 -33.94 -53.19 3.52
CA VAL B 291 -32.88 -53.29 4.48
C VAL B 291 -32.13 -54.56 4.14
N GLU B 292 -32.90 -55.64 3.96
CA GLU B 292 -32.40 -56.95 3.57
C GLU B 292 -31.68 -56.92 2.24
N THR B 293 -32.24 -56.26 1.23
CA THR B 293 -31.57 -56.20 -0.08
C THR B 293 -30.27 -55.40 -0.02
N TYR B 294 -30.32 -54.27 0.70
CA TYR B 294 -29.09 -53.48 0.94
C TYR B 294 -28.04 -54.28 1.72
N VAL B 295 -28.48 -54.94 2.77
CA VAL B 295 -27.60 -55.74 3.63
C VAL B 295 -26.94 -56.90 2.83
N LEU B 296 -27.75 -57.59 2.03
CA LEU B 296 -27.27 -58.72 1.23
C LEU B 296 -26.31 -58.31 0.10
N SER B 297 -26.47 -57.09 -0.39
CA SER B 297 -25.64 -56.57 -1.51
C SER B 297 -24.14 -56.56 -1.18
N ILE B 298 -23.83 -56.60 0.11
CA ILE B 298 -22.48 -56.59 0.65
C ILE B 298 -21.81 -57.96 0.74
N ILE B 299 -22.65 -58.99 0.79
CA ILE B 299 -22.18 -60.36 1.02
C ILE B 299 -21.87 -61.09 -0.30
N PRO B 300 -20.70 -61.77 -0.38
CA PRO B 300 -20.41 -62.50 -1.59
C PRO B 300 -21.39 -63.64 -1.81
N SER B 301 -21.73 -63.88 -3.07
CA SER B 301 -22.69 -64.92 -3.42
C SER B 301 -22.16 -66.29 -3.02
N GLY B 302 -23.07 -67.13 -2.52
CA GLY B 302 -22.72 -68.47 -2.05
C GLY B 302 -23.69 -69.01 -1.02
N PRO B 303 -23.39 -70.18 -0.42
CA PRO B 303 -24.26 -70.84 0.57
C PRO B 303 -24.37 -70.07 1.87
N LEU B 304 -23.30 -69.39 2.24
CA LEU B 304 -23.29 -68.54 3.44
C LEU B 304 -24.28 -67.40 3.30
N LYS B 305 -24.25 -66.77 2.13
CA LYS B 305 -25.20 -65.70 1.78
C LYS B 305 -26.64 -66.19 1.90
N ALA B 306 -26.83 -67.47 1.59
CA ALA B 306 -28.14 -68.12 1.72
C ALA B 306 -28.58 -68.23 3.18
N GLU B 307 -27.66 -68.71 4.02
CA GLU B 307 -27.93 -68.85 5.46
C GLU B 307 -28.28 -67.50 6.09
N ILE B 308 -27.46 -66.51 5.80
CA ILE B 308 -27.64 -65.15 6.34
C ILE B 308 -29.01 -64.60 5.97
N ALA B 309 -29.34 -64.68 4.68
CA ALA B 309 -30.63 -64.20 4.16
C ALA B 309 -31.77 -64.84 4.94
N GLN B 310 -31.66 -66.15 5.11
CA GLN B 310 -32.69 -66.92 5.83
C GLN B 310 -32.84 -66.42 7.26
N ARG B 311 -31.69 -66.18 7.90
CA ARG B 311 -31.66 -65.69 9.29
C ARG B 311 -32.29 -64.30 9.40
N LEU B 312 -31.92 -63.44 8.46
CA LEU B 312 -32.49 -62.08 8.39
C LEU B 312 -34.01 -62.18 8.32
N GLU B 313 -34.47 -62.93 7.34
CA GLU B 313 -35.91 -63.14 7.10
C GLU B 313 -36.64 -63.66 8.35
N ASP B 314 -36.02 -64.62 9.03
CA ASP B 314 -36.58 -65.21 10.26
C ASP B 314 -36.66 -64.21 11.42
N VAL B 315 -35.62 -63.42 11.59
CA VAL B 315 -35.58 -62.41 12.64
C VAL B 315 -36.61 -61.32 12.30
N PHE B 316 -36.67 -60.96 11.02
CA PHE B 316 -37.60 -59.94 10.52
C PHE B 316 -39.06 -60.37 10.69
N ALA B 317 -39.30 -61.66 10.48
CA ALA B 317 -40.64 -62.26 10.64
C ALA B 317 -40.96 -62.53 12.13
N GLY B 318 -40.01 -62.21 12.99
CA GLY B 318 -40.20 -62.31 14.43
C GLY B 318 -39.93 -63.70 15.02
N LYS B 319 -39.48 -64.63 14.18
CA LYS B 319 -39.31 -66.04 14.56
C LYS B 319 -37.97 -66.29 15.25
N ASN B 320 -36.87 -65.90 14.62
CA ASN B 320 -35.52 -66.05 15.21
C ASN B 320 -35.35 -65.07 16.34
N THR B 321 -34.70 -65.52 17.41
CA THR B 321 -34.52 -64.60 18.54
C THR B 321 -33.37 -64.79 19.53
N ASP B 322 -32.66 -65.93 19.64
CA ASP B 322 -31.49 -66.01 20.55
C ASP B 322 -30.28 -65.27 20.01
N LEU B 323 -30.20 -63.98 20.36
CA LEU B 323 -29.15 -63.09 19.88
C LEU B 323 -27.74 -63.63 20.17
N GLU B 324 -27.55 -64.17 21.38
CA GLU B 324 -26.23 -64.70 21.79
C GLU B 324 -25.76 -65.81 20.83
N VAL B 325 -26.69 -66.67 20.42
CA VAL B 325 -26.41 -67.78 19.50
C VAL B 325 -26.11 -67.22 18.10
N LEU B 326 -26.94 -66.27 17.69
CA LEU B 326 -26.80 -65.58 16.40
C LEU B 326 -25.43 -64.91 16.24
N MET B 327 -25.06 -64.15 17.25
CA MET B 327 -23.80 -63.38 17.25
C MET B 327 -22.56 -64.26 17.23
N GLU B 328 -22.63 -65.37 17.95
CA GLU B 328 -21.53 -66.35 17.98
C GLU B 328 -21.34 -67.00 16.60
N TRP B 329 -22.47 -67.34 15.99
CA TRP B 329 -22.48 -67.93 14.63
C TRP B 329 -21.78 -66.96 13.67
N LEU B 330 -22.26 -65.73 13.67
CA LEU B 330 -21.67 -64.65 12.84
C LEU B 330 -20.17 -64.53 13.06
N LYS B 331 -19.83 -64.41 14.32
CA LYS B 331 -18.43 -64.26 14.76
C LYS B 331 -17.53 -65.34 14.16
N THR B 332 -18.02 -66.58 14.18
CA THR B 332 -17.24 -67.75 13.73
C THR B 332 -17.34 -68.10 12.24
N ARG B 333 -18.03 -67.27 11.47
CA ARG B 333 -18.16 -67.50 10.02
C ARG B 333 -16.85 -67.30 9.26
N PRO B 334 -16.40 -68.31 8.51
CA PRO B 334 -15.24 -68.06 7.68
C PRO B 334 -15.64 -67.22 6.47
N ILE B 335 -14.64 -66.78 5.71
CA ILE B 335 -14.79 -65.95 4.48
C ILE B 335 -15.39 -64.55 4.67
N LEU B 336 -16.36 -64.40 5.58
CA LEU B 336 -16.98 -63.10 5.84
C LEU B 336 -15.96 -62.08 6.34
N SER B 337 -15.98 -60.93 5.70
CA SER B 337 -15.16 -59.80 6.07
C SER B 337 -15.52 -59.37 7.49
N PRO B 338 -14.52 -58.94 8.29
CA PRO B 338 -14.85 -58.48 9.64
C PRO B 338 -15.83 -57.31 9.64
N LEU B 339 -15.70 -56.46 8.64
CA LEU B 339 -16.56 -55.27 8.48
C LEU B 339 -17.99 -55.73 8.19
N THR B 340 -18.13 -56.71 7.32
CA THR B 340 -19.46 -57.22 6.94
C THR B 340 -20.07 -57.92 8.18
N LYS B 341 -19.21 -58.56 8.98
CA LYS B 341 -19.65 -59.21 10.24
C LYS B 341 -20.16 -58.19 11.24
N GLY B 342 -19.51 -57.04 11.27
CA GLY B 342 -19.89 -55.94 12.16
C GLY B 342 -21.24 -55.36 11.78
N ILE B 343 -21.42 -55.15 10.48
CA ILE B 343 -22.68 -54.60 9.92
C ILE B 343 -23.86 -55.54 10.23
N LEU B 344 -23.64 -56.83 9.98
CA LEU B 344 -24.66 -57.84 10.27
C LEU B 344 -24.91 -57.96 11.76
N GLY B 345 -23.82 -57.88 12.52
CA GLY B 345 -23.87 -57.91 13.99
C GLY B 345 -24.77 -56.79 14.49
N PHE B 346 -24.50 -55.61 13.96
CA PHE B 346 -25.26 -54.39 14.27
C PHE B 346 -26.73 -54.56 13.90
N VAL B 347 -26.99 -55.03 12.69
CA VAL B 347 -28.37 -55.21 12.20
C VAL B 347 -29.17 -56.19 13.05
N PHE B 348 -28.57 -57.33 13.36
CA PHE B 348 -29.22 -58.36 14.19
C PHE B 348 -29.59 -57.87 15.59
N THR B 349 -28.71 -57.11 16.22
CA THR B 349 -28.99 -56.61 17.60
C THR B 349 -30.12 -55.58 17.56
N LEU B 350 -30.20 -54.87 16.44
CA LEU B 350 -31.21 -53.82 16.22
C LEU B 350 -32.59 -54.41 15.93
N THR B 351 -32.61 -55.49 15.17
CA THR B 351 -33.88 -56.10 14.73
C THR B 351 -34.40 -57.20 15.65
N VAL B 352 -33.49 -57.93 16.29
CA VAL B 352 -33.87 -59.02 17.19
C VAL B 352 -34.80 -58.41 18.26
N PRO B 353 -35.92 -59.06 18.60
CA PRO B 353 -36.71 -58.39 19.64
C PRO B 353 -36.02 -58.50 20.99
N SER B 354 -35.58 -59.71 21.27
CA SER B 354 -35.00 -60.03 22.57
C SER B 354 -33.46 -59.90 22.54
N GLU B 355 -32.96 -58.71 22.86
CA GLU B 355 -31.52 -58.54 23.09
C GLU B 355 -31.14 -59.16 24.44
N ARG B 356 -32.14 -59.21 25.32
CA ARG B 356 -32.00 -59.77 26.65
C ARG B 356 -31.04 -58.87 27.45
N GLY B 357 -30.02 -59.48 28.01
CA GLY B 357 -28.99 -58.74 28.77
C GLY B 357 -27.59 -58.96 28.21
N LEU B 358 -27.52 -59.14 26.89
CA LEU B 358 -26.26 -59.44 26.22
C LEU B 358 -25.43 -58.18 26.08
N GLN B 359 -24.19 -58.25 26.53
CA GLN B 359 -23.27 -57.12 26.39
C GLN B 359 -22.97 -56.93 24.91
N ARG B 360 -22.65 -55.71 24.52
CA ARG B 360 -22.24 -55.44 23.14
C ARG B 360 -21.00 -56.28 22.83
N ARG B 361 -20.85 -56.66 21.56
CA ARG B 361 -19.76 -57.58 21.14
C ARG B 361 -18.48 -56.88 20.68
N ARG B 362 -17.35 -57.34 21.19
CA ARG B 362 -16.02 -56.86 20.80
C ARG B 362 -15.79 -56.96 19.29
N PHE B 363 -16.22 -58.06 18.68
CA PHE B 363 -15.95 -58.26 17.23
C PHE B 363 -16.65 -57.20 16.37
N VAL B 364 -17.81 -56.78 16.82
CA VAL B 364 -18.58 -55.72 16.15
C VAL B 364 -17.94 -54.37 16.43
N GLN B 365 -17.61 -54.14 17.69
CA GLN B 365 -16.96 -52.90 18.11
C GLN B 365 -15.69 -52.65 17.32
N ASN B 366 -14.87 -53.68 17.20
CA ASN B 366 -13.62 -53.59 16.44
C ASN B 366 -13.86 -53.31 14.96
N ALA B 367 -14.90 -53.92 14.42
CA ALA B 367 -15.27 -53.78 13.00
C ALA B 367 -15.81 -52.39 12.63
N LEU B 368 -16.54 -51.77 13.55
CA LEU B 368 -17.20 -50.48 13.27
C LEU B 368 -16.43 -49.22 13.74
N ASN B 369 -15.63 -49.37 14.77
CA ASN B 369 -14.96 -48.20 15.41
C ASN B 369 -14.20 -47.22 14.48
N GLY B 370 -13.45 -47.80 13.53
CA GLY B 370 -12.80 -47.11 12.39
C GLY B 370 -11.30 -46.83 12.35
N ASN B 371 -10.54 -47.60 13.14
CA ASN B 371 -9.05 -47.46 13.29
C ASN B 371 -8.56 -46.34 14.24
N GLY B 372 -9.53 -45.57 14.72
CA GLY B 372 -9.27 -44.44 15.62
C GLY B 372 -8.72 -43.16 15.00
N ASP B 373 -9.03 -42.92 13.73
CA ASP B 373 -8.61 -41.67 13.06
C ASP B 373 -9.55 -40.54 13.44
N PRO B 374 -9.04 -39.49 14.09
CA PRO B 374 -9.91 -38.39 14.57
C PRO B 374 -10.70 -37.68 13.47
N ASN B 375 -10.14 -37.59 12.27
CA ASN B 375 -10.84 -36.96 11.14
C ASN B 375 -12.08 -37.75 10.76
N ASN B 376 -11.91 -39.05 10.75
CA ASN B 376 -12.99 -39.95 10.45
C ASN B 376 -14.11 -39.86 11.50
N MET B 377 -13.66 -39.89 12.75
CA MET B 377 -14.54 -39.75 13.92
C MET B 377 -15.28 -38.42 13.94
N ASP B 378 -14.57 -37.38 13.53
CA ASP B 378 -15.13 -36.02 13.43
C ASP B 378 -16.32 -36.02 12.49
N LYS B 379 -16.14 -36.63 11.31
CA LYS B 379 -17.21 -36.69 10.31
C LYS B 379 -18.39 -37.55 10.77
N ALA B 380 -18.08 -38.62 11.48
CA ALA B 380 -19.11 -39.53 12.03
C ALA B 380 -20.00 -38.80 13.03
N VAL B 381 -19.37 -37.94 13.81
CA VAL B 381 -20.07 -37.12 14.82
C VAL B 381 -20.95 -36.07 14.14
N LYS B 382 -20.43 -35.51 13.05
CA LYS B 382 -21.19 -34.53 12.26
C LYS B 382 -22.43 -35.18 11.64
N LEU B 383 -22.23 -36.37 11.09
CA LEU B 383 -23.36 -37.13 10.52
C LEU B 383 -24.39 -37.42 11.60
N TYR B 384 -23.92 -37.93 12.74
CA TYR B 384 -24.78 -38.25 13.89
C TYR B 384 -25.66 -37.06 14.29
N ARG B 385 -25.05 -35.87 14.31
CA ARG B 385 -25.77 -34.64 14.63
C ARG B 385 -26.96 -34.48 13.70
N LYS B 386 -26.72 -34.68 12.41
CA LYS B 386 -27.76 -34.57 11.39
C LYS B 386 -28.82 -35.68 11.50
N LEU B 387 -28.36 -36.92 11.72
CA LEU B 387 -29.27 -38.08 11.87
C LEU B 387 -30.23 -37.94 13.05
N LYS B 388 -29.76 -37.24 14.07
CA LYS B 388 -30.57 -36.96 15.27
C LYS B 388 -31.84 -36.19 14.97
N ARG B 389 -31.78 -35.43 13.89
CA ARG B 389 -32.90 -34.61 13.43
C ARG B 389 -33.80 -35.32 12.43
N GLU B 390 -33.35 -36.47 11.94
CA GLU B 390 -34.11 -37.26 10.97
C GLU B 390 -35.12 -38.12 11.71
N ILE B 391 -36.24 -38.38 11.04
CA ILE B 391 -37.27 -39.30 11.56
C ILE B 391 -37.68 -40.37 10.54
N THR B 392 -37.20 -40.25 9.32
CA THR B 392 -37.54 -41.23 8.27
C THR B 392 -36.32 -41.99 7.75
N PHE B 393 -36.60 -43.18 7.22
CA PHE B 393 -35.57 -44.07 6.63
C PHE B 393 -34.88 -43.39 5.46
N HIS B 394 -35.67 -42.83 4.58
CA HIS B 394 -35.14 -42.16 3.38
C HIS B 394 -34.33 -40.91 3.66
N GLY B 395 -34.83 -40.08 4.56
CA GLY B 395 -34.13 -38.84 4.93
C GLY B 395 -32.78 -39.19 5.53
N ALA B 396 -32.81 -40.18 6.41
CA ALA B 396 -31.61 -40.70 7.06
C ALA B 396 -30.62 -41.26 6.04
N LYS B 397 -31.13 -42.13 5.18
CA LYS B 397 -30.29 -42.77 4.15
C LYS B 397 -29.68 -41.73 3.22
N GLU B 398 -30.48 -40.73 2.86
CA GLU B 398 -30.00 -39.68 1.95
C GLU B 398 -28.86 -38.85 2.47
N ILE B 399 -28.96 -38.35 3.71
CA ILE B 399 -27.87 -37.54 4.28
C ILE B 399 -26.63 -38.40 4.51
N SER B 400 -26.84 -39.66 4.84
CA SER B 400 -25.74 -40.60 5.10
C SER B 400 -24.87 -40.78 3.84
N LEU B 401 -25.53 -40.80 2.69
CA LEU B 401 -24.84 -40.98 1.39
C LEU B 401 -23.86 -39.86 1.03
N SER B 402 -23.93 -38.73 1.74
CA SER B 402 -23.00 -37.62 1.53
C SER B 402 -21.71 -37.79 2.36
N TYR B 403 -21.61 -38.92 3.06
CA TYR B 403 -20.43 -39.23 3.87
C TYR B 403 -19.69 -40.45 3.34
N SER B 404 -18.39 -40.50 3.63
CA SER B 404 -17.54 -41.61 3.18
C SER B 404 -17.87 -42.87 3.97
N ALA B 405 -17.57 -44.01 3.36
CA ALA B 405 -17.80 -45.33 3.98
C ALA B 405 -17.12 -45.46 5.34
N GLY B 406 -15.94 -44.84 5.47
CA GLY B 406 -15.19 -44.89 6.73
C GLY B 406 -15.92 -44.15 7.84
N ALA B 407 -16.44 -42.97 7.50
CA ALA B 407 -17.16 -42.10 8.45
C ALA B 407 -18.49 -42.73 8.82
N LEU B 408 -19.09 -43.40 7.83
CA LEU B 408 -20.37 -44.09 8.01
C LEU B 408 -20.25 -45.27 8.98
N ALA B 409 -19.21 -46.06 8.80
CA ALA B 409 -18.97 -47.22 9.67
C ALA B 409 -18.70 -46.78 11.11
N SER B 410 -17.89 -45.74 11.25
CA SER B 410 -17.63 -45.14 12.56
C SER B 410 -18.90 -44.59 13.22
N CYS B 411 -19.75 -43.98 12.41
CA CYS B 411 -21.04 -43.48 12.90
C CYS B 411 -21.89 -44.64 13.45
N MET B 412 -21.89 -45.74 12.70
CA MET B 412 -22.62 -46.95 13.12
C MET B 412 -22.08 -47.44 14.46
N GLY B 413 -20.77 -47.35 14.61
CA GLY B 413 -20.09 -47.74 15.85
C GLY B 413 -20.52 -46.87 17.03
N LEU B 414 -20.65 -45.57 16.76
CA LEU B 414 -21.09 -44.61 17.80
C LEU B 414 -22.43 -45.03 18.38
N ILE B 415 -23.33 -45.39 17.48
CA ILE B 415 -24.69 -45.80 17.85
C ILE B 415 -24.63 -47.15 18.55
N TYR B 416 -23.89 -48.08 17.94
CA TYR B 416 -23.73 -49.43 18.51
C TYR B 416 -23.21 -49.37 19.93
N ASN B 417 -22.27 -48.46 20.17
CA ASN B 417 -21.64 -48.30 21.50
C ASN B 417 -22.45 -47.46 22.49
N ARG B 418 -23.62 -47.03 22.04
CA ARG B 418 -24.53 -46.20 22.85
C ARG B 418 -23.93 -44.85 23.18
N MET B 419 -23.00 -44.39 22.36
CA MET B 419 -22.39 -43.08 22.54
C MET B 419 -23.32 -42.00 21.99
N GLY B 420 -24.19 -42.42 21.09
CA GLY B 420 -25.25 -41.57 20.57
C GLY B 420 -26.47 -42.45 20.36
N ALA B 421 -27.62 -41.83 20.16
CA ALA B 421 -28.86 -42.59 20.00
C ALA B 421 -29.76 -42.05 18.92
N VAL B 422 -30.41 -42.97 18.21
CA VAL B 422 -31.24 -42.63 17.08
C VAL B 422 -32.38 -43.62 16.95
N THR B 423 -33.44 -43.25 16.24
CA THR B 423 -34.60 -44.13 16.04
C THR B 423 -34.24 -45.28 15.11
N THR B 424 -34.93 -46.40 15.26
CA THR B 424 -34.63 -47.62 14.50
C THR B 424 -34.64 -47.42 12.99
N GLU B 425 -35.62 -46.66 12.52
CA GLU B 425 -35.82 -46.44 11.08
C GLU B 425 -34.67 -45.59 10.50
N VAL B 426 -34.20 -44.64 11.30
CA VAL B 426 -33.05 -43.80 10.93
C VAL B 426 -31.77 -44.63 10.96
N ALA B 427 -31.67 -45.50 11.96
CA ALA B 427 -30.53 -46.43 12.08
C ALA B 427 -30.47 -47.34 10.85
N PHE B 428 -31.65 -47.77 10.41
CA PHE B 428 -31.78 -48.59 9.18
C PHE B 428 -31.24 -47.86 7.96
N GLY B 429 -31.63 -46.58 7.85
CA GLY B 429 -31.17 -45.72 6.75
C GLY B 429 -29.66 -45.58 6.73
N LEU B 430 -29.09 -45.39 7.91
CA LEU B 430 -27.63 -45.29 8.08
C LEU B 430 -26.95 -46.57 7.58
N VAL B 431 -27.42 -47.70 8.08
CA VAL B 431 -26.87 -49.00 7.71
C VAL B 431 -26.88 -49.24 6.22
N CYS B 432 -28.01 -48.87 5.63
CA CYS B 432 -28.25 -49.10 4.20
C CYS B 432 -27.40 -48.21 3.33
N ALA B 433 -27.17 -46.99 3.79
CA ALA B 433 -26.27 -46.06 3.09
C ALA B 433 -24.86 -46.65 3.10
N THR B 434 -24.43 -47.11 4.27
CA THR B 434 -23.07 -47.70 4.41
C THR B 434 -22.95 -48.98 3.57
N CYS B 435 -23.97 -49.82 3.56
CA CYS B 435 -23.98 -51.02 2.70
C CYS B 435 -23.88 -50.64 1.23
N GLU B 436 -24.67 -49.65 0.83
CA GLU B 436 -24.68 -49.19 -0.55
C GLU B 436 -23.28 -48.72 -0.97
N GLN B 437 -22.69 -47.89 -0.11
CA GLN B 437 -21.35 -47.33 -0.39
C GLN B 437 -20.31 -48.43 -0.57
N ILE B 438 -20.32 -49.38 0.36
CA ILE B 438 -19.37 -50.52 0.35
C ILE B 438 -19.57 -51.38 -0.89
N ALA B 439 -20.82 -51.76 -1.13
CA ALA B 439 -21.16 -52.60 -2.29
C ALA B 439 -20.74 -51.90 -3.58
N ASP B 440 -21.03 -50.61 -3.64
CA ASP B 440 -20.70 -49.79 -4.81
C ASP B 440 -19.21 -49.68 -5.07
N SER B 441 -18.40 -49.85 -4.02
CA SER B 441 -16.94 -49.81 -4.13
C SER B 441 -16.38 -51.11 -4.72
N GLN B 442 -17.15 -52.19 -4.56
CA GLN B 442 -16.78 -53.51 -5.10
C GLN B 442 -17.13 -53.62 -6.57
N PRO C 2 -54.52 -11.33 1.66
CA PRO C 2 -53.44 -10.35 1.57
C PRO C 2 -53.66 -9.13 2.48
N PHE C 3 -52.57 -8.58 3.02
CA PHE C 3 -52.62 -7.41 3.91
C PHE C 3 -51.69 -6.27 3.56
N ILE C 4 -52.17 -5.08 3.86
CA ILE C 4 -51.37 -3.85 3.85
C ILE C 4 -51.45 -3.27 5.27
N THR C 5 -50.27 -3.00 5.84
CA THR C 5 -50.14 -2.39 7.17
C THR C 5 -50.29 -0.87 7.05
N VAL C 6 -51.20 -0.31 7.84
CA VAL C 6 -51.50 1.13 7.75
C VAL C 6 -51.11 1.89 9.00
N GLY C 7 -50.79 1.16 10.06
CA GLY C 7 -50.37 1.78 11.31
C GLY C 7 -50.13 0.83 12.45
N GLN C 8 -50.11 1.39 13.64
CA GLN C 8 -49.80 0.65 14.85
C GLN C 8 -50.79 1.00 15.95
N GLU C 9 -51.23 -0.02 16.68
CA GLU C 9 -52.06 0.13 17.88
C GLU C 9 -51.41 -0.65 19.01
N ASN C 10 -50.90 0.08 20.01
CA ASN C 10 -50.18 -0.53 21.14
C ASN C 10 -49.08 -1.48 20.64
N SER C 11 -49.12 -2.75 21.05
CA SER C 11 -48.10 -3.73 20.63
C SER C 11 -48.35 -4.35 19.23
N THR C 12 -49.51 -4.05 18.66
CA THR C 12 -49.97 -4.69 17.40
C THR C 12 -50.00 -3.72 16.22
N SER C 13 -49.73 -4.21 15.01
CA SER C 13 -49.91 -3.36 13.84
C SER C 13 -51.35 -3.41 13.36
N ILE C 14 -51.71 -2.40 12.58
CA ILE C 14 -53.05 -2.29 11.98
C ILE C 14 -52.92 -2.67 10.51
N ASP C 15 -53.52 -3.80 10.14
CA ASP C 15 -53.41 -4.35 8.78
C ASP C 15 -54.76 -4.36 8.07
N LEU C 16 -54.77 -3.92 6.83
CA LEU C 16 -55.97 -3.99 6.00
C LEU C 16 -55.94 -5.20 5.08
N TYR C 17 -57.03 -5.96 5.13
CA TYR C 17 -57.22 -7.07 4.21
C TYR C 17 -57.55 -6.51 2.82
N TYR C 18 -56.85 -6.98 1.79
CA TYR C 18 -57.15 -6.55 0.41
C TYR C 18 -57.02 -7.68 -0.62
N GLU C 19 -57.66 -7.48 -1.76
CA GLU C 19 -57.54 -8.38 -2.91
C GLU C 19 -57.23 -7.60 -4.17
N ASP C 20 -56.64 -8.30 -5.13
CA ASP C 20 -56.05 -7.69 -6.33
C ASP C 20 -56.24 -8.65 -7.49
N HIS C 21 -57.28 -8.40 -8.28
CA HIS C 21 -57.68 -9.32 -9.36
C HIS C 21 -57.72 -8.66 -10.75
N GLY C 22 -57.46 -9.49 -11.75
CA GLY C 22 -57.52 -9.07 -13.15
C GLY C 22 -56.38 -8.22 -13.64
N THR C 23 -56.49 -7.78 -14.87
CA THR C 23 -55.44 -7.00 -15.49
C THR C 23 -56.10 -5.89 -16.28
N GLY C 24 -55.42 -4.77 -16.41
CA GLY C 24 -55.94 -3.63 -17.14
C GLY C 24 -56.03 -2.45 -16.20
N THR C 25 -56.85 -1.49 -16.57
CA THR C 25 -57.01 -0.26 -15.79
C THR C 25 -57.53 -0.62 -14.39
N PRO C 26 -56.84 -0.11 -13.35
CA PRO C 26 -57.18 -0.39 -11.95
C PRO C 26 -58.43 0.33 -11.48
N VAL C 27 -59.31 -0.44 -10.89
CA VAL C 27 -60.57 0.06 -10.36
C VAL C 27 -60.62 -0.34 -8.88
N VAL C 28 -60.70 0.66 -8.02
CA VAL C 28 -60.67 0.46 -6.56
C VAL C 28 -62.06 0.62 -5.97
N LEU C 29 -62.56 -0.47 -5.38
CA LEU C 29 -63.91 -0.53 -4.80
C LEU C 29 -63.83 -0.42 -3.27
N ILE C 30 -64.57 0.54 -2.73
CA ILE C 30 -64.56 0.87 -1.29
C ILE C 30 -65.95 0.62 -0.72
N HIS C 31 -66.04 -0.40 0.14
CA HIS C 31 -67.33 -0.95 0.61
C HIS C 31 -68.05 -0.05 1.61
N GLY C 32 -69.29 -0.43 1.89
CA GLY C 32 -70.15 0.24 2.88
C GLY C 32 -70.31 -0.50 4.19
N PHE C 33 -70.96 0.17 5.13
CA PHE C 33 -71.22 -0.35 6.49
C PHE C 33 -72.44 -1.28 6.47
N PRO C 34 -72.37 -2.43 7.18
CA PRO C 34 -71.27 -2.94 7.98
C PRO C 34 -70.54 -4.10 7.26
N LEU C 35 -70.42 -3.97 5.95
CA LEU C 35 -69.95 -5.04 5.07
C LEU C 35 -68.46 -4.93 4.74
N SER C 36 -68.02 -5.76 3.82
CA SER C 36 -66.60 -5.87 3.45
C SER C 36 -66.36 -5.79 1.92
N GLY C 37 -65.10 -5.91 1.50
CA GLY C 37 -64.74 -5.87 0.08
C GLY C 37 -65.49 -6.91 -0.75
N HIS C 38 -65.86 -8.00 -0.10
CA HIS C 38 -66.58 -9.13 -0.76
C HIS C 38 -68.02 -8.82 -1.19
N SER C 39 -68.59 -7.77 -0.62
CA SER C 39 -69.94 -7.27 -0.97
C SER C 39 -70.04 -6.75 -2.42
N TRP C 40 -68.88 -6.46 -3.00
CA TRP C 40 -68.78 -6.01 -4.41
C TRP C 40 -68.76 -7.13 -5.44
N GLU C 41 -68.95 -8.38 -5.01
CA GLU C 41 -68.75 -9.58 -5.85
C GLU C 41 -69.49 -9.58 -7.20
N ARG C 42 -70.70 -9.02 -7.22
CA ARG C 42 -71.49 -8.92 -8.46
C ARG C 42 -70.90 -7.90 -9.44
N GLN C 43 -70.39 -6.81 -8.87
CA GLN C 43 -69.70 -5.77 -9.65
C GLN C 43 -68.31 -6.23 -10.12
N SER C 44 -67.55 -6.84 -9.21
CA SER C 44 -66.20 -7.36 -9.53
C SER C 44 -66.17 -8.30 -10.72
N ALA C 45 -67.15 -9.20 -10.77
CA ALA C 45 -67.27 -10.19 -11.85
C ALA C 45 -67.44 -9.52 -13.22
N ALA C 46 -68.34 -8.54 -13.25
CA ALA C 46 -68.59 -7.73 -14.46
C ALA C 46 -67.34 -6.96 -14.89
N LEU C 47 -66.71 -6.27 -13.96
CA LEU C 47 -65.46 -5.53 -14.23
C LEU C 47 -64.34 -6.43 -14.74
N LEU C 48 -64.25 -7.61 -14.15
CA LEU C 48 -63.24 -8.59 -14.55
C LEU C 48 -63.50 -9.03 -15.99
N ASP C 49 -64.76 -9.32 -16.29
CA ASP C 49 -65.17 -9.72 -17.66
C ASP C 49 -64.95 -8.60 -18.69
N ALA C 50 -65.21 -7.37 -18.26
CA ALA C 50 -65.04 -6.15 -19.09
C ALA C 50 -63.58 -5.75 -19.31
N GLY C 51 -62.68 -6.37 -18.55
CA GLY C 51 -61.23 -6.21 -18.73
C GLY C 51 -60.57 -5.13 -17.88
N ALA C 52 -60.92 -5.11 -16.59
CA ALA C 52 -60.32 -4.18 -15.63
C ALA C 52 -59.54 -4.91 -14.54
N ARG C 53 -58.64 -4.19 -13.91
CA ARG C 53 -57.94 -4.71 -12.74
C ARG C 53 -58.78 -4.27 -11.54
N VAL C 54 -59.24 -5.24 -10.77
CA VAL C 54 -60.15 -4.97 -9.62
C VAL C 54 -59.40 -5.06 -8.26
N ILE C 55 -59.37 -3.93 -7.56
CA ILE C 55 -58.81 -3.87 -6.19
C ILE C 55 -59.93 -3.64 -5.17
N THR C 56 -60.00 -4.53 -4.19
CA THR C 56 -60.92 -4.37 -3.05
C THR C 56 -60.11 -4.41 -1.76
N TYR C 57 -60.62 -3.75 -0.74
CA TYR C 57 -60.01 -3.86 0.59
C TYR C 57 -61.10 -3.70 1.65
N ASP C 58 -60.80 -4.18 2.85
CA ASP C 58 -61.72 -4.09 4.00
C ASP C 58 -61.27 -2.91 4.86
N ARG C 59 -62.16 -1.94 5.02
CA ARG C 59 -61.96 -0.81 5.95
C ARG C 59 -61.61 -1.34 7.35
N ARG C 60 -60.74 -0.62 8.03
CA ARG C 60 -60.34 -0.96 9.41
C ARG C 60 -61.60 -1.21 10.27
N GLY C 61 -61.59 -2.29 11.03
CA GLY C 61 -62.74 -2.69 11.88
C GLY C 61 -63.81 -3.55 11.22
N PHE C 62 -63.62 -3.82 9.93
CA PHE C 62 -64.57 -4.60 9.11
C PHE C 62 -63.95 -5.76 8.36
N GLY C 63 -64.81 -6.71 8.00
CA GLY C 63 -64.42 -7.90 7.26
C GLY C 63 -63.20 -8.56 7.89
N GLN C 64 -62.15 -8.71 7.10
CA GLN C 64 -60.91 -9.39 7.56
C GLN C 64 -59.77 -8.47 7.96
N SER C 65 -60.02 -7.17 7.97
CA SER C 65 -59.05 -6.22 8.47
C SER C 65 -58.97 -6.27 9.98
N SER C 66 -57.89 -5.68 10.49
CA SER C 66 -57.69 -5.53 11.93
C SER C 66 -58.82 -4.72 12.54
N GLN C 67 -59.00 -4.92 13.83
CA GLN C 67 -60.09 -4.31 14.59
C GLN C 67 -59.57 -3.45 15.72
N PRO C 68 -58.91 -2.33 15.37
CA PRO C 68 -58.48 -1.42 16.42
C PRO C 68 -59.65 -0.67 17.07
N THR C 69 -59.31 0.04 18.13
CA THR C 69 -60.28 0.91 18.81
C THR C 69 -59.90 2.38 18.57
N THR C 70 -59.17 2.60 17.48
CA THR C 70 -58.65 3.92 17.05
C THR C 70 -58.78 4.15 15.55
N GLY C 71 -58.85 5.43 15.19
CA GLY C 71 -58.81 5.89 13.80
C GLY C 71 -60.10 5.82 13.01
N TYR C 72 -61.22 5.98 13.72
CA TYR C 72 -62.56 5.96 13.11
C TYR C 72 -63.06 7.35 12.74
N ASP C 73 -62.51 7.83 11.64
CA ASP C 73 -62.76 9.17 11.11
C ASP C 73 -62.27 9.25 9.67
N TYR C 74 -62.86 10.14 8.88
CA TYR C 74 -62.57 10.17 7.45
C TYR C 74 -61.17 10.59 7.05
N ASP C 75 -60.48 11.33 7.90
CA ASP C 75 -59.08 11.66 7.56
C ASP C 75 -58.18 10.42 7.65
N THR C 76 -58.43 9.61 8.66
CA THR C 76 -57.71 8.34 8.87
C THR C 76 -58.08 7.34 7.78
N PHE C 77 -59.39 7.23 7.54
CA PHE C 77 -59.89 6.36 6.47
C PHE C 77 -59.28 6.73 5.11
N ALA C 78 -59.15 8.04 4.87
CA ALA C 78 -58.58 8.55 3.60
C ALA C 78 -57.07 8.31 3.56
N ALA C 79 -56.45 8.44 4.73
CA ALA C 79 -55.01 8.14 4.88
C ALA C 79 -54.74 6.64 4.69
N ASP C 80 -55.70 5.84 5.14
CA ASP C 80 -55.63 4.38 4.97
C ASP C 80 -55.62 4.07 3.47
N LEU C 81 -56.57 4.67 2.77
CA LEU C 81 -56.72 4.53 1.31
C LEU C 81 -55.44 4.98 0.60
N ASN C 82 -54.91 6.12 1.04
CA ASN C 82 -53.67 6.66 0.49
C ASN C 82 -52.54 5.63 0.54
N THR C 83 -52.40 5.00 1.70
CA THR C 83 -51.37 3.97 1.92
C THR C 83 -51.52 2.82 0.93
N VAL C 84 -52.76 2.43 0.68
CA VAL C 84 -53.06 1.34 -0.26
C VAL C 84 -52.60 1.72 -1.67
N LEU C 85 -53.00 2.92 -2.10
CA LEU C 85 -52.69 3.43 -3.45
C LEU C 85 -51.19 3.58 -3.70
N GLU C 86 -50.52 4.12 -2.70
CA GLU C 86 -49.06 4.28 -2.73
C GLU C 86 -48.33 2.94 -2.64
N THR C 87 -48.86 2.03 -1.83
CA THR C 87 -48.25 0.70 -1.65
C THR C 87 -48.25 -0.08 -2.96
N LEU C 88 -49.37 0.01 -3.68
CA LEU C 88 -49.54 -0.68 -4.96
C LEU C 88 -49.06 0.11 -6.18
N ASP C 89 -48.68 1.36 -5.95
CA ASP C 89 -48.22 2.32 -6.99
C ASP C 89 -49.24 2.44 -8.12
N LEU C 90 -50.49 2.63 -7.71
CA LEU C 90 -51.59 2.73 -8.66
C LEU C 90 -51.55 4.06 -9.41
N GLN C 91 -51.63 3.91 -10.71
CA GLN C 91 -51.63 5.00 -11.68
C GLN C 91 -52.92 4.96 -12.45
N ASP C 92 -53.51 6.13 -12.67
CA ASP C 92 -54.65 6.23 -13.61
C ASP C 92 -55.84 5.41 -13.11
N ALA C 93 -56.02 5.44 -11.80
CA ALA C 93 -56.99 4.60 -11.11
C ALA C 93 -58.38 5.21 -11.07
N VAL C 94 -59.38 4.34 -11.03
CA VAL C 94 -60.77 4.73 -10.82
C VAL C 94 -61.12 4.39 -9.37
N LEU C 95 -61.68 5.36 -8.66
CA LEU C 95 -62.15 5.16 -7.28
C LEU C 95 -63.68 5.07 -7.24
N VAL C 96 -64.18 3.94 -6.79
CA VAL C 96 -65.62 3.71 -6.67
C VAL C 96 -65.95 3.45 -5.21
N GLY C 97 -66.80 4.30 -4.65
CA GLY C 97 -67.26 4.17 -3.26
C GLY C 97 -68.74 3.87 -3.22
N PHE C 98 -69.15 3.05 -2.26
CA PHE C 98 -70.57 2.76 -1.98
C PHE C 98 -70.84 3.17 -0.55
N SER C 99 -71.87 3.99 -0.38
CA SER C 99 -72.33 4.43 0.96
C SER C 99 -71.14 5.07 1.73
N MET C 100 -70.75 4.48 2.86
CA MET C 100 -69.59 4.96 3.64
C MET C 100 -68.36 5.23 2.75
N GLY C 101 -68.14 4.32 1.82
CA GLY C 101 -67.03 4.41 0.85
C GLY C 101 -66.97 5.70 0.05
N THR C 102 -68.12 6.31 -0.16
CA THR C 102 -68.18 7.59 -0.89
C THR C 102 -67.52 8.74 -0.08
N GLY C 103 -67.43 8.56 1.23
CA GLY C 103 -66.73 9.49 2.12
C GLY C 103 -65.22 9.48 1.90
N GLU C 104 -64.68 8.27 1.74
CA GLU C 104 -63.24 8.07 1.39
C GLU C 104 -62.90 8.78 0.08
N VAL C 105 -63.71 8.50 -0.94
CA VAL C 105 -63.50 9.04 -2.29
C VAL C 105 -63.36 10.58 -2.24
N ALA C 106 -64.33 11.25 -1.61
CA ALA C 106 -64.37 12.73 -1.49
C ALA C 106 -63.19 13.32 -0.71
N ARG C 107 -62.98 12.74 0.46
CA ARG C 107 -61.91 13.20 1.37
C ARG C 107 -60.51 12.94 0.80
N TYR C 108 -60.29 11.80 0.16
CA TYR C 108 -58.98 11.52 -0.46
C TYR C 108 -58.66 12.50 -1.61
N VAL C 109 -59.62 12.61 -2.54
CA VAL C 109 -59.52 13.52 -3.69
C VAL C 109 -59.22 14.94 -3.21
N SER C 110 -60.01 15.35 -2.24
CA SER C 110 -59.91 16.69 -1.63
C SER C 110 -58.53 16.99 -1.03
N SER C 111 -58.06 16.09 -0.16
CA SER C 111 -56.80 16.28 0.58
C SER C 111 -55.55 15.94 -0.23
N TYR C 112 -55.57 14.78 -0.85
CA TYR C 112 -54.40 14.23 -1.56
C TYR C 112 -54.33 14.55 -3.04
N GLY C 113 -55.43 15.03 -3.62
CA GLY C 113 -55.46 15.40 -5.02
C GLY C 113 -55.61 14.20 -5.95
N THR C 114 -55.66 14.48 -7.24
CA THR C 114 -56.07 13.50 -8.26
C THR C 114 -54.92 13.05 -9.21
N ALA C 115 -53.68 13.07 -8.72
CA ALA C 115 -52.52 12.66 -9.54
C ALA C 115 -52.54 11.21 -10.04
N ARG C 116 -52.99 10.30 -9.18
CA ARG C 116 -53.11 8.85 -9.53
C ARG C 116 -54.47 8.45 -10.08
N ILE C 117 -55.39 9.41 -10.06
CA ILE C 117 -56.84 9.19 -10.21
C ILE C 117 -57.38 9.67 -11.58
N ALA C 118 -57.97 8.75 -12.33
CA ALA C 118 -58.57 9.07 -13.65
C ALA C 118 -60.04 9.48 -13.57
N ALA C 119 -60.80 8.78 -12.74
CA ALA C 119 -62.22 9.09 -12.53
C ALA C 119 -62.72 8.56 -11.20
N VAL C 120 -63.85 9.11 -10.77
CA VAL C 120 -64.48 8.74 -9.51
C VAL C 120 -65.97 8.42 -9.72
N ALA C 121 -66.50 7.62 -8.82
CA ALA C 121 -67.89 7.23 -8.86
C ALA C 121 -68.39 7.17 -7.45
N PHE C 122 -69.62 7.66 -7.28
CA PHE C 122 -70.29 7.73 -5.99
C PHE C 122 -71.61 6.99 -6.08
N LEU C 123 -71.74 5.92 -5.32
CA LEU C 123 -72.95 5.08 -5.32
C LEU C 123 -73.58 5.13 -3.94
N ALA C 124 -74.87 5.46 -3.86
CA ALA C 124 -75.57 5.56 -2.57
C ALA C 124 -74.75 6.40 -1.59
N SER C 125 -74.51 7.65 -2.01
CA SER C 125 -73.63 8.64 -1.33
C SER C 125 -74.13 9.25 -0.02
N LEU C 126 -73.16 9.54 0.86
CA LEU C 126 -73.37 10.32 2.11
C LEU C 126 -73.51 11.81 1.82
N GLU C 127 -72.80 12.23 0.78
CA GLU C 127 -72.63 13.64 0.39
C GLU C 127 -73.95 14.38 0.23
N PRO C 128 -73.96 15.68 0.55
CA PRO C 128 -72.78 16.50 0.95
C PRO C 128 -72.54 16.64 2.46
N PHE C 129 -73.60 16.44 3.24
CA PHE C 129 -73.57 16.63 4.69
C PHE C 129 -74.91 16.17 5.24
N LEU C 130 -74.92 14.98 5.84
CA LEU C 130 -76.14 14.36 6.39
C LEU C 130 -76.74 15.05 7.61
N LEU C 131 -75.92 15.81 8.33
CA LEU C 131 -76.40 16.43 9.57
C LEU C 131 -77.29 17.63 9.27
N LYS C 132 -78.47 17.58 9.85
CA LYS C 132 -79.47 18.63 9.68
C LYS C 132 -79.22 19.73 10.68
N THR C 133 -78.79 20.86 10.16
CA THR C 133 -78.52 22.00 11.04
C THR C 133 -79.20 23.25 10.49
N ASP C 134 -78.85 24.40 11.07
CA ASP C 134 -79.43 25.68 10.67
C ASP C 134 -78.79 26.04 9.35
N ASP C 135 -77.49 25.85 9.30
CA ASP C 135 -76.71 26.18 8.10
C ASP C 135 -76.80 25.02 7.09
N ASN C 136 -77.22 23.86 7.57
CA ASN C 136 -77.49 22.70 6.70
C ASN C 136 -78.94 22.20 6.85
N PRO C 137 -79.86 22.90 6.19
CA PRO C 137 -81.30 22.65 6.14
C PRO C 137 -81.72 21.36 5.42
N ASP C 138 -80.95 20.99 4.39
CA ASP C 138 -81.18 19.79 3.55
C ASP C 138 -80.70 18.49 4.18
N GLY C 139 -79.99 18.65 5.28
CA GLY C 139 -79.55 17.55 6.12
C GLY C 139 -80.68 16.58 6.30
N ALA C 140 -80.32 15.31 6.35
CA ALA C 140 -81.29 14.21 6.45
C ALA C 140 -81.86 13.97 7.86
N ALA C 141 -81.06 14.22 8.89
CA ALA C 141 -81.51 14.01 10.28
C ALA C 141 -80.80 14.87 11.31
N PRO C 142 -81.45 15.07 12.47
CA PRO C 142 -80.80 15.80 13.54
C PRO C 142 -79.79 14.91 14.26
N GLN C 143 -78.88 15.56 14.95
CA GLN C 143 -77.79 14.92 15.71
C GLN C 143 -78.26 13.80 16.65
N GLU C 144 -79.40 14.07 17.27
CA GLU C 144 -80.07 13.16 18.24
C GLU C 144 -80.40 11.81 17.63
N PHE C 145 -80.65 11.84 16.32
CA PHE C 145 -80.97 10.66 15.53
C PHE C 145 -79.79 9.69 15.39
N PHE C 146 -78.60 10.26 15.19
CA PHE C 146 -77.36 9.49 15.03
C PHE C 146 -76.89 8.94 16.36
N ASP C 147 -77.03 9.77 17.38
CA ASP C 147 -76.78 9.42 18.78
C ASP C 147 -77.56 8.16 19.14
N GLY C 148 -78.73 8.05 18.52
CA GLY C 148 -79.65 6.93 18.69
C GLY C 148 -79.15 5.61 18.13
N ILE C 149 -78.62 5.66 16.92
CA ILE C 149 -78.02 4.51 16.23
C ILE C 149 -76.85 3.97 17.04
N VAL C 150 -75.98 4.88 17.46
CA VAL C 150 -74.81 4.49 18.27
C VAL C 150 -75.32 3.68 19.47
N ALA C 151 -76.29 4.26 20.18
CA ALA C 151 -76.89 3.64 21.38
C ALA C 151 -77.48 2.26 21.10
N ALA C 152 -78.07 2.13 19.92
CA ALA C 152 -78.71 0.89 19.47
C ALA C 152 -77.67 -0.19 19.18
N VAL C 153 -76.61 0.19 18.47
CA VAL C 153 -75.53 -0.76 18.17
C VAL C 153 -74.86 -1.24 19.46
N LYS C 154 -74.55 -0.31 20.38
CA LYS C 154 -73.92 -0.68 21.68
C LYS C 154 -74.78 -1.63 22.52
N ALA C 155 -76.09 -1.49 22.37
CA ALA C 155 -77.06 -2.30 23.11
C ALA C 155 -77.07 -3.79 22.70
N ASP C 156 -77.05 -4.02 21.39
CA ASP C 156 -77.00 -5.37 20.78
C ASP C 156 -76.79 -5.17 19.29
N ARG C 157 -75.53 -5.20 18.87
CA ARG C 157 -75.20 -4.99 17.46
C ARG C 157 -75.79 -6.11 16.60
N TYR C 158 -75.83 -7.31 17.15
CA TYR C 158 -76.27 -8.53 16.44
C TYR C 158 -77.72 -8.48 15.99
N ALA C 159 -78.55 -8.15 16.97
CA ALA C 159 -79.97 -7.85 16.77
C ALA C 159 -80.13 -6.62 15.87
N PHE C 160 -79.28 -5.63 16.12
CA PHE C 160 -79.30 -4.38 15.32
C PHE C 160 -79.14 -4.65 13.82
N TYR C 161 -78.19 -5.51 13.48
CA TYR C 161 -77.90 -5.81 12.06
C TYR C 161 -79.16 -6.29 11.34
N THR C 162 -79.98 -7.05 12.06
CA THR C 162 -81.22 -7.60 11.49
C THR C 162 -82.17 -6.52 10.95
N GLY C 163 -82.52 -5.55 11.81
CA GLY C 163 -83.42 -4.45 11.42
C GLY C 163 -82.78 -3.53 10.38
N PHE C 164 -81.46 -3.40 10.49
CA PHE C 164 -80.65 -2.58 9.57
C PHE C 164 -80.72 -3.12 8.13
N PHE C 165 -80.57 -4.44 7.97
CA PHE C 165 -80.55 -5.06 6.62
C PHE C 165 -81.94 -5.10 5.98
N ASN C 166 -82.93 -5.05 6.85
CA ASN C 166 -84.31 -4.87 6.47
C ASN C 166 -84.57 -3.65 5.60
N ASP C 167 -84.12 -2.52 6.10
CA ASP C 167 -84.23 -1.23 5.42
C ASP C 167 -83.12 -1.02 4.42
N PHE C 168 -81.97 -1.61 4.71
CA PHE C 168 -80.80 -1.59 3.83
C PHE C 168 -81.22 -2.21 2.49
N TYR C 169 -81.91 -3.34 2.57
CA TYR C 169 -82.37 -4.05 1.36
C TYR C 169 -83.84 -3.86 0.95
N ASN C 170 -84.64 -3.14 1.73
CA ASN C 170 -86.10 -3.05 1.48
C ASN C 170 -86.63 -4.48 1.41
N LEU C 171 -86.32 -5.28 2.41
CA LEU C 171 -86.68 -6.70 2.39
C LEU C 171 -88.17 -6.94 2.26
N ASP C 172 -88.97 -6.05 2.85
CA ASP C 172 -90.43 -6.12 2.69
C ASP C 172 -90.87 -6.12 1.21
N GLU C 173 -90.07 -5.47 0.36
CA GLU C 173 -90.30 -5.48 -1.12
C GLU C 173 -89.52 -6.60 -1.84
N ASN C 174 -88.23 -6.68 -1.54
CA ASN C 174 -87.23 -7.43 -2.34
C ASN C 174 -86.89 -8.89 -1.99
N LEU C 175 -87.27 -9.32 -0.80
CA LEU C 175 -86.97 -10.69 -0.33
C LEU C 175 -87.74 -11.72 -1.15
N GLY C 176 -87.01 -12.72 -1.64
CA GLY C 176 -87.57 -13.80 -2.47
C GLY C 176 -87.76 -13.43 -3.93
N THR C 177 -87.26 -12.24 -4.27
CA THR C 177 -87.50 -11.55 -5.54
C THR C 177 -86.14 -11.13 -6.12
N ARG C 178 -85.68 -9.97 -5.64
CA ARG C 178 -84.34 -9.41 -5.92
C ARG C 178 -83.24 -10.03 -5.05
N ILE C 179 -83.52 -10.20 -3.77
CA ILE C 179 -82.55 -10.79 -2.84
C ILE C 179 -83.09 -12.06 -2.15
N SER C 180 -82.25 -13.08 -2.11
CA SER C 180 -82.56 -14.33 -1.41
C SER C 180 -82.31 -14.21 0.09
N GLU C 181 -82.94 -15.11 0.83
CA GLU C 181 -82.78 -15.19 2.29
C GLU C 181 -81.34 -15.57 2.65
N GLU C 182 -80.74 -16.38 1.79
CA GLU C 182 -79.35 -16.84 1.94
C GLU C 182 -78.34 -15.70 1.72
N ALA C 183 -78.60 -14.88 0.71
CA ALA C 183 -77.78 -13.67 0.43
C ALA C 183 -77.79 -12.73 1.63
N VAL C 184 -78.98 -12.53 2.21
CA VAL C 184 -79.14 -11.71 3.44
C VAL C 184 -78.41 -12.34 4.64
N ARG C 185 -78.44 -13.67 4.71
CA ARG C 185 -77.77 -14.39 5.81
C ARG C 185 -76.27 -14.15 5.78
N ASN C 186 -75.73 -14.19 4.57
CA ASN C 186 -74.31 -13.91 4.31
C ASN C 186 -73.91 -12.51 4.79
N SER C 187 -74.74 -11.53 4.45
CA SER C 187 -74.54 -10.14 4.89
C SER C 187 -74.49 -9.99 6.40
N TRP C 188 -75.42 -10.63 7.10
CA TRP C 188 -75.46 -10.59 8.57
C TRP C 188 -74.18 -11.21 9.15
N ASN C 189 -73.82 -12.37 8.61
CA ASN C 189 -72.57 -13.05 9.02
C ASN C 189 -71.35 -12.14 8.85
N THR C 190 -71.27 -11.46 7.71
CA THR C 190 -70.16 -10.51 7.41
C THR C 190 -70.08 -9.40 8.46
N ALA C 191 -71.25 -8.83 8.77
CA ALA C 191 -71.38 -7.74 9.75
C ALA C 191 -70.98 -8.20 11.16
N ALA C 192 -71.53 -9.34 11.57
CA ALA C 192 -71.26 -9.96 12.89
C ALA C 192 -69.76 -10.21 13.10
N SER C 193 -69.07 -10.38 11.97
CA SER C 193 -67.61 -10.63 11.91
C SER C 193 -66.71 -9.37 12.03
N GLY C 194 -67.28 -8.19 11.81
CA GLY C 194 -66.58 -6.92 12.03
C GLY C 194 -66.36 -6.69 13.51
N GLY C 195 -65.48 -5.76 13.85
CA GLY C 195 -65.13 -5.48 15.24
C GLY C 195 -66.26 -4.80 16.02
N PHE C 196 -66.43 -5.19 17.28
CA PHE C 196 -67.49 -4.60 18.12
C PHE C 196 -67.33 -3.07 18.22
N PHE C 197 -66.09 -2.62 18.35
CA PHE C 197 -65.85 -1.20 18.62
C PHE C 197 -66.14 -0.40 17.35
N ALA C 198 -65.67 -0.90 16.21
CA ALA C 198 -65.88 -0.27 14.89
C ALA C 198 -67.35 -0.09 14.53
N ALA C 199 -68.14 -1.08 14.93
CA ALA C 199 -69.59 -1.11 14.68
C ALA C 199 -70.30 0.10 15.29
N ALA C 200 -69.98 0.37 16.55
CA ALA C 200 -70.55 1.51 17.31
C ALA C 200 -69.90 2.86 16.95
N ALA C 201 -68.63 2.83 16.61
CA ALA C 201 -67.87 4.04 16.20
C ALA C 201 -68.18 4.53 14.78
N ALA C 202 -68.53 3.61 13.89
CA ALA C 202 -68.79 3.95 12.47
C ALA C 202 -69.89 5.01 12.25
N PRO C 203 -71.05 4.83 12.87
CA PRO C 203 -72.17 5.77 12.70
C PRO C 203 -71.86 7.24 13.09
N THR C 204 -70.87 7.44 13.94
CA THR C 204 -70.43 8.81 14.26
C THR C 204 -69.72 9.49 13.06
N THR C 205 -69.17 8.71 12.15
CA THR C 205 -68.48 9.28 10.98
C THR C 205 -69.47 9.69 9.86
N TRP C 206 -70.71 9.18 9.93
CA TRP C 206 -71.72 9.38 8.84
C TRP C 206 -72.17 10.82 8.56
N TYR C 207 -72.19 11.67 9.59
CA TYR C 207 -72.53 13.11 9.41
C TYR C 207 -71.29 14.03 9.30
N THR C 208 -70.24 13.48 8.71
CA THR C 208 -69.06 14.23 8.32
C THR C 208 -69.48 15.23 7.24
N ASP C 209 -69.00 16.46 7.35
CA ASP C 209 -69.34 17.51 6.40
C ASP C 209 -68.38 17.46 5.20
N PHE C 210 -68.90 16.98 4.08
CA PHE C 210 -68.08 16.84 2.86
C PHE C 210 -68.25 18.02 1.90
N ARG C 211 -68.86 19.09 2.40
CA ARG C 211 -69.21 20.25 1.55
C ARG C 211 -68.00 20.96 0.91
N ALA C 212 -66.89 21.02 1.64
CA ALA C 212 -65.64 21.66 1.16
C ALA C 212 -64.73 20.72 0.33
N ASP C 213 -65.07 19.44 0.34
CA ASP C 213 -64.37 18.42 -0.42
C ASP C 213 -64.82 18.44 -1.89
N ILE C 214 -66.10 18.68 -2.09
CA ILE C 214 -66.76 18.61 -3.41
C ILE C 214 -66.16 19.52 -4.53
N PRO C 215 -65.80 20.78 -4.21
CA PRO C 215 -65.19 21.69 -5.21
C PRO C 215 -63.80 21.22 -5.70
N ARG C 216 -63.21 20.33 -4.92
CA ARG C 216 -61.91 19.71 -5.18
C ARG C 216 -61.95 18.59 -6.21
N ILE C 217 -63.16 18.08 -6.45
CA ILE C 217 -63.36 17.01 -7.42
C ILE C 217 -63.13 17.56 -8.82
N ASP C 218 -62.03 17.02 -9.32
CA ASP C 218 -61.18 17.48 -10.44
C ASP C 218 -61.44 16.76 -11.75
N VAL C 219 -61.75 15.49 -11.56
CA VAL C 219 -61.81 14.46 -12.60
C VAL C 219 -63.27 14.12 -12.88
N PRO C 220 -63.55 13.45 -14.02
CA PRO C 220 -64.91 13.03 -14.32
C PRO C 220 -65.50 12.17 -13.21
N ALA C 221 -66.74 12.47 -12.88
CA ALA C 221 -67.45 11.79 -11.80
C ALA C 221 -68.79 11.23 -12.25
N LEU C 222 -69.17 10.16 -11.57
CA LEU C 222 -70.50 9.58 -11.69
C LEU C 222 -71.17 9.60 -10.31
N ILE C 223 -72.43 10.03 -10.27
CA ILE C 223 -73.30 9.95 -9.06
C ILE C 223 -74.46 9.02 -9.38
N LEU C 224 -74.64 8.02 -8.52
CA LEU C 224 -75.66 7.01 -8.73
C LEU C 224 -76.39 6.69 -7.42
N HIS C 225 -77.71 6.77 -7.47
CA HIS C 225 -78.54 6.56 -6.28
C HIS C 225 -79.84 5.82 -6.62
N GLY C 226 -80.31 5.05 -5.65
CA GLY C 226 -81.58 4.32 -5.76
C GLY C 226 -82.68 5.23 -5.26
N THR C 227 -83.78 5.35 -6.01
CA THR C 227 -84.83 6.29 -5.58
C THR C 227 -85.62 5.74 -4.36
N GLY C 228 -85.62 4.42 -4.19
CA GLY C 228 -86.22 3.76 -3.00
C GLY C 228 -85.29 3.57 -1.80
N ASP C 229 -84.25 4.40 -1.74
CA ASP C 229 -83.25 4.34 -0.66
C ASP C 229 -83.86 4.85 0.65
N ARG C 230 -84.05 3.91 1.58
CA ARG C 230 -84.56 4.18 2.95
C ARG C 230 -83.45 4.55 3.93
N THR C 231 -82.23 4.19 3.58
CA THR C 231 -81.07 4.37 4.48
C THR C 231 -80.50 5.79 4.26
N LEU C 232 -80.24 6.14 2.99
CA LEU C 232 -79.81 7.50 2.59
C LEU C 232 -80.80 8.14 1.61
N PRO C 233 -81.81 8.85 2.16
CA PRO C 233 -82.84 9.51 1.37
C PRO C 233 -82.23 10.25 0.18
N ILE C 234 -82.61 9.85 -1.02
CA ILE C 234 -82.06 10.44 -2.28
C ILE C 234 -82.16 11.99 -2.31
N GLU C 235 -83.21 12.49 -1.67
CA GLU C 235 -83.50 13.95 -1.55
C GLU C 235 -82.55 14.79 -0.67
N ASN C 236 -81.90 14.15 0.30
CA ASN C 236 -80.96 14.82 1.24
C ASN C 236 -79.49 14.55 0.92
N THR C 237 -79.32 13.69 -0.07
CA THR C 237 -78.02 13.18 -0.48
C THR C 237 -77.78 13.44 -1.98
N ALA C 238 -77.94 12.39 -2.80
CA ALA C 238 -77.66 12.43 -4.25
C ALA C 238 -78.18 13.67 -4.96
N ARG C 239 -79.41 14.05 -4.67
CA ARG C 239 -80.04 15.19 -5.36
C ARG C 239 -79.44 16.55 -5.03
N VAL C 240 -79.07 16.76 -3.78
CA VAL C 240 -78.43 18.04 -3.39
C VAL C 240 -76.92 18.00 -3.74
N PHE C 241 -76.35 16.79 -3.76
CA PHE C 241 -74.96 16.52 -4.17
C PHE C 241 -74.72 16.90 -5.65
N HIS C 242 -75.67 16.55 -6.51
CA HIS C 242 -75.58 16.86 -7.95
C HIS C 242 -75.69 18.35 -8.21
N LYS C 243 -76.42 19.05 -7.36
CA LYS C 243 -76.48 20.52 -7.43
C LYS C 243 -75.10 21.11 -7.15
N ALA C 244 -74.41 20.47 -6.21
CA ALA C 244 -73.06 20.92 -5.78
C ALA C 244 -71.97 20.54 -6.80
N LEU C 245 -72.28 19.51 -7.58
CA LEU C 245 -71.41 18.98 -8.64
C LEU C 245 -72.27 18.69 -9.90
N PRO C 246 -72.73 19.75 -10.62
CA PRO C 246 -73.60 19.69 -11.81
C PRO C 246 -72.98 18.90 -12.95
N SER C 247 -71.66 19.00 -12.94
CA SER C 247 -70.77 18.37 -13.92
C SER C 247 -70.81 16.85 -13.87
N ALA C 248 -71.07 16.33 -12.67
CA ALA C 248 -71.21 14.88 -12.48
C ALA C 248 -72.26 14.30 -13.39
N GLU C 249 -71.92 13.15 -13.95
CA GLU C 249 -72.86 12.30 -14.65
C GLU C 249 -73.76 11.74 -13.57
N TYR C 250 -75.06 11.67 -13.82
CA TYR C 250 -76.02 11.39 -12.74
C TYR C 250 -77.11 10.41 -13.14
N VAL C 251 -77.21 9.35 -12.34
CA VAL C 251 -78.10 8.21 -12.61
C VAL C 251 -78.97 7.88 -11.41
N GLU C 252 -80.29 7.95 -11.60
CA GLU C 252 -81.26 7.48 -10.59
C GLU C 252 -81.71 6.08 -10.93
N VAL C 253 -81.62 5.19 -9.95
CA VAL C 253 -82.15 3.82 -10.09
C VAL C 253 -83.54 3.76 -9.44
N GLU C 254 -84.50 3.62 -10.34
CA GLU C 254 -85.92 3.67 -10.04
C GLU C 254 -86.31 2.57 -9.05
N GLY C 255 -86.68 3.01 -7.85
CA GLY C 255 -87.17 2.12 -6.79
C GLY C 255 -86.13 1.18 -6.20
N ALA C 256 -84.87 1.51 -6.43
CA ALA C 256 -83.74 0.73 -5.93
C ALA C 256 -83.54 1.12 -4.49
N PRO C 257 -83.23 0.14 -3.61
CA PRO C 257 -82.96 0.42 -2.21
C PRO C 257 -81.52 0.89 -1.99
N HIS C 258 -81.10 0.97 -0.73
CA HIS C 258 -79.69 1.31 -0.40
C HIS C 258 -78.72 0.25 -0.91
N GLY C 259 -79.12 -1.00 -0.68
CA GLY C 259 -78.34 -2.19 -1.05
C GLY C 259 -78.51 -2.59 -2.51
N LEU C 260 -78.44 -1.57 -3.36
CA LEU C 260 -78.69 -1.69 -4.81
C LEU C 260 -77.59 -2.48 -5.55
N LEU C 261 -76.43 -2.65 -4.92
CA LEU C 261 -75.31 -3.44 -5.51
C LEU C 261 -75.72 -4.88 -5.82
N TRP C 262 -76.54 -5.44 -4.94
CA TRP C 262 -77.09 -6.81 -5.11
C TRP C 262 -78.44 -6.81 -5.83
N THR C 263 -79.44 -6.15 -5.24
CA THR C 263 -80.85 -6.13 -5.76
C THR C 263 -80.96 -5.64 -7.23
N HIS C 264 -80.12 -4.65 -7.58
CA HIS C 264 -80.09 -4.03 -8.92
C HIS C 264 -78.68 -4.04 -9.54
N ALA C 265 -77.95 -5.12 -9.27
CA ALA C 265 -76.56 -5.27 -9.77
C ALA C 265 -76.48 -4.89 -11.25
N GLU C 266 -77.47 -5.30 -12.01
CA GLU C 266 -77.58 -5.05 -13.47
C GLU C 266 -77.51 -3.61 -13.94
N GLU C 267 -78.44 -2.88 -13.37
CA GLU C 267 -78.63 -1.48 -13.64
C GLU C 267 -77.37 -0.80 -13.16
N VAL C 268 -76.85 -1.31 -12.05
CA VAL C 268 -75.60 -0.78 -11.45
C VAL C 268 -74.38 -1.01 -12.38
N ASN C 269 -74.20 -2.26 -12.76
CA ASN C 269 -73.06 -2.66 -13.61
C ASN C 269 -73.07 -1.98 -14.98
N THR C 270 -74.27 -1.90 -15.56
CA THR C 270 -74.45 -1.27 -16.88
C THR C 270 -74.07 0.22 -16.89
N ALA C 271 -74.52 0.98 -15.90
CA ALA C 271 -74.16 2.41 -15.77
C ALA C 271 -72.65 2.58 -15.54
N LEU C 272 -72.15 1.76 -14.62
CA LEU C 272 -70.73 1.75 -14.23
C LEU C 272 -69.81 1.44 -15.42
N LEU C 273 -70.16 0.37 -16.13
CA LEU C 273 -69.38 -0.10 -17.30
C LEU C 273 -69.33 0.91 -18.45
N ALA C 274 -70.46 1.55 -18.70
CA ALA C 274 -70.52 2.58 -19.76
C ALA C 274 -69.66 3.78 -19.38
N PHE C 275 -69.79 4.21 -18.13
CA PHE C 275 -69.00 5.33 -17.59
C PHE C 275 -67.51 4.97 -17.62
N LEU C 276 -67.22 3.74 -17.21
CA LEU C 276 -65.84 3.19 -17.21
C LEU C 276 -65.24 3.20 -18.62
N ALA C 277 -66.08 2.81 -19.57
CA ALA C 277 -65.67 2.80 -20.98
C ALA C 277 -65.37 4.22 -21.49
N LYS C 278 -66.21 5.16 -21.09
CA LYS C 278 -66.02 6.57 -21.44
C LYS C 278 -64.73 7.11 -20.86
N ALA C 279 -64.48 6.75 -19.60
CA ALA C 279 -63.27 7.14 -18.87
C ALA C 279 -62.03 6.65 -19.59
N GLN C 280 -62.11 5.41 -20.06
CA GLN C 280 -60.98 4.80 -20.79
C GLN C 280 -60.68 5.56 -22.10
N GLU C 281 -61.76 5.90 -22.79
CA GLU C 281 -61.65 6.66 -24.04
C GLU C 281 -61.03 8.05 -23.80
N ALA C 282 -61.46 8.67 -22.70
CA ALA C 282 -60.92 9.97 -22.29
C ALA C 282 -59.43 9.87 -22.01
N GLN C 283 -59.04 8.79 -21.33
CA GLN C 283 -57.62 8.54 -21.03
C GLN C 283 -56.79 8.39 -22.31
N LYS C 284 -57.36 7.66 -23.26
CA LYS C 284 -56.71 7.49 -24.57
C LYS C 284 -56.53 8.83 -25.28
N GLN C 285 -57.57 9.66 -25.21
CA GLN C 285 -57.52 11.00 -25.80
C GLN C 285 -56.42 11.84 -25.13
N LYS C 286 -56.35 11.74 -23.82
CA LYS C 286 -55.32 12.46 -23.05
C LYS C 286 -53.92 12.03 -23.47
N LEU C 287 -53.76 10.72 -23.61
CA LEU C 287 -52.48 10.15 -24.02
C LEU C 287 -52.09 10.64 -25.40
N LEU C 288 -53.06 10.70 -26.29
CA LEU C 288 -52.84 11.16 -27.66
C LEU C 288 -52.43 12.60 -27.68
N THR C 289 -53.09 13.38 -26.83
CA THR C 289 -52.81 14.81 -26.74
C THR C 289 -51.42 15.00 -26.18
N GLU C 290 -51.01 14.17 -25.24
CA GLU C 290 -49.64 14.30 -24.70
C GLU C 290 -48.52 14.05 -25.71
N VAL C 291 -48.66 12.97 -26.46
CA VAL C 291 -47.69 12.64 -27.52
C VAL C 291 -47.69 13.75 -28.60
N GLU C 292 -48.90 14.11 -29.04
CA GLU C 292 -49.07 15.19 -30.04
C GLU C 292 -48.39 16.50 -29.64
N THR C 293 -48.52 16.91 -28.40
CA THR C 293 -47.93 18.18 -27.94
C THR C 293 -46.40 18.12 -28.01
N TYR C 294 -45.84 16.99 -27.57
CA TYR C 294 -44.39 16.79 -27.64
C TYR C 294 -43.92 16.79 -29.09
N VAL C 295 -44.66 16.06 -29.92
CA VAL C 295 -44.33 15.94 -31.35
C VAL C 295 -44.38 17.30 -32.05
N LEU C 296 -45.42 18.07 -31.75
CA LEU C 296 -45.60 19.40 -32.38
C LEU C 296 -44.56 20.43 -31.93
N SER C 297 -44.05 20.26 -30.71
CA SER C 297 -43.05 21.19 -30.13
C SER C 297 -41.78 21.33 -30.98
N ILE C 298 -41.55 20.32 -31.82
CA ILE C 298 -40.38 20.22 -32.70
C ILE C 298 -40.54 20.95 -34.04
N ILE C 299 -41.80 21.14 -34.44
CA ILE C 299 -42.11 21.68 -35.76
C ILE C 299 -42.22 23.21 -35.73
N PRO C 300 -41.59 23.89 -36.71
CA PRO C 300 -41.71 25.34 -36.73
C PRO C 300 -43.14 25.76 -37.01
N SER C 301 -43.54 26.85 -36.37
CA SER C 301 -44.90 27.37 -36.51
C SER C 301 -45.18 27.78 -37.95
N GLY C 302 -46.40 27.49 -38.40
CA GLY C 302 -46.80 27.78 -39.78
C GLY C 302 -47.92 26.88 -40.27
N PRO C 303 -48.29 26.99 -41.56
CA PRO C 303 -49.37 26.20 -42.16
C PRO C 303 -49.08 24.71 -42.25
N LEU C 304 -47.81 24.38 -42.42
CA LEU C 304 -47.36 22.97 -42.44
C LEU C 304 -47.61 22.32 -41.09
N LYS C 305 -47.25 23.06 -40.04
CA LYS C 305 -47.48 22.61 -38.66
C LYS C 305 -48.98 22.34 -38.42
N ALA C 306 -49.80 23.12 -39.10
CA ALA C 306 -51.26 22.95 -39.04
C ALA C 306 -51.70 21.64 -39.69
N GLU C 307 -51.18 21.39 -40.89
CA GLU C 307 -51.50 20.15 -41.61
C GLU C 307 -51.10 18.92 -40.82
N ILE C 308 -49.87 18.94 -40.32
CA ILE C 308 -49.32 17.81 -39.54
C ILE C 308 -50.19 17.52 -38.33
N ALA C 309 -50.50 18.57 -37.57
CA ALA C 309 -51.34 18.44 -36.37
C ALA C 309 -52.66 17.78 -36.71
N GLN C 310 -53.26 18.23 -37.80
CA GLN C 310 -54.53 17.69 -38.28
C GLN C 310 -54.42 16.21 -38.60
N ARG C 311 -53.32 15.86 -39.27
CA ARG C 311 -53.04 14.46 -39.66
C ARG C 311 -52.85 13.59 -38.43
N LEU C 312 -52.07 14.10 -37.48
CA LEU C 312 -51.85 13.40 -36.20
C LEU C 312 -53.19 13.09 -35.54
N GLU C 313 -53.98 14.14 -35.38
CA GLU C 313 -55.31 14.04 -34.75
C GLU C 313 -56.21 13.02 -35.46
N ASP C 314 -56.19 13.03 -36.78
CA ASP C 314 -56.99 12.10 -37.60
C ASP C 314 -56.55 10.64 -37.46
N VAL C 315 -55.24 10.43 -37.44
CA VAL C 315 -54.69 9.08 -37.27
C VAL C 315 -54.99 8.61 -35.84
N PHE C 316 -54.85 9.52 -34.89
CA PHE C 316 -55.11 9.23 -33.46
C PHE C 316 -56.57 8.90 -33.19
N ALA C 317 -57.45 9.59 -33.91
CA ALA C 317 -58.90 9.36 -33.84
C ALA C 317 -59.34 8.14 -34.68
N GLY C 318 -58.36 7.51 -35.32
CA GLY C 318 -58.59 6.28 -36.07
C GLY C 318 -59.08 6.47 -37.49
N LYS C 319 -59.18 7.73 -37.94
CA LYS C 319 -59.78 8.08 -39.23
C LYS C 319 -58.78 7.97 -40.38
N ASN C 320 -57.63 8.63 -40.24
CA ASN C 320 -56.57 8.55 -41.27
C ASN C 320 -55.91 7.18 -41.23
N THR C 321 -55.59 6.64 -42.40
CA THR C 321 -54.99 5.33 -42.40
C THR C 321 -54.11 4.87 -43.57
N ASP C 322 -54.11 5.48 -44.78
CA ASP C 322 -53.16 5.04 -45.83
C ASP C 322 -51.73 5.50 -45.56
N LEU C 323 -51.00 4.65 -44.86
CA LEU C 323 -49.62 4.95 -44.43
C LEU C 323 -48.71 5.31 -45.61
N GLU C 324 -48.84 4.57 -46.71
CA GLU C 324 -48.01 4.82 -47.91
C GLU C 324 -48.18 6.26 -48.43
N VAL C 325 -49.43 6.74 -48.42
CA VAL C 325 -49.75 8.10 -48.86
C VAL C 325 -49.20 9.12 -47.87
N LEU C 326 -49.41 8.82 -46.59
CA LEU C 326 -48.91 9.65 -45.48
C LEU C 326 -47.40 9.85 -45.53
N MET C 327 -46.68 8.75 -45.67
CA MET C 327 -45.20 8.74 -45.68
C MET C 327 -44.62 9.49 -46.87
N GLU C 328 -45.27 9.35 -48.02
CA GLU C 328 -44.84 10.06 -49.24
C GLU C 328 -45.01 11.57 -49.07
N TRP C 329 -46.14 11.95 -48.49
CA TRP C 329 -46.45 13.37 -48.20
C TRP C 329 -45.35 13.94 -47.32
N LEU C 330 -45.10 13.27 -46.20
CA LEU C 330 -44.04 13.65 -45.26
C LEU C 330 -42.69 13.81 -45.97
N LYS C 331 -42.34 12.77 -46.70
CA LYS C 331 -41.08 12.71 -47.45
C LYS C 331 -40.88 13.95 -48.32
N THR C 332 -41.95 14.34 -49.01
CA THR C 332 -41.89 15.46 -49.98
C THR C 332 -42.14 16.86 -49.41
N ARG C 333 -42.28 16.97 -48.08
CA ARG C 333 -42.53 18.27 -47.44
C ARG C 333 -41.29 19.18 -47.49
N PRO C 334 -41.43 20.39 -48.04
CA PRO C 334 -40.31 21.30 -47.95
C PRO C 334 -40.19 21.85 -46.53
N ILE C 335 -39.10 22.57 -46.27
CA ILE C 335 -38.79 23.20 -44.95
C ILE C 335 -38.55 22.24 -43.77
N LEU C 336 -39.32 21.15 -43.70
CA LEU C 336 -39.17 20.18 -42.61
C LEU C 336 -37.77 19.58 -42.60
N SER C 337 -37.18 19.60 -41.42
CA SER C 337 -35.88 18.99 -41.16
C SER C 337 -35.97 17.50 -41.43
N PRO C 338 -34.90 16.90 -41.99
CA PRO C 338 -34.95 15.44 -42.22
C PRO C 338 -35.18 14.66 -40.93
N LEU C 339 -34.61 15.17 -39.85
CA LEU C 339 -34.71 14.55 -38.52
C LEU C 339 -36.17 14.61 -38.03
N THR C 340 -36.80 15.76 -38.24
CA THR C 340 -38.19 15.95 -37.81
C THR C 340 -39.09 15.04 -38.68
N LYS C 341 -38.71 14.87 -39.95
CA LYS C 341 -39.43 13.98 -40.88
C LYS C 341 -39.34 12.53 -40.44
N GLY C 342 -38.17 12.17 -39.91
CA GLY C 342 -37.93 10.80 -39.41
C GLY C 342 -38.77 10.51 -38.18
N ILE C 343 -38.81 11.47 -37.26
CA ILE C 343 -39.58 11.37 -36.02
C ILE C 343 -41.07 11.21 -36.33
N LEU C 344 -41.57 12.06 -37.22
CA LEU C 344 -42.98 11.99 -37.65
C LEU C 344 -43.27 10.70 -38.39
N GLY C 345 -42.31 10.31 -39.22
CA GLY C 345 -42.37 9.06 -39.99
C GLY C 345 -42.55 7.90 -39.04
N PHE C 346 -41.70 7.89 -38.03
CA PHE C 346 -41.70 6.87 -36.96
C PHE C 346 -43.04 6.87 -36.23
N VAL C 347 -43.50 8.05 -35.83
CA VAL C 347 -44.76 8.18 -35.07
C VAL C 347 -45.96 7.66 -35.86
N PHE C 348 -46.05 8.09 -37.12
CA PHE C 348 -47.16 7.66 -38.00
C PHE C 348 -47.22 6.15 -38.23
N THR C 349 -46.08 5.51 -38.40
CA THR C 349 -46.07 4.04 -38.62
C THR C 349 -46.49 3.30 -37.35
N LEU C 350 -46.18 3.91 -36.21
CA LEU C 350 -46.48 3.36 -34.87
C LEU C 350 -47.97 3.50 -34.53
N THR C 351 -48.54 4.63 -34.92
CA THR C 351 -49.94 4.94 -34.55
C THR C 351 -50.97 4.51 -35.59
N VAL C 352 -50.58 4.53 -36.86
CA VAL C 352 -51.49 4.15 -37.95
C VAL C 352 -51.97 2.71 -37.65
N PRO C 353 -53.26 2.42 -37.79
CA PRO C 353 -53.60 1.02 -37.49
C PRO C 353 -53.07 0.10 -38.58
N SER C 354 -53.35 0.52 -39.80
CA SER C 354 -53.02 -0.30 -40.98
C SER C 354 -51.65 0.08 -41.56
N GLU C 355 -50.60 -0.58 -41.09
CA GLU C 355 -49.28 -0.47 -41.74
C GLU C 355 -49.30 -1.24 -43.05
N ARG C 356 -50.18 -2.23 -43.09
CA ARG C 356 -50.37 -3.09 -44.27
C ARG C 356 -49.08 -3.92 -44.46
N GLY C 357 -48.55 -3.84 -45.66
CA GLY C 357 -47.28 -4.56 -45.98
C GLY C 357 -46.20 -3.61 -46.47
N LEU C 358 -46.22 -2.37 -45.95
CA LEU C 358 -45.30 -1.33 -46.39
C LEU C 358 -43.94 -1.56 -45.79
N GLN C 359 -42.92 -1.58 -46.63
CA GLN C 359 -41.54 -1.73 -46.15
C GLN C 359 -41.18 -0.47 -45.39
N ARG C 360 -40.26 -0.59 -44.44
CA ARG C 360 -39.77 0.58 -43.71
C ARG C 360 -39.14 1.56 -44.71
N ARG C 361 -39.21 2.85 -44.40
CA ARG C 361 -38.76 3.91 -45.34
C ARG C 361 -37.30 4.34 -45.16
N ARG C 362 -36.59 4.41 -46.29
CA ARG C 362 -35.20 4.88 -46.33
C ARG C 362 -35.05 6.28 -45.72
N PHE C 363 -35.98 7.18 -46.01
CA PHE C 363 -35.84 8.58 -45.52
C PHE C 363 -35.87 8.65 -43.99
N VAL C 364 -36.65 7.75 -43.39
CA VAL C 364 -36.74 7.65 -41.94
C VAL C 364 -35.49 6.99 -41.39
N GLN C 365 -35.10 5.89 -42.03
CA GLN C 365 -33.89 5.15 -41.63
C GLN C 365 -32.68 6.07 -41.62
N ASN C 366 -32.52 6.85 -42.69
CA ASN C 366 -31.40 7.79 -42.79
C ASN C 366 -31.44 8.86 -41.70
N ALA C 367 -32.65 9.31 -41.39
CA ALA C 367 -32.88 10.36 -40.37
C ALA C 367 -32.58 9.91 -38.94
N LEU C 368 -32.90 8.66 -38.63
CA LEU C 368 -32.78 8.13 -37.25
C LEU C 368 -31.47 7.38 -36.94
N ASN C 369 -30.88 6.79 -37.95
CA ASN C 369 -29.71 5.90 -37.74
C ASN C 369 -28.53 6.46 -36.89
N GLY C 370 -28.19 7.72 -37.16
CA GLY C 370 -27.26 8.56 -36.35
C GLY C 370 -25.85 8.88 -36.81
N ASN C 371 -25.60 8.75 -38.12
CA ASN C 371 -24.27 8.95 -38.77
C ASN C 371 -23.27 7.78 -38.67
N GLY C 372 -23.68 6.76 -37.94
CA GLY C 372 -22.88 5.55 -37.70
C GLY C 372 -21.74 5.65 -36.69
N ASP C 373 -21.86 6.55 -35.72
CA ASP C 373 -20.85 6.68 -34.67
C ASP C 373 -21.08 5.55 -33.65
N PRO C 374 -20.09 4.66 -33.46
CA PRO C 374 -20.24 3.55 -32.49
C PRO C 374 -20.52 3.96 -31.03
N ASN C 375 -19.98 5.09 -30.60
CA ASN C 375 -20.25 5.60 -29.25
C ASN C 375 -21.71 5.96 -29.04
N ASN C 376 -22.25 6.59 -30.05
CA ASN C 376 -23.64 6.96 -30.07
C ASN C 376 -24.56 5.72 -30.05
N MET C 377 -24.20 4.79 -30.92
CA MET C 377 -24.88 3.50 -31.04
C MET C 377 -24.81 2.68 -29.75
N ASP C 378 -23.66 2.75 -29.10
CA ASP C 378 -23.42 2.08 -27.82
C ASP C 378 -24.43 2.57 -26.79
N LYS C 379 -24.58 3.89 -26.69
CA LYS C 379 -25.52 4.49 -25.73
C LYS C 379 -26.98 4.16 -26.06
N ALA C 380 -27.28 4.12 -27.36
CA ALA C 380 -28.64 3.79 -27.83
C ALA C 380 -29.02 2.37 -27.42
N VAL C 381 -28.03 1.48 -27.48
CA VAL C 381 -28.22 0.06 -27.10
C VAL C 381 -28.40 -0.06 -25.59
N LYS C 382 -27.66 0.75 -24.85
CA LYS C 382 -27.78 0.79 -23.40
C LYS C 382 -29.17 1.28 -22.98
N LEU C 383 -29.63 2.34 -23.64
CA LEU C 383 -30.97 2.86 -23.38
C LEU C 383 -32.02 1.79 -23.69
N TYR C 384 -31.89 1.18 -24.86
CA TYR C 384 -32.81 0.10 -25.30
C TYR C 384 -32.92 -1.01 -24.25
N ARG C 385 -31.78 -1.39 -23.68
CA ARG C 385 -31.75 -2.42 -22.64
C ARG C 385 -32.68 -2.01 -21.49
N LYS C 386 -32.57 -0.76 -21.08
CA LYS C 386 -33.39 -0.21 -19.99
C LYS C 386 -34.88 -0.09 -20.37
N LEU C 387 -35.13 0.40 -21.59
CA LEU C 387 -36.52 0.55 -22.09
C LEU C 387 -37.26 -0.78 -22.18
N LYS C 388 -36.51 -1.84 -22.41
CA LYS C 388 -37.06 -3.20 -22.48
C LYS C 388 -37.73 -3.63 -21.19
N ARG C 389 -37.29 -3.02 -20.10
CA ARG C 389 -37.80 -3.30 -18.75
C ARG C 389 -38.93 -2.37 -18.34
N GLU C 390 -39.15 -1.33 -19.12
CA GLU C 390 -40.20 -0.35 -18.85
C GLU C 390 -41.53 -0.85 -19.40
N ILE C 391 -42.61 -0.47 -18.72
CA ILE C 391 -43.97 -0.78 -19.20
C ILE C 391 -44.87 0.46 -19.26
N THR C 392 -44.39 1.59 -18.75
CA THR C 392 -45.18 2.83 -18.75
C THR C 392 -44.54 3.94 -19.60
N PHE C 393 -45.40 4.85 -20.05
CA PHE C 393 -44.99 6.02 -20.85
C PHE C 393 -44.03 6.90 -20.07
N HIS C 394 -44.40 7.19 -18.83
CA HIS C 394 -43.59 8.05 -17.98
C HIS C 394 -42.24 7.47 -17.58
N GLY C 395 -42.23 6.20 -17.22
CA GLY C 395 -40.98 5.52 -16.84
C GLY C 395 -40.03 5.51 -18.01
N ALA C 396 -40.59 5.21 -19.17
CA ALA C 396 -39.84 5.20 -20.44
C ALA C 396 -39.29 6.59 -20.75
N LYS C 397 -40.18 7.58 -20.70
CA LYS C 397 -39.79 8.96 -21.01
C LYS C 397 -38.70 9.45 -20.05
N GLU C 398 -38.86 9.10 -18.78
CA GLU C 398 -37.90 9.53 -17.75
C GLU C 398 -36.48 9.02 -17.94
N ILE C 399 -36.32 7.73 -18.18
CA ILE C 399 -34.97 7.17 -18.39
C ILE C 399 -34.37 7.68 -19.69
N SER C 400 -35.22 7.91 -20.67
CA SER C 400 -34.78 8.41 -21.99
C SER C 400 -34.13 9.79 -21.86
N LEU C 401 -34.68 10.61 -20.98
CA LEU C 401 -34.17 11.97 -20.75
C LEU C 401 -32.75 12.04 -20.18
N SER C 402 -32.23 10.92 -19.71
CA SER C 402 -30.84 10.85 -19.23
C SER C 402 -29.84 10.56 -20.35
N TYR C 403 -30.36 10.50 -21.57
CA TYR C 403 -29.53 10.26 -22.76
C TYR C 403 -29.54 11.46 -23.70
N SER C 404 -28.46 11.58 -24.47
CA SER C 404 -28.32 12.68 -25.43
C SER C 404 -29.27 12.49 -26.61
N ALA C 405 -29.61 13.60 -27.25
CA ALA C 405 -30.51 13.59 -28.42
C ALA C 405 -30.01 12.68 -29.54
N GLY C 406 -28.69 12.61 -29.69
CA GLY C 406 -28.08 11.75 -30.73
C GLY C 406 -28.31 10.28 -30.43
N ALA C 407 -28.14 9.91 -29.16
CA ALA C 407 -28.30 8.51 -28.70
C ALA C 407 -29.77 8.13 -28.74
N LEU C 408 -30.61 9.10 -28.45
CA LEU C 408 -32.08 8.91 -28.47
C LEU C 408 -32.60 8.64 -29.87
N ALA C 409 -32.13 9.43 -30.83
CA ALA C 409 -32.54 9.28 -32.23
C ALA C 409 -32.10 7.93 -32.78
N SER C 410 -30.87 7.55 -32.47
CA SER C 410 -30.33 6.23 -32.83
C SER C 410 -31.14 5.08 -32.20
N CYS C 411 -31.54 5.28 -30.95
CA CYS C 411 -32.36 4.29 -30.27
C CYS C 411 -33.71 4.12 -31.01
N MET C 412 -34.27 5.24 -31.41
CA MET C 412 -35.54 5.24 -32.18
C MET C 412 -35.34 4.45 -33.48
N GLY C 413 -34.18 4.63 -34.08
CA GLY C 413 -33.82 3.93 -35.32
C GLY C 413 -33.73 2.43 -35.10
N LEU C 414 -33.15 2.04 -33.97
CA LEU C 414 -33.04 0.60 -33.61
C LEU C 414 -34.39 -0.06 -33.62
N ILE C 415 -35.35 0.62 -32.99
CA ILE C 415 -36.73 0.12 -32.87
C ILE C 415 -37.40 0.15 -34.24
N TYR C 416 -37.25 1.28 -34.94
CA TYR C 416 -37.84 1.45 -36.27
C TYR C 416 -37.36 0.34 -37.22
N ASN C 417 -36.09 -0.01 -37.11
CA ASN C 417 -35.47 -1.04 -37.96
C ASN C 417 -35.73 -2.48 -37.51
N ARG C 418 -36.50 -2.62 -36.43
CA ARG C 418 -36.84 -3.92 -35.84
C ARG C 418 -35.62 -4.64 -35.30
N MET C 419 -34.58 -3.89 -34.96
CA MET C 419 -33.38 -4.46 -34.38
C MET C 419 -33.58 -4.73 -32.89
N GLY C 420 -34.55 -4.01 -32.34
CA GLY C 420 -35.01 -4.22 -30.96
C GLY C 420 -36.50 -3.97 -30.95
N ALA C 421 -37.16 -4.39 -29.87
CA ALA C 421 -38.62 -4.25 -29.78
C ALA C 421 -39.08 -3.81 -28.41
N VAL C 422 -40.10 -2.97 -28.43
CA VAL C 422 -40.64 -2.38 -27.22
C VAL C 422 -42.13 -2.14 -27.35
N THR C 423 -42.82 -1.98 -26.22
CA THR C 423 -44.27 -1.73 -26.23
C THR C 423 -44.56 -0.32 -26.75
N THR C 424 -45.74 -0.14 -27.33
CA THR C 424 -46.12 1.14 -27.96
C THR C 424 -46.01 2.34 -27.02
N GLU C 425 -46.44 2.14 -25.78
CA GLU C 425 -46.48 3.21 -24.78
C GLU C 425 -45.06 3.64 -24.37
N VAL C 426 -44.16 2.66 -24.32
CA VAL C 426 -42.73 2.90 -24.03
C VAL C 426 -42.09 3.60 -25.24
N ALA C 427 -42.45 3.16 -26.43
CA ALA C 427 -41.98 3.77 -27.68
C ALA C 427 -42.40 5.25 -27.72
N PHE C 428 -43.62 5.50 -27.26
CA PHE C 428 -44.16 6.88 -27.16
C PHE C 428 -43.30 7.73 -26.24
N GLY C 429 -42.96 7.16 -25.10
CA GLY C 429 -42.11 7.83 -24.10
C GLY C 429 -40.75 8.19 -24.67
N LEU C 430 -40.17 7.25 -25.41
CA LEU C 430 -38.88 7.45 -26.08
C LEU C 430 -38.97 8.63 -27.05
N VAL C 431 -39.97 8.58 -27.92
CA VAL C 431 -40.18 9.62 -28.91
C VAL C 431 -40.31 11.00 -28.30
N CYS C 432 -41.07 11.04 -27.22
CA CYS C 432 -41.38 12.30 -26.53
C CYS C 432 -40.18 12.87 -25.82
N ALA C 433 -39.34 11.99 -25.28
CA ALA C 433 -38.09 12.42 -24.65
C ALA C 433 -37.21 13.05 -25.72
N THR C 434 -37.09 12.37 -26.85
CA THR C 434 -36.23 12.88 -27.97
C THR C 434 -36.80 14.21 -28.51
N CYS C 435 -38.12 14.32 -28.65
CA CYS C 435 -38.75 15.59 -29.06
C CYS C 435 -38.45 16.70 -28.07
N GLU C 436 -38.59 16.38 -26.80
CA GLU C 436 -38.35 17.35 -25.74
C GLU C 436 -36.90 17.86 -25.81
N GLN C 437 -35.97 16.93 -25.93
CA GLN C 437 -34.53 17.26 -25.98
C GLN C 437 -34.23 18.20 -27.16
N ILE C 438 -34.75 17.83 -28.33
CA ILE C 438 -34.54 18.60 -29.57
C ILE C 438 -35.15 19.99 -29.46
N ALA C 439 -36.41 20.02 -29.04
CA ALA C 439 -37.14 21.30 -28.88
C ALA C 439 -36.41 22.20 -27.91
N ASP C 440 -35.97 21.61 -26.80
CA ASP C 440 -35.25 22.32 -25.75
C ASP C 440 -33.91 22.90 -26.21
N SER C 441 -33.33 22.29 -27.24
CA SER C 441 -32.06 22.76 -27.81
C SER C 441 -32.28 24.00 -28.71
N GLN C 442 -33.49 24.13 -29.21
CA GLN C 442 -33.87 25.28 -30.06
C GLN C 442 -34.22 26.49 -29.20
N PRO D 2 13.67 26.30 -41.29
CA PRO D 2 12.66 26.10 -40.25
C PRO D 2 11.29 25.69 -40.81
N PHE D 3 10.57 24.85 -40.07
CA PHE D 3 9.23 24.38 -40.46
C PHE D 3 8.14 24.50 -39.41
N ILE D 4 6.95 24.75 -39.92
CA ILE D 4 5.71 24.66 -39.15
C ILE D 4 4.83 23.62 -39.85
N THR D 5 4.37 22.65 -39.07
CA THR D 5 3.46 21.58 -39.54
C THR D 5 2.02 22.11 -39.54
N VAL D 6 1.36 21.98 -40.68
CA VAL D 6 0.00 22.52 -40.83
C VAL D 6 -1.06 21.43 -41.03
N GLY D 7 -0.60 20.23 -41.28
CA GLY D 7 -1.50 19.11 -41.46
C GLY D 7 -0.85 17.80 -41.83
N GLN D 8 -1.68 16.90 -42.34
CA GLN D 8 -1.25 15.54 -42.67
C GLN D 8 -1.78 15.14 -44.03
N GLU D 9 -0.92 14.51 -44.82
CA GLU D 9 -1.30 13.89 -46.11
C GLU D 9 -0.85 12.45 -46.09
N ASN D 10 -1.81 11.53 -46.08
CA ASN D 10 -1.53 10.08 -46.01
C ASN D 10 -0.57 9.76 -44.84
N SER D 11 0.58 9.14 -45.14
CA SER D 11 1.57 8.81 -44.09
C SER D 11 2.51 9.96 -43.69
N THR D 12 2.43 11.07 -44.44
CA THR D 12 3.36 12.21 -44.29
C THR D 12 2.70 13.47 -43.72
N SER D 13 3.43 14.26 -42.94
CA SER D 13 2.88 15.54 -42.51
C SER D 13 3.13 16.61 -43.56
N ILE D 14 2.36 17.68 -43.47
CA ILE D 14 2.47 18.83 -44.34
C ILE D 14 3.16 19.95 -43.56
N ASP D 15 4.38 20.29 -43.98
CA ASP D 15 5.21 21.28 -43.28
C ASP D 15 5.46 22.51 -44.14
N LEU D 16 5.32 23.69 -43.53
CA LEU D 16 5.64 24.94 -44.21
C LEU D 16 7.03 25.43 -43.83
N TYR D 17 7.82 25.73 -44.85
CA TYR D 17 9.13 26.34 -44.65
C TYR D 17 8.91 27.82 -44.26
N TYR D 18 9.55 28.27 -43.18
CA TYR D 18 9.47 29.69 -42.78
C TYR D 18 10.79 30.24 -42.25
N GLU D 19 10.88 31.57 -42.26
CA GLU D 19 12.02 32.29 -41.68
C GLU D 19 11.51 33.40 -40.76
N ASP D 20 12.37 33.79 -39.82
CA ASP D 20 12.01 34.68 -38.72
C ASP D 20 13.22 35.54 -38.38
N HIS D 21 13.22 36.76 -38.93
CA HIS D 21 14.38 37.66 -38.82
C HIS D 21 14.05 39.02 -38.17
N GLY D 22 15.07 39.56 -37.52
CA GLY D 22 14.98 40.89 -36.90
C GLY D 22 14.18 40.95 -35.61
N THR D 23 14.03 42.16 -35.11
CA THR D 23 13.35 42.38 -33.85
C THR D 23 12.50 43.62 -34.02
N GLY D 24 11.39 43.66 -33.29
CA GLY D 24 10.49 44.79 -33.35
C GLY D 24 9.13 44.30 -33.81
N THR D 25 8.33 45.22 -34.31
CA THR D 25 6.98 44.91 -34.77
C THR D 25 7.04 43.86 -35.88
N PRO D 26 6.27 42.76 -35.74
CA PRO D 26 6.25 41.67 -36.70
C PRO D 26 5.51 42.02 -37.98
N VAL D 27 6.19 41.75 -39.09
CA VAL D 27 5.65 41.99 -40.42
C VAL D 27 5.72 40.66 -41.18
N VAL D 28 4.56 40.18 -41.59
CA VAL D 28 4.42 38.88 -42.26
C VAL D 28 4.22 39.06 -43.75
N LEU D 29 5.18 38.53 -44.53
CA LEU D 29 5.20 38.65 -45.99
C LEU D 29 4.73 37.34 -46.63
N ILE D 30 3.73 37.44 -47.49
CA ILE D 30 3.09 36.28 -48.14
C ILE D 30 3.29 36.39 -49.64
N HIS D 31 4.09 35.46 -50.17
CA HIS D 31 4.59 35.53 -51.56
C HIS D 31 3.54 35.21 -52.62
N GLY D 32 3.92 35.47 -53.86
CA GLY D 32 3.11 35.18 -55.05
C GLY D 32 3.54 33.96 -55.84
N PHE D 33 2.70 33.61 -56.82
CA PHE D 33 2.94 32.46 -57.72
C PHE D 33 3.92 32.83 -58.84
N PRO D 34 4.87 31.92 -59.17
CA PRO D 34 5.13 30.61 -58.59
C PRO D 34 6.37 30.62 -57.68
N LEU D 35 6.52 31.71 -56.95
CA LEU D 35 7.73 32.01 -56.17
C LEU D 35 7.61 31.62 -54.71
N SER D 36 8.60 32.02 -53.92
CA SER D 36 8.70 31.65 -52.50
C SER D 36 8.95 32.85 -51.57
N GLY D 37 9.08 32.59 -50.27
CA GLY D 37 9.35 33.66 -49.28
C GLY D 37 10.59 34.48 -49.62
N HIS D 38 11.52 33.84 -50.30
CA HIS D 38 12.81 34.48 -50.69
C HIS D 38 12.70 35.61 -51.73
N SER D 39 11.57 35.63 -52.44
CA SER D 39 11.26 36.66 -53.45
C SER D 39 11.08 38.07 -52.83
N TRP D 40 10.86 38.10 -51.53
CA TRP D 40 10.74 39.34 -50.76
C TRP D 40 12.06 39.98 -50.31
N GLU D 41 13.18 39.41 -50.75
CA GLU D 41 14.53 39.76 -50.23
C GLU D 41 14.87 41.26 -50.26
N ARG D 42 14.41 41.96 -51.29
CA ARG D 42 14.65 43.41 -51.40
C ARG D 42 13.84 44.20 -50.37
N GLN D 43 12.62 43.73 -50.13
CA GLN D 43 11.73 44.32 -49.12
C GLN D 43 12.20 43.97 -47.68
N SER D 44 12.55 42.70 -47.47
CA SER D 44 13.03 42.21 -46.15
C SER D 44 14.22 43.01 -45.62
N ALA D 45 15.16 43.30 -46.52
CA ALA D 45 16.38 44.05 -46.16
C ALA D 45 16.04 45.45 -45.64
N ALA D 46 15.15 46.12 -46.36
CA ALA D 46 14.65 47.46 -45.98
C ALA D 46 13.93 47.43 -44.63
N LEU D 47 13.00 46.48 -44.48
CA LEU D 47 12.26 46.31 -43.21
C LEU D 47 13.18 46.02 -42.03
N LEU D 48 14.20 45.20 -42.28
CA LEU D 48 15.18 44.85 -41.25
C LEU D 48 15.95 46.11 -40.84
N ASP D 49 16.37 46.88 -41.83
CA ASP D 49 17.10 48.15 -41.56
C ASP D 49 16.22 49.18 -40.83
N ALA D 50 14.94 49.21 -41.20
CA ALA D 50 13.93 50.12 -40.60
C ALA D 50 13.50 49.72 -39.18
N GLY D 51 13.88 48.52 -38.78
CA GLY D 51 13.67 48.03 -37.40
C GLY D 51 12.39 47.24 -37.17
N ALA D 52 12.10 46.31 -38.07
CA ALA D 52 10.95 45.42 -37.95
C ALA D 52 11.36 43.96 -37.81
N ARG D 53 10.46 43.16 -37.27
CA ARG D 53 10.66 41.73 -37.24
C ARG D 53 10.02 41.18 -38.51
N VAL D 54 10.83 40.52 -39.34
CA VAL D 54 10.35 40.01 -40.65
C VAL D 54 10.09 38.49 -40.63
N ILE D 55 8.84 38.13 -40.88
CA ILE D 55 8.44 36.71 -41.02
C ILE D 55 8.05 36.41 -42.48
N THR D 56 8.70 35.40 -43.04
CA THR D 56 8.35 34.90 -44.37
C THR D 56 8.04 33.41 -44.26
N TYR D 57 7.21 32.92 -45.15
CA TYR D 57 6.99 31.47 -45.25
C TYR D 57 6.66 31.11 -46.70
N ASP D 58 6.83 29.83 -47.02
CA ASP D 58 6.54 29.31 -48.35
C ASP D 58 5.17 28.64 -48.31
N ARG D 59 4.24 29.13 -49.12
CA ARG D 59 2.94 28.49 -49.32
C ARG D 59 3.11 27.02 -49.68
N ARG D 60 2.20 26.19 -49.19
CA ARG D 60 2.20 24.75 -49.52
C ARG D 60 2.32 24.54 -51.03
N GLY D 61 3.21 23.64 -51.43
CA GLY D 61 3.47 23.36 -52.88
C GLY D 61 4.53 24.23 -53.56
N PHE D 62 5.07 25.19 -52.81
CA PHE D 62 6.07 26.15 -53.30
C PHE D 62 7.32 26.24 -52.46
N GLY D 63 8.38 26.73 -53.09
CA GLY D 63 9.68 26.90 -52.46
C GLY D 63 10.11 25.66 -51.73
N GLN D 64 10.38 25.80 -50.43
CA GLN D 64 10.85 24.68 -49.59
C GLN D 64 9.79 24.00 -48.72
N SER D 65 8.55 24.42 -48.88
CA SER D 65 7.44 23.75 -48.20
C SER D 65 7.15 22.41 -48.83
N SER D 66 6.40 21.60 -48.10
CA SER D 66 5.91 20.31 -48.58
C SER D 66 5.06 20.50 -49.83
N GLN D 67 4.97 19.43 -50.61
CA GLN D 67 4.27 19.44 -51.89
C GLN D 67 3.15 18.42 -51.91
N PRO D 68 2.09 18.66 -51.11
CA PRO D 68 0.95 17.76 -51.18
C PRO D 68 0.16 17.93 -52.46
N THR D 69 -0.80 17.02 -52.64
CA THR D 69 -1.74 17.09 -53.75
C THR D 69 -3.14 17.46 -53.24
N THR D 70 -3.14 18.11 -52.06
CA THR D 70 -4.36 18.53 -51.34
C THR D 70 -4.24 19.93 -50.74
N GLY D 71 -5.41 20.56 -50.57
CA GLY D 71 -5.54 21.84 -49.85
C GLY D 71 -5.22 23.09 -50.64
N TYR D 72 -5.47 23.05 -51.94
CA TYR D 72 -5.22 24.19 -52.84
C TYR D 72 -6.46 25.05 -53.04
N ASP D 73 -6.71 25.85 -52.01
CA ASP D 73 -7.89 26.72 -51.92
C ASP D 73 -7.66 27.74 -50.81
N TYR D 74 -8.32 28.88 -50.91
CA TYR D 74 -8.05 29.99 -49.99
C TYR D 74 -8.45 29.76 -48.54
N ASP D 75 -9.41 28.89 -48.28
CA ASP D 75 -9.74 28.61 -46.87
C ASP D 75 -8.60 27.83 -46.19
N THR D 76 -8.03 26.89 -46.93
CA THR D 76 -6.88 26.10 -46.45
C THR D 76 -5.65 26.97 -46.32
N PHE D 77 -5.40 27.76 -47.37
CA PHE D 77 -4.27 28.71 -47.36
C PHE D 77 -4.38 29.68 -46.17
N ALA D 78 -5.60 30.11 -45.87
CA ALA D 78 -5.85 31.05 -44.74
C ALA D 78 -5.71 30.33 -43.42
N ALA D 79 -6.12 29.07 -43.40
CA ALA D 79 -5.96 28.19 -42.22
C ALA D 79 -4.48 27.90 -41.97
N ASP D 80 -3.74 27.77 -43.07
CA ASP D 80 -2.28 27.55 -43.00
C ASP D 80 -1.64 28.76 -42.31
N LEU D 81 -2.01 29.94 -42.79
CA LEU D 81 -1.54 31.22 -42.25
C LEU D 81 -1.90 31.35 -40.76
N ASN D 82 -3.14 30.97 -40.45
CA ASN D 82 -3.62 30.99 -39.06
C ASN D 82 -2.69 30.19 -38.14
N THR D 83 -2.34 28.99 -38.60
CA THR D 83 -1.47 28.09 -37.84
C THR D 83 -0.11 28.73 -37.57
N VAL D 84 0.40 29.45 -38.57
CA VAL D 84 1.69 30.14 -38.46
C VAL D 84 1.61 31.22 -37.36
N LEU D 85 0.57 32.04 -37.45
CA LEU D 85 0.35 33.18 -36.53
C LEU D 85 0.16 32.72 -35.08
N GLU D 86 -0.63 31.67 -34.92
CA GLU D 86 -0.87 31.05 -33.62
C GLU D 86 0.37 30.34 -33.09
N THR D 87 1.11 29.68 -33.98
CA THR D 87 2.32 28.94 -33.59
C THR D 87 3.37 29.89 -33.02
N LEU D 88 3.52 31.04 -33.66
CA LEU D 88 4.49 32.05 -33.25
C LEU D 88 3.96 33.06 -32.21
N ASP D 89 2.66 32.96 -31.92
CA ASP D 89 1.94 33.86 -30.98
C ASP D 89 2.14 35.33 -31.35
N LEU D 90 1.94 35.60 -32.63
CA LEU D 90 2.13 36.94 -33.16
C LEU D 90 1.01 37.86 -32.71
N GLN D 91 1.46 38.99 -32.20
CA GLN D 91 0.64 40.04 -31.66
C GLN D 91 0.91 41.32 -32.41
N ASP D 92 -0.14 42.05 -32.79
CA ASP D 92 0.01 43.40 -33.36
C ASP D 92 0.77 43.37 -34.70
N ALA D 93 0.46 42.33 -35.48
CA ALA D 93 1.19 41.99 -36.69
C ALA D 93 0.68 42.75 -37.90
N VAL D 94 1.58 42.99 -38.83
CA VAL D 94 1.23 43.54 -40.15
C VAL D 94 1.26 42.39 -41.14
N LEU D 95 0.19 42.25 -41.92
CA LEU D 95 0.11 41.24 -42.99
C LEU D 95 0.28 41.91 -44.36
N VAL D 96 1.30 41.50 -45.07
CA VAL D 96 1.60 42.03 -46.41
C VAL D 96 1.54 40.86 -47.39
N GLY D 97 0.64 40.97 -48.37
CA GLY D 97 0.48 39.97 -49.43
C GLY D 97 0.86 40.56 -50.78
N PHE D 98 1.47 39.74 -51.62
CA PHE D 98 1.77 40.09 -53.02
C PHE D 98 1.07 39.10 -53.92
N SER D 99 0.30 39.61 -54.87
CA SER D 99 -0.40 38.78 -55.86
C SER D 99 -1.27 37.72 -55.14
N MET D 100 -0.98 36.44 -55.36
CA MET D 100 -1.69 35.34 -54.66
C MET D 100 -1.84 35.58 -53.16
N GLY D 101 -0.76 36.07 -52.57
CA GLY D 101 -0.69 36.39 -51.13
C GLY D 101 -1.77 37.35 -50.64
N THR D 102 -2.24 38.20 -51.53
CA THR D 102 -3.32 39.15 -51.18
C THR D 102 -4.66 38.41 -50.90
N GLY D 103 -4.78 37.21 -51.45
CA GLY D 103 -5.93 36.32 -51.20
C GLY D 103 -5.96 35.81 -49.76
N GLU D 104 -4.78 35.41 -49.27
CA GLU D 104 -4.60 35.01 -47.84
C GLU D 104 -5.02 36.12 -46.89
N VAL D 105 -4.47 37.30 -47.15
CA VAL D 105 -4.71 38.49 -46.31
C VAL D 105 -6.22 38.74 -46.14
N ALA D 106 -6.95 38.80 -47.26
CA ALA D 106 -8.42 39.06 -47.26
C ALA D 106 -9.23 37.98 -46.56
N ARG D 107 -8.95 36.74 -46.94
CA ARG D 107 -9.66 35.57 -46.40
C ARG D 107 -9.37 35.33 -44.91
N TYR D 108 -8.13 35.51 -44.48
CA TYR D 108 -7.79 35.38 -43.05
C TYR D 108 -8.52 36.44 -42.18
N VAL D 109 -8.36 37.70 -42.59
CA VAL D 109 -8.99 38.84 -41.92
C VAL D 109 -10.50 38.62 -41.80
N SER D 110 -11.08 38.25 -42.93
CA SER D 110 -12.52 38.00 -43.07
C SER D 110 -13.03 36.90 -42.12
N SER D 111 -12.38 35.74 -42.15
CA SER D 111 -12.81 34.56 -41.35
C SER D 111 -12.37 34.59 -39.90
N TYR D 112 -11.10 34.87 -39.69
CA TYR D 112 -10.48 34.81 -38.36
C TYR D 112 -10.46 36.12 -37.58
N GLY D 113 -10.73 37.22 -38.26
CA GLY D 113 -10.76 38.52 -37.61
C GLY D 113 -9.38 39.11 -37.37
N THR D 114 -9.37 40.30 -36.80
CA THR D 114 -8.15 41.15 -36.73
C THR D 114 -7.57 41.32 -35.30
N ALA D 115 -7.78 40.33 -34.44
CA ALA D 115 -7.27 40.39 -33.04
C ALA D 115 -5.74 40.51 -32.91
N ARG D 116 -5.02 39.78 -33.76
CA ARG D 116 -3.54 39.79 -33.76
C ARG D 116 -2.94 40.81 -34.72
N ILE D 117 -3.82 41.44 -35.51
CA ILE D 117 -3.48 42.20 -36.72
C ILE D 117 -3.62 43.73 -36.53
N ALA D 118 -2.50 44.43 -36.74
CA ALA D 118 -2.49 45.91 -36.64
C ALA D 118 -2.82 46.63 -37.96
N ALA D 119 -2.27 46.12 -39.06
CA ALA D 119 -2.52 46.68 -40.40
C ALA D 119 -2.29 45.64 -41.48
N VAL D 120 -2.84 45.93 -42.65
CA VAL D 120 -2.73 45.06 -43.83
C VAL D 120 -2.28 45.86 -45.05
N ALA D 121 -1.67 45.15 -45.98
CA ALA D 121 -1.19 45.76 -47.21
C ALA D 121 -1.42 44.77 -48.31
N PHE D 122 -1.86 45.29 -49.45
CA PHE D 122 -2.18 44.51 -50.64
C PHE D 122 -1.36 45.05 -51.81
N LEU D 123 -0.47 44.22 -52.32
CA LEU D 123 0.41 44.59 -53.43
C LEU D 123 0.09 43.71 -54.63
N ALA D 124 -0.16 44.32 -55.79
CA ALA D 124 -0.51 43.56 -57.01
C ALA D 124 -1.60 42.53 -56.71
N SER D 125 -2.73 43.07 -56.23
CA SER D 125 -3.90 42.31 -55.72
C SER D 125 -4.76 41.56 -56.73
N LEU D 126 -5.30 40.42 -56.28
CA LEU D 126 -6.32 39.62 -57.01
C LEU D 126 -7.70 40.28 -56.92
N GLU D 127 -7.91 40.93 -55.78
CA GLU D 127 -9.20 41.50 -55.38
C GLU D 127 -9.82 42.42 -56.44
N PRO D 128 -11.15 42.44 -56.53
CA PRO D 128 -12.10 41.75 -55.63
C PRO D 128 -12.61 40.37 -56.12
N PHE D 129 -12.51 40.15 -57.42
CA PHE D 129 -13.03 38.94 -58.07
C PHE D 129 -12.61 39.00 -59.54
N LEU D 130 -11.60 38.21 -59.88
CA LEU D 130 -11.05 38.17 -61.25
C LEU D 130 -11.96 37.56 -62.30
N LEU D 131 -12.91 36.74 -61.89
CA LEU D 131 -13.75 36.04 -62.85
C LEU D 131 -14.80 36.99 -63.44
N LYS D 132 -14.81 37.03 -64.76
CA LYS D 132 -15.73 37.87 -65.52
C LYS D 132 -17.04 37.16 -65.69
N THR D 133 -18.07 37.66 -65.02
CA THR D 133 -19.37 37.04 -65.12
C THR D 133 -20.42 38.11 -65.40
N ASP D 134 -21.68 37.72 -65.31
CA ASP D 134 -22.82 38.62 -65.56
C ASP D 134 -22.92 39.54 -64.37
N ASP D 135 -22.79 38.92 -63.20
CA ASP D 135 -22.89 39.66 -61.94
C ASP D 135 -21.53 40.31 -61.61
N ASN D 136 -20.48 39.82 -62.26
CA ASN D 136 -19.14 40.43 -62.15
C ASN D 136 -18.59 40.85 -63.53
N PRO D 137 -19.08 42.02 -64.00
CA PRO D 137 -18.72 42.68 -65.27
C PRO D 137 -17.28 43.19 -65.36
N ASP D 138 -16.74 43.63 -64.21
CA ASP D 138 -15.37 44.18 -64.09
C ASP D 138 -14.28 43.13 -64.02
N GLY D 139 -14.74 41.89 -63.90
CA GLY D 139 -13.88 40.72 -63.95
C GLY D 139 -12.90 40.87 -65.10
N ALA D 140 -11.70 40.37 -64.87
CA ALA D 140 -10.59 40.49 -65.83
C ALA D 140 -10.64 39.49 -67.00
N ALA D 141 -11.17 38.29 -66.75
CA ALA D 141 -11.25 37.26 -67.82
C ALA D 141 -12.37 36.24 -67.64
N PRO D 142 -12.78 35.59 -68.74
CA PRO D 142 -13.77 34.55 -68.62
C PRO D 142 -13.12 33.26 -68.12
N GLN D 143 -13.97 32.40 -67.60
CA GLN D 143 -13.59 31.10 -67.02
C GLN D 143 -12.68 30.26 -67.94
N GLU D 144 -13.00 30.32 -69.22
CA GLU D 144 -12.30 29.59 -70.30
C GLU D 144 -10.83 29.96 -70.40
N PHE D 145 -10.57 31.19 -70.00
CA PHE D 145 -9.20 31.76 -69.97
C PHE D 145 -8.30 31.11 -68.91
N PHE D 146 -8.88 30.86 -67.74
CA PHE D 146 -8.18 30.23 -66.61
C PHE D 146 -7.96 28.75 -66.84
N ASP D 147 -9.00 28.14 -67.40
CA ASP D 147 -8.98 26.74 -67.86
C ASP D 147 -7.80 26.52 -68.78
N GLY D 148 -7.48 27.57 -69.52
CA GLY D 148 -6.37 27.60 -70.47
C GLY D 148 -5.00 27.53 -69.83
N ILE D 149 -4.81 28.34 -68.80
CA ILE D 149 -3.56 28.39 -68.02
C ILE D 149 -3.29 27.02 -67.38
N VAL D 150 -4.33 26.46 -66.77
CA VAL D 150 -4.20 25.15 -66.13
C VAL D 150 -3.66 24.16 -67.18
N ALA D 151 -4.31 24.15 -68.35
CA ALA D 151 -3.95 23.26 -69.47
C ALA D 151 -2.50 23.46 -69.93
N ALA D 152 -2.09 24.72 -69.91
CA ALA D 152 -0.73 25.11 -70.32
C ALA D 152 0.32 24.64 -69.32
N VAL D 153 0.04 24.83 -68.05
CA VAL D 153 0.97 24.37 -67.00
C VAL D 153 1.11 22.84 -67.04
N LYS D 154 -0.01 22.14 -67.15
CA LYS D 154 0.00 20.64 -67.21
C LYS D 154 0.79 20.12 -68.42
N ALA D 155 0.77 20.89 -69.50
CA ALA D 155 1.45 20.52 -70.75
C ALA D 155 2.99 20.54 -70.64
N ASP D 156 3.50 21.58 -70.01
CA ASP D 156 4.96 21.78 -69.76
C ASP D 156 5.09 23.00 -68.87
N ARG D 157 5.14 22.77 -67.56
CA ARG D 157 5.23 23.87 -66.60
C ARG D 157 6.54 24.63 -66.77
N TYR D 158 7.59 23.89 -67.12
CA TYR D 158 8.97 24.44 -67.25
C TYR D 158 9.08 25.52 -68.31
N ALA D 159 8.61 25.14 -69.49
CA ALA D 159 8.44 26.04 -70.63
C ALA D 159 7.47 27.16 -70.29
N PHE D 160 6.39 26.78 -69.60
CA PHE D 160 5.36 27.75 -69.20
C PHE D 160 5.95 28.90 -68.36
N TYR D 161 6.82 28.55 -67.41
CA TYR D 161 7.40 29.57 -66.51
C TYR D 161 8.10 30.66 -67.31
N THR D 162 8.73 30.25 -68.40
CA THR D 162 9.47 31.18 -69.26
C THR D 162 8.60 32.33 -69.80
N GLY D 163 7.48 31.98 -70.44
CA GLY D 163 6.57 33.00 -70.99
C GLY D 163 5.87 33.79 -69.91
N PHE D 164 5.63 33.11 -68.78
CA PHE D 164 4.99 33.72 -67.60
C PHE D 164 5.85 34.85 -67.01
N PHE D 165 7.15 34.61 -66.87
CA PHE D 165 8.06 35.63 -66.26
C PHE D 165 8.33 36.80 -67.19
N ASN D 166 8.15 36.53 -68.46
CA ASN D 166 8.14 37.54 -69.50
C ASN D 166 7.17 38.69 -69.26
N ASP D 167 5.93 38.30 -69.02
CA ASP D 167 4.83 39.23 -68.74
C ASP D 167 4.78 39.62 -67.28
N PHE D 168 5.23 38.69 -66.43
CA PHE D 168 5.33 38.90 -64.99
C PHE D 168 6.26 40.11 -64.77
N TYR D 169 7.38 40.11 -65.47
CA TYR D 169 8.36 41.19 -65.35
C TYR D 169 8.37 42.28 -66.44
N ASN D 170 7.54 42.15 -67.47
CA ASN D 170 7.61 43.06 -68.64
C ASN D 170 9.06 43.05 -69.16
N LEU D 171 9.58 41.85 -69.39
CA LEU D 171 10.99 41.72 -69.76
C LEU D 171 11.34 42.47 -71.04
N ASP D 172 10.40 42.55 -71.97
CA ASP D 172 10.59 43.34 -73.19
C ASP D 172 10.95 44.82 -72.88
N GLU D 173 10.46 45.32 -71.75
CA GLU D 173 10.82 46.69 -71.25
C GLU D 173 12.02 46.69 -70.30
N ASN D 174 11.95 45.80 -69.30
CA ASN D 174 12.81 45.85 -68.08
C ASN D 174 14.12 45.07 -68.02
N LEU D 175 14.29 44.13 -68.93
CA LEU D 175 15.49 43.27 -68.96
C LEU D 175 16.73 44.10 -69.32
N GLY D 176 17.76 43.96 -68.49
CA GLY D 176 19.04 44.68 -68.65
C GLY D 176 19.02 46.10 -68.12
N THR D 177 17.90 46.43 -67.46
CA THR D 177 17.53 47.79 -67.04
C THR D 177 17.17 47.74 -65.54
N ARG D 178 15.91 47.37 -65.30
CA ARG D 178 15.35 47.11 -63.96
C ARG D 178 15.69 45.72 -63.42
N ILE D 179 15.58 44.72 -64.29
CA ILE D 179 15.89 43.33 -63.89
C ILE D 179 17.00 42.71 -64.76
N SER D 180 17.93 42.05 -64.08
CA SER D 180 19.00 41.31 -64.76
C SER D 180 18.53 39.95 -65.24
N GLU D 181 19.27 39.40 -66.18
CA GLU D 181 19.02 38.06 -66.72
C GLU D 181 19.22 37.00 -65.64
N GLU D 182 20.17 37.27 -64.76
CA GLU D 182 20.49 36.39 -63.62
C GLU D 182 19.36 36.35 -62.57
N ALA D 183 18.82 37.53 -62.27
CA ALA D 183 17.66 37.65 -61.36
C ALA D 183 16.47 36.85 -61.90
N VAL D 184 16.21 36.96 -63.20
CA VAL D 184 15.16 36.17 -63.88
C VAL D 184 15.45 34.66 -63.81
N ARG D 185 16.73 34.31 -63.94
CA ARG D 185 17.15 32.91 -63.91
C ARG D 185 16.82 32.28 -62.55
N ASN D 186 17.10 33.05 -61.51
CA ASN D 186 16.80 32.67 -60.13
C ASN D 186 15.31 32.39 -59.92
N SER D 187 14.49 33.29 -60.46
CA SER D 187 13.02 33.14 -60.41
C SER D 187 12.52 31.86 -61.06
N TRP D 188 13.06 31.55 -62.24
CA TRP D 188 12.68 30.32 -62.96
C TRP D 188 13.08 29.09 -62.13
N ASN D 189 14.30 29.12 -61.63
CA ASN D 189 14.80 28.03 -60.75
C ASN D 189 13.88 27.82 -59.55
N THR D 190 13.46 28.91 -58.91
CA THR D 190 12.54 28.86 -57.75
C THR D 190 11.21 28.18 -58.10
N ALA D 191 10.66 28.59 -59.24
CA ALA D 191 9.39 28.05 -59.76
C ALA D 191 9.50 26.56 -60.10
N ALA D 192 10.55 26.21 -60.84
CA ALA D 192 10.83 24.80 -61.24
C ALA D 192 10.94 23.88 -60.03
N SER D 193 11.31 24.48 -58.91
CA SER D 193 11.47 23.80 -57.60
C SER D 193 10.18 23.56 -56.80
N GLY D 194 9.11 24.29 -57.14
CA GLY D 194 7.78 24.06 -56.55
C GLY D 194 7.22 22.75 -57.04
N GLY D 195 6.19 22.26 -56.37
CA GLY D 195 5.57 20.96 -56.71
C GLY D 195 4.81 20.98 -58.02
N PHE D 196 4.92 19.89 -58.78
CA PHE D 196 4.22 19.79 -60.08
C PHE D 196 2.70 19.99 -59.91
N PHE D 197 2.16 19.39 -58.86
CA PHE D 197 0.71 19.39 -58.69
C PHE D 197 0.22 20.79 -58.32
N ALA D 198 0.94 21.43 -57.40
CA ALA D 198 0.64 22.80 -56.92
C ALA D 198 0.64 23.84 -58.05
N ALA D 199 1.56 23.64 -58.98
CA ALA D 199 1.74 24.51 -60.15
C ALA D 199 0.46 24.59 -61.00
N ALA D 200 -0.11 23.43 -61.28
CA ALA D 200 -1.35 23.31 -62.08
C ALA D 200 -2.62 23.63 -61.28
N ALA D 201 -2.59 23.32 -59.99
CA ALA D 201 -3.73 23.58 -59.06
C ALA D 201 -3.86 25.06 -58.66
N ALA D 202 -2.74 25.77 -58.60
CA ALA D 202 -2.73 27.18 -58.14
C ALA D 202 -3.65 28.11 -58.95
N PRO D 203 -3.55 28.09 -60.29
CA PRO D 203 -4.35 28.96 -61.15
C PRO D 203 -5.89 28.82 -60.97
N THR D 204 -6.35 27.68 -60.48
CA THR D 204 -7.77 27.51 -60.17
C THR D 204 -8.21 28.37 -58.95
N THR D 205 -7.27 28.71 -58.07
CA THR D 205 -7.61 29.52 -56.89
C THR D 205 -7.70 31.03 -57.22
N TRP D 206 -7.15 31.43 -58.36
CA TRP D 206 -7.02 32.87 -58.75
C TRP D 206 -8.34 33.66 -58.94
N TYR D 207 -9.39 32.99 -59.38
CA TYR D 207 -10.74 33.62 -59.53
C TYR D 207 -11.67 33.34 -58.35
N THR D 208 -11.07 33.24 -57.17
CA THR D 208 -11.80 33.19 -55.90
C THR D 208 -12.50 34.54 -55.73
N ASP D 209 -13.74 34.49 -55.29
CA ASP D 209 -14.54 35.71 -55.09
C ASP D 209 -14.28 36.27 -53.69
N PHE D 210 -13.53 37.36 -53.64
CA PHE D 210 -13.16 37.99 -52.37
C PHE D 210 -14.09 39.16 -51.99
N ARG D 211 -15.20 39.26 -52.71
CA ARG D 211 -16.11 40.42 -52.56
C ARG D 211 -16.74 40.56 -51.17
N ALA D 212 -17.02 39.43 -50.52
CA ALA D 212 -17.62 39.41 -49.16
C ALA D 212 -16.58 39.47 -48.02
N ASP D 213 -15.32 39.33 -48.39
CA ASP D 213 -14.19 39.44 -47.46
C ASP D 213 -13.85 40.89 -47.17
N ILE D 214 -13.96 41.72 -48.21
CA ILE D 214 -13.56 43.14 -48.17
C ILE D 214 -14.23 44.03 -47.07
N PRO D 215 -15.53 43.88 -46.83
CA PRO D 215 -16.22 44.65 -45.77
C PRO D 215 -15.75 44.32 -44.35
N ARG D 216 -15.12 43.18 -44.24
CA ARG D 216 -14.54 42.68 -43.00
C ARG D 216 -13.27 43.39 -42.62
N ILE D 217 -12.60 43.96 -43.61
CA ILE D 217 -11.32 44.60 -43.38
C ILE D 217 -11.59 45.80 -42.48
N ASP D 218 -11.01 45.58 -41.31
CA ASP D 218 -11.25 46.26 -40.03
C ASP D 218 -10.23 47.36 -39.68
N VAL D 219 -9.01 47.05 -40.10
CA VAL D 219 -7.78 47.75 -39.73
C VAL D 219 -7.27 48.59 -40.90
N PRO D 220 -6.35 49.54 -40.64
CA PRO D 220 -5.79 50.34 -41.73
C PRO D 220 -5.17 49.47 -42.81
N ALA D 221 -5.47 49.83 -44.05
CA ALA D 221 -5.01 49.09 -45.21
C ALA D 221 -4.30 49.96 -46.24
N LEU D 222 -3.38 49.31 -46.95
CA LEU D 222 -2.69 49.92 -48.07
C LEU D 222 -2.97 49.05 -49.30
N ILE D 223 -3.32 49.71 -50.41
CA ILE D 223 -3.47 49.06 -51.74
C ILE D 223 -2.41 49.66 -52.67
N LEU D 224 -1.63 48.79 -53.29
CA LEU D 224 -0.53 49.20 -54.14
C LEU D 224 -0.47 48.36 -55.41
N HIS D 225 -0.45 49.02 -56.55
CA HIS D 225 -0.46 48.35 -57.85
C HIS D 225 0.42 49.08 -58.87
N GLY D 226 0.98 48.29 -59.78
CA GLY D 226 1.78 48.81 -60.89
C GLY D 226 0.86 49.11 -62.06
N THR D 227 0.97 50.29 -62.65
CA THR D 227 0.03 50.62 -63.75
C THR D 227 0.34 49.83 -65.03
N GLY D 228 1.59 49.37 -65.18
CA GLY D 228 2.00 48.49 -66.31
C GLY D 228 1.85 46.99 -66.06
N ASP D 229 0.98 46.64 -65.11
CA ASP D 229 0.72 45.24 -64.75
C ASP D 229 -0.03 44.51 -65.87
N ARG D 230 0.69 43.60 -66.52
CA ARG D 230 0.15 42.73 -67.60
C ARG D 230 -0.51 41.45 -67.06
N THR D 231 -0.14 41.10 -65.83
CA THR D 231 -0.59 39.84 -65.22
C THR D 231 -1.96 40.08 -64.54
N LEU D 232 -2.03 41.12 -63.70
CA LEU D 232 -3.28 41.58 -63.06
C LEU D 232 -3.63 43.02 -63.45
N PRO D 233 -4.38 43.18 -64.56
CA PRO D 233 -4.78 44.48 -65.07
C PRO D 233 -5.28 45.38 -63.94
N ILE D 234 -4.59 46.51 -63.73
CA ILE D 234 -4.91 47.46 -62.62
C ILE D 234 -6.41 47.88 -62.62
N GLU D 235 -6.98 47.93 -63.82
CA GLU D 235 -8.41 48.30 -64.05
C GLU D 235 -9.48 47.29 -63.58
N ASN D 236 -9.11 46.02 -63.51
CA ASN D 236 -10.04 44.92 -63.07
C ASN D 236 -9.80 44.46 -61.64
N THR D 237 -8.75 45.02 -61.07
CA THR D 237 -8.24 44.65 -59.75
C THR D 237 -8.16 45.89 -58.83
N ALA D 238 -6.95 46.42 -58.65
CA ALA D 238 -6.68 47.54 -57.71
C ALA D 238 -7.71 48.67 -57.77
N ARG D 239 -8.06 49.09 -58.98
CA ARG D 239 -8.97 50.23 -59.15
C ARG D 239 -10.40 49.98 -58.71
N VAL D 240 -10.92 48.78 -58.95
CA VAL D 240 -12.28 48.44 -58.51
C VAL D 240 -12.26 48.02 -57.01
N PHE D 241 -11.12 47.51 -56.57
CA PHE D 241 -10.85 47.14 -55.15
C PHE D 241 -10.90 48.38 -54.23
N HIS D 242 -10.30 49.47 -54.70
CA HIS D 242 -10.28 50.73 -53.92
C HIS D 242 -11.67 51.35 -53.81
N LYS D 243 -12.50 51.12 -54.82
CA LYS D 243 -13.91 51.54 -54.77
C LYS D 243 -14.63 50.80 -53.65
N ALA D 244 -14.26 49.53 -53.51
CA ALA D 244 -14.89 48.63 -52.50
C ALA D 244 -14.35 48.90 -51.09
N LEU D 245 -13.16 49.48 -51.05
CA LEU D 245 -12.46 49.87 -49.81
C LEU D 245 -11.83 51.28 -49.99
N PRO D 246 -12.68 52.34 -50.02
CA PRO D 246 -12.30 53.76 -50.23
C PRO D 246 -11.31 54.26 -49.19
N SER D 247 -11.49 53.67 -48.02
CA SER D 247 -10.73 53.95 -46.81
C SER D 247 -9.25 53.58 -46.96
N ALA D 248 -8.99 52.56 -47.76
CA ALA D 248 -7.62 52.12 -48.05
C ALA D 248 -6.79 53.27 -48.58
N GLU D 249 -5.56 53.32 -48.07
CA GLU D 249 -4.52 54.17 -48.61
C GLU D 249 -4.16 53.53 -49.95
N TYR D 250 -3.95 54.33 -50.98
CA TYR D 250 -3.87 53.80 -52.35
C TYR D 250 -2.75 54.42 -53.18
N VAL D 251 -1.90 53.55 -53.70
CA VAL D 251 -0.68 53.94 -54.40
C VAL D 251 -0.57 53.24 -55.76
N GLU D 252 -0.51 54.03 -56.83
CA GLU D 252 -0.23 53.52 -58.17
C GLU D 252 1.23 53.70 -58.50
N VAL D 253 1.88 52.61 -58.92
CA VAL D 253 3.27 52.68 -59.39
C VAL D 253 3.27 52.76 -60.93
N GLU D 254 3.67 53.94 -61.36
CA GLU D 254 3.65 54.35 -62.76
C GLU D 254 4.51 53.44 -63.62
N GLY D 255 3.84 52.69 -64.49
CA GLY D 255 4.51 51.80 -65.46
C GLY D 255 5.21 50.59 -64.87
N ALA D 256 4.87 50.29 -63.62
CA ALA D 256 5.44 49.15 -62.91
C ALA D 256 4.74 47.90 -63.38
N PRO D 257 5.47 46.80 -63.57
CA PRO D 257 4.87 45.54 -63.97
C PRO D 257 4.27 44.78 -62.78
N HIS D 258 3.88 43.53 -62.99
CA HIS D 258 3.39 42.67 -61.89
C HIS D 258 4.48 42.41 -60.85
N GLY D 259 5.67 42.12 -61.37
CA GLY D 259 6.86 41.79 -60.56
C GLY D 259 7.59 43.03 -60.05
N LEU D 260 6.79 43.96 -59.55
CA LEU D 260 7.24 45.29 -59.08
C LEU D 260 8.11 45.23 -57.81
N LEU D 261 8.06 44.11 -57.10
CA LEU D 261 8.89 43.91 -55.87
C LEU D 261 10.39 44.04 -56.17
N TRP D 262 10.79 43.54 -57.34
CA TRP D 262 12.19 43.64 -57.80
C TRP D 262 12.43 44.89 -58.66
N THR D 263 11.72 44.99 -59.78
CA THR D 263 11.90 46.10 -60.78
C THR D 263 11.76 47.52 -60.16
N HIS D 264 10.83 47.65 -59.21
CA HIS D 264 10.51 48.91 -58.52
C HIS D 264 10.59 48.79 -57.00
N ALA D 265 11.52 47.97 -56.54
CA ALA D 265 11.71 47.73 -55.09
C ALA D 265 11.66 49.03 -54.30
N GLU D 266 12.29 50.05 -54.85
CA GLU D 266 12.38 51.41 -54.24
C GLU D 266 11.09 52.11 -53.89
N GLU D 267 10.30 52.22 -54.94
CA GLU D 267 9.02 52.86 -54.91
C GLU D 267 8.16 52.01 -53.99
N VAL D 268 8.38 50.70 -54.07
CA VAL D 268 7.66 49.73 -53.22
C VAL D 268 8.01 49.90 -51.73
N ASN D 269 9.30 49.86 -51.44
CA ASN D 269 9.81 49.97 -50.06
C ASN D 269 9.46 51.30 -49.41
N THR D 270 9.59 52.37 -50.19
CA THR D 270 9.29 53.73 -49.70
C THR D 270 7.81 53.90 -49.29
N ALA D 271 6.88 53.43 -50.11
CA ALA D 271 5.43 53.48 -49.78
C ALA D 271 5.12 52.61 -48.54
N LEU D 272 5.67 51.41 -48.57
CA LEU D 272 5.52 50.41 -47.50
C LEU D 272 6.04 50.93 -46.16
N LEU D 273 7.26 51.45 -46.19
CA LEU D 273 7.93 52.00 -44.99
C LEU D 273 7.21 53.20 -44.37
N ALA D 274 6.71 54.09 -45.21
CA ALA D 274 5.96 55.27 -44.74
C ALA D 274 4.63 54.83 -44.10
N PHE D 275 3.92 53.93 -44.76
CA PHE D 275 2.67 53.36 -44.23
C PHE D 275 2.93 52.63 -42.90
N LEU D 276 3.99 51.84 -42.91
CA LEU D 276 4.44 51.08 -41.72
C LEU D 276 4.69 52.05 -40.55
N ALA D 277 5.39 53.12 -40.89
CA ALA D 277 5.76 54.15 -39.90
C ALA D 277 4.53 54.85 -39.34
N LYS D 278 3.63 55.22 -40.26
CA LYS D 278 2.49 56.06 -39.96
C LYS D 278 1.54 55.29 -39.09
N ALA D 279 1.35 53.99 -39.34
CA ALA D 279 0.28 53.25 -38.62
C ALA D 279 0.53 53.17 -37.12
N GLN D 280 1.79 52.88 -36.80
CA GLN D 280 2.22 52.74 -35.41
C GLN D 280 2.08 54.07 -34.67
N GLU D 281 2.47 55.15 -35.35
CA GLU D 281 2.40 56.50 -34.78
C GLU D 281 0.97 56.89 -34.49
N ALA D 282 0.09 56.63 -35.44
CA ALA D 282 -1.30 57.07 -35.34
C ALA D 282 -1.97 56.39 -34.17
N GLN D 283 -1.76 55.08 -34.12
CA GLN D 283 -2.35 54.25 -33.10
C GLN D 283 -1.59 54.60 -31.84
N LYS D 284 -0.29 54.83 -31.99
CA LYS D 284 0.57 55.19 -30.87
C LYS D 284 0.11 56.52 -30.26
N GLN D 285 -0.19 57.48 -31.13
CA GLN D 285 -0.69 58.78 -30.71
C GLN D 285 -1.99 58.65 -29.90
N LYS D 286 -2.89 57.82 -30.43
CA LYS D 286 -4.17 57.58 -29.75
C LYS D 286 -3.96 56.99 -28.35
N LEU D 287 -3.07 56.00 -28.31
CA LEU D 287 -2.72 55.29 -27.08
C LEU D 287 -2.09 56.27 -26.07
N LEU D 288 -1.23 57.15 -26.57
CA LEU D 288 -0.54 58.14 -25.73
C LEU D 288 -1.53 59.09 -25.10
N THR D 289 -2.52 59.48 -25.90
CA THR D 289 -3.52 60.43 -25.41
C THR D 289 -4.41 59.77 -24.34
N GLU D 290 -4.71 58.49 -24.52
CA GLU D 290 -5.46 57.73 -23.48
C GLU D 290 -4.67 57.63 -22.15
N VAL D 291 -3.40 57.31 -22.32
CA VAL D 291 -2.43 57.09 -21.21
C VAL D 291 -2.12 58.35 -20.40
N GLU D 292 -2.00 59.45 -21.13
CA GLU D 292 -1.67 60.76 -20.51
C GLU D 292 -2.61 61.15 -19.36
N THR D 293 -3.90 60.93 -19.54
CA THR D 293 -4.88 61.31 -18.49
C THR D 293 -4.67 60.48 -17.21
N TYR D 294 -4.45 59.18 -17.39
CA TYR D 294 -4.18 58.29 -16.26
C TYR D 294 -2.89 58.69 -15.56
N VAL D 295 -1.87 58.95 -16.36
CA VAL D 295 -0.54 59.33 -15.84
C VAL D 295 -0.64 60.64 -15.04
N LEU D 296 -1.35 61.61 -15.61
CA LEU D 296 -1.51 62.94 -14.97
C LEU D 296 -2.34 62.90 -13.68
N SER D 297 -3.26 61.94 -13.59
CA SER D 297 -4.15 61.80 -12.41
C SER D 297 -3.39 61.56 -11.08
N ILE D 298 -2.14 61.08 -11.20
CA ILE D 298 -1.30 60.84 -10.02
C ILE D 298 -0.49 62.04 -9.56
N ILE D 299 -0.35 63.03 -10.44
CA ILE D 299 0.49 64.21 -10.16
C ILE D 299 -0.32 65.34 -9.50
N PRO D 300 0.23 65.92 -8.41
CA PRO D 300 -0.50 67.04 -7.80
C PRO D 300 -0.57 68.23 -8.74
N SER D 301 -1.69 68.94 -8.68
CA SER D 301 -1.92 70.08 -9.54
C SER D 301 -0.92 71.20 -9.26
N GLY D 302 -0.46 71.85 -10.33
CA GLY D 302 0.53 72.92 -10.22
C GLY D 302 1.33 73.10 -11.51
N PRO D 303 2.35 73.98 -11.48
CA PRO D 303 3.19 74.27 -12.65
C PRO D 303 4.04 73.10 -13.10
N LEU D 304 4.45 72.27 -12.15
CA LEU D 304 5.23 71.07 -12.45
C LEU D 304 4.38 70.10 -13.28
N LYS D 305 3.13 69.94 -12.86
CA LYS D 305 2.17 69.09 -13.57
C LYS D 305 2.00 69.59 -15.01
N ALA D 306 2.14 70.90 -15.17
CA ALA D 306 2.07 71.53 -16.49
C ALA D 306 3.27 71.14 -17.36
N GLU D 307 4.45 71.23 -16.77
CA GLU D 307 5.70 70.85 -17.47
C GLU D 307 5.68 69.40 -17.92
N ILE D 308 5.30 68.52 -17.00
CA ILE D 308 5.21 67.07 -17.27
C ILE D 308 4.25 66.77 -18.42
N ALA D 309 3.06 67.33 -18.33
CA ALA D 309 2.02 67.17 -19.38
C ALA D 309 2.55 67.57 -20.76
N GLN D 310 3.22 68.72 -20.79
CA GLN D 310 3.84 69.23 -22.01
C GLN D 310 4.89 68.27 -22.57
N ARG D 311 5.72 67.73 -21.68
CA ARG D 311 6.76 66.76 -22.04
C ARG D 311 6.17 65.47 -22.58
N LEU D 312 5.14 64.98 -21.89
CA LEU D 312 4.39 63.79 -22.34
C LEU D 312 3.89 64.01 -23.76
N GLU D 313 3.17 65.09 -23.93
CA GLU D 313 2.59 65.46 -25.24
C GLU D 313 3.64 65.53 -26.35
N ASP D 314 4.79 66.12 -26.03
CA ASP D 314 5.89 66.26 -27.00
C ASP D 314 6.51 64.92 -27.40
N VAL D 315 6.71 64.04 -26.43
CA VAL D 315 7.26 62.70 -26.74
C VAL D 315 6.22 61.91 -27.50
N PHE D 316 4.96 62.06 -27.09
CA PHE D 316 3.84 61.36 -27.74
C PHE D 316 3.65 61.78 -29.19
N ALA D 317 3.86 63.07 -29.43
CA ALA D 317 3.76 63.66 -30.77
C ALA D 317 5.00 63.34 -31.61
N GLY D 318 5.93 62.62 -31.00
CA GLY D 318 7.08 62.06 -31.70
C GLY D 318 8.33 62.92 -31.75
N LYS D 319 8.32 64.06 -31.06
CA LYS D 319 9.56 64.83 -30.95
C LYS D 319 10.54 63.90 -30.19
N ASN D 320 11.54 63.37 -30.91
CA ASN D 320 12.50 62.44 -30.28
C ASN D 320 13.25 63.28 -29.27
N THR D 321 13.13 62.88 -28.01
CA THR D 321 13.73 63.60 -26.94
C THR D 321 14.96 62.82 -26.47
N ASP D 322 15.89 63.62 -26.02
CA ASP D 322 17.03 63.08 -25.32
C ASP D 322 16.57 62.48 -23.99
N LEU D 323 16.38 61.18 -23.99
CA LEU D 323 15.90 60.44 -22.81
C LEU D 323 16.78 60.74 -21.58
N GLU D 324 18.10 60.82 -21.82
CA GLU D 324 19.06 61.06 -20.72
C GLU D 324 18.75 62.36 -20.00
N VAL D 325 18.44 63.38 -20.79
CA VAL D 325 18.13 64.72 -20.28
C VAL D 325 16.80 64.68 -19.56
N LEU D 326 15.83 64.01 -20.18
CA LEU D 326 14.48 63.81 -19.60
C LEU D 326 14.52 63.16 -18.23
N MET D 327 15.25 62.05 -18.16
CA MET D 327 15.35 61.24 -16.93
C MET D 327 16.05 61.98 -15.78
N GLU D 328 17.06 62.77 -16.12
CA GLU D 328 17.78 63.58 -15.13
C GLU D 328 16.86 64.66 -14.55
N TRP D 329 16.09 65.29 -15.45
CA TRP D 329 15.11 66.33 -15.07
C TRP D 329 14.13 65.73 -14.07
N LEU D 330 13.53 64.61 -14.46
CA LEU D 330 12.59 63.87 -13.59
C LEU D 330 13.20 63.57 -12.23
N LYS D 331 14.38 62.97 -12.29
CA LYS D 331 15.13 62.59 -11.09
C LYS D 331 15.28 63.75 -10.11
N THR D 332 15.60 64.92 -10.64
CA THR D 332 15.88 66.12 -9.82
C THR D 332 14.65 67.00 -9.47
N ARG D 333 13.46 66.54 -9.83
CA ARG D 333 12.23 67.30 -9.53
C ARG D 333 11.89 67.28 -8.04
N PRO D 334 11.73 68.46 -7.42
CA PRO D 334 11.27 68.45 -6.04
C PRO D 334 9.78 68.13 -6.00
N ILE D 335 9.25 67.93 -4.80
CA ILE D 335 7.82 67.61 -4.53
C ILE D 335 7.30 66.27 -5.09
N LEU D 336 7.75 65.89 -6.29
CA LEU D 336 7.32 64.61 -6.89
C LEU D 336 7.71 63.41 -6.04
N SER D 337 6.73 62.54 -5.79
CA SER D 337 6.97 61.32 -5.01
C SER D 337 7.94 60.42 -5.80
N PRO D 338 8.80 59.67 -5.10
CA PRO D 338 9.73 58.77 -5.81
C PRO D 338 9.00 57.75 -6.67
N LEU D 339 7.86 57.30 -6.19
CA LEU D 339 7.02 56.31 -6.89
C LEU D 339 6.48 56.93 -8.18
N THR D 340 6.04 58.17 -8.09
CA THR D 340 5.49 58.89 -9.23
C THR D 340 6.60 59.12 -10.26
N LYS D 341 7.79 59.40 -9.75
CA LYS D 341 8.99 59.59 -10.59
C LYS D 341 9.34 58.31 -11.34
N GLY D 342 9.16 57.18 -10.67
CA GLY D 342 9.42 55.86 -11.27
C GLY D 342 8.44 55.55 -12.39
N ILE D 343 7.19 55.84 -12.14
CA ILE D 343 6.10 55.63 -13.11
C ILE D 343 6.33 56.48 -14.37
N LEU D 344 6.63 57.74 -14.16
CA LEU D 344 6.94 58.67 -15.27
C LEU D 344 8.22 58.25 -15.99
N GLY D 345 9.20 57.82 -15.19
CA GLY D 345 10.49 57.33 -15.71
C GLY D 345 10.24 56.17 -16.66
N PHE D 346 9.43 55.24 -16.18
CA PHE D 346 9.01 54.05 -16.94
C PHE D 346 8.29 54.44 -18.23
N VAL D 347 7.32 55.34 -18.10
CA VAL D 347 6.51 55.77 -19.26
C VAL D 347 7.37 56.42 -20.35
N PHE D 348 8.25 57.33 -19.92
CA PHE D 348 9.14 58.04 -20.87
C PHE D 348 10.08 57.11 -21.63
N THR D 349 10.64 56.11 -20.96
CA THR D 349 11.58 55.19 -21.64
C THR D 349 10.81 54.31 -22.65
N LEU D 350 9.54 54.04 -22.32
CA LEU D 350 8.64 53.21 -23.15
C LEU D 350 8.18 53.96 -24.40
N THR D 351 7.90 55.25 -24.23
CA THR D 351 7.34 56.06 -25.32
C THR D 351 8.39 56.81 -26.17
N VAL D 352 9.49 57.20 -25.54
CA VAL D 352 10.57 57.95 -26.23
C VAL D 352 11.02 57.15 -27.46
N PRO D 353 11.17 57.83 -28.64
CA PRO D 353 11.54 57.14 -29.87
C PRO D 353 12.86 56.38 -29.72
N SER D 354 13.88 57.08 -29.25
CA SER D 354 15.22 56.53 -29.07
C SER D 354 15.67 56.54 -27.62
N GLU D 355 15.92 55.36 -27.07
CA GLU D 355 16.55 55.27 -25.76
C GLU D 355 18.05 55.55 -25.91
N ARG D 356 18.58 55.36 -27.11
CA ARG D 356 19.98 55.65 -27.43
C ARG D 356 20.95 54.81 -26.61
N GLY D 357 20.56 53.60 -26.23
CA GLY D 357 21.41 52.72 -25.44
C GLY D 357 21.65 53.23 -24.05
N LEU D 358 20.65 53.90 -23.49
CA LEU D 358 20.75 54.34 -22.10
C LEU D 358 20.51 53.19 -21.15
N GLN D 359 21.38 53.09 -20.16
CA GLN D 359 21.23 52.07 -19.13
C GLN D 359 19.99 52.41 -18.33
N ARG D 360 19.36 51.40 -17.76
CA ARG D 360 18.19 51.64 -16.92
C ARG D 360 18.61 52.49 -15.73
N ARG D 361 17.67 53.25 -15.19
CA ARG D 361 17.95 54.18 -14.08
C ARG D 361 17.67 53.60 -12.68
N ARG D 362 18.65 53.75 -11.80
CA ARG D 362 18.54 53.33 -10.39
C ARG D 362 17.32 53.93 -9.70
N PHE D 363 17.06 55.22 -9.95
CA PHE D 363 15.94 55.89 -9.24
C PHE D 363 14.58 55.26 -9.58
N VAL D 364 14.47 54.80 -10.82
CA VAL D 364 13.26 54.12 -11.29
C VAL D 364 13.20 52.71 -10.71
N GLN D 365 14.33 52.01 -10.78
CA GLN D 365 14.42 50.65 -10.26
C GLN D 365 14.05 50.61 -8.79
N ASN D 366 14.59 51.56 -8.03
CA ASN D 366 14.28 51.65 -6.58
C ASN D 366 12.81 51.94 -6.32
N ALA D 367 12.24 52.80 -7.17
CA ALA D 367 10.83 53.21 -7.07
C ALA D 367 9.84 52.09 -7.39
N LEU D 368 10.19 51.25 -8.36
CA LEU D 368 9.30 50.18 -8.85
C LEU D 368 9.63 48.76 -8.36
N ASN D 369 10.47 48.62 -7.34
CA ASN D 369 10.82 47.32 -6.76
C ASN D 369 9.81 46.67 -5.81
N GLY D 370 8.63 47.25 -5.57
CA GLY D 370 7.61 46.51 -4.79
C GLY D 370 8.07 46.34 -3.35
N ASN D 371 8.94 47.25 -2.93
CA ASN D 371 9.55 47.22 -1.59
C ASN D 371 10.45 46.01 -1.38
N GLY D 372 10.81 45.30 -2.45
CA GLY D 372 11.56 44.03 -2.31
C GLY D 372 10.78 42.97 -1.55
N ASP D 373 9.46 43.16 -1.47
CA ASP D 373 8.62 42.21 -0.74
C ASP D 373 8.32 40.97 -1.61
N PRO D 374 8.69 39.76 -1.13
CA PRO D 374 8.48 38.52 -1.91
C PRO D 374 7.02 38.19 -2.26
N ASN D 375 6.09 38.55 -1.37
CA ASN D 375 4.67 38.37 -1.61
C ASN D 375 4.17 39.25 -2.76
N ASN D 376 4.64 40.51 -2.77
CA ASN D 376 4.31 41.47 -3.84
C ASN D 376 4.87 40.91 -5.12
N MET D 377 6.13 40.49 -5.08
CA MET D 377 6.84 39.96 -6.23
C MET D 377 6.17 38.70 -6.79
N ASP D 378 5.69 37.86 -5.88
CA ASP D 378 4.95 36.65 -6.25
C ASP D 378 3.71 37.01 -7.06
N LYS D 379 2.95 37.97 -6.55
CA LYS D 379 1.74 38.43 -7.23
C LYS D 379 2.05 39.14 -8.55
N ALA D 380 3.16 39.86 -8.56
CA ALA D 380 3.62 40.58 -9.76
C ALA D 380 3.92 39.61 -10.89
N VAL D 381 4.50 38.47 -10.51
CA VAL D 381 4.84 37.39 -11.45
C VAL D 381 3.57 36.73 -11.97
N LYS D 382 2.59 36.57 -11.10
CA LYS D 382 1.30 36.00 -11.47
C LYS D 382 0.58 36.91 -12.46
N LEU D 383 0.60 38.21 -12.16
CA LEU D 383 0.00 39.21 -13.07
C LEU D 383 0.70 39.15 -14.43
N TYR D 384 2.03 39.17 -14.39
CA TYR D 384 2.85 39.11 -15.62
C TYR D 384 2.45 37.93 -16.50
N ARG D 385 2.24 36.78 -15.87
CA ARG D 385 1.83 35.56 -16.60
C ARG D 385 0.56 35.85 -17.39
N LYS D 386 -0.38 36.50 -16.73
CA LYS D 386 -1.67 36.85 -17.36
C LYS D 386 -1.50 37.91 -18.46
N LEU D 387 -0.70 38.93 -18.17
CA LEU D 387 -0.44 40.04 -19.14
C LEU D 387 0.22 39.54 -20.43
N LYS D 388 1.00 38.47 -20.31
CA LYS D 388 1.66 37.83 -21.45
C LYS D 388 0.67 37.32 -22.49
N ARG D 389 -0.55 37.05 -22.03
CA ARG D 389 -1.63 36.54 -22.87
C ARG D 389 -2.53 37.65 -23.41
N GLU D 390 -2.36 38.85 -22.89
CA GLU D 390 -3.15 40.01 -23.34
C GLU D 390 -2.52 40.64 -24.57
N ILE D 391 -3.37 41.21 -25.40
CA ILE D 391 -2.95 41.94 -26.61
C ILE D 391 -3.53 43.35 -26.71
N THR D 392 -4.49 43.65 -25.84
CA THR D 392 -5.15 44.95 -25.86
C THR D 392 -4.90 45.75 -24.59
N PHE D 393 -5.00 47.07 -24.73
CA PHE D 393 -4.84 48.02 -23.63
C PHE D 393 -5.89 47.79 -22.54
N HIS D 394 -7.15 47.65 -22.97
CA HIS D 394 -8.29 47.46 -22.03
C HIS D 394 -8.26 46.10 -21.31
N GLY D 395 -7.92 45.04 -22.02
CA GLY D 395 -7.80 43.71 -21.40
C GLY D 395 -6.71 43.70 -20.35
N ALA D 396 -5.58 44.29 -20.73
CA ALA D 396 -4.41 44.43 -19.86
C ALA D 396 -4.78 45.24 -18.62
N LYS D 397 -5.38 46.41 -18.86
CA LYS D 397 -5.75 47.30 -17.75
C LYS D 397 -6.74 46.63 -16.81
N GLU D 398 -7.70 45.90 -17.39
CA GLU D 398 -8.76 45.19 -16.64
C GLU D 398 -8.22 44.14 -15.65
N ILE D 399 -7.35 43.26 -16.12
CA ILE D 399 -6.77 42.23 -15.23
C ILE D 399 -5.83 42.83 -14.19
N SER D 400 -5.15 43.90 -14.58
CA SER D 400 -4.22 44.60 -13.67
C SER D 400 -4.95 45.17 -12.45
N LEU D 401 -6.16 45.65 -12.68
CA LEU D 401 -6.99 46.23 -11.60
C LEU D 401 -7.40 45.25 -10.49
N SER D 402 -7.22 43.95 -10.74
CA SER D 402 -7.51 42.93 -9.73
C SER D 402 -6.31 42.69 -8.80
N TYR D 403 -5.25 43.47 -9.01
CA TYR D 403 -4.03 43.37 -8.20
C TYR D 403 -3.80 44.64 -7.40
N SER D 404 -3.12 44.48 -6.27
CA SER D 404 -2.82 45.60 -5.38
C SER D 404 -1.78 46.51 -6.01
N ALA D 405 -1.78 47.77 -5.59
CA ALA D 405 -0.83 48.78 -6.09
C ALA D 405 0.64 48.34 -5.90
N GLY D 406 0.91 47.62 -4.81
CA GLY D 406 2.28 47.13 -4.51
C GLY D 406 2.73 46.07 -5.51
N ALA D 407 1.82 45.16 -5.83
CA ALA D 407 2.08 44.09 -6.82
C ALA D 407 2.19 44.66 -8.23
N LEU D 408 1.38 45.69 -8.49
CA LEU D 408 1.36 46.36 -9.79
C LEU D 408 2.69 47.08 -10.06
N ALA D 409 3.16 47.79 -9.05
CA ALA D 409 4.42 48.55 -9.16
C ALA D 409 5.59 47.60 -9.39
N SER D 410 5.58 46.50 -8.63
CA SER D 410 6.60 45.43 -8.80
C SER D 410 6.56 44.79 -10.18
N CYS D 411 5.36 44.60 -10.68
CA CYS D 411 5.18 44.06 -12.04
C CYS D 411 5.80 45.02 -13.05
N MET D 412 5.56 46.31 -12.87
CA MET D 412 6.14 47.35 -13.74
C MET D 412 7.66 47.29 -13.69
N GLY D 413 8.19 47.04 -12.50
CA GLY D 413 9.64 46.91 -12.29
C GLY D 413 10.21 45.71 -13.05
N LEU D 414 9.47 44.62 -13.01
CA LEU D 414 9.84 43.37 -13.69
C LEU D 414 10.05 43.63 -15.20
N ILE D 415 9.12 44.37 -15.77
CA ILE D 415 9.15 44.74 -17.20
C ILE D 415 10.29 45.76 -17.44
N TYR D 416 10.34 46.77 -16.58
CA TYR D 416 11.38 47.83 -16.68
C TYR D 416 12.78 47.24 -16.66
N ASN D 417 12.96 46.24 -15.81
CA ASN D 417 14.26 45.57 -15.65
C ASN D 417 14.56 44.52 -16.74
N ARG D 418 13.63 44.37 -17.67
CA ARG D 418 13.71 43.39 -18.79
C ARG D 418 13.72 41.94 -18.28
N MET D 419 13.13 41.73 -17.12
CA MET D 419 13.02 40.38 -16.56
C MET D 419 11.87 39.64 -17.18
N GLY D 420 10.95 40.41 -17.71
CA GLY D 420 9.80 39.90 -18.47
C GLY D 420 9.51 40.90 -19.57
N ALA D 421 8.70 40.48 -20.53
CA ALA D 421 8.36 41.35 -21.65
C ALA D 421 6.88 41.26 -22.04
N VAL D 422 6.31 42.40 -22.38
CA VAL D 422 4.94 42.48 -22.89
C VAL D 422 4.94 43.55 -24.00
N THR D 423 3.87 43.55 -24.77
CA THR D 423 3.69 44.52 -25.85
C THR D 423 3.45 45.90 -25.23
N THR D 424 3.79 46.94 -25.99
CA THR D 424 3.69 48.34 -25.52
C THR D 424 2.28 48.71 -25.03
N GLU D 425 1.28 48.26 -25.75
CA GLU D 425 -0.13 48.59 -25.44
C GLU D 425 -0.59 47.92 -24.14
N VAL D 426 -0.09 46.71 -23.92
CA VAL D 426 -0.36 45.98 -22.67
C VAL D 426 0.40 46.64 -21.51
N ALA D 427 1.63 47.08 -21.79
CA ALA D 427 2.45 47.81 -20.81
C ALA D 427 1.75 49.10 -20.39
N PHE D 428 1.14 49.75 -21.38
CA PHE D 428 0.33 50.95 -21.14
C PHE D 428 -0.83 50.67 -20.19
N GLY D 429 -1.53 49.58 -20.45
CA GLY D 429 -2.66 49.15 -19.62
C GLY D 429 -2.24 48.92 -18.18
N LEU D 430 -1.09 48.28 -18.02
CA LEU D 430 -0.51 48.01 -16.69
C LEU D 430 -0.23 49.32 -15.96
N VAL D 431 0.50 50.23 -16.62
CA VAL D 431 0.86 51.53 -15.99
C VAL D 431 -0.39 52.33 -15.61
N CYS D 432 -1.41 52.26 -16.46
CA CYS D 432 -2.67 53.00 -16.22
C CYS D 432 -3.50 52.42 -15.07
N ALA D 433 -3.46 51.10 -14.93
CA ALA D 433 -4.14 50.44 -13.81
C ALA D 433 -3.47 50.87 -12.51
N THR D 434 -2.15 50.84 -12.52
CA THR D 434 -1.36 51.28 -11.36
C THR D 434 -1.65 52.73 -11.01
N CYS D 435 -1.66 53.60 -12.02
CA CYS D 435 -1.96 55.02 -11.81
C CYS D 435 -3.35 55.19 -11.21
N GLU D 436 -4.32 54.47 -11.77
CA GLU D 436 -5.72 54.51 -11.30
C GLU D 436 -5.79 54.12 -9.83
N GLN D 437 -5.13 53.00 -9.49
CA GLN D 437 -5.11 52.49 -8.10
C GLN D 437 -4.53 53.52 -7.13
N ILE D 438 -3.39 54.08 -7.50
CA ILE D 438 -2.68 55.09 -6.68
C ILE D 438 -3.51 56.37 -6.51
N ALA D 439 -3.98 56.89 -7.63
CA ALA D 439 -4.81 58.10 -7.64
C ALA D 439 -6.06 57.89 -6.77
N ASP D 440 -6.68 56.73 -6.93
CA ASP D 440 -7.90 56.34 -6.17
C ASP D 440 -7.66 56.29 -4.66
N SER D 441 -6.43 56.01 -4.27
CA SER D 441 -6.07 55.94 -2.84
C SER D 441 -5.95 57.32 -2.22
N GLN D 442 -5.68 58.31 -3.08
CA GLN D 442 -5.52 59.70 -2.65
C GLN D 442 -6.89 60.36 -2.51
N PRO E 2 8.93 14.37 -46.84
CA PRO E 2 8.85 13.22 -45.94
C PRO E 2 10.03 12.26 -46.08
N PHE E 3 10.44 11.66 -44.96
CA PHE E 3 11.57 10.70 -44.95
C PHE E 3 11.30 9.38 -44.26
N ILE E 4 11.96 8.36 -44.81
CA ILE E 4 12.06 7.04 -44.18
C ILE E 4 13.56 6.76 -43.98
N THR E 5 13.91 6.43 -42.76
CA THR E 5 15.30 6.06 -42.39
C THR E 5 15.56 4.59 -42.75
N VAL E 6 16.62 4.36 -43.50
CA VAL E 6 16.94 3.01 -43.97
C VAL E 6 18.23 2.45 -43.39
N GLY E 7 18.99 3.30 -42.74
CA GLY E 7 20.24 2.88 -42.13
C GLY E 7 21.05 3.98 -41.50
N GLN E 8 22.33 3.67 -41.27
CA GLN E 8 23.24 4.57 -40.59
C GLN E 8 24.57 4.60 -41.32
N GLU E 9 25.11 5.81 -41.46
CA GLU E 9 26.46 6.04 -41.99
C GLU E 9 27.23 6.89 -41.01
N ASN E 10 28.24 6.30 -40.37
CA ASN E 10 29.03 6.99 -39.34
C ASN E 10 28.12 7.63 -38.27
N SER E 11 28.23 8.95 -38.07
CA SER E 11 27.38 9.65 -37.06
C SER E 11 25.98 10.02 -37.56
N THR E 12 25.74 9.81 -38.86
CA THR E 12 24.49 10.25 -39.53
C THR E 12 23.58 9.10 -39.95
N SER E 13 22.27 9.29 -39.92
CA SER E 13 21.40 8.26 -40.47
C SER E 13 21.22 8.46 -41.97
N ILE E 14 20.78 7.40 -42.62
CA ILE E 14 20.50 7.39 -44.06
C ILE E 14 18.99 7.46 -44.23
N ASP E 15 18.51 8.58 -44.76
CA ASP E 15 17.06 8.82 -44.92
C ASP E 15 16.66 8.92 -46.38
N LEU E 16 15.58 8.25 -46.74
CA LEU E 16 15.03 8.36 -48.10
C LEU E 16 13.88 9.35 -48.13
N TYR E 17 13.96 10.27 -49.09
CA TYR E 17 12.88 11.21 -49.36
C TYR E 17 11.75 10.45 -50.06
N TYR E 18 10.52 10.58 -49.57
CA TYR E 18 9.37 9.95 -50.24
C TYR E 18 8.11 10.82 -50.23
N GLU E 19 7.19 10.50 -51.14
CA GLU E 19 5.87 11.14 -51.20
C GLU E 19 4.78 10.08 -51.29
N ASP E 20 3.59 10.48 -50.86
CA ASP E 20 2.47 9.56 -50.65
C ASP E 20 1.18 10.29 -50.99
N HIS E 21 0.70 10.07 -52.21
CA HIS E 21 -0.45 10.80 -52.74
C HIS E 21 -1.62 9.91 -53.18
N GLY E 22 -2.82 10.47 -53.07
CA GLY E 22 -4.03 9.81 -53.52
C GLY E 22 -4.54 8.70 -52.62
N THR E 23 -5.59 8.05 -53.08
CA THR E 23 -6.22 6.99 -52.31
C THR E 23 -6.58 5.89 -53.27
N GLY E 24 -6.59 4.66 -52.77
CA GLY E 24 -6.92 3.51 -53.58
C GLY E 24 -5.75 2.57 -53.58
N THR E 25 -5.71 1.70 -54.58
CA THR E 25 -4.65 0.69 -54.70
C THR E 25 -3.29 1.40 -54.81
N PRO E 26 -2.33 0.99 -53.97
CA PRO E 26 -1.00 1.59 -53.93
C PRO E 26 -0.13 1.19 -55.11
N VAL E 27 0.43 2.20 -55.74
CA VAL E 27 1.33 2.03 -56.88
C VAL E 27 2.64 2.72 -56.54
N VAL E 28 3.71 1.93 -56.52
CA VAL E 28 5.04 2.40 -56.12
C VAL E 28 5.93 2.59 -57.34
N LEU E 29 6.35 3.83 -57.55
CA LEU E 29 7.16 4.25 -58.71
C LEU E 29 8.63 4.41 -58.28
N ILE E 30 9.52 3.71 -58.99
CA ILE E 30 10.96 3.69 -58.68
C ILE E 30 11.73 4.27 -59.86
N HIS E 31 12.33 5.43 -59.61
CA HIS E 31 12.92 6.26 -60.68
C HIS E 31 14.23 5.72 -61.24
N GLY E 32 14.66 6.34 -62.33
CA GLY E 32 15.93 6.03 -62.99
C GLY E 32 17.04 7.03 -62.76
N PHE E 33 18.23 6.67 -63.24
CA PHE E 33 19.46 7.49 -63.12
C PHE E 33 19.48 8.59 -64.18
N PRO E 34 19.89 9.82 -63.80
CA PRO E 34 20.30 10.29 -62.49
C PRO E 34 19.20 11.15 -61.83
N LEU E 35 17.96 10.74 -62.04
CA LEU E 35 16.78 11.53 -61.66
C LEU E 35 16.19 11.12 -60.32
N SER E 36 15.02 11.66 -60.02
CA SER E 36 14.34 11.46 -58.72
C SER E 36 12.87 11.04 -58.86
N GLY E 37 12.18 10.87 -57.73
CA GLY E 37 10.77 10.50 -57.72
C GLY E 37 9.90 11.47 -58.52
N HIS E 38 10.35 12.71 -58.60
CA HIS E 38 9.62 13.78 -59.30
C HIS E 38 9.56 13.64 -60.84
N SER E 39 10.46 12.83 -61.37
CA SER E 39 10.52 12.51 -62.82
C SER E 39 9.29 11.74 -63.32
N TRP E 40 8.55 11.15 -62.38
CA TRP E 40 7.30 10.43 -62.67
C TRP E 40 6.05 11.32 -62.76
N GLU E 41 6.22 12.63 -62.69
CA GLU E 41 5.10 13.60 -62.55
C GLU E 41 3.97 13.46 -63.59
N ARG E 42 4.33 13.12 -64.82
CA ARG E 42 3.34 12.90 -65.89
C ARG E 42 2.52 11.64 -65.67
N GLN E 43 3.20 10.61 -65.18
CA GLN E 43 2.56 9.33 -64.82
C GLN E 43 1.71 9.45 -63.54
N SER E 44 2.28 10.09 -62.52
CA SER E 44 1.59 10.31 -61.22
C SER E 44 0.23 10.99 -61.37
N ALA E 45 0.19 12.01 -62.22
CA ALA E 45 -1.05 12.78 -62.47
C ALA E 45 -2.16 11.90 -63.04
N ALA E 46 -1.78 11.09 -64.03
CA ALA E 46 -2.69 10.11 -64.65
C ALA E 46 -3.20 9.07 -63.65
N LEU E 47 -2.27 8.49 -62.89
CA LEU E 47 -2.62 7.49 -61.84
C LEU E 47 -3.54 8.09 -60.78
N LEU E 48 -3.27 9.33 -60.41
CA LEU E 48 -4.09 10.04 -59.41
C LEU E 48 -5.51 10.22 -59.96
N ASP E 49 -5.59 10.65 -61.21
CA ASP E 49 -6.90 10.84 -61.87
C ASP E 49 -7.67 9.53 -62.05
N ALA E 50 -6.92 8.46 -62.34
CA ALA E 50 -7.48 7.09 -62.52
C ALA E 50 -7.90 6.42 -61.20
N GLY E 51 -7.51 7.01 -60.09
CA GLY E 51 -7.93 6.58 -58.75
C GLY E 51 -7.01 5.58 -58.04
N ALA E 52 -5.72 5.87 -58.08
CA ALA E 52 -4.71 5.06 -57.38
C ALA E 52 -4.00 5.86 -56.28
N ARG E 53 -3.42 5.12 -55.35
CA ARG E 53 -2.57 5.74 -54.35
C ARG E 53 -1.15 5.69 -54.92
N VAL E 54 -0.54 6.86 -55.07
CA VAL E 54 0.80 6.97 -55.70
C VAL E 54 1.92 7.19 -54.64
N ILE E 55 2.84 6.23 -54.59
CA ILE E 55 4.03 6.35 -53.73
C ILE E 55 5.30 6.51 -54.59
N THR E 56 6.04 7.58 -54.31
CA THR E 56 7.34 7.79 -54.96
C THR E 56 8.40 7.95 -53.87
N TYR E 57 9.63 7.59 -54.19
CA TYR E 57 10.74 7.86 -53.28
C TYR E 57 12.01 8.09 -54.10
N ASP E 58 12.98 8.74 -53.47
CA ASP E 58 14.28 9.03 -54.10
C ASP E 58 15.28 7.99 -53.60
N ARG E 59 15.84 7.21 -54.54
CA ARG E 59 16.94 6.28 -54.26
C ARG E 59 18.07 7.00 -53.52
N ARG E 60 18.71 6.29 -52.60
CA ARG E 60 19.86 6.82 -51.87
C ARG E 60 20.87 7.44 -52.83
N GLY E 61 21.35 8.64 -52.51
CA GLY E 61 22.30 9.37 -53.38
C GLY E 61 21.70 10.27 -54.46
N PHE E 62 20.38 10.24 -54.55
CA PHE E 62 19.61 11.00 -55.57
C PHE E 62 18.51 11.86 -55.01
N GLY E 63 18.13 12.85 -55.82
CA GLY E 63 17.08 13.80 -55.47
C GLY E 63 17.27 14.35 -54.07
N GLN E 64 16.27 14.17 -53.22
CA GLN E 64 16.30 14.71 -51.85
C GLN E 64 16.67 13.71 -50.75
N SER E 65 17.01 12.50 -51.15
CA SER E 65 17.50 11.51 -50.21
C SER E 65 18.91 11.84 -49.76
N SER E 66 19.31 11.19 -48.67
CA SER E 66 20.68 11.30 -48.15
C SER E 66 21.67 10.81 -49.21
N GLN E 67 22.90 11.29 -49.04
CA GLN E 67 23.98 11.02 -49.99
C GLN E 67 25.14 10.33 -49.32
N PRO E 68 24.94 9.07 -48.90
CA PRO E 68 26.05 8.32 -48.34
C PRO E 68 27.07 7.92 -49.40
N THR E 69 28.18 7.39 -48.91
CA THR E 69 29.22 6.84 -49.79
C THR E 69 29.25 5.31 -49.66
N THR E 70 28.10 4.76 -49.23
CA THR E 70 27.89 3.32 -49.00
C THR E 70 26.54 2.82 -49.50
N GLY E 71 26.51 1.52 -49.82
CA GLY E 71 25.28 0.80 -50.15
C GLY E 71 24.78 0.93 -51.58
N TYR E 72 25.72 1.10 -52.51
CA TYR E 72 25.41 1.24 -53.94
C TYR E 72 25.48 -0.10 -54.67
N ASP E 73 24.42 -0.87 -54.47
CA ASP E 73 24.28 -2.23 -55.00
C ASP E 73 22.82 -2.66 -54.87
N TYR E 74 22.40 -3.59 -55.72
CA TYR E 74 20.98 -3.93 -55.80
C TYR E 74 20.42 -4.66 -54.60
N ASP E 75 21.24 -5.32 -53.80
CA ASP E 75 20.70 -5.95 -52.58
C ASP E 75 20.32 -4.87 -51.55
N THR E 76 21.16 -3.84 -51.45
CA THR E 76 20.91 -2.71 -50.55
C THR E 76 19.73 -1.89 -51.05
N PHE E 77 19.74 -1.61 -52.35
CA PHE E 77 18.63 -0.89 -52.98
C PHE E 77 17.30 -1.63 -52.77
N ALA E 78 17.33 -2.95 -52.85
CA ALA E 78 16.13 -3.78 -52.66
C ALA E 78 15.73 -3.81 -51.19
N ALA E 79 16.74 -3.81 -50.32
CA ALA E 79 16.52 -3.74 -48.88
C ALA E 79 15.94 -2.38 -48.48
N ASP E 80 16.39 -1.35 -49.19
CA ASP E 80 15.88 0.02 -49.00
C ASP E 80 14.37 0.02 -49.30
N LEU E 81 14.05 -0.55 -50.46
CA LEU E 81 12.66 -0.67 -50.93
C LEU E 81 11.81 -1.45 -49.93
N ASN E 82 12.39 -2.54 -49.45
CA ASN E 82 11.72 -3.40 -48.44
C ASN E 82 11.30 -2.57 -47.22
N THR E 83 12.24 -1.76 -46.74
CA THR E 83 12.00 -0.90 -45.57
C THR E 83 10.83 0.06 -45.80
N VAL E 84 10.76 0.58 -47.02
CA VAL E 84 9.68 1.50 -47.40
C VAL E 84 8.33 0.79 -47.33
N LEU E 85 8.27 -0.39 -47.97
CA LEU E 85 7.04 -1.20 -48.05
C LEU E 85 6.53 -1.65 -46.68
N GLU E 86 7.46 -2.08 -45.85
CA GLU E 86 7.17 -2.48 -44.48
C GLU E 86 6.80 -1.30 -43.59
N THR E 87 7.48 -0.17 -43.80
CA THR E 87 7.22 1.05 -43.01
C THR E 87 5.80 1.54 -43.23
N LEU E 88 5.36 1.50 -44.49
CA LEU E 88 4.02 1.96 -44.87
C LEU E 88 2.94 0.87 -44.78
N ASP E 89 3.37 -0.36 -44.53
CA ASP E 89 2.50 -1.56 -44.44
C ASP E 89 1.66 -1.73 -45.71
N LEU E 90 2.35 -1.63 -46.83
CA LEU E 90 1.69 -1.72 -48.14
C LEU E 90 1.28 -3.15 -48.44
N GLN E 91 0.01 -3.25 -48.81
CA GLN E 91 -0.66 -4.49 -49.16
C GLN E 91 -1.14 -4.38 -50.58
N ASP E 92 -0.96 -5.46 -51.35
CA ASP E 92 -1.59 -5.56 -52.67
C ASP E 92 -1.06 -4.46 -53.62
N ALA E 93 0.23 -4.20 -53.47
CA ALA E 93 0.91 -3.09 -54.14
C ALA E 93 1.36 -3.45 -55.56
N VAL E 94 1.40 -2.43 -56.40
CA VAL E 94 1.98 -2.54 -57.75
C VAL E 94 3.35 -1.87 -57.70
N LEU E 95 4.37 -2.58 -58.18
CA LEU E 95 5.73 -2.03 -58.28
C LEU E 95 6.06 -1.69 -59.74
N VAL E 96 6.34 -0.42 -59.97
CA VAL E 96 6.69 0.07 -61.31
C VAL E 96 8.10 0.66 -61.25
N GLY E 97 9.00 0.08 -62.03
CA GLY E 97 10.39 0.56 -62.14
C GLY E 97 10.66 1.10 -63.52
N PHE E 98 11.48 2.16 -63.59
CA PHE E 98 11.98 2.73 -64.86
C PHE E 98 13.49 2.66 -64.84
N SER E 99 14.05 2.07 -65.88
CA SER E 99 15.51 1.98 -66.06
C SER E 99 16.13 1.31 -64.80
N MET E 100 17.00 2.03 -64.10
CA MET E 100 17.61 1.53 -62.84
C MET E 100 16.59 0.88 -61.90
N GLY E 101 15.44 1.55 -61.79
CA GLY E 101 14.30 1.09 -60.97
C GLY E 101 13.83 -0.33 -61.25
N THR E 102 14.01 -0.77 -62.49
CA THR E 102 13.61 -2.13 -62.87
C THR E 102 14.50 -3.20 -62.19
N GLY E 103 15.70 -2.78 -61.77
CA GLY E 103 16.61 -3.63 -60.98
C GLY E 103 16.08 -3.91 -59.57
N GLU E 104 15.55 -2.86 -58.94
CA GLU E 104 14.88 -2.98 -57.62
C GLU E 104 13.72 -3.97 -57.68
N VAL E 105 12.86 -3.77 -58.67
CA VAL E 105 11.64 -4.59 -58.85
C VAL E 105 12.01 -6.09 -58.90
N ALA E 106 12.98 -6.45 -59.76
CA ALA E 106 13.41 -7.87 -59.95
C ALA E 106 14.06 -8.47 -58.70
N ARG E 107 14.99 -7.71 -58.13
CA ARG E 107 15.74 -8.16 -56.96
C ARG E 107 14.86 -8.26 -55.70
N TYR E 108 13.96 -7.31 -55.50
CA TYR E 108 13.01 -7.37 -54.36
C TYR E 108 12.09 -8.61 -54.46
N VAL E 109 11.43 -8.73 -55.61
CA VAL E 109 10.51 -9.85 -55.88
C VAL E 109 11.23 -11.19 -55.65
N SER E 110 12.41 -11.26 -56.23
CA SER E 110 13.28 -12.45 -56.16
C SER E 110 13.64 -12.86 -54.72
N SER E 111 14.16 -11.90 -53.96
CA SER E 111 14.64 -12.15 -52.58
C SER E 111 13.54 -12.19 -51.52
N TYR E 112 12.69 -11.17 -51.56
CA TYR E 112 11.64 -10.98 -50.54
C TYR E 112 10.28 -11.59 -50.86
N GLY E 113 10.08 -11.98 -52.11
CA GLY E 113 8.83 -12.60 -52.51
C GLY E 113 7.71 -11.60 -52.74
N THR E 114 6.55 -12.12 -53.13
CA THR E 114 5.44 -11.30 -53.65
C THR E 114 4.20 -11.24 -52.71
N ALA E 115 4.42 -11.37 -51.41
CA ALA E 115 3.31 -11.33 -50.42
C ALA E 115 2.50 -10.02 -50.40
N ARG E 116 3.21 -8.89 -50.52
CA ARG E 116 2.58 -7.55 -50.53
C ARG E 116 2.23 -7.05 -51.93
N ILE E 117 2.67 -7.81 -52.94
CA ILE E 117 2.76 -7.39 -54.34
C ILE E 117 1.68 -8.03 -55.24
N ALA E 118 0.88 -7.19 -55.87
CA ALA E 118 -0.18 -7.65 -56.81
C ALA E 118 0.30 -7.79 -58.25
N ALA E 119 1.08 -6.82 -58.71
CA ALA E 119 1.64 -6.83 -60.07
C ALA E 119 2.89 -5.99 -60.16
N VAL E 120 3.66 -6.25 -61.22
CA VAL E 120 4.90 -5.54 -61.49
C VAL E 120 4.94 -5.02 -62.92
N ALA E 121 5.73 -3.98 -63.13
CA ALA E 121 5.87 -3.38 -64.44
C ALA E 121 7.31 -2.97 -64.58
N PHE E 122 7.84 -3.21 -65.77
CA PHE E 122 9.23 -2.90 -66.12
C PHE E 122 9.24 -1.99 -67.33
N LEU E 123 9.75 -0.78 -67.15
CA LEU E 123 9.81 0.22 -68.21
C LEU E 123 11.25 0.55 -68.50
N ALA E 124 11.67 0.47 -69.76
CA ALA E 124 13.07 0.74 -70.14
C ALA E 124 14.03 -0.02 -69.22
N SER E 125 13.86 -1.35 -69.25
CA SER E 125 14.54 -2.33 -68.35
C SER E 125 16.04 -2.58 -68.60
N LEU E 126 16.74 -2.85 -67.49
CA LEU E 126 18.16 -3.32 -67.49
C LEU E 126 18.24 -4.80 -67.87
N GLU E 127 17.19 -5.52 -67.48
CA GLU E 127 17.12 -6.98 -67.57
C GLU E 127 17.41 -7.51 -68.98
N PRO E 128 18.01 -8.71 -69.06
CA PRO E 128 18.32 -9.61 -67.93
C PRO E 128 19.76 -9.50 -67.36
N PHE E 129 20.67 -8.97 -68.17
CA PHE E 129 22.10 -8.89 -67.81
C PHE E 129 22.78 -8.10 -68.93
N LEU E 130 23.09 -6.84 -68.64
CA LEU E 130 23.72 -5.93 -69.63
C LEU E 130 25.16 -6.26 -69.98
N LEU E 131 25.84 -6.99 -69.12
CA LEU E 131 27.26 -7.26 -69.36
C LEU E 131 27.44 -8.33 -70.44
N LYS E 132 28.23 -7.98 -71.44
CA LYS E 132 28.52 -8.86 -72.56
C LYS E 132 29.66 -9.77 -72.22
N THR E 133 29.34 -11.04 -72.06
CA THR E 133 30.38 -12.01 -71.72
C THR E 133 30.28 -13.21 -72.66
N ASP E 134 31.02 -14.25 -72.32
CA ASP E 134 31.05 -15.47 -73.12
C ASP E 134 29.74 -16.19 -72.87
N ASP E 135 29.38 -16.24 -71.60
CA ASP E 135 28.16 -16.92 -71.17
C ASP E 135 26.95 -15.98 -71.36
N ASN E 136 27.22 -14.69 -71.51
CA ASN E 136 26.19 -13.70 -71.84
C ASN E 136 26.52 -12.94 -73.14
N PRO E 137 26.22 -13.60 -74.26
CA PRO E 137 26.43 -13.11 -75.65
C PRO E 137 25.53 -11.95 -76.07
N ASP E 138 24.31 -11.92 -75.51
CA ASP E 138 23.29 -10.88 -75.81
C ASP E 138 23.49 -9.59 -75.03
N GLY E 139 24.44 -9.65 -74.11
CA GLY E 139 24.88 -8.50 -73.35
C GLY E 139 25.08 -7.34 -74.28
N ALA E 140 24.76 -6.15 -73.78
CA ALA E 140 24.80 -4.90 -74.55
C ALA E 140 26.20 -4.31 -74.74
N ALA E 141 27.07 -4.49 -73.75
CA ALA E 141 28.45 -3.93 -73.84
C ALA E 141 29.48 -4.69 -73.00
N PRO E 142 30.77 -4.55 -73.38
CA PRO E 142 31.82 -5.15 -72.58
C PRO E 142 32.09 -4.31 -71.35
N GLN E 143 32.71 -4.96 -70.38
CA GLN E 143 33.05 -4.38 -69.07
C GLN E 143 33.79 -3.04 -69.17
N GLU E 144 34.68 -2.98 -70.15
CA GLU E 144 35.53 -1.81 -70.45
C GLU E 144 34.71 -0.56 -70.76
N PHE E 145 33.54 -0.81 -71.31
CA PHE E 145 32.58 0.24 -71.67
C PHE E 145 31.98 0.95 -70.45
N PHE E 146 31.67 0.16 -69.42
CA PHE E 146 31.09 0.67 -68.17
C PHE E 146 32.13 1.38 -67.33
N ASP E 147 33.31 0.79 -67.33
CA ASP E 147 34.52 1.37 -66.71
C ASP E 147 34.74 2.78 -67.22
N GLY E 148 34.36 2.96 -68.48
CA GLY E 148 34.47 4.24 -69.20
C GLY E 148 33.53 5.31 -68.69
N ILE E 149 32.27 4.93 -68.48
CA ILE E 149 31.24 5.82 -67.94
C ILE E 149 31.64 6.31 -66.53
N VAL E 150 32.07 5.36 -65.71
CA VAL E 150 32.51 5.71 -64.34
C VAL E 150 33.57 6.80 -64.46
N ALA E 151 34.58 6.54 -65.30
CA ALA E 151 35.70 7.47 -65.51
C ALA E 151 35.24 8.85 -65.99
N ALA E 152 34.22 8.84 -66.81
CA ALA E 152 33.65 10.07 -67.38
C ALA E 152 32.90 10.87 -66.33
N VAL E 153 32.11 10.19 -65.52
CA VAL E 153 31.37 10.88 -64.44
C VAL E 153 32.36 11.49 -63.43
N LYS E 154 33.36 10.71 -63.03
CA LYS E 154 34.39 11.20 -62.07
C LYS E 154 35.15 12.43 -62.59
N ALA E 155 35.30 12.49 -63.91
CA ALA E 155 36.04 13.59 -64.57
C ALA E 155 35.31 14.94 -64.49
N ASP E 156 34.00 14.91 -64.76
CA ASP E 156 33.11 16.09 -64.70
C ASP E 156 31.69 15.57 -64.87
N ARG E 157 31.04 15.30 -63.76
CA ARG E 157 29.66 14.77 -63.80
C ARG E 157 28.70 15.78 -64.43
N TYR E 158 28.96 17.06 -64.19
CA TYR E 158 28.10 18.18 -64.64
C TYR E 158 27.99 18.28 -66.16
N ALA E 159 29.17 18.29 -66.77
CA ALA E 159 29.33 18.20 -68.22
C ALA E 159 28.80 16.86 -68.73
N PHE E 160 29.08 15.81 -67.98
CA PHE E 160 28.61 14.45 -68.33
C PHE E 160 27.10 14.40 -68.50
N TYR E 161 26.37 15.00 -67.56
CA TYR E 161 24.89 14.96 -67.59
C TYR E 161 24.36 15.49 -68.91
N THR E 162 25.04 16.50 -69.44
CA THR E 162 24.63 17.14 -70.70
C THR E 162 24.57 16.14 -71.88
N GLY E 163 25.67 15.43 -72.12
CA GLY E 163 25.73 14.45 -73.21
C GLY E 163 24.83 13.25 -72.96
N PHE E 164 24.68 12.92 -71.67
CA PHE E 164 23.83 11.81 -71.21
C PHE E 164 22.34 12.07 -71.55
N PHE E 165 21.86 13.28 -71.28
CA PHE E 165 20.44 13.62 -71.52
C PHE E 165 20.10 13.77 -73.00
N ASN E 166 21.15 14.06 -73.75
CA ASN E 166 21.11 14.04 -75.20
C ASN E 166 20.61 12.73 -75.82
N ASP E 167 21.26 11.66 -75.37
CA ASP E 167 20.92 10.29 -75.81
C ASP E 167 19.78 9.72 -75.00
N PHE E 168 19.70 10.15 -73.74
CA PHE E 168 18.62 9.78 -72.83
C PHE E 168 17.29 10.17 -73.48
N TYR E 169 17.25 11.40 -73.99
CA TYR E 169 16.04 11.92 -74.64
C TYR E 169 15.98 11.91 -76.18
N ASN E 170 17.06 11.48 -76.85
CA ASN E 170 17.14 11.60 -78.33
C ASN E 170 16.86 13.06 -78.69
N LEU E 171 17.58 13.98 -78.05
CA LEU E 171 17.29 15.41 -78.23
C LEU E 171 17.43 15.86 -79.68
N ASP E 172 18.35 15.24 -80.41
CA ASP E 172 18.49 15.52 -81.85
C ASP E 172 17.17 15.30 -82.63
N GLU E 173 16.34 14.38 -82.13
CA GLU E 173 14.98 14.14 -82.70
C GLU E 173 13.87 14.96 -81.99
N ASN E 174 13.88 14.87 -80.66
CA ASN E 174 12.74 15.29 -79.80
C ASN E 174 12.67 16.71 -79.22
N LEU E 175 13.79 17.43 -79.25
CA LEU E 175 13.87 18.78 -78.69
C LEU E 175 13.01 19.74 -79.50
N GLY E 176 12.17 20.49 -78.80
CA GLY E 176 11.24 21.47 -79.40
C GLY E 176 9.98 20.86 -79.98
N THR E 177 9.83 19.56 -79.73
CA THR E 177 8.82 18.68 -80.33
C THR E 177 8.09 17.94 -79.20
N ARG E 178 8.71 16.84 -78.78
CA ARG E 178 8.30 16.01 -77.63
C ARG E 178 8.75 16.60 -76.28
N ILE E 179 10.00 17.06 -76.24
CA ILE E 179 10.55 17.66 -75.01
C ILE E 179 11.02 19.11 -75.22
N SER E 180 10.65 19.96 -74.27
CA SER E 180 11.11 21.36 -74.27
C SER E 180 12.52 21.48 -73.68
N GLU E 181 13.14 22.59 -74.01
CA GLU E 181 14.48 22.94 -73.51
C GLU E 181 14.44 23.14 -71.98
N GLU E 182 13.31 23.66 -71.51
CA GLU E 182 13.07 23.90 -70.09
C GLU E 182 12.91 22.58 -69.29
N ALA E 183 12.18 21.64 -69.88
CA ALA E 183 12.03 20.28 -69.29
C ALA E 183 13.39 19.61 -69.14
N VAL E 184 14.23 19.72 -70.17
CA VAL E 184 15.61 19.20 -70.13
C VAL E 184 16.45 19.92 -69.06
N ARG E 185 16.23 21.22 -68.92
CA ARG E 185 16.97 22.02 -67.93
C ARG E 185 16.69 21.53 -66.52
N ASN E 186 15.42 21.24 -66.27
CA ASN E 186 14.95 20.69 -65.00
C ASN E 186 15.63 19.36 -64.67
N SER E 187 15.71 18.49 -65.67
CA SER E 187 16.40 17.18 -65.53
C SER E 187 17.86 17.32 -65.14
N TRP E 188 18.57 18.25 -65.79
CA TRP E 188 19.99 18.48 -65.48
C TRP E 188 20.13 18.99 -64.04
N ASN E 189 19.28 19.95 -63.69
CA ASN E 189 19.25 20.48 -62.31
C ASN E 189 19.04 19.37 -61.28
N THR E 190 18.10 18.47 -61.55
CA THR E 190 17.81 17.32 -60.67
C THR E 190 19.04 16.43 -60.47
N ALA E 191 19.70 16.14 -61.59
CA ALA E 191 20.91 15.30 -61.61
C ALA E 191 22.06 15.94 -60.84
N ALA E 192 22.31 17.22 -61.14
CA ALA E 192 23.38 18.03 -60.48
C ALA E 192 23.21 18.06 -58.96
N SER E 193 21.95 17.89 -58.54
CA SER E 193 21.53 17.87 -57.12
C SER E 193 21.75 16.53 -56.38
N GLY E 194 21.92 15.44 -57.12
CA GLY E 194 22.27 14.14 -56.55
C GLY E 194 23.70 14.17 -56.01
N GLY E 195 24.04 13.19 -55.19
CA GLY E 195 25.38 13.13 -54.55
C GLY E 195 26.49 12.82 -55.54
N PHE E 196 27.64 13.46 -55.36
CA PHE E 196 28.80 13.23 -56.24
C PHE E 196 29.21 11.76 -56.26
N PHE E 197 29.18 11.14 -55.08
CA PHE E 197 29.69 9.77 -54.95
C PHE E 197 28.74 8.80 -55.64
N ALA E 198 27.45 8.98 -55.39
CA ALA E 198 26.37 8.14 -55.97
C ALA E 198 26.36 8.15 -57.51
N ALA E 199 26.68 9.32 -58.05
CA ALA E 199 26.74 9.55 -59.51
C ALA E 199 27.75 8.62 -60.19
N ALA E 200 28.94 8.54 -59.61
CA ALA E 200 30.04 7.68 -60.11
C ALA E 200 29.87 6.20 -59.75
N ALA E 201 29.26 5.95 -58.59
CA ALA E 201 29.00 4.58 -58.09
C ALA E 201 27.83 3.87 -58.80
N ALA E 202 26.84 4.66 -59.23
CA ALA E 202 25.63 4.09 -59.86
C ALA E 202 25.88 3.21 -61.09
N PRO E 203 26.69 3.70 -62.05
CA PRO E 203 26.96 2.94 -63.28
C PRO E 203 27.59 1.55 -63.06
N THR E 204 28.25 1.35 -61.92
CA THR E 204 28.78 0.01 -61.59
C THR E 204 27.63 -1.00 -61.27
N THR E 205 26.47 -0.51 -60.86
CA THR E 205 25.35 -1.41 -60.55
C THR E 205 24.58 -1.85 -61.81
N TRP E 206 24.79 -1.15 -62.92
CA TRP E 206 24.02 -1.37 -64.18
C TRP E 206 24.16 -2.75 -64.86
N TYR E 207 25.33 -3.36 -64.74
CA TYR E 207 25.56 -4.74 -65.27
C TYR E 207 25.42 -5.85 -64.23
N THR E 208 24.50 -5.61 -63.29
CA THR E 208 24.07 -6.61 -62.31
C THR E 208 23.36 -7.72 -63.11
N ASP E 209 23.65 -8.97 -62.75
CA ASP E 209 23.04 -10.11 -63.45
C ASP E 209 21.70 -10.46 -62.80
N PHE E 210 20.62 -10.12 -63.49
CA PHE E 210 19.27 -10.36 -62.98
C PHE E 210 18.66 -11.67 -63.51
N ARG E 211 19.49 -12.51 -64.10
CA ARG E 211 19.02 -13.72 -64.79
C ARG E 211 18.33 -14.74 -63.86
N ALA E 212 18.81 -14.85 -62.62
CA ALA E 212 18.24 -15.76 -61.60
C ALA E 212 17.05 -15.17 -60.81
N ASP E 213 16.85 -13.87 -60.99
CA ASP E 213 15.73 -13.15 -60.37
C ASP E 213 14.44 -13.38 -61.15
N ILE E 214 14.56 -13.44 -62.47
CA ILE E 214 13.42 -13.52 -63.41
C ILE E 214 12.44 -14.71 -63.21
N PRO E 215 12.95 -15.93 -62.93
CA PRO E 215 12.09 -17.10 -62.68
C PRO E 215 11.22 -16.98 -61.41
N ARG E 216 11.64 -16.07 -60.55
CA ARG E 216 10.98 -15.73 -59.29
C ARG E 216 9.76 -14.84 -59.43
N ILE E 217 9.67 -14.19 -60.59
CA ILE E 217 8.55 -13.31 -60.89
C ILE E 217 7.28 -14.15 -61.07
N ASP E 218 6.46 -13.92 -60.05
CA ASP E 218 5.32 -14.72 -59.56
C ASP E 218 3.97 -14.24 -60.04
N VAL E 219 3.92 -12.92 -60.14
CA VAL E 219 2.71 -12.11 -60.32
C VAL E 219 2.66 -11.59 -61.75
N PRO E 220 1.49 -11.12 -62.21
CA PRO E 220 1.39 -10.54 -63.54
C PRO E 220 2.37 -9.40 -63.74
N ALA E 221 3.02 -9.42 -64.90
CA ALA E 221 4.04 -8.44 -65.25
C ALA E 221 3.78 -7.76 -66.59
N LEU E 222 4.25 -6.54 -66.67
CA LEU E 222 4.26 -5.77 -67.91
C LEU E 222 5.71 -5.41 -68.22
N ILE E 223 6.11 -5.60 -69.48
CA ILE E 223 7.42 -5.15 -70.01
C ILE E 223 7.14 -4.11 -71.10
N LEU E 224 7.78 -2.96 -70.95
CA LEU E 224 7.56 -1.85 -71.87
C LEU E 224 8.88 -1.17 -72.22
N HIS E 225 9.12 -1.02 -73.52
CA HIS E 225 10.38 -0.45 -74.01
C HIS E 225 10.15 0.41 -75.25
N GLY E 226 11.00 1.43 -75.39
CA GLY E 226 10.99 2.32 -76.56
C GLY E 226 11.91 1.72 -77.60
N THR E 227 11.45 1.63 -78.84
CA THR E 227 12.28 0.99 -79.88
C THR E 227 13.48 1.89 -80.29
N GLY E 228 13.34 3.20 -80.09
CA GLY E 228 14.45 4.17 -80.31
C GLY E 228 15.36 4.43 -79.11
N ASP E 229 15.39 3.47 -78.18
CA ASP E 229 16.20 3.56 -76.95
C ASP E 229 17.69 3.43 -77.30
N ARG E 230 18.40 4.55 -77.14
CA ARG E 230 19.86 4.64 -77.36
C ARG E 230 20.65 4.28 -76.09
N THR E 231 19.99 4.37 -74.95
CA THR E 231 20.64 4.17 -73.64
C THR E 231 20.64 2.66 -73.31
N LEU E 232 19.46 2.04 -73.41
CA LEU E 232 19.28 0.57 -73.25
C LEU E 232 18.71 -0.07 -74.52
N PRO E 233 19.61 -0.48 -75.43
CA PRO E 233 19.21 -1.10 -76.68
C PRO E 233 18.13 -2.15 -76.48
N ILE E 234 16.97 -1.94 -77.08
CA ILE E 234 15.80 -2.84 -76.92
C ILE E 234 16.14 -4.33 -77.20
N GLU E 235 17.08 -4.52 -78.12
CA GLU E 235 17.58 -5.86 -78.55
C GLU E 235 18.41 -6.65 -77.52
N ASN E 236 19.06 -5.96 -76.60
CA ASN E 236 19.92 -6.58 -75.54
C ASN E 236 19.25 -6.62 -74.18
N THR E 237 18.07 -6.01 -74.14
CA THR E 237 17.30 -5.81 -72.92
C THR E 237 15.87 -6.40 -73.08
N ALA E 238 14.90 -5.52 -73.30
CA ALA E 238 13.46 -5.88 -73.38
C ALA E 238 13.18 -7.15 -74.19
N ARG E 239 13.79 -7.24 -75.36
CA ARG E 239 13.51 -8.37 -76.27
C ARG E 239 14.02 -9.72 -75.77
N VAL E 240 15.18 -9.74 -75.14
CA VAL E 240 15.72 -11.01 -74.59
C VAL E 240 15.05 -11.29 -73.20
N PHE E 241 14.66 -10.22 -72.52
CA PHE E 241 13.91 -10.28 -71.24
C PHE E 241 12.54 -10.97 -71.41
N HIS E 242 11.85 -10.63 -72.50
CA HIS E 242 10.52 -11.22 -72.77
C HIS E 242 10.63 -12.70 -73.12
N LYS E 243 11.75 -13.09 -73.71
CA LYS E 243 12.03 -14.52 -73.96
C LYS E 243 12.16 -15.26 -72.63
N ALA E 244 12.76 -14.59 -71.65
CA ALA E 244 12.99 -15.16 -70.31
C ALA E 244 11.71 -15.16 -69.47
N LEU E 245 10.80 -14.27 -69.83
CA LEU E 245 9.49 -14.12 -69.17
C LEU E 245 8.39 -13.93 -70.27
N PRO E 246 8.05 -15.02 -71.01
CA PRO E 246 7.08 -15.05 -72.12
C PRO E 246 5.70 -14.61 -71.70
N SER E 247 5.45 -14.92 -70.43
CA SER E 247 4.19 -14.67 -69.73
C SER E 247 3.90 -13.17 -69.59
N ALA E 248 4.97 -12.39 -69.49
CA ALA E 248 4.86 -10.93 -69.40
C ALA E 248 4.07 -10.37 -70.57
N GLU E 249 3.22 -9.43 -70.23
CA GLU E 249 2.53 -8.58 -71.20
C GLU E 249 3.63 -7.67 -71.74
N TYR E 250 3.63 -7.44 -73.05
CA TYR E 250 4.80 -6.81 -73.68
C TYR E 250 4.42 -5.75 -74.71
N VAL E 251 4.97 -4.55 -74.50
CA VAL E 251 4.63 -3.36 -75.28
C VAL E 251 5.89 -2.66 -75.80
N GLU E 252 5.99 -2.55 -77.13
CA GLU E 252 7.04 -1.74 -77.76
C GLU E 252 6.50 -0.38 -78.12
N VAL E 253 7.21 0.66 -77.70
CA VAL E 253 6.88 2.04 -78.07
C VAL E 253 7.76 2.46 -79.25
N GLU E 254 7.07 2.59 -80.38
CA GLU E 254 7.67 2.83 -81.68
C GLU E 254 8.44 4.15 -81.69
N GLY E 255 9.76 4.03 -81.82
CA GLY E 255 10.67 5.18 -81.94
C GLY E 255 10.81 6.02 -80.67
N ALA E 256 10.39 5.45 -79.56
CA ALA E 256 10.46 6.11 -78.26
C ALA E 256 11.88 5.98 -77.76
N PRO E 257 12.42 7.05 -77.14
CA PRO E 257 13.77 7.02 -76.58
C PRO E 257 13.79 6.35 -75.20
N HIS E 258 14.92 6.45 -74.50
CA HIS E 258 15.03 5.95 -73.11
C HIS E 258 14.09 6.72 -72.17
N GLY E 259 14.12 8.04 -72.34
CA GLY E 259 13.32 8.99 -71.53
C GLY E 259 11.89 9.12 -72.00
N LEU E 260 11.29 7.96 -72.26
CA LEU E 260 9.94 7.83 -72.83
C LEU E 260 8.83 8.27 -71.85
N LEU E 261 9.15 8.36 -70.56
CA LEU E 261 8.18 8.83 -69.52
C LEU E 261 7.64 10.22 -69.83
N TRP E 262 8.52 11.08 -70.34
CA TRP E 262 8.16 12.46 -70.75
C TRP E 262 7.76 12.54 -72.22
N THR E 263 8.67 12.18 -73.12
CA THR E 263 8.46 12.29 -74.61
C THR E 263 7.20 11.55 -75.12
N HIS E 264 6.92 10.39 -74.51
CA HIS E 264 5.78 9.52 -74.86
C HIS E 264 4.90 9.19 -73.66
N ALA E 265 4.76 10.15 -72.76
CA ALA E 265 3.97 9.98 -71.53
C ALA E 265 2.63 9.30 -71.84
N GLU E 266 2.02 9.72 -72.94
CA GLU E 266 0.71 9.21 -73.41
C GLU E 266 0.57 7.73 -73.62
N GLU E 267 1.47 7.27 -74.47
CA GLU E 267 1.56 5.90 -74.90
C GLU E 267 1.92 5.13 -73.64
N VAL E 268 2.75 5.74 -72.82
CA VAL E 268 3.19 5.15 -71.53
C VAL E 268 2.01 4.99 -70.56
N ASN E 269 1.31 6.10 -70.31
CA ASN E 269 0.19 6.12 -69.37
C ASN E 269 -0.95 5.20 -69.79
N THR E 270 -1.25 5.21 -71.09
CA THR E 270 -2.32 4.38 -71.66
C THR E 270 -2.08 2.87 -71.46
N ALA E 271 -0.87 2.41 -71.75
CA ALA E 271 -0.49 0.98 -71.54
C ALA E 271 -0.55 0.61 -70.05
N LEU E 272 0.03 1.50 -69.25
CA LEU E 272 0.11 1.35 -67.80
C LEU E 272 -1.28 1.27 -67.16
N LEU E 273 -2.12 2.23 -67.53
CA LEU E 273 -3.49 2.32 -67.01
C LEU E 273 -4.36 1.11 -67.35
N ALA E 274 -4.24 0.63 -68.58
CA ALA E 274 -5.00 -0.54 -69.03
C ALA E 274 -4.55 -1.78 -68.25
N PHE E 275 -3.24 -1.93 -68.11
CA PHE E 275 -2.65 -3.05 -67.34
C PHE E 275 -3.08 -2.94 -65.88
N LEU E 276 -3.01 -1.72 -65.35
CA LEU E 276 -3.42 -1.43 -63.97
C LEU E 276 -4.89 -1.76 -63.74
N ALA E 277 -5.69 -1.41 -64.72
CA ALA E 277 -7.14 -1.69 -64.68
C ALA E 277 -7.40 -3.19 -64.66
N LYS E 278 -6.65 -3.90 -65.49
CA LYS E 278 -6.75 -5.36 -65.58
C LYS E 278 -6.40 -5.97 -64.23
N ALA E 279 -5.33 -5.48 -63.64
CA ALA E 279 -4.85 -5.95 -62.33
C ALA E 279 -5.91 -5.73 -61.25
N GLN E 280 -6.52 -4.55 -61.30
CA GLN E 280 -7.58 -4.20 -60.32
C GLN E 280 -8.80 -5.11 -60.48
N GLU E 281 -9.15 -5.36 -61.73
CA GLU E 281 -10.29 -6.23 -62.05
C GLU E 281 -10.02 -7.65 -61.56
N ALA E 282 -8.78 -8.10 -61.76
CA ALA E 282 -8.35 -9.44 -61.31
C ALA E 282 -8.48 -9.54 -59.79
N GLN E 283 -8.06 -8.49 -59.11
CA GLN E 283 -8.16 -8.45 -57.64
C GLN E 283 -9.61 -8.53 -57.17
N LYS E 284 -10.47 -7.80 -57.87
CA LYS E 284 -11.92 -7.81 -57.57
C LYS E 284 -12.49 -9.22 -57.78
N GLN E 285 -12.07 -9.84 -58.87
CA GLN E 285 -12.53 -11.19 -59.20
C GLN E 285 -12.08 -12.17 -58.11
N LYS E 286 -10.85 -12.01 -57.67
CA LYS E 286 -10.31 -12.87 -56.61
C LYS E 286 -11.12 -12.72 -55.33
N LEU E 287 -11.43 -11.47 -54.99
CA LEU E 287 -12.21 -11.14 -53.78
C LEU E 287 -13.61 -11.76 -53.89
N LEU E 288 -14.20 -11.66 -55.08
CA LEU E 288 -15.54 -12.22 -55.34
C LEU E 288 -15.53 -13.73 -55.22
N THR E 289 -14.48 -14.34 -55.73
CA THR E 289 -14.35 -15.81 -55.68
C THR E 289 -14.13 -16.29 -54.25
N GLU E 290 -13.35 -15.53 -53.48
CA GLU E 290 -13.13 -15.85 -52.05
C GLU E 290 -14.44 -15.74 -51.26
N VAL E 291 -15.14 -14.65 -51.52
CA VAL E 291 -16.41 -14.37 -50.86
C VAL E 291 -17.39 -15.49 -51.20
N GLU E 292 -17.44 -15.80 -52.49
CA GLU E 292 -18.37 -16.83 -53.01
C GLU E 292 -18.17 -18.17 -52.30
N THR E 293 -16.92 -18.57 -52.09
CA THR E 293 -16.65 -19.88 -51.47
C THR E 293 -17.15 -19.90 -50.02
N TYR E 294 -16.90 -18.81 -49.30
CA TYR E 294 -17.38 -18.67 -47.92
C TYR E 294 -18.91 -18.69 -47.88
N VAL E 295 -19.51 -17.93 -48.78
CA VAL E 295 -20.97 -17.82 -48.86
C VAL E 295 -21.60 -19.18 -49.17
N LEU E 296 -21.02 -19.89 -50.13
CA LEU E 296 -21.54 -21.21 -50.53
C LEU E 296 -21.37 -22.29 -49.46
N SER E 297 -20.36 -22.15 -48.62
CA SER E 297 -20.08 -23.13 -47.54
C SER E 297 -21.24 -23.30 -46.54
N ILE E 298 -22.12 -22.29 -46.49
CA ILE E 298 -23.29 -22.35 -45.59
C ILE E 298 -24.52 -23.00 -46.20
N ILE E 299 -24.53 -23.13 -47.52
CA ILE E 299 -25.69 -23.68 -48.25
C ILE E 299 -25.60 -25.20 -48.41
N PRO E 300 -26.71 -25.92 -48.11
CA PRO E 300 -26.67 -27.36 -48.32
C PRO E 300 -26.52 -27.71 -49.79
N SER E 301 -25.78 -28.77 -50.06
CA SER E 301 -25.51 -29.21 -51.43
C SER E 301 -26.81 -29.61 -52.12
N GLY E 302 -26.91 -29.27 -53.41
CA GLY E 302 -28.10 -29.56 -54.21
C GLY E 302 -28.27 -28.59 -55.37
N PRO E 303 -29.40 -28.70 -56.10
CA PRO E 303 -29.69 -27.86 -57.27
C PRO E 303 -29.89 -26.38 -56.92
N LEU E 304 -30.43 -26.13 -55.74
CA LEU E 304 -30.63 -24.77 -55.25
C LEU E 304 -29.28 -24.08 -55.07
N LYS E 305 -28.35 -24.82 -54.47
CA LYS E 305 -26.98 -24.34 -54.27
C LYS E 305 -26.34 -23.98 -55.61
N ALA E 306 -26.75 -24.72 -56.64
CA ALA E 306 -26.29 -24.47 -58.01
C ALA E 306 -26.82 -23.15 -58.55
N GLU E 307 -28.12 -22.92 -58.36
CA GLU E 307 -28.78 -21.68 -58.79
C GLU E 307 -28.16 -20.46 -58.12
N ILE E 308 -28.00 -20.56 -56.81
CA ILE E 308 -27.41 -19.46 -56.01
C ILE E 308 -26.00 -19.11 -56.49
N ALA E 309 -25.16 -20.13 -56.63
CA ALA E 309 -23.77 -19.96 -57.12
C ALA E 309 -23.74 -19.24 -58.46
N GLN E 310 -24.61 -19.67 -59.36
CA GLN E 310 -24.74 -19.04 -60.68
C GLN E 310 -25.13 -17.57 -60.58
N ARG E 311 -26.08 -17.28 -59.70
CA ARG E 311 -26.55 -15.90 -59.46
C ARG E 311 -25.43 -15.03 -58.89
N LEU E 312 -24.73 -15.58 -57.90
CA LEU E 312 -23.57 -14.90 -57.30
C LEU E 312 -22.57 -14.53 -58.39
N GLU E 313 -22.18 -15.53 -59.16
CA GLU E 313 -21.21 -15.36 -60.25
C GLU E 313 -21.65 -14.29 -61.25
N ASP E 314 -22.93 -14.29 -61.60
CA ASP E 314 -23.49 -13.32 -62.56
C ASP E 314 -23.48 -11.89 -62.03
N VAL E 315 -23.83 -11.72 -60.76
CA VAL E 315 -23.80 -10.36 -60.18
C VAL E 315 -22.35 -9.93 -60.02
N PHE E 316 -21.49 -10.87 -59.65
CA PHE E 316 -20.04 -10.59 -59.46
C PHE E 316 -19.36 -10.21 -60.77
N ALA E 317 -19.82 -10.85 -61.85
CA ALA E 317 -19.31 -10.57 -63.20
C ALA E 317 -19.93 -9.30 -63.78
N GLY E 318 -20.80 -8.68 -62.99
CA GLY E 318 -21.30 -7.34 -63.29
C GLY E 318 -22.58 -7.28 -64.09
N LYS E 319 -23.20 -8.44 -64.36
CA LYS E 319 -24.52 -8.41 -64.99
C LYS E 319 -25.44 -7.69 -63.96
N ASN E 320 -25.83 -6.45 -64.26
CA ASN E 320 -26.67 -5.69 -63.32
C ASN E 320 -28.00 -6.42 -63.27
N THR E 321 -28.32 -6.89 -62.08
CA THR E 321 -29.51 -7.66 -61.89
C THR E 321 -30.54 -6.78 -61.20
N ASP E 322 -31.76 -7.10 -61.56
CA ASP E 322 -32.89 -6.54 -60.85
C ASP E 322 -32.91 -7.09 -59.43
N LEU E 323 -32.39 -6.28 -58.51
CA LEU E 323 -32.30 -6.66 -57.10
C LEU E 323 -33.66 -7.09 -56.56
N GLU E 324 -34.71 -6.37 -56.96
CA GLU E 324 -36.08 -6.65 -56.48
C GLU E 324 -36.49 -8.08 -56.80
N VAL E 325 -36.15 -8.49 -58.02
CA VAL E 325 -36.49 -9.83 -58.51
C VAL E 325 -35.64 -10.86 -57.77
N LEU E 326 -34.37 -10.54 -57.61
CA LEU E 326 -33.41 -11.38 -56.87
C LEU E 326 -33.87 -11.66 -55.44
N MET E 327 -34.22 -10.59 -54.75
CA MET E 327 -34.62 -10.65 -53.33
C MET E 327 -35.92 -11.43 -53.11
N GLU E 328 -36.86 -11.28 -54.04
CA GLU E 328 -38.13 -12.01 -53.98
C GLU E 328 -37.89 -13.51 -54.17
N TRP E 329 -37.02 -13.83 -55.12
CA TRP E 329 -36.63 -15.22 -55.40
C TRP E 329 -36.06 -15.85 -54.13
N LEU E 330 -35.08 -15.17 -53.56
CA LEU E 330 -34.45 -15.59 -52.30
C LEU E 330 -35.49 -15.83 -51.20
N LYS E 331 -36.30 -14.81 -51.02
CA LYS E 331 -37.36 -14.82 -50.01
C LYS E 331 -38.24 -16.07 -50.11
N THR E 332 -38.61 -16.41 -51.34
CA THR E 332 -39.53 -17.54 -51.60
C THR E 332 -38.88 -18.93 -51.76
N ARG E 333 -37.57 -19.01 -51.54
CA ARG E 333 -36.86 -20.30 -51.64
C ARG E 333 -37.22 -21.26 -50.51
N PRO E 334 -37.68 -22.48 -50.84
CA PRO E 334 -37.88 -23.44 -49.77
C PRO E 334 -36.54 -23.98 -49.30
N ILE E 335 -36.56 -24.76 -48.22
CA ILE E 335 -35.36 -25.40 -47.60
C ILE E 335 -34.31 -24.44 -47.01
N LEU E 336 -34.06 -23.31 -47.68
CA LEU E 336 -33.07 -22.33 -47.19
C LEU E 336 -33.46 -21.79 -45.82
N SER E 337 -32.49 -21.81 -44.90
CA SER E 337 -32.69 -21.29 -43.56
C SER E 337 -32.92 -19.77 -43.65
N PRO E 338 -33.76 -19.20 -42.77
CA PRO E 338 -33.99 -17.75 -42.82
C PRO E 338 -32.71 -16.94 -42.63
N LEU E 339 -31.83 -17.46 -41.80
CA LEU E 339 -30.54 -16.83 -41.51
C LEU E 339 -29.68 -16.81 -42.79
N THR E 340 -29.68 -17.93 -43.49
CA THR E 340 -28.91 -18.08 -44.71
C THR E 340 -29.48 -17.14 -45.78
N LYS E 341 -30.79 -17.01 -45.79
CA LYS E 341 -31.49 -16.08 -46.70
C LYS E 341 -31.11 -14.63 -46.42
N GLY E 342 -30.94 -14.32 -45.14
CA GLY E 342 -30.55 -12.97 -44.72
C GLY E 342 -29.13 -12.64 -45.18
N ILE E 343 -28.24 -13.60 -45.00
CA ILE E 343 -26.83 -13.46 -45.38
C ILE E 343 -26.71 -13.25 -46.91
N LEU E 344 -27.42 -14.07 -47.66
CA LEU E 344 -27.45 -13.94 -49.13
C LEU E 344 -28.10 -12.64 -49.56
N GLY E 345 -29.18 -12.30 -48.84
CA GLY E 345 -29.91 -11.05 -49.06
C GLY E 345 -28.97 -9.88 -48.94
N PHE E 346 -28.23 -9.91 -47.84
CA PHE E 346 -27.21 -8.89 -47.52
C PHE E 346 -26.13 -8.81 -48.60
N VAL E 347 -25.61 -9.97 -48.97
CA VAL E 347 -24.53 -10.05 -49.98
C VAL E 347 -24.98 -9.48 -51.33
N PHE E 348 -26.15 -9.89 -51.77
CA PHE E 348 -26.71 -9.42 -53.05
C PHE E 348 -26.92 -7.91 -53.11
N THR E 349 -27.41 -7.32 -52.04
CA THR E 349 -27.66 -5.86 -52.05
C THR E 349 -26.31 -5.09 -52.06
N LEU E 350 -25.31 -5.71 -51.46
CA LEU E 350 -23.94 -5.15 -51.36
C LEU E 350 -23.21 -5.21 -52.70
N THR E 351 -23.40 -6.32 -53.41
CA THR E 351 -22.67 -6.57 -54.66
C THR E 351 -23.39 -6.09 -55.92
N VAL E 352 -24.72 -6.15 -55.90
CA VAL E 352 -25.54 -5.76 -57.07
C VAL E 352 -25.18 -4.33 -57.48
N PRO E 353 -24.97 -4.08 -58.81
CA PRO E 353 -24.56 -2.75 -59.29
C PRO E 353 -25.54 -1.66 -58.85
N SER E 354 -26.82 -1.90 -59.15
CA SER E 354 -27.89 -0.95 -58.85
C SER E 354 -28.92 -1.53 -57.88
N GLU E 355 -29.05 -0.89 -56.72
CA GLU E 355 -30.15 -1.22 -55.81
C GLU E 355 -31.44 -0.59 -56.34
N ARG E 356 -31.30 0.45 -57.14
CA ARG E 356 -32.45 1.12 -57.78
C ARG E 356 -33.41 1.72 -56.76
N GLY E 357 -32.91 2.15 -55.61
CA GLY E 357 -33.74 2.74 -54.58
C GLY E 357 -34.70 1.76 -53.95
N LEU E 358 -34.27 0.51 -53.84
CA LEU E 358 -35.08 -0.49 -53.17
C LEU E 358 -34.98 -0.33 -51.67
N GLN E 359 -36.14 -0.37 -51.02
CA GLN E 359 -36.18 -0.31 -49.57
C GLN E 359 -35.57 -1.58 -49.04
N ARG E 360 -35.00 -1.52 -47.85
CA ARG E 360 -34.42 -2.71 -47.24
C ARG E 360 -35.54 -3.72 -47.02
N ARG E 361 -35.18 -5.00 -47.01
CA ARG E 361 -36.16 -6.10 -46.87
C ARG E 361 -36.37 -6.59 -45.44
N ARG E 362 -37.63 -6.69 -45.05
CA ARG E 362 -38.04 -7.21 -43.74
C ARG E 362 -37.46 -8.59 -43.46
N PHE E 363 -37.47 -9.46 -44.48
CA PHE E 363 -37.02 -10.86 -44.26
C PHE E 363 -35.54 -10.92 -43.87
N VAL E 364 -34.77 -9.99 -44.43
CA VAL E 364 -33.34 -9.88 -44.12
C VAL E 364 -33.16 -9.26 -42.74
N GLN E 365 -33.90 -8.19 -42.50
CA GLN E 365 -33.84 -7.49 -41.21
C GLN E 365 -34.15 -8.45 -40.07
N ASN E 366 -35.21 -9.23 -40.24
CA ASN E 366 -35.59 -10.22 -39.22
C ASN E 366 -34.53 -11.30 -39.02
N ALA E 367 -33.91 -11.70 -40.11
CA ALA E 367 -32.86 -12.73 -40.10
C ALA E 367 -31.56 -12.29 -39.43
N LEU E 368 -31.21 -11.02 -39.60
CA LEU E 368 -29.93 -10.47 -39.10
C LEU E 368 -30.05 -9.60 -37.84
N ASN E 369 -31.17 -9.64 -37.13
CA ASN E 369 -31.36 -8.89 -35.90
C ASN E 369 -30.73 -9.46 -34.62
N GLY E 370 -29.99 -10.57 -34.66
CA GLY E 370 -29.26 -10.99 -33.45
C GLY E 370 -30.23 -11.42 -32.37
N ASN E 371 -31.43 -11.83 -32.81
CA ASN E 371 -32.52 -12.24 -31.92
C ASN E 371 -33.04 -11.09 -31.09
N GLY E 372 -32.69 -9.84 -31.42
CA GLY E 372 -33.04 -8.70 -30.58
C GLY E 372 -32.41 -8.76 -29.20
N ASP E 373 -31.37 -9.57 -29.07
CA ASP E 373 -30.71 -9.74 -27.77
C ASP E 373 -29.74 -8.57 -27.50
N PRO E 374 -29.92 -7.82 -26.40
CA PRO E 374 -29.06 -6.65 -26.10
C PRO E 374 -27.57 -6.97 -25.89
N ASN E 375 -27.28 -8.15 -25.37
CA ASN E 375 -25.89 -8.60 -25.20
C ASN E 375 -25.20 -8.82 -26.55
N ASN E 376 -25.95 -9.45 -27.47
CA ASN E 376 -25.47 -9.70 -28.85
C ASN E 376 -25.23 -8.34 -29.49
N MET E 377 -26.21 -7.47 -29.36
CA MET E 377 -26.16 -6.12 -29.94
C MET E 377 -25.00 -5.29 -29.38
N ASP E 378 -24.76 -5.45 -28.08
CA ASP E 378 -23.63 -4.79 -27.40
C ASP E 378 -22.32 -5.22 -28.06
N LYS E 379 -22.16 -6.53 -28.23
CA LYS E 379 -20.93 -7.07 -28.85
C LYS E 379 -20.83 -6.69 -30.31
N ALA E 380 -21.97 -6.61 -30.98
CA ALA E 380 -22.04 -6.25 -32.41
C ALA E 380 -21.53 -4.82 -32.60
N VAL E 381 -21.88 -3.96 -31.64
CA VAL E 381 -21.46 -2.54 -31.65
C VAL E 381 -19.95 -2.44 -31.38
N LYS E 382 -19.47 -3.29 -30.49
CA LYS E 382 -18.03 -3.34 -30.19
C LYS E 382 -17.24 -3.79 -31.41
N LEU E 383 -17.74 -4.82 -32.08
CA LEU E 383 -17.11 -5.31 -33.31
C LEU E 383 -17.10 -4.21 -34.37
N TYR E 384 -18.26 -3.58 -34.56
CA TYR E 384 -18.41 -2.46 -35.51
C TYR E 384 -17.36 -1.38 -35.29
N ARG E 385 -17.14 -1.04 -34.02
CA ARG E 385 -16.13 -0.04 -33.66
C ARG E 385 -14.78 -0.43 -34.24
N LYS E 386 -14.43 -1.69 -34.07
CA LYS E 386 -13.16 -2.22 -34.56
C LYS E 386 -13.11 -2.27 -36.10
N LEU E 387 -14.20 -2.73 -36.70
CA LEU E 387 -14.30 -2.82 -38.18
C LEU E 387 -14.16 -1.47 -38.87
N LYS E 388 -14.59 -0.42 -38.17
CA LYS E 388 -14.49 0.97 -38.67
C LYS E 388 -13.04 1.37 -38.92
N ARG E 389 -12.13 0.71 -38.22
CA ARG E 389 -10.68 0.98 -38.32
C ARG E 389 -9.97 0.07 -39.32
N GLU E 390 -10.69 -0.95 -39.79
CA GLU E 390 -10.14 -1.88 -40.78
C GLU E 390 -10.30 -1.33 -42.19
N ILE E 391 -9.37 -1.70 -43.05
CA ILE E 391 -9.41 -1.33 -44.48
C ILE E 391 -9.25 -2.53 -45.42
N THR E 392 -8.90 -3.68 -44.86
CA THR E 392 -8.69 -4.89 -45.66
C THR E 392 -9.67 -5.99 -45.32
N PHE E 393 -9.88 -6.87 -46.30
CA PHE E 393 -10.77 -8.03 -46.17
C PHE E 393 -10.28 -8.98 -45.07
N HIS E 394 -8.97 -9.28 -45.11
CA HIS E 394 -8.35 -10.22 -44.13
C HIS E 394 -8.33 -9.67 -42.69
N GLY E 395 -8.02 -8.38 -42.53
CA GLY E 395 -8.01 -7.75 -41.20
C GLY E 395 -9.41 -7.77 -40.61
N ALA E 396 -10.37 -7.42 -41.45
CA ALA E 396 -11.79 -7.41 -41.08
C ALA E 396 -12.24 -8.80 -40.69
N LYS E 397 -11.96 -9.77 -41.56
CA LYS E 397 -12.36 -11.16 -41.31
C LYS E 397 -11.74 -11.69 -40.03
N GLU E 398 -10.47 -11.35 -39.81
CA GLU E 398 -9.69 -11.80 -38.63
C GLU E 398 -10.31 -11.36 -37.30
N ILE E 399 -10.60 -10.06 -37.16
CA ILE E 399 -11.19 -9.56 -35.91
C ILE E 399 -12.62 -10.07 -35.71
N SER E 400 -13.33 -10.25 -36.81
CA SER E 400 -14.71 -10.75 -36.77
C SER E 400 -14.78 -12.16 -36.17
N LEU E 401 -13.77 -12.97 -36.48
CA LEU E 401 -13.70 -14.37 -35.97
C LEU E 401 -13.56 -14.49 -34.45
N SER E 402 -13.25 -13.37 -33.77
CA SER E 402 -13.17 -13.36 -32.30
C SER E 402 -14.54 -13.11 -31.66
N TYR E 403 -15.56 -13.00 -32.49
CA TYR E 403 -16.93 -12.77 -32.03
C TYR E 403 -17.83 -13.95 -32.34
N SER E 404 -18.87 -14.10 -31.52
CA SER E 404 -19.83 -15.20 -31.69
C SER E 404 -20.69 -14.98 -32.93
N ALA E 405 -21.22 -16.07 -33.47
CA ALA E 405 -22.09 -16.01 -34.66
C ALA E 405 -23.31 -15.09 -34.44
N GLY E 406 -23.83 -15.05 -33.21
CA GLY E 406 -24.98 -14.19 -32.86
C GLY E 406 -24.65 -12.71 -32.93
N ALA E 407 -23.48 -12.37 -32.41
CA ALA E 407 -22.97 -10.98 -32.43
C ALA E 407 -22.61 -10.56 -33.85
N LEU E 408 -22.08 -11.52 -34.61
CA LEU E 408 -21.68 -11.28 -36.01
C LEU E 408 -22.89 -10.97 -36.89
N ALA E 409 -23.94 -11.78 -36.71
CA ALA E 409 -25.16 -11.60 -37.50
C ALA E 409 -25.82 -10.26 -37.19
N SER E 410 -25.84 -9.92 -35.91
CA SER E 410 -26.34 -8.60 -35.45
C SER E 410 -25.52 -7.44 -36.00
N CYS E 411 -24.21 -7.62 -36.06
CA CYS E 411 -23.33 -6.61 -36.64
C CYS E 411 -23.68 -6.41 -38.12
N MET E 412 -23.91 -7.52 -38.82
CA MET E 412 -24.30 -7.47 -40.24
C MET E 412 -25.62 -6.69 -40.39
N GLY E 413 -26.53 -6.91 -39.45
CA GLY E 413 -27.81 -6.22 -39.41
C GLY E 413 -27.64 -4.71 -39.24
N LEU E 414 -26.73 -4.35 -38.36
CA LEU E 414 -26.40 -2.95 -38.06
C LEU E 414 -25.99 -2.21 -39.35
N ILE E 415 -25.15 -2.86 -40.13
CA ILE E 415 -24.66 -2.34 -41.41
C ILE E 415 -25.81 -2.34 -42.44
N TYR E 416 -26.51 -3.47 -42.52
CA TYR E 416 -27.63 -3.62 -43.46
C TYR E 416 -28.68 -2.53 -43.26
N ASN E 417 -28.94 -2.23 -41.99
CA ASN E 417 -29.93 -1.20 -41.62
C ASN E 417 -29.43 0.24 -41.73
N ARG E 418 -28.17 0.38 -42.16
CA ARG E 418 -27.49 1.70 -42.31
C ARG E 418 -27.32 2.41 -40.98
N MET E 419 -27.27 1.64 -39.90
CA MET E 419 -27.06 2.21 -38.56
C MET E 419 -25.59 2.47 -38.34
N GLY E 420 -24.79 1.77 -39.12
CA GLY E 420 -23.34 1.98 -39.14
C GLY E 420 -22.89 1.75 -40.56
N ALA E 421 -21.65 2.14 -40.86
CA ALA E 421 -21.10 1.98 -42.21
C ALA E 421 -19.64 1.52 -42.20
N VAL E 422 -19.31 0.64 -43.14
CA VAL E 422 -17.94 0.19 -43.35
C VAL E 422 -17.75 0.05 -44.88
N THR E 423 -16.49 -0.05 -45.27
CA THR E 423 -16.13 -0.24 -46.67
C THR E 423 -16.57 -1.63 -47.14
N THR E 424 -16.81 -1.75 -48.43
CA THR E 424 -17.32 -3.00 -49.02
C THR E 424 -16.44 -4.22 -48.70
N GLU E 425 -15.14 -4.02 -48.79
CA GLU E 425 -14.16 -5.11 -48.58
C GLU E 425 -14.15 -5.59 -47.12
N VAL E 426 -14.35 -4.65 -46.21
CA VAL E 426 -14.45 -4.94 -44.77
C VAL E 426 -15.80 -5.65 -44.51
N ALA E 427 -16.84 -5.18 -45.18
CA ALA E 427 -18.18 -5.81 -45.09
C ALA E 427 -18.10 -7.26 -45.56
N PHE E 428 -17.34 -7.47 -46.62
CA PHE E 428 -17.09 -8.82 -47.15
C PHE E 428 -16.43 -9.71 -46.10
N GLY E 429 -15.42 -9.17 -45.44
CA GLY E 429 -14.70 -9.89 -44.38
C GLY E 429 -15.63 -10.29 -43.25
N LEU E 430 -16.50 -9.37 -42.87
CA LEU E 430 -17.50 -9.62 -41.83
C LEU E 430 -18.43 -10.77 -42.23
N VAL E 431 -19.01 -10.68 -43.42
CA VAL E 431 -19.95 -11.72 -43.90
C VAL E 431 -19.27 -13.09 -43.98
N CYS E 432 -18.01 -13.09 -44.39
CA CYS E 432 -17.24 -14.35 -44.53
C CYS E 432 -16.87 -14.97 -43.19
N ALA E 433 -16.60 -14.14 -42.20
CA ALA E 433 -16.33 -14.62 -40.83
C ALA E 433 -17.60 -15.28 -40.29
N THR E 434 -18.71 -14.61 -40.49
CA THR E 434 -20.02 -15.14 -40.06
C THR E 434 -20.32 -16.46 -40.75
N CYS E 435 -20.11 -16.51 -42.06
CA CYS E 435 -20.34 -17.74 -42.84
C CYS E 435 -19.46 -18.87 -42.31
N GLU E 436 -18.19 -18.56 -42.07
CA GLU E 436 -17.21 -19.53 -41.56
C GLU E 436 -17.69 -20.09 -40.22
N GLN E 437 -18.09 -19.19 -39.32
CA GLN E 437 -18.57 -19.58 -37.98
C GLN E 437 -19.78 -20.52 -38.06
N ILE E 438 -20.75 -20.14 -38.88
CA ILE E 438 -21.99 -20.91 -39.07
C ILE E 438 -21.71 -22.29 -39.70
N ALA E 439 -20.95 -22.27 -40.79
CA ALA E 439 -20.57 -23.51 -41.50
C ALA E 439 -19.83 -24.45 -40.53
N ASP E 440 -18.91 -23.87 -39.77
CA ASP E 440 -18.10 -24.63 -38.77
C ASP E 440 -18.94 -25.29 -37.70
N SER E 441 -20.10 -24.70 -37.41
CA SER E 441 -21.01 -25.24 -36.39
C SER E 441 -21.76 -26.46 -36.90
N GLN E 442 -21.90 -26.53 -38.22
CA GLN E 442 -22.59 -27.64 -38.88
C GLN E 442 -21.67 -28.84 -39.02
N PRO F 2 22.00 15.84 -43.36
CA PRO F 2 22.23 15.86 -41.92
C PRO F 2 22.48 17.27 -41.36
N PHE F 3 22.02 17.51 -40.13
CA PHE F 3 22.20 18.81 -39.46
C PHE F 3 22.76 18.76 -38.06
N ILE F 4 23.52 19.81 -37.75
CA ILE F 4 23.96 20.11 -36.39
C ILE F 4 23.44 21.52 -36.07
N THR F 5 22.74 21.62 -34.93
CA THR F 5 22.19 22.89 -34.42
C THR F 5 23.30 23.65 -33.68
N VAL F 6 23.51 24.90 -34.07
CA VAL F 6 24.59 25.70 -33.49
C VAL F 6 24.09 26.89 -32.67
N GLY F 7 22.80 27.17 -32.80
CA GLY F 7 22.20 28.28 -32.06
C GLY F 7 20.75 28.53 -32.37
N GLN F 8 20.31 29.73 -31.99
CA GLN F 8 18.91 30.13 -32.11
C GLN F 8 18.84 31.54 -32.68
N GLU F 9 17.90 31.72 -33.61
CA GLU F 9 17.55 33.04 -34.16
C GLU F 9 16.06 33.23 -34.03
N ASN F 10 15.64 34.15 -33.16
CA ASN F 10 14.22 34.41 -32.89
C ASN F 10 13.48 33.10 -32.56
N SER F 11 12.43 32.76 -33.31
CA SER F 11 11.67 31.51 -33.06
C SER F 11 12.30 30.25 -33.67
N THR F 12 13.35 30.43 -34.47
CA THR F 12 13.96 29.34 -35.25
C THR F 12 15.36 28.97 -34.77
N SER F 13 15.74 27.70 -34.87
CA SER F 13 17.12 27.33 -34.56
C SER F 13 17.99 27.52 -35.79
N ILE F 14 19.29 27.60 -35.52
CA ILE F 14 20.31 27.73 -36.57
C ILE F 14 20.99 26.37 -36.73
N ASP F 15 20.76 25.75 -37.88
CA ASP F 15 21.27 24.40 -38.17
C ASP F 15 22.29 24.40 -39.30
N LEU F 16 23.39 23.69 -39.10
CA LEU F 16 24.39 23.51 -40.15
C LEU F 16 24.22 22.18 -40.86
N TYR F 17 24.16 22.26 -42.18
CA TYR F 17 24.13 21.06 -43.01
C TYR F 17 25.54 20.44 -43.00
N TYR F 18 25.63 19.15 -42.74
CA TYR F 18 26.93 18.45 -42.79
C TYR F 18 26.83 17.03 -43.38
N GLU F 19 27.98 16.53 -43.81
CA GLU F 19 28.12 15.15 -44.29
C GLU F 19 29.30 14.47 -43.62
N ASP F 20 29.24 13.15 -43.57
CA ASP F 20 30.16 12.33 -42.79
C ASP F 20 30.40 11.03 -43.53
N HIS F 21 31.51 10.98 -44.27
CA HIS F 21 31.80 9.84 -45.16
C HIS F 21 33.14 9.16 -44.87
N GLY F 22 33.17 7.87 -45.18
CA GLY F 22 34.37 7.06 -45.05
C GLY F 22 34.74 6.67 -43.64
N THR F 23 35.89 6.02 -43.52
CA THR F 23 36.35 5.52 -42.23
C THR F 23 37.83 5.77 -42.17
N GLY F 24 38.34 5.98 -40.96
CA GLY F 24 39.76 6.23 -40.76
C GLY F 24 39.92 7.59 -40.12
N THR F 25 41.12 8.14 -40.24
CA THR F 25 41.44 9.44 -39.65
C THR F 25 40.51 10.51 -40.21
N PRO F 26 39.86 11.28 -39.32
CA PRO F 26 38.91 12.32 -39.70
C PRO F 26 39.58 13.55 -40.28
N VAL F 27 39.08 13.96 -41.44
CA VAL F 27 39.56 15.13 -42.14
C VAL F 27 38.37 16.05 -42.37
N VAL F 28 38.46 17.25 -41.82
CA VAL F 28 37.37 18.23 -41.86
C VAL F 28 37.68 19.33 -42.88
N LEU F 29 36.80 19.41 -43.88
CA LEU F 29 36.95 20.35 -45.00
C LEU F 29 35.99 21.54 -44.82
N ILE F 30 36.55 22.74 -44.85
CA ILE F 30 35.81 24.00 -44.61
C ILE F 30 35.85 24.85 -45.86
N HIS F 31 34.68 25.00 -46.49
CA HIS F 31 34.57 25.60 -47.83
C HIS F 31 34.78 27.10 -47.87
N GLY F 32 34.88 27.61 -49.09
CA GLY F 32 35.01 29.05 -49.37
C GLY F 32 33.75 29.73 -49.88
N PHE F 33 33.83 31.05 -49.99
CA PHE F 33 32.73 31.90 -50.46
C PHE F 33 32.66 31.88 -52.00
N PRO F 34 31.43 31.80 -52.58
CA PRO F 34 30.13 31.68 -51.94
C PRO F 34 29.56 30.26 -52.05
N LEU F 35 30.47 29.29 -51.92
CA LEU F 35 30.17 27.88 -52.18
C LEU F 35 29.83 27.10 -50.93
N SER F 36 29.73 25.77 -51.07
CA SER F 36 29.32 24.87 -49.99
C SER F 36 30.26 23.68 -49.80
N GLY F 37 29.93 22.80 -48.86
CA GLY F 37 30.74 21.59 -48.59
C GLY F 37 30.95 20.73 -49.84
N HIS F 38 29.99 20.80 -50.75
CA HIS F 38 30.01 20.02 -52.00
C HIS F 38 31.09 20.43 -53.01
N SER F 39 31.62 21.63 -52.85
CA SER F 39 32.72 22.16 -53.68
C SER F 39 34.04 21.40 -53.51
N TRP F 40 34.12 20.64 -52.42
CA TRP F 40 35.27 19.77 -52.13
C TRP F 40 35.24 18.39 -52.81
N GLU F 41 34.24 18.16 -53.66
CA GLU F 41 33.95 16.81 -54.22
C GLU F 41 35.15 16.09 -54.88
N ARG F 42 36.02 16.85 -55.54
CA ARG F 42 37.22 16.30 -56.17
C ARG F 42 38.26 15.85 -55.13
N GLN F 43 38.37 16.64 -54.07
CA GLN F 43 39.25 16.31 -52.94
C GLN F 43 38.68 15.16 -52.08
N SER F 44 37.38 15.22 -51.79
CA SER F 44 36.69 14.17 -50.99
C SER F 44 36.86 12.77 -51.56
N ALA F 45 36.74 12.66 -52.88
CA ALA F 45 36.86 11.37 -53.59
C ALA F 45 38.25 10.76 -53.40
N ALA F 46 39.27 11.60 -53.55
CA ALA F 46 40.67 11.21 -53.35
C ALA F 46 40.92 10.78 -51.90
N LEU F 47 40.47 11.59 -50.95
CA LEU F 47 40.60 11.27 -49.52
C LEU F 47 39.90 9.97 -49.14
N LEU F 48 38.74 9.76 -49.73
CA LEU F 48 37.97 8.54 -49.48
C LEU F 48 38.73 7.33 -50.01
N ASP F 49 39.27 7.47 -51.21
CA ASP F 49 40.08 6.39 -51.83
C ASP F 49 41.37 6.10 -51.04
N ALA F 50 41.97 7.18 -50.53
CA ALA F 50 43.23 7.11 -49.73
C ALA F 50 43.02 6.56 -48.30
N GLY F 51 41.75 6.45 -47.90
CA GLY F 51 41.37 5.82 -46.62
C GLY F 51 41.23 6.76 -45.43
N ALA F 52 40.54 7.88 -45.65
CA ALA F 52 40.24 8.85 -44.59
C ALA F 52 38.74 8.98 -44.34
N ARG F 53 38.41 9.47 -43.15
CA ARG F 53 37.03 9.81 -42.85
C ARG F 53 36.86 11.26 -43.23
N VAL F 54 35.94 11.54 -44.14
CA VAL F 54 35.74 12.90 -44.68
C VAL F 54 34.48 13.59 -44.07
N ILE F 55 34.72 14.69 -43.37
CA ILE F 55 33.64 15.52 -42.82
C ILE F 55 33.57 16.87 -43.57
N THR F 56 32.40 17.18 -44.10
CA THR F 56 32.14 18.48 -44.72
C THR F 56 30.93 19.11 -44.04
N TYR F 57 30.88 20.43 -44.04
CA TYR F 57 29.69 21.13 -43.56
C TYR F 57 29.55 22.45 -44.32
N ASP F 58 28.35 22.98 -44.31
CA ASP F 58 28.04 24.26 -44.96
C ASP F 58 28.03 25.34 -43.89
N ARG F 59 28.91 26.33 -44.04
CA ARG F 59 28.91 27.54 -43.20
C ARG F 59 27.52 28.17 -43.17
N ARG F 60 27.16 28.72 -42.01
CA ARG F 60 25.88 29.43 -41.84
C ARG F 60 25.69 30.43 -42.97
N GLY F 61 24.50 30.44 -43.57
CA GLY F 61 24.18 31.34 -44.70
C GLY F 61 24.51 30.83 -46.10
N PHE F 62 25.11 29.64 -46.15
CA PHE F 62 25.55 29.00 -47.40
C PHE F 62 25.05 27.57 -47.59
N GLY F 63 25.05 27.15 -48.86
CA GLY F 63 24.63 25.82 -49.25
C GLY F 63 23.29 25.47 -48.62
N GLN F 64 23.27 24.37 -47.87
CA GLN F 64 22.03 23.87 -47.24
C GLN F 64 21.85 24.19 -45.76
N SER F 65 22.78 24.97 -45.22
CA SER F 65 22.66 25.46 -43.85
C SER F 65 21.59 26.53 -43.76
N SER F 66 21.18 26.79 -42.53
CA SER F 66 20.24 27.88 -42.23
C SER F 66 20.83 29.21 -42.66
N GLN F 67 19.92 30.15 -42.88
CA GLN F 67 20.27 31.48 -43.38
C GLN F 67 19.85 32.57 -42.42
N PRO F 68 20.50 32.63 -41.25
CA PRO F 68 20.21 33.73 -40.33
C PRO F 68 20.74 35.06 -40.84
N THR F 69 20.35 36.10 -40.12
CA THR F 69 20.85 37.45 -40.37
C THR F 69 21.78 37.88 -39.22
N THR F 70 22.33 36.87 -38.55
CA THR F 70 23.22 37.03 -37.37
C THR F 70 24.41 36.07 -37.39
N GLY F 71 25.49 36.51 -36.73
CA GLY F 71 26.67 35.67 -36.47
C GLY F 71 27.69 35.56 -37.60
N TYR F 72 27.78 36.63 -38.39
CA TYR F 72 28.74 36.69 -39.53
C TYR F 72 30.05 37.34 -39.14
N ASP F 73 30.85 36.53 -38.46
CA ASP F 73 32.15 36.94 -37.90
C ASP F 73 32.94 35.69 -37.51
N TYR F 74 34.26 35.80 -37.49
CA TYR F 74 35.10 34.62 -37.30
C TYR F 74 35.04 33.97 -35.93
N ASP F 75 34.66 34.72 -34.90
CA ASP F 75 34.51 34.07 -33.58
C ASP F 75 33.30 33.14 -33.56
N THR F 76 32.22 33.58 -34.21
CA THR F 76 30.99 32.78 -34.34
C THR F 76 31.23 31.60 -35.26
N PHE F 77 31.86 31.87 -36.39
CA PHE F 77 32.22 30.82 -37.35
C PHE F 77 33.10 29.74 -36.68
N ALA F 78 34.02 30.18 -35.83
CA ALA F 78 34.94 29.27 -35.12
C ALA F 78 34.18 28.51 -34.02
N ALA F 79 33.24 29.20 -33.40
CA ALA F 79 32.35 28.60 -32.40
C ALA F 79 31.43 27.57 -33.05
N ASP F 80 31.02 27.86 -34.27
CA ASP F 80 30.18 26.95 -35.07
C ASP F 80 30.96 25.65 -35.29
N LEU F 81 32.20 25.83 -35.75
CA LEU F 81 33.13 24.71 -36.00
C LEU F 81 33.35 23.90 -34.73
N ASN F 82 33.56 24.61 -33.63
CA ASN F 82 33.75 23.96 -32.31
C ASN F 82 32.59 23.01 -31.99
N THR F 83 31.37 23.51 -32.20
CA THR F 83 30.15 22.73 -31.94
C THR F 83 30.13 21.45 -32.77
N VAL F 84 30.58 21.55 -34.01
CA VAL F 84 30.63 20.40 -34.91
C VAL F 84 31.60 19.35 -34.36
N LEU F 85 32.80 19.80 -34.02
CA LEU F 85 33.89 18.93 -33.52
C LEU F 85 33.53 18.22 -32.22
N GLU F 86 32.92 18.98 -31.33
CA GLU F 86 32.43 18.46 -30.05
C GLU F 86 31.23 17.53 -30.23
N THR F 87 30.33 17.89 -31.15
CA THR F 87 29.13 17.09 -31.41
C THR F 87 29.51 15.70 -31.91
N LEU F 88 30.50 15.65 -32.78
CA LEU F 88 30.96 14.39 -33.38
C LEU F 88 32.06 13.69 -32.58
N ASP F 89 32.55 14.37 -31.54
CA ASP F 89 33.64 13.89 -30.65
C ASP F 89 34.88 13.51 -31.45
N LEU F 90 35.25 14.41 -32.34
CA LEU F 90 36.39 14.20 -33.22
C LEU F 90 37.70 14.31 -32.45
N GLN F 91 38.50 13.26 -32.65
CA GLN F 91 39.81 13.11 -32.05
C GLN F 91 40.84 13.02 -33.16
N ASP F 92 41.97 13.69 -32.98
CA ASP F 92 43.12 13.51 -33.88
C ASP F 92 42.78 13.93 -35.30
N ALA F 93 42.01 15.00 -35.38
CA ALA F 93 41.43 15.49 -36.64
C ALA F 93 42.38 16.39 -37.42
N VAL F 94 42.21 16.36 -38.74
CA VAL F 94 42.91 17.28 -39.64
C VAL F 94 41.89 18.34 -40.06
N LEU F 95 42.26 19.61 -39.92
CA LEU F 95 41.42 20.73 -40.38
C LEU F 95 41.99 21.32 -41.67
N VAL F 96 41.18 21.28 -42.72
CA VAL F 96 41.57 21.83 -44.02
C VAL F 96 40.57 22.93 -44.38
N GLY F 97 41.11 24.13 -44.56
CA GLY F 97 40.30 25.31 -44.96
C GLY F 97 40.71 25.78 -46.34
N PHE F 98 39.73 26.23 -47.11
CA PHE F 98 39.95 26.87 -48.43
C PHE F 98 39.40 28.28 -48.37
N SER F 99 40.22 29.24 -48.72
CA SER F 99 39.82 30.66 -48.80
C SER F 99 39.21 31.08 -47.43
N MET F 100 37.94 31.49 -47.41
CA MET F 100 37.24 31.85 -46.15
C MET F 100 37.48 30.83 -45.04
N GLY F 101 37.44 29.57 -45.41
CA GLY F 101 37.66 28.43 -44.49
C GLY F 101 38.97 28.48 -43.73
N THR F 102 39.98 29.11 -44.31
CA THR F 102 41.29 29.24 -43.65
C THR F 102 41.21 30.18 -42.42
N GLY F 103 40.20 31.03 -42.41
CA GLY F 103 39.90 31.91 -41.26
C GLY F 103 39.41 31.13 -40.05
N GLU F 104 38.52 30.17 -40.31
CA GLU F 104 38.03 29.22 -39.26
C GLU F 104 39.19 28.47 -38.63
N VAL F 105 40.02 27.89 -39.48
CA VAL F 105 41.16 27.05 -39.04
C VAL F 105 42.05 27.84 -38.05
N ALA F 106 42.45 29.05 -38.43
CA ALA F 106 43.33 29.92 -37.59
C ALA F 106 42.69 30.34 -36.28
N ARG F 107 41.47 30.84 -36.39
CA ARG F 107 40.71 31.33 -35.23
C ARG F 107 40.33 30.22 -34.24
N TYR F 108 39.94 29.05 -34.75
CA TYR F 108 39.63 27.89 -33.87
C TYR F 108 40.88 27.43 -33.09
N VAL F 109 41.94 27.17 -33.83
CA VAL F 109 43.25 26.73 -33.27
C VAL F 109 43.69 27.70 -32.19
N SER F 110 43.64 28.97 -32.55
CA SER F 110 44.05 30.09 -31.68
C SER F 110 43.26 30.15 -30.36
N SER F 111 41.94 30.14 -30.46
CA SER F 111 41.04 30.29 -29.29
C SER F 111 40.83 29.00 -28.50
N TYR F 112 40.52 27.94 -29.22
CA TYR F 112 40.15 26.65 -28.62
C TYR F 112 41.30 25.66 -28.42
N GLY F 113 42.42 25.92 -29.06
CA GLY F 113 43.59 25.06 -28.93
C GLY F 113 43.51 23.81 -29.77
N THR F 114 44.56 23.00 -29.70
CA THR F 114 44.78 21.88 -30.63
C THR F 114 44.65 20.47 -30.00
N ALA F 115 43.81 20.35 -28.96
CA ALA F 115 43.61 19.05 -28.26
C ALA F 115 43.03 17.93 -29.16
N ARG F 116 42.08 18.29 -30.02
CA ARG F 116 41.44 17.33 -30.95
C ARG F 116 42.14 17.25 -32.31
N ILE F 117 43.10 18.13 -32.51
CA ILE F 117 43.67 18.48 -33.83
C ILE F 117 45.09 17.92 -34.03
N ALA F 118 45.25 17.10 -35.08
CA ALA F 118 46.57 16.51 -35.43
C ALA F 118 47.39 17.38 -36.39
N ALA F 119 46.72 17.94 -37.40
CA ALA F 119 47.37 18.83 -38.37
C ALA F 119 46.38 19.76 -39.02
N VAL F 120 46.91 20.83 -39.60
CA VAL F 120 46.11 21.84 -40.29
C VAL F 120 46.67 22.11 -41.69
N ALA F 121 45.80 22.59 -42.55
CA ALA F 121 46.16 22.90 -43.92
C ALA F 121 45.42 24.15 -44.30
N PHE F 122 46.12 25.03 -45.01
CA PHE F 122 45.59 26.31 -45.47
C PHE F 122 45.75 26.39 -46.98
N LEU F 123 44.62 26.46 -47.68
CA LEU F 123 44.61 26.50 -49.14
C LEU F 123 43.98 27.82 -49.57
N ALA F 124 44.68 28.56 -50.44
CA ALA F 124 44.19 29.88 -50.90
C ALA F 124 43.74 30.73 -49.71
N SER F 125 44.70 30.97 -48.82
CA SER F 125 44.51 31.64 -47.50
C SER F 125 44.24 33.14 -47.51
N LEU F 126 43.44 33.57 -46.52
CA LEU F 126 43.20 35.00 -46.20
C LEU F 126 44.40 35.61 -45.46
N GLU F 127 45.04 34.76 -44.68
CA GLU F 127 46.10 35.13 -43.74
C GLU F 127 47.23 35.93 -44.40
N PRO F 128 47.84 36.85 -43.63
CA PRO F 128 47.60 37.09 -42.20
C PRO F 128 46.60 38.22 -41.86
N PHE F 129 46.39 39.13 -42.81
CA PHE F 129 45.56 40.32 -42.61
C PHE F 129 45.47 41.01 -43.97
N LEU F 130 44.32 40.86 -44.63
CA LEU F 130 44.09 41.44 -45.97
C LEU F 130 43.98 42.96 -46.01
N LEU F 131 43.64 43.57 -44.88
CA LEU F 131 43.42 45.02 -44.87
C LEU F 131 44.74 45.77 -44.91
N LYS F 132 44.81 46.66 -45.89
CA LYS F 132 46.00 47.49 -46.11
C LYS F 132 45.94 48.70 -45.22
N THR F 133 46.81 48.73 -44.24
CA THR F 133 46.84 49.88 -43.32
C THR F 133 48.27 50.39 -43.18
N ASP F 134 48.47 51.27 -42.22
CA ASP F 134 49.78 51.87 -41.95
C ASP F 134 50.62 50.82 -41.27
N ASP F 135 49.98 50.16 -40.32
CA ASP F 135 50.64 49.11 -39.55
C ASP F 135 50.62 47.77 -40.33
N ASN F 136 49.74 47.70 -41.31
CA ASN F 136 49.69 46.55 -42.24
C ASN F 136 49.88 47.00 -43.70
N PRO F 137 51.15 47.22 -44.08
CA PRO F 137 51.63 47.64 -45.41
C PRO F 137 51.46 46.58 -46.51
N ASP F 138 51.58 45.31 -46.13
CA ASP F 138 51.47 44.15 -47.04
C ASP F 138 50.04 43.75 -47.38
N GLY F 139 49.13 44.39 -46.66
CA GLY F 139 47.70 44.27 -46.90
C GLY F 139 47.44 44.36 -48.39
N ALA F 140 46.46 43.58 -48.83
CA ALA F 140 46.10 43.47 -50.25
C ALA F 140 45.26 44.64 -50.80
N ALA F 141 44.41 45.23 -49.97
CA ALA F 141 43.56 46.35 -50.41
C ALA F 141 43.12 47.29 -49.29
N PRO F 142 42.75 48.53 -49.66
CA PRO F 142 42.24 49.45 -48.68
C PRO F 142 40.79 49.13 -48.36
N GLN F 143 40.37 49.62 -47.20
CA GLN F 143 39.01 49.41 -46.65
C GLN F 143 37.89 49.74 -47.65
N GLU F 144 38.13 50.80 -48.41
CA GLU F 144 37.20 51.33 -49.44
C GLU F 144 36.89 50.30 -50.53
N PHE F 145 37.87 49.43 -50.74
CA PHE F 145 37.78 48.35 -51.72
C PHE F 145 36.77 47.26 -51.31
N PHE F 146 36.77 46.93 -50.03
CA PHE F 146 35.86 45.92 -49.46
C PHE F 146 34.44 46.44 -49.36
N ASP F 147 34.37 47.70 -48.95
CA ASP F 147 33.11 48.47 -48.91
C ASP F 147 32.41 48.39 -50.26
N GLY F 148 33.25 48.34 -51.29
CA GLY F 148 32.81 48.26 -52.69
C GLY F 148 32.13 46.96 -53.06
N ILE F 149 32.75 45.86 -52.64
CA ILE F 149 32.22 44.49 -52.85
C ILE F 149 30.85 44.35 -52.17
N VAL F 150 30.79 44.79 -50.93
CA VAL F 150 29.53 44.73 -50.17
C VAL F 150 28.45 45.43 -51.01
N ALA F 151 28.75 46.64 -51.44
CA ALA F 151 27.82 47.47 -52.24
C ALA F 151 27.38 46.78 -53.54
N ALA F 152 28.32 46.06 -54.12
CA ALA F 152 28.10 45.33 -55.38
C ALA F 152 27.18 44.13 -55.17
N VAL F 153 27.44 43.38 -54.10
CA VAL F 153 26.58 42.22 -53.80
C VAL F 153 25.16 42.67 -53.49
N LYS F 154 25.02 43.71 -52.66
CA LYS F 154 23.68 44.25 -52.31
C LYS F 154 22.89 44.73 -53.53
N ALA F 155 23.62 45.22 -54.53
CA ALA F 155 23.02 45.76 -55.76
C ALA F 155 22.36 44.67 -56.63
N ASP F 156 23.06 43.55 -56.80
CA ASP F 156 22.59 42.38 -57.56
C ASP F 156 23.62 41.27 -57.34
N ARG F 157 23.35 40.44 -56.34
CA ARG F 157 24.26 39.35 -56.00
C ARG F 157 24.37 38.34 -57.16
N TYR F 158 23.27 38.16 -57.86
CA TYR F 158 23.15 37.16 -58.95
C TYR F 158 24.09 37.44 -60.12
N ALA F 159 24.00 38.68 -60.58
CA ALA F 159 24.91 39.26 -61.56
C ALA F 159 26.34 39.29 -61.01
N PHE F 160 26.45 39.65 -59.74
CA PHE F 160 27.76 39.71 -59.07
C PHE F 160 28.51 38.37 -59.14
N TYR F 161 27.80 37.28 -58.89
CA TYR F 161 28.43 35.93 -58.87
C TYR F 161 29.12 35.65 -60.19
N THR F 162 28.51 36.13 -61.28
CA THR F 162 29.05 35.91 -62.63
C THR F 162 30.49 36.46 -62.80
N GLY F 163 30.67 37.73 -62.49
CA GLY F 163 32.00 38.37 -62.60
C GLY F 163 32.99 37.82 -61.58
N PHE F 164 32.45 37.43 -60.44
CA PHE F 164 33.23 36.85 -59.33
C PHE F 164 33.87 35.50 -59.75
N PHE F 165 33.08 34.64 -60.39
CA PHE F 165 33.57 33.29 -60.80
C PHE F 165 34.54 33.35 -61.97
N ASN F 166 34.41 34.43 -62.71
CA ASN F 166 35.35 34.80 -63.75
C ASN F 166 36.80 34.88 -63.29
N ASP F 167 36.99 35.65 -62.25
CA ASP F 167 38.30 35.86 -61.62
C ASP F 167 38.62 34.76 -60.62
N PHE F 168 37.58 34.22 -60.02
CA PHE F 168 37.68 33.09 -59.08
C PHE F 168 38.35 31.93 -59.83
N TYR F 169 37.87 31.67 -61.04
CA TYR F 169 38.41 30.59 -61.87
C TYR F 169 39.42 30.96 -62.97
N ASN F 170 39.70 32.25 -63.17
CA ASN F 170 40.52 32.69 -64.32
C ASN F 170 39.90 32.11 -65.60
N LEU F 171 38.60 32.33 -65.77
CA LEU F 171 37.87 31.70 -66.88
C LEU F 171 38.43 32.09 -68.24
N ASP F 172 38.94 33.31 -68.35
CA ASP F 172 39.61 33.75 -69.60
C ASP F 172 40.77 32.81 -69.99
N GLU F 173 41.40 32.18 -69.01
CA GLU F 173 42.46 31.15 -69.24
C GLU F 173 41.90 29.72 -69.29
N ASN F 174 41.11 29.38 -68.27
CA ASN F 174 40.74 27.99 -67.92
C ASN F 174 39.46 27.36 -68.47
N LEU F 175 38.56 28.18 -69.00
CA LEU F 175 37.27 27.71 -69.52
C LEU F 175 37.47 26.86 -70.77
N GLY F 176 36.87 25.68 -70.77
CA GLY F 176 36.96 24.70 -71.88
C GLY F 176 38.24 23.87 -71.86
N THR F 177 39.00 24.04 -70.79
CA THR F 177 40.37 23.53 -70.63
C THR F 177 40.44 22.78 -69.29
N ARG F 178 40.66 23.55 -68.23
CA ARG F 178 40.64 23.10 -66.83
C ARG F 178 39.23 22.99 -66.26
N ILE F 179 38.40 23.98 -66.55
CA ILE F 179 37.00 23.98 -66.07
C ILE F 179 35.98 24.06 -67.21
N SER F 180 34.96 23.22 -67.11
CA SER F 180 33.86 23.24 -68.07
C SER F 180 32.84 24.33 -67.74
N GLU F 181 32.05 24.66 -68.74
CA GLU F 181 30.98 25.65 -68.62
C GLU F 181 29.89 25.16 -67.65
N GLU F 182 29.70 23.84 -67.66
CA GLU F 182 28.74 23.15 -66.79
C GLU F 182 29.17 23.19 -65.31
N ALA F 183 30.46 22.95 -65.08
CA ALA F 183 31.05 23.04 -63.73
C ALA F 183 30.86 24.45 -63.15
N VAL F 184 31.11 25.46 -63.98
CA VAL F 184 30.89 26.87 -63.59
C VAL F 184 29.39 27.15 -63.32
N ARG F 185 28.52 26.53 -64.11
CA ARG F 185 27.08 26.71 -63.95
C ARG F 185 26.62 26.21 -62.58
N ASN F 186 27.17 25.06 -62.20
CA ASN F 186 26.91 24.45 -60.90
C ASN F 186 27.31 25.37 -59.75
N SER F 187 28.50 25.96 -59.87
CA SER F 187 29.01 26.93 -58.88
C SER F 187 28.08 28.13 -58.69
N TRP F 188 27.60 28.69 -59.80
CA TRP F 188 26.68 29.85 -59.76
C TRP F 188 25.38 29.44 -59.06
N ASN F 189 24.85 28.29 -59.45
CA ASN F 189 23.64 27.73 -58.81
C ASN F 189 23.81 27.59 -57.30
N THR F 190 24.96 27.06 -56.88
CA THR F 190 25.28 26.88 -55.44
C THR F 190 25.26 28.22 -54.69
N ALA F 191 25.90 29.20 -55.30
CA ALA F 191 25.99 30.57 -54.75
C ALA F 191 24.62 31.24 -54.64
N ALA F 192 23.86 31.17 -55.73
CA ALA F 192 22.49 31.74 -55.82
C ALA F 192 21.57 31.17 -54.74
N SER F 193 21.92 29.96 -54.30
CA SER F 193 21.20 29.19 -53.25
C SER F 193 21.54 29.57 -51.80
N GLY F 194 22.67 30.25 -51.59
CA GLY F 194 23.02 30.79 -50.28
C GLY F 194 22.10 31.94 -49.92
N GLY F 195 22.09 32.32 -48.64
CA GLY F 195 21.21 33.39 -48.15
C GLY F 195 21.60 34.77 -48.64
N PHE F 196 20.60 35.59 -48.96
CA PHE F 196 20.86 36.96 -49.45
C PHE F 196 21.69 37.76 -48.45
N PHE F 197 21.37 37.60 -47.17
CA PHE F 197 21.99 38.43 -46.14
C PHE F 197 23.44 38.02 -45.96
N ALA F 198 23.67 36.71 -45.91
CA ALA F 198 25.03 36.12 -45.75
C ALA F 198 25.99 36.53 -46.88
N ALA F 199 25.44 36.63 -48.07
CA ALA F 199 26.19 37.01 -49.29
C ALA F 199 26.85 38.40 -49.14
N ALA F 200 26.05 39.35 -48.67
CA ALA F 200 26.51 40.74 -48.46
C ALA F 200 27.33 40.93 -47.17
N ALA F 201 27.00 40.12 -46.15
CA ALA F 201 27.71 40.15 -44.84
C ALA F 201 29.08 39.46 -44.87
N ALA F 202 29.23 38.45 -45.72
CA ALA F 202 30.49 37.66 -45.78
C ALA F 202 31.75 38.49 -46.07
N PRO F 203 31.72 39.33 -47.11
CA PRO F 203 32.88 40.14 -47.48
C PRO F 203 33.42 41.07 -46.36
N THR F 204 32.58 41.42 -45.40
CA THR F 204 33.05 42.20 -44.24
C THR F 204 33.98 41.37 -43.31
N THR F 205 33.85 40.05 -43.36
CA THR F 205 34.70 39.19 -42.50
C THR F 205 36.09 38.95 -43.11
N TRP F 206 36.24 39.24 -44.40
CA TRP F 206 37.50 38.92 -45.16
C TRP F 206 38.78 39.64 -44.69
N TYR F 207 38.65 40.86 -44.18
CA TYR F 207 39.82 41.61 -43.64
C TYR F 207 39.96 41.52 -42.11
N THR F 208 39.56 40.36 -41.59
CA THR F 208 39.79 39.99 -40.20
C THR F 208 41.30 39.86 -40.02
N ASP F 209 41.80 40.40 -38.89
CA ASP F 209 43.23 40.36 -38.61
C ASP F 209 43.58 39.05 -37.89
N PHE F 210 44.23 38.15 -38.63
CA PHE F 210 44.59 36.83 -38.09
C PHE F 210 46.05 36.79 -37.58
N ARG F 211 46.65 37.97 -37.43
CA ARG F 211 48.08 38.07 -37.08
C ARG F 211 48.45 37.48 -35.71
N ALA F 212 47.54 37.60 -34.75
CA ALA F 212 47.73 37.06 -33.37
C ALA F 212 47.30 35.60 -33.20
N ASP F 213 46.63 35.08 -34.22
CA ASP F 213 46.21 33.69 -34.27
C ASP F 213 47.36 32.77 -34.68
N ILE F 214 48.18 33.27 -35.59
CA ILE F 214 49.28 32.49 -36.21
C ILE F 214 50.34 31.88 -35.25
N PRO F 215 50.77 32.63 -34.21
CA PRO F 215 51.74 32.09 -33.22
C PRO F 215 51.20 30.94 -32.37
N ARG F 216 49.88 30.82 -32.38
CA ARG F 216 49.10 29.78 -31.69
C ARG F 216 49.10 28.44 -32.40
N ILE F 217 49.43 28.48 -33.69
CA ILE F 217 49.48 27.27 -34.51
C ILE F 217 50.65 26.40 -34.06
N ASP F 218 50.17 25.30 -33.49
CA ASP F 218 50.84 24.35 -32.58
C ASP F 218 51.37 23.10 -33.25
N VAL F 219 50.56 22.70 -34.22
CA VAL F 219 50.63 21.41 -34.91
C VAL F 219 51.19 21.60 -36.31
N PRO F 220 51.65 20.51 -36.95
CA PRO F 220 52.14 20.61 -38.33
C PRO F 220 51.12 21.25 -39.24
N ALA F 221 51.61 22.17 -40.08
CA ALA F 221 50.78 22.91 -41.01
C ALA F 221 51.28 22.87 -42.44
N LEU F 222 50.32 22.97 -43.35
CA LEU F 222 50.59 23.05 -44.78
C LEU F 222 49.97 24.37 -45.27
N ILE F 223 50.75 25.13 -46.04
CA ILE F 223 50.27 26.34 -46.74
C ILE F 223 50.37 26.08 -48.24
N LEU F 224 49.26 26.29 -48.92
CA LEU F 224 49.19 26.02 -50.36
C LEU F 224 48.43 27.14 -51.09
N HIS F 225 49.06 27.67 -52.13
CA HIS F 225 48.50 28.79 -52.88
C HIS F 225 48.80 28.67 -54.38
N GLY F 226 47.86 29.19 -55.18
CA GLY F 226 48.02 29.25 -56.64
C GLY F 226 48.72 30.54 -56.99
N THR F 227 49.75 30.48 -57.83
CA THR F 227 50.50 31.71 -58.15
C THR F 227 49.69 32.66 -59.06
N GLY F 228 48.74 32.10 -59.81
CA GLY F 228 47.80 32.89 -60.65
C GLY F 228 46.50 33.34 -59.95
N ASP F 229 46.55 33.39 -58.62
CA ASP F 229 45.38 33.78 -57.81
C ASP F 229 45.10 35.28 -57.96
N ARG F 230 43.98 35.56 -58.62
CA ARG F 230 43.47 36.94 -58.84
C ARG F 230 42.59 37.43 -57.68
N THR F 231 42.08 36.48 -56.91
CA THR F 231 41.13 36.79 -55.83
C THR F 231 41.92 37.14 -54.54
N LEU F 232 42.87 36.26 -54.18
CA LEU F 232 43.81 36.47 -53.06
C LEU F 232 45.26 36.47 -53.54
N PRO F 233 45.77 37.66 -53.92
CA PRO F 233 47.13 37.82 -54.41
C PRO F 233 48.13 37.08 -53.53
N ILE F 234 48.82 36.11 -54.11
CA ILE F 234 49.78 35.24 -53.37
C ILE F 234 50.82 36.07 -52.55
N GLU F 235 51.15 37.23 -53.09
CA GLU F 235 52.12 38.19 -52.48
C GLU F 235 51.68 38.91 -51.19
N ASN F 236 50.37 39.05 -51.00
CA ASN F 236 49.77 39.74 -49.81
C ASN F 236 49.20 38.76 -48.79
N THR F 237 49.23 37.50 -49.17
CA THR F 237 48.64 36.40 -48.42
C THR F 237 49.69 35.31 -48.13
N ALA F 238 49.62 34.21 -48.89
CA ALA F 238 50.49 33.03 -48.69
C ALA F 238 51.95 33.35 -48.42
N ARG F 239 52.52 34.26 -49.20
CA ARG F 239 53.96 34.57 -49.08
C ARG F 239 54.35 35.29 -47.79
N VAL F 240 53.50 36.20 -47.32
CA VAL F 240 53.78 36.90 -46.05
C VAL F 240 53.36 36.00 -44.85
N PHE F 241 52.38 35.13 -45.09
CA PHE F 241 51.88 34.12 -44.12
C PHE F 241 53.00 33.11 -43.76
N HIS F 242 53.73 32.66 -44.78
CA HIS F 242 54.83 31.70 -44.57
C HIS F 242 55.99 32.31 -43.81
N LYS F 243 56.17 33.62 -43.97
CA LYS F 243 57.17 34.35 -43.17
C LYS F 243 56.78 34.32 -41.70
N ALA F 244 55.48 34.41 -41.46
CA ALA F 244 54.92 34.42 -40.10
C ALA F 244 54.88 33.02 -39.47
N LEU F 245 54.89 32.03 -40.34
CA LEU F 245 54.88 30.61 -39.97
C LEU F 245 55.88 29.84 -40.89
N PRO F 246 57.20 30.04 -40.68
CA PRO F 246 58.33 29.46 -41.47
C PRO F 246 58.30 27.95 -41.46
N SER F 247 57.82 27.47 -40.32
CA SER F 247 57.69 26.05 -39.99
C SER F 247 56.72 25.32 -40.91
N ALA F 248 55.72 26.05 -41.38
CA ALA F 248 54.73 25.48 -42.32
C ALA F 248 55.41 24.92 -43.54
N GLU F 249 54.90 23.76 -43.94
CA GLU F 249 55.23 23.16 -45.22
C GLU F 249 54.53 24.04 -46.24
N TYR F 250 55.19 24.34 -47.35
CA TYR F 250 54.72 25.40 -48.26
C TYR F 250 54.81 25.03 -49.73
N VAL F 251 53.68 25.13 -50.40
CA VAL F 251 53.50 24.70 -51.78
C VAL F 251 52.88 25.78 -52.64
N GLU F 252 53.59 26.20 -53.68
CA GLU F 252 53.04 27.11 -54.70
C GLU F 252 52.58 26.31 -55.90
N VAL F 253 51.33 26.55 -56.31
CA VAL F 253 50.79 25.94 -57.53
C VAL F 253 50.90 26.97 -58.68
N GLU F 254 51.81 26.60 -59.58
CA GLU F 254 52.23 27.43 -60.70
C GLU F 254 51.06 27.75 -61.61
N GLY F 255 50.71 29.04 -61.63
CA GLY F 255 49.64 29.58 -62.51
C GLY F 255 48.24 29.12 -62.18
N ALA F 256 48.07 28.60 -60.96
CA ALA F 256 46.78 28.12 -60.48
C ALA F 256 45.98 29.32 -60.03
N PRO F 257 44.67 29.35 -60.32
CA PRO F 257 43.81 30.45 -59.89
C PRO F 257 43.36 30.28 -58.44
N HIS F 258 42.41 31.10 -58.00
CA HIS F 258 41.82 30.97 -56.65
C HIS F 258 41.08 29.64 -56.49
N GLY F 259 40.31 29.32 -57.53
CA GLY F 259 39.47 28.11 -57.59
C GLY F 259 40.25 26.88 -58.01
N LEU F 260 41.43 26.73 -57.40
CA LEU F 260 42.40 25.68 -57.72
C LEU F 260 41.94 24.26 -57.30
N LEU F 261 40.93 24.19 -56.44
CA LEU F 261 40.34 22.89 -56.01
C LEU F 261 39.82 22.07 -57.18
N TRP F 262 39.23 22.77 -58.15
CA TRP F 262 38.72 22.15 -59.39
C TRP F 262 39.76 22.15 -60.52
N THR F 263 40.20 23.34 -60.92
CA THR F 263 41.15 23.52 -62.08
C THR F 263 42.46 22.71 -61.94
N HIS F 264 42.96 22.63 -60.70
CA HIS F 264 44.21 21.94 -60.36
C HIS F 264 44.01 20.89 -59.24
N ALA F 265 42.85 20.24 -59.26
CA ALA F 265 42.51 19.23 -58.24
C ALA F 265 43.68 18.28 -57.99
N GLU F 266 44.34 17.90 -59.08
CA GLU F 266 45.50 16.97 -59.07
C GLU F 266 46.68 17.33 -58.20
N GLU F 267 47.17 18.51 -58.51
CA GLU F 267 48.31 19.11 -57.87
C GLU F 267 47.89 19.32 -56.43
N VAL F 268 46.62 19.68 -56.25
CA VAL F 268 46.03 19.91 -54.92
C VAL F 268 45.98 18.61 -54.10
N ASN F 269 45.38 17.59 -54.68
CA ASN F 269 45.20 16.29 -54.02
C ASN F 269 46.53 15.62 -53.70
N THR F 270 47.46 15.70 -54.64
CA THR F 270 48.81 15.09 -54.47
C THR F 270 49.59 15.70 -53.28
N ALA F 271 49.61 17.03 -53.18
CA ALA F 271 50.28 17.72 -52.04
C ALA F 271 49.60 17.38 -50.69
N LEU F 272 48.27 17.45 -50.73
CA LEU F 272 47.40 17.16 -49.58
C LEU F 272 47.58 15.74 -49.08
N LEU F 273 47.51 14.80 -50.03
CA LEU F 273 47.64 13.35 -49.75
C LEU F 273 49.01 12.93 -49.24
N ALA F 274 50.09 13.52 -49.75
CA ALA F 274 51.45 13.24 -49.25
C ALA F 274 51.58 13.64 -47.78
N PHE F 275 51.17 14.87 -47.49
CA PHE F 275 51.17 15.41 -46.11
C PHE F 275 50.25 14.62 -45.20
N LEU F 276 49.06 14.39 -45.72
CA LEU F 276 48.11 13.60 -44.97
C LEU F 276 48.56 12.17 -44.83
N ALA F 277 49.19 11.62 -45.86
CA ALA F 277 49.63 10.22 -45.90
C ALA F 277 50.63 10.04 -44.79
N LYS F 278 51.52 11.03 -44.64
CA LYS F 278 52.53 10.99 -43.58
C LYS F 278 51.83 10.90 -42.20
N ALA F 279 50.88 11.79 -42.04
CA ALA F 279 50.08 11.86 -40.81
C ALA F 279 49.28 10.56 -40.58
N GLN F 280 48.70 10.05 -41.65
CA GLN F 280 47.89 8.84 -41.62
C GLN F 280 48.73 7.64 -41.23
N GLU F 281 49.95 7.59 -41.78
CA GLU F 281 50.86 6.49 -41.50
C GLU F 281 51.21 6.49 -40.02
N ALA F 282 51.47 7.69 -39.51
CA ALA F 282 51.79 7.88 -38.10
C ALA F 282 50.62 7.42 -37.24
N GLN F 283 49.41 7.78 -37.64
CA GLN F 283 48.20 7.37 -36.92
C GLN F 283 48.04 5.84 -36.91
N LYS F 284 48.31 5.23 -38.05
CA LYS F 284 48.23 3.77 -38.19
C LYS F 284 49.22 3.09 -37.25
N GLN F 285 50.42 3.66 -37.22
CA GLN F 285 51.48 3.15 -36.37
C GLN F 285 51.06 3.26 -34.92
N LYS F 286 50.49 4.40 -34.57
CA LYS F 286 50.04 4.66 -33.20
C LYS F 286 48.97 3.66 -32.81
N LEU F 287 48.02 3.44 -33.73
CA LEU F 287 46.90 2.52 -33.51
C LEU F 287 47.49 1.15 -33.20
N LEU F 288 48.45 0.72 -34.03
CA LEU F 288 49.11 -0.59 -33.83
C LEU F 288 49.88 -0.62 -32.53
N THR F 289 50.55 0.49 -32.26
CA THR F 289 51.33 0.67 -31.05
C THR F 289 50.41 0.76 -29.83
N GLU F 290 49.29 1.45 -29.98
CA GLU F 290 48.29 1.54 -28.91
C GLU F 290 47.72 0.16 -28.60
N VAL F 291 47.36 -0.54 -29.66
CA VAL F 291 46.79 -1.88 -29.56
C VAL F 291 47.82 -2.78 -28.89
N GLU F 292 49.04 -2.70 -29.39
CA GLU F 292 50.15 -3.53 -28.89
C GLU F 292 50.36 -3.38 -27.38
N THR F 293 50.30 -2.15 -26.88
CA THR F 293 50.52 -1.90 -25.45
C THR F 293 49.42 -2.55 -24.61
N TYR F 294 48.18 -2.41 -25.06
CA TYR F 294 47.03 -3.03 -24.39
C TYR F 294 47.16 -4.55 -24.41
N VAL F 295 47.50 -5.07 -25.58
CA VAL F 295 47.65 -6.53 -25.77
C VAL F 295 48.76 -7.07 -24.88
N LEU F 296 49.89 -6.38 -24.84
CA LEU F 296 51.05 -6.81 -24.02
C LEU F 296 50.80 -6.73 -22.51
N SER F 297 49.93 -5.80 -22.09
CA SER F 297 49.60 -5.61 -20.66
C SER F 297 49.02 -6.86 -19.98
N ILE F 298 48.48 -7.78 -20.79
CA ILE F 298 47.91 -9.03 -20.26
C ILE F 298 48.91 -10.17 -20.14
N ILE F 299 50.05 -10.04 -20.81
CA ILE F 299 51.07 -11.10 -20.83
C ILE F 299 52.08 -10.95 -19.69
N PRO F 300 52.38 -12.06 -18.98
CA PRO F 300 53.39 -11.95 -17.93
C PRO F 300 54.77 -11.64 -18.50
N SER F 301 55.53 -10.85 -17.77
CA SER F 301 56.85 -10.44 -18.22
C SER F 301 57.79 -11.64 -18.34
N GLY F 302 58.61 -11.61 -19.38
CA GLY F 302 59.56 -12.70 -19.66
C GLY F 302 59.94 -12.79 -21.12
N PRO F 303 60.70 -13.83 -21.50
CA PRO F 303 61.17 -14.02 -22.88
C PRO F 303 60.05 -14.30 -23.89
N LEU F 304 59.01 -14.97 -23.41
CA LEU F 304 57.84 -15.26 -24.24
C LEU F 304 57.15 -13.95 -24.64
N LYS F 305 57.01 -13.07 -23.66
CA LYS F 305 56.42 -11.75 -23.88
C LYS F 305 57.24 -10.99 -24.93
N ALA F 306 58.53 -11.26 -24.96
CA ALA F 306 59.44 -10.66 -25.93
C ALA F 306 59.15 -11.19 -27.34
N GLU F 307 59.00 -12.50 -27.46
CA GLU F 307 58.68 -13.15 -28.74
C GLU F 307 57.37 -12.64 -29.32
N ILE F 308 56.35 -12.62 -28.47
CA ILE F 308 55.01 -12.15 -28.86
C ILE F 308 55.05 -10.71 -29.37
N ALA F 309 55.68 -9.82 -28.60
CA ALA F 309 55.83 -8.40 -28.97
C ALA F 309 56.48 -8.25 -30.35
N GLN F 310 57.54 -9.02 -30.56
CA GLN F 310 58.25 -9.04 -31.85
C GLN F 310 57.34 -9.47 -33.00
N ARG F 311 56.56 -10.51 -32.75
CA ARG F 311 55.61 -11.04 -33.74
C ARG F 311 54.51 -10.02 -34.06
N LEU F 312 53.98 -9.40 -33.02
CA LEU F 312 52.98 -8.33 -33.18
C LEU F 312 53.54 -7.24 -34.08
N GLU F 313 54.70 -6.73 -33.70
CA GLU F 313 55.39 -5.66 -34.45
C GLU F 313 55.60 -6.03 -35.92
N ASP F 314 56.02 -7.26 -36.16
CA ASP F 314 56.26 -7.76 -37.53
C ASP F 314 54.99 -7.84 -38.38
N VAL F 315 53.91 -8.33 -37.80
CA VAL F 315 52.64 -8.38 -38.54
C VAL F 315 52.12 -6.97 -38.75
N PHE F 316 52.29 -6.13 -37.73
CA PHE F 316 51.84 -4.72 -37.78
C PHE F 316 52.58 -3.92 -38.85
N ALA F 317 53.87 -4.24 -38.98
CA ALA F 317 54.75 -3.61 -39.98
C ALA F 317 54.51 -4.19 -41.38
N GLY F 318 53.60 -5.16 -41.44
CA GLY F 318 53.11 -5.68 -42.72
C GLY F 318 53.85 -6.87 -43.28
N LYS F 319 54.80 -7.42 -42.53
CA LYS F 319 55.42 -8.68 -42.97
C LYS F 319 54.27 -9.72 -42.99
N ASN F 320 53.83 -10.11 -44.18
CA ASN F 320 52.72 -11.07 -44.28
C ASN F 320 53.25 -12.37 -43.70
N THR F 321 52.59 -12.80 -42.63
CA THR F 321 53.02 -13.98 -41.94
C THR F 321 52.05 -15.12 -42.28
N ASP F 322 52.65 -16.27 -42.27
CA ASP F 322 51.88 -17.49 -42.35
C ASP F 322 51.05 -17.65 -41.08
N LEU F 323 49.79 -17.24 -41.18
CA LEU F 323 48.86 -17.28 -40.03
C LEU F 323 48.82 -18.69 -39.42
N GLU F 324 48.83 -19.71 -40.28
CA GLU F 324 48.75 -21.11 -39.82
C GLU F 324 49.89 -21.44 -38.87
N VAL F 325 51.07 -20.96 -39.22
CA VAL F 325 52.28 -21.20 -38.45
C VAL F 325 52.21 -20.41 -37.15
N LEU F 326 51.77 -19.17 -37.27
CA LEU F 326 51.57 -18.27 -36.12
C LEU F 326 50.63 -18.86 -35.06
N MET F 327 49.48 -19.31 -35.54
CA MET F 327 48.41 -19.86 -34.67
C MET F 327 48.83 -21.14 -33.96
N GLU F 328 49.58 -21.99 -34.66
CA GLU F 328 50.09 -23.23 -34.08
C GLU F 328 51.10 -22.93 -32.97
N TRP F 329 51.97 -21.96 -33.24
CA TRP F 329 52.97 -21.50 -32.26
C TRP F 329 52.25 -21.05 -30.98
N LEU F 330 51.30 -20.15 -31.17
CA LEU F 330 50.47 -19.64 -30.06
C LEU F 330 49.83 -20.77 -29.27
N LYS F 331 49.17 -21.64 -30.02
CA LYS F 331 48.47 -22.79 -29.45
C LYS F 331 49.37 -23.62 -28.53
N THR F 332 50.60 -23.84 -28.98
CA THR F 332 51.57 -24.71 -28.25
C THR F 332 52.44 -24.00 -27.20
N ARG F 333 52.19 -22.72 -26.96
CA ARG F 333 52.95 -21.96 -25.95
C ARG F 333 52.64 -22.40 -24.52
N PRO F 334 53.68 -22.78 -23.75
CA PRO F 334 53.40 -23.07 -22.36
C PRO F 334 53.20 -21.77 -21.59
N ILE F 335 52.80 -21.88 -20.34
CA ILE F 335 52.54 -20.73 -19.41
C ILE F 335 51.40 -19.76 -19.80
N LEU F 336 51.25 -19.49 -21.09
CA LEU F 336 50.18 -18.58 -21.57
C LEU F 336 48.79 -19.12 -21.22
N SER F 337 47.98 -18.25 -20.63
CA SER F 337 46.61 -18.61 -20.27
C SER F 337 45.81 -18.87 -21.56
N PRO F 338 44.86 -19.81 -21.54
CA PRO F 338 44.06 -20.08 -22.74
C PRO F 338 43.32 -18.85 -23.24
N LEU F 339 42.87 -18.04 -22.30
CA LEU F 339 42.14 -16.81 -22.61
C LEU F 339 43.06 -15.83 -23.33
N THR F 340 44.28 -15.72 -22.84
CA THR F 340 45.28 -14.83 -23.41
C THR F 340 45.65 -15.31 -24.82
N LYS F 341 45.70 -16.63 -24.97
CA LYS F 341 45.96 -17.26 -26.27
C LYS F 341 44.86 -16.96 -27.27
N GLY F 342 43.62 -16.93 -26.77
CA GLY F 342 42.45 -16.61 -27.60
C GLY F 342 42.47 -15.17 -28.09
N ILE F 343 42.81 -14.28 -27.18
CA ILE F 343 42.90 -12.83 -27.46
C ILE F 343 43.98 -12.56 -28.53
N LEU F 344 45.14 -13.16 -28.33
CA LEU F 344 46.26 -13.05 -29.29
C LEU F 344 45.89 -13.71 -30.61
N GLY F 345 45.23 -14.85 -30.52
CA GLY F 345 44.76 -15.60 -31.69
C GLY F 345 43.87 -14.71 -32.53
N PHE F 346 42.92 -14.08 -31.83
CA PHE F 346 41.97 -13.14 -32.44
C PHE F 346 42.69 -11.96 -33.09
N VAL F 347 43.61 -11.36 -32.35
CA VAL F 347 44.35 -10.18 -32.83
C VAL F 347 45.14 -10.51 -34.11
N PHE F 348 45.86 -11.63 -34.08
CA PHE F 348 46.67 -12.04 -35.23
C PHE F 348 45.86 -12.31 -36.50
N THR F 349 44.70 -12.93 -36.37
CA THR F 349 43.87 -13.21 -37.56
C THR F 349 43.31 -11.90 -38.14
N LEU F 350 43.08 -10.93 -37.24
CA LEU F 350 42.53 -9.60 -37.59
C LEU F 350 43.57 -8.73 -38.30
N THR F 351 44.81 -8.82 -37.83
CA THR F 351 45.89 -7.95 -38.33
C THR F 351 46.70 -8.56 -39.48
N VAL F 352 46.85 -9.89 -39.47
CA VAL F 352 47.63 -10.60 -40.51
C VAL F 352 47.08 -10.23 -41.89
N PRO F 353 47.99 -9.90 -42.87
CA PRO F 353 47.54 -9.49 -44.19
C PRO F 353 46.66 -10.55 -44.87
N SER F 354 47.16 -11.77 -44.90
CA SER F 354 46.47 -12.89 -45.52
C SER F 354 46.14 -14.00 -44.53
N GLU F 355 44.84 -14.27 -44.36
CA GLU F 355 44.42 -15.45 -43.60
C GLU F 355 44.61 -16.70 -44.45
N ARG F 356 44.64 -16.51 -45.77
CA ARG F 356 44.86 -17.61 -46.73
C ARG F 356 43.79 -18.69 -46.65
N GLY F 357 42.56 -18.32 -46.30
CA GLY F 357 41.47 -19.28 -46.20
C GLY F 357 41.64 -20.27 -45.07
N LEU F 358 42.25 -19.81 -43.99
CA LEU F 358 42.38 -20.66 -42.81
C LEU F 358 41.07 -20.72 -42.06
N GLN F 359 40.69 -21.93 -41.68
CA GLN F 359 39.49 -22.13 -40.89
C GLN F 359 39.75 -21.53 -39.52
N ARG F 360 38.69 -21.09 -38.86
CA ARG F 360 38.84 -20.54 -37.52
C ARG F 360 39.38 -21.64 -36.60
N ARG F 361 40.08 -21.23 -35.56
CA ARG F 361 40.72 -22.20 -34.61
C ARG F 361 39.88 -22.54 -33.38
N ARG F 362 39.75 -23.83 -33.13
CA ARG F 362 39.04 -24.35 -31.94
C ARG F 362 39.58 -23.75 -30.64
N PHE F 363 40.90 -23.64 -30.54
CA PHE F 363 41.51 -23.17 -29.27
C PHE F 363 41.07 -21.73 -28.94
N VAL F 364 40.89 -20.94 -29.99
CA VAL F 364 40.44 -19.55 -29.85
C VAL F 364 38.94 -19.53 -29.54
N GLN F 365 38.20 -20.32 -30.29
CA GLN F 365 36.74 -20.42 -30.10
C GLN F 365 36.42 -20.81 -28.66
N ASN F 366 37.13 -21.82 -28.16
CA ASN F 366 36.93 -22.28 -26.78
C ASN F 366 37.28 -21.21 -25.74
N ALA F 367 38.34 -20.47 -26.04
CA ALA F 367 38.84 -19.40 -25.16
C ALA F 367 37.90 -18.18 -25.09
N LEU F 368 37.27 -17.85 -26.21
CA LEU F 368 36.40 -16.65 -26.32
C LEU F 368 34.90 -16.92 -26.28
N ASN F 369 34.47 -18.11 -25.87
CA ASN F 369 33.04 -18.46 -25.76
C ASN F 369 32.30 -17.94 -24.52
N GLY F 370 32.91 -17.15 -23.63
CA GLY F 370 32.11 -16.54 -22.54
C GLY F 370 31.59 -17.60 -21.60
N ASN F 371 32.31 -18.73 -21.55
CA ASN F 371 31.94 -19.89 -20.73
C ASN F 371 30.65 -20.54 -21.20
N GLY F 372 30.16 -20.20 -22.39
CA GLY F 372 28.84 -20.68 -22.83
C GLY F 372 27.71 -20.19 -21.95
N ASP F 373 27.98 -19.13 -21.19
CA ASP F 373 26.97 -18.60 -20.27
C ASP F 373 25.97 -17.70 -21.03
N PRO F 374 24.66 -18.02 -20.98
CA PRO F 374 23.65 -17.23 -21.73
C PRO F 374 23.51 -15.76 -21.31
N ASN F 375 23.76 -15.48 -20.03
CA ASN F 375 23.74 -14.11 -19.52
C ASN F 375 24.88 -13.28 -20.11
N ASN F 376 26.07 -13.90 -20.17
CA ASN F 376 27.27 -13.28 -20.78
C ASN F 376 26.96 -13.02 -22.23
N MET F 377 26.44 -14.04 -22.90
CA MET F 377 26.12 -13.98 -24.33
C MET F 377 25.07 -12.92 -24.63
N ASP F 378 24.09 -12.80 -23.73
CA ASP F 378 23.05 -11.76 -23.84
C ASP F 378 23.68 -10.37 -23.83
N LYS F 379 24.58 -10.15 -22.87
CA LYS F 379 25.26 -8.86 -22.75
C LYS F 379 26.21 -8.61 -23.92
N ALA F 380 26.83 -9.69 -24.40
CA ALA F 380 27.76 -9.62 -25.54
C ALA F 380 27.02 -9.15 -26.80
N VAL F 381 25.79 -9.62 -26.94
CA VAL F 381 24.92 -9.25 -28.06
C VAL F 381 24.50 -7.78 -27.95
N LYS F 382 24.23 -7.36 -26.72
CA LYS F 382 23.86 -5.96 -26.46
C LYS F 382 25.03 -5.03 -26.79
N LEU F 383 26.22 -5.42 -26.36
CA LEU F 383 27.44 -4.66 -26.67
C LEU F 383 27.63 -4.57 -28.18
N TYR F 384 27.53 -5.73 -28.83
CA TYR F 384 27.67 -5.82 -30.30
C TYR F 384 26.75 -4.83 -31.01
N ARG F 385 25.50 -4.75 -30.54
CA ARG F 385 24.51 -3.82 -31.11
C ARG F 385 25.08 -2.41 -31.08
N LYS F 386 25.64 -2.03 -29.95
CA LYS F 386 26.24 -0.70 -29.77
C LYS F 386 27.49 -0.50 -30.62
N LEU F 387 28.35 -1.51 -30.66
CA LEU F 387 29.61 -1.45 -31.43
C LEU F 387 29.36 -1.29 -32.93
N LYS F 388 28.22 -1.83 -33.39
CA LYS F 388 27.79 -1.71 -34.80
C LYS F 388 27.62 -0.26 -35.23
N ARG F 389 27.35 0.59 -34.25
CA ARG F 389 27.13 2.03 -34.48
C ARG F 389 28.40 2.87 -34.31
N GLU F 390 29.44 2.24 -33.78
CA GLU F 390 30.72 2.91 -33.59
C GLU F 390 31.55 2.88 -34.86
N ILE F 391 32.37 3.91 -35.04
CA ILE F 391 33.30 4.01 -36.17
C ILE F 391 34.74 4.29 -35.74
N THR F 392 34.93 4.62 -34.47
CA THR F 392 36.27 4.95 -33.96
C THR F 392 36.73 3.97 -32.89
N PHE F 393 38.05 3.89 -32.77
CA PHE F 393 38.72 3.04 -31.78
C PHE F 393 38.35 3.45 -30.35
N HIS F 394 38.42 4.76 -30.08
CA HIS F 394 38.12 5.31 -28.73
C HIS F 394 36.64 5.16 -28.34
N GLY F 395 35.73 5.42 -29.27
CA GLY F 395 34.28 5.26 -29.00
C GLY F 395 33.96 3.82 -28.69
N ALA F 396 34.53 2.93 -29.50
CA ALA F 396 34.37 1.48 -29.34
C ALA F 396 34.92 1.04 -28.00
N LYS F 397 36.15 1.45 -27.71
CA LYS F 397 36.81 1.07 -26.46
C LYS F 397 36.02 1.57 -25.24
N GLU F 398 35.53 2.80 -25.35
CA GLU F 398 34.75 3.47 -24.28
C GLU F 398 33.47 2.71 -23.88
N ILE F 399 32.65 2.36 -24.85
CA ILE F 399 31.41 1.63 -24.56
C ILE F 399 31.69 0.21 -24.07
N SER F 400 32.75 -0.38 -24.59
CA SER F 400 33.16 -1.75 -24.20
C SER F 400 33.50 -1.83 -22.72
N LEU F 401 34.13 -0.78 -22.21
CA LEU F 401 34.52 -0.71 -20.77
C LEU F 401 33.35 -0.73 -19.78
N SER F 402 32.14 -0.51 -20.28
CA SER F 402 30.93 -0.58 -19.42
C SER F 402 30.41 -2.02 -19.30
N TYR F 403 31.12 -2.96 -19.90
CA TYR F 403 30.75 -4.37 -19.87
C TYR F 403 31.79 -5.20 -19.12
N SER F 404 31.33 -6.30 -18.55
CA SER F 404 32.20 -7.20 -17.80
C SER F 404 33.15 -7.94 -18.73
N ALA F 405 34.28 -8.38 -18.19
CA ALA F 405 35.29 -9.13 -18.96
C ALA F 405 34.69 -10.39 -19.61
N GLY F 406 33.75 -11.03 -18.95
CA GLY F 406 33.08 -12.25 -19.47
C GLY F 406 32.23 -11.95 -20.70
N ALA F 407 31.50 -10.85 -20.63
CA ALA F 407 30.65 -10.39 -21.75
C ALA F 407 31.51 -9.90 -22.92
N LEU F 408 32.62 -9.27 -22.58
CA LEU F 408 33.57 -8.74 -23.56
C LEU F 408 34.21 -9.86 -24.37
N ALA F 409 34.65 -10.89 -23.65
CA ALA F 409 35.30 -12.04 -24.29
C ALA F 409 34.33 -12.76 -25.22
N SER F 410 33.10 -12.93 -24.75
CA SER F 410 32.03 -13.51 -25.56
C SER F 410 31.70 -12.69 -26.80
N CYS F 411 31.71 -11.38 -26.64
CA CYS F 411 31.49 -10.47 -27.77
C CYS F 411 32.61 -10.67 -28.81
N MET F 412 33.84 -10.79 -28.34
CA MET F 412 34.99 -11.04 -29.22
C MET F 412 34.79 -12.36 -29.98
N GLY F 413 34.25 -13.34 -29.28
CA GLY F 413 33.96 -14.65 -29.87
C GLY F 413 32.92 -14.56 -30.97
N LEU F 414 31.90 -13.73 -30.72
CA LEU F 414 30.80 -13.49 -31.66
C LEU F 414 31.36 -12.98 -33.01
N ILE F 415 32.30 -12.04 -32.90
CA ILE F 415 32.96 -11.44 -34.07
C ILE F 415 33.91 -12.48 -34.71
N TYR F 416 34.70 -13.13 -33.87
CA TYR F 416 35.66 -14.15 -34.34
C TYR F 416 34.96 -15.25 -35.13
N ASN F 417 33.80 -15.64 -34.64
CA ASN F 417 32.99 -16.70 -35.28
C ASN F 417 32.19 -16.24 -36.51
N ARG F 418 32.32 -14.95 -36.84
CA ARG F 418 31.60 -14.30 -37.96
C ARG F 418 30.09 -14.30 -37.75
N MET F 419 29.67 -14.33 -36.49
CA MET F 419 28.25 -14.27 -36.16
C MET F 419 27.76 -12.84 -36.19
N GLY F 420 28.72 -11.93 -36.07
CA GLY F 420 28.48 -10.50 -36.19
C GLY F 420 29.72 -9.89 -36.81
N ALA F 421 29.60 -8.65 -37.27
CA ALA F 421 30.72 -7.96 -37.91
C ALA F 421 30.83 -6.50 -37.48
N VAL F 422 32.07 -6.05 -37.31
CA VAL F 422 32.38 -4.64 -37.03
C VAL F 422 33.66 -4.29 -37.80
N THR F 423 33.91 -3.00 -37.91
CA THR F 423 35.12 -2.48 -38.56
C THR F 423 36.34 -2.83 -37.72
N THR F 424 37.48 -2.93 -38.39
CA THR F 424 38.75 -3.34 -37.74
C THR F 424 39.11 -2.45 -36.54
N GLU F 425 38.92 -1.15 -36.69
CA GLU F 425 39.30 -0.17 -35.66
C GLU F 425 38.40 -0.30 -34.42
N VAL F 426 37.14 -0.62 -34.67
CA VAL F 426 36.16 -0.87 -33.59
C VAL F 426 36.50 -2.20 -32.91
N ALA F 427 36.88 -3.18 -33.71
CA ALA F 427 37.30 -4.49 -33.20
C ALA F 427 38.52 -4.34 -32.30
N PHE F 428 39.42 -3.46 -32.72
CA PHE F 428 40.61 -3.11 -31.92
C PHE F 428 40.23 -2.54 -30.57
N GLY F 429 39.28 -1.62 -30.58
CA GLY F 429 38.77 -0.99 -29.36
C GLY F 429 38.19 -2.02 -28.39
N LEU F 430 37.43 -2.95 -28.95
CA LEU F 430 36.83 -4.05 -28.18
C LEU F 430 37.93 -4.89 -27.51
N VAL F 431 38.89 -5.34 -28.31
CA VAL F 431 39.98 -6.21 -27.77
C VAL F 431 40.78 -5.47 -26.69
N CYS F 432 40.99 -4.17 -26.88
CA CYS F 432 41.76 -3.35 -25.92
C CYS F 432 41.01 -3.11 -24.62
N ALA F 433 39.69 -2.97 -24.71
CA ALA F 433 38.85 -2.83 -23.51
C ALA F 433 38.93 -4.11 -22.70
N THR F 434 38.80 -5.22 -23.39
CA THR F 434 38.92 -6.54 -22.76
C THR F 434 40.27 -6.74 -22.10
N CYS F 435 41.33 -6.39 -22.82
CA CYS F 435 42.70 -6.50 -22.28
C CYS F 435 42.86 -5.64 -21.03
N GLU F 436 42.34 -4.42 -21.11
CA GLU F 436 42.41 -3.46 -19.98
C GLU F 436 41.70 -4.06 -18.76
N GLN F 437 40.50 -4.58 -18.98
CA GLN F 437 39.69 -5.18 -17.89
C GLN F 437 40.43 -6.35 -17.22
N ILE F 438 40.96 -7.24 -18.04
CA ILE F 438 41.70 -8.43 -17.57
C ILE F 438 42.98 -8.05 -16.81
N ALA F 439 43.76 -7.18 -17.44
CA ALA F 439 45.01 -6.69 -16.84
C ALA F 439 44.72 -6.02 -15.49
N ASP F 440 43.69 -5.19 -15.48
CA ASP F 440 43.24 -4.47 -14.26
C ASP F 440 42.85 -5.39 -13.11
N SER F 441 42.39 -6.59 -13.47
CA SER F 441 41.97 -7.59 -12.46
C SER F 441 43.18 -8.24 -11.80
N GLN F 442 44.29 -8.24 -12.52
CA GLN F 442 45.54 -8.83 -12.04
C GLN F 442 46.26 -7.86 -11.12
N PRO G 2 12.53 25.91 35.05
CA PRO G 2 11.56 24.84 34.77
C PRO G 2 10.13 25.23 35.17
N PHE G 3 9.15 24.75 34.39
CA PHE G 3 7.72 25.02 34.64
C PHE G 3 6.81 23.81 34.65
N ILE G 4 5.80 23.92 35.49
CA ILE G 4 4.66 23.02 35.51
C ILE G 4 3.41 23.88 35.28
N THR G 5 2.62 23.47 34.28
CA THR G 5 1.35 24.14 33.93
C THR G 5 0.23 23.64 34.87
N VAL G 6 -0.46 24.57 35.51
CA VAL G 6 -1.48 24.21 36.49
C VAL G 6 -2.89 24.60 36.06
N GLY G 7 -2.97 25.40 35.01
CA GLY G 7 -4.26 25.84 34.50
C GLY G 7 -4.20 26.81 33.35
N GLN G 8 -5.32 27.47 33.13
CA GLN G 8 -5.48 28.39 32.01
C GLN G 8 -6.18 29.66 32.49
N GLU G 9 -5.66 30.79 32.01
CA GLU G 9 -6.28 32.12 32.21
C GLU G 9 -6.45 32.77 30.86
N ASN G 10 -7.70 32.93 30.43
CA ASN G 10 -8.03 33.50 29.11
C ASN G 10 -7.23 32.80 27.99
N SER G 11 -6.44 33.53 27.21
CA SER G 11 -5.64 32.93 26.13
C SER G 11 -4.31 32.31 26.58
N THR G 12 -3.96 32.52 27.85
CA THR G 12 -2.64 32.12 28.39
C THR G 12 -2.73 30.97 29.40
N SER G 13 -1.72 30.11 29.45
CA SER G 13 -1.70 29.09 30.51
C SER G 13 -1.08 29.66 31.77
N ILE G 14 -1.35 28.98 32.87
CA ILE G 14 -0.81 29.33 34.18
C ILE G 14 0.30 28.32 34.50
N ASP G 15 1.53 28.81 34.54
CA ASP G 15 2.72 27.95 34.77
C ASP G 15 3.41 28.29 36.08
N LEU G 16 3.77 27.25 36.82
CA LEU G 16 4.55 27.41 38.04
C LEU G 16 6.02 27.16 37.79
N TYR G 17 6.85 28.11 38.22
CA TYR G 17 8.29 27.95 38.18
C TYR G 17 8.70 26.96 39.28
N TYR G 18 9.50 25.96 38.95
CA TYR G 18 10.00 25.01 39.97
C TYR G 18 11.45 24.60 39.73
N GLU G 19 12.08 24.09 40.79
CA GLU G 19 13.43 23.51 40.73
C GLU G 19 13.44 22.15 41.40
N ASP G 20 14.41 21.33 41.00
CA ASP G 20 14.47 19.91 41.36
C ASP G 20 15.93 19.53 41.49
N HIS G 21 16.39 19.51 42.74
CA HIS G 21 17.83 19.30 43.02
C HIS G 21 18.11 18.11 43.96
N GLY G 22 19.27 17.52 43.75
CA GLY G 22 19.75 16.43 44.60
C GLY G 22 19.10 15.08 44.35
N THR G 23 19.47 14.12 45.18
CA THR G 23 18.96 12.76 45.04
C THR G 23 18.68 12.25 46.42
N GLY G 24 17.72 11.36 46.53
CA GLY G 24 17.34 10.77 47.80
C GLY G 24 15.89 11.09 48.07
N THR G 25 15.51 11.01 49.34
CA THR G 25 14.12 11.26 49.76
C THR G 25 13.73 12.69 49.39
N PRO G 26 12.58 12.84 48.69
CA PRO G 26 12.09 14.14 48.22
C PRO G 26 11.53 14.99 49.35
N VAL G 27 12.02 16.22 49.40
CA VAL G 27 11.59 17.20 50.38
C VAL G 27 11.08 18.42 49.60
N VAL G 28 9.81 18.74 49.79
CA VAL G 28 9.14 19.83 49.06
C VAL G 28 8.97 21.05 49.95
N LEU G 29 9.61 22.15 49.54
CA LEU G 29 9.64 23.41 50.28
C LEU G 29 8.66 24.41 49.65
N ILE G 30 7.75 24.94 50.47
CA ILE G 30 6.69 25.85 50.03
C ILE G 30 6.86 27.19 50.72
N HIS G 31 7.21 28.20 49.91
CA HIS G 31 7.66 29.51 50.43
C HIS G 31 6.54 30.37 51.00
N GLY G 32 6.96 31.46 51.63
CA GLY G 32 6.05 32.46 52.21
C GLY G 32 5.94 33.75 51.42
N PHE G 33 5.00 34.59 51.86
CA PHE G 33 4.72 35.90 51.23
C PHE G 33 5.74 36.96 51.70
N PRO G 34 6.24 37.81 50.77
CA PRO G 34 5.96 37.86 49.35
C PRO G 34 7.14 37.31 48.52
N LEU G 35 7.73 36.25 49.04
CA LEU G 35 8.97 35.68 48.51
C LEU G 35 8.75 34.50 47.57
N SER G 36 9.84 33.84 47.20
CA SER G 36 9.82 32.75 46.22
C SER G 36 10.56 31.49 46.71
N GLY G 37 10.62 30.45 45.87
CA GLY G 37 11.32 29.20 46.20
C GLY G 37 12.76 29.42 46.60
N HIS G 38 13.35 30.49 46.06
CA HIS G 38 14.77 30.84 46.31
C HIS G 38 15.09 31.31 47.74
N SER G 39 14.05 31.71 48.47
CA SER G 39 14.15 32.12 49.88
C SER G 39 14.57 30.98 50.82
N TRP G 40 14.42 29.75 50.33
CA TRP G 40 14.83 28.54 51.06
C TRP G 40 16.31 28.17 50.90
N GLU G 41 17.09 29.03 50.24
CA GLU G 41 18.48 28.71 49.83
C GLU G 41 19.40 28.21 50.95
N ARG G 42 19.23 28.74 52.16
CA ARG G 42 20.03 28.32 53.33
C ARG G 42 19.64 26.92 53.82
N GLN G 43 18.35 26.63 53.75
CA GLN G 43 17.81 25.29 54.06
C GLN G 43 18.15 24.26 52.96
N SER G 44 17.95 24.65 51.69
CA SER G 44 18.24 23.77 50.53
C SER G 44 19.67 23.23 50.52
N ALA G 45 20.62 24.11 50.82
CA ALA G 45 22.05 23.76 50.84
C ALA G 45 22.33 22.67 51.87
N ALA G 46 21.77 22.86 53.06
CA ALA G 46 21.88 21.90 54.17
C ALA G 46 21.26 20.54 53.80
N LEU G 47 20.03 20.59 53.29
CA LEU G 47 19.32 19.37 52.83
C LEU G 47 20.06 18.61 51.74
N LEU G 48 20.65 19.37 50.83
CA LEU G 48 21.43 18.80 49.72
C LEU G 48 22.66 18.08 50.29
N ASP G 49 23.34 18.75 51.22
CA ASP G 49 24.53 18.17 51.86
C ASP G 49 24.19 16.93 52.70
N ALA G 50 23.03 16.98 53.35
CA ALA G 50 22.52 15.88 54.20
C ALA G 50 21.96 14.68 53.40
N GLY G 51 21.83 14.86 52.09
CA GLY G 51 21.46 13.78 51.16
C GLY G 51 19.98 13.61 50.86
N ALA G 52 19.31 14.74 50.60
CA ALA G 52 17.89 14.73 50.21
C ALA G 52 17.69 15.27 48.81
N ARG G 53 16.55 14.91 48.23
CA ARG G 53 16.14 15.50 46.96
C ARG G 53 15.29 16.72 47.31
N VAL G 54 15.74 17.89 46.85
CA VAL G 54 15.06 19.17 47.20
C VAL G 54 14.20 19.70 46.03
N ILE G 55 12.90 19.81 46.28
CA ILE G 55 11.97 20.42 45.32
C ILE G 55 11.44 21.76 45.86
N THR G 56 11.61 22.80 45.05
CA THR G 56 11.04 24.12 45.37
C THR G 56 10.16 24.56 44.20
N TYR G 57 9.17 25.38 44.48
CA TYR G 57 8.39 26.00 43.42
C TYR G 57 7.90 27.36 43.88
N ASP G 58 7.54 28.20 42.92
CA ASP G 58 7.02 29.55 43.19
C ASP G 58 5.50 29.49 43.08
N ARG G 59 4.82 29.83 44.17
CA ARG G 59 3.36 29.99 44.20
C ARG G 59 2.93 30.95 43.09
N ARG G 60 1.76 30.66 42.51
CA ARG G 60 1.18 31.52 41.46
C ARG G 60 1.17 32.98 41.93
N GLY G 61 1.61 33.89 41.06
CA GLY G 61 1.69 35.33 41.39
C GLY G 61 2.99 35.81 42.03
N PHE G 62 3.88 34.86 42.30
CA PHE G 62 5.18 35.13 42.97
C PHE G 62 6.38 34.59 42.22
N GLY G 63 7.53 35.19 42.55
CA GLY G 63 8.82 34.82 41.96
C GLY G 63 8.72 34.75 40.45
N GLN G 64 9.06 33.59 39.90
CA GLN G 64 9.06 33.38 38.43
C GLN G 64 7.85 32.66 37.85
N SER G 65 6.87 32.38 38.69
CA SER G 65 5.61 31.82 38.22
C SER G 65 4.79 32.87 37.51
N SER G 66 3.80 32.37 36.78
CA SER G 66 2.82 33.23 36.10
C SER G 66 2.08 34.08 37.12
N GLN G 67 1.55 35.19 36.61
CA GLN G 67 0.88 36.19 37.44
C GLN G 67 -0.56 36.38 37.00
N PRO G 68 -1.41 35.37 37.19
CA PRO G 68 -2.81 35.55 36.90
C PRO G 68 -3.52 36.47 37.88
N THR G 69 -4.75 36.79 37.55
CA THR G 69 -5.62 37.57 38.44
C THR G 69 -6.73 36.67 38.99
N THR G 70 -6.45 35.36 39.00
CA THR G 70 -7.38 34.30 39.45
C THR G 70 -6.69 33.22 40.28
N GLY G 71 -7.50 32.59 41.14
CA GLY G 71 -7.08 31.40 41.90
C GLY G 71 -6.30 31.67 43.19
N TYR G 72 -6.59 32.80 43.82
CA TYR G 72 -5.93 33.19 45.08
C TYR G 72 -6.73 32.77 46.30
N ASP G 73 -6.60 31.48 46.59
CA ASP G 73 -7.32 30.81 47.68
C ASP G 73 -6.66 29.45 47.94
N TYR G 74 -6.81 28.95 49.16
CA TYR G 74 -6.09 27.74 49.55
C TYR G 74 -6.50 26.46 48.87
N ASP G 75 -7.73 26.38 48.35
CA ASP G 75 -8.10 25.16 47.61
C ASP G 75 -7.36 25.10 46.27
N THR G 76 -7.24 26.25 45.62
CA THR G 76 -6.50 26.38 44.36
C THR G 76 -5.01 26.17 44.60
N PHE G 77 -4.49 26.83 45.62
CA PHE G 77 -3.08 26.67 46.01
C PHE G 77 -2.75 25.21 46.30
N ALA G 78 -3.69 24.51 46.95
CA ALA G 78 -3.50 23.08 47.31
C ALA G 78 -3.63 22.21 46.06
N ALA G 79 -4.51 22.62 45.16
CA ALA G 79 -4.68 21.95 43.87
C ALA G 79 -3.44 22.15 42.99
N ASP G 80 -2.85 23.33 43.12
CA ASP G 80 -1.60 23.65 42.40
C ASP G 80 -0.51 22.67 42.86
N LEU G 81 -0.39 22.56 44.19
CA LEU G 81 0.58 21.66 44.83
C LEU G 81 0.34 20.22 44.39
N ASN G 82 -0.92 19.83 44.36
CA ASN G 82 -1.32 18.48 43.93
C ASN G 82 -0.77 18.18 42.53
N THR G 83 -0.95 19.13 41.63
CA THR G 83 -0.49 19.01 40.24
C THR G 83 1.01 18.78 40.18
N VAL G 84 1.74 19.49 41.04
CA VAL G 84 3.21 19.37 41.11
C VAL G 84 3.59 17.95 41.53
N LEU G 85 2.98 17.49 42.62
CA LEU G 85 3.27 16.16 43.21
C LEU G 85 2.96 15.01 42.25
N GLU G 86 1.81 15.13 41.59
CA GLU G 86 1.38 14.17 40.57
C GLU G 86 2.25 14.23 39.31
N THR G 87 2.61 15.44 38.92
CA THR G 87 3.45 15.64 37.72
C THR G 87 4.81 14.96 37.87
N LEU G 88 5.38 15.11 39.06
CA LEU G 88 6.69 14.54 39.36
C LEU G 88 6.65 13.09 39.91
N ASP G 89 5.43 12.61 40.17
CA ASP G 89 5.16 11.26 40.72
C ASP G 89 5.93 11.05 42.03
N LEU G 90 5.81 12.03 42.90
CA LEU G 90 6.51 12.00 44.18
C LEU G 90 5.87 11.00 45.12
N GLN G 91 6.75 10.16 45.66
CA GLN G 91 6.43 9.10 46.59
C GLN G 91 7.18 9.36 47.88
N ASP G 92 6.51 9.17 49.01
CA ASP G 92 7.19 9.17 50.30
C ASP G 92 7.83 10.53 50.60
N ALA G 93 7.11 11.56 50.20
CA ALA G 93 7.60 12.95 50.23
C ALA G 93 7.39 13.61 51.59
N VAL G 94 8.30 14.54 51.90
CA VAL G 94 8.17 15.42 53.07
C VAL G 94 7.69 16.77 52.55
N LEU G 95 6.63 17.29 53.15
CA LEU G 95 6.12 18.64 52.84
C LEU G 95 6.51 19.63 53.94
N VAL G 96 7.27 20.65 53.56
CA VAL G 96 7.71 21.69 54.50
C VAL G 96 7.15 23.02 54.00
N GLY G 97 6.34 23.66 54.84
CA GLY G 97 5.75 24.98 54.55
C GLY G 97 6.30 26.02 55.51
N PHE G 98 6.50 27.23 55.00
CA PHE G 98 6.88 28.40 55.81
C PHE G 98 5.81 29.45 55.64
N SER G 99 5.28 29.93 56.76
CA SER G 99 4.28 31.01 56.77
C SER G 99 3.07 30.61 55.86
N MET G 100 2.82 31.39 54.81
CA MET G 100 1.74 31.07 53.84
C MET G 100 1.75 29.59 53.42
N GLY G 101 2.95 29.10 53.18
CA GLY G 101 3.20 27.69 52.77
C GLY G 101 2.60 26.65 53.71
N THR G 102 2.49 27.00 54.98
CA THR G 102 1.89 26.08 55.97
C THR G 102 0.38 25.87 55.72
N GLY G 103 -0.24 26.82 55.02
CA GLY G 103 -1.64 26.71 54.58
C GLY G 103 -1.83 25.62 53.51
N GLU G 104 -0.90 25.59 52.56
CA GLU G 104 -0.86 24.52 51.52
C GLU G 104 -0.76 23.14 52.16
N VAL G 105 0.21 23.00 53.06
CA VAL G 105 0.51 21.72 53.73
C VAL G 105 -0.78 21.17 54.39
N ALA G 106 -1.46 21.98 55.19
CA ALA G 106 -2.70 21.58 55.92
C ALA G 106 -3.86 21.22 55.00
N ARG G 107 -4.10 22.12 54.04
CA ARG G 107 -5.21 21.97 53.09
C ARG G 107 -5.01 20.79 52.13
N TYR G 108 -3.78 20.59 51.65
CA TYR G 108 -3.48 19.43 50.78
C TYR G 108 -3.69 18.08 51.53
N VAL G 109 -3.05 17.98 52.68
CA VAL G 109 -3.15 16.78 53.54
C VAL G 109 -4.61 16.46 53.83
N SER G 110 -5.32 17.50 54.23
CA SER G 110 -6.75 17.43 54.57
C SER G 110 -7.63 16.91 53.42
N SER G 111 -7.51 17.54 52.26
CA SER G 111 -8.35 17.22 51.08
C SER G 111 -7.89 16.00 50.30
N TYR G 112 -6.61 15.97 50.00
CA TYR G 112 -6.04 14.93 49.13
C TYR G 112 -5.46 13.71 49.86
N GLY G 113 -5.29 13.81 51.16
CA GLY G 113 -4.78 12.71 51.95
C GLY G 113 -3.26 12.54 51.85
N THR G 114 -2.76 11.55 52.57
CA THR G 114 -1.31 11.40 52.82
C THR G 114 -0.67 10.18 52.11
N ALA G 115 -1.23 9.76 50.98
CA ALA G 115 -0.70 8.59 50.22
C ALA G 115 0.75 8.75 49.72
N ARG G 116 1.09 9.94 49.25
CA ARG G 116 2.46 10.25 48.76
C ARG G 116 3.39 10.82 49.82
N ILE G 117 2.82 11.09 50.99
CA ILE G 117 3.40 11.93 52.05
C ILE G 117 3.90 11.13 53.26
N ALA G 118 5.20 11.25 53.56
CA ALA G 118 5.81 10.57 54.71
C ALA G 118 5.75 11.40 56.01
N ALA G 119 6.02 12.69 55.89
CA ALA G 119 5.96 13.60 57.04
C ALA G 119 5.73 15.04 56.60
N VAL G 120 5.31 15.86 57.55
CA VAL G 120 5.04 17.28 57.33
C VAL G 120 5.74 18.14 58.37
N ALA G 121 5.98 19.37 58.00
CA ALA G 121 6.64 20.33 58.89
C ALA G 121 5.99 21.66 58.64
N PHE G 122 5.76 22.37 59.75
CA PHE G 122 5.12 23.69 59.76
C PHE G 122 6.06 24.68 60.43
N LEU G 123 6.50 25.67 59.67
CA LEU G 123 7.43 26.69 60.17
C LEU G 123 6.75 28.04 60.10
N ALA G 124 6.74 28.78 61.20
CA ALA G 124 6.07 30.09 61.26
C ALA G 124 4.66 30.01 60.65
N SER G 125 3.86 29.15 61.27
CA SER G 125 2.50 28.75 60.82
C SER G 125 1.38 29.79 60.96
N LEU G 126 0.44 29.73 60.01
CA LEU G 126 -0.85 30.48 60.03
C LEU G 126 -1.83 29.87 61.01
N GLU G 127 -1.73 28.55 61.11
CA GLU G 127 -2.67 27.70 61.85
C GLU G 127 -2.90 28.14 63.29
N PRO G 128 -4.11 27.94 63.81
CA PRO G 128 -5.23 27.23 63.17
C PRO G 128 -6.26 28.11 62.44
N PHE G 129 -6.30 29.38 62.80
CA PHE G 129 -7.29 30.33 62.28
C PHE G 129 -6.92 31.71 62.84
N LEU G 130 -6.32 32.54 61.99
CA LEU G 130 -5.87 33.89 62.38
C LEU G 130 -6.97 34.89 62.68
N LEU G 131 -8.17 34.65 62.14
CA LEU G 131 -9.25 35.62 62.30
C LEU G 131 -9.85 35.55 63.70
N LYS G 132 -9.88 36.71 64.33
CA LYS G 132 -10.40 36.86 65.68
C LYS G 132 -11.89 37.04 65.63
N THR G 133 -12.61 36.02 66.09
CA THR G 133 -14.06 36.10 66.09
C THR G 133 -14.60 35.71 67.45
N ASP G 134 -15.92 35.52 67.53
CA ASP G 134 -16.59 35.16 68.77
C ASP G 134 -16.27 33.70 69.03
N ASP G 135 -16.38 32.93 67.95
CA ASP G 135 -16.13 31.49 68.03
C ASP G 135 -14.62 31.21 67.94
N ASN G 136 -13.87 32.20 67.47
CA ASN G 136 -12.40 32.13 67.45
C ASN G 136 -11.77 33.30 68.23
N PRO G 137 -11.75 33.15 69.57
CA PRO G 137 -11.20 34.10 70.56
C PRO G 137 -9.67 34.26 70.53
N ASP G 138 -8.98 33.18 70.19
CA ASP G 138 -7.49 33.12 70.11
C ASP G 138 -6.92 33.72 68.83
N GLY G 139 -7.83 34.00 67.92
CA GLY G 139 -7.52 34.70 66.68
C GLY G 139 -6.61 35.86 66.98
N ALA G 140 -5.69 36.10 66.06
CA ALA G 140 -4.65 37.14 66.19
C ALA G 140 -5.14 38.57 65.92
N ALA G 141 -6.09 38.74 65.01
CA ALA G 141 -6.61 40.08 64.66
C ALA G 141 -8.04 40.10 64.13
N PRO G 142 -8.71 41.26 64.23
CA PRO G 142 -10.03 41.37 63.66
C PRO G 142 -9.94 41.58 62.16
N GLN G 143 -11.05 41.28 61.51
CA GLN G 143 -11.20 41.36 60.04
C GLN G 143 -10.74 42.70 59.45
N GLU G 144 -11.04 43.76 60.18
CA GLU G 144 -10.73 45.17 59.83
C GLU G 144 -9.24 45.40 59.66
N PHE G 145 -8.48 44.60 60.41
CA PHE G 145 -7.02 44.63 60.40
C PHE G 145 -6.43 44.13 59.06
N PHE G 146 -7.02 43.06 58.54
CA PHE G 146 -6.59 42.45 57.27
C PHE G 146 -7.00 43.29 56.09
N ASP G 147 -8.21 43.83 56.19
CA ASP G 147 -8.77 44.80 55.24
C ASP G 147 -7.80 45.96 55.04
N GLY G 148 -7.11 46.26 56.14
CA GLY G 148 -6.11 47.34 56.20
C GLY G 148 -4.85 47.07 55.39
N ILE G 149 -4.33 45.86 55.52
CA ILE G 149 -3.16 45.40 54.78
C ILE G 149 -3.44 45.43 53.27
N VAL G 150 -4.59 44.90 52.90
CA VAL G 150 -4.99 44.89 51.48
C VAL G 150 -4.91 46.33 50.96
N ALA G 151 -5.55 47.23 51.70
CA ALA G 151 -5.61 48.67 51.34
C ALA G 151 -4.22 49.30 51.22
N ALA G 152 -3.34 48.85 52.09
CA ALA G 152 -1.95 49.35 52.14
C ALA G 152 -1.15 48.87 50.93
N VAL G 153 -1.29 47.58 50.61
CA VAL G 153 -0.60 47.03 49.44
C VAL G 153 -1.08 47.70 48.15
N LYS G 154 -2.39 47.85 48.00
CA LYS G 154 -2.98 48.51 46.80
C LYS G 154 -2.51 49.97 46.64
N ALA G 155 -2.24 50.62 47.77
CA ALA G 155 -1.81 52.03 47.78
C ALA G 155 -0.39 52.23 47.21
N ASP G 156 0.53 51.36 47.62
CA ASP G 156 1.93 51.36 47.16
C ASP G 156 2.57 50.09 47.72
N ARG G 157 2.55 49.02 46.92
CA ARG G 157 3.10 47.74 47.36
C ARG G 157 4.63 47.85 47.60
N TYR G 158 5.28 48.69 46.80
CA TYR G 158 6.74 48.87 46.82
C TYR G 158 7.26 49.41 48.13
N ALA G 159 6.64 50.51 48.53
CA ALA G 159 6.82 51.14 49.84
C ALA G 159 6.38 50.19 50.95
N PHE G 160 5.26 49.51 50.70
CA PHE G 160 4.72 48.54 51.67
C PHE G 160 5.74 47.45 52.04
N TYR G 161 6.42 46.91 51.02
CA TYR G 161 7.40 45.82 51.25
C TYR G 161 8.45 46.23 52.26
N THR G 162 8.83 47.50 52.20
CA THR G 162 9.86 48.05 53.10
C THR G 162 9.50 47.89 54.60
N GLY G 163 8.33 48.38 54.98
CA GLY G 163 7.87 48.29 56.38
C GLY G 163 7.58 46.85 56.79
N PHE G 164 7.14 46.07 55.81
CA PHE G 164 6.82 44.64 55.99
C PHE G 164 8.07 43.83 56.36
N PHE G 165 9.18 44.06 55.65
CA PHE G 165 10.44 43.31 55.90
C PHE G 165 11.13 43.72 57.19
N ASN G 166 10.82 44.93 57.61
CA ASN G 166 11.18 45.45 58.91
C ASN G 166 10.76 44.58 60.09
N ASP G 167 9.47 44.27 60.09
CA ASP G 167 8.85 43.39 61.09
C ASP G 167 9.06 41.92 60.78
N PHE G 168 9.09 41.65 59.49
CA PHE G 168 9.30 40.29 58.98
C PHE G 168 10.62 39.82 59.57
N TYR G 169 11.62 40.67 59.48
CA TYR G 169 12.97 40.33 59.98
C TYR G 169 13.38 40.86 61.37
N ASN G 170 12.53 41.65 62.01
CA ASN G 170 12.92 42.35 63.25
C ASN G 170 14.23 43.12 62.97
N LEU G 171 14.23 43.92 61.91
CA LEU G 171 15.46 44.60 61.47
C LEU G 171 16.04 45.51 62.55
N ASP G 172 15.18 46.12 63.36
CA ASP G 172 15.64 46.92 64.51
C ASP G 172 16.56 46.14 65.45
N GLU G 173 16.36 44.82 65.53
CA GLU G 173 17.25 43.90 66.30
C GLU G 173 18.39 43.30 65.45
N ASN G 174 17.99 42.74 64.30
CA ASN G 174 18.83 41.81 63.50
C ASN G 174 19.72 42.35 62.37
N LEU G 175 19.47 43.58 61.94
CA LEU G 175 20.23 44.20 60.83
C LEU G 175 21.68 44.44 61.24
N GLY G 176 22.59 43.96 60.39
CA GLY G 176 24.05 44.08 60.61
C GLY G 176 24.62 43.03 61.56
N THR G 177 23.76 42.09 61.92
CA THR G 177 23.97 41.09 62.97
C THR G 177 23.67 39.69 62.40
N ARG G 178 22.37 39.37 62.41
CA ARG G 178 21.79 38.16 61.81
C ARG G 178 21.55 38.30 60.29
N ILE G 179 21.02 39.46 59.89
CA ILE G 179 20.76 39.72 58.47
C ILE G 179 21.51 40.96 57.96
N SER G 180 22.12 40.82 56.79
CA SER G 180 22.78 41.94 56.12
C SER G 180 21.78 42.81 55.36
N GLU G 181 22.22 44.02 55.08
CA GLU G 181 21.43 45.00 54.31
C GLU G 181 21.21 44.50 52.87
N GLU G 182 22.22 43.79 52.38
CA GLU G 182 22.20 43.20 51.02
C GLU G 182 21.18 42.04 50.92
N ALA G 183 21.17 41.19 51.95
CA ALA G 183 20.18 40.09 52.04
C ALA G 183 18.74 40.65 52.03
N VAL G 184 18.53 41.71 52.79
CA VAL G 184 17.22 42.42 52.82
C VAL G 184 16.89 43.03 51.44
N ARG G 185 17.91 43.55 50.77
CA ARG G 185 17.72 44.17 49.45
C ARG G 185 17.22 43.14 48.44
N ASN G 186 17.81 41.96 48.51
CA ASN G 186 17.43 40.81 47.67
C ASN G 186 15.96 40.43 47.88
N SER G 187 15.55 40.38 49.15
CA SER G 187 14.14 40.09 49.51
C SER G 187 13.15 41.09 48.91
N TRP G 188 13.48 42.37 49.01
CA TRP G 188 12.62 43.43 48.44
C TRP G 188 12.52 43.27 46.92
N ASN G 189 13.66 43.06 46.29
CA ASN G 189 13.72 42.81 44.84
C ASN G 189 12.82 41.63 44.44
N THR G 190 12.90 40.54 45.19
CA THR G 190 12.06 39.33 44.95
C THR G 190 10.56 39.65 45.02
N ALA G 191 10.20 40.39 46.06
CA ALA G 191 8.81 40.81 46.28
C ALA G 191 8.29 41.74 45.18
N ALA G 192 9.09 42.75 44.85
CA ALA G 192 8.77 43.73 43.79
C ALA G 192 8.54 43.04 42.43
N SER G 193 9.15 41.88 42.30
CA SER G 193 9.06 41.02 41.08
C SER G 193 7.80 40.12 40.98
N GLY G 194 7.11 39.92 42.10
CA GLY G 194 5.82 39.22 42.12
C GLY G 194 4.76 40.07 41.45
N GLY G 195 3.64 39.45 41.10
CA GLY G 195 2.53 40.15 40.40
C GLY G 195 1.82 41.16 41.27
N PHE G 196 1.45 42.30 40.69
CA PHE G 196 0.73 43.35 41.43
C PHE G 196 -0.57 42.81 42.04
N PHE G 197 -1.28 42.00 41.27
CA PHE G 197 -2.60 41.55 41.69
C PHE G 197 -2.47 40.56 42.84
N ALA G 198 -1.53 39.63 42.70
CA ALA G 198 -1.25 38.60 43.73
C ALA G 198 -0.85 39.19 45.08
N ALA G 199 -0.12 40.28 45.02
CA ALA G 199 0.37 41.01 46.21
C ALA G 199 -0.79 41.47 47.10
N ALA G 200 -1.80 42.08 46.46
CA ALA G 200 -3.00 42.59 47.16
C ALA G 200 -4.02 41.49 47.50
N ALA G 201 -4.08 40.46 46.65
CA ALA G 201 -4.98 39.31 46.85
C ALA G 201 -4.50 38.32 47.93
N ALA G 202 -3.18 38.20 48.10
CA ALA G 202 -2.60 37.24 49.06
C ALA G 202 -3.09 37.39 50.51
N PRO G 203 -3.03 38.62 51.05
CA PRO G 203 -3.45 38.86 52.44
C PRO G 203 -4.89 38.45 52.77
N THR G 204 -5.76 38.38 51.77
CA THR G 204 -7.13 37.88 51.99
C THR G 204 -7.15 36.36 52.30
N THR G 205 -6.13 35.63 51.86
CA THR G 205 -6.08 34.18 52.13
C THR G 205 -5.55 33.85 53.53
N TRP G 206 -4.93 34.82 54.19
CA TRP G 206 -4.24 34.61 55.51
C TRP G 206 -5.14 34.19 56.69
N TYR G 207 -6.38 34.65 56.70
CA TYR G 207 -7.36 34.25 57.76
C TYR G 207 -8.30 33.11 57.33
N THR G 208 -7.76 32.22 56.51
CA THR G 208 -8.39 30.96 56.14
C THR G 208 -8.49 30.12 57.42
N ASP G 209 -9.64 29.49 57.62
CA ASP G 209 -9.87 28.67 58.81
C ASP G 209 -9.37 27.24 58.54
N PHE G 210 -8.25 26.91 59.16
CA PHE G 210 -7.61 25.60 58.98
C PHE G 210 -7.98 24.61 60.10
N ARG G 211 -8.98 24.97 60.89
CA ARG G 211 -9.35 24.19 62.10
C ARG G 211 -9.82 22.77 61.80
N ALA G 212 -10.52 22.58 60.67
CA ALA G 212 -11.03 21.25 60.25
C ALA G 212 -10.02 20.42 59.43
N ASP G 213 -8.94 21.08 59.05
CA ASP G 213 -7.83 20.43 58.33
C ASP G 213 -6.93 19.67 59.28
N ILE G 214 -6.72 20.23 60.46
CA ILE G 214 -5.78 19.70 61.47
C ILE G 214 -6.00 18.23 61.94
N PRO G 215 -7.27 17.81 62.17
CA PRO G 215 -7.56 16.41 62.57
C PRO G 215 -7.22 15.37 61.49
N ARG G 216 -7.08 15.87 60.27
CA ARG G 216 -6.72 15.09 59.07
C ARG G 216 -5.24 14.76 58.97
N ILE G 217 -4.43 15.51 59.73
CA ILE G 217 -2.99 15.30 59.75
C ILE G 217 -2.68 13.97 60.44
N ASP G 218 -2.22 13.11 59.53
CA ASP G 218 -2.14 11.64 59.58
C ASP G 218 -0.77 11.10 59.97
N VAL G 219 0.21 11.85 59.48
CA VAL G 219 1.62 11.49 59.44
C VAL G 219 2.37 12.31 60.49
N PRO G 220 3.61 11.88 60.85
CA PRO G 220 4.41 12.65 61.79
C PRO G 220 4.59 14.09 61.35
N ALA G 221 4.43 14.99 62.31
CA ALA G 221 4.53 16.43 62.05
C ALA G 221 5.51 17.14 62.99
N LEU G 222 6.08 18.21 62.45
CA LEU G 222 6.93 19.12 63.22
C LEU G 222 6.27 20.51 63.16
N ILE G 223 6.18 21.16 64.32
CA ILE G 223 5.74 22.58 64.43
C ILE G 223 6.93 23.38 64.98
N LEU G 224 7.27 24.44 64.26
CA LEU G 224 8.43 25.26 64.61
C LEU G 224 8.09 26.75 64.46
N HIS G 225 8.35 27.51 65.52
CA HIS G 225 8.01 28.94 65.56
C HIS G 225 9.08 29.74 66.31
N GLY G 226 9.26 30.98 65.87
CA GLY G 226 10.17 31.93 66.53
C GLY G 226 9.39 32.66 67.61
N THR G 227 9.96 32.75 68.80
CA THR G 227 9.20 33.39 69.90
C THR G 227 9.12 34.92 69.72
N GLY G 228 10.07 35.49 68.99
CA GLY G 228 10.07 36.93 68.62
C GLY G 228 9.33 37.29 67.32
N ASP G 229 8.42 36.41 66.91
CA ASP G 229 7.64 36.59 65.68
C ASP G 229 6.62 37.72 65.86
N ARG G 230 6.89 38.82 65.14
CA ARG G 230 6.01 40.02 65.10
C ARG G 230 4.92 39.91 64.04
N THR G 231 5.14 39.03 63.07
CA THR G 231 4.24 38.91 61.91
C THR G 231 3.11 37.92 62.28
N LEU G 232 3.49 36.75 62.79
CA LEU G 232 2.55 35.72 63.31
C LEU G 232 2.80 35.42 64.79
N PRO G 233 2.15 36.18 65.68
CA PRO G 233 2.29 36.03 67.12
C PRO G 233 2.23 34.56 67.53
N ILE G 234 3.31 34.07 68.12
CA ILE G 234 3.44 32.64 68.52
C ILE G 234 2.24 32.16 69.38
N GLU G 235 1.70 33.09 70.17
CA GLU G 235 0.54 32.86 71.06
C GLU G 235 -0.83 32.62 70.40
N ASN G 236 -1.01 33.14 69.19
CA ASN G 236 -2.29 33.01 68.42
C ASN G 236 -2.20 31.97 67.30
N THR G 237 -1.01 31.44 67.15
CA THR G 237 -0.65 30.52 66.07
C THR G 237 -0.06 29.22 66.64
N ALA G 238 1.27 29.09 66.57
CA ALA G 238 2.00 27.87 66.99
C ALA G 238 1.51 27.26 68.30
N ARG G 239 1.32 28.10 69.30
CA ARG G 239 0.95 27.60 70.64
C ARG G 239 -0.46 27.00 70.73
N VAL G 240 -1.41 27.60 70.04
CA VAL G 240 -2.79 27.05 70.03
C VAL G 240 -2.89 25.90 69.00
N PHE G 241 -2.04 25.95 67.98
CA PHE G 241 -1.89 24.88 66.95
C PHE G 241 -1.41 23.55 67.58
N HIS G 242 -0.44 23.65 68.48
CA HIS G 242 0.10 22.45 69.16
C HIS G 242 -0.91 21.83 70.10
N LYS G 243 -1.79 22.65 70.65
CA LYS G 243 -2.91 22.15 71.46
C LYS G 243 -3.84 21.31 70.60
N ALA G 244 -4.02 21.76 69.36
CA ALA G 244 -4.91 21.09 68.39
C ALA G 244 -4.27 19.83 67.80
N LEU G 245 -2.93 19.80 67.84
CA LEU G 245 -2.12 18.69 67.35
C LEU G 245 -0.97 18.42 68.38
N PRO G 246 -1.32 17.83 69.56
CA PRO G 246 -0.40 17.53 70.69
C PRO G 246 0.73 16.62 70.29
N SER G 247 0.36 15.76 69.34
CA SER G 247 1.21 14.73 68.76
C SER G 247 2.41 15.31 68.00
N ALA G 248 2.21 16.50 67.43
CA ALA G 248 3.29 17.21 66.73
C ALA G 248 4.49 17.39 67.62
N GLU G 249 5.64 17.17 67.02
CA GLU G 249 6.93 17.53 67.59
C GLU G 249 6.97 19.04 67.54
N TYR G 250 7.45 19.68 68.59
CA TYR G 250 7.27 21.13 68.74
C TYR G 250 8.52 21.85 69.23
N VAL G 251 8.94 22.84 68.45
CA VAL G 251 10.18 23.57 68.66
C VAL G 251 9.96 25.09 68.67
N GLU G 252 10.30 25.73 69.78
CA GLU G 252 10.30 27.20 69.86
C GLU G 252 11.71 27.72 69.65
N VAL G 253 11.84 28.67 68.73
CA VAL G 253 13.12 29.34 68.50
C VAL G 253 13.11 30.69 69.26
N GLU G 254 13.95 30.68 70.30
CA GLU G 254 14.03 31.76 71.27
C GLU G 254 14.44 33.07 70.60
N GLY G 255 13.50 34.01 70.62
CA GLY G 255 13.72 35.37 70.10
C GLY G 255 13.89 35.48 68.59
N ALA G 256 13.49 34.42 67.89
CA ALA G 256 13.59 34.35 66.44
C ALA G 256 12.42 35.12 65.88
N PRO G 257 12.64 35.89 64.80
CA PRO G 257 11.58 36.63 64.14
C PRO G 257 10.76 35.74 63.19
N HIS G 258 9.89 36.35 62.39
CA HIS G 258 9.12 35.61 61.36
C HIS G 258 10.06 35.02 60.30
N GLY G 259 11.00 35.84 59.88
CA GLY G 259 11.98 35.50 58.84
C GLY G 259 13.17 34.71 59.37
N LEU G 260 12.82 33.72 60.19
CA LEU G 260 13.78 32.87 60.92
C LEU G 260 14.60 31.93 59.99
N LEU G 261 14.12 31.73 58.77
CA LEU G 261 14.83 30.89 57.76
C LEU G 261 16.25 31.42 57.48
N TRP G 262 16.38 32.73 57.45
CA TRP G 262 17.69 33.41 57.26
C TRP G 262 18.38 33.73 58.58
N THR G 263 17.74 34.53 59.43
CA THR G 263 18.32 35.02 60.74
C THR G 263 18.79 33.87 61.67
N HIS G 264 18.02 32.79 61.66
CA HIS G 264 18.26 31.60 62.51
C HIS G 264 18.33 30.30 61.69
N ALA G 265 18.87 30.41 60.48
CA ALA G 265 18.97 29.27 59.56
C ALA G 265 19.48 28.03 60.30
N GLU G 266 20.45 28.25 61.17
CA GLU G 266 21.12 27.19 61.97
C GLU G 266 20.24 26.31 62.84
N GLU G 267 19.52 27.04 63.68
CA GLU G 267 18.60 26.49 64.64
C GLU G 267 17.52 25.82 63.83
N VAL G 268 17.17 26.46 62.72
CA VAL G 268 16.15 25.95 61.79
C VAL G 268 16.59 24.63 61.13
N ASN G 269 17.77 24.67 60.52
CA ASN G 269 18.33 23.52 59.80
C ASN G 269 18.62 22.35 60.72
N THR G 270 19.15 22.64 61.91
CA THR G 270 19.46 21.62 62.92
C THR G 270 18.19 20.86 63.37
N ALA G 271 17.10 21.54 63.70
CA ALA G 271 15.81 20.89 64.09
C ALA G 271 15.27 20.02 62.93
N LEU G 272 15.24 20.65 61.76
CA LEU G 272 14.75 20.03 60.53
C LEU G 272 15.60 18.77 60.23
N LEU G 273 16.92 18.95 60.27
CA LEU G 273 17.87 17.91 59.90
C LEU G 273 17.84 16.75 60.85
N ALA G 274 17.71 17.00 62.14
CA ALA G 274 17.63 15.94 63.15
C ALA G 274 16.41 15.10 62.89
N PHE G 275 15.29 15.78 62.69
CA PHE G 275 14.03 15.08 62.40
C PHE G 275 14.15 14.29 61.08
N LEU G 276 14.73 14.95 60.09
CA LEU G 276 14.92 14.34 58.78
C LEU G 276 15.89 13.15 58.88
N ALA G 277 16.92 13.28 59.71
CA ALA G 277 17.92 12.22 59.96
C ALA G 277 17.25 11.02 60.57
N LYS G 278 16.35 11.28 61.51
CA LYS G 278 15.59 10.21 62.15
C LYS G 278 14.77 9.46 61.12
N ALA G 279 14.09 10.25 60.29
CA ALA G 279 13.27 9.71 59.20
C ALA G 279 14.13 8.88 58.22
N GLN G 280 15.30 9.41 57.90
CA GLN G 280 16.25 8.76 56.99
C GLN G 280 16.74 7.43 57.56
N GLU G 281 17.02 7.42 58.85
CA GLU G 281 17.45 6.19 59.55
C GLU G 281 16.35 5.15 59.51
N ALA G 282 15.12 5.61 59.73
CA ALA G 282 13.96 4.73 59.67
C ALA G 282 13.80 4.16 58.26
N GLN G 283 14.00 5.00 57.27
CA GLN G 283 13.94 4.58 55.86
C GLN G 283 14.99 3.50 55.56
N LYS G 284 16.21 3.71 56.08
CA LYS G 284 17.33 2.74 55.90
C LYS G 284 16.95 1.40 56.51
N GLN G 285 16.34 1.48 57.70
CA GLN G 285 15.87 0.25 58.38
C GLN G 285 14.80 -0.44 57.52
N LYS G 286 13.91 0.36 56.95
CA LYS G 286 12.85 -0.09 56.01
C LYS G 286 13.37 -0.61 54.66
N LEU G 287 14.38 0.09 54.15
CA LEU G 287 15.07 -0.37 52.95
C LEU G 287 16.12 -1.45 53.23
N LEU G 288 16.93 -1.24 54.26
CA LEU G 288 17.97 -2.20 54.67
C LEU G 288 17.44 -3.57 55.08
N THR G 289 16.38 -3.58 55.85
CA THR G 289 15.75 -4.84 56.29
C THR G 289 15.08 -5.57 55.10
N GLU G 290 14.49 -4.81 54.19
CA GLU G 290 13.88 -5.38 52.97
C GLU G 290 14.94 -6.02 52.08
N VAL G 291 16.02 -5.28 51.92
CA VAL G 291 17.15 -5.73 51.10
C VAL G 291 17.70 -7.01 51.71
N GLU G 292 17.90 -6.96 53.03
CA GLU G 292 18.47 -8.10 53.78
C GLU G 292 17.67 -9.38 53.57
N THR G 293 16.34 -9.28 53.60
CA THR G 293 15.49 -10.48 53.45
C THR G 293 15.64 -11.08 52.05
N TYR G 294 15.67 -10.22 51.04
CA TYR G 294 15.89 -10.66 49.66
C TYR G 294 17.25 -11.31 49.50
N VAL G 295 18.26 -10.65 50.06
CA VAL G 295 19.64 -11.12 49.99
C VAL G 295 19.78 -12.49 50.67
N LEU G 296 19.19 -12.62 51.85
CA LEU G 296 19.25 -13.86 52.62
C LEU G 296 18.50 -15.04 51.98
N SER G 297 17.46 -14.73 51.22
CA SER G 297 16.63 -15.75 50.52
C SER G 297 17.43 -16.64 49.55
N ILE G 298 18.59 -16.14 49.11
CA ILE G 298 19.45 -16.90 48.19
C ILE G 298 20.46 -17.81 48.89
N ILE G 299 20.69 -17.58 50.17
CA ILE G 299 21.69 -18.33 50.94
C ILE G 299 21.09 -19.59 51.59
N PRO G 300 21.77 -20.73 51.46
CA PRO G 300 21.25 -21.92 52.13
C PRO G 300 21.28 -21.78 53.65
N SER G 301 20.28 -22.34 54.30
CA SER G 301 20.15 -22.24 55.75
C SER G 301 21.32 -22.94 56.44
N GLY G 302 21.79 -22.33 57.52
CA GLY G 302 22.93 -22.86 58.28
C GLY G 302 23.68 -21.78 59.05
N PRO G 303 24.81 -22.14 59.68
CA PRO G 303 25.62 -21.21 60.49
C PRO G 303 26.27 -20.09 59.67
N LEU G 304 26.61 -20.41 58.43
CA LEU G 304 27.19 -19.43 57.51
C LEU G 304 26.16 -18.32 57.22
N LYS G 305 24.94 -18.74 56.97
CA LYS G 305 23.82 -17.83 56.73
C LYS G 305 23.64 -16.89 57.93
N ALA G 306 23.96 -17.44 59.10
CA ALA G 306 23.89 -16.65 60.36
C ALA G 306 24.97 -15.57 60.38
N GLU G 307 26.20 -15.97 60.04
CA GLU G 307 27.34 -15.03 59.99
C GLU G 307 27.09 -13.89 59.01
N ILE G 308 26.65 -14.25 57.81
CA ILE G 308 26.34 -13.28 56.75
C ILE G 308 25.28 -12.27 57.20
N ALA G 309 24.18 -12.78 57.73
CA ALA G 309 23.07 -11.94 58.24
C ALA G 309 23.58 -10.93 59.28
N GLN G 310 24.40 -11.42 60.20
CA GLN G 310 25.01 -10.57 61.23
C GLN G 310 25.88 -9.47 60.63
N ARG G 311 26.67 -9.84 59.63
CA ARG G 311 27.54 -8.90 58.92
C ARG G 311 26.74 -7.83 58.17
N LEU G 312 25.70 -8.28 57.49
CA LEU G 312 24.77 -7.38 56.79
C LEU G 312 24.22 -6.35 57.78
N GLU G 313 23.64 -6.87 58.86
CA GLU G 313 23.05 -6.03 59.90
C GLU G 313 24.04 -5.00 60.47
N ASP G 314 25.27 -5.44 60.69
CA ASP G 314 26.33 -4.57 61.24
C ASP G 314 26.73 -3.45 60.27
N VAL G 315 26.86 -3.78 58.99
CA VAL G 315 27.20 -2.74 58.00
C VAL G 315 26.01 -1.81 57.83
N PHE G 316 24.82 -2.39 57.85
CA PHE G 316 23.57 -1.61 57.71
C PHE G 316 23.36 -0.64 58.86
N ALA G 317 23.73 -1.10 60.05
CA ALA G 317 23.65 -0.29 61.28
C ALA G 317 24.78 0.74 61.35
N GLY G 318 25.64 0.71 60.34
CA GLY G 318 26.65 1.75 60.15
C GLY G 318 28.00 1.49 60.79
N LYS G 319 28.19 0.30 61.37
CA LYS G 319 29.54 -0.05 61.85
C LYS G 319 30.43 -0.07 60.58
N ASN G 320 31.30 0.93 60.43
CA ASN G 320 32.15 1.00 59.23
C ASN G 320 33.07 -0.18 59.33
N THR G 321 32.96 -1.05 58.32
CA THR G 321 33.72 -2.26 58.30
C THR G 321 34.85 -2.09 57.29
N ASP G 322 35.91 -2.78 57.64
CA ASP G 322 37.00 -2.94 56.71
C ASP G 322 36.55 -3.81 55.53
N LEU G 323 36.17 -3.14 54.45
CA LEU G 323 35.67 -3.81 53.24
C LEU G 323 36.66 -4.89 52.76
N GLU G 324 37.94 -4.57 52.83
CA GLU G 324 38.99 -5.51 52.37
C GLU G 324 38.91 -6.83 53.11
N VAL G 325 38.69 -6.73 54.40
CA VAL G 325 38.61 -7.91 55.28
C VAL G 325 37.32 -8.66 54.98
N LEU G 326 36.24 -7.90 54.84
CA LEU G 326 34.91 -8.44 54.47
C LEU G 326 34.94 -9.26 53.18
N MET G 327 35.51 -8.65 52.15
CA MET G 327 35.57 -9.24 50.80
C MET G 327 36.43 -10.52 50.75
N GLU G 328 37.52 -10.52 51.50
CA GLU G 328 38.40 -11.69 51.59
C GLU G 328 37.68 -12.85 52.27
N TRP G 329 36.95 -12.52 53.34
CA TRP G 329 36.14 -13.51 54.08
C TRP G 329 35.15 -14.16 53.14
N LEU G 330 34.39 -13.32 52.46
CA LEU G 330 33.40 -13.77 51.45
C LEU G 330 34.04 -14.68 50.41
N LYS G 331 35.12 -14.17 49.84
CA LYS G 331 35.88 -14.89 48.81
C LYS G 331 36.25 -16.31 49.25
N THR G 332 36.70 -16.44 50.49
CA THR G 332 37.18 -17.74 51.03
C THR G 332 36.12 -18.63 51.68
N ARG G 333 34.85 -18.23 51.60
CA ARG G 333 33.76 -19.04 52.18
C ARG G 333 33.50 -20.32 51.39
N PRO G 334 33.54 -21.49 52.07
CA PRO G 334 33.16 -22.69 51.36
C PRO G 334 31.65 -22.75 51.19
N ILE G 335 31.18 -23.72 50.42
CA ILE G 335 29.73 -23.94 50.14
C ILE G 335 28.99 -22.84 49.36
N LEU G 336 29.31 -21.58 49.63
CA LEU G 336 28.67 -20.45 48.93
C LEU G 336 28.94 -20.50 47.42
N SER G 337 27.87 -20.36 46.66
CA SER G 337 27.98 -20.35 45.19
C SER G 337 28.76 -19.09 44.78
N PRO G 338 29.56 -19.16 43.69
CA PRO G 338 30.31 -17.99 43.24
C PRO G 338 29.39 -16.80 42.91
N LEU G 339 28.22 -17.12 42.37
CA LEU G 339 27.23 -16.12 41.99
C LEU G 339 26.71 -15.42 43.25
N THR G 340 26.45 -16.21 44.28
CA THR G 340 25.94 -15.70 45.55
C THR G 340 27.01 -14.83 46.20
N LYS G 341 28.25 -15.25 46.06
CA LYS G 341 29.42 -14.48 46.56
C LYS G 341 29.54 -13.14 45.87
N GLY G 342 29.24 -13.14 44.57
CA GLY G 342 29.29 -11.91 43.76
C GLY G 342 28.22 -10.91 44.20
N ILE G 343 27.01 -11.44 44.41
CA ILE G 343 25.85 -10.64 44.84
C ILE G 343 26.13 -10.00 46.21
N LEU G 344 26.62 -10.80 47.14
CA LEU G 344 26.99 -10.32 48.48
C LEU G 344 28.16 -9.34 48.41
N GLY G 345 29.11 -9.66 47.54
CA GLY G 345 30.29 -8.81 47.28
C GLY G 345 29.83 -7.44 46.85
N PHE G 346 28.93 -7.44 45.88
CA PHE G 346 28.31 -6.24 45.33
C PHE G 346 27.57 -5.44 46.41
N VAL G 347 26.74 -6.14 47.18
CA VAL G 347 25.93 -5.49 48.23
C VAL G 347 26.82 -4.82 49.28
N PHE G 348 27.83 -5.54 49.74
CA PHE G 348 28.77 -5.01 50.76
C PHE G 348 29.53 -3.76 50.32
N THR G 349 29.97 -3.73 49.07
CA THR G 349 30.73 -2.55 48.58
C THR G 349 29.79 -1.33 48.46
N LEU G 350 28.52 -1.63 48.17
CA LEU G 350 27.45 -0.61 47.99
C LEU G 350 27.04 -0.01 49.34
N THR G 351 26.96 -0.86 50.35
CA THR G 351 26.44 -0.44 51.66
C THR G 351 27.53 0.01 52.65
N VAL G 352 28.72 -0.59 52.55
CA VAL G 352 29.85 -0.26 53.45
C VAL G 352 30.11 1.24 53.40
N PRO G 353 30.28 1.89 54.59
CA PRO G 353 30.49 3.35 54.64
C PRO G 353 31.70 3.77 53.80
N SER G 354 32.83 3.14 54.06
CA SER G 354 34.09 3.44 53.38
C SER G 354 34.62 2.27 52.58
N GLU G 355 34.74 2.45 51.27
CA GLU G 355 35.43 1.47 50.43
C GLU G 355 36.94 1.63 50.63
N ARG G 356 37.35 2.82 51.06
CA ARG G 356 38.78 3.09 51.35
C ARG G 356 39.67 2.96 50.12
N GLY G 357 39.13 3.24 48.93
CA GLY G 357 39.89 3.14 47.70
C GLY G 357 40.29 1.72 47.36
N LEU G 358 39.43 0.77 47.71
CA LEU G 358 39.66 -0.61 47.32
C LEU G 358 39.32 -0.83 45.87
N GLN G 359 40.22 -1.51 45.18
CA GLN G 359 39.99 -1.86 43.78
C GLN G 359 38.87 -2.86 43.75
N ARG G 360 38.13 -2.88 42.64
CA ARG G 360 37.05 -3.85 42.50
C ARG G 360 37.65 -5.25 42.53
N ARG G 361 36.86 -6.22 42.96
CA ARG G 361 37.32 -7.62 43.12
C ARG G 361 37.04 -8.52 41.91
N ARG G 362 38.09 -9.22 41.48
CA ARG G 362 38.00 -10.20 40.38
C ARG G 362 36.92 -11.25 40.62
N PHE G 363 36.81 -11.74 41.85
CA PHE G 363 35.85 -12.83 42.14
C PHE G 363 34.41 -12.37 41.90
N VAL G 364 34.16 -11.10 42.18
CA VAL G 364 32.84 -10.50 41.98
C VAL G 364 32.62 -10.26 40.49
N GLN G 365 33.63 -9.69 39.85
CA GLN G 365 33.57 -9.39 38.41
C GLN G 365 33.27 -10.66 37.62
N ASN G 366 33.98 -11.73 37.96
CA ASN G 366 33.77 -13.02 37.28
C ASN G 366 32.37 -13.59 37.52
N ALA G 367 31.88 -13.39 38.74
CA ALA G 367 30.56 -13.88 39.15
C ALA G 367 29.39 -13.13 38.47
N LEU G 368 29.57 -11.83 38.26
CA LEU G 368 28.51 -10.95 37.70
C LEU G 368 28.67 -10.59 36.22
N ASN G 369 29.54 -11.26 35.49
CA ASN G 369 29.75 -11.02 34.05
C ASN G 369 28.71 -11.61 33.08
N GLY G 370 27.64 -12.26 33.55
CA GLY G 370 26.56 -12.65 32.60
C GLY G 370 27.08 -13.72 31.64
N ASN G 371 28.10 -14.45 32.10
CA ASN G 371 28.77 -15.48 31.30
C ASN G 371 29.50 -14.91 30.09
N GLY G 372 29.70 -13.59 30.04
CA GLY G 372 30.27 -12.96 28.84
C GLY G 372 29.40 -13.13 27.61
N ASP G 373 28.13 -13.44 27.84
CA ASP G 373 27.20 -13.68 26.73
C ASP G 373 26.69 -12.32 26.18
N PRO G 374 26.91 -12.04 24.88
CA PRO G 374 26.48 -10.75 24.28
C PRO G 374 24.97 -10.47 24.31
N ASN G 375 24.17 -11.53 24.22
CA ASN G 375 22.71 -11.40 24.31
C ASN G 375 22.29 -10.95 25.71
N ASN G 376 22.90 -11.55 26.73
CA ASN G 376 22.67 -11.20 28.15
C ASN G 376 23.06 -9.76 28.32
N MET G 377 24.25 -9.42 27.84
CA MET G 377 24.82 -8.08 27.95
C MET G 377 23.96 -7.03 27.24
N ASP G 378 23.41 -7.41 26.09
CA ASP G 378 22.48 -6.56 25.33
C ASP G 378 21.27 -6.21 26.19
N LYS G 379 20.68 -7.24 26.78
CA LYS G 379 19.50 -7.06 27.64
C LYS G 379 19.83 -6.29 28.92
N ALA G 380 21.03 -6.51 29.43
CA ALA G 380 21.52 -5.84 30.64
C ALA G 380 21.62 -4.33 30.40
N VAL G 381 22.05 -3.99 29.19
CA VAL G 381 22.19 -2.58 28.77
C VAL G 381 20.81 -1.95 28.61
N LYS G 382 19.88 -2.72 28.08
CA LYS G 382 18.49 -2.26 27.92
C LYS G 382 17.85 -2.00 29.28
N LEU G 383 18.06 -2.93 30.21
CA LEU G 383 17.56 -2.77 31.58
C LEU G 383 18.17 -1.52 32.21
N TYR G 384 19.49 -1.39 32.09
CA TYR G 384 20.22 -0.23 32.62
C TYR G 384 19.61 1.09 32.13
N ARG G 385 19.28 1.14 30.85
CA ARG G 385 18.66 2.34 30.25
C ARG G 385 17.40 2.70 31.04
N LYS G 386 16.59 1.68 31.31
CA LYS G 386 15.34 1.88 32.06
C LYS G 386 15.58 2.26 33.52
N LEU G 387 16.54 1.58 34.16
CA LEU G 387 16.88 1.84 35.58
C LEU G 387 17.40 3.27 35.80
N LYS G 388 18.03 3.82 34.76
CA LYS G 388 18.54 5.21 34.79
C LYS G 388 17.41 6.23 35.01
N ARG G 389 16.21 5.84 34.64
CA ARG G 389 15.02 6.69 34.76
C ARG G 389 14.25 6.44 36.05
N GLU G 390 14.61 5.39 36.77
CA GLU G 390 13.98 5.06 38.04
C GLU G 390 14.60 5.85 39.18
N ILE G 391 13.80 6.14 40.19
CA ILE G 391 14.25 6.83 41.41
C ILE G 391 13.87 6.09 42.70
N THR G 392 13.01 5.08 42.56
CA THR G 392 12.54 4.33 43.72
C THR G 392 12.96 2.87 43.69
N PHE G 393 13.03 2.29 44.88
CA PHE G 393 13.39 0.87 45.07
C PHE G 393 12.37 -0.05 44.39
N HIS G 394 11.08 0.22 44.61
CA HIS G 394 9.98 -0.59 44.04
C HIS G 394 9.87 -0.48 42.51
N GLY G 395 10.01 0.72 41.97
CA GLY G 395 9.99 0.91 40.51
C GLY G 395 11.13 0.16 39.85
N ALA G 396 12.31 0.31 40.46
CA ALA G 396 13.52 -0.36 40.00
C ALA G 396 13.35 -1.87 40.03
N LYS G 397 12.91 -2.35 41.19
CA LYS G 397 12.72 -3.81 41.39
C LYS G 397 11.70 -4.37 40.39
N GLU G 398 10.62 -3.61 40.18
CA GLU G 398 9.52 -3.98 39.27
C GLU G 398 9.96 -4.21 37.81
N ILE G 399 10.68 -3.24 37.26
CA ILE G 399 11.16 -3.37 35.86
C ILE G 399 12.23 -4.45 35.73
N SER G 400 13.03 -4.60 36.77
CA SER G 400 14.10 -5.63 36.79
C SER G 400 13.52 -7.04 36.67
N LEU G 401 12.38 -7.26 37.31
CA LEU G 401 11.69 -8.58 37.29
C LEU G 401 11.22 -9.03 35.90
N SER G 402 11.21 -8.11 34.93
CA SER G 402 10.84 -8.46 33.55
C SER G 402 12.05 -8.96 32.74
N TYR G 403 13.19 -9.07 33.42
CA TYR G 403 14.43 -9.56 32.80
C TYR G 403 14.88 -10.87 33.41
N SER G 404 15.60 -11.65 32.60
CA SER G 404 16.11 -12.95 33.05
C SER G 404 17.22 -12.77 34.07
N ALA G 405 17.42 -13.79 34.89
CA ALA G 405 18.47 -13.79 35.92
C ALA G 405 19.87 -13.54 35.33
N GLY G 406 20.11 -14.04 34.12
CA GLY G 406 21.40 -13.86 33.43
C GLY G 406 21.65 -12.42 33.03
N ALA G 407 20.59 -11.78 32.52
CA ALA G 407 20.65 -10.35 32.13
C ALA G 407 20.75 -9.45 33.36
N LEU G 408 20.09 -9.87 34.43
CA LEU G 408 20.08 -9.13 35.70
C LEU G 408 21.48 -9.13 36.33
N ALA G 409 22.10 -10.30 36.35
CA ALA G 409 23.44 -10.44 36.93
C ALA G 409 24.46 -9.61 36.15
N SER G 410 24.35 -9.66 34.84
CA SER G 410 25.19 -8.84 33.94
C SER G 410 24.99 -7.35 34.15
N CYS G 411 23.73 -6.96 34.36
CA CYS G 411 23.42 -5.56 34.65
C CYS G 411 24.10 -5.13 35.95
N MET G 412 24.05 -6.00 36.95
CA MET G 412 24.72 -5.74 38.24
C MET G 412 26.22 -5.56 38.03
N GLY G 413 26.77 -6.38 37.14
CA GLY G 413 28.20 -6.31 36.79
C GLY G 413 28.56 -4.97 36.14
N LEU G 414 27.66 -4.51 35.27
CA LEU G 414 27.83 -3.24 34.55
C LEU G 414 27.99 -2.07 35.56
N ILE G 415 27.13 -2.10 36.58
CA ILE G 415 27.14 -1.10 37.65
C ILE G 415 28.38 -1.30 38.53
N TYR G 416 28.64 -2.54 38.92
CA TYR G 416 29.79 -2.88 39.77
C TYR G 416 31.10 -2.41 39.14
N ASN G 417 31.19 -2.60 37.82
CA ASN G 417 32.38 -2.20 37.06
C ASN G 417 32.48 -0.71 36.74
N ARG G 418 31.48 0.05 37.20
CA ARG G 418 31.37 1.51 36.96
C ARG G 418 31.21 1.85 35.48
N MET G 419 30.66 0.91 34.73
CA MET G 419 30.40 1.13 33.30
C MET G 419 29.12 1.91 33.11
N GLY G 420 28.28 1.83 34.14
CA GLY G 420 27.05 2.60 34.22
C GLY G 420 26.83 2.97 35.66
N ALA G 421 25.92 3.89 35.91
CA ALA G 421 25.64 4.33 37.28
C ALA G 421 24.13 4.53 37.53
N VAL G 422 23.71 4.14 38.73
CA VAL G 422 22.34 4.37 39.19
C VAL G 422 22.42 4.73 40.69
N THR G 423 21.31 5.26 41.19
CA THR G 423 21.21 5.62 42.60
C THR G 423 21.18 4.36 43.45
N THR G 424 21.62 4.48 44.70
CA THR G 424 21.75 3.34 45.61
C THR G 424 20.44 2.56 45.78
N GLU G 425 19.33 3.28 45.89
CA GLU G 425 18.02 2.67 46.13
C GLU G 425 17.54 1.87 44.91
N VAL G 426 17.88 2.38 43.72
CA VAL G 426 17.59 1.69 42.46
C VAL G 426 18.49 0.46 42.33
N ALA G 427 19.75 0.62 42.74
CA ALA G 427 20.72 -0.49 42.75
C ALA G 427 20.22 -1.61 43.67
N PHE G 428 19.66 -1.20 44.80
CA PHE G 428 19.05 -2.14 45.76
C PHE G 428 17.91 -2.93 45.11
N GLY G 429 17.05 -2.22 44.39
CA GLY G 429 15.93 -2.83 43.68
C GLY G 429 16.39 -3.87 42.67
N LEU G 430 17.45 -3.52 41.93
CA LEU G 430 18.07 -4.42 40.96
C LEU G 430 18.56 -5.70 41.64
N VAL G 431 19.37 -5.53 42.70
CA VAL G 431 19.94 -6.71 43.41
C VAL G 431 18.84 -7.60 43.99
N CYS G 432 17.77 -6.98 44.47
CA CYS G 432 16.64 -7.72 45.08
C CYS G 432 15.81 -8.48 44.04
N ALA G 433 15.67 -7.90 42.86
CA ALA G 433 14.98 -8.57 41.75
C ALA G 433 15.77 -9.81 41.35
N THR G 434 17.08 -9.64 41.22
CA THR G 434 17.98 -10.74 40.90
C THR G 434 17.92 -11.83 41.96
N CYS G 435 17.98 -11.44 43.23
CA CYS G 435 17.89 -12.41 44.33
C CYS G 435 16.56 -13.18 44.28
N GLU G 436 15.48 -12.44 44.05
CA GLU G 436 14.12 -13.03 43.96
C GLU G 436 14.10 -14.07 42.83
N GLN G 437 14.61 -13.69 41.66
CA GLN G 437 14.63 -14.58 40.50
C GLN G 437 15.40 -15.87 40.78
N ILE G 438 16.59 -15.71 41.36
CA ILE G 438 17.48 -16.86 41.69
C ILE G 438 16.84 -17.77 42.75
N ALA G 439 16.39 -17.15 43.83
CA ALA G 439 15.73 -17.89 44.92
C ALA G 439 14.53 -18.66 44.38
N ASP G 440 13.73 -17.99 43.55
CA ASP G 440 12.53 -18.59 42.92
C ASP G 440 12.83 -19.79 42.05
N SER G 441 14.05 -19.83 41.49
CA SER G 441 14.48 -20.95 40.64
C SER G 441 14.82 -22.18 41.46
N GLN G 442 15.18 -21.94 42.71
CA GLN G 442 15.55 -23.02 43.64
C GLN G 442 14.29 -23.65 44.23
N PRO H 2 3.53 34.36 29.19
CA PRO H 2 3.00 33.98 27.89
C PRO H 2 3.68 34.73 26.72
N PHE H 3 3.83 34.04 25.58
CA PHE H 3 4.45 34.62 24.38
C PHE H 3 3.68 34.46 23.09
N ILE H 4 3.83 35.48 22.25
CA ILE H 4 3.39 35.45 20.86
C ILE H 4 4.64 35.70 20.00
N THR H 5 4.86 34.80 19.05
CA THR H 5 5.99 34.90 18.09
C THR H 5 5.60 35.84 16.95
N VAL H 6 6.44 36.83 16.70
CA VAL H 6 6.13 37.84 15.68
C VAL H 6 7.09 37.82 14.49
N GLY H 7 8.17 37.07 14.64
CA GLY H 7 9.14 36.94 13.57
C GLY H 7 10.38 36.12 13.92
N GLN H 8 11.40 36.31 13.10
CA GLN H 8 12.63 35.54 13.21
C GLN H 8 13.83 36.48 13.08
N GLU H 9 14.82 36.25 13.95
CA GLU H 9 16.12 36.93 13.87
C GLU H 9 17.20 35.87 13.87
N ASN H 10 17.90 35.73 12.75
CA ASN H 10 18.95 34.72 12.59
C ASN H 10 18.43 33.32 12.97
N SER H 11 19.07 32.65 13.93
CA SER H 11 18.63 31.29 14.37
C SER H 11 17.48 31.32 15.39
N THR H 12 17.14 32.51 15.88
CA THR H 12 16.18 32.67 16.99
C THR H 12 14.86 33.31 16.55
N SER H 13 13.74 32.93 17.15
CA SER H 13 12.50 33.63 16.87
C SER H 13 12.38 34.86 17.74
N ILE H 14 11.50 35.76 17.31
CA ILE H 14 11.20 36.99 18.04
C ILE H 14 9.84 36.81 18.71
N ASP H 15 9.87 36.75 20.04
CA ASP H 15 8.65 36.50 20.84
C ASP H 15 8.28 37.70 21.70
N LEU H 16 6.99 38.03 21.70
CA LEU H 16 6.48 39.09 22.58
C LEU H 16 5.86 38.51 23.83
N TYR H 17 6.29 39.03 24.97
CA TYR H 17 5.69 38.68 26.25
C TYR H 17 4.32 39.36 26.34
N TYR H 18 3.28 38.61 26.68
CA TYR H 18 1.94 39.21 26.88
C TYR H 18 1.17 38.60 28.05
N GLU H 19 0.18 39.33 28.52
CA GLU H 19 -0.77 38.86 29.54
C GLU H 19 -2.21 39.11 29.11
N ASP H 20 -3.10 38.32 29.68
CA ASP H 20 -4.49 38.25 29.23
C ASP H 20 -5.37 38.00 30.46
N HIS H 21 -5.93 39.08 30.98
CA HIS H 21 -6.69 39.03 32.24
C HIS H 21 -8.15 39.53 32.12
N GLY H 22 -8.98 38.96 32.97
CA GLY H 22 -10.39 39.35 33.06
C GLY H 22 -11.28 38.86 31.94
N THR H 23 -12.53 39.30 31.98
CA THR H 23 -13.51 38.87 31.00
C THR H 23 -14.34 40.09 30.65
N GLY H 24 -14.85 40.11 29.43
CA GLY H 24 -15.66 41.22 28.95
C GLY H 24 -14.99 41.82 27.75
N THR H 25 -15.35 43.07 27.46
CA THR H 25 -14.81 43.79 26.30
C THR H 25 -13.30 43.91 26.44
N PRO H 26 -12.56 43.51 25.38
CA PRO H 26 -11.10 43.52 25.38
C PRO H 26 -10.52 44.92 25.25
N VAL H 27 -9.60 45.22 26.16
CA VAL H 27 -8.90 46.50 26.18
C VAL H 27 -7.41 46.20 26.12
N VAL H 28 -6.77 46.71 25.07
CA VAL H 28 -5.35 46.46 24.81
C VAL H 28 -4.51 47.67 25.18
N LEU H 29 -3.61 47.47 26.13
CA LEU H 29 -2.74 48.53 26.68
C LEU H 29 -1.34 48.40 26.10
N ILE H 30 -0.85 49.48 25.52
CA ILE H 30 0.46 49.53 24.83
C ILE H 30 1.36 50.53 25.54
N HIS H 31 2.40 49.98 26.18
CA HIS H 31 3.25 50.75 27.12
C HIS H 31 4.18 51.75 26.44
N GLY H 32 4.80 52.58 27.27
CA GLY H 32 5.79 53.57 26.85
C GLY H 32 7.23 53.21 27.17
N PHE H 33 8.14 54.04 26.64
CA PHE H 33 9.59 53.88 26.81
C PHE H 33 10.04 54.42 28.19
N PRO H 34 10.94 53.69 28.89
CA PRO H 34 11.55 52.41 28.56
C PRO H 34 10.95 51.26 29.37
N LEU H 35 9.64 51.33 29.58
CA LEU H 35 8.92 50.45 30.49
C LEU H 35 8.25 49.27 29.77
N SER H 36 7.43 48.53 30.51
CA SER H 36 6.79 47.31 30.02
C SER H 36 5.27 47.28 30.27
N GLY H 37 4.61 46.18 29.89
CA GLY H 37 3.16 46.01 30.09
C GLY H 37 2.75 46.18 31.55
N HIS H 38 3.69 45.86 32.44
CA HIS H 38 3.45 45.93 33.91
C HIS H 38 3.28 47.35 34.47
N SER H 39 3.73 48.34 33.71
CA SER H 39 3.60 49.77 34.06
C SER H 39 2.14 50.26 34.09
N TRP H 40 1.27 49.47 33.46
CA TRP H 40 -0.18 49.74 33.46
C TRP H 40 -0.94 49.21 34.68
N GLU H 41 -0.23 48.69 35.66
CA GLU H 41 -0.84 47.96 36.81
C GLU H 41 -1.96 48.70 37.56
N ARG H 42 -1.82 50.02 37.69
CA ARG H 42 -2.85 50.85 38.35
C ARG H 42 -4.12 50.96 37.50
N GLN H 43 -3.91 51.07 36.19
CA GLN H 43 -5.02 51.10 35.22
C GLN H 43 -5.69 49.71 35.06
N SER H 44 -4.86 48.67 34.94
CA SER H 44 -5.36 47.27 34.80
C SER H 44 -6.31 46.86 35.92
N ALA H 45 -5.95 47.22 37.14
CA ALA H 45 -6.76 46.88 38.33
C ALA H 45 -8.15 47.51 38.25
N ALA H 46 -8.20 48.78 37.88
CA ALA H 46 -9.45 49.53 37.69
C ALA H 46 -10.30 48.91 36.58
N LEU H 47 -9.68 48.65 35.44
CA LEU H 47 -10.37 48.02 34.29
C LEU H 47 -10.93 46.64 34.62
N LEU H 48 -10.15 45.89 35.39
CA LEU H 48 -10.56 44.55 35.84
C LEU H 48 -11.78 44.66 36.75
N ASP H 49 -11.73 45.61 37.68
CA ASP H 49 -12.85 45.85 38.60
C ASP H 49 -14.11 46.35 37.86
N ALA H 50 -13.90 47.18 36.86
CA ALA H 50 -14.98 47.75 36.01
C ALA H 50 -15.60 46.74 35.03
N GLY H 51 -14.94 45.59 34.89
CA GLY H 51 -15.47 44.46 34.10
C GLY H 51 -15.03 44.40 32.64
N ALA H 52 -13.73 44.60 32.43
CA ALA H 52 -13.13 44.50 31.08
C ALA H 52 -12.12 43.37 31.00
N ARG H 53 -11.87 42.93 29.78
CA ARG H 53 -10.80 41.97 29.54
C ARG H 53 -9.55 42.80 29.23
N VAL H 54 -8.51 42.62 30.04
CA VAL H 54 -7.28 43.43 29.92
C VAL H 54 -6.13 42.63 29.24
N ILE H 55 -5.69 43.14 28.09
CA ILE H 55 -4.53 42.58 27.38
C ILE H 55 -3.35 43.56 27.43
N THR H 56 -2.22 43.07 27.92
CA THR H 56 -0.96 43.84 27.90
C THR H 56 0.10 43.03 27.17
N TYR H 57 1.06 43.71 26.57
CA TYR H 57 2.21 43.03 25.99
C TYR H 57 3.42 43.95 26.08
N ASP H 58 4.60 43.34 25.98
CA ASP H 58 5.87 44.08 26.03
C ASP H 58 6.36 44.24 24.58
N ARG H 59 6.51 45.49 24.15
CA ARG H 59 7.13 45.84 22.87
C ARG H 59 8.49 45.14 22.74
N ARG H 60 8.80 44.73 21.51
CA ARG H 60 10.10 44.10 21.22
C ARG H 60 11.24 44.95 21.77
N GLY H 61 12.19 44.30 22.45
CA GLY H 61 13.33 45.02 23.09
C GLY H 61 13.12 45.51 24.52
N PHE H 62 11.90 45.32 25.02
CA PHE H 62 11.49 45.79 26.36
C PHE H 62 10.88 44.71 27.23
N GLY H 63 10.91 44.97 28.53
CA GLY H 63 10.36 44.07 29.54
C GLY H 63 10.82 42.65 29.32
N GLN H 64 9.87 41.73 29.17
CA GLN H 64 10.17 40.30 28.99
C GLN H 64 10.12 39.77 27.56
N SER H 65 9.91 40.68 26.60
CA SER H 65 9.98 40.32 25.20
C SER H 65 11.42 40.09 24.76
N SER H 66 11.54 39.44 23.61
CA SER H 66 12.85 39.23 22.97
C SER H 66 13.51 40.56 22.68
N GLN H 67 14.83 40.50 22.55
CA GLN H 67 15.65 41.69 22.36
C GLN H 67 16.45 41.60 21.07
N PRO H 68 15.75 41.66 19.93
CA PRO H 68 16.47 41.69 18.67
C PRO H 68 17.20 43.00 18.43
N THR H 69 17.99 43.01 17.37
CA THR H 69 18.67 44.22 16.92
C THR H 69 18.06 44.70 15.60
N THR H 70 16.81 44.29 15.38
CA THR H 70 16.02 44.57 14.16
C THR H 70 14.57 44.94 14.46
N GLY H 71 13.99 45.70 13.55
CA GLY H 71 12.55 46.01 13.54
C GLY H 71 12.10 47.15 14.45
N TYR H 72 12.99 48.12 14.66
CA TYR H 72 12.71 49.30 15.51
C TYR H 72 12.19 50.47 14.70
N ASP H 73 10.92 50.36 14.35
CA ASP H 73 10.21 51.32 13.52
C ASP H 73 8.70 51.07 13.65
N TYR H 74 7.89 52.10 13.40
CA TYR H 74 6.46 52.00 13.66
C TYR H 74 5.68 51.06 12.75
N ASP H 75 6.18 50.79 11.56
CA ASP H 75 5.48 49.81 10.71
C ASP H 75 5.62 48.40 11.28
N THR H 76 6.81 48.09 11.78
CA THR H 76 7.11 46.79 12.41
C THR H 76 6.35 46.69 13.72
N PHE H 77 6.43 47.74 14.52
CA PHE H 77 5.70 47.80 15.80
C PHE H 77 4.19 47.61 15.58
N ALA H 78 3.67 48.19 14.51
CA ALA H 78 2.23 48.09 14.18
C ALA H 78 1.91 46.69 13.65
N ALA H 79 2.86 46.13 12.92
CA ALA H 79 2.75 44.74 12.42
C ALA H 79 2.81 43.75 13.58
N ASP H 80 3.61 44.10 14.58
CA ASP H 80 3.73 43.28 15.79
C ASP H 80 2.36 43.23 16.48
N LEU H 81 1.78 44.42 16.64
CA LEU H 81 0.45 44.60 17.26
C LEU H 81 -0.61 43.82 16.47
N ASN H 82 -0.52 43.93 15.15
CA ASN H 82 -1.44 43.21 14.26
C ASN H 82 -1.43 41.70 14.55
N THR H 83 -0.23 41.15 14.67
CA THR H 83 -0.04 39.72 14.95
C THR H 83 -0.71 39.32 16.26
N VAL H 84 -0.60 40.20 17.26
CA VAL H 84 -1.21 39.95 18.57
C VAL H 84 -2.73 39.88 18.45
N LEU H 85 -3.29 40.89 17.77
CA LEU H 85 -4.76 41.01 17.59
C LEU H 85 -5.36 39.84 16.80
N GLU H 86 -4.66 39.47 15.75
CA GLU H 86 -5.04 38.32 14.92
C GLU H 86 -4.85 36.99 15.64
N THR H 87 -3.76 36.90 16.41
CA THR H 87 -3.47 35.66 17.17
C THR H 87 -4.57 35.36 18.19
N LEU H 88 -5.02 36.42 18.86
CA LEU H 88 -6.06 36.30 19.89
C LEU H 88 -7.50 36.42 19.36
N ASP H 89 -7.61 36.74 18.07
CA ASP H 89 -8.90 36.94 17.37
C ASP H 89 -9.77 37.97 18.09
N LEU H 90 -9.14 39.09 18.40
CA LEU H 90 -9.82 40.15 19.14
C LEU H 90 -10.81 40.88 18.24
N GLN H 91 -12.02 40.98 18.78
CA GLN H 91 -13.16 41.63 18.15
C GLN H 91 -13.60 42.76 19.04
N ASP H 92 -13.92 43.90 18.44
CA ASP H 92 -14.58 45.01 19.16
C ASP H 92 -13.68 45.54 20.27
N ALA H 93 -12.39 45.59 19.96
CA ALA H 93 -11.34 45.91 20.92
C ALA H 93 -11.13 47.41 21.08
N VAL H 94 -10.70 47.80 22.27
CA VAL H 94 -10.26 49.17 22.56
C VAL H 94 -8.73 49.15 22.60
N LEU H 95 -8.13 50.07 21.85
CA LEU H 95 -6.66 50.25 21.85
C LEU H 95 -6.27 51.49 22.65
N VAL H 96 -5.49 51.28 23.70
CA VAL H 96 -5.02 52.37 24.55
C VAL H 96 -3.50 52.38 24.50
N GLY H 97 -2.95 53.51 24.05
CA GLY H 97 -1.49 53.71 23.97
C GLY H 97 -1.06 54.81 24.93
N PHE H 98 0.11 54.64 25.53
CA PHE H 98 0.76 55.66 26.38
C PHE H 98 2.09 56.00 25.76
N SER H 99 2.31 57.29 25.53
CA SER H 99 3.60 57.79 25.00
C SER H 99 3.93 57.05 23.67
N MET H 100 5.05 56.32 23.65
CA MET H 100 5.43 55.51 22.46
C MET H 100 4.28 54.70 21.89
N GLY H 101 3.51 54.10 22.81
CA GLY H 101 2.32 53.29 22.48
C GLY H 101 1.29 53.99 21.62
N THR H 102 1.22 55.31 21.73
CA THR H 102 0.27 56.09 20.91
C THR H 102 0.66 56.08 19.41
N GLY H 103 1.93 55.79 19.14
CA GLY H 103 2.44 55.60 17.76
C GLY H 103 1.90 54.34 17.11
N GLU H 104 1.87 53.25 17.89
CA GLU H 104 1.26 51.97 17.47
C GLU H 104 -0.21 52.16 17.09
N VAL H 105 -0.95 52.78 18.00
CA VAL H 105 -2.40 53.01 17.84
C VAL H 105 -2.70 53.71 16.50
N ALA H 106 -2.01 54.82 16.23
CA ALA H 106 -2.20 55.62 14.99
C ALA H 106 -1.83 54.87 13.71
N ARG H 107 -0.65 54.27 13.75
CA ARG H 107 -0.11 53.53 12.60
C ARG H 107 -0.90 52.26 12.28
N TYR H 108 -1.32 51.53 13.31
CA TYR H 108 -2.16 50.32 13.10
C TYR H 108 -3.52 50.68 12.46
N VAL H 109 -4.21 51.62 13.09
CA VAL H 109 -5.53 52.12 12.64
C VAL H 109 -5.42 52.57 11.18
N SER H 110 -4.41 53.37 10.93
CA SER H 110 -4.12 53.94 9.61
C SER H 110 -3.91 52.88 8.52
N SER H 111 -3.01 51.93 8.78
CA SER H 111 -2.62 50.90 7.79
C SER H 111 -3.60 49.73 7.70
N TYR H 112 -3.95 49.20 8.86
CA TYR H 112 -4.77 47.98 8.95
C TYR H 112 -6.27 48.21 9.08
N GLY H 113 -6.67 49.44 9.39
CA GLY H 113 -8.08 49.77 9.51
C GLY H 113 -8.68 49.35 10.83
N THR H 114 -9.97 49.65 11.00
CA THR H 114 -10.65 49.57 12.29
C THR H 114 -11.72 48.44 12.39
N ALA H 115 -11.52 47.37 11.63
CA ALA H 115 -12.48 46.23 11.63
C ALA H 115 -12.65 45.53 13.00
N ARG H 116 -11.55 45.36 13.72
CA ARG H 116 -11.56 44.73 15.06
C ARG H 116 -11.72 45.71 16.22
N ILE H 117 -11.67 47.00 15.87
CA ILE H 117 -11.45 48.13 16.80
C ILE H 117 -12.74 48.95 17.05
N ALA H 118 -13.15 49.02 18.32
CA ALA H 118 -14.33 49.80 18.73
C ALA H 118 -14.01 51.27 19.07
N ALA H 119 -12.91 51.47 19.79
CA ALA H 119 -12.45 52.83 20.17
C ALA H 119 -10.97 52.85 20.44
N VAL H 120 -10.42 54.06 20.41
CA VAL H 120 -9.00 54.30 20.66
C VAL H 120 -8.80 55.40 21.71
N ALA H 121 -7.66 55.35 22.36
CA ALA H 121 -7.33 56.33 23.38
C ALA H 121 -5.85 56.60 23.26
N PHE H 122 -5.51 57.88 23.39
CA PHE H 122 -4.15 58.38 23.29
C PHE H 122 -3.79 59.12 24.57
N LEU H 123 -2.82 58.60 25.30
CA LEU H 123 -2.38 59.18 26.57
C LEU H 123 -0.93 59.62 26.44
N ALA H 124 -0.65 60.87 26.77
CA ALA H 124 0.72 61.41 26.66
C ALA H 124 1.30 61.09 25.27
N SER H 125 0.60 61.57 24.25
CA SER H 125 0.84 61.29 22.81
C SER H 125 2.08 61.92 22.16
N LEU H 126 2.64 61.19 21.21
CA LEU H 126 3.72 61.67 20.30
C LEU H 126 3.17 62.60 19.23
N GLU H 127 1.94 62.29 18.84
CA GLU H 127 1.25 62.93 17.71
C GLU H 127 1.24 64.45 17.77
N PRO H 128 1.28 65.11 16.61
CA PRO H 128 1.23 64.51 15.26
C PRO H 128 2.59 64.27 14.58
N PHE H 129 3.61 64.98 15.03
CA PHE H 129 4.95 64.93 14.43
C PHE H 129 5.86 65.78 15.32
N LEU H 130 6.67 65.10 16.12
CA LEU H 130 7.59 65.77 17.07
C LEU H 130 8.75 66.54 16.44
N LEU H 131 9.09 66.19 15.21
CA LEU H 131 10.26 66.81 14.58
C LEU H 131 9.93 68.22 14.09
N LYS H 132 10.76 69.15 14.55
CA LYS H 132 10.61 70.55 14.21
C LYS H 132 11.27 70.84 12.89
N THR H 133 10.46 71.11 11.88
CA THR H 133 11.00 71.40 10.57
C THR H 133 10.37 72.69 10.02
N ASP H 134 10.62 72.94 8.75
CA ASP H 134 10.10 74.14 8.07
C ASP H 134 8.62 73.92 7.85
N ASP H 135 8.33 72.71 7.39
CA ASP H 135 6.95 72.32 7.10
C ASP H 135 6.24 71.87 8.38
N ASN H 136 7.02 71.57 9.41
CA ASN H 136 6.49 71.27 10.74
C ASN H 136 7.06 72.22 11.82
N PRO H 137 6.48 73.43 11.87
CA PRO H 137 6.81 74.53 12.80
C PRO H 137 6.48 74.25 14.28
N ASP H 138 5.40 73.50 14.50
CA ASP H 138 4.90 73.14 15.85
C ASP H 138 5.65 71.99 16.51
N GLY H 139 6.51 71.38 15.70
CA GLY H 139 7.44 70.35 16.15
C GLY H 139 8.06 70.79 17.46
N ALA H 140 8.29 69.81 18.33
CA ALA H 140 8.82 70.04 19.68
C ALA H 140 10.34 70.28 19.74
N ALA H 141 11.09 69.64 18.85
CA ALA H 141 12.56 69.81 18.84
C ALA H 141 13.22 69.57 17.48
N PRO H 142 14.44 70.13 17.29
CA PRO H 142 15.15 69.86 16.07
C PRO H 142 15.80 68.49 16.12
N GLN H 143 16.12 68.00 14.93
CA GLN H 143 16.73 66.67 14.72
C GLN H 143 17.95 66.40 15.60
N GLU H 144 18.76 67.46 15.75
CA GLU H 144 20.01 67.46 16.54
C GLU H 144 19.78 67.09 18.01
N PHE H 145 18.58 67.42 18.47
CA PHE H 145 18.14 67.15 19.84
C PHE H 145 17.94 65.64 20.10
N PHE H 146 17.37 64.96 19.11
CA PHE H 146 17.10 63.51 19.19
C PHE H 146 18.36 62.71 19.04
N ASP H 147 19.20 63.19 18.13
CA ASP H 147 20.56 62.67 17.89
C ASP H 147 21.34 62.64 19.20
N GLY H 148 21.01 63.63 20.04
CA GLY H 148 21.62 63.80 21.37
C GLY H 148 21.24 62.73 22.38
N ILE H 149 19.95 62.42 22.42
CA ILE H 149 19.40 61.36 23.28
C ILE H 149 20.03 60.00 22.93
N VAL H 150 20.05 59.71 21.64
CA VAL H 150 20.64 58.45 21.16
C VAL H 150 22.06 58.36 21.72
N ALA H 151 22.83 59.43 21.52
CA ALA H 151 24.24 59.51 21.97
C ALA H 151 24.39 59.30 23.48
N ALA H 152 23.42 59.84 24.20
CA ALA H 152 23.38 59.76 25.67
C ALA H 152 23.09 58.34 26.14
N VAL H 153 22.11 57.70 25.52
CA VAL H 153 21.78 56.32 25.87
C VAL H 153 22.96 55.39 25.58
N LYS H 154 23.57 55.53 24.40
CA LYS H 154 24.74 54.70 24.01
C LYS H 154 25.92 54.86 24.98
N ALA H 155 26.05 56.06 25.54
CA ALA H 155 27.14 56.38 26.47
C ALA H 155 27.05 55.64 27.81
N ASP H 156 25.84 55.62 28.38
CA ASP H 156 25.53 54.92 29.65
C ASP H 156 24.02 54.97 29.81
N ARG H 157 23.36 53.93 29.34
CA ARG H 157 21.89 53.88 29.42
C ARG H 157 21.41 53.85 30.88
N TYR H 158 22.20 53.20 31.73
CA TYR H 158 21.86 53.00 33.16
C TYR H 158 21.76 54.30 33.94
N ALA H 159 22.80 55.09 33.79
CA ALA H 159 22.86 56.47 34.29
C ALA H 159 21.80 57.33 33.61
N PHE H 160 21.64 57.11 32.31
CA PHE H 160 20.63 57.85 31.52
C PHE H 160 19.22 57.69 32.09
N TYR H 161 18.86 56.47 32.45
CA TYR H 161 17.50 56.18 32.96
C TYR H 161 17.19 57.06 34.16
N THR H 162 18.21 57.29 34.99
CA THR H 162 18.06 58.10 36.21
C THR H 162 17.54 59.52 35.93
N GLY H 163 18.23 60.25 35.05
CA GLY H 163 17.83 61.63 34.69
C GLY H 163 16.52 61.66 33.92
N PHE H 164 16.30 60.60 33.14
CA PHE H 164 15.07 60.43 32.34
C PHE H 164 13.83 60.32 33.23
N PHE H 165 13.91 59.50 34.29
CA PHE H 165 12.75 59.28 35.19
C PHE H 165 12.46 60.49 36.09
N ASN H 166 13.49 61.28 36.26
CA ASN H 166 13.41 62.58 36.90
C ASN H 166 12.39 63.52 36.28
N ASP H 167 12.53 63.67 34.97
CA ASP H 167 11.64 64.51 34.14
C ASP H 167 10.40 63.77 33.73
N PHE H 168 10.55 62.45 33.57
CA PHE H 168 9.44 61.55 33.25
C PHE H 168 8.38 61.70 34.34
N TYR H 169 8.84 61.67 35.60
CA TYR H 169 7.93 61.79 36.75
C TYR H 169 7.82 63.17 37.43
N ASN H 170 8.59 64.16 36.99
CA ASN H 170 8.67 65.46 37.70
C ASN H 170 9.01 65.18 39.16
N LEU H 171 10.06 64.41 39.38
CA LEU H 171 10.40 63.96 40.73
C LEU H 171 10.66 65.12 41.69
N ASP H 172 11.22 66.20 41.17
CA ASP H 172 11.40 67.42 41.98
C ASP H 172 10.08 67.92 42.61
N GLU H 173 8.96 67.65 41.94
CA GLU H 173 7.61 67.97 42.48
C GLU H 173 6.97 66.78 43.25
N ASN H 174 7.00 65.61 42.60
CA ASN H 174 6.16 64.45 42.97
C ASN H 174 6.72 63.37 43.91
N LEU H 175 8.02 63.35 44.11
CA LEU H 175 8.69 62.34 44.96
C LEU H 175 8.29 62.52 46.42
N GLY H 176 7.86 61.42 47.03
CA GLY H 176 7.41 61.40 48.44
C GLY H 176 5.98 61.87 48.64
N THR H 177 5.31 62.11 47.51
CA THR H 177 4.01 62.78 47.42
C THR H 177 3.07 61.90 46.58
N ARG H 178 3.18 62.08 45.26
CA ARG H 178 2.51 61.26 44.24
C ARG H 178 3.22 59.93 43.96
N ILE H 179 4.55 59.98 43.87
CA ILE H 179 5.34 58.75 43.62
C ILE H 179 6.36 58.49 44.73
N SER H 180 6.42 57.23 45.16
CA SER H 180 7.43 56.79 46.14
C SER H 180 8.77 56.52 45.48
N GLU H 181 9.80 56.51 46.32
CA GLU H 181 11.17 56.22 45.89
C GLU H 181 11.27 54.77 45.40
N GLU H 182 10.49 53.90 46.04
CA GLU H 182 10.40 52.47 45.69
C GLU H 182 9.75 52.24 44.32
N ALA H 183 8.67 52.97 44.07
CA ALA H 183 7.99 52.93 42.76
C ALA H 183 8.95 53.34 41.63
N VAL H 184 9.71 54.39 41.87
CA VAL H 184 10.75 54.86 40.92
C VAL H 184 11.86 53.81 40.74
N ARG H 185 12.22 53.13 41.83
CA ARG H 185 13.26 52.10 41.79
C ARG H 185 12.84 50.95 40.87
N ASN H 186 11.57 50.57 40.98
CA ASN H 186 10.97 49.54 40.14
C ASN H 186 11.04 49.90 38.66
N SER H 187 10.71 51.15 38.35
CA SER H 187 10.79 51.67 36.97
C SER H 187 12.20 51.58 36.38
N TRP H 188 13.20 51.97 37.17
CA TRP H 188 14.61 51.89 36.72
C TRP H 188 15.00 50.44 36.45
N ASN H 189 14.64 49.57 37.39
CA ASN H 189 14.89 48.12 37.23
C ASN H 189 14.27 47.58 35.95
N THR H 190 13.03 47.97 35.67
CA THR H 190 12.31 47.55 34.43
C THR H 190 13.06 47.99 33.17
N ALA H 191 13.49 49.24 33.18
CA ALA H 191 14.25 49.84 32.06
C ALA H 191 15.59 49.14 31.84
N ALA H 192 16.34 48.97 32.94
CA ALA H 192 17.67 48.30 32.92
C ALA H 192 17.58 46.89 32.35
N SER H 193 16.39 46.32 32.47
CA SER H 193 16.05 44.95 31.99
C SER H 193 15.71 44.84 30.49
N GLY H 194 15.38 45.96 29.86
CA GLY H 194 15.18 46.02 28.40
C GLY H 194 16.51 45.83 27.68
N GLY H 195 16.44 45.54 26.39
CA GLY H 195 17.64 45.28 25.58
C GLY H 195 18.49 46.52 25.34
N PHE H 196 19.81 46.36 25.38
CA PHE H 196 20.72 47.49 25.16
C PHE H 196 20.48 48.16 23.80
N PHE H 197 20.24 47.33 22.79
CA PHE H 197 20.14 47.85 21.42
C PHE H 197 18.84 48.64 21.27
N ALA H 198 17.75 48.06 21.78
CA ALA H 198 16.40 48.68 21.73
C ALA H 198 16.35 50.05 22.42
N ALA H 199 17.11 50.17 23.51
CA ALA H 199 17.20 51.40 24.30
C ALA H 199 17.70 52.59 23.47
N ALA H 200 18.76 52.34 22.71
CA ALA H 200 19.38 53.36 21.84
C ALA H 200 18.63 53.57 20.51
N ALA H 201 18.02 52.49 20.02
CA ALA H 201 17.22 52.52 18.77
C ALA H 201 15.84 53.17 18.93
N ALA H 202 15.25 53.05 20.12
CA ALA H 202 13.88 53.56 20.37
C ALA H 202 13.71 55.06 20.08
N PRO H 203 14.59 55.91 20.62
CA PRO H 203 14.49 57.36 20.43
C PRO H 203 14.48 57.84 18.97
N THR H 204 15.03 57.03 18.06
CA THR H 204 14.97 57.36 16.63
C THR H 204 13.53 57.21 16.07
N THR H 205 12.69 56.41 16.70
CA THR H 205 11.31 56.23 16.23
C THR H 205 10.38 57.37 16.70
N TRP H 206 10.82 58.15 17.69
CA TRP H 206 9.98 59.21 18.35
C TRP H 206 9.51 60.36 17.45
N TYR H 207 10.32 60.74 16.46
CA TYR H 207 9.93 61.81 15.48
C TYR H 207 9.37 61.26 14.16
N THR H 208 8.68 60.12 14.28
CA THR H 208 7.90 59.54 13.19
C THR H 208 6.76 60.52 12.89
N ASP H 209 6.51 60.74 11.60
CA ASP H 209 5.46 61.68 11.18
C ASP H 209 4.12 60.93 11.09
N PHE H 210 3.25 61.21 12.06
CA PHE H 210 1.95 60.55 12.14
C PHE H 210 0.82 61.39 11.52
N ARG H 211 1.21 62.42 10.79
CA ARG H 211 0.25 63.40 10.25
C ARG H 211 -0.77 62.82 9.26
N ALA H 212 -0.34 61.84 8.46
CA ALA H 212 -1.20 61.15 7.47
C ALA H 212 -2.00 59.97 8.04
N ASP H 213 -1.65 59.58 9.26
CA ASP H 213 -2.34 58.52 9.98
C ASP H 213 -3.63 59.03 10.61
N ILE H 214 -3.58 60.26 11.09
CA ILE H 214 -4.70 60.89 11.84
C ILE H 214 -6.07 60.96 11.13
N PRO H 215 -6.11 61.29 9.82
CA PRO H 215 -7.39 61.33 9.07
C PRO H 215 -8.07 59.96 8.92
N ARG H 216 -7.27 58.92 9.14
CA ARG H 216 -7.69 57.51 9.10
C ARG H 216 -8.42 57.05 10.34
N ILE H 217 -8.27 57.82 11.42
CA ILE H 217 -8.94 57.52 12.68
C ILE H 217 -10.45 57.73 12.53
N ASP H 218 -11.06 56.55 12.58
CA ASP H 218 -12.40 56.17 12.12
C ASP H 218 -13.45 56.13 13.22
N VAL H 219 -12.95 55.70 14.37
CA VAL H 219 -13.71 55.31 15.54
C VAL H 219 -13.58 56.38 16.61
N PRO H 220 -14.47 56.36 17.62
CA PRO H 220 -14.36 57.31 18.72
C PRO H 220 -13.00 57.27 19.38
N ALA H 221 -12.48 58.46 19.65
CA ALA H 221 -11.16 58.60 20.24
C ALA H 221 -11.17 59.48 21.49
N LEU H 222 -10.22 59.19 22.36
CA LEU H 222 -9.92 60.01 23.52
C LEU H 222 -8.46 60.47 23.43
N ILE H 223 -8.23 61.76 23.67
CA ILE H 223 -6.87 62.35 23.79
C ILE H 223 -6.72 62.87 25.23
N LEU H 224 -5.66 62.44 25.88
CA LEU H 224 -5.43 62.78 27.28
C LEU H 224 -3.95 63.11 27.51
N HIS H 225 -3.72 64.28 28.12
CA HIS H 225 -2.36 64.77 28.34
C HIS H 225 -2.25 65.52 29.68
N GLY H 226 -1.06 65.42 30.27
CA GLY H 226 -0.74 66.13 31.51
C GLY H 226 -0.19 67.50 31.15
N THR H 227 -0.69 68.55 31.79
CA THR H 227 -0.24 69.90 31.41
C THR H 227 1.20 70.18 31.89
N GLY H 228 1.63 69.47 32.93
CA GLY H 228 3.03 69.53 33.42
C GLY H 228 4.01 68.54 32.78
N ASP H 229 3.67 68.08 31.58
CA ASP H 229 4.49 67.12 30.84
C ASP H 229 5.77 67.79 30.32
N ARG H 230 6.89 67.38 30.92
CA ARG H 230 8.26 67.84 30.56
C ARG H 230 8.86 67.02 29.42
N THR H 231 8.33 65.82 29.23
CA THR H 231 8.90 64.86 28.27
C THR H 231 8.28 65.14 26.87
N LEU H 232 6.95 65.21 26.83
CA LEU H 232 6.18 65.59 25.61
C LEU H 232 5.34 66.85 25.85
N PRO H 233 5.94 68.02 25.59
CA PRO H 233 5.28 69.30 25.77
C PRO H 233 3.87 69.29 25.21
N ILE H 234 2.88 69.51 26.07
CA ILE H 234 1.44 69.45 25.68
C ILE H 234 1.12 70.36 24.46
N GLU H 235 1.86 71.45 24.36
CA GLU H 235 1.74 72.46 23.27
C GLU H 235 2.19 72.02 21.86
N ASN H 236 3.11 71.06 21.79
CA ASN H 236 3.66 70.53 20.50
C ASN H 236 3.09 69.17 20.11
N THR H 237 2.27 68.66 21.03
CA THR H 237 1.70 67.32 20.94
C THR H 237 0.16 67.39 21.04
N ALA H 238 -0.36 67.03 22.22
CA ALA H 238 -1.82 66.94 22.47
C ALA H 238 -2.63 68.09 21.89
N ARG H 239 -2.16 69.32 22.10
CA ARG H 239 -2.92 70.50 21.67
C ARG H 239 -3.02 70.69 20.15
N VAL H 240 -1.95 70.38 19.44
CA VAL H 240 -1.97 70.47 17.96
C VAL H 240 -2.63 69.20 17.37
N PHE H 241 -2.53 68.09 18.09
CA PHE H 241 -3.18 66.79 17.76
C PHE H 241 -4.72 66.93 17.76
N HIS H 242 -5.25 67.62 18.76
CA HIS H 242 -6.71 67.82 18.88
C HIS H 242 -7.24 68.72 17.78
N LYS H 243 -6.41 69.63 17.30
CA LYS H 243 -6.75 70.47 16.13
C LYS H 243 -6.91 69.58 14.90
N ALA H 244 -6.05 68.58 14.82
CA ALA H 244 -6.03 67.64 13.68
C ALA H 244 -7.16 66.61 13.76
N LEU H 245 -7.63 66.40 14.98
CA LEU H 245 -8.72 65.47 15.30
C LEU H 245 -9.68 66.14 16.33
N PRO H 246 -10.47 67.15 15.89
CA PRO H 246 -11.41 67.96 16.69
C PRO H 246 -12.46 67.12 17.37
N SER H 247 -12.77 66.05 16.66
CA SER H 247 -13.78 65.05 17.02
C SER H 247 -13.40 64.30 18.30
N ALA H 248 -12.10 64.13 18.50
CA ALA H 248 -11.59 63.46 19.71
C ALA H 248 -12.11 64.14 20.96
N GLU H 249 -12.48 63.29 21.91
CA GLU H 249 -12.78 63.69 23.26
C GLU H 249 -11.43 64.06 23.85
N TYR H 250 -11.37 65.15 24.61
CA TYR H 250 -10.07 65.73 24.99
C TYR H 250 -10.00 66.16 26.45
N VAL H 251 -9.00 65.63 27.14
CA VAL H 251 -8.84 65.80 28.59
C VAL H 251 -7.43 66.27 28.94
N GLU H 252 -7.33 67.44 29.57
CA GLU H 252 -6.06 67.92 30.13
C GLU H 252 -6.00 67.61 31.61
N VAL H 253 -4.90 66.97 32.02
CA VAL H 253 -4.64 66.71 33.44
C VAL H 253 -3.70 67.80 33.98
N GLU H 254 -4.33 68.62 34.83
CA GLU H 254 -3.72 69.82 35.39
C GLU H 254 -2.47 69.49 36.19
N GLY H 255 -1.34 69.94 35.66
CA GLY H 255 -0.03 69.79 36.34
C GLY H 255 0.49 68.37 36.43
N ALA H 256 -0.07 67.50 35.61
CA ALA H 256 0.31 66.09 35.57
C ALA H 256 1.56 65.99 34.74
N PRO H 257 2.52 65.14 35.14
CA PRO H 257 3.75 64.94 34.37
C PRO H 257 3.54 63.96 33.22
N HIS H 258 4.63 63.53 32.59
CA HIS H 258 4.57 62.50 31.52
C HIS H 258 4.08 61.16 32.10
N GLY H 259 4.65 60.82 33.25
CA GLY H 259 4.36 59.56 33.96
C GLY H 259 3.09 59.62 34.79
N LEU H 260 2.06 60.17 34.17
CA LEU H 260 0.76 60.44 34.80
C LEU H 260 -0.04 59.15 35.14
N LEU H 261 0.34 58.02 34.54
CA LEU H 261 -0.31 56.72 34.81
C LEU H 261 -0.22 56.33 36.29
N TRP H 262 0.92 56.66 36.90
CA TRP H 262 1.15 56.41 38.34
C TRP H 262 0.77 57.63 39.21
N THR H 263 1.42 58.77 38.97
CA THR H 263 1.22 60.02 39.79
C THR H 263 -0.26 60.49 39.86
N HIS H 264 -0.97 60.32 38.74
CA HIS H 264 -2.37 60.73 38.59
C HIS H 264 -3.28 59.59 38.11
N ALA H 265 -2.96 58.39 38.56
CA ALA H 265 -3.71 57.18 38.17
C ALA H 265 -5.21 57.43 38.23
N GLU H 266 -5.64 58.13 39.28
CA GLU H 266 -7.06 58.46 39.54
C GLU H 266 -7.82 59.20 38.46
N GLU H 267 -7.21 60.33 38.14
CA GLU H 267 -7.72 61.26 37.16
C GLU H 267 -7.67 60.50 35.84
N VAL H 268 -6.63 59.70 35.69
CA VAL H 268 -6.43 58.87 34.47
C VAL H 268 -7.54 57.80 34.35
N ASN H 269 -7.70 57.00 35.40
CA ASN H 269 -8.68 55.91 35.42
C ASN H 269 -10.11 56.39 35.27
N THR H 270 -10.42 57.51 35.95
CA THR H 270 -11.77 58.10 35.92
C THR H 270 -12.17 58.56 34.50
N ALA H 271 -11.27 59.27 33.80
CA ALA H 271 -11.52 59.69 32.40
C ALA H 271 -11.67 58.49 31.47
N LEU H 272 -10.74 57.56 31.62
CA LEU H 272 -10.68 56.32 30.84
C LEU H 272 -11.95 55.49 31.00
N LEU H 273 -12.32 55.26 32.25
CA LEU H 273 -13.51 54.47 32.60
C LEU H 273 -14.83 55.06 32.07
N ALA H 274 -14.95 56.38 32.18
CA ALA H 274 -16.15 57.07 31.69
C ALA H 274 -16.23 56.95 30.17
N PHE H 275 -15.09 57.17 29.51
CA PHE H 275 -14.99 57.04 28.05
C PHE H 275 -15.28 55.59 27.65
N LEU H 276 -14.69 54.66 28.39
CA LEU H 276 -14.89 53.22 28.17
C LEU H 276 -16.35 52.84 28.31
N ALA H 277 -16.98 53.41 29.32
CA ALA H 277 -18.41 53.19 29.57
C ALA H 277 -19.25 53.72 28.41
N LYS H 278 -18.88 54.90 27.92
CA LYS H 278 -19.56 55.51 26.78
C LYS H 278 -19.40 54.64 25.56
N ALA H 279 -18.18 54.16 25.33
CA ALA H 279 -17.84 53.29 24.21
C ALA H 279 -18.65 52.01 24.29
N GLN H 280 -18.75 51.47 25.49
CA GLN H 280 -19.50 50.23 25.74
C GLN H 280 -20.98 50.45 25.45
N GLU H 281 -21.50 51.60 25.89
CA GLU H 281 -22.90 51.97 25.65
C GLU H 281 -23.16 52.12 24.14
N ALA H 282 -22.22 52.74 23.44
CA ALA H 282 -22.30 52.91 21.99
C ALA H 282 -22.31 51.54 21.30
N GLN H 283 -21.46 50.64 21.78
CA GLN H 283 -21.39 49.27 21.26
C GLN H 283 -22.71 48.55 21.49
N LYS H 284 -23.28 48.75 22.68
CA LYS H 284 -24.56 48.16 23.05
C LYS H 284 -25.65 48.70 22.12
N GLN H 285 -25.62 50.00 21.85
CA GLN H 285 -26.57 50.63 20.93
C GLN H 285 -26.45 50.02 19.54
N LYS H 286 -25.21 49.83 19.09
CA LYS H 286 -24.95 49.22 17.79
C LYS H 286 -25.50 47.79 17.75
N LEU H 287 -25.25 47.06 18.83
CA LEU H 287 -25.71 45.68 18.97
C LEU H 287 -27.24 45.65 18.98
N LEU H 288 -27.85 46.59 19.69
CA LEU H 288 -29.30 46.69 19.80
C LEU H 288 -29.88 46.92 18.43
N THR H 289 -29.24 47.79 17.64
CA THR H 289 -29.72 48.06 16.27
C THR H 289 -29.54 46.85 15.39
N GLU H 290 -28.41 46.17 15.54
CA GLU H 290 -28.17 44.94 14.79
C GLU H 290 -29.12 43.83 15.20
N VAL H 291 -29.30 43.69 16.50
CA VAL H 291 -30.22 42.69 17.07
C VAL H 291 -31.63 42.99 16.55
N GLU H 292 -32.03 44.26 16.66
CA GLU H 292 -33.36 44.71 16.22
C GLU H 292 -33.66 44.34 14.77
N THR H 293 -32.68 44.53 13.89
CA THR H 293 -32.90 44.25 12.45
C THR H 293 -33.12 42.76 12.23
N TYR H 294 -32.32 41.94 12.91
CA TYR H 294 -32.48 40.49 12.83
C TYR H 294 -33.84 40.07 13.39
N VAL H 295 -34.19 40.63 14.54
CA VAL H 295 -35.46 40.32 15.21
C VAL H 295 -36.65 40.70 14.33
N LEU H 296 -36.60 41.89 13.75
CA LEU H 296 -37.68 42.39 12.89
C LEU H 296 -37.85 41.60 11.59
N SER H 297 -36.75 41.04 11.09
CA SER H 297 -36.76 40.28 9.82
C SER H 297 -37.72 39.08 9.83
N ILE H 298 -38.07 38.65 11.03
CA ILE H 298 -38.96 37.51 11.28
C ILE H 298 -40.45 37.87 11.27
N ILE H 299 -40.74 39.14 11.53
CA ILE H 299 -42.11 39.61 11.70
C ILE H 299 -42.73 40.06 10.37
N PRO H 300 -43.98 39.63 10.08
CA PRO H 300 -44.59 40.09 8.85
C PRO H 300 -44.84 41.59 8.87
N SER H 301 -44.68 42.22 7.72
CA SER H 301 -44.85 43.67 7.61
C SER H 301 -46.29 44.07 7.93
N GLY H 302 -46.42 45.19 8.63
CA GLY H 302 -47.73 45.68 9.07
C GLY H 302 -47.64 46.55 10.31
N PRO H 303 -48.81 46.97 10.85
CA PRO H 303 -48.88 47.88 12.02
C PRO H 303 -48.35 47.25 13.30
N LEU H 304 -48.53 45.93 13.41
CA LEU H 304 -48.01 45.17 14.56
C LEU H 304 -46.49 45.23 14.58
N LYS H 305 -45.90 45.02 13.41
CA LYS H 305 -44.44 45.12 13.23
C LYS H 305 -43.93 46.50 13.64
N ALA H 306 -44.78 47.51 13.43
CA ALA H 306 -44.47 48.88 13.85
C ALA H 306 -44.44 49.02 15.37
N GLU H 307 -45.46 48.48 16.01
CA GLU H 307 -45.56 48.51 17.48
C GLU H 307 -44.37 47.83 18.14
N ILE H 308 -44.08 46.62 17.64
CA ILE H 308 -42.97 45.80 18.17
C ILE H 308 -41.64 46.55 18.07
N ALA H 309 -41.37 47.09 16.88
CA ALA H 309 -40.14 47.85 16.63
C ALA H 309 -40.00 48.98 17.63
N GLN H 310 -41.10 49.70 17.83
CA GLN H 310 -41.14 50.82 18.76
C GLN H 310 -40.82 50.36 20.18
N ARG H 311 -41.40 49.24 20.57
CA ARG H 311 -41.20 48.65 21.90
C ARG H 311 -39.75 48.23 22.10
N LEU H 312 -39.21 47.57 21.07
CA LEU H 312 -37.80 47.16 21.08
C LEU H 312 -36.91 48.37 21.31
N GLU H 313 -37.11 49.38 20.48
CA GLU H 313 -36.34 50.63 20.56
C GLU H 313 -36.42 51.29 21.94
N ASP H 314 -37.62 51.31 22.51
CA ASP H 314 -37.86 51.89 23.84
C ASP H 314 -37.16 51.12 24.96
N VAL H 315 -37.22 49.79 24.89
CA VAL H 315 -36.57 48.94 25.88
C VAL H 315 -35.05 49.08 25.72
N PHE H 316 -34.59 49.12 24.47
CA PHE H 316 -33.16 49.26 24.14
C PHE H 316 -32.59 50.60 24.60
N ALA H 317 -33.42 51.64 24.51
CA ALA H 317 -33.07 53.00 24.96
C ALA H 317 -33.24 53.15 26.47
N GLY H 318 -33.67 52.09 27.11
CA GLY H 318 -33.79 52.04 28.57
C GLY H 318 -35.09 52.61 29.12
N LYS H 319 -36.00 53.01 28.24
CA LYS H 319 -37.24 53.71 28.63
C LYS H 319 -38.35 52.74 29.04
N ASN H 320 -38.66 51.77 28.17
CA ASN H 320 -39.69 50.75 28.49
C ASN H 320 -39.16 49.78 29.53
N THR H 321 -40.01 49.38 30.46
CA THR H 321 -39.53 48.48 31.49
C THR H 321 -40.49 47.55 32.24
N ASP H 322 -41.84 47.72 32.24
CA ASP H 322 -42.72 46.73 32.91
C ASP H 322 -42.85 45.44 32.10
N LEU H 323 -41.94 44.51 32.38
CA LEU H 323 -41.86 43.24 31.67
C LEU H 323 -43.18 42.46 31.69
N GLU H 324 -43.84 42.44 32.84
CA GLU H 324 -45.13 41.72 33.00
C GLU H 324 -46.18 42.23 32.00
N VAL H 325 -46.23 43.55 31.82
CA VAL H 325 -47.15 44.20 30.89
C VAL H 325 -46.77 43.88 29.44
N LEU H 326 -45.46 43.97 29.18
CA LEU H 326 -44.89 43.66 27.87
C LEU H 326 -45.21 42.24 27.40
N MET H 327 -44.95 41.28 28.29
CA MET H 327 -45.13 39.85 28.01
C MET H 327 -46.59 39.48 27.77
N GLU H 328 -47.49 40.11 28.52
CA GLU H 328 -48.94 39.88 28.36
C GLU H 328 -49.41 40.40 27.00
N TRP H 329 -48.91 41.58 26.64
CA TRP H 329 -49.20 42.19 25.32
C TRP H 329 -48.80 41.23 24.21
N LEU H 330 -47.54 40.82 24.27
CA LEU H 330 -46.99 39.85 23.30
C LEU H 330 -47.85 38.59 23.20
N LYS H 331 -48.12 38.02 24.37
CA LYS H 331 -48.91 36.80 24.50
C LYS H 331 -50.25 36.92 23.77
N THR H 332 -50.91 38.07 23.94
CA THR H 332 -52.26 38.29 23.38
C THR H 332 -52.31 38.85 21.94
N ARG H 333 -51.15 38.98 21.30
CA ARG H 333 -51.10 39.50 19.92
C ARG H 333 -51.68 38.51 18.91
N PRO H 334 -52.66 38.95 18.11
CA PRO H 334 -53.10 38.06 17.05
C PRO H 334 -52.08 38.04 15.92
N ILE H 335 -52.29 37.15 14.96
CA ILE H 335 -51.42 36.95 13.76
C ILE H 335 -49.98 36.48 14.03
N LEU H 336 -49.36 36.96 15.10
CA LEU H 336 -47.99 36.56 15.46
C LEU H 336 -47.89 35.06 15.69
N SER H 337 -46.92 34.47 15.04
CA SER H 337 -46.59 33.05 15.20
C SER H 337 -46.19 32.80 16.64
N PRO H 338 -46.56 31.64 17.21
CA PRO H 338 -46.15 31.36 18.59
C PRO H 338 -44.62 31.36 18.74
N LEU H 339 -43.94 30.90 17.71
CA LEU H 339 -42.47 30.83 17.69
C LEU H 339 -41.89 32.23 17.71
N THR H 340 -42.48 33.13 16.92
CA THR H 340 -42.00 34.52 16.84
C THR H 340 -42.29 35.19 18.19
N LYS H 341 -43.40 34.82 18.82
CA LYS H 341 -43.77 35.34 20.16
C LYS H 341 -42.77 34.90 21.22
N GLY H 342 -42.29 33.67 21.07
CA GLY H 342 -41.30 33.10 21.99
C GLY H 342 -39.95 33.83 21.88
N ILE H 343 -39.55 34.06 20.64
CA ILE H 343 -38.28 34.75 20.32
C ILE H 343 -38.31 36.18 20.89
N LEU H 344 -39.40 36.88 20.65
CA LEU H 344 -39.59 38.24 21.18
C LEU H 344 -39.68 38.24 22.69
N GLY H 345 -40.38 37.24 23.21
CA GLY H 345 -40.52 37.03 24.66
C GLY H 345 -39.15 36.91 25.30
N PHE H 346 -38.35 36.05 24.69
CA PHE H 346 -36.97 35.80 25.10
C PHE H 346 -36.13 37.08 25.05
N VAL H 347 -36.22 37.79 23.93
CA VAL H 347 -35.45 39.02 23.73
C VAL H 347 -35.79 40.10 24.77
N PHE H 348 -37.08 40.31 24.98
CA PHE H 348 -37.56 41.31 25.96
C PHE H 348 -37.10 41.02 27.39
N THR H 349 -37.13 39.77 27.80
CA THR H 349 -36.71 39.42 29.19
C THR H 349 -35.21 39.63 29.36
N LEU H 350 -34.48 39.43 28.26
CA LEU H 350 -33.02 39.57 28.20
C LEU H 350 -32.58 41.04 28.23
N THR H 351 -33.33 41.87 27.52
CA THR H 351 -32.97 43.29 27.37
C THR H 351 -33.58 44.22 28.41
N VAL H 352 -34.78 43.88 28.86
CA VAL H 352 -35.48 44.70 29.87
C VAL H 352 -34.54 44.82 31.08
N PRO H 353 -34.38 46.02 31.67
CA PRO H 353 -33.47 46.01 32.83
C PRO H 353 -34.13 45.33 34.01
N SER H 354 -35.37 45.72 34.23
CA SER H 354 -36.11 45.23 35.39
C SER H 354 -36.97 44.00 35.05
N GLU H 355 -36.40 42.82 35.22
CA GLU H 355 -37.19 41.58 35.13
C GLU H 355 -38.05 41.44 36.40
N ARG H 356 -37.54 42.07 37.46
CA ARG H 356 -38.22 42.08 38.76
C ARG H 356 -38.19 40.64 39.32
N GLY H 357 -39.36 40.16 39.68
CA GLY H 357 -39.50 38.78 40.20
C GLY H 357 -40.48 37.97 39.36
N LEU H 358 -40.53 38.26 38.06
CA LEU H 358 -41.49 37.62 37.16
C LEU H 358 -41.02 36.23 36.81
N GLN H 359 -41.90 35.25 37.00
CA GLN H 359 -41.57 33.87 36.65
C GLN H 359 -41.46 33.78 35.13
N ARG H 360 -40.68 32.84 34.64
CA ARG H 360 -40.58 32.61 33.20
C ARG H 360 -41.97 32.26 32.67
N ARG H 361 -42.24 32.61 31.41
CA ARG H 361 -43.58 32.45 30.81
C ARG H 361 -43.79 31.12 30.07
N ARG H 362 -44.91 30.48 30.36
CA ARG H 362 -45.32 29.23 29.69
C ARG H 362 -45.39 29.39 28.16
N PHE H 363 -45.91 30.52 27.68
CA PHE H 363 -46.08 30.70 26.22
C PHE H 363 -44.74 30.70 25.49
N VAL H 364 -43.73 31.24 26.16
CA VAL H 364 -42.36 31.27 25.63
C VAL H 364 -41.74 29.88 25.72
N GLN H 365 -41.91 29.27 26.88
CA GLN H 365 -41.38 27.91 27.12
C GLN H 365 -41.91 26.94 26.07
N ASN H 366 -43.21 27.00 25.83
CA ASN H 366 -43.84 26.13 24.83
C ASN H 366 -43.31 26.40 23.41
N ALA H 367 -43.08 27.67 23.12
CA ALA H 367 -42.59 28.11 21.80
C ALA H 367 -41.14 27.69 21.51
N LEU H 368 -40.30 27.70 22.53
CA LEU H 368 -38.86 27.43 22.35
C LEU H 368 -38.41 25.96 22.61
N ASN H 369 -39.14 25.28 23.46
CA ASN H 369 -38.71 23.92 23.91
C ASN H 369 -38.33 22.88 22.81
N GLY H 370 -39.15 22.86 21.75
CA GLY H 370 -38.89 22.13 20.49
C GLY H 370 -39.61 20.83 20.12
N ASN H 371 -40.76 20.60 20.76
CA ASN H 371 -41.59 19.37 20.61
C ASN H 371 -41.13 18.12 21.39
N GLY H 372 -39.99 18.27 22.04
CA GLY H 372 -39.37 17.20 22.83
C GLY H 372 -38.64 16.09 22.09
N ASP H 373 -38.13 16.39 20.90
CA ASP H 373 -37.36 15.42 20.12
C ASP H 373 -35.94 15.34 20.65
N PRO H 374 -35.52 14.17 21.15
CA PRO H 374 -34.17 14.06 21.76
C PRO H 374 -33.01 14.40 20.83
N ASN H 375 -33.17 14.13 19.53
CA ASN H 375 -32.12 14.46 18.56
C ASN H 375 -31.91 15.97 18.45
N ASN H 376 -33.02 16.66 18.45
CA ASN H 376 -33.02 18.09 18.41
C ASN H 376 -32.37 18.70 19.66
N MET H 377 -32.80 18.16 20.79
CA MET H 377 -32.27 18.52 22.12
C MET H 377 -30.78 18.24 22.24
N ASP H 378 -30.37 17.12 21.66
CA ASP H 378 -28.96 16.70 21.64
C ASP H 378 -28.11 17.77 20.96
N LYS H 379 -28.57 18.22 19.79
CA LYS H 379 -27.84 19.25 19.03
C LYS H 379 -27.83 20.61 19.75
N ALA H 380 -28.93 20.92 20.42
CA ALA H 380 -29.05 22.18 21.18
C ALA H 380 -28.05 22.20 22.32
N VAL H 381 -27.84 21.04 22.93
CA VAL H 381 -26.88 20.88 24.04
C VAL H 381 -25.45 21.00 23.52
N LYS H 382 -25.21 20.45 22.33
CA LYS H 382 -23.90 20.54 21.69
C LYS H 382 -23.58 21.99 21.35
N LEU H 383 -24.56 22.70 20.81
CA LEU H 383 -24.38 24.13 20.50
C LEU H 383 -24.08 24.90 21.79
N TYR H 384 -24.89 24.66 22.81
CA TYR H 384 -24.72 25.31 24.13
C TYR H 384 -23.29 25.13 24.66
N ARG H 385 -22.76 23.93 24.52
CA ARG H 385 -21.38 23.64 24.95
C ARG H 385 -20.40 24.60 24.27
N LYS H 386 -20.59 24.77 22.97
CA LYS H 386 -19.74 25.68 22.18
C LYS H 386 -19.95 27.16 22.53
N LEU H 387 -21.21 27.55 22.69
CA LEU H 387 -21.57 28.94 23.06
C LEU H 387 -20.99 29.37 24.42
N LYS H 388 -20.84 28.40 25.30
CA LYS H 388 -20.26 28.61 26.63
C LYS H 388 -18.84 29.13 26.57
N ARG H 389 -18.17 28.81 25.46
CA ARG H 389 -16.78 29.21 25.22
C ARG H 389 -16.66 30.53 24.44
N GLU H 390 -17.79 31.00 23.92
CA GLU H 390 -17.83 32.24 23.15
C GLU H 390 -17.94 33.43 24.10
N ILE H 391 -17.37 34.55 23.68
CA ILE H 391 -17.50 35.82 24.42
C ILE H 391 -17.97 36.99 23.55
N THR H 392 -18.04 36.76 22.25
CA THR H 392 -18.48 37.82 21.32
C THR H 392 -19.78 37.47 20.59
N PHE H 393 -20.47 38.53 20.17
CA PHE H 393 -21.73 38.42 19.42
C PHE H 393 -21.52 37.66 18.10
N HIS H 394 -20.49 38.06 17.38
CA HIS H 394 -20.19 37.46 16.09
C HIS H 394 -19.75 36.01 16.15
N GLY H 395 -18.89 35.70 17.11
CA GLY H 395 -18.41 34.33 17.28
C GLY H 395 -19.58 33.42 17.61
N ALA H 396 -20.42 33.92 18.50
CA ALA H 396 -21.65 33.23 18.92
C ALA H 396 -22.58 33.01 17.74
N LYS H 397 -22.85 34.10 17.03
CA LYS H 397 -23.76 34.05 15.86
C LYS H 397 -23.24 33.08 14.80
N GLU H 398 -21.93 33.13 14.58
CA GLU H 398 -21.30 32.28 13.55
C GLU H 398 -21.43 30.79 13.80
N ILE H 399 -21.11 30.33 15.02
CA ILE H 399 -21.23 28.90 15.32
C ILE H 399 -22.70 28.46 15.33
N SER H 400 -23.57 29.36 15.74
CA SER H 400 -25.02 29.07 15.79
C SER H 400 -25.57 28.76 14.39
N LEU H 401 -25.05 29.48 13.39
CA LEU H 401 -25.49 29.29 11.99
C LEU H 401 -25.18 27.91 11.40
N SER H 402 -24.33 27.13 12.07
CA SER H 402 -24.04 25.75 11.64
C SER H 402 -25.06 24.75 12.21
N TYR H 403 -26.07 25.25 12.90
CA TYR H 403 -27.14 24.42 13.47
C TYR H 403 -28.49 24.73 12.84
N SER H 404 -29.37 23.73 12.85
CA SER H 404 -30.70 23.87 12.28
C SER H 404 -31.56 24.77 13.15
N ALA H 405 -32.57 25.37 12.53
CA ALA H 405 -33.51 26.27 13.22
C ALA H 405 -34.18 25.59 14.43
N GLY H 406 -34.44 24.30 14.30
CA GLY H 406 -35.09 23.54 15.37
C GLY H 406 -34.17 23.41 16.58
N ALA H 407 -32.90 23.13 16.31
CA ALA H 407 -31.88 22.95 17.36
C ALA H 407 -31.57 24.30 18.01
N LEU H 408 -31.63 25.34 17.20
CA LEU H 408 -31.37 26.72 17.65
C LEU H 408 -32.46 27.19 18.61
N ALA H 409 -33.72 26.94 18.25
CA ALA H 409 -34.86 27.34 19.09
C ALA H 409 -34.83 26.61 20.43
N SER H 410 -34.54 25.31 20.37
CA SER H 410 -34.37 24.50 21.58
C SER H 410 -33.23 25.00 22.47
N CYS H 411 -32.14 25.40 21.83
CA CYS H 411 -31.00 25.97 22.57
C CYS H 411 -31.43 27.24 23.30
N MET H 412 -32.20 28.08 22.61
CA MET H 412 -32.73 29.32 23.20
C MET H 412 -33.59 28.98 24.42
N GLY H 413 -34.35 27.90 24.30
CA GLY H 413 -35.20 27.42 25.39
C GLY H 413 -34.39 26.97 26.60
N LEU H 414 -33.27 26.30 26.32
CA LEU H 414 -32.36 25.84 27.39
C LEU H 414 -31.92 27.01 28.24
N ILE H 415 -31.54 28.07 27.56
CA ILE H 415 -31.04 29.30 28.22
C ILE H 415 -32.20 29.99 28.92
N TYR H 416 -33.31 30.12 28.22
CA TYR H 416 -34.52 30.76 28.78
C TYR H 416 -34.95 30.06 30.06
N ASN H 417 -34.86 28.74 30.08
CA ASN H 417 -35.27 27.93 31.24
C ASN H 417 -34.23 27.84 32.35
N ARG H 418 -33.11 28.52 32.13
CA ARG H 418 -31.98 28.54 33.09
C ARG H 418 -31.33 27.17 33.24
N MET H 419 -31.48 26.33 32.22
CA MET H 419 -30.86 25.01 32.23
C MET H 419 -29.39 25.12 31.85
N GLY H 420 -29.07 26.21 31.17
CA GLY H 420 -27.69 26.57 30.85
C GLY H 420 -27.60 28.08 30.91
N ALA H 421 -26.38 28.59 30.94
CA ALA H 421 -26.19 30.04 31.08
C ALA H 421 -25.09 30.57 30.17
N VAL H 422 -25.32 31.76 29.64
CA VAL H 422 -24.43 32.38 28.70
C VAL H 422 -24.47 33.90 28.84
N THR H 423 -23.43 34.58 28.35
CA THR H 423 -23.37 36.05 28.42
C THR H 423 -24.40 36.67 27.47
N THR H 424 -24.86 37.86 27.80
CA THR H 424 -25.91 38.55 27.03
C THR H 424 -25.59 38.69 25.54
N GLU H 425 -24.34 39.04 25.26
CA GLU H 425 -23.89 39.31 23.89
C GLU H 425 -23.88 38.01 23.05
N VAL H 426 -23.53 36.92 23.72
CA VAL H 426 -23.54 35.58 23.09
C VAL H 426 -25.00 35.13 22.88
N ALA H 427 -25.83 35.42 23.87
CA ALA H 427 -27.28 35.13 23.78
C ALA H 427 -27.88 35.88 22.59
N PHE H 428 -27.44 37.11 22.42
CA PHE H 428 -27.87 37.95 21.27
C PHE H 428 -27.50 37.30 19.94
N GLY H 429 -26.27 36.81 19.87
CA GLY H 429 -25.76 36.11 18.68
C GLY H 429 -26.59 34.89 18.34
N LEU H 430 -26.94 34.12 19.38
CA LEU H 430 -27.79 32.93 19.24
C LEU H 430 -29.15 33.31 18.66
N VAL H 431 -29.78 34.29 19.28
CA VAL H 431 -31.10 34.76 18.84
C VAL H 431 -31.10 35.19 17.39
N CYS H 432 -30.06 35.92 17.03
CA CYS H 432 -29.94 36.50 15.68
C CYS H 432 -29.68 35.45 14.63
N ALA H 433 -28.94 34.41 15.00
CA ALA H 433 -28.71 33.29 14.11
C ALA H 433 -30.03 32.59 13.85
N THR H 434 -30.79 32.35 14.92
CA THR H 434 -32.11 31.67 14.80
C THR H 434 -33.09 32.53 13.98
N CYS H 435 -33.10 33.84 14.22
CA CYS H 435 -33.93 34.75 13.40
C CYS H 435 -33.55 34.70 11.93
N GLU H 436 -32.25 34.74 11.68
CA GLU H 436 -31.74 34.70 10.32
C GLU H 436 -32.20 33.42 9.62
N GLN H 437 -32.02 32.29 10.30
CA GLN H 437 -32.39 30.98 9.74
C GLN H 437 -33.88 30.93 9.39
N ILE H 438 -34.71 31.37 10.32
CA ILE H 438 -36.18 31.38 10.16
C ILE H 438 -36.59 32.29 9.01
N ALA H 439 -36.07 33.52 9.03
CA ALA H 439 -36.39 34.52 8.01
C ALA H 439 -35.98 33.99 6.63
N ASP H 440 -34.80 33.41 6.59
CA ASP H 440 -34.23 32.84 5.37
C ASP H 440 -35.06 31.70 4.79
N SER H 441 -35.80 31.01 5.66
CA SER H 441 -36.67 29.90 5.25
C SER H 441 -37.96 30.41 4.60
N GLN H 442 -38.33 31.63 4.95
CA GLN H 442 -39.54 32.30 4.40
C GLN H 442 -39.23 32.89 3.02
N PRO I 2 15.80 32.95 24.47
CA PRO I 2 16.06 31.69 23.78
C PRO I 2 16.87 30.70 24.63
N PHE I 3 16.58 29.41 24.48
CA PHE I 3 17.27 28.34 25.24
C PHE I 3 17.81 27.20 24.40
N ILE I 4 18.92 26.67 24.91
CA ILE I 4 19.50 25.41 24.44
C ILE I 4 19.57 24.48 25.65
N THR I 5 19.01 23.29 25.48
CA THR I 5 19.02 22.24 26.52
C THR I 5 20.35 21.49 26.47
N VAL I 6 21.02 21.40 27.61
CA VAL I 6 22.35 20.78 27.68
C VAL I 6 22.37 19.50 28.50
N GLY I 7 21.29 19.25 29.23
CA GLY I 7 21.19 18.06 30.03
C GLY I 7 19.95 17.95 30.88
N GLN I 8 20.02 17.07 31.86
CA GLN I 8 18.88 16.76 32.71
C GLN I 8 19.33 16.72 34.17
N GLU I 9 18.52 17.31 35.03
CA GLU I 9 18.68 17.22 36.50
C GLU I 9 17.38 16.75 37.10
N ASN I 10 17.39 15.53 37.65
CA ASN I 10 16.18 14.91 38.22
C ASN I 10 15.01 14.96 37.23
N SER I 11 13.89 15.57 37.61
CA SER I 11 12.71 15.67 36.72
C SER I 11 12.78 16.83 35.71
N THR I 12 13.78 17.69 35.85
CA THR I 12 13.90 18.93 35.07
C THR I 12 15.06 18.91 34.07
N SER I 13 14.91 19.55 32.92
CA SER I 13 16.05 19.68 32.02
C SER I 13 16.89 20.89 32.40
N ILE I 14 18.12 20.88 31.92
CA ILE I 14 19.08 21.96 32.14
C ILE I 14 19.16 22.76 30.84
N ASP I 15 18.68 24.00 30.88
CA ASP I 15 18.61 24.87 29.69
C ASP I 15 19.51 26.09 29.83
N LEU I 16 20.26 26.38 28.77
CA LEU I 16 21.08 27.60 28.74
C LEU I 16 20.38 28.71 27.99
N TYR I 17 20.31 29.87 28.63
CA TYR I 17 19.80 31.08 27.99
C TYR I 17 20.84 31.57 26.98
N TYR I 18 20.43 31.84 25.74
CA TYR I 18 21.36 32.40 24.74
C TYR I 18 20.70 33.45 23.84
N GLU I 19 21.55 34.27 23.22
CA GLU I 19 21.12 35.25 22.21
C GLU I 19 21.99 35.13 20.96
N ASP I 20 21.42 35.58 19.85
CA ASP I 20 21.98 35.35 18.52
C ASP I 20 21.66 36.57 17.66
N HIS I 21 22.64 37.47 17.56
CA HIS I 21 22.45 38.76 16.88
C HIS I 21 23.42 39.03 15.73
N GLY I 22 22.94 39.80 14.77
CA GLY I 22 23.75 40.22 13.63
C GLY I 22 24.00 39.15 12.57
N THR I 23 24.80 39.52 11.59
CA THR I 23 25.08 38.63 10.47
C THR I 23 26.54 38.77 10.16
N GLY I 24 27.14 37.70 9.65
CA GLY I 24 28.55 37.69 9.30
C GLY I 24 29.24 36.63 10.10
N THR I 25 30.56 36.77 10.23
CA THR I 25 31.38 35.80 10.96
C THR I 25 30.91 35.72 12.41
N PRO I 26 30.64 34.49 12.90
CA PRO I 26 30.16 34.26 14.25
C PRO I 26 31.22 34.45 15.32
N VAL I 27 30.88 35.25 16.32
CA VAL I 27 31.75 35.53 17.44
C VAL I 27 31.00 35.16 18.72
N VAL I 28 31.57 34.22 19.45
CA VAL I 28 30.94 33.66 20.66
C VAL I 28 31.60 34.23 21.91
N LEU I 29 30.80 34.94 22.71
CA LEU I 29 31.25 35.63 23.93
C LEU I 29 30.82 34.82 25.17
N ILE I 30 31.81 34.51 26.00
CA ILE I 30 31.63 33.67 27.20
C ILE I 30 31.96 34.49 28.43
N HIS I 31 30.92 34.77 29.23
CA HIS I 31 30.99 35.75 30.33
C HIS I 31 31.77 35.24 31.54
N GLY I 32 32.01 36.17 32.46
CA GLY I 32 32.68 35.90 33.74
C GLY I 32 31.76 35.87 34.95
N PHE I 33 32.34 35.47 36.08
CA PHE I 33 31.64 35.37 37.37
C PHE I 33 31.51 36.75 38.03
N PRO I 34 30.34 37.06 38.61
CA PRO I 34 29.12 36.28 38.69
C PRO I 34 28.04 36.81 37.72
N LEU I 35 28.49 37.24 36.56
CA LEU I 35 27.66 37.95 35.58
C LEU I 35 27.09 37.04 34.50
N SER I 36 26.48 37.66 33.50
CA SER I 36 25.79 36.94 32.41
C SER I 36 26.21 37.41 31.00
N GLY I 37 25.60 36.83 29.97
CA GLY I 37 25.88 37.21 28.57
C GLY I 37 25.69 38.69 28.32
N HIS I 38 24.80 39.30 29.09
CA HIS I 38 24.48 40.75 28.95
C HIS I 38 25.60 41.71 29.36
N SER I 39 26.56 41.20 30.12
CA SER I 39 27.76 41.97 30.55
C SER I 39 28.68 42.37 29.38
N TRP I 40 28.50 41.69 28.26
CA TRP I 40 29.23 41.98 27.02
C TRP I 40 28.64 43.11 26.16
N GLU I 41 27.62 43.78 26.65
CA GLU I 41 26.81 44.74 25.87
C GLU I 41 27.61 45.83 25.14
N ARG I 42 28.68 46.31 25.77
CA ARG I 42 29.55 47.33 25.15
C ARG I 42 30.36 46.76 23.99
N GLN I 43 30.80 45.52 24.16
CA GLN I 43 31.53 44.79 23.11
C GLN I 43 30.59 44.35 21.98
N SER I 44 29.43 43.80 22.34
CA SER I 44 28.41 43.35 21.35
C SER I 44 28.01 44.43 20.36
N ALA I 45 27.81 45.64 20.86
CA ALA I 45 27.41 46.80 20.04
C ALA I 45 28.46 47.11 18.98
N ALA I 46 29.72 47.14 19.41
CA ALA I 46 30.87 47.37 18.52
C ALA I 46 30.98 46.27 17.46
N LEU I 47 30.91 45.02 17.90
CA LEU I 47 30.96 43.86 16.97
C LEU I 47 29.83 43.87 15.96
N LEU I 48 28.65 44.27 16.42
CA LEU I 48 27.47 44.36 15.55
C LEU I 48 27.70 45.45 14.50
N ASP I 49 28.20 46.59 14.94
CA ASP I 49 28.51 47.70 14.02
C ASP I 49 29.62 47.36 13.03
N ALA I 50 30.61 46.60 13.49
CA ALA I 50 31.76 46.14 12.68
C ALA I 50 31.41 45.02 11.68
N GLY I 51 30.21 44.45 11.85
CA GLY I 51 29.66 43.47 10.90
C GLY I 51 29.93 42.00 11.24
N ALA I 52 29.73 41.65 12.50
CA ALA I 52 29.86 40.26 12.97
C ALA I 52 28.54 39.70 13.47
N ARG I 53 28.46 38.37 13.49
CA ARG I 53 27.34 37.70 14.11
C ARG I 53 27.73 37.46 15.56
N VAL I 54 26.95 38.00 16.48
CA VAL I 54 27.27 37.93 17.94
C VAL I 54 26.39 36.87 18.67
N ILE I 55 27.06 35.87 19.21
CA ILE I 55 26.41 34.85 20.06
C ILE I 55 26.84 35.00 21.52
N THR I 56 25.86 35.14 22.40
CA THR I 56 26.11 35.15 23.85
C THR I 56 25.27 34.06 24.48
N TYR I 57 25.73 33.55 25.62
CA TYR I 57 24.92 32.62 26.40
C TYR I 57 25.28 32.78 27.87
N ASP I 58 24.37 32.33 28.73
CA ASP I 58 24.55 32.38 30.18
C ASP I 58 25.01 30.99 30.64
N ARG I 59 26.19 30.93 31.24
CA ARG I 59 26.69 29.70 31.89
C ARG I 59 25.66 29.17 32.88
N ARG I 60 25.59 27.85 32.97
CA ARG I 60 24.68 27.18 33.92
C ARG I 60 24.85 27.78 35.32
N GLY I 61 23.74 28.09 35.98
CA GLY I 61 23.75 28.71 37.33
C GLY I 61 23.80 30.23 37.38
N PHE I 62 23.89 30.84 36.19
CA PHE I 62 24.02 32.30 36.04
C PHE I 62 23.00 32.92 35.09
N GLY I 63 22.79 34.21 35.28
CA GLY I 63 21.86 35.00 34.47
C GLY I 63 20.52 34.31 34.36
N GLN I 64 20.10 34.05 33.12
CA GLN I 64 18.78 33.43 32.84
C GLN I 64 18.80 31.93 32.56
N SER I 65 19.98 31.32 32.67
CA SER I 65 20.09 29.88 32.53
C SER I 65 19.54 29.18 33.76
N SER I 66 19.30 27.88 33.59
CA SER I 66 18.87 27.02 34.68
C SER I 66 19.91 27.02 35.79
N GLN I 67 19.43 26.67 36.98
CA GLN I 67 20.26 26.70 38.19
C GLN I 67 20.32 25.33 38.85
N PRO I 68 20.99 24.38 38.18
CA PRO I 68 21.18 23.08 38.81
C PRO I 68 22.16 23.12 39.97
N THR I 69 22.23 22.00 40.66
CA THR I 69 23.21 21.83 41.73
C THR I 69 24.28 20.81 41.31
N THR I 70 24.41 20.68 39.98
CA THR I 70 25.34 19.73 39.31
C THR I 70 26.06 20.34 38.11
N GLY I 71 27.24 19.79 37.83
CA GLY I 71 28.01 20.11 36.63
C GLY I 71 28.86 21.36 36.68
N TYR I 72 29.35 21.70 37.88
CA TYR I 72 30.20 22.88 38.08
C TYR I 72 31.68 22.53 38.02
N ASP I 73 32.13 22.38 36.79
CA ASP I 73 33.50 21.97 36.46
C ASP I 73 33.76 22.25 34.98
N TYR I 74 35.01 22.45 34.61
CA TYR I 74 35.35 22.89 33.26
C TYR I 74 35.09 21.88 32.15
N ASP I 75 35.06 20.60 32.47
CA ASP I 75 34.72 19.61 31.42
C ASP I 75 33.24 19.72 31.03
N THR I 76 32.40 19.92 32.03
CA THR I 76 30.95 20.11 31.84
C THR I 76 30.68 21.43 31.15
N PHE I 77 31.33 22.48 31.66
CA PHE I 77 31.22 23.82 31.05
C PHE I 77 31.64 23.79 29.58
N ALA I 78 32.69 23.02 29.27
CA ALA I 78 33.20 22.90 27.88
C ALA I 78 32.25 22.06 27.05
N ALA I 79 31.67 21.06 27.68
CA ALA I 79 30.65 20.20 27.04
C ALA I 79 29.38 21.00 26.76
N ASP I 80 29.08 21.92 27.67
CA ASP I 80 27.92 22.82 27.53
C ASP I 80 28.14 23.67 26.26
N LEU I 81 29.33 24.25 26.18
CA LEU I 81 29.75 25.09 25.04
C LEU I 81 29.68 24.29 23.74
N ASN I 82 30.18 23.06 23.80
CA ASN I 82 30.14 22.15 22.64
C ASN I 82 28.73 22.00 22.10
N THR I 83 27.79 21.77 23.00
CA THR I 83 26.37 21.58 22.65
C THR I 83 25.83 22.82 21.93
N VAL I 84 26.24 23.99 22.40
CA VAL I 84 25.81 25.27 21.80
C VAL I 84 26.32 25.35 20.36
N LEU I 85 27.61 25.10 20.19
CA LEU I 85 28.30 25.19 18.88
C LEU I 85 27.73 24.21 17.85
N GLU I 86 27.49 22.99 18.32
CA GLU I 86 26.88 21.94 17.50
C GLU I 86 25.42 22.22 17.19
N THR I 87 24.70 22.75 18.19
CA THR I 87 23.27 23.06 18.03
C THR I 87 23.05 24.11 16.95
N LEU I 88 23.91 25.11 16.95
CA LEU I 88 23.84 26.21 15.98
C LEU I 88 24.62 25.97 14.68
N ASP I 89 25.36 24.87 14.65
CA ASP I 89 26.21 24.46 13.49
C ASP I 89 27.18 25.57 13.10
N LEU I 90 27.86 26.10 14.12
CA LEU I 90 28.78 27.20 13.93
C LEU I 90 30.06 26.71 13.25
N GLN I 91 30.39 27.44 12.19
CA GLN I 91 31.55 27.22 11.36
C GLN I 91 32.42 28.45 11.42
N ASP I 92 33.73 28.25 11.53
CA ASP I 92 34.68 29.36 11.36
C ASP I 92 34.49 30.42 12.44
N ALA I 93 34.19 29.94 13.64
CA ALA I 93 33.79 30.77 14.77
C ALA I 93 34.99 31.32 15.55
N VAL I 94 34.79 32.50 16.13
CA VAL I 94 35.75 33.09 17.06
C VAL I 94 35.20 32.87 18.47
N LEU I 95 36.04 32.34 19.35
CA LEU I 95 35.69 32.17 20.78
C LEU I 95 36.38 33.22 21.63
N VAL I 96 35.59 34.03 22.31
CA VAL I 96 36.12 35.08 23.19
C VAL I 96 35.62 34.79 24.61
N GLY I 97 36.56 34.60 25.52
CA GLY I 97 36.26 34.37 26.95
C GLY I 97 36.76 35.52 27.79
N PHE I 98 36.01 35.85 28.83
CA PHE I 98 36.42 36.85 29.84
C PHE I 98 36.45 36.15 31.19
N SER I 99 37.58 36.26 31.87
CA SER I 99 37.75 35.71 33.23
C SER I 99 37.41 34.19 33.21
N MET I 100 36.39 33.78 33.97
CA MET I 100 35.93 32.37 33.97
C MET I 100 35.81 31.78 32.57
N GLY I 101 35.25 32.60 31.67
CA GLY I 101 35.05 32.24 30.25
C GLY I 101 36.30 31.78 29.52
N THR I 102 37.45 32.28 29.96
CA THR I 102 38.74 31.88 29.36
C THR I 102 39.08 30.39 29.65
N GLY I 103 38.47 29.86 30.71
CA GLY I 103 38.58 28.43 31.05
C GLY I 103 37.86 27.53 30.06
N GLU I 104 36.66 27.96 29.65
CA GLU I 104 35.89 27.27 28.58
C GLU I 104 36.68 27.21 27.28
N VAL I 105 37.20 28.37 26.87
CA VAL I 105 37.94 28.51 25.61
C VAL I 105 39.10 27.48 25.54
N ALA I 106 39.92 27.45 26.59
CA ALA I 106 41.10 26.54 26.67
C ALA I 106 40.72 25.06 26.68
N ARG I 107 39.78 24.73 27.56
CA ARG I 107 39.31 23.34 27.73
C ARG I 107 38.57 22.81 26.50
N TYR I 108 37.74 23.63 25.87
CA TYR I 108 37.04 23.22 24.64
C TYR I 108 38.03 22.93 23.48
N VAL I 109 38.89 23.90 23.22
CA VAL I 109 39.93 23.81 22.18
C VAL I 109 40.77 22.56 22.39
N SER I 110 41.20 22.39 23.64
CA SER I 110 42.03 21.26 24.06
C SER I 110 41.38 19.89 23.82
N SER I 111 40.15 19.73 24.30
CA SER I 111 39.43 18.44 24.23
C SER I 111 38.77 18.17 22.88
N TYR I 112 38.04 19.17 22.40
CA TYR I 112 37.22 19.03 21.18
C TYR I 112 37.91 19.46 19.88
N GLY I 113 39.03 20.16 20.00
CA GLY I 113 39.77 20.58 18.81
C GLY I 113 39.18 21.81 18.15
N THR I 114 39.84 22.25 17.08
CA THR I 114 39.58 23.57 16.46
C THR I 114 38.93 23.50 15.06
N ALA I 115 38.15 22.44 14.80
CA ALA I 115 37.48 22.27 13.49
C ALA I 115 36.49 23.38 13.11
N ARG I 116 35.72 23.83 14.10
CA ARG I 116 34.73 24.93 13.90
C ARG I 116 35.27 26.32 14.17
N ILE I 117 36.50 26.36 14.68
CA ILE I 117 37.12 27.53 15.34
C ILE I 117 38.21 28.21 14.47
N ALA I 118 38.00 29.49 14.17
CA ALA I 118 38.97 30.28 13.39
C ALA I 118 40.03 30.98 14.26
N ALA I 119 39.60 31.55 15.38
CA ALA I 119 40.51 32.22 16.31
C ALA I 119 39.92 32.26 17.72
N VAL I 120 40.81 32.48 18.68
CA VAL I 120 40.44 32.57 20.10
C VAL I 120 41.01 33.84 20.72
N ALA I 121 40.36 34.27 21.79
CA ALA I 121 40.77 35.46 22.51
C ALA I 121 40.54 35.20 23.97
N PHE I 122 41.51 35.64 24.77
CA PHE I 122 41.51 35.47 26.23
C PHE I 122 41.63 36.83 26.88
N LEU I 123 40.59 37.22 27.60
CA LEU I 123 40.54 38.53 28.28
C LEU I 123 40.47 38.30 29.78
N ALA I 124 41.37 38.92 30.53
CA ALA I 124 41.40 38.76 32.01
C ALA I 124 41.36 37.27 32.37
N SER I 125 42.37 36.56 31.85
CA SER I 125 42.50 35.07 31.92
C SER I 125 42.84 34.46 33.28
N LEU I 126 42.29 33.25 33.49
CA LEU I 126 42.64 32.37 34.64
C LEU I 126 44.00 31.70 34.43
N GLU I 127 44.29 31.44 33.17
CA GLU I 127 45.45 30.65 32.73
C GLU I 127 46.78 31.16 33.30
N PRO I 128 47.71 30.24 33.54
CA PRO I 128 47.65 28.81 33.22
C PRO I 128 47.18 27.88 34.35
N PHE I 129 47.30 28.36 35.59
CA PHE I 129 47.00 27.57 36.78
C PHE I 129 47.14 28.50 37.98
N LEU I 130 46.00 28.94 38.51
CA LEU I 130 45.97 29.88 39.65
C LEU I 130 46.45 29.33 40.99
N LEU I 131 46.41 28.01 41.13
CA LEU I 131 46.76 27.40 42.42
C LEU I 131 48.27 27.41 42.63
N LYS I 132 48.65 27.97 43.77
CA LYS I 132 50.05 28.08 44.15
C LYS I 132 50.50 26.81 44.81
N THR I 133 51.35 26.07 44.14
CA THR I 133 51.84 24.82 44.70
C THR I 133 53.36 24.77 44.58
N ASP I 134 53.93 23.60 44.86
CA ASP I 134 55.37 23.39 44.80
C ASP I 134 55.75 23.34 43.35
N ASP I 135 54.95 22.61 42.59
CA ASP I 135 55.18 22.43 41.17
C ASP I 135 54.62 23.64 40.38
N ASN I 136 53.74 24.39 41.04
CA ASN I 136 53.23 25.65 40.48
C ASN I 136 53.52 26.85 41.41
N PRO I 137 54.77 27.34 41.33
CA PRO I 137 55.32 28.49 42.09
C PRO I 137 54.72 29.85 41.73
N ASP I 138 54.35 30.01 40.45
CA ASP I 138 53.77 31.26 39.90
C ASP I 138 52.29 31.44 40.19
N GLY I 139 51.72 30.37 40.73
CA GLY I 139 50.35 30.36 41.20
C GLY I 139 50.09 31.62 42.00
N ALA I 140 48.87 32.12 41.88
CA ALA I 140 48.46 33.39 42.51
C ALA I 140 48.12 33.27 44.00
N ALA I 141 47.58 32.13 44.42
CA ALA I 141 47.21 31.94 45.85
C ALA I 141 47.22 30.48 46.31
N PRO I 142 47.34 30.28 47.64
CA PRO I 142 47.26 28.94 48.16
C PRO I 142 45.81 28.48 48.23
N GLN I 143 45.65 27.17 48.30
CA GLN I 143 44.35 26.49 48.35
C GLN I 143 43.40 27.06 49.43
N GLU I 144 44.00 27.38 50.57
CA GLU I 144 43.31 27.93 51.76
C GLU I 144 42.59 29.25 51.46
N PHE I 145 43.15 29.96 50.49
CA PHE I 145 42.61 31.24 50.03
C PHE I 145 41.28 31.10 49.28
N PHE I 146 41.19 30.06 48.46
CA PHE I 146 39.99 29.75 47.68
C PHE I 146 38.89 29.18 48.53
N ASP I 147 39.31 28.32 49.45
CA ASP I 147 38.46 27.74 50.51
C ASP I 147 37.74 28.85 51.25
N GLY I 148 38.45 29.98 51.37
CA GLY I 148 37.96 31.18 52.03
C GLY I 148 36.83 31.88 51.32
N ILE I 149 36.98 32.04 50.02
CA ILE I 149 35.96 32.64 49.14
C ILE I 149 34.68 31.82 49.18
N VAL I 150 34.82 30.51 49.05
CA VAL I 150 33.66 29.61 49.10
C VAL I 150 32.91 29.89 50.40
N ALA I 151 33.65 29.88 51.51
CA ALA I 151 33.08 30.11 52.85
C ALA I 151 32.36 31.46 52.97
N ALA I 152 32.93 32.44 52.30
CA ALA I 152 32.40 33.81 52.30
C ALA I 152 31.10 33.90 51.50
N VAL I 153 31.08 33.29 50.34
CA VAL I 153 29.86 33.27 49.52
C VAL I 153 28.73 32.54 50.24
N LYS I 154 29.03 31.38 50.82
CA LYS I 154 28.02 30.58 51.58
C LYS I 154 27.44 31.36 52.78
N ALA I 155 28.26 32.22 53.36
CA ALA I 155 27.88 33.01 54.54
C ALA I 155 26.81 34.09 54.22
N ASP I 156 27.02 34.80 53.11
CA ASP I 156 26.11 35.85 52.61
C ASP I 156 26.63 36.25 51.24
N ARG I 157 26.09 35.62 50.20
CA ARG I 157 26.53 35.90 48.83
C ARG I 157 26.20 37.35 48.44
N TYR I 158 25.08 37.85 48.95
CA TYR I 158 24.55 39.18 48.62
C TYR I 158 25.48 40.32 49.03
N ALA I 159 25.86 40.25 50.30
CA ALA I 159 26.89 41.10 50.90
C ALA I 159 28.25 40.86 50.21
N PHE I 160 28.53 39.60 49.93
CA PHE I 160 29.78 39.23 49.25
C PHE I 160 29.95 39.94 47.91
N TYR I 161 28.88 39.99 47.12
CA TYR I 161 28.94 40.60 45.78
C TYR I 161 29.42 42.04 45.88
N THR I 162 29.01 42.72 46.93
CA THR I 162 29.37 44.13 47.14
C THR I 162 30.90 44.35 47.19
N GLY I 163 31.58 43.63 48.07
CA GLY I 163 33.04 43.74 48.21
C GLY I 163 33.78 43.23 46.98
N PHE I 164 33.17 42.23 46.34
CA PHE I 164 33.71 41.61 45.12
C PHE I 164 33.75 42.62 43.96
N PHE I 165 32.67 43.37 43.76
CA PHE I 165 32.60 44.34 42.64
C PHE I 165 33.46 45.57 42.86
N ASN I 166 33.74 45.82 44.12
CA ASN I 166 34.71 46.80 44.56
C ASN I 166 36.09 46.64 43.94
N ASP I 167 36.60 45.43 44.09
CA ASP I 167 37.91 45.03 43.56
C ASP I 167 37.82 44.61 42.10
N PHE I 168 36.67 44.07 41.75
CA PHE I 168 36.36 43.68 40.37
C PHE I 168 36.51 44.92 39.48
N TYR I 169 35.92 46.02 39.94
CA TYR I 169 35.97 47.29 39.20
C TYR I 169 37.00 48.34 39.63
N ASN I 170 37.74 48.09 40.72
CA ASN I 170 38.63 49.12 41.30
C ASN I 170 37.79 50.37 41.56
N LEU I 171 36.67 50.18 42.25
CA LEU I 171 35.72 51.29 42.44
C LEU I 171 36.34 52.49 43.16
N ASP I 172 37.27 52.22 44.07
CA ASP I 172 38.01 53.30 44.73
C ASP I 172 38.71 54.25 43.73
N GLU I 173 39.08 53.72 42.56
CA GLU I 173 39.65 54.52 41.45
C GLU I 173 38.57 55.00 40.44
N ASN I 174 37.75 54.06 40.00
CA ASN I 174 36.89 54.20 38.79
C ASN I 174 35.45 54.69 38.93
N LEU I 175 34.92 54.67 40.15
CA LEU I 175 33.52 55.08 40.41
C LEU I 175 33.35 56.58 40.16
N GLY I 176 32.33 56.90 39.37
CA GLY I 176 32.01 58.29 39.00
C GLY I 176 32.87 58.85 37.87
N THR I 177 33.67 57.96 37.30
CA THR I 177 34.73 58.27 36.34
C THR I 177 34.56 57.37 35.11
N ARG I 178 35.10 56.15 35.23
CA ARG I 178 34.95 55.05 34.26
C ARG I 178 33.62 54.30 34.40
N ILE I 179 33.23 54.02 35.64
CA ILE I 179 31.96 53.31 35.90
C ILE I 179 31.01 54.12 36.79
N SER I 180 29.75 54.15 36.39
CA SER I 180 28.70 54.80 37.18
C SER I 180 28.20 53.89 38.30
N GLU I 181 27.57 54.52 39.28
CA GLU I 181 26.96 53.81 40.41
C GLU I 181 25.82 52.92 39.95
N GLU I 182 25.13 53.40 38.91
CA GLU I 182 24.00 52.68 38.28
C GLU I 182 24.47 51.41 37.54
N ALA I 183 25.57 51.55 36.80
CA ALA I 183 26.20 50.40 36.12
C ALA I 183 26.60 49.31 37.12
N VAL I 184 27.18 49.72 38.23
CA VAL I 184 27.53 48.80 39.34
C VAL I 184 26.28 48.15 39.96
N ARG I 185 25.21 48.93 40.06
CA ARG I 185 23.94 48.44 40.64
C ARG I 185 23.38 47.30 39.79
N ASN I 186 23.46 47.49 38.48
CA ASN I 186 23.02 46.50 37.49
C ASN I 186 23.80 45.19 37.64
N SER I 187 25.11 45.31 37.79
CA SER I 187 25.99 44.14 38.02
C SER I 187 25.61 43.34 39.27
N TRP I 188 25.35 44.04 40.36
CA TRP I 188 24.95 43.38 41.62
C TRP I 188 23.61 42.65 41.42
N ASN I 189 22.67 43.34 40.80
CA ASN I 189 21.36 42.74 40.47
C ASN I 189 21.52 41.46 39.65
N THR I 190 22.38 41.50 38.64
CA THR I 190 22.66 40.32 37.78
C THR I 190 23.19 39.14 38.58
N ALA I 191 24.14 39.44 39.45
CA ALA I 191 24.77 38.43 40.34
C ALA I 191 23.77 37.82 41.32
N ALA I 192 23.01 38.68 41.98
CA ALA I 192 21.96 38.28 42.95
C ALA I 192 20.92 37.34 42.32
N SER I 193 20.79 37.48 41.00
CA SER I 193 19.86 36.68 40.15
C SER I 193 20.37 35.29 39.74
N GLY I 194 21.68 35.06 39.84
CA GLY I 194 22.27 33.73 39.62
C GLY I 194 21.88 32.79 40.74
N GLY I 195 22.06 31.49 40.52
CA GLY I 195 21.69 30.47 41.51
C GLY I 195 22.56 30.47 42.75
N PHE I 196 21.95 30.25 43.92
CA PHE I 196 22.69 30.23 45.19
C PHE I 196 23.81 29.17 45.15
N PHE I 197 23.50 28.02 44.59
CA PHE I 197 24.43 26.89 44.64
C PHE I 197 25.62 27.18 43.72
N ALA I 198 25.33 27.66 42.52
CA ALA I 198 26.34 28.01 41.51
C ALA I 198 27.36 29.05 41.99
N ALA I 199 26.84 29.99 42.78
CA ALA I 199 27.64 31.09 43.37
C ALA I 199 28.78 30.57 44.25
N ALA I 200 28.44 29.62 45.11
CA ALA I 200 29.40 28.99 46.04
C ALA I 200 30.28 27.91 45.37
N ALA I 201 29.70 27.22 44.38
CA ALA I 201 30.41 26.18 43.60
C ALA I 201 31.40 26.74 42.57
N ALA I 202 31.13 27.91 42.03
CA ALA I 202 31.97 28.51 40.98
C ALA I 202 33.45 28.70 41.37
N PRO I 203 33.70 29.32 42.53
CA PRO I 203 35.07 29.57 42.98
C PRO I 203 35.97 28.31 43.10
N THR I 204 35.37 27.14 43.26
CA THR I 204 36.14 25.89 43.27
C THR I 204 36.70 25.55 41.86
N THR I 205 36.08 26.06 40.81
CA THR I 205 36.56 25.77 39.45
C THR I 205 37.72 26.69 39.04
N TRP I 206 37.93 27.78 39.77
CA TRP I 206 38.94 28.83 39.41
C TRP I 206 40.42 28.39 39.39
N TYR I 207 40.80 27.44 40.24
CA TYR I 207 42.17 26.89 40.25
C TYR I 207 42.30 25.56 39.47
N THR I 208 41.52 25.45 38.41
CA THR I 208 41.63 24.38 37.42
C THR I 208 42.99 24.56 36.73
N ASP I 209 43.70 23.44 36.54
CA ASP I 209 45.01 23.47 35.91
C ASP I 209 44.85 23.40 34.38
N PHE I 210 45.07 24.52 33.72
CA PHE I 210 44.92 24.61 32.27
C PHE I 210 46.26 24.45 31.52
N ARG I 211 47.27 23.99 32.25
CA ARG I 211 48.65 23.91 31.70
C ARG I 211 48.80 22.96 30.50
N ALA I 212 48.05 21.86 30.51
CA ALA I 212 48.06 20.86 29.40
C ALA I 212 47.11 21.18 28.24
N ASP I 213 46.25 22.17 28.46
CA ASP I 213 45.32 22.66 27.45
C ASP I 213 46.02 23.60 26.47
N ILE I 214 46.93 24.40 27.00
CA ILE I 214 47.63 25.47 26.24
C ILE I 214 48.39 25.03 24.97
N PRO I 215 49.13 23.89 25.00
CA PRO I 215 49.84 23.38 23.81
C PRO I 215 48.93 22.96 22.66
N ARG I 216 47.66 22.75 23.01
CA ARG I 216 46.57 22.37 22.09
C ARG I 216 46.02 23.53 21.28
N ILE I 217 46.29 24.74 21.75
CA ILE I 217 45.85 25.94 21.06
C ILE I 217 46.60 26.10 19.75
N ASP I 218 45.77 25.90 18.74
CA ASP I 218 46.05 25.56 17.33
C ASP I 218 46.01 26.76 16.39
N VAL I 219 45.08 27.64 16.73
CA VAL I 219 44.62 28.75 15.92
C VAL I 219 45.17 30.05 16.49
N PRO I 220 45.13 31.14 15.69
CA PRO I 220 45.59 32.44 16.19
C PRO I 220 44.86 32.84 17.46
N ALA I 221 45.64 33.34 18.41
CA ALA I 221 45.12 33.73 19.73
C ALA I 221 45.52 35.15 20.12
N LEU I 222 44.65 35.75 20.91
CA LEU I 222 44.88 37.05 21.51
C LEU I 222 44.80 36.87 23.02
N ILE I 223 45.78 37.44 23.73
CA ILE I 223 45.78 37.51 25.22
C ILE I 223 45.73 38.99 25.60
N LEU I 224 44.76 39.31 26.45
CA LEU I 224 44.53 40.70 26.85
C LEU I 224 44.24 40.79 28.35
N HIS I 225 45.00 41.65 29.02
CA HIS I 225 44.89 41.79 30.48
C HIS I 225 45.06 43.25 30.91
N GLY I 226 44.38 43.60 32.01
CA GLY I 226 44.49 44.92 32.61
C GLY I 226 45.62 44.89 33.62
N THR I 227 46.51 45.87 33.58
CA THR I 227 47.66 45.83 34.49
C THR I 227 47.25 46.14 35.95
N GLY I 228 46.14 46.85 36.12
CA GLY I 228 45.55 47.13 37.46
C GLY I 228 44.54 46.09 37.97
N ASP I 229 44.65 44.87 37.43
CA ASP I 229 43.77 43.75 37.80
C ASP I 229 44.07 43.27 39.23
N ARG I 230 43.13 43.53 40.12
CA ARG I 230 43.18 43.12 41.55
C ARG I 230 42.61 41.72 41.76
N THR I 231 41.80 41.28 40.81
CA THR I 231 41.08 39.99 40.93
C THR I 231 41.99 38.86 40.41
N LEU I 232 42.53 39.04 39.20
CA LEU I 232 43.52 38.12 38.58
C LEU I 232 44.85 38.84 38.30
N PRO I 233 45.76 38.84 39.29
CA PRO I 233 47.06 39.48 39.17
C PRO I 233 47.72 39.16 37.84
N ILE I 234 47.96 40.20 37.04
CA ILE I 234 48.54 40.05 35.67
C ILE I 234 49.85 39.19 35.67
N GLU I 235 50.59 39.30 36.77
CA GLU I 235 51.87 38.57 36.99
C GLU I 235 51.78 37.04 37.20
N ASN I 236 50.64 36.56 37.68
CA ASN I 236 50.39 35.11 37.94
C ASN I 236 49.53 34.44 36.88
N THR I 237 49.06 35.29 35.97
CA THR I 237 48.11 34.90 34.93
C THR I 237 48.67 35.27 33.53
N ALA I 238 48.16 36.36 32.95
CA ALA I 238 48.49 36.79 31.58
C ALA I 238 49.99 36.70 31.25
N ARG I 239 50.83 37.17 32.15
CA ARG I 239 52.28 37.22 31.89
C ARG I 239 52.96 35.86 31.81
N VAL I 240 52.55 34.94 32.65
CA VAL I 240 53.12 33.57 32.61
C VAL I 240 52.43 32.74 31.49
N PHE I 241 51.18 33.10 31.19
CA PHE I 241 50.37 32.51 30.10
C PHE I 241 51.02 32.79 28.72
N HIS I 242 51.49 34.02 28.53
CA HIS I 242 52.14 34.41 27.26
C HIS I 242 53.47 33.71 27.06
N LYS I 243 54.14 33.39 28.16
CA LYS I 243 55.37 32.58 28.11
C LYS I 243 55.05 31.19 27.58
N ALA I 244 53.89 30.68 28.00
CA ALA I 244 53.43 29.34 27.62
C ALA I 244 52.88 29.29 26.19
N LEU I 245 52.47 30.46 25.72
CA LEU I 245 51.92 30.67 24.36
C LEU I 245 52.51 31.98 23.78
N PRO I 246 53.82 31.98 23.41
CA PRO I 246 54.60 33.12 22.88
C PRO I 246 54.00 33.69 21.61
N SER I 247 53.40 32.75 20.89
CA SER I 247 52.76 32.96 19.59
C SER I 247 51.54 33.88 19.70
N ALA I 248 50.88 33.83 20.85
CA ALA I 248 49.72 34.70 21.11
C ALA I 248 50.09 36.16 20.93
N GLU I 249 49.16 36.86 20.30
CA GLU I 249 49.17 38.31 20.22
C GLU I 249 48.84 38.76 21.63
N TYR I 250 49.53 39.79 22.13
CA TYR I 250 49.47 40.10 23.56
C TYR I 250 49.35 41.60 23.84
N VAL I 251 48.32 41.94 24.60
CA VAL I 251 47.95 43.33 24.87
C VAL I 251 47.76 43.57 26.37
N GLU I 252 48.55 44.50 26.93
CA GLU I 252 48.36 44.96 28.31
C GLU I 252 47.58 46.26 28.31
N VAL I 253 46.51 46.30 29.10
CA VAL I 253 45.73 47.53 29.29
C VAL I 253 46.19 48.20 30.60
N GLU I 254 46.85 49.32 30.37
CA GLU I 254 47.49 50.13 31.39
C GLU I 254 46.52 50.58 32.46
N GLY I 255 46.70 50.04 33.66
CA GLY I 255 45.90 50.43 34.84
C GLY I 255 44.44 50.02 34.79
N ALA I 256 44.13 49.09 33.89
CA ALA I 256 42.77 48.59 33.72
C ALA I 256 42.52 47.58 34.82
N PRO I 257 41.31 47.58 35.40
CA PRO I 257 40.95 46.60 36.42
C PRO I 257 40.53 45.26 35.82
N HIS I 258 39.99 44.37 36.64
CA HIS I 258 39.44 43.08 36.16
C HIS I 258 38.25 43.30 35.22
N GLY I 259 37.38 44.21 35.65
CA GLY I 259 36.14 44.57 34.94
C GLY I 259 36.36 45.57 33.82
N LEU I 260 37.41 45.30 33.05
CA LEU I 260 37.89 46.17 31.97
C LEU I 260 36.93 46.25 30.76
N LEU I 261 36.00 45.29 30.66
CA LEU I 261 34.98 45.27 29.59
C LEU I 261 34.13 46.55 29.57
N TRP I 262 33.83 47.05 30.77
CA TRP I 262 33.07 48.31 30.95
C TRP I 262 33.99 49.53 31.08
N THR I 263 34.84 49.54 32.11
CA THR I 263 35.74 50.69 32.43
C THR I 263 36.66 51.13 31.24
N HIS I 264 37.12 50.14 30.48
CA HIS I 264 38.03 50.33 29.33
C HIS I 264 37.48 49.69 28.04
N ALA I 265 36.16 49.72 27.89
CA ALA I 265 35.48 49.12 26.73
C ALA I 265 36.20 49.48 25.43
N GLU I 266 36.62 50.74 25.34
CA GLU I 266 37.33 51.30 24.17
C GLU I 266 38.59 50.61 23.71
N GLU I 267 39.48 50.53 24.67
CA GLU I 267 40.79 49.94 24.52
C GLU I 267 40.54 48.48 24.23
N VAL I 268 39.52 47.94 24.89
CA VAL I 268 39.11 46.53 24.71
C VAL I 268 38.59 46.28 23.28
N ASN I 269 37.61 47.07 22.88
CA ASN I 269 36.98 46.93 21.56
C ASN I 269 37.95 47.15 20.41
N THR I 270 38.81 48.15 20.55
CA THR I 270 39.82 48.48 19.53
C THR I 270 40.82 47.34 19.27
N ALA I 271 41.36 46.75 20.34
CA ALA I 271 42.28 45.58 20.22
C ALA I 271 41.56 44.36 19.60
N LEU I 272 40.36 44.12 20.12
CA LEU I 272 39.50 43.02 19.68
C LEU I 272 39.14 43.13 18.20
N LEU I 273 38.68 44.31 17.82
CA LEU I 273 38.27 44.62 16.44
C LEU I 273 39.40 44.51 15.42
N ALA I 274 40.59 44.98 15.78
CA ALA I 274 41.75 44.85 14.88
C ALA I 274 42.12 43.39 14.66
N PHE I 275 42.18 42.64 15.76
CA PHE I 275 42.46 41.20 15.73
C PHE I 275 41.39 40.47 14.93
N LEU I 276 40.15 40.84 15.21
CA LEU I 276 39.00 40.28 14.52
C LEU I 276 39.02 40.61 13.05
N ALA I 277 39.40 41.84 12.72
CA ALA I 277 39.46 42.32 11.33
C ALA I 277 40.47 41.47 10.58
N LYS I 278 41.60 41.19 11.22
CA LYS I 278 42.63 40.32 10.60
C LYS I 278 42.04 38.91 10.27
N ALA I 279 41.37 38.37 11.28
CA ALA I 279 40.70 37.07 11.16
C ALA I 279 39.58 37.09 10.11
N GLN I 280 38.83 38.19 10.11
CA GLN I 280 37.72 38.39 9.18
C GLN I 280 38.24 38.46 7.77
N GLU I 281 39.37 39.14 7.58
CA GLU I 281 40.00 39.28 6.26
C GLU I 281 40.40 37.90 5.75
N ALA I 282 40.97 37.11 6.64
CA ALA I 282 41.36 35.73 6.31
C ALA I 282 40.13 34.89 5.91
N GLN I 283 39.05 35.06 6.66
CA GLN I 283 37.79 34.38 6.36
C GLN I 283 37.23 34.80 4.99
N LYS I 284 37.33 36.10 4.72
CA LYS I 284 36.88 36.68 3.46
C LYS I 284 37.69 36.07 2.31
N GLN I 285 39.01 35.96 2.53
CA GLN I 285 39.91 35.37 1.54
C GLN I 285 39.51 33.92 1.27
N LYS I 286 39.21 33.20 2.33
CA LYS I 286 38.77 31.80 2.20
C LYS I 286 37.46 31.70 1.39
N LEU I 287 36.53 32.59 1.71
CA LEU I 287 35.25 32.65 0.99
C LEU I 287 35.46 32.98 -0.49
N LEU I 288 36.36 33.92 -0.73
CA LEU I 288 36.68 34.36 -2.09
C LEU I 288 37.28 33.20 -2.87
N THR I 289 38.15 32.43 -2.21
CA THR I 289 38.79 31.26 -2.82
C THR I 289 37.73 30.25 -3.11
N GLU I 290 36.79 30.09 -2.18
CA GLU I 290 35.68 29.18 -2.39
C GLU I 290 34.80 29.65 -3.52
N VAL I 291 34.46 30.94 -3.48
CA VAL I 291 33.67 31.57 -4.54
C VAL I 291 34.44 31.51 -5.88
N GLU I 292 35.69 31.92 -5.83
CA GLU I 292 36.58 31.89 -7.01
C GLU I 292 36.66 30.50 -7.67
N THR I 293 36.79 29.45 -6.87
CA THR I 293 36.89 28.09 -7.43
C THR I 293 35.60 27.69 -8.16
N TYR I 294 34.46 28.00 -7.53
CA TYR I 294 33.15 27.72 -8.14
C TYR I 294 33.00 28.52 -9.44
N VAL I 295 33.35 29.79 -9.37
CA VAL I 295 33.25 30.70 -10.53
C VAL I 295 34.13 30.22 -11.69
N LEU I 296 35.35 29.84 -11.37
CA LEU I 296 36.31 29.37 -12.39
C LEU I 296 35.92 28.03 -13.03
N SER I 297 35.22 27.21 -12.27
CA SER I 297 34.79 25.86 -12.75
C SER I 297 33.93 25.92 -14.03
N ILE I 298 33.34 27.07 -14.26
CA ILE I 298 32.47 27.35 -15.41
C ILE I 298 33.20 27.76 -16.69
N ILE I 299 34.41 28.29 -16.51
CA ILE I 299 35.18 28.86 -17.61
C ILE I 299 36.07 27.81 -18.28
N PRO I 300 36.06 27.79 -19.63
CA PRO I 300 36.95 26.83 -20.30
C PRO I 300 38.41 27.16 -20.05
N SER I 301 39.21 26.12 -19.92
CA SER I 301 40.64 26.30 -19.65
C SER I 301 41.33 27.03 -20.79
N GLY I 302 42.26 27.92 -20.44
CA GLY I 302 42.98 28.72 -21.43
C GLY I 302 43.50 30.02 -20.85
N PRO I 303 44.08 30.90 -21.70
CA PRO I 303 44.65 32.19 -21.27
C PRO I 303 43.62 33.19 -20.74
N LEU I 304 42.41 33.12 -21.29
CA LEU I 304 41.30 33.97 -20.83
C LEU I 304 40.94 33.62 -19.39
N LYS I 305 40.87 32.33 -19.13
CA LYS I 305 40.60 31.81 -17.78
C LYS I 305 41.66 32.31 -16.79
N ALA I 306 42.87 32.48 -17.30
CA ALA I 306 43.98 33.02 -16.51
C ALA I 306 43.75 34.50 -16.16
N GLU I 307 43.38 35.27 -17.16
CA GLU I 307 43.10 36.70 -16.97
C GLU I 307 41.98 36.92 -15.96
N ILE I 308 40.89 36.19 -16.14
CA ILE I 308 39.71 36.28 -15.27
C ILE I 308 40.09 35.98 -13.82
N ALA I 309 40.77 34.87 -13.63
CA ALA I 309 41.22 34.45 -12.29
C ALA I 309 42.02 35.56 -11.62
N GLN I 310 42.93 36.13 -12.39
CA GLN I 310 43.78 37.22 -11.90
C GLN I 310 42.94 38.43 -11.48
N ARG I 311 41.95 38.75 -12.30
CA ARG I 311 41.04 39.88 -12.04
C ARG I 311 40.21 39.64 -10.79
N LEU I 312 39.68 38.42 -10.67
CA LEU I 312 38.93 38.01 -9.49
C LEU I 312 39.78 38.22 -8.25
N GLU I 313 40.97 37.64 -8.27
CA GLU I 313 41.92 37.73 -7.16
C GLU I 313 42.24 39.18 -6.77
N ASP I 314 42.45 40.02 -7.78
CA ASP I 314 42.74 41.45 -7.57
C ASP I 314 41.57 42.22 -6.95
N VAL I 315 40.37 41.95 -7.43
CA VAL I 315 39.16 42.59 -6.90
C VAL I 315 38.93 42.09 -5.47
N PHE I 316 39.14 40.79 -5.27
CA PHE I 316 38.98 40.16 -3.96
C PHE I 316 39.97 40.68 -2.92
N ALA I 317 41.18 40.96 -3.39
CA ALA I 317 42.26 41.52 -2.56
C ALA I 317 42.10 43.04 -2.39
N GLY I 318 41.07 43.59 -3.01
CA GLY I 318 40.72 45.00 -2.87
C GLY I 318 41.47 45.94 -3.78
N LYS I 319 42.28 45.39 -4.68
CA LYS I 319 43.18 46.18 -5.55
C LYS I 319 42.46 46.67 -6.81
N ASN I 320 41.83 45.77 -7.55
CA ASN I 320 41.08 46.15 -8.76
C ASN I 320 39.79 46.85 -8.37
N THR I 321 39.43 47.88 -9.13
CA THR I 321 38.23 48.60 -8.76
C THR I 321 37.45 49.40 -9.81
N ASP I 322 37.96 49.76 -11.00
CA ASP I 322 37.10 50.44 -12.01
C ASP I 322 36.12 49.49 -12.68
N LEU I 323 34.94 49.39 -12.08
CA LEU I 323 33.89 48.47 -12.53
C LEU I 323 33.52 48.69 -14.00
N GLU I 324 33.41 49.95 -14.40
CA GLU I 324 33.05 50.30 -15.79
C GLU I 324 34.03 49.69 -16.81
N VAL I 325 35.32 49.74 -16.46
CA VAL I 325 36.38 49.19 -17.30
C VAL I 325 36.31 47.66 -17.31
N LEU I 326 36.12 47.11 -16.12
CA LEU I 326 35.97 45.66 -15.92
C LEU I 326 34.83 45.06 -16.75
N MET I 327 33.67 45.69 -16.64
CA MET I 327 32.44 45.23 -17.32
C MET I 327 32.54 45.30 -18.84
N GLU I 328 33.19 46.34 -19.33
CA GLU I 328 33.41 46.50 -20.78
C GLU I 328 34.34 45.41 -21.32
N TRP I 329 35.39 45.13 -20.55
CA TRP I 329 36.35 44.05 -20.88
C TRP I 329 35.59 42.73 -21.00
N LEU I 330 34.85 42.40 -19.95
CA LEU I 330 34.02 41.18 -19.92
C LEU I 330 33.11 41.10 -21.13
N LYS I 331 32.37 42.19 -21.34
CA LYS I 331 31.41 42.30 -22.43
C LYS I 331 32.05 41.95 -23.78
N THR I 332 33.25 42.46 -24.00
CA THR I 332 33.96 42.29 -25.30
C THR I 332 34.82 41.03 -25.44
N ARG I 333 34.79 40.16 -24.44
CA ARG I 333 35.58 38.90 -24.48
C ARG I 333 35.04 37.92 -25.51
N PRO I 334 35.89 37.47 -26.45
CA PRO I 334 35.43 36.42 -27.34
C PRO I 334 35.38 35.09 -26.60
N ILE I 335 34.84 34.07 -27.25
CA ILE I 335 34.70 32.68 -26.72
C ILE I 335 33.80 32.51 -25.48
N LEU I 336 33.85 33.46 -24.54
CA LEU I 336 33.03 33.39 -23.33
C LEU I 336 31.54 33.35 -23.67
N SER I 337 30.88 32.39 -23.07
CA SER I 337 29.43 32.22 -23.17
C SER I 337 28.76 33.47 -22.61
N PRO I 338 27.65 33.90 -23.21
CA PRO I 338 26.94 35.07 -22.66
C PRO I 338 26.50 34.86 -21.21
N LEU I 339 26.12 33.62 -20.91
CA LEU I 339 25.66 33.23 -19.57
C LEU I 339 26.83 33.34 -18.58
N THR I 340 28.00 32.88 -19.00
CA THR I 340 29.20 32.91 -18.14
C THR I 340 29.59 34.39 -17.94
N LYS I 341 29.39 35.20 -18.98
CA LYS I 341 29.66 36.66 -18.90
C LYS I 341 28.75 37.35 -17.91
N GLY I 342 27.50 36.89 -17.88
CA GLY I 342 26.49 37.43 -16.95
C GLY I 342 26.83 37.10 -15.51
N ILE I 343 27.23 35.86 -15.28
CA ILE I 343 27.62 35.37 -13.96
C ILE I 343 28.83 36.15 -13.42
N LEU I 344 29.83 36.30 -14.28
CA LEU I 344 31.03 37.08 -13.92
C LEU I 344 30.71 38.55 -13.72
N GLY I 345 29.84 39.05 -14.58
CA GLY I 345 29.34 40.42 -14.52
C GLY I 345 28.72 40.69 -13.17
N PHE I 346 27.85 39.76 -12.79
CA PHE I 346 27.14 39.77 -11.50
C PHE I 346 28.13 39.73 -10.34
N VAL I 347 29.07 38.79 -10.41
CA VAL I 347 30.08 38.61 -9.33
C VAL I 347 30.93 39.87 -9.12
N PHE I 348 31.44 40.43 -10.22
CA PHE I 348 32.27 41.65 -10.17
C PHE I 348 31.54 42.85 -9.57
N THR I 349 30.27 43.04 -9.91
CA THR I 349 29.52 44.21 -9.37
C THR I 349 29.28 44.03 -7.87
N LEU I 350 29.16 42.77 -7.46
CA LEU I 350 28.91 42.38 -6.07
C LEU I 350 30.16 42.54 -5.19
N THR I 351 31.31 42.18 -5.76
CA THR I 351 32.57 42.18 -5.02
C THR I 351 33.37 43.49 -5.10
N VAL I 352 33.26 44.16 -6.24
CA VAL I 352 33.98 45.42 -6.46
C VAL I 352 33.57 46.38 -5.31
N PRO I 353 34.52 47.09 -4.70
CA PRO I 353 34.00 47.97 -3.62
C PRO I 353 33.26 49.14 -4.23
N SER I 354 33.90 49.74 -5.23
CA SER I 354 33.37 50.96 -5.86
C SER I 354 32.53 50.62 -7.10
N GLU I 355 31.24 50.45 -6.90
CA GLU I 355 30.30 50.36 -8.04
C GLU I 355 30.11 51.76 -8.64
N ARG I 356 30.32 52.76 -7.78
CA ARG I 356 30.21 54.17 -8.15
C ARG I 356 28.73 54.46 -8.47
N GLY I 357 28.51 55.01 -9.66
CA GLY I 357 27.14 55.31 -10.12
C GLY I 357 26.83 54.62 -11.44
N LEU I 358 27.41 53.44 -11.64
CA LEU I 358 27.29 52.71 -12.89
C LEU I 358 25.93 52.04 -12.95
N GLN I 359 25.21 52.27 -14.03
CA GLN I 359 23.92 51.62 -14.23
C GLN I 359 24.15 50.13 -14.44
N ARG I 360 23.17 49.32 -14.10
CA ARG I 360 23.26 47.87 -14.35
C ARG I 360 23.42 47.66 -15.85
N ARG I 361 24.11 46.58 -16.22
CA ARG I 361 24.46 46.31 -17.64
C ARG I 361 23.44 45.43 -18.39
N ARG I 362 23.07 45.88 -19.59
CA ARG I 362 22.17 45.14 -20.48
C ARG I 362 22.69 43.73 -20.78
N PHE I 363 24.00 43.59 -21.00
CA PHE I 363 24.55 42.26 -21.38
C PHE I 363 24.37 41.22 -20.26
N VAL I 364 24.44 41.71 -19.03
CA VAL I 364 24.23 40.87 -17.84
C VAL I 364 22.74 40.57 -17.69
N GLN I 365 21.94 41.62 -17.81
CA GLN I 365 20.48 41.50 -17.70
C GLN I 365 19.96 40.46 -18.69
N ASN I 366 20.41 40.57 -19.93
CA ASN I 366 19.99 39.63 -20.98
C ASN I 366 20.42 38.19 -20.67
N ALA I 367 21.63 38.06 -20.11
CA ALA I 367 22.22 36.75 -19.76
C ALA I 367 21.50 36.04 -18.60
N LEU I 368 21.05 36.81 -17.63
CA LEU I 368 20.45 36.25 -16.40
C LEU I 368 18.90 36.15 -16.39
N ASN I 369 18.26 37.02 -17.13
CA ASN I 369 16.76 37.12 -17.07
C ASN I 369 15.96 35.81 -17.26
N GLY I 370 16.40 35.01 -18.22
CA GLY I 370 15.95 33.60 -18.45
C GLY I 370 15.01 33.23 -19.59
N ASN I 371 14.96 34.09 -20.62
CA ASN I 371 14.06 33.95 -21.80
C ASN I 371 12.59 34.38 -21.63
N GLY I 372 12.28 34.74 -20.40
CA GLY I 372 10.93 35.16 -20.00
C GLY I 372 9.87 34.09 -19.82
N ASP I 373 10.29 32.88 -19.47
CA ASP I 373 9.34 31.79 -19.22
C ASP I 373 8.77 31.98 -17.80
N PRO I 374 7.44 32.16 -17.68
CA PRO I 374 6.82 32.35 -16.35
C PRO I 374 7.03 31.21 -15.34
N ASN I 375 7.12 29.97 -15.81
CA ASN I 375 7.39 28.83 -14.93
C ASN I 375 8.77 28.91 -14.28
N ASN I 376 9.72 29.30 -15.09
CA ASN I 376 11.07 29.50 -14.65
C ASN I 376 11.18 30.64 -13.62
N MET I 377 10.53 31.73 -13.97
CA MET I 377 10.42 32.93 -13.13
C MET I 377 9.72 32.64 -11.80
N ASP I 378 8.69 31.80 -11.88
CA ASP I 378 7.93 31.36 -10.70
C ASP I 378 8.85 30.67 -9.71
N LYS I 379 9.67 29.75 -10.21
CA LYS I 379 10.61 29.00 -9.36
C LYS I 379 11.71 29.91 -8.78
N ALA I 380 12.15 30.87 -9.58
CA ALA I 380 13.18 31.83 -9.15
C ALA I 380 12.66 32.68 -7.99
N VAL I 381 11.39 33.02 -8.06
CA VAL I 381 10.72 33.82 -7.00
C VAL I 381 10.56 32.99 -5.72
N LYS I 382 10.26 31.71 -5.90
CA LYS I 382 10.14 30.78 -4.78
C LYS I 382 11.49 30.61 -4.08
N LEU I 383 12.54 30.45 -4.87
CA LEU I 383 13.90 30.35 -4.32
C LEU I 383 14.24 31.63 -3.55
N TYR I 384 14.00 32.77 -4.19
CA TYR I 384 14.25 34.10 -3.58
C TYR I 384 13.59 34.22 -2.20
N ARG I 385 12.35 33.75 -2.12
CA ARG I 385 11.61 33.78 -0.84
C ARG I 385 12.41 33.04 0.24
N LYS I 386 12.92 31.88 -0.13
CA LYS I 386 13.72 31.06 0.80
C LYS I 386 15.08 31.69 1.13
N LEU I 387 15.75 32.22 0.12
CA LEU I 387 17.06 32.90 0.30
C LEU I 387 16.99 34.11 1.22
N LYS I 388 15.84 34.76 1.22
CA LYS I 388 15.58 35.91 2.07
C LYS I 388 15.69 35.60 3.55
N ARG I 389 15.47 34.31 3.86
CA ARG I 389 15.53 33.81 5.24
C ARG I 389 16.90 33.26 5.61
N GLU I 390 17.76 33.11 4.62
CA GLU I 390 19.11 32.59 4.83
C GLU I 390 20.03 33.72 5.26
N ILE I 391 21.02 33.36 6.08
CA ILE I 391 22.07 34.32 6.50
C ILE I 391 23.49 33.79 6.26
N THR I 392 23.61 32.52 5.87
CA THR I 392 24.93 31.92 5.63
C THR I 392 25.13 31.48 4.18
N PHE I 393 26.40 31.42 3.79
CA PHE I 393 26.81 31.00 2.44
C PHE I 393 26.36 29.57 2.15
N HIS I 394 26.62 28.70 3.10
CA HIS I 394 26.26 27.29 2.95
C HIS I 394 24.77 27.01 2.91
N GLY I 395 24.03 27.65 3.79
CA GLY I 395 22.58 27.47 3.84
C GLY I 395 21.96 27.93 2.53
N ALA I 396 22.45 29.07 2.07
CA ALA I 396 22.04 29.65 0.79
C ALA I 396 22.37 28.73 -0.37
N LYS I 397 23.61 28.29 -0.41
CA LYS I 397 24.09 27.40 -1.49
C LYS I 397 23.29 26.10 -1.51
N GLU I 398 23.03 25.57 -0.31
CA GLU I 398 22.30 24.29 -0.20
C GLU I 398 20.88 24.33 -0.74
N ILE I 399 20.10 25.33 -0.36
CA ILE I 399 18.71 25.42 -0.86
C ILE I 399 18.69 25.71 -2.36
N SER I 400 19.68 26.46 -2.81
CA SER I 400 19.78 26.82 -4.23
C SER I 400 19.97 25.57 -5.10
N LEU I 401 20.72 24.61 -4.59
CA LEU I 401 20.99 23.35 -5.32
C LEU I 401 19.75 22.49 -5.58
N SER I 402 18.64 22.79 -4.92
CA SER I 402 17.37 22.09 -5.15
C SER I 402 16.58 22.70 -6.31
N TYR I 403 17.16 23.70 -6.96
CA TYR I 403 16.54 24.37 -8.11
C TYR I 403 17.34 24.16 -9.39
N SER I 404 16.63 24.22 -10.51
CA SER I 404 17.26 24.03 -11.82
C SER I 404 18.14 25.22 -12.17
N ALA I 405 19.11 24.97 -13.04
CA ALA I 405 20.05 26.02 -13.50
C ALA I 405 19.31 27.23 -14.12
N GLY I 406 18.21 26.95 -14.79
CA GLY I 406 17.42 28.01 -15.43
C GLY I 406 16.77 28.92 -14.39
N ALA I 407 16.22 28.30 -13.34
CA ALA I 407 15.54 29.02 -12.25
C ALA I 407 16.57 29.78 -11.42
N LEU I 408 17.74 29.20 -11.29
CA LEU I 408 18.86 29.79 -10.55
C LEU I 408 19.38 31.06 -11.22
N ALA I 409 19.56 30.98 -12.53
CA ALA I 409 20.04 32.12 -13.32
C ALA I 409 19.04 33.28 -13.27
N SER I 410 17.77 32.93 -13.42
CA SER I 410 16.69 33.92 -13.30
C SER I 410 16.64 34.56 -11.90
N CYS I 411 16.88 33.75 -10.88
CA CYS I 411 16.93 34.26 -9.51
C CYS I 411 18.06 35.28 -9.36
N MET I 412 19.21 34.94 -9.95
CA MET I 412 20.38 35.85 -9.94
C MET I 412 20.02 37.17 -10.61
N GLY I 413 19.24 37.06 -11.68
CA GLY I 413 18.76 38.23 -12.43
C GLY I 413 17.86 39.11 -11.58
N LEU I 414 16.99 38.46 -10.80
CA LEU I 414 16.07 39.19 -9.90
C LEU I 414 16.84 40.08 -8.96
N ILE I 415 17.90 39.51 -8.39
CA ILE I 415 18.76 40.21 -7.43
C ILE I 415 19.55 41.30 -8.16
N TYR I 416 20.14 40.92 -9.30
CA TYR I 416 20.93 41.85 -10.10
C TYR I 416 20.10 43.08 -10.49
N ASN I 417 18.83 42.85 -10.81
CA ASN I 417 17.91 43.93 -11.24
C ASN I 417 17.30 44.72 -10.08
N ARG I 418 17.68 44.35 -8.86
CA ARG I 418 17.18 44.98 -7.63
C ARG I 418 15.70 44.75 -7.43
N MET I 419 15.18 43.67 -8.02
CA MET I 419 13.77 43.32 -7.85
C MET I 419 13.57 42.60 -6.52
N GLY I 420 14.65 42.05 -6.02
CA GLY I 420 14.70 41.46 -4.68
C GLY I 420 16.06 41.75 -4.11
N ALA I 421 16.22 41.56 -2.81
CA ALA I 421 17.49 41.86 -2.14
C ALA I 421 17.89 40.82 -1.13
N VAL I 422 19.19 40.57 -1.07
CA VAL I 422 19.75 39.55 -0.22
C VAL I 422 21.14 39.95 0.24
N THR I 423 21.62 39.33 1.32
CA THR I 423 22.96 39.62 1.85
C THR I 423 24.03 39.06 0.91
N THR I 424 25.20 39.70 0.93
CA THR I 424 26.30 39.34 0.01
C THR I 424 26.69 37.85 0.09
N GLU I 425 26.75 37.34 1.30
CA GLU I 425 27.19 35.96 1.54
C GLU I 425 26.17 34.94 0.99
N VAL I 426 24.90 35.31 1.10
CA VAL I 426 23.79 34.50 0.54
C VAL I 426 23.82 34.59 -0.98
N ALA I 427 24.08 35.79 -1.49
CA ALA I 427 24.22 36.01 -2.94
C ALA I 427 25.36 35.15 -3.50
N PHE I 428 26.45 35.07 -2.73
CA PHE I 428 27.61 34.22 -3.07
C PHE I 428 27.20 32.76 -3.19
N GLY I 429 26.43 32.31 -2.20
CA GLY I 429 25.91 30.93 -2.18
C GLY I 429 25.07 30.61 -3.40
N LEU I 430 24.21 31.56 -3.76
CA LEU I 430 23.35 31.44 -4.96
C LEU I 430 24.20 31.28 -6.21
N VAL I 431 25.15 32.20 -6.38
CA VAL I 431 26.05 32.18 -7.53
C VAL I 431 26.79 30.87 -7.68
N CYS I 432 27.27 30.39 -6.54
CA CYS I 432 28.09 29.17 -6.50
C CYS I 432 27.27 27.93 -6.79
N ALA I 433 26.02 27.93 -6.35
CA ALA I 433 25.11 26.83 -6.66
C ALA I 433 24.88 26.79 -8.16
N THR I 434 24.60 27.96 -8.74
CA THR I 434 24.35 28.05 -10.20
C THR I 434 25.60 27.67 -11.00
N CYS I 435 26.78 28.10 -10.55
CA CYS I 435 28.04 27.69 -11.20
C CYS I 435 28.23 26.18 -11.13
N GLU I 436 27.98 25.62 -9.95
CA GLU I 436 28.12 24.18 -9.74
C GLU I 436 27.21 23.42 -10.70
N GLN I 437 25.95 23.84 -10.77
CA GLN I 437 24.94 23.18 -11.62
C GLN I 437 25.39 23.20 -13.09
N ILE I 438 25.81 24.38 -13.55
CA ILE I 438 26.24 24.58 -14.94
C ILE I 438 27.48 23.74 -15.26
N ALA I 439 28.48 23.84 -14.39
CA ALA I 439 29.74 23.10 -14.56
C ALA I 439 29.45 21.60 -14.60
N ASP I 440 28.59 21.17 -13.69
CA ASP I 440 28.19 19.76 -13.58
C ASP I 440 27.48 19.23 -14.82
N SER I 441 26.83 20.13 -15.55
CA SER I 441 26.12 19.77 -16.79
C SER I 441 27.10 19.56 -17.96
N GLN I 442 28.26 20.18 -17.85
CA GLN I 442 29.33 20.05 -18.86
C GLN I 442 30.11 18.77 -18.66
N PRO J 2 23.42 -38.67 11.67
CA PRO J 2 22.80 -37.50 12.28
C PRO J 2 23.75 -36.72 13.20
N PHE J 3 23.59 -35.39 13.23
CA PHE J 3 24.42 -34.51 14.06
C PHE J 3 23.67 -33.51 14.93
N ILE J 4 24.28 -33.25 16.08
CA ILE J 4 23.88 -32.15 16.96
C ILE J 4 25.13 -31.27 17.12
N THR J 5 24.94 -29.97 16.86
CA THR J 5 26.00 -28.95 17.01
C THR J 5 26.09 -28.53 18.48
N VAL J 6 27.29 -28.60 19.04
CA VAL J 6 27.48 -28.29 20.47
C VAL J 6 28.32 -27.05 20.71
N GLY J 7 28.95 -26.57 19.64
CA GLY J 7 29.79 -25.38 19.74
C GLY J 7 30.51 -24.99 18.48
N GLN J 8 31.52 -24.15 18.65
CA GLN J 8 32.29 -23.60 17.55
C GLN J 8 33.78 -23.67 17.86
N GLU J 9 34.56 -24.06 16.85
CA GLU J 9 36.03 -24.03 16.91
C GLU J 9 36.53 -23.26 15.70
N ASN J 10 37.10 -22.08 15.93
CA ASN J 10 37.58 -21.21 14.85
C ASN J 10 36.49 -20.99 13.79
N SER J 11 36.76 -21.33 12.53
CA SER J 11 35.77 -21.17 11.44
C SER J 11 34.74 -22.30 11.34
N THR J 12 34.95 -23.36 12.11
CA THR J 12 34.14 -24.59 12.01
C THR J 12 33.25 -24.83 13.23
N SER J 13 32.08 -25.42 13.05
CA SER J 13 31.28 -25.81 14.21
C SER J 13 31.71 -27.18 14.71
N ILE J 14 31.33 -27.44 15.96
CA ILE J 14 31.60 -28.72 16.62
C ILE J 14 30.29 -29.52 16.64
N ASP J 15 30.27 -30.61 15.89
CA ASP J 15 29.06 -31.44 15.75
C ASP J 15 29.25 -32.83 16.34
N LEU J 16 28.26 -33.28 17.08
CA LEU J 16 28.26 -34.65 17.61
C LEU J 16 27.43 -35.58 16.74
N TYR J 17 28.03 -36.69 16.36
CA TYR J 17 27.32 -37.75 15.66
C TYR J 17 26.40 -38.46 16.65
N TYR J 18 25.13 -38.64 16.30
CA TYR J 18 24.20 -39.40 17.16
C TYR J 18 23.22 -40.27 16.38
N GLU J 19 22.65 -41.24 17.08
CA GLU J 19 21.59 -42.10 16.54
C GLU J 19 20.42 -42.17 17.50
N ASP J 20 19.26 -42.49 16.96
CA ASP J 20 17.99 -42.39 17.67
C ASP J 20 17.08 -43.51 17.17
N HIS J 21 17.05 -44.60 17.93
CA HIS J 21 16.32 -45.82 17.52
C HIS J 21 15.25 -46.29 18.51
N GLY J 22 14.23 -46.92 17.96
CA GLY J 22 13.16 -47.51 18.74
C GLY J 22 12.15 -46.53 19.32
N THR J 23 11.23 -47.06 20.10
CA THR J 23 10.17 -46.25 20.68
C THR J 23 9.99 -46.71 22.10
N GLY J 24 9.56 -45.80 22.96
CA GLY J 24 9.33 -46.11 24.36
C GLY J 24 10.22 -45.24 25.20
N THR J 25 10.45 -45.66 26.43
CA THR J 25 11.27 -44.91 27.38
C THR J 25 12.67 -44.73 26.82
N PRO J 26 13.17 -43.48 26.79
CA PRO J 26 14.49 -43.15 26.24
C PRO J 26 15.62 -43.58 27.15
N VAL J 27 16.57 -44.28 26.54
CA VAL J 27 17.76 -44.76 27.22
C VAL J 27 18.97 -44.23 26.46
N VAL J 28 19.78 -43.44 27.16
CA VAL J 28 20.94 -42.76 26.56
C VAL J 28 22.24 -43.47 26.95
N LEU J 29 22.94 -43.98 25.95
CA LEU J 29 24.17 -44.76 26.12
C LEU J 29 25.39 -43.88 25.78
N ILE J 30 26.32 -43.80 26.73
CA ILE J 30 27.51 -42.94 26.62
C ILE J 30 28.76 -43.82 26.64
N HIS J 31 29.45 -43.86 25.50
CA HIS J 31 30.53 -44.83 25.25
C HIS J 31 31.82 -44.51 26.00
N GLY J 32 32.73 -45.48 25.95
CA GLY J 32 34.07 -45.37 26.55
C GLY J 32 35.20 -45.13 25.55
N PHE J 33 36.38 -44.88 26.10
CA PHE J 33 37.61 -44.61 25.31
C PHE J 33 38.24 -45.94 24.83
N PRO J 34 38.70 -45.98 23.57
CA PRO J 34 38.69 -44.94 22.55
C PRO J 34 37.63 -45.22 21.47
N LEU J 35 36.48 -45.72 21.93
CA LEU J 35 35.41 -46.23 21.05
C LEU J 35 34.31 -45.22 20.80
N SER J 36 33.25 -45.68 20.16
CA SER J 36 32.12 -44.83 19.75
C SER J 36 30.75 -45.37 20.18
N GLY J 37 29.67 -44.66 19.81
CA GLY J 37 28.30 -45.09 20.13
C GLY J 37 27.99 -46.50 19.65
N HIS J 38 28.67 -46.89 18.56
CA HIS J 38 28.47 -48.22 17.94
C HIS J 38 28.94 -49.43 18.77
N SER J 39 29.80 -49.15 19.75
CA SER J 39 30.32 -50.16 20.70
C SER J 39 29.23 -50.75 21.61
N TRP J 40 28.11 -50.05 21.69
CA TRP J 40 26.93 -50.50 22.45
C TRP J 40 25.99 -51.45 21.71
N GLU J 41 26.39 -51.87 20.51
CA GLU J 41 25.50 -52.63 19.59
C GLU J 41 24.83 -53.88 20.19
N ARG J 42 25.53 -54.58 21.06
CA ARG J 42 24.97 -55.77 21.73
C ARG J 42 23.90 -55.40 22.76
N GLN J 43 24.14 -54.29 23.45
CA GLN J 43 23.18 -53.74 24.41
C GLN J 43 21.97 -53.09 23.70
N SER J 44 22.25 -52.30 22.67
CA SER J 44 21.18 -51.63 21.89
C SER J 44 20.13 -52.59 21.34
N ALA J 45 20.59 -53.72 20.83
CA ALA J 45 19.71 -54.76 20.26
C ALA J 45 18.73 -55.30 21.30
N ALA J 46 19.28 -55.62 22.48
CA ALA J 46 18.48 -56.09 23.63
C ALA J 46 17.46 -55.05 24.08
N LEU J 47 17.91 -53.81 24.26
CA LEU J 47 17.03 -52.70 24.65
C LEU J 47 15.92 -52.45 23.64
N LEU J 48 16.27 -52.56 22.37
CA LEU J 48 15.30 -52.39 21.28
C LEU J 48 14.24 -53.50 21.35
N ASP J 49 14.70 -54.73 21.56
CA ASP J 49 13.79 -55.88 21.69
C ASP J 49 12.89 -55.79 22.93
N ALA J 50 13.47 -55.27 24.02
CA ALA J 50 12.77 -55.07 25.31
C ALA J 50 11.78 -53.90 25.30
N GLY J 51 11.84 -53.08 24.25
CA GLY J 51 10.88 -52.00 24.02
C GLY J 51 11.27 -50.63 24.58
N ALA J 52 12.53 -50.24 24.35
CA ALA J 52 13.03 -48.92 24.75
C ALA J 52 13.43 -48.08 23.53
N ARG J 53 13.48 -46.78 23.76
CA ARG J 53 14.01 -45.87 22.75
C ARG J 53 15.49 -45.72 23.07
N VAL J 54 16.33 -46.09 22.10
CA VAL J 54 17.80 -46.08 22.29
C VAL J 54 18.48 -44.87 21.61
N ILE J 55 19.11 -44.04 22.44
CA ILE J 55 19.91 -42.90 21.95
C ILE J 55 21.41 -43.15 22.20
N THR J 56 22.19 -43.07 21.14
CA THR J 56 23.66 -43.13 21.24
C THR J 56 24.26 -41.88 20.61
N TYR J 57 25.42 -41.49 21.07
CA TYR J 57 26.16 -40.40 20.42
C TYR J 57 27.65 -40.65 20.60
N ASP J 58 28.44 -40.01 19.75
CA ASP J 58 29.90 -40.09 19.77
C ASP J 58 30.44 -38.85 20.48
N ARG J 59 31.14 -39.05 21.59
CA ARG J 59 31.85 -37.98 22.30
C ARG J 59 32.75 -37.22 21.33
N ARG J 60 32.87 -35.91 21.54
CA ARG J 60 33.75 -35.07 20.73
C ARG J 60 35.15 -35.69 20.63
N GLY J 61 35.69 -35.74 19.42
CA GLY J 61 37.02 -36.35 19.18
C GLY J 61 37.05 -37.85 18.88
N PHE J 62 35.86 -38.46 18.94
CA PHE J 62 35.69 -39.92 18.74
C PHE J 62 34.64 -40.28 17.70
N GLY J 63 34.78 -41.50 17.19
CA GLY J 63 33.88 -42.05 16.19
C GLY J 63 33.65 -41.08 15.04
N GLN J 64 32.39 -40.73 14.81
CA GLN J 64 32.02 -39.83 13.70
C GLN J 64 31.76 -38.37 14.09
N SER J 65 32.00 -38.04 15.35
CA SER J 65 31.91 -36.66 15.80
C SER J 65 33.09 -35.85 15.31
N SER J 66 32.93 -34.54 15.38
CA SER J 66 34.01 -33.60 15.06
C SER J 66 35.20 -33.83 15.97
N GLN J 67 36.35 -33.39 15.47
CA GLN J 67 37.63 -33.61 16.15
C GLN J 67 38.32 -32.29 16.47
N PRO J 68 37.74 -31.51 17.39
CA PRO J 68 38.41 -30.29 17.80
C PRO J 68 39.64 -30.56 18.65
N THR J 69 40.36 -29.48 18.90
CA THR J 69 41.52 -29.53 19.79
C THR J 69 41.21 -28.77 21.10
N THR J 70 39.91 -28.68 21.38
CA THR J 70 39.34 -27.97 22.55
C THR J 70 38.20 -28.72 23.22
N GLY J 71 38.04 -28.45 24.51
CA GLY J 71 36.89 -28.93 25.30
C GLY J 71 37.00 -30.34 25.84
N TYR J 72 38.22 -30.78 26.12
CA TYR J 72 38.48 -32.13 26.67
C TYR J 72 38.55 -32.13 28.19
N ASP J 73 37.36 -32.07 28.77
CA ASP J 73 37.18 -31.99 30.22
C ASP J 73 35.72 -32.32 30.54
N TYR J 74 35.46 -32.79 31.76
CA TYR J 74 34.12 -33.29 32.10
C TYR J 74 33.03 -32.24 32.17
N ASP J 75 33.36 -30.98 32.40
CA ASP J 75 32.31 -29.95 32.39
C ASP J 75 31.79 -29.72 30.97
N THR J 76 32.71 -29.73 30.01
CA THR J 76 32.39 -29.59 28.59
C THR J 76 31.65 -30.81 28.09
N PHE J 77 32.19 -31.97 28.43
CA PHE J 77 31.55 -33.26 28.09
C PHE J 77 30.11 -33.32 28.64
N ALA J 78 29.92 -32.82 29.84
CA ALA J 78 28.59 -32.82 30.50
C ALA J 78 27.68 -31.77 29.84
N ALA J 79 28.29 -30.66 29.45
CA ALA J 79 27.58 -29.60 28.71
C ALA J 79 27.18 -30.09 27.32
N ASP J 80 28.04 -30.92 26.74
CA ASP J 80 27.76 -31.54 25.43
C ASP J 80 26.50 -32.41 25.56
N LEU J 81 26.51 -33.25 26.59
CA LEU J 81 25.40 -34.15 26.91
C LEU J 81 24.12 -33.36 27.15
N ASN J 82 24.25 -32.28 27.90
CA ASN J 82 23.11 -31.38 28.18
C ASN J 82 22.45 -30.90 26.89
N THR J 83 23.28 -30.47 25.95
CA THR J 83 22.80 -29.98 24.65
C THR J 83 22.01 -31.05 23.91
N VAL J 84 22.49 -32.28 24.00
CA VAL J 84 21.82 -33.43 23.35
C VAL J 84 20.42 -33.63 23.96
N LEU J 85 20.38 -33.68 25.28
CA LEU J 85 19.13 -33.91 26.04
C LEU J 85 18.08 -32.82 25.80
N GLU J 86 18.55 -31.59 25.81
CA GLU J 86 17.71 -30.42 25.52
C GLU J 86 17.28 -30.36 24.07
N THR J 87 18.19 -30.71 23.17
CA THR J 87 17.90 -30.70 21.72
C THR J 87 16.78 -31.67 21.37
N LEU J 88 16.83 -32.84 21.99
CA LEU J 88 15.84 -33.90 21.76
C LEU J 88 14.61 -33.83 22.68
N ASP J 89 14.67 -32.92 23.65
CA ASP J 89 13.61 -32.71 24.67
C ASP J 89 13.29 -34.01 25.40
N LEU J 90 14.34 -34.68 25.84
CA LEU J 90 14.20 -35.96 26.51
C LEU J 90 13.65 -35.77 27.93
N GLN J 91 12.61 -36.56 28.18
CA GLN J 91 11.88 -36.60 29.44
C GLN J 91 11.98 -37.99 30.00
N ASP J 92 12.22 -38.08 31.30
CA ASP J 92 12.11 -39.38 32.00
C ASP J 92 13.14 -40.38 31.47
N ALA J 93 14.33 -39.84 31.18
CA ALA J 93 15.39 -40.57 30.51
C ALA J 93 16.26 -41.38 31.47
N VAL J 94 16.80 -42.48 30.96
CA VAL J 94 17.80 -43.28 31.68
C VAL J 94 19.16 -42.96 31.07
N LEU J 95 20.12 -42.62 31.92
CA LEU J 95 21.51 -42.37 31.49
C LEU J 95 22.40 -43.56 31.85
N VAL J 96 22.99 -44.17 30.85
CA VAL J 96 23.89 -45.32 31.03
C VAL J 96 25.26 -44.92 30.48
N GLY J 97 26.25 -44.96 31.35
CA GLY J 97 27.65 -44.66 30.98
C GLY J 97 28.51 -45.90 31.14
N PHE J 98 29.48 -46.05 30.24
CA PHE J 98 30.50 -47.11 30.32
C PHE J 98 31.85 -46.45 30.38
N SER J 99 32.64 -46.82 31.38
CA SER J 99 34.01 -46.32 31.56
C SER J 99 34.00 -44.77 31.57
N MET J 100 34.68 -44.14 30.60
CA MET J 100 34.67 -42.65 30.48
C MET J 100 33.27 -42.06 30.61
N GLY J 101 32.32 -42.72 29.97
CA GLY J 101 30.90 -42.32 29.99
C GLY J 101 30.29 -42.16 31.37
N THR J 102 30.82 -42.89 32.33
CA THR J 102 30.34 -42.80 33.72
C THR J 102 30.69 -41.43 34.36
N GLY J 103 31.71 -40.78 33.79
CA GLY J 103 32.10 -39.40 34.19
C GLY J 103 31.04 -38.38 33.79
N GLU J 104 30.53 -38.52 32.56
CA GLU J 104 29.41 -37.68 32.07
C GLU J 104 28.19 -37.79 32.97
N VAL J 105 27.80 -39.03 33.24
CA VAL J 105 26.60 -39.33 34.05
C VAL J 105 26.68 -38.60 35.40
N ALA J 106 27.79 -38.74 36.12
CA ALA J 106 27.99 -38.12 37.47
C ALA J 106 27.99 -36.60 37.42
N ARG J 107 28.79 -36.07 36.50
CA ARG J 107 28.96 -34.62 36.35
C ARG J 107 27.68 -33.92 35.87
N TYR J 108 26.96 -34.54 34.93
CA TYR J 108 25.68 -33.97 34.45
C TYR J 108 24.62 -33.91 35.58
N VAL J 109 24.42 -35.05 36.23
CA VAL J 109 23.48 -35.20 37.35
C VAL J 109 23.79 -34.16 38.43
N SER J 110 25.07 -34.10 38.76
CA SER J 110 25.59 -33.19 39.79
C SER J 110 25.31 -31.71 39.49
N SER J 111 25.70 -31.27 38.29
CA SER J 111 25.60 -29.85 37.88
C SER J 111 24.20 -29.45 37.42
N TYR J 112 23.63 -30.25 36.54
CA TYR J 112 22.34 -29.92 35.89
C TYR J 112 21.10 -30.49 36.57
N GLY J 113 21.30 -31.42 37.49
CA GLY J 113 20.18 -32.01 38.23
C GLY J 113 19.44 -33.07 37.43
N THR J 114 18.43 -33.64 38.07
CA THR J 114 17.76 -34.86 37.58
C THR J 114 16.30 -34.64 37.09
N ALA J 115 16.00 -33.45 36.60
CA ALA J 115 14.64 -33.11 36.11
C ALA J 115 14.15 -33.97 34.93
N ARG J 116 15.06 -34.25 33.99
CA ARG J 116 14.75 -35.09 32.80
C ARG J 116 15.03 -36.58 33.00
N ILE J 117 15.64 -36.89 34.14
CA ILE J 117 16.33 -38.17 34.41
C ILE J 117 15.56 -39.07 35.39
N ALA J 118 15.21 -40.27 34.94
CA ALA J 118 14.49 -41.26 35.77
C ALA J 118 15.42 -42.18 36.57
N ALA J 119 16.49 -42.64 35.91
CA ALA J 119 17.49 -43.51 36.56
C ALA J 119 18.84 -43.41 35.85
N VAL J 120 19.86 -43.84 36.57
CA VAL J 120 21.24 -43.84 36.07
C VAL J 120 21.89 -45.21 36.27
N ALA J 121 22.89 -45.49 35.45
CA ALA J 121 23.62 -46.74 35.52
C ALA J 121 25.05 -46.43 35.23
N PHE J 122 25.92 -47.08 35.99
CA PHE J 122 27.38 -46.92 35.89
C PHE J 122 28.00 -48.27 35.64
N LEU J 123 28.63 -48.42 34.48
CA LEU J 123 29.27 -49.68 34.07
C LEU J 123 30.76 -49.44 33.92
N ALA J 124 31.58 -50.27 34.58
CA ALA J 124 33.05 -50.11 34.52
C ALA J 124 33.45 -48.65 34.78
N SER J 125 33.04 -48.19 35.96
CA SER J 125 33.15 -46.78 36.42
C SER J 125 34.55 -46.24 36.77
N LEU J 126 34.74 -44.95 36.50
CA LEU J 126 35.93 -44.17 36.93
C LEU J 126 35.86 -43.82 38.40
N GLU J 127 34.63 -43.64 38.86
CA GLU J 127 34.32 -43.13 40.20
C GLU J 127 34.99 -43.93 41.32
N PRO J 128 35.34 -43.24 42.42
CA PRO J 128 35.04 -41.83 42.71
C PRO J 128 36.15 -40.81 42.35
N PHE J 129 37.38 -41.31 42.26
CA PHE J 129 38.56 -40.48 42.02
C PHE J 129 39.74 -41.43 41.84
N LEU J 130 40.15 -41.60 40.60
CA LEU J 130 41.27 -42.51 40.25
C LEU J 130 42.65 -42.08 40.72
N LEU J 131 42.82 -40.79 40.98
CA LEU J 131 44.15 -40.29 41.33
C LEU J 131 44.50 -40.63 42.77
N LYS J 132 45.65 -41.27 42.92
CA LYS J 132 46.15 -41.69 44.21
C LYS J 132 46.88 -40.55 44.87
N THR J 133 46.29 -40.03 45.92
CA THR J 133 46.92 -38.93 46.64
C THR J 133 46.94 -39.22 48.13
N ASP J 134 47.29 -38.21 48.91
CA ASP J 134 47.38 -38.33 50.37
C ASP J 134 45.96 -38.36 50.89
N ASP J 135 45.16 -37.47 50.33
CA ASP J 135 43.75 -37.35 50.73
C ASP J 135 42.90 -38.39 49.99
N ASN J 136 43.45 -38.93 48.91
CA ASN J 136 42.82 -40.03 48.17
C ASN J 136 43.75 -41.27 48.10
N PRO J 137 43.77 -42.03 49.21
CA PRO J 137 44.55 -43.27 49.42
C PRO J 137 44.10 -44.46 48.57
N ASP J 138 42.80 -44.54 48.28
CA ASP J 138 42.17 -45.62 47.48
C ASP J 138 42.33 -45.45 45.98
N GLY J 139 42.83 -44.28 45.62
CA GLY J 139 43.19 -43.97 44.25
C GLY J 139 43.94 -45.14 43.65
N ALA J 140 43.68 -45.36 42.37
CA ALA J 140 44.25 -46.49 41.62
C ALA J 140 45.71 -46.31 41.18
N ALA J 141 46.11 -45.08 40.87
CA ALA J 141 47.50 -44.81 40.44
C ALA J 141 47.99 -43.39 40.73
N PRO J 142 49.33 -43.23 40.77
CA PRO J 142 49.88 -41.90 40.95
C PRO J 142 49.83 -41.13 39.64
N GLN J 143 49.91 -39.82 39.77
CA GLN J 143 49.87 -38.86 38.66
C GLN J 143 50.84 -39.20 37.51
N GLU J 144 52.02 -39.65 37.92
CA GLU J 144 53.14 -40.04 37.02
C GLU J 144 52.75 -41.15 36.05
N PHE J 145 51.82 -41.98 36.52
CA PHE J 145 51.28 -43.10 35.75
C PHE J 145 50.42 -42.65 34.56
N PHE J 146 49.61 -41.62 34.78
CA PHE J 146 48.73 -41.05 33.75
C PHE J 146 49.50 -40.25 32.73
N ASP J 147 50.47 -39.51 33.26
CA ASP J 147 51.46 -38.76 32.47
C ASP J 147 52.12 -39.68 31.46
N GLY J 148 52.28 -40.93 31.88
CA GLY J 148 52.87 -42.00 31.08
C GLY J 148 52.04 -42.42 29.87
N ILE J 149 50.75 -42.61 30.11
CA ILE J 149 49.78 -42.96 29.07
C ILE J 149 49.73 -41.87 28.00
N VAL J 150 49.64 -40.63 28.45
CA VAL J 150 49.61 -39.49 27.53
C VAL J 150 50.83 -39.59 26.61
N ALA J 151 52.00 -39.75 27.23
CA ALA J 151 53.29 -39.85 26.51
C ALA J 151 53.30 -41.00 25.50
N ALA J 152 52.67 -42.10 25.89
CA ALA J 152 52.59 -43.31 25.06
C ALA J 152 51.69 -43.10 23.85
N VAL J 153 50.53 -42.49 24.07
CA VAL J 153 49.61 -42.20 22.97
C VAL J 153 50.25 -41.22 21.98
N LYS J 154 50.88 -40.17 22.48
CA LYS J 154 51.56 -39.17 21.60
C LYS J 154 52.68 -39.80 20.76
N ALA J 155 53.31 -40.82 21.31
CA ALA J 155 54.43 -41.51 20.65
C ALA J 155 54.00 -42.32 19.41
N ASP J 156 52.90 -43.06 19.56
CA ASP J 156 52.30 -43.87 18.48
C ASP J 156 50.96 -44.37 19.02
N ARG J 157 49.90 -43.63 18.73
CA ARG J 157 48.58 -44.00 19.21
C ARG J 157 48.12 -45.34 18.60
N TYR J 158 48.52 -45.57 17.36
CA TYR J 158 48.12 -46.76 16.58
C TYR J 158 48.58 -48.07 17.19
N ALA J 159 49.88 -48.09 17.46
CA ALA J 159 50.54 -49.16 18.21
C ALA J 159 49.98 -49.24 19.63
N PHE J 160 49.76 -48.06 20.22
CA PHE J 160 49.20 -47.98 21.58
C PHE J 160 47.87 -48.71 21.70
N TYR J 161 46.99 -48.51 20.73
CA TYR J 161 45.63 -49.12 20.78
C TYR J 161 45.74 -50.63 20.91
N THR J 162 46.74 -51.21 20.25
CA THR J 162 46.95 -52.66 20.27
C THR J 162 47.13 -53.22 21.70
N GLY J 163 48.08 -52.66 22.44
CA GLY J 163 48.34 -53.11 23.83
C GLY J 163 47.20 -52.78 24.77
N PHE J 164 46.53 -51.66 24.46
CA PHE J 164 45.37 -51.18 25.23
C PHE J 164 44.20 -52.17 25.15
N PHE J 165 43.89 -52.66 23.94
CA PHE J 165 42.75 -53.58 23.76
C PHE J 165 43.01 -54.98 24.30
N ASN J 166 44.29 -55.28 24.40
CA ASN J 166 44.79 -56.46 25.07
C ASN J 166 44.29 -56.61 26.52
N ASP J 167 44.52 -55.54 27.26
CA ASP J 167 44.11 -55.45 28.68
C ASP J 167 42.66 -55.03 28.81
N PHE J 168 42.21 -54.24 27.84
CA PHE J 168 40.82 -53.78 27.76
C PHE J 168 39.93 -55.01 27.70
N TYR J 169 40.31 -55.96 26.85
CA TYR J 169 39.54 -57.20 26.68
C TYR J 169 40.05 -58.47 27.40
N ASN J 170 41.19 -58.40 28.08
CA ASN J 170 41.83 -59.60 28.66
C ASN J 170 41.99 -60.62 27.53
N LEU J 171 42.58 -60.20 26.43
CA LEU J 171 42.67 -61.05 25.23
C LEU J 171 43.41 -62.36 25.50
N ASP J 172 44.39 -62.32 26.38
CA ASP J 172 45.10 -63.54 26.81
C ASP J 172 44.13 -64.63 27.35
N GLU J 173 43.02 -64.18 27.94
CA GLU J 173 41.94 -65.10 28.40
C GLU J 173 40.84 -65.32 27.35
N ASN J 174 40.34 -64.21 26.81
CA ASN J 174 39.07 -64.15 26.05
C ASN J 174 39.06 -64.30 24.53
N LEU J 175 40.23 -64.16 23.90
CA LEU J 175 40.36 -64.24 22.44
C LEU J 175 40.07 -65.67 21.95
N GLY J 176 39.18 -65.75 20.96
CA GLY J 176 38.74 -67.03 20.36
C GLY J 176 37.68 -67.76 21.18
N THR J 177 37.20 -67.07 22.21
CA THR J 177 36.34 -67.62 23.27
C THR J 177 35.11 -66.69 23.41
N ARG J 178 35.31 -65.63 24.19
CA ARG J 178 34.36 -64.53 24.38
C ARG J 178 34.40 -63.49 23.26
N ILE J 179 35.61 -63.13 22.82
CA ILE J 179 35.77 -62.16 21.73
C ILE J 179 36.56 -62.74 20.55
N SER J 180 36.05 -62.48 19.35
CA SER J 180 36.73 -62.88 18.12
C SER J 180 37.82 -61.88 17.74
N GLU J 181 38.73 -62.35 16.89
CA GLU J 181 39.83 -61.53 16.36
C GLU J 181 39.28 -60.40 15.49
N GLU J 182 38.18 -60.70 14.81
CA GLU J 182 37.47 -59.74 13.93
C GLU J 182 36.79 -58.62 14.74
N ALA J 183 36.16 -59.00 15.84
CA ALA J 183 35.55 -58.02 16.77
C ALA J 183 36.61 -57.05 17.31
N VAL J 184 37.76 -57.59 17.69
CA VAL J 184 38.91 -56.77 18.14
C VAL J 184 39.44 -55.86 17.01
N ARG J 185 39.43 -56.38 15.79
CA ARG J 185 39.90 -55.62 14.62
C ARG J 185 39.03 -54.38 14.41
N ASN J 186 37.73 -54.58 14.55
CA ASN J 186 36.72 -53.52 14.45
C ASN J 186 36.97 -52.41 15.49
N SER J 187 37.24 -52.83 16.71
CA SER J 187 37.57 -51.88 17.81
C SER J 187 38.79 -51.02 17.51
N TRP J 188 39.85 -51.64 17.00
CA TRP J 188 41.09 -50.91 16.64
C TRP J 188 40.79 -49.90 15.54
N ASN J 189 40.07 -50.35 14.51
CA ASN J 189 39.63 -49.48 13.42
C ASN J 189 38.86 -48.26 13.93
N THR J 190 37.92 -48.50 14.85
CA THR J 190 37.11 -47.42 15.46
C THR J 190 38.00 -46.38 16.18
N ALA J 191 38.94 -46.89 16.95
CA ALA J 191 39.90 -46.05 17.71
C ALA J 191 40.80 -45.24 16.78
N ALA J 192 41.38 -45.91 15.78
CA ALA J 192 42.27 -45.28 14.77
C ALA J 192 41.56 -44.13 14.04
N SER J 193 40.23 -44.23 14.00
CA SER J 193 39.33 -43.24 13.35
C SER J 193 38.99 -42.00 14.19
N GLY J 194 39.21 -42.07 15.51
CA GLY J 194 39.07 -40.91 16.41
C GLY J 194 40.18 -39.91 16.12
N GLY J 195 40.00 -38.69 16.62
CA GLY J 195 40.97 -37.61 16.39
C GLY J 195 42.29 -37.81 17.13
N PHE J 196 43.40 -37.46 16.47
CA PHE J 196 44.73 -37.60 17.10
C PHE J 196 44.82 -36.83 18.42
N PHE J 197 44.25 -35.62 18.42
CA PHE J 197 44.41 -34.74 19.58
C PHE J 197 43.60 -35.28 20.75
N ALA J 198 42.37 -35.69 20.47
CA ALA J 198 41.44 -36.26 21.48
C ALA J 198 41.99 -37.50 22.17
N ALA J 199 42.72 -38.31 21.39
CA ALA J 199 43.33 -39.55 21.86
C ALA J 199 44.33 -39.30 23.01
N ALA J 200 45.18 -38.31 22.81
CA ALA J 200 46.19 -37.91 23.81
C ALA J 200 45.63 -37.06 24.95
N ALA J 201 44.61 -36.26 24.64
CA ALA J 201 43.92 -35.40 25.63
C ALA J 201 42.97 -36.16 26.56
N ALA J 202 42.39 -37.25 26.08
CA ALA J 202 41.39 -38.02 26.86
C ALA J 202 41.90 -38.54 28.21
N PRO J 203 43.08 -39.21 28.22
CA PRO J 203 43.64 -39.76 29.46
C PRO J 203 43.86 -38.74 30.60
N THR J 204 43.99 -37.46 30.26
CA THR J 204 44.11 -36.42 31.29
C THR J 204 42.76 -36.21 32.04
N THR J 205 41.65 -36.55 31.41
CA THR J 205 40.33 -36.39 32.06
C THR J 205 40.00 -37.54 33.03
N TRP J 206 40.73 -38.65 32.92
CA TRP J 206 40.43 -39.90 33.70
C TRP J 206 40.55 -39.81 35.22
N TYR J 207 41.45 -38.97 35.72
CA TYR J 207 41.60 -38.73 37.19
C TYR J 207 40.87 -37.48 37.69
N THR J 208 39.74 -37.19 37.05
CA THR J 208 38.79 -36.18 37.49
C THR J 208 38.22 -36.64 38.83
N ASP J 209 38.11 -35.72 39.77
CA ASP J 209 37.60 -36.04 41.11
C ASP J 209 36.08 -35.93 41.11
N PHE J 210 35.41 -37.08 41.13
CA PHE J 210 33.94 -37.12 41.09
C PHE J 210 33.33 -37.26 42.50
N ARG J 211 34.14 -37.04 43.52
CA ARG J 211 33.73 -37.28 44.91
C ARG J 211 32.56 -36.39 45.38
N ALA J 212 32.53 -35.14 44.90
CA ALA J 212 31.45 -34.17 45.25
C ALA J 212 30.20 -34.27 44.35
N ASP J 213 30.32 -35.04 43.29
CA ASP J 213 29.22 -35.30 42.36
C ASP J 213 28.29 -36.36 42.91
N ILE J 214 28.88 -37.35 43.57
CA ILE J 214 28.16 -38.55 44.07
C ILE J 214 26.97 -38.29 45.04
N PRO J 215 27.10 -37.35 45.99
CA PRO J 215 25.99 -37.02 46.91
C PRO J 215 24.77 -36.39 46.22
N ARG J 216 25.01 -35.90 45.01
CA ARG J 216 24.01 -35.29 44.13
C ARG J 216 23.12 -36.28 43.40
N ILE J 217 23.59 -37.53 43.36
CA ILE J 217 22.84 -38.61 42.71
C ILE J 217 21.59 -38.92 43.53
N ASP J 218 20.52 -38.54 42.85
CA ASP J 218 19.15 -38.27 43.33
C ASP J 218 18.18 -39.42 43.12
N VAL J 219 18.43 -40.07 42.00
CA VAL J 219 17.55 -41.06 41.36
C VAL J 219 18.13 -42.45 41.56
N PRO J 220 17.31 -43.49 41.35
CA PRO J 220 17.82 -44.86 41.45
C PRO J 220 19.00 -45.09 40.53
N ALA J 221 20.01 -45.76 41.09
CA ALA J 221 21.26 -46.03 40.39
C ALA J 221 21.65 -47.50 40.40
N LEU J 222 22.36 -47.90 39.35
CA LEU J 222 22.96 -49.21 39.24
C LEU J 222 24.46 -49.02 39.07
N ILE J 223 25.23 -49.79 39.83
CA ILE J 223 26.72 -49.87 39.68
C ILE J 223 27.06 -51.30 39.25
N LEU J 224 27.81 -51.41 38.16
CA LEU J 224 28.16 -52.70 37.59
C LEU J 224 29.62 -52.72 37.16
N HIS J 225 30.34 -53.73 37.63
CA HIS J 225 31.77 -53.85 37.35
C HIS J 225 32.19 -55.31 37.15
N GLY J 226 33.21 -55.51 36.32
CA GLY J 226 33.79 -56.82 36.07
C GLY J 226 34.90 -57.04 37.09
N THR J 227 34.91 -58.20 37.73
CA THR J 227 35.93 -58.42 38.78
C THR J 227 37.33 -58.63 38.18
N GLY J 228 37.38 -59.07 36.92
CA GLY J 228 38.66 -59.20 36.16
C GLY J 228 39.11 -57.97 35.38
N ASP J 229 38.61 -56.81 35.81
CA ASP J 229 38.92 -55.53 35.16
C ASP J 229 40.37 -55.12 35.44
N ARG J 230 41.18 -55.18 34.38
CA ARG J 230 42.61 -54.79 34.41
C ARG J 230 42.81 -53.29 34.14
N THR J 231 41.80 -52.68 33.54
CA THR J 231 41.88 -51.27 33.12
C THR J 231 41.47 -50.36 34.31
N LEU J 232 40.31 -50.66 34.89
CA LEU J 232 39.80 -49.99 36.12
C LEU J 232 39.63 -50.98 37.27
N PRO J 233 40.69 -51.19 38.07
CA PRO J 233 40.67 -52.11 39.19
C PRO J 233 39.41 -51.95 40.02
N ILE J 234 38.61 -53.00 40.11
CA ILE J 234 37.30 -52.99 40.82
C ILE J 234 37.44 -52.45 42.28
N GLU J 235 38.59 -52.72 42.87
CA GLU J 235 38.95 -52.30 44.26
C GLU J 235 39.17 -50.79 44.51
N ASN J 236 39.57 -50.07 43.46
CA ASN J 236 39.85 -48.60 43.53
C ASN J 236 38.72 -47.75 42.93
N THR J 237 37.76 -48.47 42.38
CA THR J 237 36.65 -47.87 41.63
C THR J 237 35.30 -48.35 42.22
N ALA J 238 34.65 -49.29 41.53
CA ALA J 238 33.31 -49.80 41.89
C ALA J 238 33.10 -50.05 43.38
N ARG J 239 34.07 -50.70 44.01
CA ARG J 239 33.93 -51.07 45.42
C ARG J 239 33.94 -49.90 46.41
N VAL J 240 34.77 -48.90 46.14
CA VAL J 240 34.80 -47.69 47.01
C VAL J 240 33.65 -46.73 46.61
N PHE J 241 33.24 -46.79 45.35
CA PHE J 241 32.08 -46.05 44.80
C PHE J 241 30.76 -46.45 45.50
N HIS J 242 30.59 -47.76 45.69
CA HIS J 242 29.37 -48.28 46.35
C HIS J 242 29.32 -47.91 47.81
N LYS J 243 30.48 -47.75 48.43
CA LYS J 243 30.55 -47.23 49.82
C LYS J 243 30.03 -45.81 49.86
N ALA J 244 30.36 -45.05 48.82
CA ALA J 244 29.97 -43.63 48.71
C ALA J 244 28.49 -43.47 48.32
N LEU J 245 27.96 -44.51 47.70
CA LEU J 245 26.56 -44.59 47.25
C LEU J 245 26.00 -46.01 47.58
N PRO J 246 25.75 -46.29 48.88
CA PRO J 246 25.26 -47.58 49.44
C PRO J 246 23.94 -47.99 48.83
N SER J 247 23.19 -46.94 48.53
CA SER J 247 21.84 -47.00 47.97
C SER J 247 21.81 -47.63 46.57
N ALA J 248 22.90 -47.43 45.84
CA ALA J 248 23.04 -48.01 44.51
C ALA J 248 22.86 -49.52 44.55
N GLU J 249 22.13 -49.99 43.54
CA GLU J 249 22.04 -51.41 43.24
C GLU J 249 23.40 -51.77 42.69
N TYR J 250 23.93 -52.92 43.08
CA TYR J 250 25.35 -53.23 42.82
C TYR J 250 25.58 -54.66 42.34
N VAL J 251 26.23 -54.76 41.20
CA VAL J 251 26.44 -56.04 40.50
C VAL J 251 27.90 -56.24 40.12
N GLU J 252 28.50 -57.30 40.63
CA GLU J 252 29.85 -57.72 40.20
C GLU J 252 29.75 -58.81 39.15
N VAL J 253 30.44 -58.60 38.05
CA VAL J 253 30.53 -59.62 36.99
C VAL J 253 31.86 -60.39 37.16
N GLU J 254 31.66 -61.63 37.57
CA GLU J 254 32.72 -62.54 37.93
C GLU J 254 33.68 -62.78 36.78
N GLY J 255 34.91 -62.30 36.97
CA GLY J 255 36.01 -62.50 36.00
C GLY J 255 35.84 -61.77 34.67
N ALA J 256 34.94 -60.81 34.67
CA ALA J 256 34.66 -60.00 33.47
C ALA J 256 35.75 -58.96 33.37
N PRO J 257 36.22 -58.68 32.14
CA PRO J 257 37.24 -57.66 31.92
C PRO J 257 36.62 -56.26 31.87
N HIS J 258 37.42 -55.27 31.46
CA HIS J 258 36.91 -53.88 31.27
C HIS J 258 35.87 -53.83 30.15
N GLY J 259 36.20 -54.52 29.06
CA GLY J 259 35.37 -54.59 27.84
C GLY J 259 34.26 -55.60 27.94
N LEU J 260 33.59 -55.58 29.08
CA LEU J 260 32.53 -56.54 29.45
C LEU J 260 31.24 -56.39 28.61
N LEU J 261 31.09 -55.25 27.93
CA LEU J 261 29.92 -55.00 27.04
C LEU J 261 29.81 -56.06 25.94
N TRP J 262 30.96 -56.48 25.42
CA TRP J 262 31.05 -57.53 24.38
C TRP J 262 31.23 -58.93 24.99
N THR J 263 32.33 -59.12 25.73
CA THR J 263 32.70 -60.45 26.31
C THR J 263 31.59 -61.09 27.20
N HIS J 264 30.90 -60.22 27.94
CA HIS J 264 29.82 -60.61 28.88
C HIS J 264 28.51 -59.86 28.62
N ALA J 265 28.25 -59.59 27.35
CA ALA J 265 27.04 -58.86 26.92
C ALA J 265 25.79 -59.37 27.67
N GLU J 266 25.72 -60.68 27.80
CA GLU J 266 24.61 -61.39 28.46
C GLU J 266 24.27 -61.00 29.88
N GLU J 267 25.31 -61.13 30.67
CA GLU J 267 25.29 -60.86 32.09
C GLU J 267 25.01 -59.37 32.21
N VAL J 268 25.58 -58.61 31.28
CA VAL J 268 25.40 -57.15 31.21
C VAL J 268 23.94 -56.78 30.90
N ASN J 269 23.43 -57.32 29.81
CA ASN J 269 22.06 -57.05 29.36
C ASN J 269 20.99 -57.48 30.36
N THR J 270 21.20 -58.64 30.95
CA THR J 270 20.26 -59.21 31.95
C THR J 270 20.13 -58.31 33.18
N ALA J 271 21.26 -57.85 33.74
CA ALA J 271 21.24 -56.93 34.90
C ALA J 271 20.57 -55.59 34.54
N LEU J 272 20.99 -55.08 33.39
CA LEU J 272 20.49 -53.81 32.86
C LEU J 272 18.98 -53.84 32.66
N LEU J 273 18.54 -54.89 31.98
CA LEU J 273 17.12 -55.07 31.63
C LEU J 273 16.21 -55.20 32.86
N ALA J 274 16.69 -55.93 33.85
CA ALA J 274 15.92 -56.10 35.09
C ALA J 274 15.81 -54.77 35.82
N PHE J 275 16.92 -54.05 35.91
CA PHE J 275 16.95 -52.72 36.55
C PHE J 275 16.04 -51.76 35.78
N LEU J 276 16.15 -51.83 34.46
CA LEU J 276 15.34 -50.99 33.56
C LEU J 276 13.86 -51.27 33.76
N ALA J 277 13.55 -52.55 33.91
CA ALA J 277 12.17 -52.99 34.12
C ALA J 277 11.62 -52.45 35.46
N LYS J 278 12.46 -52.51 36.48
CA LYS J 278 12.11 -52.01 37.83
C LYS J 278 11.79 -50.53 37.83
N ALA J 279 12.60 -49.79 37.09
CA ALA J 279 12.42 -48.33 37.00
C ALA J 279 11.00 -47.90 36.53
N GLN J 280 10.51 -48.60 35.51
CA GLN J 280 9.16 -48.34 34.97
C GLN J 280 8.06 -48.63 35.99
N GLU J 281 8.23 -49.73 36.72
CA GLU J 281 7.30 -50.13 37.77
C GLU J 281 7.26 -49.07 38.87
N ALA J 282 8.43 -48.57 39.21
CA ALA J 282 8.55 -47.51 40.22
C ALA J 282 7.80 -46.25 39.79
N GLN J 283 7.95 -45.91 38.51
CA GLN J 283 7.24 -44.75 37.94
C GLN J 283 5.71 -44.94 37.99
N LYS J 284 5.28 -46.15 37.68
CA LYS J 284 3.85 -46.50 37.74
C LYS J 284 3.32 -46.38 39.17
N GLN J 285 4.12 -46.84 40.12
CA GLN J 285 3.77 -46.74 41.55
C GLN J 285 3.61 -45.27 41.95
N LYS J 286 4.54 -44.45 41.49
CA LYS J 286 4.49 -43.01 41.77
C LYS J 286 3.19 -42.37 41.21
N LEU J 287 2.83 -42.75 39.99
CA LEU J 287 1.56 -42.27 39.32
C LEU J 287 0.25 -42.73 39.99
N LEU J 288 0.25 -43.94 40.51
CA LEU J 288 -0.98 -44.53 41.16
C LEU J 288 -1.62 -43.85 42.42
N THR J 289 -0.77 -43.36 43.28
CA THR J 289 -1.21 -42.62 44.48
C THR J 289 -1.86 -41.27 44.09
N GLU J 290 -1.32 -40.65 43.05
CA GLU J 290 -1.88 -39.38 42.53
C GLU J 290 -3.28 -39.60 41.98
N VAL J 291 -3.40 -40.67 41.21
CA VAL J 291 -4.66 -41.05 40.59
C VAL J 291 -5.67 -41.33 41.69
N GLU J 292 -5.22 -42.12 42.67
CA GLU J 292 -6.09 -42.52 43.79
C GLU J 292 -6.69 -41.32 44.53
N THR J 293 -5.89 -40.30 44.76
CA THR J 293 -6.37 -39.11 45.49
C THR J 293 -7.45 -38.38 44.70
N TYR J 294 -7.23 -38.23 43.39
CA TYR J 294 -8.23 -37.61 42.51
C TYR J 294 -9.51 -38.44 42.47
N VAL J 295 -9.34 -39.75 42.34
CA VAL J 295 -10.47 -40.68 42.26
C VAL J 295 -11.29 -40.63 43.55
N LEU J 296 -10.60 -40.65 44.69
CA LEU J 296 -11.27 -40.62 46.00
C LEU J 296 -11.98 -39.30 46.31
N SER J 297 -11.48 -38.20 45.74
CA SER J 297 -12.07 -36.85 45.95
C SER J 297 -13.56 -36.75 45.52
N ILE J 298 -13.98 -37.66 44.65
CA ILE J 298 -15.37 -37.67 44.17
C ILE J 298 -16.31 -38.50 45.03
N ILE J 299 -15.76 -39.36 45.87
CA ILE J 299 -16.56 -40.26 46.71
C ILE J 299 -16.91 -39.63 48.07
N PRO J 300 -18.18 -39.72 48.48
CA PRO J 300 -18.52 -39.19 49.80
C PRO J 300 -17.83 -39.97 50.91
N SER J 301 -17.44 -39.24 51.95
CA SER J 301 -16.74 -39.85 53.08
C SER J 301 -17.61 -40.88 53.78
N GLY J 302 -16.99 -41.97 54.20
CA GLY J 302 -17.69 -43.07 54.88
C GLY J 302 -16.99 -44.41 54.72
N PRO J 303 -17.61 -45.50 55.20
CA PRO J 303 -17.05 -46.85 55.14
C PRO J 303 -16.90 -47.40 53.72
N LEU J 304 -17.81 -47.00 52.85
CA LEU J 304 -17.76 -47.40 51.44
C LEU J 304 -16.50 -46.81 50.79
N LYS J 305 -16.25 -45.54 51.08
CA LYS J 305 -15.06 -44.85 50.59
C LYS J 305 -13.80 -45.58 51.05
N ALA J 306 -13.90 -46.19 52.23
CA ALA J 306 -12.81 -46.98 52.79
C ALA J 306 -12.58 -48.25 51.98
N GLU J 307 -13.66 -48.96 51.69
CA GLU J 307 -13.60 -50.19 50.88
C GLU J 307 -13.01 -49.94 49.50
N ILE J 308 -13.51 -48.89 48.84
CA ILE J 308 -13.03 -48.50 47.50
C ILE J 308 -11.53 -48.20 47.50
N ALA J 309 -11.11 -47.37 48.44
CA ALA J 309 -9.69 -46.99 48.60
C ALA J 309 -8.80 -48.23 48.74
N GLN J 310 -9.25 -49.15 49.58
CA GLN J 310 -8.55 -50.42 49.80
C GLN J 310 -8.43 -51.24 48.52
N ARG J 311 -9.52 -51.29 47.77
CA ARG J 311 -9.58 -52.02 46.48
C ARG J 311 -8.65 -51.38 45.46
N LEU J 312 -8.70 -50.06 45.37
CA LEU J 312 -7.79 -49.30 44.49
C LEU J 312 -6.34 -49.66 44.81
N GLU J 313 -6.00 -49.51 46.08
CA GLU J 313 -4.63 -49.79 46.56
C GLU J 313 -4.18 -51.22 46.22
N ASP J 314 -5.08 -52.18 46.40
CA ASP J 314 -4.79 -53.59 46.11
C ASP J 314 -4.55 -53.87 44.63
N VAL J 315 -5.37 -53.28 43.77
CA VAL J 315 -5.17 -53.46 42.33
C VAL J 315 -3.91 -52.73 41.91
N PHE J 316 -3.68 -51.57 42.50
CA PHE J 316 -2.50 -50.76 42.20
C PHE J 316 -1.20 -51.46 42.61
N ALA J 317 -1.28 -52.15 43.74
CA ALA J 317 -0.14 -52.91 44.26
C ALA J 317 0.04 -54.22 43.50
N GLY J 318 -0.84 -54.45 42.54
CA GLY J 318 -0.69 -55.55 41.59
C GLY J 318 -1.36 -56.86 41.96
N LYS J 319 -2.12 -56.87 43.06
CA LYS J 319 -2.92 -58.06 43.36
C LYS J 319 -3.91 -58.19 42.18
N ASN J 320 -3.69 -59.18 41.32
CA ASN J 320 -4.57 -59.36 40.15
C ASN J 320 -5.92 -59.74 40.71
N THR J 321 -6.89 -58.89 40.43
CA THR J 321 -8.21 -59.08 40.95
C THR J 321 -9.11 -59.59 39.82
N ASP J 322 -10.04 -60.38 40.26
CA ASP J 322 -11.12 -60.78 39.39
C ASP J 322 -11.97 -59.57 39.05
N LEU J 323 -11.70 -59.00 37.87
CA LEU J 323 -12.41 -57.81 37.40
C LEU J 323 -13.93 -58.01 37.43
N GLU J 324 -14.37 -59.21 37.04
CA GLU J 324 -15.81 -59.52 36.99
C GLU J 324 -16.47 -59.33 38.35
N VAL J 325 -15.77 -59.79 39.37
CA VAL J 325 -16.25 -59.71 40.75
C VAL J 325 -16.23 -58.26 41.21
N LEU J 326 -15.14 -57.57 40.88
CA LEU J 326 -14.97 -56.14 41.18
C LEU J 326 -16.10 -55.29 40.61
N MET J 327 -16.35 -55.49 39.33
CA MET J 327 -17.36 -54.70 38.58
C MET J 327 -18.80 -54.94 39.09
N GLU J 328 -19.08 -56.17 39.46
CA GLU J 328 -20.40 -56.53 40.02
C GLU J 328 -20.61 -55.84 41.37
N TRP J 329 -19.55 -55.86 42.19
CA TRP J 329 -19.56 -55.20 43.50
C TRP J 329 -19.87 -53.72 43.31
N LEU J 330 -19.10 -53.08 42.46
CA LEU J 330 -19.31 -51.66 42.12
C LEU J 330 -20.73 -51.38 41.69
N LYS J 331 -21.17 -52.17 40.72
CA LYS J 331 -22.51 -52.07 40.15
C LYS J 331 -23.60 -52.07 41.23
N THR J 332 -23.44 -52.97 42.20
CA THR J 332 -24.46 -53.16 43.26
C THR J 332 -24.29 -52.28 44.51
N ARG J 333 -23.35 -51.35 44.48
CA ARG J 333 -23.12 -50.44 45.62
C ARG J 333 -24.26 -49.42 45.78
N PRO J 334 -24.87 -49.36 46.98
CA PRO J 334 -25.85 -48.30 47.18
C PRO J 334 -25.13 -46.97 47.39
N ILE J 335 -25.91 -45.89 47.43
CA ILE J 335 -25.41 -44.50 47.63
C ILE J 335 -24.49 -43.93 46.53
N LEU J 336 -23.61 -44.76 45.96
CA LEU J 336 -22.71 -44.31 44.89
C LEU J 336 -23.48 -43.81 43.67
N SER J 337 -23.10 -42.63 43.20
CA SER J 337 -23.72 -42.05 42.00
C SER J 337 -23.38 -42.94 40.79
N PRO J 338 -24.30 -43.06 39.81
CA PRO J 338 -24.00 -43.87 38.63
C PRO J 338 -22.76 -43.40 37.87
N LEU J 339 -22.58 -42.08 37.87
CA LEU J 339 -21.45 -41.45 37.20
C LEU J 339 -20.14 -41.84 37.91
N THR J 340 -20.19 -41.83 39.22
CA THR J 340 -19.03 -42.17 40.05
C THR J 340 -18.70 -43.65 39.85
N LYS J 341 -19.74 -44.46 39.73
CA LYS J 341 -19.60 -45.90 39.45
C LYS J 341 -18.95 -46.15 38.11
N GLY J 342 -19.29 -45.32 37.14
CA GLY J 342 -18.72 -45.40 35.78
C GLY J 342 -17.24 -45.07 35.78
N ILE J 343 -16.89 -44.01 36.49
CA ILE J 343 -15.50 -43.54 36.62
C ILE J 343 -14.63 -44.63 37.28
N LEU J 344 -15.13 -45.18 38.38
CA LEU J 344 -14.45 -46.26 39.10
C LEU J 344 -14.37 -47.51 38.23
N GLY J 345 -15.47 -47.78 37.54
CA GLY J 345 -15.57 -48.92 36.61
C GLY J 345 -14.47 -48.84 35.57
N PHE J 346 -14.37 -47.65 35.01
CA PHE J 346 -13.35 -47.31 34.00
C PHE J 346 -11.94 -47.49 34.56
N VAL J 347 -11.71 -46.92 35.73
CA VAL J 347 -10.38 -46.97 36.37
C VAL J 347 -9.94 -48.41 36.63
N PHE J 348 -10.84 -49.19 37.20
CA PHE J 348 -10.56 -50.61 37.53
C PHE J 348 -10.21 -51.46 36.30
N THR J 349 -10.92 -51.26 35.20
CA THR J 349 -10.64 -52.06 33.99
C THR J 349 -9.28 -51.66 33.39
N LEU J 350 -8.93 -50.39 33.59
CA LEU J 350 -7.67 -49.79 33.09
C LEU J 350 -6.46 -50.28 33.89
N THR J 351 -6.65 -50.39 35.20
CA THR J 351 -5.55 -50.72 36.11
C THR J 351 -5.41 -52.22 36.41
N VAL J 352 -6.54 -52.93 36.43
CA VAL J 352 -6.55 -54.38 36.74
C VAL J 352 -5.59 -55.09 35.78
N PRO J 353 -4.73 -56.02 36.33
CA PRO J 353 -3.74 -56.71 35.50
C PRO J 353 -4.39 -57.46 34.35
N SER J 354 -5.38 -58.29 34.68
CA SER J 354 -6.10 -59.10 33.71
C SER J 354 -7.57 -58.75 33.63
N GLU J 355 -8.02 -58.32 32.44
CA GLU J 355 -9.46 -58.16 32.21
C GLU J 355 -10.07 -59.53 31.96
N ARG J 356 -9.24 -60.49 31.54
CA ARG J 356 -9.69 -61.88 31.32
C ARG J 356 -10.75 -62.00 30.24
N GLY J 357 -10.72 -61.11 29.25
CA GLY J 357 -11.69 -61.13 28.17
C GLY J 357 -13.10 -60.80 28.62
N LEU J 358 -13.19 -59.92 29.61
CA LEU J 358 -14.51 -59.45 30.04
C LEU J 358 -15.06 -58.43 29.08
N GLN J 359 -16.34 -58.61 28.73
CA GLN J 359 -17.02 -57.67 27.87
C GLN J 359 -17.17 -56.38 28.65
N ARG J 360 -17.22 -55.26 27.94
CA ARG J 360 -17.42 -53.97 28.59
C ARG J 360 -18.77 -53.99 29.30
N ARG J 361 -18.89 -53.20 30.36
CA ARG J 361 -20.12 -53.17 31.17
C ARG J 361 -21.12 -52.07 30.79
N ARG J 362 -22.37 -52.48 30.63
CA ARG J 362 -23.48 -51.56 30.33
C ARG J 362 -23.58 -50.42 31.33
N PHE J 363 -23.41 -50.73 32.62
CA PHE J 363 -23.59 -49.69 33.67
C PHE J 363 -22.56 -48.57 33.52
N VAL J 364 -21.37 -48.94 33.07
CA VAL J 364 -20.29 -47.98 32.83
C VAL J 364 -20.58 -47.19 31.55
N GLN J 365 -20.95 -47.93 30.51
CA GLN J 365 -21.27 -47.32 29.22
C GLN J 365 -22.36 -46.27 29.38
N ASN J 366 -23.41 -46.63 30.10
CA ASN J 366 -24.53 -45.70 30.35
C ASN J 366 -24.09 -44.46 31.15
N ALA J 367 -23.21 -44.70 32.10
CA ALA J 367 -22.68 -43.63 32.98
C ALA J 367 -21.77 -42.63 32.25
N LEU J 368 -20.99 -43.13 31.31
CA LEU J 368 -19.98 -42.31 30.57
C LEU J 368 -20.38 -41.89 29.15
N ASN J 369 -21.64 -42.02 28.78
CA ASN J 369 -22.14 -41.62 27.46
C ASN J 369 -22.39 -40.13 27.23
N GLY J 370 -22.11 -39.24 28.20
CA GLY J 370 -22.21 -37.79 27.88
C GLY J 370 -23.65 -37.40 27.62
N ASN J 371 -24.57 -38.18 28.18
CA ASN J 371 -26.02 -38.01 28.00
C ASN J 371 -26.45 -38.25 26.57
N GLY J 372 -25.60 -38.85 25.73
CA GLY J 372 -25.90 -38.99 24.30
C GLY J 372 -26.05 -37.65 23.60
N ASP J 373 -25.51 -36.60 24.22
CA ASP J 373 -25.62 -35.26 23.66
C ASP J 373 -24.55 -35.06 22.55
N PRO J 374 -24.96 -34.72 21.31
CA PRO J 374 -24.02 -34.56 20.18
C PRO J 374 -22.98 -33.44 20.36
N ASN J 375 -23.37 -32.37 21.04
CA ASN J 375 -22.46 -31.27 21.35
C ASN J 375 -21.34 -31.72 22.29
N ASN J 376 -21.72 -32.50 23.32
CA ASN J 376 -20.77 -33.07 24.30
C ASN J 376 -19.84 -33.98 23.54
N MET J 377 -20.42 -34.83 22.72
CA MET J 377 -19.69 -35.82 21.93
C MET J 377 -18.72 -35.15 20.95
N ASP J 378 -19.16 -34.05 20.36
CA ASP J 378 -18.32 -33.24 19.46
C ASP J 378 -17.08 -32.75 20.20
N LYS J 379 -17.30 -32.19 21.38
CA LYS J 379 -16.19 -31.68 22.20
C LYS J 379 -15.29 -32.81 22.70
N ALA J 380 -15.90 -33.95 22.99
CA ALA J 380 -15.18 -35.14 23.48
C ALA J 380 -14.21 -35.63 22.41
N VAL J 381 -14.66 -35.56 21.16
CA VAL J 381 -13.85 -35.96 19.99
C VAL J 381 -12.70 -34.97 19.78
N LYS J 382 -12.98 -33.70 20.00
CA LYS J 382 -11.96 -32.66 19.90
C LYS J 382 -10.89 -32.85 20.96
N LEU J 383 -11.33 -33.12 22.19
CA LEU J 383 -10.39 -33.40 23.29
C LEU J 383 -9.54 -34.62 22.96
N TYR J 384 -10.20 -35.69 22.51
CA TYR J 384 -9.52 -36.94 22.13
C TYR J 384 -8.41 -36.67 21.12
N ARG J 385 -8.69 -35.83 20.14
CA ARG J 385 -7.71 -35.47 19.11
C ARG J 385 -6.45 -34.93 19.79
N LYS J 386 -6.66 -34.04 20.75
CA LYS J 386 -5.54 -33.42 21.49
C LYS J 386 -4.83 -34.43 22.38
N LEU J 387 -5.59 -35.27 23.08
CA LEU J 387 -5.03 -36.30 23.98
C LEU J 387 -4.15 -37.31 23.24
N LYS J 388 -4.48 -37.54 21.98
CA LYS J 388 -3.71 -38.45 21.10
C LYS J 388 -2.27 -37.99 20.93
N ARG J 389 -2.06 -36.69 21.10
CA ARG J 389 -0.73 -36.07 20.96
C ARG J 389 0.02 -35.96 22.28
N GLU J 390 -0.68 -36.23 23.38
CA GLU J 390 -0.09 -36.17 24.71
C GLU J 390 0.61 -37.49 25.04
N ILE J 391 1.66 -37.39 25.85
CA ILE J 391 2.40 -38.56 26.32
C ILE J 391 2.57 -38.57 27.84
N THR J 392 2.23 -37.47 28.49
CA THR J 392 2.38 -37.36 29.94
C THR J 392 1.05 -37.19 30.66
N PHE J 393 1.05 -37.59 31.92
CA PHE J 393 -0.12 -37.48 32.80
C PHE J 393 -0.53 -36.01 32.99
N HIS J 394 0.46 -35.16 33.28
CA HIS J 394 0.22 -33.71 33.53
C HIS J 394 -0.24 -32.96 32.27
N GLY J 395 0.36 -33.25 31.13
CA GLY J 395 -0.05 -32.61 29.86
C GLY J 395 -1.49 -32.99 29.52
N ALA J 396 -1.77 -34.27 29.68
CA ALA J 396 -3.10 -34.82 29.44
C ALA J 396 -4.12 -34.17 30.38
N LYS J 397 -3.80 -34.18 31.66
CA LYS J 397 -4.69 -33.61 32.68
C LYS J 397 -4.95 -32.12 32.41
N GLU J 398 -3.88 -31.41 32.04
CA GLU J 398 -3.93 -29.96 31.76
C GLU J 398 -4.91 -29.57 30.63
N ILE J 399 -4.80 -30.24 29.49
CA ILE J 399 -5.70 -29.94 28.36
C ILE J 399 -7.13 -30.38 28.65
N SER J 400 -7.27 -31.46 29.40
CA SER J 400 -8.60 -31.98 29.78
C SER J 400 -9.39 -30.97 30.62
N LEU J 401 -8.68 -30.25 31.47
CA LEU J 401 -9.30 -29.23 32.34
C LEU J 401 -9.94 -28.04 31.60
N SER J 402 -9.63 -27.90 30.31
CA SER J 402 -10.24 -26.85 29.48
C SER J 402 -11.58 -27.29 28.88
N TYR J 403 -12.01 -28.49 29.25
CA TYR J 403 -13.27 -29.05 28.77
C TYR J 403 -14.26 -29.24 29.91
N SER J 404 -15.55 -29.19 29.57
CA SER J 404 -16.60 -29.35 30.56
C SER J 404 -16.67 -30.80 31.04
N ALA J 405 -17.22 -30.98 32.24
CA ALA J 405 -17.37 -32.32 32.84
C ALA J 405 -18.18 -33.27 31.93
N GLY J 406 -19.15 -32.72 31.21
CA GLY J 406 -19.99 -33.53 30.29
C GLY J 406 -19.20 -34.06 29.10
N ALA J 407 -18.36 -33.19 28.54
CA ALA J 407 -17.49 -33.54 27.42
C ALA J 407 -16.39 -34.51 27.86
N LEU J 408 -15.92 -34.31 29.08
CA LEU J 408 -14.87 -35.15 29.67
C LEU J 408 -15.37 -36.58 29.89
N ALA J 409 -16.57 -36.68 30.43
CA ALA J 409 -17.17 -38.00 30.71
C ALA J 409 -17.41 -38.76 29.41
N SER J 410 -17.90 -38.05 28.41
CA SER J 410 -18.09 -38.61 27.06
C SER J 410 -16.79 -39.05 26.42
N CYS J 411 -15.75 -38.27 26.61
CA CYS J 411 -14.42 -38.63 26.12
C CYS J 411 -13.96 -39.94 26.77
N MET J 412 -14.18 -40.05 28.07
CA MET J 412 -13.85 -41.28 28.81
C MET J 412 -14.61 -42.47 28.23
N GLY J 413 -15.86 -42.24 27.87
CA GLY J 413 -16.71 -43.26 27.27
C GLY J 413 -16.17 -43.72 25.92
N LEU J 414 -15.69 -42.75 25.14
CA LEU J 414 -15.11 -43.00 23.82
C LEU J 414 -13.93 -43.99 23.92
N ILE J 415 -13.09 -43.76 24.92
CA ILE J 415 -11.92 -44.61 25.21
C ILE J 415 -12.40 -45.96 25.76
N TYR J 416 -13.31 -45.91 26.73
CA TYR J 416 -13.85 -47.12 27.36
C TYR J 416 -14.45 -48.07 26.32
N ASN J 417 -15.15 -47.47 25.36
CA ASN J 417 -15.81 -48.23 24.28
C ASN J 417 -14.87 -48.68 23.16
N ARG J 418 -13.59 -48.35 23.30
CA ARG J 418 -12.53 -48.65 22.30
C ARG J 418 -12.78 -47.96 20.96
N MET J 419 -13.48 -46.83 21.01
CA MET J 419 -13.73 -46.04 19.80
C MET J 419 -12.53 -45.18 19.47
N GLY J 420 -11.74 -44.95 20.50
CA GLY J 420 -10.47 -44.24 20.38
C GLY J 420 -9.52 -44.85 21.37
N ALA J 421 -8.23 -44.54 21.23
CA ALA J 421 -7.21 -45.09 22.11
C ALA J 421 -6.16 -44.05 22.52
N VAL J 422 -5.76 -44.12 23.77
CA VAL J 422 -4.66 -43.29 24.30
C VAL J 422 -3.85 -44.18 25.26
N THR J 423 -2.66 -43.69 25.59
CA THR J 423 -1.77 -44.37 26.51
C THR J 423 -2.38 -44.31 27.92
N THR J 424 -2.02 -45.29 28.74
CA THR J 424 -2.58 -45.42 30.11
C THR J 424 -2.39 -44.15 30.95
N GLU J 425 -1.21 -43.56 30.84
CA GLU J 425 -0.86 -42.37 31.65
C GLU J 425 -1.68 -41.15 31.24
N VAL J 426 -1.95 -41.05 29.95
CA VAL J 426 -2.80 -39.98 29.39
C VAL J 426 -4.25 -40.24 29.82
N ALA J 427 -4.66 -41.51 29.79
CA ALA J 427 -6.00 -41.91 30.24
C ALA J 427 -6.20 -41.55 31.70
N PHE J 428 -5.15 -41.75 32.47
CA PHE J 428 -5.14 -41.37 33.89
C PHE J 428 -5.37 -39.87 34.08
N GLY J 429 -4.67 -39.09 33.26
CA GLY J 429 -4.80 -37.62 33.29
C GLY J 429 -6.22 -37.18 32.99
N LEU J 430 -6.80 -37.83 31.98
CA LEU J 430 -8.20 -37.56 31.59
C LEU J 430 -9.15 -37.84 32.75
N VAL J 431 -9.05 -39.04 33.34
CA VAL J 431 -9.95 -39.43 34.46
C VAL J 431 -9.80 -38.48 35.65
N CYS J 432 -8.56 -38.05 35.91
CA CYS J 432 -8.27 -37.15 37.03
C CYS J 432 -8.79 -35.73 36.82
N ALA J 433 -8.74 -35.27 35.57
CA ALA J 433 -9.32 -33.96 35.22
C ALA J 433 -10.82 -33.99 35.45
N THR J 434 -11.44 -35.07 34.98
CA THR J 434 -12.88 -35.27 35.16
C THR J 434 -13.25 -35.32 36.64
N CYS J 435 -12.48 -36.08 37.42
CA CYS J 435 -12.71 -36.19 38.87
C CYS J 435 -12.59 -34.82 39.52
N GLU J 436 -11.55 -34.09 39.14
CA GLU J 436 -11.30 -32.73 39.69
C GLU J 436 -12.50 -31.82 39.40
N GLN J 437 -12.95 -31.84 38.15
CA GLN J 437 -14.09 -31.01 37.71
C GLN J 437 -15.35 -31.32 38.52
N ILE J 438 -15.65 -32.61 38.65
CA ILE J 438 -16.85 -33.10 39.38
C ILE J 438 -16.77 -32.74 40.87
N ALA J 439 -15.64 -33.09 41.47
CA ALA J 439 -15.41 -32.79 42.90
C ALA J 439 -15.54 -31.28 43.16
N ASP J 440 -14.94 -30.49 42.27
CA ASP J 440 -14.98 -29.01 42.36
C ASP J 440 -16.40 -28.44 42.29
N SER J 441 -17.28 -29.17 41.63
CA SER J 441 -18.69 -28.73 41.49
C SER J 441 -19.47 -28.96 42.78
N GLN J 442 -18.99 -29.92 43.57
CA GLN J 442 -19.62 -30.27 44.84
C GLN J 442 -19.19 -29.30 45.93
N PRO K 2 34.38 -30.23 8.33
CA PRO K 2 34.10 -28.95 7.68
C PRO K 2 34.39 -28.99 6.16
N PHE K 3 33.58 -28.27 5.39
CA PHE K 3 33.73 -28.20 3.92
C PHE K 3 33.75 -26.81 3.32
N ILE K 4 34.53 -26.71 2.25
CA ILE K 4 34.52 -25.54 1.35
C ILE K 4 34.16 -26.08 -0.04
N THR K 5 33.14 -25.46 -0.64
CA THR K 5 32.69 -25.78 -2.00
C THR K 5 33.58 -25.07 -3.03
N VAL K 6 34.12 -25.83 -3.96
CA VAL K 6 35.05 -25.27 -4.95
C VAL K 6 34.51 -25.31 -6.38
N GLY K 7 33.41 -26.02 -6.56
CA GLY K 7 32.80 -26.12 -7.88
C GLY K 7 31.60 -27.04 -7.96
N GLN K 8 31.27 -27.40 -9.19
CA GLN K 8 30.09 -28.22 -9.48
C GLN K 8 30.46 -29.30 -10.48
N GLU K 9 29.96 -30.51 -10.21
CA GLU K 9 30.05 -31.65 -11.14
C GLU K 9 28.65 -32.20 -11.36
N ASN K 10 28.13 -32.05 -12.57
CA ASN K 10 26.77 -32.49 -12.91
C ASN K 10 25.74 -31.94 -11.89
N SER K 11 24.99 -32.82 -11.23
CA SER K 11 23.99 -32.39 -10.24
C SER K 11 24.56 -32.11 -8.84
N THR K 12 25.83 -32.44 -8.65
CA THR K 12 26.48 -32.37 -7.32
C THR K 12 27.54 -31.28 -7.22
N SER K 13 27.70 -30.68 -6.04
CA SER K 13 28.80 -29.74 -5.86
C SER K 13 30.08 -30.48 -5.48
N ILE K 14 31.19 -29.80 -5.68
CA ILE K 14 32.52 -30.32 -5.33
C ILE K 14 32.96 -29.62 -4.05
N ASP K 15 33.05 -30.39 -2.96
CA ASP K 15 33.39 -29.85 -1.63
C ASP K 15 34.72 -30.39 -1.13
N LEU K 16 35.54 -29.49 -0.59
CA LEU K 16 36.80 -29.90 0.04
C LEU K 16 36.65 -29.98 1.54
N TYR K 17 37.08 -31.12 2.08
CA TYR K 17 37.14 -31.31 3.52
C TYR K 17 38.31 -30.49 4.07
N TYR K 18 38.08 -29.70 5.10
CA TYR K 18 39.18 -28.94 5.74
C TYR K 18 39.05 -28.86 7.27
N GLU K 19 40.18 -28.57 7.91
CA GLU K 19 40.23 -28.31 9.35
C GLU K 19 40.97 -27.02 9.65
N ASP K 20 40.67 -26.46 10.80
CA ASP K 20 41.11 -25.11 11.16
C ASP K 20 41.36 -25.08 12.67
N HIS K 21 42.63 -25.23 13.03
CA HIS K 21 43.02 -25.37 14.45
C HIS K 21 44.03 -24.32 14.92
N GLY K 22 43.94 -24.02 16.21
CA GLY K 22 44.88 -23.10 16.87
C GLY K 22 44.65 -21.63 16.56
N THR K 23 45.56 -20.82 17.08
CA THR K 23 45.45 -19.37 16.93
C THR K 23 46.84 -18.85 16.68
N GLY K 24 46.93 -17.75 15.94
CA GLY K 24 48.21 -17.15 15.63
C GLY K 24 48.37 -17.13 14.12
N THR K 25 49.62 -17.02 13.67
CA THR K 25 49.94 -16.95 12.25
C THR K 25 49.46 -18.22 11.56
N PRO K 26 48.68 -18.07 10.46
CA PRO K 26 48.12 -19.19 9.72
C PRO K 26 49.15 -19.93 8.88
N VAL K 27 49.16 -21.24 9.06
CA VAL K 27 50.05 -22.13 8.34
C VAL K 27 49.18 -23.16 7.63
N VAL K 28 49.28 -23.18 6.30
CA VAL K 28 48.45 -24.04 5.45
C VAL K 28 49.27 -25.23 4.94
N LEU K 29 48.83 -26.43 5.33
CA LEU K 29 49.51 -27.69 5.00
C LEU K 29 48.76 -28.40 3.87
N ILE K 30 49.50 -28.72 2.80
CA ILE K 30 48.95 -29.34 1.58
C ILE K 30 49.58 -30.71 1.39
N HIS K 31 48.75 -31.74 1.55
CA HIS K 31 49.21 -33.14 1.63
C HIS K 31 49.68 -33.72 0.30
N GLY K 32 50.28 -34.90 0.41
CA GLY K 32 50.74 -35.68 -0.74
C GLY K 32 49.87 -36.88 -1.11
N PHE K 33 50.21 -37.49 -2.24
CA PHE K 33 49.49 -38.67 -2.78
C PHE K 33 49.96 -39.95 -2.07
N PRO K 34 49.03 -40.87 -1.72
CA PRO K 34 47.58 -40.80 -1.90
C PRO K 34 46.86 -40.50 -0.58
N LEU K 35 47.47 -39.63 0.22
CA LEU K 35 47.05 -39.37 1.60
C LEU K 35 46.15 -38.14 1.72
N SER K 36 45.89 -37.75 2.97
CA SER K 36 44.98 -36.64 3.28
C SER K 36 45.58 -35.61 4.25
N GLY K 37 44.80 -34.59 4.62
CA GLY K 37 45.24 -33.55 5.56
C GLY K 37 45.72 -34.14 6.89
N HIS K 38 45.15 -35.28 7.24
CA HIS K 38 45.47 -35.97 8.52
C HIS K 38 46.90 -36.55 8.61
N SER K 39 47.54 -36.72 7.46
CA SER K 39 48.93 -37.20 7.35
C SER K 39 49.96 -36.22 7.96
N TRP K 40 49.52 -34.98 8.14
CA TRP K 40 50.34 -33.93 8.77
C TRP K 40 50.30 -33.92 10.30
N GLU K 41 49.64 -34.91 10.91
CA GLU K 41 49.33 -34.91 12.36
C GLU K 41 50.54 -34.69 13.29
N ARG K 42 51.70 -35.22 12.92
CA ARG K 42 52.94 -35.03 13.70
C ARG K 42 53.46 -33.60 13.62
N GLN K 43 53.33 -33.01 12.44
CA GLN K 43 53.69 -31.60 12.21
C GLN K 43 52.67 -30.61 12.83
N SER K 44 51.38 -30.91 12.65
CA SER K 44 50.28 -30.10 13.23
C SER K 44 50.40 -29.91 14.75
N ALA K 45 50.72 -30.99 15.43
CA ALA K 45 50.85 -30.98 16.91
C ALA K 45 51.95 -30.02 17.35
N ALA K 46 53.10 -30.13 16.67
CA ALA K 46 54.25 -29.25 16.92
C ALA K 46 53.92 -27.78 16.66
N LEU K 47 53.32 -27.51 15.50
CA LEU K 47 52.93 -26.15 15.13
C LEU K 47 51.92 -25.57 16.13
N LEU K 48 50.98 -26.40 16.56
CA LEU K 48 49.97 -25.99 17.54
C LEU K 48 50.66 -25.61 18.85
N ASP K 49 51.59 -26.44 19.28
CA ASP K 49 52.35 -26.18 20.53
C ASP K 49 53.22 -24.92 20.40
N ALA K 50 53.78 -24.72 19.21
CA ALA K 50 54.64 -23.55 18.90
C ALA K 50 53.86 -22.24 18.73
N GLY K 51 52.55 -22.34 18.66
CA GLY K 51 51.65 -21.18 18.64
C GLY K 51 51.27 -20.65 17.27
N ALA K 52 50.90 -21.56 16.38
CA ALA K 52 50.43 -21.21 15.02
C ALA K 52 48.99 -21.64 14.82
N ARG K 53 48.36 -21.01 13.84
CA ARG K 53 47.04 -21.43 13.41
C ARG K 53 47.26 -22.43 12.28
N VAL K 54 46.78 -23.65 12.47
CA VAL K 54 47.00 -24.75 11.49
C VAL K 54 45.76 -25.02 10.61
N ILE K 55 45.92 -24.82 9.31
CA ILE K 55 44.87 -25.15 8.32
C ILE K 55 45.31 -26.35 7.47
N THR K 56 44.46 -27.37 7.44
CA THR K 56 44.66 -28.53 6.56
C THR K 56 43.42 -28.70 5.69
N TYR K 57 43.60 -29.27 4.52
CA TYR K 57 42.46 -29.64 3.68
C TYR K 57 42.82 -30.86 2.86
N ASP K 58 41.80 -31.55 2.38
CA ASP K 58 41.96 -32.74 1.55
C ASP K 58 41.76 -32.32 0.09
N ARG K 59 42.79 -32.52 -0.73
CA ARG K 59 42.72 -32.35 -2.19
C ARG K 59 41.54 -33.12 -2.75
N ARG K 60 40.90 -32.54 -3.76
CA ARG K 60 39.78 -33.20 -4.46
C ARG K 60 40.16 -34.63 -4.85
N GLY K 61 39.27 -35.58 -4.58
CA GLY K 61 39.53 -37.01 -4.86
C GLY K 61 40.22 -37.82 -3.76
N PHE K 62 40.60 -37.12 -2.69
CA PHE K 62 41.33 -37.71 -1.55
C PHE K 62 40.69 -37.45 -0.20
N GLY K 63 41.05 -38.32 0.75
CA GLY K 63 40.56 -38.24 2.13
C GLY K 63 39.06 -38.09 2.16
N GLN K 64 38.59 -37.03 2.81
CA GLN K 64 37.14 -36.78 2.98
C GLN K 64 36.52 -35.77 2.01
N SER K 65 37.32 -35.30 1.06
CA SER K 65 36.81 -34.42 0.00
C SER K 65 35.99 -35.21 -1.00
N SER K 66 35.22 -34.47 -1.79
CA SER K 66 34.44 -35.04 -2.88
C SER K 66 35.36 -35.74 -3.88
N GLN K 67 34.76 -36.65 -4.61
CA GLN K 67 35.49 -37.50 -5.56
C GLN K 67 34.96 -37.34 -6.97
N PRO K 68 35.16 -36.14 -7.56
CA PRO K 68 34.76 -35.97 -8.95
C PRO K 68 35.65 -36.74 -9.91
N THR K 69 35.22 -36.74 -11.17
CA THR K 69 36.02 -37.32 -12.25
C THR K 69 36.55 -36.20 -13.17
N THR K 70 36.64 -35.00 -12.59
CA THR K 70 37.09 -33.76 -13.25
C THR K 70 38.02 -32.92 -12.40
N GLY K 71 38.85 -32.14 -13.09
CA GLY K 71 39.71 -31.11 -12.47
C GLY K 71 41.02 -31.61 -11.87
N TYR K 72 41.58 -32.67 -12.46
CA TYR K 72 42.85 -33.25 -12.00
C TYR K 72 44.05 -32.70 -12.76
N ASP K 73 44.41 -31.49 -12.36
CA ASP K 73 45.48 -30.71 -12.98
C ASP K 73 45.86 -29.55 -12.04
N TYR K 74 47.09 -29.07 -12.16
CA TYR K 74 47.59 -28.09 -11.20
C TYR K 74 46.95 -26.72 -11.25
N ASP K 75 46.37 -26.34 -12.38
CA ASP K 75 45.66 -25.04 -12.40
C ASP K 75 44.38 -25.10 -11.56
N THR K 76 43.69 -26.22 -11.67
CA THR K 76 42.46 -26.48 -10.89
C THR K 76 42.80 -26.64 -9.42
N PHE K 77 43.82 -27.44 -9.15
CA PHE K 77 44.31 -27.64 -7.78
C PHE K 77 44.71 -26.31 -7.14
N ALA K 78 45.33 -25.43 -7.91
CA ALA K 78 45.77 -24.11 -7.43
C ALA K 78 44.57 -23.19 -7.25
N ALA K 79 43.60 -23.34 -8.15
CA ALA K 79 42.32 -22.60 -8.05
C ALA K 79 41.52 -23.05 -6.84
N ASP K 80 41.62 -24.34 -6.55
CA ASP K 80 40.96 -24.94 -5.36
C ASP K 80 41.55 -24.27 -4.11
N LEU K 81 42.87 -24.23 -4.07
CA LEU K 81 43.63 -23.61 -2.97
C LEU K 81 43.25 -22.14 -2.81
N ASN K 82 43.18 -21.45 -3.96
CA ASN K 82 42.78 -20.04 -3.98
C ASN K 82 41.45 -19.82 -3.28
N THR K 83 40.48 -20.67 -3.61
CA THR K 83 39.13 -20.60 -3.03
C THR K 83 39.17 -20.75 -1.52
N VAL K 84 40.03 -21.64 -1.04
CA VAL K 84 40.20 -21.88 0.40
C VAL K 84 40.73 -20.61 1.08
N LEU K 85 41.80 -20.05 0.52
CA LEU K 85 42.48 -18.84 1.06
C LEU K 85 41.57 -17.62 1.10
N GLU K 86 40.83 -17.45 0.01
CA GLU K 86 39.84 -16.37 -0.10
C GLU K 86 38.63 -16.59 0.82
N THR K 87 38.19 -17.84 0.91
CA THR K 87 37.03 -18.19 1.76
C THR K 87 37.31 -17.87 3.23
N LEU K 88 38.53 -18.18 3.66
CA LEU K 88 38.94 -17.95 5.05
C LEU K 88 39.56 -16.57 5.30
N ASP K 89 39.76 -15.81 4.22
CA ASP K 89 40.38 -14.46 4.23
C ASP K 89 41.74 -14.49 4.93
N LEU K 90 42.55 -15.45 4.52
CA LEU K 90 43.87 -15.64 5.12
C LEU K 90 44.82 -14.55 4.66
N GLN K 91 45.45 -13.96 5.67
CA GLN K 91 46.42 -12.89 5.54
C GLN K 91 47.73 -13.37 6.11
N ASP K 92 48.83 -13.07 5.42
CA ASP K 92 50.17 -13.28 5.99
C ASP K 92 50.43 -14.77 6.27
N ALA K 93 49.93 -15.58 5.36
CA ALA K 93 49.91 -17.04 5.49
C ALA K 93 51.21 -17.69 5.04
N VAL K 94 51.52 -18.82 5.68
CA VAL K 94 52.63 -19.68 5.26
C VAL K 94 52.01 -20.87 4.52
N LEU K 95 52.53 -21.15 3.32
CA LEU K 95 52.11 -22.32 2.53
C LEU K 95 53.17 -23.40 2.59
N VAL K 96 52.80 -24.56 3.11
CA VAL K 96 53.70 -25.72 3.22
C VAL K 96 53.09 -26.86 2.40
N GLY K 97 53.85 -27.31 1.41
CA GLY K 97 53.44 -28.45 0.55
C GLY K 97 54.38 -29.63 0.76
N PHE K 98 53.82 -30.83 0.71
CA PHE K 98 54.60 -32.09 0.75
C PHE K 98 54.30 -32.84 -0.53
N SER K 99 55.36 -33.22 -1.23
CA SER K 99 55.25 -34.03 -2.46
C SER K 99 54.29 -33.32 -3.47
N MET K 100 53.19 -33.97 -3.82
CA MET K 100 52.17 -33.36 -4.71
C MET K 100 51.83 -31.92 -4.33
N GLY K 101 51.70 -31.71 -3.02
CA GLY K 101 51.38 -30.39 -2.43
C GLY K 101 52.34 -29.28 -2.83
N THR K 102 53.58 -29.64 -3.12
CA THR K 102 54.57 -28.65 -3.55
C THR K 102 54.24 -28.06 -4.95
N GLY K 103 53.45 -28.81 -5.72
CA GLY K 103 52.93 -28.35 -7.02
C GLY K 103 51.92 -27.22 -6.87
N GLU K 104 51.03 -27.36 -5.89
CA GLU K 104 50.05 -26.30 -5.52
C GLU K 104 50.77 -25.01 -5.14
N VAL K 105 51.73 -25.14 -4.23
CA VAL K 105 52.49 -23.99 -3.70
C VAL K 105 53.10 -23.17 -4.86
N ALA K 106 53.82 -23.83 -5.77
CA ALA K 106 54.48 -23.18 -6.92
C ALA K 106 53.51 -22.51 -7.90
N ARG K 107 52.50 -23.30 -8.29
CA ARG K 107 51.49 -22.83 -9.25
C ARG K 107 50.61 -21.70 -8.70
N TYR K 108 50.22 -21.79 -7.43
CA TYR K 108 49.44 -20.70 -6.80
C TYR K 108 50.23 -19.37 -6.74
N VAL K 109 51.43 -19.46 -6.17
CA VAL K 109 52.36 -18.32 -6.05
C VAL K 109 52.56 -17.66 -7.41
N SER K 110 52.86 -18.52 -8.39
CA SER K 110 53.12 -18.12 -9.77
C SER K 110 51.95 -17.36 -10.42
N SER K 111 50.76 -17.96 -10.37
CA SER K 111 49.56 -17.40 -11.03
C SER K 111 48.87 -16.29 -10.23
N TYR K 112 48.65 -16.55 -8.95
CA TYR K 112 47.87 -15.65 -8.09
C TYR K 112 48.70 -14.64 -7.30
N GLY K 113 50.01 -14.83 -7.25
CA GLY K 113 50.89 -13.91 -6.55
C GLY K 113 50.89 -14.11 -5.04
N THR K 114 51.70 -13.30 -4.37
CA THR K 114 52.03 -13.51 -2.94
C THR K 114 51.43 -12.44 -1.98
N ALA K 115 50.29 -11.87 -2.34
CA ALA K 115 49.64 -10.83 -1.51
C ALA K 115 49.21 -11.32 -0.10
N ARG K 116 48.70 -12.53 -0.02
CA ARG K 116 48.27 -13.14 1.27
C ARG K 116 49.36 -13.97 1.96
N ILE K 117 50.48 -14.13 1.25
CA ILE K 117 51.52 -15.13 1.55
C ILE K 117 52.81 -14.51 2.13
N ALA K 118 53.18 -14.96 3.34
CA ALA K 118 54.41 -14.49 4.01
C ALA K 118 55.64 -15.33 3.67
N ALA K 119 55.48 -16.64 3.63
CA ALA K 119 56.56 -17.57 3.27
C ALA K 119 56.03 -18.88 2.75
N VAL K 120 56.92 -19.60 2.07
CA VAL K 120 56.59 -20.90 1.48
C VAL K 120 57.63 -21.95 1.88
N ALA K 121 57.21 -23.20 1.84
CA ALA K 121 58.08 -24.31 2.19
C ALA K 121 57.73 -25.44 1.26
N PHE K 122 58.77 -26.12 0.80
CA PHE K 122 58.67 -27.24 -0.13
C PHE K 122 59.35 -28.45 0.48
N LEU K 123 58.56 -29.49 0.74
CA LEU K 123 59.06 -30.72 1.37
C LEU K 123 58.87 -31.87 0.39
N ALA K 124 59.94 -32.62 0.12
CA ALA K 124 59.88 -33.75 -0.83
C ALA K 124 59.19 -33.30 -2.13
N SER K 125 59.81 -32.30 -2.75
CA SER K 125 59.30 -31.56 -3.94
C SER K 125 59.31 -32.31 -5.28
N LEU K 126 58.31 -32.00 -6.11
CA LEU K 126 58.21 -32.41 -7.53
C LEU K 126 59.16 -31.62 -8.41
N GLU K 127 59.34 -30.36 -8.02
CA GLU K 127 60.06 -29.34 -8.78
C GLU K 127 61.47 -29.78 -9.20
N PRO K 128 61.92 -29.30 -10.38
CA PRO K 128 61.26 -28.32 -11.24
C PRO K 128 60.41 -28.90 -12.39
N PHE K 129 60.70 -30.14 -12.77
CA PHE K 129 60.06 -30.81 -13.90
C PHE K 129 60.57 -32.25 -13.91
N LEU K 130 59.71 -33.16 -13.46
CA LEU K 130 60.06 -34.60 -13.38
C LEU K 130 60.23 -35.32 -14.71
N LEU K 131 59.63 -34.78 -15.76
CA LEU K 131 59.68 -35.47 -17.05
C LEU K 131 61.03 -35.32 -17.72
N LYS K 132 61.60 -36.46 -18.07
CA LYS K 132 62.91 -36.52 -18.71
C LYS K 132 62.75 -36.33 -20.19
N THR K 133 63.22 -35.20 -20.68
CA THR K 133 63.13 -34.92 -22.10
C THR K 133 64.49 -34.46 -22.63
N ASP K 134 64.48 -33.97 -23.87
CA ASP K 134 65.71 -33.50 -24.53
C ASP K 134 66.06 -32.18 -23.89
N ASP K 135 65.03 -31.36 -23.74
CA ASP K 135 65.19 -30.03 -23.16
C ASP K 135 65.22 -30.12 -21.62
N ASN K 136 64.73 -31.24 -21.09
CA ASN K 136 64.82 -31.53 -19.65
C ASN K 136 65.57 -32.85 -19.38
N PRO K 137 66.91 -32.75 -19.42
CA PRO K 137 67.89 -33.83 -19.19
C PRO K 137 67.93 -34.36 -17.75
N ASP K 138 67.69 -33.47 -16.79
CA ASP K 138 67.71 -33.77 -15.34
C ASP K 138 66.44 -34.42 -14.82
N GLY K 139 65.45 -34.46 -15.71
CA GLY K 139 64.21 -35.16 -15.48
C GLY K 139 64.49 -36.53 -14.89
N ALA K 140 63.61 -36.94 -13.99
CA ALA K 140 63.75 -38.20 -13.24
C ALA K 140 63.38 -39.46 -14.04
N ALA K 141 62.39 -39.35 -14.92
CA ALA K 141 61.96 -40.53 -15.72
C ALA K 141 61.33 -40.16 -17.07
N PRO K 142 61.33 -41.14 -18.00
CA PRO K 142 60.68 -40.91 -19.27
C PRO K 142 59.17 -41.08 -19.12
N GLN K 143 58.47 -40.50 -20.08
CA GLN K 143 56.99 -40.49 -20.14
C GLN K 143 56.36 -41.87 -19.97
N GLU K 144 57.02 -42.86 -20.57
CA GLU K 144 56.61 -44.28 -20.57
C GLU K 144 56.52 -44.86 -19.15
N PHE K 145 57.36 -44.30 -18.29
CA PHE K 145 57.43 -44.67 -16.88
C PHE K 145 56.17 -44.28 -16.09
N PHE K 146 55.66 -43.09 -16.37
CA PHE K 146 54.46 -42.55 -15.73
C PHE K 146 53.20 -43.22 -16.23
N ASP K 147 53.21 -43.44 -17.54
CA ASP K 147 52.17 -44.22 -18.25
C ASP K 147 51.98 -45.58 -17.56
N GLY K 148 53.10 -46.06 -17.04
CA GLY K 148 53.17 -47.35 -16.34
C GLY K 148 52.44 -47.37 -14.99
N ILE K 149 52.68 -46.32 -14.21
CA ILE K 149 52.04 -46.12 -12.91
C ILE K 149 50.52 -46.04 -13.07
N VAL K 150 50.08 -45.22 -14.04
CA VAL K 150 48.65 -45.06 -14.33
C VAL K 150 48.06 -46.47 -14.56
N ALA K 151 48.71 -47.21 -15.44
CA ALA K 151 48.27 -48.58 -15.80
C ALA K 151 48.20 -49.52 -14.60
N ALA K 152 49.15 -49.34 -13.70
CA ALA K 152 49.26 -50.15 -12.47
C ALA K 152 48.13 -49.82 -11.50
N VAL K 153 47.87 -48.54 -11.31
CA VAL K 153 46.77 -48.12 -10.42
C VAL K 153 45.42 -48.61 -10.95
N LYS K 154 45.20 -48.43 -12.26
CA LYS K 154 43.92 -48.89 -12.90
C LYS K 154 43.70 -50.40 -12.76
N ALA K 155 44.81 -51.14 -12.75
CA ALA K 155 44.78 -52.62 -12.66
C ALA K 155 44.29 -53.13 -11.28
N ASP K 156 44.80 -52.52 -10.23
CA ASP K 156 44.44 -52.84 -8.83
C ASP K 156 45.09 -51.78 -7.95
N ARG K 157 44.36 -50.72 -7.67
CA ARG K 157 44.90 -49.63 -6.85
C ARG K 157 45.23 -50.10 -5.43
N TYR K 158 44.42 -51.04 -4.94
CA TYR K 158 44.52 -51.56 -3.55
C TYR K 158 45.84 -52.27 -3.27
N ALA K 159 46.13 -53.20 -4.17
CA ALA K 159 47.41 -53.89 -4.24
C ALA K 159 48.55 -52.92 -4.52
N PHE K 160 48.26 -51.97 -5.43
CA PHE K 160 49.25 -50.94 -5.79
C PHE K 160 49.73 -50.14 -4.57
N TYR K 161 48.80 -49.75 -3.71
CA TYR K 161 49.14 -48.93 -2.52
C TYR K 161 50.19 -49.63 -1.68
N THR K 162 50.09 -50.95 -1.60
CA THR K 162 51.01 -51.76 -0.79
C THR K 162 52.49 -51.57 -1.21
N GLY K 163 52.78 -51.79 -2.49
CA GLY K 163 54.15 -51.64 -3.02
C GLY K 163 54.62 -50.18 -2.99
N PHE K 164 53.65 -49.28 -3.17
CA PHE K 164 53.90 -47.83 -3.15
C PHE K 164 54.39 -47.36 -1.77
N PHE K 165 53.74 -47.82 -0.71
CA PHE K 165 54.10 -47.40 0.68
C PHE K 165 55.41 -48.01 1.16
N ASN K 166 55.74 -49.12 0.54
CA ASN K 166 57.02 -49.76 0.68
C ASN K 166 58.22 -48.86 0.39
N ASP K 167 58.16 -48.26 -0.79
CA ASP K 167 59.19 -47.32 -1.27
C ASP K 167 58.96 -45.92 -0.74
N PHE K 168 57.69 -45.60 -0.52
CA PHE K 168 57.26 -44.33 0.06
C PHE K 168 57.94 -44.19 1.42
N TYR K 169 57.88 -45.26 2.21
CA TYR K 169 58.47 -45.27 3.55
C TYR K 169 59.85 -45.94 3.72
N ASN K 170 60.39 -46.54 2.66
CA ASN K 170 61.63 -47.35 2.78
C ASN K 170 61.39 -48.40 3.89
N LEU K 171 60.29 -49.13 3.77
CA LEU K 171 59.90 -50.06 4.84
C LEU K 171 60.96 -51.12 5.11
N ASP K 172 61.67 -51.53 4.07
CA ASP K 172 62.79 -52.47 4.24
C ASP K 172 63.84 -51.96 5.26
N GLU K 173 63.97 -50.63 5.36
CA GLU K 173 64.86 -49.99 6.38
C GLU K 173 64.11 -49.64 7.69
N ASN K 174 62.97 -48.97 7.53
CA ASN K 174 62.27 -48.23 8.61
C ASN K 174 61.17 -48.92 9.44
N LEU K 175 60.66 -50.04 8.93
CA LEU K 175 59.56 -50.78 9.61
C LEU K 175 60.05 -51.37 10.93
N GLY K 176 59.29 -51.10 11.99
CA GLY K 176 59.60 -51.57 13.35
C GLY K 176 60.63 -50.72 14.08
N THR K 177 60.99 -49.62 13.43
CA THR K 177 62.11 -48.74 13.81
C THR K 177 61.58 -47.29 13.87
N ARG K 178 61.55 -46.66 12.70
CA ARG K 178 60.96 -45.33 12.47
C ARG K 178 59.43 -45.36 12.31
N ILE K 179 58.94 -46.34 11.56
CA ILE K 179 57.49 -46.48 11.35
C ILE K 179 56.96 -47.84 11.81
N SER K 180 55.84 -47.80 12.52
CA SER K 180 55.15 -49.02 12.94
C SER K 180 54.29 -49.61 11.83
N GLU K 181 53.97 -50.88 11.98
CA GLU K 181 53.11 -51.61 11.05
C GLU K 181 51.69 -51.02 11.07
N GLU K 182 51.30 -50.55 12.24
CA GLU K 182 49.97 -49.92 12.45
C GLU K 182 49.87 -48.55 11.75
N ALA K 183 50.94 -47.76 11.86
CA ALA K 183 51.03 -46.46 11.15
C ALA K 183 50.90 -46.65 9.64
N VAL K 184 51.59 -47.66 9.12
CA VAL K 184 51.49 -48.03 7.69
C VAL K 184 50.07 -48.50 7.32
N ARG K 185 49.44 -49.22 8.23
CA ARG K 185 48.08 -49.73 8.01
C ARG K 185 47.10 -48.57 7.83
N ASN K 186 47.27 -47.56 8.68
CA ASN K 186 46.48 -46.33 8.64
C ASN K 186 46.60 -45.62 7.29
N SER K 187 47.85 -45.52 6.81
CA SER K 187 48.13 -44.92 5.49
C SER K 187 47.42 -45.63 4.34
N TRP K 188 47.46 -46.96 4.35
CA TRP K 188 46.80 -47.76 3.31
C TRP K 188 45.28 -47.52 3.36
N ASN K 189 44.73 -47.57 4.57
CA ASN K 189 43.30 -47.28 4.78
C ASN K 189 42.91 -45.91 4.22
N THR K 190 43.73 -44.89 4.49
CA THR K 190 43.49 -43.52 3.99
C THR K 190 43.45 -43.47 2.46
N ALA K 191 44.43 -44.14 1.86
CA ALA K 191 44.55 -44.22 0.39
C ALA K 191 43.36 -44.95 -0.25
N ALA K 192 43.03 -46.12 0.31
CA ALA K 192 41.89 -46.95 -0.15
C ALA K 192 40.56 -46.18 -0.12
N SER K 193 40.54 -45.18 0.76
CA SER K 193 39.37 -44.28 0.96
C SER K 193 39.24 -43.11 -0.04
N GLY K 194 40.33 -42.80 -0.74
CA GLY K 194 40.30 -41.80 -1.83
C GLY K 194 39.52 -42.35 -3.01
N GLY K 195 39.13 -41.46 -3.93
CA GLY K 195 38.33 -41.85 -5.09
C GLY K 195 39.10 -42.69 -6.11
N PHE K 196 38.43 -43.69 -6.68
CA PHE K 196 39.07 -44.56 -7.68
C PHE K 196 39.63 -43.76 -8.86
N PHE K 197 38.87 -42.76 -9.30
CA PHE K 197 39.22 -42.03 -10.51
C PHE K 197 40.44 -41.14 -10.23
N ALA K 198 40.41 -40.46 -9.09
CA ALA K 198 41.50 -39.56 -8.64
C ALA K 198 42.85 -40.28 -8.50
N ALA K 199 42.77 -41.53 -8.04
CA ALA K 199 43.95 -42.39 -7.84
C ALA K 199 44.74 -42.60 -9.13
N ALA K 200 44.01 -42.92 -10.19
CA ALA K 200 44.59 -43.16 -11.54
C ALA K 200 44.93 -41.86 -12.29
N ALA K 201 44.14 -40.81 -12.04
CA ALA K 201 44.34 -39.48 -12.65
C ALA K 201 45.50 -38.67 -12.04
N ALA K 202 45.76 -38.88 -10.75
CA ALA K 202 46.80 -38.12 -10.03
C ALA K 202 48.21 -38.22 -10.65
N PRO K 203 48.69 -39.44 -10.92
CA PRO K 203 50.03 -39.64 -11.48
C PRO K 203 50.30 -38.90 -12.81
N THR K 204 49.25 -38.58 -13.56
CA THR K 204 49.42 -37.78 -14.78
C THR K 204 49.79 -36.31 -14.46
N THR K 205 49.46 -35.82 -13.28
CA THR K 205 49.81 -34.44 -12.90
C THR K 205 51.26 -34.29 -12.42
N TRP K 206 51.91 -35.42 -12.08
CA TRP K 206 53.28 -35.42 -11.47
C TRP K 206 54.42 -34.85 -12.32
N TYR K 207 54.34 -35.00 -13.65
CA TYR K 207 55.35 -34.41 -14.57
C TYR K 207 54.92 -33.07 -15.18
N THR K 208 54.18 -32.31 -14.39
CA THR K 208 53.85 -30.92 -14.68
C THR K 208 55.15 -30.12 -14.67
N ASP K 209 55.32 -29.25 -15.65
CA ASP K 209 56.53 -28.44 -15.76
C ASP K 209 56.38 -27.17 -14.92
N PHE K 210 57.08 -27.14 -13.79
CA PHE K 210 57.01 -26.01 -12.86
C PHE K 210 58.16 -25.01 -13.06
N ARG K 211 58.87 -25.15 -14.17
CA ARG K 211 60.09 -24.36 -14.43
C ARG K 211 59.85 -22.84 -14.53
N ALA K 212 58.69 -22.45 -15.08
CA ALA K 212 58.31 -21.02 -15.24
C ALA K 212 57.60 -20.43 -13.99
N ASP K 213 57.25 -21.31 -13.07
CA ASP K 213 56.63 -20.92 -11.80
C ASP K 213 57.67 -20.42 -10.81
N ILE K 214 58.83 -21.07 -10.84
CA ILE K 214 59.93 -20.83 -9.87
C ILE K 214 60.46 -19.36 -9.77
N PRO K 215 60.63 -18.66 -10.91
CA PRO K 215 61.10 -17.25 -10.89
C PRO K 215 60.10 -16.28 -10.24
N ARG K 216 58.87 -16.75 -10.13
CA ARG K 216 57.73 -16.03 -9.51
C ARG K 216 57.75 -16.06 -7.99
N ILE K 217 58.51 -17.01 -7.45
CA ILE K 217 58.63 -17.15 -6.00
C ILE K 217 59.40 -15.96 -5.43
N ASP K 218 58.58 -15.22 -4.71
CA ASP K 218 58.71 -13.81 -4.29
C ASP K 218 59.21 -13.63 -2.86
N VAL K 219 58.74 -14.57 -2.07
CA VAL K 219 58.82 -14.57 -0.61
C VAL K 219 59.86 -15.57 -0.15
N PRO K 220 60.31 -15.48 1.13
CA PRO K 220 61.26 -16.46 1.65
C PRO K 220 60.75 -17.87 1.52
N ALA K 221 61.65 -18.74 1.09
CA ALA K 221 61.33 -20.15 0.84
C ALA K 221 62.28 -21.10 1.56
N LEU K 222 61.73 -22.26 1.89
CA LEU K 222 62.48 -23.38 2.44
C LEU K 222 62.31 -24.56 1.49
N ILE K 223 63.42 -25.22 1.16
CA ILE K 223 63.43 -26.49 0.39
C ILE K 223 64.01 -27.58 1.30
N LEU K 224 63.26 -28.66 1.44
CA LEU K 224 63.63 -29.74 2.34
C LEU K 224 63.38 -31.10 1.68
N HIS K 225 64.41 -31.94 1.67
CA HIS K 225 64.34 -33.24 1.01
C HIS K 225 65.11 -34.31 1.80
N GLY K 226 64.63 -35.54 1.71
CA GLY K 226 65.29 -36.70 2.32
C GLY K 226 66.28 -37.26 1.32
N THR K 227 67.51 -37.53 1.76
CA THR K 227 68.52 -38.01 0.80
C THR K 227 68.24 -39.48 0.37
N GLY K 228 67.54 -40.22 1.21
CA GLY K 228 67.10 -41.61 0.90
C GLY K 228 65.74 -41.73 0.19
N ASP K 229 65.33 -40.64 -0.46
CA ASP K 229 64.04 -40.58 -1.17
C ASP K 229 64.08 -41.45 -2.43
N ARG K 230 63.33 -42.55 -2.38
CA ARG K 230 63.17 -43.51 -3.51
C ARG K 230 62.05 -43.10 -4.46
N THR K 231 61.15 -42.27 -3.98
CA THR K 231 59.95 -41.87 -4.73
C THR K 231 60.29 -40.66 -5.62
N LEU K 232 60.88 -39.63 -5.01
CA LEU K 232 61.40 -38.43 -5.73
C LEU K 232 62.91 -38.26 -5.52
N PRO K 233 63.71 -38.88 -6.40
CA PRO K 233 65.16 -38.83 -6.32
C PRO K 233 65.65 -37.41 -6.06
N ILE K 234 66.33 -37.21 -4.95
CA ILE K 234 66.81 -35.86 -4.51
C ILE K 234 67.63 -35.14 -5.62
N GLU K 235 68.32 -35.93 -6.42
CA GLU K 235 69.16 -35.48 -7.55
C GLU K 235 68.43 -34.89 -8.78
N ASN K 236 67.18 -35.31 -8.99
CA ASN K 236 66.33 -34.84 -10.14
C ASN K 236 65.29 -33.81 -9.73
N THR K 237 65.24 -33.58 -8.43
CA THR K 237 64.24 -32.73 -7.79
C THR K 237 64.92 -31.63 -6.95
N ALA K 238 64.94 -31.82 -5.63
CA ALA K 238 65.46 -30.82 -4.67
C ALA K 238 66.77 -30.16 -5.09
N ARG K 239 67.72 -30.97 -5.55
CA ARG K 239 69.05 -30.45 -5.89
C ARG K 239 69.09 -29.53 -7.11
N VAL K 240 68.31 -29.86 -8.13
CA VAL K 240 68.24 -29.00 -9.33
C VAL K 240 67.28 -27.81 -9.08
N PHE K 241 66.31 -28.03 -8.20
CA PHE K 241 65.35 -27.00 -7.73
C PHE K 241 66.08 -25.85 -7.00
N HIS K 242 67.04 -26.20 -6.15
CA HIS K 242 67.80 -25.20 -5.39
C HIS K 242 68.72 -24.39 -6.28
N LYS K 243 69.17 -24.99 -7.38
CA LYS K 243 69.95 -24.27 -8.41
C LYS K 243 69.07 -23.19 -9.03
N ALA K 244 67.80 -23.54 -9.23
CA ALA K 244 66.80 -22.64 -9.86
C ALA K 244 66.32 -21.55 -8.90
N LEU K 245 66.45 -21.85 -7.61
CA LEU K 245 66.08 -20.95 -6.50
C LEU K 245 67.18 -21.00 -5.42
N PRO K 246 68.37 -20.39 -5.69
CA PRO K 246 69.57 -20.35 -4.83
C PRO K 246 69.29 -19.72 -3.48
N SER K 247 68.37 -18.77 -3.57
CA SER K 247 67.90 -17.96 -2.45
C SER K 247 67.19 -18.78 -1.37
N ALA K 248 66.54 -19.86 -1.81
CA ALA K 248 65.88 -20.77 -0.89
C ALA K 248 66.83 -21.28 0.18
N GLU K 249 66.29 -21.32 1.39
CA GLU K 249 66.93 -21.99 2.51
C GLU K 249 66.79 -23.47 2.19
N TYR K 250 67.85 -24.24 2.43
CA TYR K 250 67.91 -25.62 1.90
C TYR K 250 68.44 -26.63 2.90
N VAL K 251 67.63 -27.67 3.12
CA VAL K 251 67.88 -28.68 4.14
C VAL K 251 67.78 -30.09 3.57
N GLU K 252 68.88 -30.85 3.67
CA GLU K 252 68.88 -32.27 3.32
C GLU K 252 68.73 -33.10 4.58
N VAL K 253 67.77 -34.02 4.55
CA VAL K 253 67.57 -34.97 5.65
C VAL K 253 68.26 -36.30 5.27
N GLU K 254 69.34 -36.54 6.00
CA GLU K 254 70.26 -37.64 5.77
C GLU K 254 69.56 -38.98 5.90
N GLY K 255 69.46 -39.66 4.76
CA GLY K 255 68.88 -41.02 4.68
C GLY K 255 67.38 -41.11 4.95
N ALA K 256 66.72 -39.95 4.86
CA ALA K 256 65.28 -39.85 5.07
C ALA K 256 64.61 -40.31 3.80
N PRO K 257 63.49 -41.06 3.92
CA PRO K 257 62.74 -41.51 2.75
C PRO K 257 61.79 -40.41 2.24
N HIS K 258 60.90 -40.76 1.31
CA HIS K 258 59.87 -39.83 0.81
C HIS K 258 58.91 -39.43 1.94
N GLY K 259 58.51 -40.44 2.69
CA GLY K 259 57.55 -40.31 3.81
C GLY K 259 58.20 -39.84 5.09
N LEU K 260 59.04 -38.82 4.94
CA LEU K 260 59.88 -38.25 6.01
C LEU K 260 59.06 -37.50 7.10
N LEU K 261 57.80 -37.15 6.76
CA LEU K 261 56.89 -36.48 7.73
C LEU K 261 56.68 -37.29 9.00
N TRP K 262 56.59 -38.62 8.81
CA TRP K 262 56.43 -39.57 9.94
C TRP K 262 57.79 -40.10 10.45
N THR K 263 58.54 -40.75 9.57
CA THR K 263 59.85 -41.41 9.93
C THR K 263 60.88 -40.44 10.58
N HIS K 264 60.89 -39.21 10.09
CA HIS K 264 61.80 -38.14 10.53
C HIS K 264 61.07 -36.86 10.96
N ALA K 265 59.89 -37.06 11.54
CA ALA K 265 59.03 -35.93 11.99
C ALA K 265 59.86 -34.87 12.71
N GLU K 266 60.74 -35.34 13.57
CA GLU K 266 61.61 -34.49 14.37
C GLU K 266 62.64 -33.78 13.50
N GLU K 267 63.04 -34.46 12.44
CA GLU K 267 63.98 -33.91 11.46
C GLU K 267 63.36 -32.74 10.69
N VAL K 268 62.38 -33.06 9.87
CA VAL K 268 61.69 -32.04 9.08
C VAL K 268 60.99 -31.05 10.05
N ASN K 269 60.32 -31.60 11.06
CA ASN K 269 59.63 -30.80 12.07
C ASN K 269 60.56 -29.78 12.70
N THR K 270 61.77 -30.24 13.01
CA THR K 270 62.78 -29.36 13.62
C THR K 270 63.21 -28.27 12.63
N ALA K 271 63.58 -28.70 11.43
CA ALA K 271 64.01 -27.77 10.38
C ALA K 271 62.83 -26.94 9.93
N LEU K 272 61.67 -27.13 10.57
CA LEU K 272 60.47 -26.40 10.24
C LEU K 272 60.08 -25.43 11.37
N LEU K 273 60.02 -25.96 12.58
CA LEU K 273 59.72 -25.13 13.75
C LEU K 273 60.60 -23.91 13.78
N ALA K 274 61.88 -24.12 13.58
CA ALA K 274 62.85 -23.00 13.51
C ALA K 274 62.43 -22.07 12.38
N PHE K 275 61.48 -22.52 11.56
CA PHE K 275 60.94 -21.70 10.48
C PHE K 275 59.60 -21.07 10.83
N LEU K 276 58.69 -21.88 11.33
CA LEU K 276 57.36 -21.39 11.75
C LEU K 276 57.44 -20.47 12.96
N ALA K 277 58.27 -20.85 13.90
CA ALA K 277 58.50 -20.04 15.09
C ALA K 277 59.08 -18.68 14.71
N LYS K 278 60.03 -18.71 13.80
CA LYS K 278 60.67 -17.47 13.31
C LYS K 278 59.61 -16.59 12.64
N ALA K 279 58.76 -17.20 11.83
CA ALA K 279 57.68 -16.50 11.13
C ALA K 279 56.74 -15.84 12.14
N GLN K 280 56.43 -16.58 13.19
CA GLN K 280 55.55 -16.08 14.26
C GLN K 280 56.18 -14.89 14.95
N GLU K 281 57.47 -14.99 15.21
CA GLU K 281 58.22 -13.89 15.85
C GLU K 281 58.32 -12.69 14.91
N ALA K 282 58.58 -12.97 13.63
CA ALA K 282 58.65 -11.93 12.60
C ALA K 282 57.28 -11.24 12.46
N GLN K 283 56.23 -12.05 12.48
CA GLN K 283 54.87 -11.54 12.37
C GLN K 283 54.53 -10.63 13.56
N LYS K 284 54.97 -11.04 14.74
CA LYS K 284 54.78 -10.25 15.96
C LYS K 284 55.52 -8.91 15.88
N GLN K 285 56.73 -8.99 15.33
CA GLN K 285 57.56 -7.80 15.14
C GLN K 285 56.83 -6.79 14.25
N LYS K 286 56.25 -7.29 13.17
CA LYS K 286 55.47 -6.44 12.25
C LYS K 286 54.17 -6.00 12.89
N LEU K 287 53.41 -6.96 13.39
CA LEU K 287 52.14 -6.68 14.07
C LEU K 287 52.39 -5.80 15.30
N LEU K 288 53.53 -6.02 15.96
CA LEU K 288 53.90 -5.24 17.13
C LEU K 288 54.09 -3.78 16.78
N THR K 289 54.84 -3.52 15.71
CA THR K 289 55.07 -2.15 15.23
C THR K 289 53.75 -1.56 14.75
N GLU K 290 52.86 -2.41 14.27
CA GLU K 290 51.56 -1.99 13.78
C GLU K 290 50.70 -1.44 14.90
N VAL K 291 50.74 -2.09 16.06
CA VAL K 291 50.02 -1.63 17.25
C VAL K 291 50.66 -0.36 17.83
N GLU K 292 51.98 -0.40 18.01
CA GLU K 292 52.76 0.75 18.52
C GLU K 292 52.54 2.03 17.70
N THR K 293 52.53 1.93 16.37
CA THR K 293 52.35 3.10 15.51
C THR K 293 50.95 3.70 15.71
N TYR K 294 49.94 2.85 15.78
CA TYR K 294 48.57 3.29 16.04
C TYR K 294 48.47 3.95 17.41
N VAL K 295 49.06 3.29 18.40
CA VAL K 295 49.03 3.77 19.78
C VAL K 295 49.73 5.14 19.91
N LEU K 296 50.89 5.25 19.27
CA LEU K 296 51.67 6.50 19.31
C LEU K 296 51.00 7.67 18.58
N SER K 297 50.20 7.36 17.57
CA SER K 297 49.52 8.39 16.75
C SER K 297 48.60 9.29 17.58
N ILE K 298 48.22 8.81 18.75
CA ILE K 298 47.33 9.49 19.69
C ILE K 298 48.04 10.47 20.63
N ILE K 299 49.32 10.23 20.84
CA ILE K 299 50.11 10.97 21.82
C ILE K 299 50.75 12.22 21.20
N PRO K 300 50.65 13.37 21.90
CA PRO K 300 51.29 14.56 21.34
C PRO K 300 52.80 14.41 21.32
N SER K 301 53.41 14.97 20.29
CA SER K 301 54.86 14.87 20.12
C SER K 301 55.60 15.57 21.27
N GLY K 302 56.68 14.96 21.71
CA GLY K 302 57.47 15.48 22.83
C GLY K 302 58.26 14.40 23.54
N PRO K 303 58.93 14.75 24.66
CA PRO K 303 59.75 13.81 25.45
C PRO K 303 58.96 12.70 26.11
N LEU K 304 57.72 13.00 26.50
CA LEU K 304 56.82 12.01 27.09
C LEU K 304 56.51 10.92 26.07
N LYS K 305 56.21 11.34 24.85
CA LYS K 305 55.95 10.43 23.73
C LYS K 305 57.15 9.51 23.50
N ALA K 306 58.33 10.05 23.76
CA ALA K 306 59.58 9.27 23.66
C ALA K 306 59.64 8.18 24.73
N GLU K 307 59.35 8.56 25.97
CA GLU K 307 59.35 7.61 27.10
C GLU K 307 58.36 6.47 26.87
N ILE K 308 57.15 6.84 26.47
CA ILE K 308 56.06 5.88 26.23
C ILE K 308 56.47 4.87 25.16
N ALA K 309 56.96 5.39 24.04
CA ALA K 309 57.41 4.55 22.91
C ALA K 309 58.44 3.53 23.39
N GLN K 310 59.38 4.03 24.17
CA GLN K 310 60.46 3.17 24.72
C GLN K 310 59.88 2.07 25.60
N ARG K 311 58.91 2.44 26.43
CA ARG K 311 58.24 1.50 27.34
C ARG K 311 57.47 0.45 26.56
N LEU K 312 56.75 0.90 25.54
CA LEU K 312 56.00 0.00 24.65
C LEU K 312 56.96 -1.04 24.06
N GLU K 313 58.02 -0.52 23.44
CA GLU K 313 59.04 -1.37 22.82
C GLU K 313 59.65 -2.39 23.78
N ASP K 314 59.94 -1.95 25.00
CA ASP K 314 60.50 -2.82 26.05
C ASP K 314 59.55 -3.91 26.50
N VAL K 315 58.28 -3.56 26.68
CA VAL K 315 57.25 -4.51 27.07
C VAL K 315 57.04 -5.50 25.91
N PHE K 316 57.02 -4.98 24.70
CA PHE K 316 56.83 -5.78 23.48
C PHE K 316 57.97 -6.76 23.25
N ALA K 317 59.18 -6.32 23.59
CA ALA K 317 60.39 -7.14 23.49
C ALA K 317 60.53 -8.10 24.69
N GLY K 318 59.57 -8.02 25.60
CA GLY K 318 59.49 -8.92 26.74
C GLY K 318 60.33 -8.51 27.94
N LYS K 319 60.97 -7.35 27.86
CA LYS K 319 61.94 -6.88 28.87
C LYS K 319 61.24 -6.20 30.05
N ASN K 320 60.41 -5.20 29.76
CA ASN K 320 59.65 -4.50 30.82
C ASN K 320 58.55 -5.39 31.35
N THR K 321 58.33 -5.34 32.66
CA THR K 321 57.30 -6.21 33.21
C THR K 321 56.61 -5.86 34.53
N ASP K 322 57.09 -4.96 35.41
CA ASP K 322 56.30 -4.60 36.62
C ASP K 322 55.12 -3.70 36.30
N LEU K 323 54.00 -4.33 36.03
CA LEU K 323 52.77 -3.64 35.62
C LEU K 323 52.34 -2.58 36.64
N GLU K 324 52.44 -2.91 37.94
CA GLU K 324 52.04 -1.97 39.01
C GLU K 324 52.83 -0.66 38.92
N VAL K 325 54.13 -0.78 38.63
CA VAL K 325 55.02 0.39 38.50
C VAL K 325 54.67 1.17 37.23
N LEU K 326 54.46 0.43 36.16
CA LEU K 326 54.07 0.99 34.85
C LEU K 326 52.77 1.82 34.94
N MET K 327 51.76 1.21 35.54
CA MET K 327 50.42 1.84 35.66
C MET K 327 50.43 3.10 36.53
N GLU K 328 51.23 3.07 37.59
CA GLU K 328 51.37 4.24 38.47
C GLU K 328 52.05 5.41 37.73
N TRP K 329 53.07 5.07 36.96
CA TRP K 329 53.79 6.05 36.13
C TRP K 329 52.81 6.72 35.18
N LEU K 330 52.09 5.89 34.42
CA LEU K 330 51.05 6.37 33.49
C LEU K 330 50.05 7.28 34.17
N LYS K 331 49.52 6.79 35.27
CA LYS K 331 48.53 7.50 36.08
C LYS K 331 49.00 8.92 36.44
N THR K 332 50.26 9.03 36.84
CA THR K 332 50.82 10.30 37.31
C THR K 332 51.44 11.21 36.23
N ARG K 333 51.31 10.82 34.96
CA ARG K 333 51.85 11.63 33.85
C ARG K 333 51.07 12.93 33.64
N PRO K 334 51.76 14.07 33.67
CA PRO K 334 51.05 15.29 33.32
C PRO K 334 50.83 15.35 31.81
N ILE K 335 50.05 16.34 31.38
CA ILE K 335 49.71 16.59 29.95
C ILE K 335 48.88 15.50 29.24
N LEU K 336 49.16 14.23 29.54
CA LEU K 336 48.43 13.12 28.92
C LEU K 336 46.94 13.18 29.24
N SER K 337 46.15 13.08 28.19
CA SER K 337 44.70 13.03 28.29
C SER K 337 44.29 11.81 29.10
N PRO K 338 43.26 11.92 29.93
CA PRO K 338 42.81 10.74 30.68
C PRO K 338 42.44 9.57 29.77
N LEU K 339 41.87 9.89 28.62
CA LEU K 339 41.44 8.90 27.64
C LEU K 339 42.67 8.18 27.06
N THR K 340 43.71 8.96 26.76
CA THR K 340 44.94 8.41 26.19
C THR K 340 45.61 7.54 27.27
N LYS K 341 45.50 7.96 28.53
CA LYS K 341 46.03 7.19 29.68
C LYS K 341 45.32 5.85 29.83
N GLY K 342 44.02 5.87 29.57
CA GLY K 342 43.19 4.66 29.65
C GLY K 342 43.57 3.65 28.57
N ILE K 343 43.75 4.17 27.35
CA ILE K 343 44.13 3.36 26.18
C ILE K 343 45.49 2.70 26.41
N LEU K 344 46.45 3.49 26.87
CA LEU K 344 47.79 2.98 27.19
C LEU K 344 47.75 2.00 28.35
N GLY K 345 46.93 2.34 29.34
CA GLY K 345 46.71 1.50 30.51
C GLY K 345 46.23 0.12 30.07
N PHE K 346 45.23 0.15 29.21
CA PHE K 346 44.64 -1.05 28.61
C PHE K 346 45.68 -1.85 27.82
N VAL K 347 46.43 -1.17 26.98
CA VAL K 347 47.46 -1.82 26.13
C VAL K 347 48.53 -2.52 26.96
N PHE K 348 49.05 -1.80 27.97
CA PHE K 348 50.08 -2.34 28.86
C PHE K 348 49.65 -3.58 29.63
N THR K 349 48.42 -3.60 30.12
CA THR K 349 47.93 -4.77 30.89
C THR K 349 47.76 -5.98 29.96
N LEU K 350 47.44 -5.68 28.71
CA LEU K 350 47.22 -6.70 27.67
C LEU K 350 48.53 -7.32 27.18
N THR K 351 49.55 -6.49 27.05
CA THR K 351 50.84 -6.92 26.50
C THR K 351 51.85 -7.39 27.55
N VAL K 352 51.80 -6.80 28.74
CA VAL K 352 52.71 -7.16 29.82
C VAL K 352 52.57 -8.68 30.06
N PRO K 353 53.66 -9.43 30.20
CA PRO K 353 53.39 -10.85 30.43
C PRO K 353 52.83 -11.07 31.83
N SER K 354 53.50 -10.44 32.78
CA SER K 354 53.17 -10.61 34.19
C SER K 354 52.20 -9.53 34.68
N GLU K 355 50.90 -9.81 34.58
CA GLU K 355 49.90 -8.95 35.24
C GLU K 355 49.92 -9.20 36.75
N ARG K 356 50.37 -10.41 37.09
CA ARG K 356 50.49 -10.84 38.48
C ARG K 356 49.07 -10.94 39.07
N GLY K 357 48.88 -10.28 40.19
CA GLY K 357 47.55 -10.25 40.85
C GLY K 357 47.03 -8.83 41.02
N LEU K 358 47.38 -7.96 40.07
CA LEU K 358 47.02 -6.54 40.15
C LEU K 358 45.57 -6.35 39.78
N GLN K 359 44.84 -5.68 40.64
CA GLN K 359 43.43 -5.38 40.36
C GLN K 359 43.38 -4.40 39.20
N ARG K 360 42.28 -4.41 38.45
CA ARG K 360 42.11 -3.45 37.37
C ARG K 360 42.12 -2.03 37.96
N ARG K 361 42.58 -1.06 37.18
CA ARG K 361 42.77 0.32 37.67
C ARG K 361 41.56 1.25 37.46
N ARG K 362 41.20 1.96 38.52
CA ARG K 362 40.12 2.96 38.49
C ARG K 362 40.35 4.02 37.41
N PHE K 363 41.59 4.49 37.25
CA PHE K 363 41.86 5.57 36.28
C PHE K 363 41.57 5.13 34.84
N VAL K 364 41.82 3.87 34.57
CA VAL K 364 41.54 3.27 33.26
C VAL K 364 40.03 3.06 33.10
N GLN K 365 39.43 2.50 34.14
CA GLN K 365 37.99 2.24 34.15
C GLN K 365 37.21 3.53 33.88
N ASN K 366 37.59 4.59 34.57
CA ASN K 366 36.94 5.90 34.39
C ASN K 366 37.13 6.45 32.97
N ALA K 367 38.31 6.23 32.43
CA ALA K 367 38.67 6.70 31.08
C ALA K 367 37.93 5.98 29.95
N LEU K 368 37.69 4.69 30.13
CA LEU K 368 37.08 3.85 29.07
C LEU K 368 35.55 3.66 29.16
N ASN K 369 35.03 3.72 30.36
CA ASN K 369 33.59 3.39 30.59
C ASN K 369 32.54 4.10 29.68
N GLY K 370 32.76 5.40 29.47
CA GLY K 370 32.05 6.24 28.48
C GLY K 370 30.97 7.25 28.88
N ASN K 371 31.01 7.67 30.16
CA ASN K 371 30.02 8.60 30.78
C ASN K 371 28.67 7.99 31.21
N GLY K 372 28.52 6.72 30.89
CA GLY K 372 27.30 5.96 31.19
C GLY K 372 26.07 6.19 30.33
N ASP K 373 26.29 6.59 29.08
CA ASP K 373 25.18 6.80 28.13
C ASP K 373 24.74 5.45 27.56
N PRO K 374 23.48 5.05 27.81
CA PRO K 374 23.02 3.72 27.36
C PRO K 374 23.10 3.48 25.85
N ASN K 375 22.93 4.54 25.06
CA ASN K 375 23.04 4.42 23.59
C ASN K 375 24.45 4.04 23.17
N ASN K 376 25.39 4.67 23.81
CA ASN K 376 26.78 4.41 23.59
C ASN K 376 27.16 2.96 23.97
N MET K 377 26.70 2.60 25.16
CA MET K 377 26.87 1.25 25.70
C MET K 377 26.22 0.18 24.83
N ASP K 378 25.06 0.51 24.29
CA ASP K 378 24.32 -0.37 23.38
C ASP K 378 25.17 -0.70 22.17
N LYS K 379 25.76 0.33 21.57
CA LYS K 379 26.61 0.14 20.37
C LYS K 379 27.89 -0.64 20.70
N ALA K 380 28.44 -0.40 21.88
CA ALA K 380 29.65 -1.10 22.34
C ALA K 380 29.39 -2.59 22.48
N VAL K 381 28.19 -2.92 22.95
CA VAL K 381 27.75 -4.32 23.14
C VAL K 381 27.53 -4.98 21.77
N LYS K 382 26.99 -4.22 20.84
CA LYS K 382 26.79 -4.70 19.47
C LYS K 382 28.13 -5.00 18.80
N LEU K 383 29.07 -4.08 18.97
CA LEU K 383 30.43 -4.28 18.43
C LEU K 383 31.05 -5.53 19.05
N TYR K 384 30.98 -5.63 20.37
CA TYR K 384 31.52 -6.79 21.12
C TYR K 384 30.98 -8.11 20.57
N ARG K 385 29.68 -8.14 20.28
CA ARG K 385 29.05 -9.34 19.70
C ARG K 385 29.77 -9.75 18.42
N LYS K 386 30.04 -8.77 17.57
CA LYS K 386 30.74 -8.99 16.30
C LYS K 386 32.21 -9.39 16.50
N LEU K 387 32.89 -8.70 17.41
CA LEU K 387 34.32 -8.98 17.72
C LEU K 387 34.53 -10.41 18.25
N LYS K 388 33.52 -10.92 18.93
CA LYS K 388 33.54 -12.28 19.47
C LYS K 388 33.69 -13.34 18.39
N ARG K 389 33.26 -12.98 17.19
CA ARG K 389 33.32 -13.87 16.02
C ARG K 389 34.60 -13.68 15.20
N GLU K 390 35.35 -12.63 15.50
CA GLU K 390 36.59 -12.33 14.79
C GLU K 390 37.73 -13.14 15.40
N ILE K 391 38.70 -13.48 14.55
CA ILE K 391 39.93 -14.16 15.01
C ILE K 391 41.21 -13.46 14.53
N THR K 392 41.06 -12.47 13.66
CA THR K 392 42.22 -11.75 13.12
C THR K 392 42.24 -10.28 13.52
N PHE K 393 43.45 -9.72 13.53
CA PHE K 393 43.68 -8.30 13.85
C PHE K 393 42.96 -7.39 12.86
N HIS K 394 43.12 -7.70 11.59
CA HIS K 394 42.51 -6.90 10.53
C HIS K 394 41.00 -6.95 10.49
N GLY K 395 40.43 -8.15 10.64
CA GLY K 395 38.98 -8.31 10.63
C GLY K 395 38.38 -7.54 11.80
N ALA K 396 39.03 -7.67 12.94
CA ALA K 396 38.64 -6.96 14.16
C ALA K 396 38.71 -5.45 13.97
N LYS K 397 39.86 -4.99 13.48
CA LYS K 397 40.08 -3.55 13.25
C LYS K 397 39.07 -2.99 12.26
N GLU K 398 38.79 -3.75 11.22
CA GLU K 398 37.85 -3.31 10.17
C GLU K 398 36.43 -3.09 10.65
N ILE K 399 35.87 -4.06 11.38
CA ILE K 399 34.49 -3.90 11.89
C ILE K 399 34.42 -2.79 12.93
N SER K 400 35.50 -2.64 13.70
CA SER K 400 35.57 -1.61 14.74
C SER K 400 35.45 -0.21 14.14
N LEU K 401 36.06 -0.02 12.98
CA LEU K 401 36.05 1.28 12.29
C LEU K 401 34.65 1.75 11.84
N SER K 402 33.67 0.86 11.87
CA SER K 402 32.28 1.23 11.56
C SER K 402 31.52 1.76 12.79
N TYR K 403 32.24 1.88 13.90
CA TYR K 403 31.68 2.41 15.15
C TYR K 403 32.32 3.73 15.56
N SER K 404 31.56 4.53 16.29
CA SER K 404 32.05 5.82 16.76
C SER K 404 33.11 5.64 17.85
N ALA K 405 33.96 6.65 18.00
CA ALA K 405 35.03 6.65 19.00
C ALA K 405 34.49 6.42 20.42
N GLY K 406 33.31 6.96 20.68
CA GLY K 406 32.67 6.82 22.01
C GLY K 406 32.29 5.37 22.29
N ALA K 407 31.71 4.73 21.27
CA ALA K 407 31.25 3.34 21.37
C ALA K 407 32.45 2.40 21.45
N LEU K 408 33.50 2.78 20.74
CA LEU K 408 34.76 2.01 20.72
C LEU K 408 35.45 2.02 22.07
N ALA K 409 35.53 3.19 22.69
CA ALA K 409 36.16 3.33 24.02
C ALA K 409 35.39 2.54 25.07
N SER K 410 34.07 2.65 25.01
CA SER K 410 33.19 1.86 25.89
C SER K 410 33.35 0.34 25.69
N CYS K 411 33.52 -0.06 24.44
CA CYS K 411 33.75 -1.47 24.13
C CYS K 411 35.06 -1.93 24.76
N MET K 412 36.09 -1.09 24.67
CA MET K 412 37.39 -1.39 25.29
C MET K 412 37.23 -1.55 26.80
N GLY K 413 36.38 -0.72 27.36
CA GLY K 413 36.07 -0.77 28.80
C GLY K 413 35.39 -2.09 29.18
N LEU K 414 34.47 -2.54 28.34
CA LEU K 414 33.77 -3.82 28.56
C LEU K 414 34.76 -4.95 28.71
N ILE K 415 35.73 -4.96 27.81
CA ILE K 415 36.77 -6.01 27.79
C ILE K 415 37.69 -5.82 28.98
N TYR K 416 38.12 -4.59 29.20
CA TYR K 416 39.01 -4.27 30.33
C TYR K 416 38.39 -4.71 31.65
N ASN K 417 37.09 -4.51 31.78
CA ASN K 417 36.35 -4.86 33.02
C ASN K 417 35.96 -6.33 33.13
N ARG K 418 36.37 -7.10 32.13
CA ARG K 418 36.07 -8.55 32.05
C ARG K 418 34.58 -8.83 31.92
N MET K 419 33.85 -7.86 31.40
CA MET K 419 32.41 -8.03 31.18
C MET K 419 32.17 -8.81 29.89
N GLY K 420 33.17 -8.78 29.03
CA GLY K 420 33.20 -9.59 27.82
C GLY K 420 34.64 -10.01 27.59
N ALA K 421 34.84 -10.98 26.72
CA ALA K 421 36.19 -11.50 26.48
C ALA K 421 36.47 -11.75 25.01
N VAL K 422 37.70 -11.46 24.62
CA VAL K 422 38.13 -11.57 23.24
C VAL K 422 39.60 -11.95 23.16
N THR K 423 40.03 -12.47 22.02
CA THR K 423 41.43 -12.86 21.82
C THR K 423 42.32 -11.62 21.74
N THR K 424 43.58 -11.77 22.12
CA THR K 424 44.53 -10.64 22.17
C THR K 424 44.65 -9.88 20.86
N GLU K 425 44.69 -10.63 19.76
CA GLU K 425 44.89 -10.05 18.43
C GLU K 425 43.67 -9.22 18.00
N VAL K 426 42.49 -9.69 18.39
CA VAL K 426 41.22 -8.98 18.14
C VAL K 426 41.16 -7.73 19.02
N ALA K 427 41.60 -7.89 20.27
CA ALA K 427 41.68 -6.76 21.22
C ALA K 427 42.60 -5.67 20.66
N PHE K 428 43.70 -6.11 20.06
CA PHE K 428 44.66 -5.20 19.39
C PHE K 428 43.99 -4.41 18.28
N GLY K 429 43.22 -5.12 17.46
CA GLY K 429 42.46 -4.51 16.36
C GLY K 429 41.49 -3.45 16.84
N LEU K 430 40.80 -3.77 17.93
CA LEU K 430 39.85 -2.84 18.57
C LEU K 430 40.57 -1.57 19.01
N VAL K 431 41.65 -1.75 19.75
CA VAL K 431 42.45 -0.64 20.26
C VAL K 431 42.93 0.28 19.15
N CYS K 432 43.39 -0.34 18.07
CA CYS K 432 43.98 0.37 16.94
C CYS K 432 42.93 1.13 16.15
N ALA K 433 41.75 0.56 16.06
CA ALA K 433 40.63 1.25 15.41
C ALA K 433 40.28 2.50 16.22
N THR K 434 40.19 2.34 17.53
CA THR K 434 39.85 3.48 18.44
C THR K 434 40.96 4.55 18.39
N CYS K 435 42.23 4.13 18.38
CA CYS K 435 43.35 5.08 18.23
C CYS K 435 43.26 5.84 16.90
N GLU K 436 42.99 5.10 15.84
CA GLU K 436 42.88 5.69 14.51
C GLU K 436 41.78 6.75 14.50
N GLN K 437 40.62 6.39 15.02
CA GLN K 437 39.46 7.29 15.05
C GLN K 437 39.79 8.59 15.81
N ILE K 438 40.37 8.42 16.98
CA ILE K 438 40.75 9.56 17.86
C ILE K 438 41.78 10.46 17.17
N ALA K 439 42.84 9.83 16.68
CA ALA K 439 43.93 10.55 16.00
C ALA K 439 43.37 11.33 14.81
N ASP K 440 42.52 10.64 14.06
CA ASP K 440 41.89 11.21 12.86
C ASP K 440 40.99 12.41 13.17
N SER K 441 40.47 12.47 14.39
CA SER K 441 39.62 13.59 14.84
C SER K 441 40.46 14.83 15.17
N GLN K 442 41.73 14.60 15.50
CA GLN K 442 42.68 15.68 15.82
C GLN K 442 43.24 16.30 14.54
N PRO L 2 27.19 -37.02 -1.21
CA PRO L 2 25.85 -36.53 -1.51
C PRO L 2 24.74 -37.42 -0.93
N PHE L 3 23.63 -36.79 -0.52
CA PHE L 3 22.48 -37.51 0.06
C PHE L 3 21.13 -37.18 -0.54
N ILE L 4 20.30 -38.21 -0.54
CA ILE L 4 18.86 -38.08 -0.84
C ILE L 4 18.12 -38.62 0.40
N THR L 5 17.21 -37.80 0.91
CA THR L 5 16.35 -38.16 2.06
C THR L 5 15.16 -38.99 1.58
N VAL L 6 14.97 -40.15 2.19
CA VAL L 6 13.92 -41.07 1.74
C VAL L 6 12.82 -41.26 2.79
N GLY L 7 13.07 -40.77 4.00
CA GLY L 7 12.09 -40.88 5.07
C GLY L 7 12.55 -40.37 6.41
N GLN L 8 11.83 -40.79 7.44
CA GLN L 8 12.06 -40.33 8.79
C GLN L 8 12.03 -41.51 9.76
N GLU L 9 12.97 -41.51 10.69
CA GLU L 9 13.01 -42.47 11.80
C GLU L 9 13.12 -41.70 13.10
N ASN L 10 12.06 -41.73 13.91
CA ASN L 10 11.99 -40.97 15.17
C ASN L 10 12.36 -39.49 14.95
N SER L 11 13.38 -38.99 15.64
CA SER L 11 13.81 -37.58 15.49
C SER L 11 14.73 -37.32 14.28
N THR L 12 15.17 -38.39 13.63
CA THR L 12 16.17 -38.32 12.56
C THR L 12 15.61 -38.64 11.17
N SER L 13 16.13 -38.01 10.12
CA SER L 13 15.73 -38.41 8.78
C SER L 13 16.57 -39.58 8.30
N ILE L 14 16.05 -40.25 7.28
CA ILE L 14 16.72 -41.38 6.64
C ILE L 14 17.28 -40.89 5.31
N ASP L 15 18.61 -40.83 5.22
CA ASP L 15 19.30 -40.30 4.02
C ASP L 15 20.10 -41.38 3.31
N LEU L 16 19.98 -41.41 2.00
CA LEU L 16 20.79 -42.33 1.18
C LEU L 16 22.00 -41.61 0.59
N TYR L 17 23.17 -42.20 0.79
CA TYR L 17 24.39 -41.73 0.17
C TYR L 17 24.35 -42.08 -1.32
N TYR L 18 24.61 -41.10 -2.19
CA TYR L 18 24.67 -41.39 -3.64
C TYR L 18 25.78 -40.61 -4.36
N GLU L 19 26.14 -41.10 -5.54
CA GLU L 19 27.08 -40.41 -6.43
C GLU L 19 26.51 -40.33 -7.84
N ASP L 20 27.02 -39.36 -8.59
CA ASP L 20 26.45 -38.96 -9.88
C ASP L 20 27.59 -38.52 -10.78
N HIS L 21 28.05 -39.44 -11.63
CA HIS L 21 29.23 -39.21 -12.47
C HIS L 21 28.99 -39.36 -13.97
N GLY L 22 29.76 -38.61 -14.74
CA GLY L 22 29.72 -38.68 -16.19
C GLY L 22 28.53 -38.00 -16.84
N THR L 23 28.46 -38.14 -18.15
CA THR L 23 27.40 -37.51 -18.92
C THR L 23 26.95 -38.50 -19.97
N GLY L 24 25.70 -38.41 -20.35
CA GLY L 24 25.12 -39.30 -21.34
C GLY L 24 23.98 -40.06 -20.72
N THR L 25 23.64 -41.19 -21.33
CA THR L 25 22.52 -42.00 -20.87
C THR L 25 22.79 -42.47 -19.44
N PRO L 26 21.81 -42.25 -18.54
CA PRO L 26 21.93 -42.60 -17.13
C PRO L 26 21.84 -44.10 -16.87
N VAL L 27 22.82 -44.60 -16.13
CA VAL L 27 22.88 -46.01 -15.76
C VAL L 27 22.96 -46.06 -14.24
N VAL L 28 21.97 -46.71 -13.64
CA VAL L 28 21.83 -46.79 -12.18
C VAL L 28 22.25 -48.16 -11.68
N LEU L 29 23.30 -48.16 -10.85
CA LEU L 29 23.90 -49.39 -10.30
C LEU L 29 23.45 -49.59 -8.83
N ILE L 30 22.90 -50.76 -8.57
CA ILE L 30 22.32 -51.11 -7.25
C ILE L 30 23.11 -52.28 -6.66
N HIS L 31 23.84 -51.99 -5.59
CA HIS L 31 24.83 -52.92 -5.02
C HIS L 31 24.23 -54.11 -4.29
N GLY L 32 25.10 -55.05 -3.96
CA GLY L 32 24.75 -56.25 -3.18
C GLY L 32 25.20 -56.23 -1.73
N PHE L 33 24.75 -57.24 -0.98
CA PHE L 33 25.06 -57.40 0.45
C PHE L 33 26.45 -58.04 0.63
N PRO L 34 27.24 -57.53 1.60
CA PRO L 34 26.98 -56.42 2.52
C PRO L 34 27.76 -55.17 2.12
N LEU L 35 27.85 -54.94 0.82
CA LEU L 35 28.70 -53.89 0.23
C LEU L 35 27.95 -52.61 -0.07
N SER L 36 28.63 -51.69 -0.77
CA SER L 36 28.10 -50.37 -1.07
C SER L 36 28.22 -49.99 -2.56
N GLY L 37 27.79 -48.77 -2.91
CA GLY L 37 27.86 -48.27 -4.30
C GLY L 37 29.27 -48.34 -4.86
N HIS L 38 30.26 -48.23 -3.97
CA HIS L 38 31.69 -48.24 -4.35
C HIS L 38 32.22 -49.59 -4.89
N SER L 39 31.49 -50.66 -4.61
CA SER L 39 31.79 -52.02 -5.09
C SER L 39 31.68 -52.16 -6.62
N TRP L 40 31.00 -51.20 -7.24
CA TRP L 40 30.85 -51.13 -8.70
C TRP L 40 32.01 -50.45 -9.44
N GLU L 41 33.07 -50.08 -8.71
CA GLU L 41 34.16 -49.22 -9.24
C GLU L 41 34.79 -49.69 -10.56
N ARG L 42 34.91 -51.01 -10.73
CA ARG L 42 35.47 -51.57 -11.98
C ARG L 42 34.50 -51.40 -13.15
N GLN L 43 33.22 -51.55 -12.87
CA GLN L 43 32.16 -51.33 -13.86
C GLN L 43 31.95 -49.83 -14.17
N SER L 44 31.92 -49.01 -13.12
CA SER L 44 31.76 -47.54 -13.27
C SER L 44 32.80 -46.91 -14.21
N ALA L 45 34.05 -47.33 -14.05
CA ALA L 45 35.16 -46.82 -14.86
C ALA L 45 34.95 -47.10 -16.35
N ALA L 46 34.57 -48.34 -16.64
CA ALA L 46 34.24 -48.78 -18.02
C ALA L 46 33.07 -47.99 -18.60
N LEU L 47 32.00 -47.89 -17.84
CA LEU L 47 30.80 -47.12 -18.26
C LEU L 47 31.11 -45.64 -18.52
N LEU L 48 31.96 -45.09 -17.65
CA LEU L 48 32.39 -43.69 -17.79
C LEU L 48 33.18 -43.51 -19.09
N ASP L 49 34.10 -44.44 -19.33
CA ASP L 49 34.90 -44.42 -20.57
C ASP L 49 34.06 -44.62 -21.83
N ALA L 50 33.05 -45.48 -21.72
CA ALA L 50 32.11 -45.80 -22.82
C ALA L 50 31.09 -44.67 -23.10
N GLY L 51 31.03 -43.70 -22.20
CA GLY L 51 30.22 -42.49 -22.38
C GLY L 51 28.81 -42.54 -21.81
N ALA L 52 28.70 -43.02 -20.57
CA ALA L 52 27.42 -43.07 -19.84
C ALA L 52 27.45 -42.19 -18.59
N ARG L 53 26.26 -41.83 -18.14
CA ARG L 53 26.13 -41.15 -16.86
C ARG L 53 25.92 -42.24 -15.82
N VAL L 54 26.82 -42.30 -14.84
CA VAL L 54 26.80 -43.37 -13.81
C VAL L 54 26.24 -42.86 -12.46
N ILE L 55 25.13 -43.46 -12.05
CA ILE L 55 24.53 -43.18 -10.73
C ILE L 55 24.67 -44.42 -9.81
N THR L 56 25.27 -44.20 -8.65
CA THR L 56 25.35 -45.23 -7.61
C THR L 56 24.73 -44.68 -6.33
N TYR L 57 24.21 -45.57 -5.50
CA TYR L 57 23.75 -45.18 -4.17
C TYR L 57 23.93 -46.34 -3.21
N ASP L 58 23.94 -46.03 -1.92
CA ASP L 58 24.09 -47.03 -0.86
C ASP L 58 22.70 -47.30 -0.31
N ARG L 59 22.27 -48.56 -0.40
CA ARG L 59 21.03 -49.04 0.25
C ARG L 59 21.03 -48.67 1.72
N ARG L 60 19.85 -48.35 2.23
CA ARG L 60 19.68 -48.03 3.67
C ARG L 60 20.32 -49.12 4.53
N GLY L 61 21.10 -48.71 5.53
CA GLY L 61 21.82 -49.65 6.42
C GLY L 61 23.21 -50.08 5.98
N PHE L 62 23.61 -49.61 4.79
CA PHE L 62 24.90 -49.97 4.16
C PHE L 62 25.72 -48.77 3.74
N GLY L 63 27.02 -49.04 3.59
CA GLY L 63 27.99 -48.04 3.17
C GLY L 63 27.83 -46.75 3.96
N GLN L 64 27.61 -45.65 3.25
CA GLN L 64 27.48 -44.32 3.90
C GLN L 64 26.07 -43.80 4.09
N SER L 65 25.09 -44.63 3.78
CA SER L 65 23.70 -44.30 4.05
C SER L 65 23.39 -44.42 5.53
N SER L 66 22.27 -43.82 5.91
CA SER L 66 21.76 -43.91 7.27
C SER L 66 21.49 -45.37 7.64
N GLN L 67 21.49 -45.60 8.95
CA GLN L 67 21.36 -46.94 9.51
C GLN L 67 20.14 -47.05 10.41
N PRO L 68 18.94 -46.95 9.83
CA PRO L 68 17.75 -47.15 10.63
C PRO L 68 17.55 -48.60 11.05
N THR L 69 16.57 -48.79 11.91
CA THR L 69 16.17 -50.13 12.34
C THR L 69 14.78 -50.46 11.76
N THR L 70 14.47 -49.77 10.66
CA THR L 70 13.18 -49.88 9.93
C THR L 70 13.34 -49.90 8.42
N GLY L 71 12.36 -50.52 7.77
CA GLY L 71 12.23 -50.49 6.30
C GLY L 71 13.08 -51.49 5.53
N TYR L 72 13.34 -52.64 6.15
CA TYR L 72 14.15 -53.72 5.53
C TYR L 72 13.28 -54.76 4.84
N ASP L 73 12.83 -54.35 3.66
CA ASP L 73 11.90 -55.12 2.82
C ASP L 73 11.90 -54.53 1.40
N TYR L 74 11.57 -55.36 0.42
CA TYR L 74 11.70 -54.93 -0.98
C TYR L 74 10.74 -53.85 -1.43
N ASP L 75 9.60 -53.69 -0.78
CA ASP L 75 8.70 -52.59 -1.15
C ASP L 75 9.30 -51.24 -0.75
N THR L 76 9.92 -51.21 0.43
CA THR L 76 10.60 -50.02 0.95
C THR L 76 11.84 -49.73 0.13
N PHE L 77 12.62 -50.77 -0.11
CA PHE L 77 13.84 -50.66 -0.95
C PHE L 77 13.49 -50.13 -2.35
N ALA L 78 12.36 -50.58 -2.89
CA ALA L 78 11.90 -50.14 -4.23
C ALA L 78 11.37 -48.72 -4.17
N ALA L 79 10.73 -48.39 -3.07
CA ALA L 79 10.25 -47.03 -2.80
C ALA L 79 11.43 -46.07 -2.63
N ASP L 80 12.48 -46.58 -2.02
CA ASP L 80 13.72 -45.81 -1.83
C ASP L 80 14.29 -45.45 -3.20
N LEU L 81 14.37 -46.47 -4.05
CA LEU L 81 14.86 -46.34 -5.44
C LEU L 81 14.00 -45.33 -6.21
N ASN L 82 12.69 -45.47 -6.04
CA ASN L 82 11.73 -44.56 -6.70
C ASN L 82 12.05 -43.10 -6.36
N THR L 83 12.28 -42.84 -5.08
CA THR L 83 12.61 -41.49 -4.60
C THR L 83 13.86 -40.94 -5.27
N VAL L 84 14.84 -41.81 -5.46
CA VAL L 84 16.11 -41.43 -6.11
C VAL L 84 15.84 -41.01 -7.57
N LEU L 85 15.12 -41.87 -8.28
CA LEU L 85 14.79 -41.66 -9.71
C LEU L 85 13.97 -40.38 -9.95
N GLU L 86 12.99 -40.19 -9.10
CA GLU L 86 12.15 -38.98 -9.12
C GLU L 86 12.92 -37.73 -8.70
N THR L 87 13.78 -37.88 -7.70
CA THR L 87 14.58 -36.74 -7.20
C THR L 87 15.50 -36.20 -8.28
N LEU L 88 16.11 -37.12 -9.02
CA LEU L 88 17.05 -36.75 -10.10
C LEU L 88 16.38 -36.55 -11.47
N ASP L 89 15.08 -36.85 -11.54
CA ASP L 89 14.25 -36.75 -12.77
C ASP L 89 14.89 -37.54 -13.92
N LEU L 90 15.24 -38.78 -13.59
CA LEU L 90 15.89 -39.65 -14.57
C LEU L 90 14.89 -40.14 -15.61
N GLN L 91 15.33 -39.96 -16.85
CA GLN L 91 14.60 -40.33 -18.05
C GLN L 91 15.41 -41.33 -18.81
N ASP L 92 14.76 -42.37 -19.33
CA ASP L 92 15.41 -43.29 -20.28
C ASP L 92 16.59 -44.01 -19.63
N ALA L 93 16.39 -44.34 -18.36
CA ALA L 93 17.43 -44.90 -17.50
C ALA L 93 17.59 -46.41 -17.66
N VAL L 94 18.81 -46.88 -17.44
CA VAL L 94 19.11 -48.31 -17.35
C VAL L 94 19.28 -48.64 -15.87
N LEU L 95 18.58 -49.68 -15.43
CA LEU L 95 18.71 -50.18 -14.04
C LEU L 95 19.52 -51.49 -14.03
N VAL L 96 20.63 -51.46 -13.32
CA VAL L 96 21.52 -52.62 -13.18
C VAL L 96 21.60 -52.98 -11.70
N GLY L 97 21.18 -54.20 -11.38
CA GLY L 97 21.24 -54.74 -10.02
C GLY L 97 22.21 -55.89 -9.94
N PHE L 98 22.91 -55.99 -8.81
CA PHE L 98 23.79 -57.13 -8.50
C PHE L 98 23.30 -57.76 -7.22
N SER L 99 23.06 -59.08 -7.27
CA SER L 99 22.64 -59.86 -6.11
C SER L 99 21.37 -59.21 -5.48
N MET L 100 21.44 -58.77 -4.23
CA MET L 100 20.31 -58.07 -3.57
C MET L 100 19.66 -57.02 -4.46
N GLY L 101 20.52 -56.26 -5.15
CA GLY L 101 20.10 -55.20 -6.08
C GLY L 101 19.12 -55.64 -7.17
N THR L 102 19.21 -56.92 -7.54
CA THR L 102 18.30 -57.46 -8.57
C THR L 102 16.84 -57.54 -8.04
N GLY L 103 16.69 -57.55 -6.73
CA GLY L 103 15.37 -57.50 -6.07
C GLY L 103 14.69 -56.15 -6.25
N GLU L 104 15.48 -55.08 -6.10
CA GLU L 104 15.03 -53.69 -6.36
C GLU L 104 14.52 -53.55 -7.79
N VAL L 105 15.35 -53.98 -8.73
CA VAL L 105 15.06 -53.87 -10.17
C VAL L 105 13.69 -54.49 -10.49
N ALA L 106 13.46 -55.73 -10.07
CA ALA L 106 12.20 -56.47 -10.32
C ALA L 106 10.96 -55.83 -9.67
N ARG L 107 11.12 -55.52 -8.38
CA ARG L 107 10.03 -54.93 -7.59
C ARG L 107 9.67 -53.52 -8.05
N TYR L 108 10.66 -52.69 -8.38
CA TYR L 108 10.40 -51.33 -8.90
C TYR L 108 9.63 -51.38 -10.25
N VAL L 109 10.19 -52.13 -11.19
CA VAL L 109 9.60 -52.31 -12.53
C VAL L 109 8.16 -52.78 -12.40
N SER L 110 7.99 -53.80 -11.56
CA SER L 110 6.68 -54.42 -11.30
C SER L 110 5.63 -53.45 -10.76
N SER L 111 5.99 -52.73 -9.69
CA SER L 111 5.06 -51.81 -8.99
C SER L 111 4.91 -50.45 -9.67
N TYR L 112 6.03 -49.85 -9.99
CA TYR L 112 6.07 -48.47 -10.53
C TYR L 112 6.06 -48.35 -12.04
N GLY L 113 6.31 -49.46 -12.73
CA GLY L 113 6.30 -49.46 -14.19
C GLY L 113 7.57 -48.90 -14.80
N THR L 114 7.61 -48.91 -16.12
CA THR L 114 8.85 -48.66 -16.88
C THR L 114 8.87 -47.32 -17.67
N ALA L 115 8.15 -46.31 -17.17
CA ALA L 115 8.08 -44.99 -17.83
C ALA L 115 9.44 -44.26 -17.97
N ARG L 116 10.26 -44.35 -16.93
CA ARG L 116 11.60 -43.73 -16.92
C ARG L 116 12.73 -44.65 -17.39
N ILE L 117 12.35 -45.91 -17.62
CA ILE L 117 13.29 -47.05 -17.75
C ILE L 117 13.42 -47.56 -19.20
N ALA L 118 14.64 -47.54 -19.73
CA ALA L 118 14.92 -48.03 -21.10
C ALA L 118 15.27 -49.52 -21.15
N ALA L 119 16.09 -49.97 -20.20
CA ALA L 119 16.48 -51.38 -20.10
C ALA L 119 16.88 -51.75 -18.68
N VAL L 120 16.88 -53.05 -18.43
CA VAL L 120 17.26 -53.60 -17.13
C VAL L 120 18.29 -54.71 -17.29
N ALA L 121 19.05 -54.93 -16.23
CA ALA L 121 20.08 -55.95 -16.22
C ALA L 121 20.08 -56.55 -14.84
N PHE L 122 20.22 -57.87 -14.82
CA PHE L 122 20.24 -58.68 -13.59
C PHE L 122 21.53 -59.47 -13.54
N LEU L 123 22.35 -59.17 -12.53
CA LEU L 123 23.65 -59.84 -12.36
C LEU L 123 23.64 -60.60 -11.05
N ALA L 124 23.98 -61.88 -11.08
CA ALA L 124 23.98 -62.72 -9.86
C ALA L 124 22.65 -62.55 -9.10
N SER L 125 21.56 -62.87 -9.80
CA SER L 125 20.16 -62.65 -9.37
C SER L 125 19.61 -63.55 -8.26
N LEU L 126 18.73 -62.96 -7.45
CA LEU L 126 17.91 -63.68 -6.43
C LEU L 126 16.78 -64.47 -7.08
N GLU L 127 16.29 -63.90 -8.17
CA GLU L 127 15.08 -64.36 -8.88
C GLU L 127 15.13 -65.84 -9.24
N PRO L 128 13.96 -66.49 -9.24
CA PRO L 128 12.63 -65.91 -9.04
C PRO L 128 12.06 -65.98 -7.60
N PHE L 129 12.60 -66.91 -6.81
CA PHE L 129 12.13 -67.17 -5.45
C PHE L 129 13.08 -68.20 -4.84
N LEU L 130 13.96 -67.73 -3.97
CA LEU L 130 14.97 -68.58 -3.31
C LEU L 130 14.44 -69.59 -2.31
N LEU L 131 13.24 -69.34 -1.78
CA LEU L 131 12.71 -70.21 -0.73
C LEU L 131 12.18 -71.51 -1.33
N LYS L 132 12.68 -72.60 -0.78
CA LYS L 132 12.32 -73.94 -1.22
C LYS L 132 11.06 -74.37 -0.52
N THR L 133 9.98 -74.46 -1.28
CA THR L 133 8.71 -74.87 -0.70
C THR L 133 8.09 -75.99 -1.55
N ASP L 134 6.83 -76.29 -1.26
CA ASP L 134 6.10 -77.35 -1.97
C ASP L 134 5.75 -76.78 -3.33
N ASP L 135 5.28 -75.54 -3.30
CA ASP L 135 4.87 -74.85 -4.52
C ASP L 135 6.10 -74.25 -5.23
N ASN L 136 7.19 -74.14 -4.48
CA ASN L 136 8.48 -73.71 -5.05
C ASN L 136 9.59 -74.76 -4.82
N PRO L 137 9.58 -75.80 -5.65
CA PRO L 137 10.51 -76.95 -5.67
C PRO L 137 11.96 -76.59 -6.07
N ASP L 138 12.09 -75.61 -6.97
CA ASP L 138 13.40 -75.14 -7.49
C ASP L 138 14.13 -74.20 -6.56
N GLY L 139 13.42 -73.80 -5.51
CA GLY L 139 13.98 -73.01 -4.43
C GLY L 139 15.32 -73.57 -4.04
N ALA L 140 16.22 -72.66 -3.68
CA ALA L 140 17.61 -73.01 -3.34
C ALA L 140 17.81 -73.58 -1.93
N ALA L 141 17.00 -73.14 -0.97
CA ALA L 141 17.11 -73.63 0.43
C ALA L 141 15.83 -73.56 1.24
N PRO L 142 15.74 -74.38 2.31
CA PRO L 142 14.59 -74.29 3.18
C PRO L 142 14.71 -73.10 4.12
N GLN L 143 13.57 -72.71 4.64
CA GLN L 143 13.44 -71.55 5.55
C GLN L 143 14.43 -71.57 6.73
N GLU L 144 14.63 -72.77 7.25
CA GLU L 144 15.54 -73.06 8.39
C GLU L 144 16.98 -72.64 8.12
N PHE L 145 17.32 -72.69 6.84
CA PHE L 145 18.65 -72.31 6.34
C PHE L 145 18.91 -70.80 6.47
N PHE L 146 17.90 -70.01 6.16
CA PHE L 146 17.98 -68.54 6.23
C PHE L 146 17.95 -68.04 7.66
N ASP L 147 17.10 -68.70 8.43
CA ASP L 147 17.01 -68.51 9.90
C ASP L 147 18.38 -68.65 10.53
N GLY L 148 19.16 -69.53 9.92
CA GLY L 148 20.54 -69.84 10.34
C GLY L 148 21.53 -68.70 10.13
N ILE L 149 21.46 -68.10 8.95
CA ILE L 149 22.29 -66.95 8.57
C ILE L 149 22.01 -65.77 9.52
N VAL L 150 20.73 -65.50 9.73
CA VAL L 150 20.33 -64.41 10.63
C VAL L 150 21.02 -64.65 11.98
N ALA L 151 20.87 -65.86 12.50
CA ALA L 151 21.45 -66.25 13.81
C ALA L 151 22.96 -66.09 13.86
N ALA L 152 23.60 -66.38 12.73
CA ALA L 152 25.05 -66.29 12.58
C ALA L 152 25.52 -64.84 12.58
N VAL L 153 24.82 -63.99 11.82
CA VAL L 153 25.16 -62.57 11.79
C VAL L 153 24.98 -61.94 13.18
N LYS L 154 23.87 -62.22 13.84
CA LYS L 154 23.60 -61.68 15.20
C LYS L 154 24.67 -62.11 16.23
N ALA L 155 25.22 -63.29 16.01
CA ALA L 155 26.24 -63.86 16.92
C ALA L 155 27.58 -63.11 16.87
N ASP L 156 28.02 -62.80 15.66
CA ASP L 156 29.27 -62.05 15.40
C ASP L 156 29.31 -61.75 13.91
N ARG L 157 28.80 -60.59 13.54
CA ARG L 157 28.74 -60.20 12.12
C ARG L 157 30.15 -60.06 11.54
N TYR L 158 31.08 -59.61 12.38
CA TYR L 158 32.48 -59.33 11.96
C TYR L 158 33.23 -60.55 11.48
N ALA L 159 33.17 -61.57 12.33
CA ALA L 159 33.63 -62.92 12.04
C ALA L 159 32.85 -63.52 10.87
N PHE L 160 31.54 -63.28 10.89
CA PHE L 160 30.66 -63.78 9.81
C PHE L 160 31.11 -63.30 8.43
N TYR L 161 31.45 -62.02 8.32
CA TYR L 161 31.84 -61.44 7.02
C TYR L 161 33.00 -62.21 6.42
N THR L 162 33.90 -62.66 7.28
CA THR L 162 35.09 -63.41 6.84
C THR L 162 34.75 -64.68 6.03
N GLY L 163 33.92 -65.54 6.61
CA GLY L 163 33.50 -66.79 5.95
C GLY L 163 32.61 -66.53 4.74
N PHE L 164 31.84 -65.45 4.84
CA PHE L 164 30.93 -65.01 3.76
C PHE L 164 31.71 -64.61 2.50
N PHE L 165 32.79 -63.84 2.67
CA PHE L 165 33.58 -63.36 1.51
C PHE L 165 34.42 -64.46 0.87
N ASN L 166 34.69 -65.46 1.68
CA ASN L 166 35.29 -66.70 1.24
C ASN L 166 34.56 -67.39 0.09
N ASP L 167 33.27 -67.59 0.32
CA ASP L 167 32.36 -68.20 -0.66
C ASP L 167 31.84 -67.19 -1.66
N PHE L 168 31.72 -65.95 -1.20
CA PHE L 168 31.32 -64.82 -2.04
C PHE L 168 32.31 -64.72 -3.20
N TYR L 169 33.59 -64.79 -2.87
CA TYR L 169 34.67 -64.70 -3.88
C TYR L 169 35.30 -66.01 -4.36
N ASN L 170 34.92 -67.15 -3.79
CA ASN L 170 35.61 -68.44 -4.08
C ASN L 170 37.11 -68.23 -3.82
N LEU L 171 37.43 -67.71 -2.65
CA LEU L 171 38.82 -67.34 -2.34
C LEU L 171 39.78 -68.53 -2.43
N ASP L 172 39.29 -69.71 -2.09
CA ASP L 172 40.09 -70.95 -2.26
C ASP L 172 40.60 -71.12 -3.72
N GLU L 173 39.83 -70.61 -4.68
CA GLU L 173 40.24 -70.59 -6.11
C GLU L 173 40.96 -69.30 -6.52
N ASN L 174 40.34 -68.17 -6.18
CA ASN L 174 40.65 -66.84 -6.76
C ASN L 174 41.66 -65.91 -6.06
N LEU L 175 41.97 -66.20 -4.80
CA LEU L 175 42.89 -65.36 -4.01
C LEU L 175 44.31 -65.44 -4.56
N GLY L 176 44.90 -64.27 -4.79
CA GLY L 176 46.26 -64.13 -5.35
C GLY L 176 46.33 -64.28 -6.87
N THR L 177 45.14 -64.36 -7.46
CA THR L 177 44.92 -64.71 -8.88
C THR L 177 44.02 -63.64 -9.51
N ARG L 178 42.71 -63.85 -9.31
CA ARG L 178 41.64 -62.91 -9.69
C ARG L 178 41.45 -61.77 -8.67
N ILE L 179 41.48 -62.12 -7.39
CA ILE L 179 41.32 -61.11 -6.32
C ILE L 179 42.52 -61.09 -5.37
N SER L 180 42.98 -59.87 -5.07
CA SER L 180 44.05 -59.67 -4.09
C SER L 180 43.53 -59.71 -2.65
N GLU L 181 44.44 -59.94 -1.74
CA GLU L 181 44.15 -59.96 -0.30
C GLU L 181 43.69 -58.57 0.18
N GLU L 182 44.27 -57.55 -0.45
CA GLU L 182 43.94 -56.14 -0.17
C GLU L 182 42.52 -55.77 -0.62
N ALA L 183 42.16 -56.23 -1.82
CA ALA L 183 40.79 -56.05 -2.34
C ALA L 183 39.75 -56.68 -1.41
N VAL L 184 40.04 -57.87 -0.92
CA VAL L 184 39.18 -58.58 0.06
C VAL L 184 39.12 -57.80 1.39
N ARG L 185 40.25 -57.21 1.78
CA ARG L 185 40.32 -56.44 3.03
C ARG L 185 39.38 -55.24 2.98
N ASN L 186 39.39 -54.58 1.83
CA ASN L 186 38.52 -53.44 1.55
C ASN L 186 37.04 -53.81 1.68
N SER L 187 36.69 -54.95 1.09
CA SER L 187 35.30 -55.50 1.18
C SER L 187 34.84 -55.73 2.62
N TRP L 188 35.71 -56.33 3.43
CA TRP L 188 35.39 -56.58 4.86
C TRP L 188 35.18 -55.25 5.59
N ASN L 189 36.10 -54.31 5.36
CA ASN L 189 35.99 -52.96 5.93
C ASN L 189 34.66 -52.30 5.58
N THR L 190 34.26 -52.40 4.30
CA THR L 190 32.98 -51.84 3.82
C THR L 190 31.78 -52.44 4.56
N ALA L 191 31.81 -53.76 4.69
CA ALA L 191 30.75 -54.51 5.39
C ALA L 191 30.66 -54.16 6.88
N ALA L 192 31.82 -54.15 7.54
CA ALA L 192 31.95 -53.81 8.98
C ALA L 192 31.39 -52.40 9.28
N SER L 193 31.41 -51.57 8.24
CA SER L 193 30.92 -50.17 8.27
C SER L 193 29.40 -50.00 8.09
N GLY L 194 28.72 -51.02 7.58
CA GLY L 194 27.26 -51.03 7.51
C GLY L 194 26.66 -51.15 8.89
N GLY L 195 25.37 -50.86 9.02
CA GLY L 195 24.68 -50.88 10.31
C GLY L 195 24.50 -52.29 10.87
N PHE L 196 24.66 -52.43 12.19
CA PHE L 196 24.50 -53.75 12.84
C PHE L 196 23.12 -54.34 12.57
N PHE L 197 22.10 -53.49 12.63
CA PHE L 197 20.72 -53.97 12.53
C PHE L 197 20.44 -54.44 11.11
N ALA L 198 20.86 -53.64 10.13
CA ALA L 198 20.69 -53.93 8.69
C ALA L 198 21.34 -55.25 8.27
N ALA L 199 22.49 -55.53 8.88
CA ALA L 199 23.26 -56.74 8.61
C ALA L 199 22.46 -58.02 8.90
N ALA L 200 21.82 -58.04 10.06
CA ALA L 200 20.98 -59.16 10.51
C ALA L 200 19.58 -59.19 9.85
N ALA L 201 19.06 -58.01 9.56
CA ALA L 201 17.75 -57.86 8.88
C ALA L 201 17.76 -58.17 7.38
N ALA L 202 18.89 -57.93 6.73
CA ALA L 202 19.02 -58.12 5.26
C ALA L 202 18.69 -59.54 4.77
N PRO L 203 19.30 -60.56 5.40
CA PRO L 203 19.08 -61.96 4.98
C PRO L 203 17.60 -62.42 5.00
N THR L 204 16.78 -61.77 5.80
CA THR L 204 15.32 -62.08 5.80
C THR L 204 14.64 -61.61 4.48
N THR L 205 15.23 -60.63 3.79
CA THR L 205 14.63 -60.15 2.53
C THR L 205 14.99 -61.04 1.33
N TRP L 206 16.01 -61.90 1.49
CA TRP L 206 16.57 -62.72 0.37
C TRP L 206 15.61 -63.75 -0.26
N TYR L 207 14.70 -64.31 0.52
CA TYR L 207 13.67 -65.26 0.00
C TYR L 207 12.31 -64.60 -0.30
N THR L 208 12.38 -63.33 -0.73
CA THR L 208 11.25 -62.60 -1.26
C THR L 208 10.82 -63.30 -2.55
N ASP L 209 9.52 -63.47 -2.73
CA ASP L 209 8.98 -64.14 -3.92
C ASP L 209 8.79 -63.11 -5.04
N PHE L 210 9.68 -63.17 -6.03
CA PHE L 210 9.65 -62.23 -7.15
C PHE L 210 8.92 -62.81 -8.38
N ARG L 211 8.20 -63.90 -8.17
CA ARG L 211 7.56 -64.63 -9.28
C ARG L 211 6.50 -63.83 -10.05
N ALA L 212 5.76 -62.98 -9.33
CA ALA L 212 4.70 -62.12 -9.93
C ALA L 212 5.21 -60.78 -10.48
N ASP L 213 6.47 -60.48 -10.16
CA ASP L 213 7.15 -59.29 -10.65
C ASP L 213 7.65 -59.48 -12.08
N ILE L 214 8.11 -60.69 -12.36
CA ILE L 214 8.75 -61.05 -13.65
C ILE L 214 7.91 -60.81 -14.94
N PRO L 215 6.60 -61.12 -14.92
CA PRO L 215 5.74 -60.88 -16.10
C PRO L 215 5.55 -59.38 -16.44
N ARG L 216 5.86 -58.56 -15.46
CA ARG L 216 5.81 -57.09 -15.52
C ARG L 216 6.99 -56.46 -16.25
N ILE L 217 8.06 -57.25 -16.38
CA ILE L 217 9.26 -56.79 -17.06
C ILE L 217 8.97 -56.65 -18.57
N ASP L 218 8.98 -55.36 -18.89
CA ASP L 218 8.40 -54.69 -20.07
C ASP L 218 9.41 -54.40 -21.17
N VAL L 219 10.60 -54.09 -20.69
CA VAL L 219 11.71 -53.53 -21.45
C VAL L 219 12.78 -54.60 -21.67
N PRO L 220 13.71 -54.37 -22.62
CA PRO L 220 14.79 -55.32 -22.84
C PRO L 220 15.57 -55.58 -21.57
N ALA L 221 15.85 -56.86 -21.34
CA ALA L 221 16.56 -57.31 -20.14
C ALA L 221 17.77 -58.18 -20.45
N LEU L 222 18.73 -58.10 -19.55
CA LEU L 222 19.91 -58.96 -19.57
C LEU L 222 19.95 -59.73 -18.26
N ILE L 223 20.19 -61.03 -18.35
CA ILE L 223 20.43 -61.91 -17.18
C ILE L 223 21.86 -62.45 -17.29
N LEU L 224 22.61 -62.26 -16.22
CA LEU L 224 24.03 -62.64 -16.19
C LEU L 224 24.39 -63.31 -14.86
N HIS L 225 24.98 -64.50 -14.95
CA HIS L 225 25.31 -65.28 -13.76
C HIS L 225 26.65 -66.02 -13.95
N GLY L 226 27.34 -66.20 -12.83
CA GLY L 226 28.60 -66.96 -12.79
C GLY L 226 28.26 -68.41 -12.55
N THR L 227 28.84 -69.32 -13.33
CA THR L 227 28.48 -70.75 -13.17
C THR L 227 29.07 -71.34 -11.87
N GLY L 228 30.17 -70.74 -11.38
CA GLY L 228 30.79 -71.13 -10.08
C GLY L 228 30.25 -70.40 -8.85
N ASP L 229 29.03 -69.87 -8.97
CA ASP L 229 28.37 -69.13 -7.89
C ASP L 229 27.97 -70.07 -6.75
N ARG L 230 28.67 -69.92 -5.62
CA ARG L 230 28.43 -70.68 -4.37
C ARG L 230 27.37 -70.03 -3.49
N THR L 231 27.15 -68.74 -3.71
CA THR L 231 26.25 -67.94 -2.86
C THR L 231 24.81 -68.07 -3.40
N LEU L 232 24.64 -67.84 -4.71
CA LEU L 232 23.35 -68.04 -5.43
C LEU L 232 23.50 -69.08 -6.55
N PRO L 233 23.26 -70.36 -6.21
CA PRO L 233 23.37 -71.46 -7.16
C PRO L 233 22.69 -71.12 -8.48
N ILE L 234 23.45 -71.10 -9.56
CA ILE L 234 22.94 -70.73 -10.91
C ILE L 234 21.68 -71.53 -11.32
N GLU L 235 21.62 -72.77 -10.85
CA GLU L 235 20.51 -73.73 -11.08
C GLU L 235 19.15 -73.40 -10.42
N ASN L 236 19.19 -72.68 -9.30
CA ASN L 236 17.97 -72.30 -8.53
C ASN L 236 17.55 -70.85 -8.74
N THR L 237 18.39 -70.16 -9.49
CA THR L 237 18.27 -68.73 -9.73
C THR L 237 18.25 -68.44 -11.25
N ALA L 238 19.37 -67.96 -11.78
CA ALA L 238 19.49 -67.54 -13.20
C ALA L 238 18.82 -68.48 -14.21
N ARG L 239 19.05 -69.78 -14.04
CA ARG L 239 18.53 -70.77 -15.01
C ARG L 239 17.02 -70.93 -15.01
N VAL L 240 16.41 -70.87 -13.83
CA VAL L 240 14.93 -70.96 -13.74
C VAL L 240 14.30 -69.57 -14.04
N PHE L 241 15.05 -68.52 -13.75
CA PHE L 241 14.68 -67.12 -14.06
C PHE L 241 14.54 -66.88 -15.58
N HIS L 242 15.49 -67.44 -16.35
CA HIS L 242 15.46 -67.30 -17.82
C HIS L 242 14.30 -68.05 -18.43
N LYS L 243 13.89 -69.14 -17.79
CA LYS L 243 12.68 -69.87 -18.22
C LYS L 243 11.46 -68.98 -18.06
N ALA L 244 11.45 -68.21 -16.98
CA ALA L 244 10.34 -67.31 -16.65
C ALA L 244 10.34 -66.04 -17.51
N LEU L 245 11.52 -65.72 -18.04
CA LEU L 245 11.76 -64.57 -18.92
C LEU L 245 12.69 -65.00 -20.08
N PRO L 246 12.15 -65.81 -21.04
CA PRO L 246 12.86 -66.37 -22.21
C PRO L 246 13.46 -65.30 -23.10
N SER L 247 12.73 -64.20 -23.10
CA SER L 247 13.02 -63.00 -23.88
C SER L 247 14.33 -62.33 -23.46
N ALA L 248 14.66 -62.47 -22.17
CA ALA L 248 15.91 -61.93 -21.65
C ALA L 248 17.11 -62.46 -22.42
N GLU L 249 18.02 -61.54 -22.66
CA GLU L 249 19.35 -61.86 -23.17
C GLU L 249 20.05 -62.53 -22.00
N TYR L 250 20.79 -63.60 -22.26
CA TYR L 250 21.27 -64.46 -21.17
C TYR L 250 22.73 -64.89 -21.33
N VAL L 251 23.52 -64.60 -20.30
CA VAL L 251 24.96 -64.80 -20.31
C VAL L 251 25.44 -65.58 -19.08
N GLU L 252 26.05 -66.73 -19.31
CA GLU L 252 26.71 -67.49 -18.24
C GLU L 252 28.20 -67.19 -18.24
N VAL L 253 28.71 -66.83 -17.07
CA VAL L 253 30.15 -66.62 -16.89
C VAL L 253 30.77 -67.90 -16.28
N GLU L 254 31.54 -68.55 -17.14
CA GLU L 254 32.13 -69.86 -16.88
C GLU L 254 33.05 -69.82 -15.66
N GLY L 255 32.62 -70.52 -14.62
CA GLY L 255 33.40 -70.67 -13.38
C GLY L 255 33.57 -69.40 -12.56
N ALA L 256 32.72 -68.42 -12.84
CA ALA L 256 32.73 -67.14 -12.14
C ALA L 256 32.02 -67.34 -10.83
N PRO L 257 32.53 -66.74 -9.73
CA PRO L 257 31.88 -66.82 -8.43
C PRO L 257 30.73 -65.81 -8.31
N HIS L 258 30.19 -65.65 -7.09
CA HIS L 258 29.14 -64.63 -6.82
C HIS L 258 29.69 -63.22 -7.04
N GLY L 259 30.89 -63.01 -6.52
CA GLY L 259 31.60 -61.72 -6.58
C GLY L 259 32.31 -61.48 -7.90
N LEU L 260 31.59 -61.78 -8.97
CA LEU L 260 32.10 -61.74 -10.36
C LEU L 260 32.38 -60.31 -10.86
N LEU L 261 31.83 -59.30 -10.18
CA LEU L 261 32.08 -57.88 -10.52
C LEU L 261 33.57 -57.52 -10.49
N TRP L 262 34.27 -58.09 -9.52
CA TRP L 262 35.73 -57.91 -9.36
C TRP L 262 36.54 -58.99 -10.10
N THR L 263 36.34 -60.26 -9.70
CA THR L 263 37.11 -61.42 -10.26
C THR L 263 37.05 -61.54 -11.80
N HIS L 264 35.88 -61.23 -12.35
CA HIS L 264 35.59 -61.31 -13.80
C HIS L 264 35.05 -59.99 -14.37
N ALA L 265 35.55 -58.88 -13.82
CA ALA L 265 35.11 -57.53 -14.24
C ALA L 265 35.02 -57.43 -15.77
N GLU L 266 36.03 -58.01 -16.43
CA GLU L 266 36.15 -58.02 -17.90
C GLU L 266 35.00 -58.56 -18.71
N GLU L 267 34.71 -59.80 -18.35
CA GLU L 267 33.67 -60.59 -18.96
C GLU L 267 32.38 -59.88 -18.63
N VAL L 268 32.32 -59.34 -17.42
CA VAL L 268 31.16 -58.57 -16.93
C VAL L 268 30.95 -57.28 -17.74
N ASN L 269 32.00 -56.47 -17.82
CA ASN L 269 31.95 -55.18 -18.52
C ASN L 269 31.66 -55.33 -20.01
N THR L 270 32.29 -56.32 -20.62
CA THR L 270 32.11 -56.60 -22.06
C THR L 270 30.65 -56.96 -22.42
N ALA L 271 30.03 -57.85 -21.65
CA ALA L 271 28.61 -58.22 -21.86
C ALA L 271 27.68 -57.01 -21.64
N LEU L 272 27.94 -56.33 -20.55
CA LEU L 272 27.19 -55.13 -20.14
C LEU L 272 27.25 -54.04 -21.21
N LEU L 273 28.48 -53.73 -21.63
CA LEU L 273 28.75 -52.68 -22.63
C LEU L 273 28.11 -52.96 -23.98
N ALA L 274 28.17 -54.22 -24.42
CA ALA L 274 27.53 -54.61 -25.69
C ALA L 274 26.02 -54.44 -25.61
N PHE L 275 25.45 -54.92 -24.51
CA PHE L 275 23.99 -54.78 -24.26
C PHE L 275 23.62 -53.29 -24.18
N LEU L 276 24.44 -52.54 -23.47
CA LEU L 276 24.24 -51.10 -23.32
C LEU L 276 24.34 -50.38 -24.68
N ALA L 277 25.29 -50.82 -25.48
CA ALA L 277 25.49 -50.27 -26.83
C ALA L 277 24.28 -50.54 -27.70
N LYS L 278 23.73 -51.75 -27.58
CA LYS L 278 22.51 -52.13 -28.31
C LYS L 278 21.36 -51.20 -27.94
N ALA L 279 21.22 -50.98 -26.64
CA ALA L 279 20.19 -50.08 -26.10
C ALA L 279 20.38 -48.64 -26.63
N GLN L 280 21.63 -48.20 -26.66
CA GLN L 280 21.98 -46.86 -27.17
C GLN L 280 21.69 -46.74 -28.67
N GLU L 281 21.98 -47.81 -29.40
CA GLU L 281 21.72 -47.87 -30.85
C GLU L 281 20.22 -47.78 -31.10
N ALA L 282 19.45 -48.47 -30.28
CA ALA L 282 17.99 -48.44 -30.37
C ALA L 282 17.46 -47.02 -30.14
N GLN L 283 18.04 -46.34 -29.15
CA GLN L 283 17.69 -44.94 -28.86
C GLN L 283 18.02 -44.02 -30.05
N LYS L 284 19.18 -44.26 -30.65
CA LYS L 284 19.62 -43.50 -31.84
C LYS L 284 18.65 -43.73 -33.00
N GLN L 285 18.23 -44.97 -33.16
CA GLN L 285 17.24 -45.33 -34.20
C GLN L 285 15.93 -44.59 -33.97
N LYS L 286 15.50 -44.56 -32.71
CA LYS L 286 14.27 -43.84 -32.35
C LYS L 286 14.39 -42.34 -32.67
N LEU L 287 15.54 -41.74 -32.32
CA LEU L 287 15.85 -40.32 -32.61
C LEU L 287 15.78 -40.05 -34.12
N LEU L 288 16.37 -40.99 -34.86
CA LEU L 288 16.43 -40.91 -36.29
C LEU L 288 15.08 -40.94 -36.94
N THR L 289 14.21 -41.80 -36.41
CA THR L 289 12.85 -41.94 -37.02
C THR L 289 12.01 -40.63 -37.16
N GLU L 290 12.02 -39.83 -36.11
CA GLU L 290 11.43 -38.48 -36.08
C GLU L 290 12.29 -37.32 -36.59
N VAL L 291 13.54 -37.32 -36.17
CA VAL L 291 14.50 -36.30 -36.58
C VAL L 291 14.64 -36.34 -38.10
N GLU L 292 14.84 -37.55 -38.61
CA GLU L 292 15.00 -37.77 -40.06
C GLU L 292 13.85 -37.19 -40.90
N THR L 293 12.62 -37.39 -40.43
CA THR L 293 11.44 -36.91 -41.19
C THR L 293 11.43 -35.38 -41.24
N TYR L 294 11.73 -34.75 -40.10
CA TYR L 294 11.81 -33.29 -40.04
C TYR L 294 12.93 -32.77 -40.95
N VAL L 295 14.07 -33.42 -40.86
CA VAL L 295 15.26 -33.04 -41.65
C VAL L 295 14.97 -33.16 -43.16
N LEU L 296 14.36 -34.27 -43.55
CA LEU L 296 14.04 -34.52 -44.97
C LEU L 296 12.98 -33.57 -45.54
N SER L 297 12.09 -33.09 -44.68
CA SER L 297 11.00 -32.18 -45.10
C SER L 297 11.49 -30.89 -45.76
N ILE L 298 12.75 -30.57 -45.49
CA ILE L 298 13.43 -29.37 -46.00
C ILE L 298 14.05 -29.54 -47.39
N ILE L 299 14.34 -30.77 -47.74
CA ILE L 299 15.07 -31.09 -48.97
C ILE L 299 14.12 -31.30 -50.15
N PRO L 300 14.43 -30.69 -51.32
CA PRO L 300 13.57 -30.91 -52.46
C PRO L 300 13.62 -32.36 -52.92
N SER L 301 12.48 -32.85 -53.37
CA SER L 301 12.38 -34.25 -53.80
C SER L 301 13.28 -34.51 -55.01
N GLY L 302 13.90 -35.68 -55.01
CA GLY L 302 14.83 -36.06 -56.09
C GLY L 302 15.86 -37.09 -55.63
N PRO L 303 16.83 -37.42 -56.50
CA PRO L 303 17.87 -38.43 -56.21
C PRO L 303 18.82 -38.02 -55.09
N LEU L 304 19.07 -36.72 -54.99
CA LEU L 304 19.92 -36.19 -53.91
C LEU L 304 19.26 -36.43 -52.56
N LYS L 305 17.97 -36.16 -52.49
CA LYS L 305 17.16 -36.41 -51.28
C LYS L 305 17.24 -37.88 -50.88
N ALA L 306 17.36 -38.74 -51.89
CA ALA L 306 17.52 -40.19 -51.67
C ALA L 306 18.86 -40.50 -51.02
N GLU L 307 19.92 -39.92 -51.57
CA GLU L 307 21.28 -40.12 -51.04
C GLU L 307 21.39 -39.67 -49.59
N ILE L 308 20.88 -38.47 -49.33
CA ILE L 308 20.91 -37.86 -47.99
C ILE L 308 20.20 -38.75 -46.97
N ALA L 309 18.98 -39.16 -47.32
CA ALA L 309 18.16 -40.03 -46.46
C ALA L 309 18.95 -41.29 -46.09
N GLN L 310 19.56 -41.88 -47.11
CA GLN L 310 20.36 -43.10 -46.93
C GLN L 310 21.52 -42.86 -45.97
N ARG L 311 22.18 -41.73 -46.14
CA ARG L 311 23.31 -41.33 -45.29
C ARG L 311 22.88 -41.12 -43.84
N LEU L 312 21.75 -40.42 -43.68
CA LEU L 312 21.15 -40.18 -42.35
C LEU L 312 20.89 -41.50 -41.64
N GLU L 313 20.19 -42.38 -42.35
CA GLU L 313 19.87 -43.73 -41.87
C GLU L 313 21.12 -44.53 -41.46
N ASP L 314 22.14 -44.46 -42.29
CA ASP L 314 23.42 -45.18 -42.02
C ASP L 314 24.16 -44.63 -40.80
N VAL L 315 24.20 -43.31 -40.66
CA VAL L 315 24.84 -42.67 -39.53
C VAL L 315 24.03 -42.99 -38.26
N PHE L 316 22.71 -42.94 -38.40
CA PHE L 316 21.79 -43.22 -37.30
C PHE L 316 21.87 -44.67 -36.81
N ALA L 317 22.08 -45.57 -37.75
CA ALA L 317 22.25 -47.01 -37.48
C ALA L 317 23.68 -47.32 -37.01
N GLY L 318 24.51 -46.29 -36.95
CA GLY L 318 25.88 -46.40 -36.43
C GLY L 318 26.90 -46.87 -37.44
N LYS L 319 26.50 -47.04 -38.69
CA LYS L 319 27.34 -47.62 -39.76
C LYS L 319 28.25 -46.56 -40.40
N ASN L 320 27.67 -45.47 -40.88
CA ASN L 320 28.45 -44.38 -41.49
C ASN L 320 29.20 -43.62 -40.41
N THR L 321 30.44 -43.23 -40.72
CA THR L 321 31.19 -42.53 -39.70
C THR L 321 32.34 -41.59 -40.09
N ASP L 322 32.92 -41.59 -41.30
CA ASP L 322 33.95 -40.57 -41.64
C ASP L 322 33.36 -39.19 -41.89
N LEU L 323 33.27 -38.42 -40.81
CA LEU L 323 32.66 -37.09 -40.84
C LEU L 323 33.30 -36.16 -41.87
N GLU L 324 34.63 -36.21 -41.96
CA GLU L 324 35.37 -35.35 -42.92
C GLU L 324 34.91 -35.60 -44.36
N VAL L 325 34.69 -36.88 -44.69
CA VAL L 325 34.23 -37.29 -46.03
C VAL L 325 32.79 -36.85 -46.24
N LEU L 326 31.98 -37.07 -45.22
CA LEU L 326 30.56 -36.67 -45.21
C LEU L 326 30.37 -35.18 -45.45
N MET L 327 31.11 -34.39 -44.69
CA MET L 327 31.02 -32.91 -44.74
C MET L 327 31.46 -32.34 -46.08
N GLU L 328 32.49 -32.94 -46.66
CA GLU L 328 32.99 -32.52 -47.99
C GLU L 328 31.95 -32.81 -49.08
N TRP L 329 31.34 -33.99 -48.98
CA TRP L 329 30.26 -34.39 -49.90
C TRP L 329 29.13 -33.36 -49.85
N LEU L 330 28.64 -33.11 -48.64
CA LEU L 330 27.60 -32.11 -48.41
C LEU L 330 27.96 -30.76 -49.00
N LYS L 331 29.15 -30.31 -48.64
CA LYS L 331 29.69 -29.02 -49.10
C LYS L 331 29.61 -28.88 -50.63
N THR L 332 29.99 -29.94 -51.32
CA THR L 332 30.07 -29.94 -52.80
C THR L 332 28.77 -30.31 -53.55
N ARG L 333 27.68 -30.50 -52.82
CA ARG L 333 26.39 -30.85 -53.44
C ARG L 333 25.80 -29.68 -54.22
N PRO L 334 25.49 -29.89 -55.51
CA PRO L 334 24.77 -28.83 -56.22
C PRO L 334 23.32 -28.81 -55.77
N ILE L 335 22.59 -27.79 -56.23
CA ILE L 335 21.14 -27.57 -55.93
C ILE L 335 20.79 -27.31 -54.46
N LEU L 336 21.44 -27.99 -53.53
CA LEU L 336 21.18 -27.81 -52.09
C LEU L 336 21.43 -26.38 -51.65
N SER L 337 20.45 -25.83 -50.97
CA SER L 337 20.52 -24.49 -50.38
C SER L 337 21.66 -24.47 -49.37
N PRO L 338 22.39 -23.35 -49.27
CA PRO L 338 23.46 -23.28 -48.27
C PRO L 338 22.94 -23.49 -46.85
N LEU L 339 21.73 -23.00 -46.60
CA LEU L 339 21.09 -23.11 -45.29
C LEU L 339 20.77 -24.58 -45.01
N THR L 340 20.26 -25.29 -46.00
CA THR L 340 19.92 -26.70 -45.85
C THR L 340 21.21 -27.50 -45.63
N LYS L 341 22.29 -27.06 -46.30
CA LYS L 341 23.63 -27.69 -46.13
C LYS L 341 24.16 -27.52 -44.72
N GLY L 342 23.89 -26.34 -44.16
CA GLY L 342 24.29 -26.03 -42.79
C GLY L 342 23.56 -26.87 -41.77
N ILE L 343 22.26 -27.01 -41.96
CA ILE L 343 21.39 -27.82 -41.08
C ILE L 343 21.83 -29.28 -41.10
N LEU L 344 22.05 -29.81 -42.29
CA LEU L 344 22.54 -31.19 -42.46
C LEU L 344 23.94 -31.36 -41.89
N GLY L 345 24.76 -30.35 -42.13
CA GLY L 345 26.13 -30.30 -41.61
C GLY L 345 26.11 -30.43 -40.10
N PHE L 346 25.26 -29.62 -39.50
CA PHE L 346 25.03 -29.58 -38.05
C PHE L 346 24.55 -30.94 -37.54
N VAL L 347 23.54 -31.49 -38.21
CA VAL L 347 22.95 -32.78 -37.81
C VAL L 347 23.99 -33.93 -37.85
N PHE L 348 24.72 -34.00 -38.94
CA PHE L 348 25.76 -35.05 -39.12
C PHE L 348 26.86 -34.99 -38.06
N THR L 349 27.31 -33.79 -37.69
CA THR L 349 28.38 -33.68 -36.68
C THR L 349 27.86 -34.09 -35.30
N LEU L 350 26.57 -33.85 -35.09
CA LEU L 350 25.87 -34.16 -33.83
C LEU L 350 25.62 -35.66 -33.67
N THR L 351 25.27 -36.31 -34.78
CA THR L 351 24.89 -37.73 -34.75
C THR L 351 26.05 -38.70 -35.01
N VAL L 352 27.00 -38.27 -35.82
CA VAL L 352 28.16 -39.11 -36.17
C VAL L 352 28.85 -39.50 -34.83
N PRO L 353 29.22 -40.77 -34.64
CA PRO L 353 29.87 -41.02 -33.33
C PRO L 353 31.25 -40.40 -33.30
N SER L 354 31.98 -40.65 -34.37
CA SER L 354 33.37 -40.22 -34.46
C SER L 354 33.50 -38.86 -35.17
N GLU L 355 33.46 -37.79 -34.39
CA GLU L 355 33.81 -36.45 -34.92
C GLU L 355 35.34 -36.38 -35.13
N ARG L 356 36.03 -37.18 -34.33
CA ARG L 356 37.49 -37.27 -34.37
C ARG L 356 38.05 -35.93 -33.88
N GLY L 357 38.92 -35.35 -34.69
CA GLY L 357 39.52 -34.03 -34.38
C GLY L 357 39.24 -33.00 -35.46
N LEU L 358 38.08 -33.13 -36.11
CA LEU L 358 37.73 -32.27 -37.24
C LEU L 358 37.29 -30.91 -36.74
N GLN L 359 37.90 -29.87 -37.28
CA GLN L 359 37.51 -28.50 -36.92
C GLN L 359 36.12 -28.26 -37.45
N ARG L 360 35.38 -27.36 -36.80
CA ARG L 360 34.05 -26.98 -37.29
C ARG L 360 34.20 -26.38 -38.70
N ARG L 361 33.18 -26.55 -39.53
CA ARG L 361 33.24 -26.16 -40.96
C ARG L 361 32.74 -24.73 -41.24
N ARG L 362 33.53 -23.99 -42.01
CA ARG L 362 33.18 -22.64 -42.45
C ARG L 362 31.83 -22.60 -43.19
N PHE L 363 31.57 -23.59 -44.04
CA PHE L 363 30.32 -23.57 -44.84
C PHE L 363 29.08 -23.66 -43.96
N VAL L 364 29.21 -24.39 -42.87
CA VAL L 364 28.12 -24.52 -41.89
C VAL L 364 28.00 -23.24 -41.07
N GLN L 365 29.16 -22.76 -40.62
CA GLN L 365 29.22 -21.52 -39.82
C GLN L 365 28.56 -20.37 -40.59
N ASN L 366 28.91 -20.23 -41.85
CA ASN L 366 28.34 -19.17 -42.70
C ASN L 366 26.83 -19.33 -42.88
N ALA L 367 26.40 -20.59 -43.01
CA ALA L 367 24.97 -20.92 -43.21
C ALA L 367 24.09 -20.65 -41.97
N LEU L 368 24.64 -20.88 -40.79
CA LEU L 368 23.86 -20.77 -39.53
C LEU L 368 23.99 -19.42 -38.79
N ASN L 369 25.10 -18.74 -38.97
CA ASN L 369 25.39 -17.52 -38.16
C ASN L 369 24.29 -16.42 -38.13
N GLY L 370 23.71 -16.17 -39.30
CA GLY L 370 22.50 -15.34 -39.50
C GLY L 370 22.56 -13.92 -40.08
N ASN L 371 23.65 -13.62 -40.79
CA ASN L 371 23.94 -12.29 -41.40
C ASN L 371 24.51 -11.21 -40.45
N GLY L 372 24.58 -11.58 -39.18
CA GLY L 372 25.08 -10.69 -38.12
C GLY L 372 24.15 -9.60 -37.61
N ASP L 373 22.84 -9.82 -37.71
CA ASP L 373 21.86 -8.85 -37.20
C ASP L 373 21.71 -9.02 -35.69
N PRO L 374 22.04 -7.98 -34.91
CA PRO L 374 22.00 -8.10 -33.44
C PRO L 374 20.64 -8.47 -32.86
N ASN L 375 19.57 -8.04 -33.50
CA ASN L 375 18.21 -8.37 -33.05
C ASN L 375 17.94 -9.87 -33.16
N ASN L 376 18.40 -10.41 -34.26
CA ASN L 376 18.28 -11.82 -34.51
C ASN L 376 19.07 -12.65 -33.49
N MET L 377 20.31 -12.20 -33.30
CA MET L 377 21.23 -12.78 -32.33
C MET L 377 20.71 -12.71 -30.89
N ASP L 378 20.08 -11.58 -30.60
CA ASP L 378 19.46 -11.34 -29.29
C ASP L 378 18.41 -12.42 -29.00
N LYS L 379 17.55 -12.66 -29.98
CA LYS L 379 16.49 -13.67 -29.84
C LYS L 379 17.05 -15.10 -29.73
N ALA L 380 18.12 -15.35 -30.47
CA ALA L 380 18.79 -16.66 -30.46
C ALA L 380 19.36 -16.95 -29.08
N VAL L 381 19.88 -15.91 -28.45
CA VAL L 381 20.46 -16.00 -27.10
C VAL L 381 19.36 -16.23 -26.06
N LYS L 382 18.23 -15.58 -26.27
CA LYS L 382 17.06 -15.75 -25.40
C LYS L 382 16.54 -17.18 -25.49
N LEU L 383 16.44 -17.69 -26.71
CA LEU L 383 16.01 -19.08 -26.92
C LEU L 383 16.99 -20.04 -26.22
N TYR L 384 18.27 -19.83 -26.46
CA TYR L 384 19.35 -20.64 -25.86
C TYR L 384 19.20 -20.71 -24.34
N ARG L 385 18.91 -19.58 -23.72
CA ARG L 385 18.70 -19.51 -22.26
C ARG L 385 17.61 -20.49 -21.85
N LYS L 386 16.51 -20.48 -22.60
CA LYS L 386 15.38 -21.38 -22.33
C LYS L 386 15.71 -22.85 -22.61
N LEU L 387 16.39 -23.11 -23.72
CA LEU L 387 16.80 -24.49 -24.11
C LEU L 387 17.74 -25.13 -23.09
N LYS L 388 18.52 -24.30 -22.42
CA LYS L 388 19.43 -24.75 -21.37
C LYS L 388 18.73 -25.43 -20.21
N ARG L 389 17.46 -25.06 -20.04
CA ARG L 389 16.61 -25.60 -18.98
C ARG L 389 15.80 -26.81 -19.42
N GLU L 390 15.78 -27.07 -20.72
CA GLU L 390 15.05 -28.20 -21.28
C GLU L 390 15.88 -29.47 -21.17
N ILE L 391 15.20 -30.59 -21.02
CA ILE L 391 15.85 -31.92 -21.02
C ILE L 391 15.21 -32.91 -22.01
N THR L 392 14.08 -32.52 -22.60
CA THR L 392 13.38 -33.39 -23.56
C THR L 392 13.32 -32.81 -24.97
N PHE L 393 13.19 -33.71 -25.93
CA PHE L 393 13.08 -33.35 -27.36
C PHE L 393 11.85 -32.49 -27.61
N HIS L 394 10.73 -32.92 -27.07
CA HIS L 394 9.48 -32.20 -27.25
C HIS L 394 9.42 -30.83 -26.60
N GLY L 395 9.91 -30.74 -25.37
CA GLY L 395 9.93 -29.47 -24.65
C GLY L 395 10.79 -28.48 -25.39
N ALA L 396 11.94 -28.97 -25.84
CA ALA L 396 12.89 -28.18 -26.64
C ALA L 396 12.24 -27.72 -27.95
N LYS L 397 11.68 -28.67 -28.67
CA LYS L 397 11.03 -28.37 -29.96
C LYS L 397 9.91 -27.37 -29.79
N GLU L 398 9.12 -27.53 -28.74
CA GLU L 398 7.98 -26.64 -28.49
C GLU L 398 8.34 -25.20 -28.24
N ILE L 399 9.32 -24.94 -27.37
CA ILE L 399 9.72 -23.55 -27.10
C ILE L 399 10.40 -22.93 -28.33
N SER L 400 11.09 -23.77 -29.09
CA SER L 400 11.80 -23.31 -30.30
C SER L 400 10.81 -22.77 -31.33
N LEU L 401 9.65 -23.41 -31.42
CA LEU L 401 8.59 -23.01 -32.38
C LEU L 401 8.00 -21.61 -32.14
N SER L 402 8.28 -21.03 -30.97
CA SER L 402 7.85 -19.65 -30.66
C SER L 402 8.85 -18.60 -31.16
N TYR L 403 9.89 -19.07 -31.85
CA TYR L 403 10.90 -18.19 -32.42
C TYR L 403 10.93 -18.25 -33.94
N SER L 404 11.37 -17.15 -34.54
CA SER L 404 11.44 -17.06 -36.01
C SER L 404 12.55 -17.95 -36.55
N ALA L 405 12.41 -18.34 -37.81
CA ALA L 405 13.40 -19.19 -38.49
C ALA L 405 14.81 -18.59 -38.47
N GLY L 406 14.87 -17.27 -38.55
CA GLY L 406 16.17 -16.56 -38.54
C GLY L 406 16.85 -16.70 -37.18
N ALA L 407 16.07 -16.54 -36.11
CA ALA L 407 16.57 -16.63 -34.73
C ALA L 407 16.94 -18.06 -34.40
N LEU L 408 16.17 -18.99 -34.95
CA LEU L 408 16.41 -20.43 -34.77
C LEU L 408 17.71 -20.88 -35.41
N ALA L 409 17.96 -20.43 -36.63
CA ALA L 409 19.18 -20.78 -37.36
C ALA L 409 20.41 -20.23 -36.64
N SER L 410 20.30 -18.98 -36.20
CA SER L 410 21.36 -18.35 -35.41
C SER L 410 21.62 -19.09 -34.08
N CYS L 411 20.55 -19.55 -33.45
CA CYS L 411 20.67 -20.33 -32.22
C CYS L 411 21.45 -21.62 -32.49
N MET L 412 21.12 -22.27 -33.61
CA MET L 412 21.83 -23.49 -34.03
C MET L 412 23.31 -23.20 -34.22
N GLY L 413 23.59 -22.03 -34.77
CA GLY L 413 24.97 -21.58 -34.98
C GLY L 413 25.72 -21.39 -33.67
N LEU L 414 25.02 -20.83 -32.69
CA LEU L 414 25.61 -20.62 -31.34
C LEU L 414 26.11 -21.93 -30.78
N ILE L 415 25.27 -22.95 -30.90
CA ILE L 415 25.57 -24.29 -30.39
C ILE L 415 26.68 -24.91 -31.22
N TYR L 416 26.53 -24.81 -32.54
CA TYR L 416 27.52 -25.37 -33.47
C TYR L 416 28.90 -24.78 -33.20
N ASN L 417 28.95 -23.50 -32.89
CA ASN L 417 30.22 -22.79 -32.63
C ASN L 417 30.76 -22.96 -31.22
N ARG L 418 30.04 -23.75 -30.42
CA ARG L 418 30.39 -24.02 -29.01
C ARG L 418 30.32 -22.78 -28.15
N MET L 419 29.52 -21.81 -28.58
CA MET L 419 29.33 -20.57 -27.80
C MET L 419 28.33 -20.81 -26.68
N GLY L 420 27.52 -21.85 -26.87
CA GLY L 420 26.60 -22.33 -25.84
C GLY L 420 26.55 -23.84 -25.97
N ALA L 421 26.01 -24.50 -24.96
CA ALA L 421 25.95 -25.97 -24.96
C ALA L 421 24.63 -26.51 -24.46
N VAL L 422 24.20 -27.60 -25.09
CA VAL L 422 22.93 -28.21 -24.80
C VAL L 422 22.99 -29.71 -25.03
N THR L 423 22.05 -30.44 -24.43
CA THR L 423 22.01 -31.91 -24.58
C THR L 423 21.57 -32.27 -26.00
N THR L 424 22.00 -33.45 -26.46
CA THR L 424 21.75 -33.89 -27.84
C THR L 424 20.26 -33.90 -28.22
N GLU L 425 19.44 -34.35 -27.29
CA GLU L 425 18.00 -34.51 -27.52
C GLU L 425 17.32 -33.13 -27.65
N VAL L 426 17.81 -32.17 -26.87
CA VAL L 426 17.33 -30.78 -26.94
C VAL L 426 17.81 -30.14 -28.25
N ALA L 427 19.05 -30.44 -28.62
CA ALA L 427 19.62 -29.96 -29.89
C ALA L 427 18.79 -30.48 -31.06
N PHE L 428 18.37 -31.74 -30.95
CA PHE L 428 17.48 -32.37 -31.94
C PHE L 428 16.17 -31.62 -32.08
N GLY L 429 15.59 -31.28 -30.93
CA GLY L 429 14.33 -30.51 -30.89
C GLY L 429 14.46 -29.15 -31.57
N LEU L 430 15.58 -28.49 -31.30
CA LEU L 430 15.90 -27.18 -31.92
C LEU L 430 15.96 -27.32 -33.44
N VAL L 431 16.73 -28.29 -33.90
CA VAL L 431 16.90 -28.54 -35.33
C VAL L 431 15.58 -28.79 -36.03
N CYS L 432 14.75 -29.59 -35.37
CA CYS L 432 13.47 -30.02 -35.93
C CYS L 432 12.46 -28.88 -35.98
N ALA L 433 12.52 -28.00 -34.99
CA ALA L 433 11.68 -26.80 -34.98
C ALA L 433 12.06 -25.92 -36.16
N THR L 434 13.37 -25.72 -36.33
CA THR L 434 13.89 -24.87 -37.46
C THR L 434 13.54 -25.51 -38.81
N CYS L 435 13.68 -26.82 -38.93
CA CYS L 435 13.27 -27.52 -40.17
C CYS L 435 11.79 -27.34 -40.45
N GLU L 436 10.99 -27.51 -39.41
CA GLU L 436 9.54 -27.36 -39.53
C GLU L 436 9.18 -25.97 -40.03
N GLN L 437 9.78 -24.96 -39.40
CA GLN L 437 9.52 -23.55 -39.74
C GLN L 437 9.85 -23.27 -41.22
N ILE L 438 11.04 -23.74 -41.62
CA ILE L 438 11.54 -23.53 -43.00
C ILE L 438 10.63 -24.25 -44.01
N ALA L 439 10.37 -25.52 -43.74
CA ALA L 439 9.53 -26.35 -44.62
C ALA L 439 8.15 -25.71 -44.76
N ASP L 440 7.62 -25.28 -43.63
CA ASP L 440 6.30 -24.64 -43.56
C ASP L 440 6.21 -23.34 -44.36
N SER L 441 7.36 -22.67 -44.53
CA SER L 441 7.43 -21.42 -45.30
C SER L 441 7.40 -21.69 -46.82
N GLN L 442 7.80 -22.90 -47.20
CA GLN L 442 7.80 -23.33 -48.60
C GLN L 442 6.40 -23.79 -49.02
#